data_5LF4
#
_entry.id   5LF4
#
_cell.length_a   113.450
_cell.length_b   202.760
_cell.length_c   314.300
_cell.angle_alpha   90.00
_cell.angle_beta   90.00
_cell.angle_gamma   90.00
#
_symmetry.space_group_name_H-M   'P 21 21 21'
#
loop_
_entity.id
_entity.type
_entity.pdbx_description
1 polymer 'Proteasome subunit alpha type-2'
2 polymer 'Proteasome subunit alpha type-4'
3 polymer 'Proteasome subunit alpha type-7'
4 polymer 'Proteasome subunit alpha type-5'
5 polymer 'Proteasome subunit alpha type-1'
6 polymer 'Proteasome subunit alpha type-3'
7 polymer 'Proteasome subunit alpha type-6'
8 polymer 'Proteasome subunit beta type-7'
9 polymer 'Proteasome subunit beta type-3'
10 polymer 'Proteasome subunit beta type-2'
11 polymer 'Proteasome subunit beta type-5'
12 polymer 'Proteasome subunit beta type-1'
13 polymer 'Proteasome subunit beta type-4'
14 polymer 'Proteasome subunit beta type-6'
15 non-polymer 'CHLORIDE ION'
16 non-polymer 'POTASSIUM ION'
17 non-polymer 'MAGNESIUM ION'
18 non-polymer 'PENTAETHYLENE GLYCOL'
19 non-polymer '[(1~{R})-3-methyl-1-[[(2~{S},3~{S})-3-oxidanyl-2-[(6-phenylpyridin-2-yl)carbonylamino]butanoyl]amino]butyl]boronic acid'
20 water water
#
loop_
_entity_poly.entity_id
_entity_poly.type
_entity_poly.pdbx_seq_one_letter_code
_entity_poly.pdbx_strand_id
1 'polypeptide(L)'
;MAERGYSFSLTTFSPSGKLVQIEYALAAVAGGAPSVGIKAANGVVLATEKKQKSILYDERSVHKVEPITKHIGLVYSGMG
PDYRVLVHRARKLAQQYYLVYQEPIPTAQLVQRVASVMQEYTQSGGVRPFGVSLLICGWNEGRPYLFQSDPSGAYFAWKA
TAMGKNYVNGKTFLEKRYNEDLELEDAIHTAILTLKESFEGQMTEDNIEVGICNEAGFRRLTPTEVKDYLAAIA
;
A,O
2 'polypeptide(L)'
;MSRRYDSRTTIFSPEGRLYQVEYAMEAIGHAGTCLGILANDGVLLAAERRNIHKLLDEVFFSEKIYKLNEDMACSVAGIT
SDANVLTNELRLIAQRYLLQYQEPIPCEQLVTALCDIKQAYTQFGGKRPFGVSLLYIGWDKHYGFQLYQSDPSGNYGGWK
ATCIGNNSAAAVSMLKQDYKEGEMTLKSALALAIKVLNKTMDVSKLSAEKVEIATLTRENGKTVIRVLKQKEVEQLIKKH
EEEEAKAEREKKEKEQKEKDK
;
B,P
3 'polypeptide(L)'
;MSYDRAITVFSPDGHLFQVEYAQEAVKKGSTAVGVRGRDIVVLGVEKKSVAKLQDERTVRKI(YCM)ALDDNVCMAFAGL
TADARIVINRARVECQSHRLTVEDPVTVEYITRYIASLKQRYTQSNGRRPFGISALIVGFDFDGTPRLYQTDPSGTYHAW
KANAIGRGAKSVREFLEKNYTDEAIETDDLTIKLVIKALLEVVQSGGKNIELAVMRRDQSLKILNPEEIEKYVAEIEKEK
EENEKKKQKKAS
;
C,Q
4 'polypeptide(L)'
;MFLTRSEYDRGVNTFSPEGRLFQVEYAIEAIKLGSTAIGIQTSEGVCLAVEKRITSPLMEPSSIEKIVEIDAHIGCAMSG
LIADAKTLIDKARVETQNHWFTYNETMTVESVTQAVSNLALQFGEEDADPGAMSRPFGVALLFGGVDEKGPQLFHMDPSG
TFVQCDARAIGSASEGAQSSLQEVYHKSMTLKEAIKSSLIILKQVMEEKLNATNIELATVQPGQNFHMFTKEELEEVIKD
I
;
D,R
5 'polypeptide(L)'
;MFRNQYDNDVTVWSPQGRIHQIEYAMEAVKQGSATVGLKSKTHAVLVALKRAQSELAAHQKKILHVDNHIGISIAGLTAD
ARLLCNFMRQECLDSRFVFDRPLPVSRLVSLIGSKTQIPTQRYGRRPYGVGLLIAGYDDMGPHIFQT(6V1)PSANYFDC
RAMSIGARSQSARTYLERHMSEFMECNLNELVKHGLRALRETLPAEQDLTTKNVSIGIVGKDLEFTIYDDDDVSPFLEGL
EERPQRKAQPAQPADEPAEKADEPMEH
;
E,S
6 'polypeptide(L)'
;MSSIGTGYDLSASTFSPDGRVFQVEYAMKAVENSSTAIGIRCKDGVVFGVEKLVLSKLYEEGSNKRLFNVDRHVGMAVAG
LLADARSLADIAREEASNFRSNFGYNIPLKHLADRVAMYVHAYTLYSAVRPFGCSFMLGSYSVNDGAQLYMIDPSGVSYG
YWGCAIGKARQAAKTEIEKLQMKEMTCRDIVKEVAKIIYIVHDEVKDKAFELELSWVGELTNGRHEIVPKDIREEAEKYA
KESLKEEDESDDDNM
;
F,T
7 'polypeptide(L)'
;MSRGSSAGFDRHITIFSPEGRLYQVEYAFKAINQGGLTSVAVRGKD(6V1)AVIVTQKKVPDKLLDSSTVTHLFKITENI
GCVMTGMTADSRSQVQRARYEAANWKYKYGYEIPVDMLCKRIADISQVYTQNAEMRPLGC(YCM)MILIGIDEEQGPQVY
KCDPAGYY(6V1)GFKATAAGVKQTESTSFLEKKVKKKFDWTFEQTVETAITCLSTVLSIDFKPSEIEVGVVTVENPKFR
ILTEAEIDAHLVALAERD
;
G,U
8 'polypeptide(L)'
;TTIAGVVYKDGIVLGADTRATEGMVVADKNCSKIHFISPNIYCCGAGTAADTDMTTQLISSNLELHSLSTGRLPRVVTAN
RMLKQMLFRYQGYIGAALVLGGVDVTGPHLYSIYPHGSTDKLPYVTMGSGSLAAMAVFEDKFRPDMEEEEAKNLVSEAIA
AGIFNDLGSGSNIDLCVISKNKLDFLRPYTVPNKKGTRLGRYRCEKGTTAVLTEKITPLEIEVLEETVQTMDTS
;
H,V
9 'polypeptide(L)'
;MSIMSYNGGAVMAMKGKNCVAIAADRRFGIQAQMVTTDFQKIFPMGDRLYIGLAGLATDVQTVAQRLKFRLNLYELKEGR
QIKPYTLMSMVANLLYEKRFGPYYTEPVIAGLDPKTFKPFICSLDLIGCPMVTDDFVVSGTCAEQMYGMCESLWEPNMDP
DHLFETISQAMLNAVDRDAVSGMGVIVHIIEKDKITTRTLKARMD
;
I,W
10 'polypeptide(L)'
;MEYLIGIQGPDYVLVASDRVAASNIVQMKDDHDKMFKMSEKILLLCVGEAGDTVQFAEYIQKNVQLYKMRNGYELSPTAA
ANFTRRNLAD(6V1)LRSRTPYHVNLLLAGYDEHEGPALYYMDYLAALAKAPFAAHGYGAFLTLSILDRYYTPTISRERA
VELLRKCLEELQKRFILNLPTFSVRIIDKNGIHDLDNISFPKQGS
;
J,X
11 'polypeptide(L)'
;TTTLAFKFRHGVIVAADSRATAGAYIASQTVKKVIEINPYLLGTMAGGAADCSFWERLLARQCRIYELRNKERISVAAAS
KLLANMVYQYKGMGLSMGTMICGWDKRGPGLYYVDSEGNRISGATFSVGSGSVYAYGVMDRGYSYDLEVEQAYDLARRAI
YQATYRDAYSGGAVNLYHVREDGWIRVSSDNVADLHEKYSGSTP
;
K,Y
12 'polypeptide(L)'
;RFSPYVFNGGTILAIAGEDFAIVASDTRLSEGFSIHTRDSPKCYKLTDKTVIGCSGFHGDCLTLTKIIEARLKMYKHSNN
KAMTTGAIAAMLSTILYSRRFFPYYVYNIIGGLDEEGKGAVYSFDPVGSYQRDSFKAGGSASAMLQPLLDNQVGFKNMQN
VEHVPLSLDRAMRLVKDVFISAAERDVYTGDALRICIVTKEGIREETVSLRKD
;
L,Z
13 'polypeptide(L)'
;TQNPMVTGTSVLGVKFEGGVVIAADMLGSYGSLARFRNISRIMRVNNSTMLGASGDYADFQYLKQVLGQMVIDEELLGDG
HSYSPRAIHSWLTRAMYSRRSKMNPLWNTMVIGGYADGESFLGYVDMLGVAYEAPSLATGYGAYLAQPLLREVLEKQPVL
SQTEARDLVERCMRVLYYRDARSYNRFQIATVTEKGVEIEGPLSTETNWDIAHMISGFE
;
M,a
14 'polypeptide(L)'
;TTIMAVQFDGGVVLGADSRTTTGSYIANRVTDKLTPIHDRIFCCRSGSAADTQAVADAVTYQLGFHSIELNEPPLVHTAA
SLFKEMCYRYREDLMAGIIIAGWDPQEGGQVYSVPMGGMMVRQSFAIGGSGSSYIYGYVDATYREGMTKEECLQFTANAL
ALAMERDGSSGGVIRLAAIAESGVERQVLLGDQIPKFAVATLPPA
;
N,b
#
loop_
_chem_comp.id
_chem_comp.type
_chem_comp.name
_chem_comp.formula
1PE non-polymer 'PENTAETHYLENE GLYCOL' 'C10 H22 O6'
6V7 non-polymer '[(1~{R})-3-methyl-1-[[(2~{S},3~{S})-3-oxidanyl-2-[(6-phenylpyridin-2-yl)carbonylamino]butanoyl]amino]butyl]boronic acid' 'C21 H28 B N3 O5'
CL non-polymer 'CHLORIDE ION' 'Cl -1'
K non-polymer 'POTASSIUM ION' 'K 1'
MG non-polymer 'MAGNESIUM ION' 'Mg 2'
#
# COMPACT_ATOMS: atom_id res chain seq x y z
N ARG A 4 -14.26 -42.05 31.72
CA ARG A 4 -14.99 -40.86 31.14
C ARG A 4 -15.83 -40.04 32.17
N GLY A 5 -16.70 -40.70 32.94
CA GLY A 5 -17.83 -40.02 33.65
C GLY A 5 -19.08 -40.90 33.37
N TYR A 6 -19.92 -41.21 34.36
CA TYR A 6 -21.16 -42.01 34.06
C TYR A 6 -22.22 -40.98 33.58
N SER A 7 -22.89 -41.27 32.48
CA SER A 7 -23.80 -40.34 31.91
C SER A 7 -25.25 -40.56 32.30
N PHE A 8 -25.55 -41.63 33.08
CA PHE A 8 -26.91 -41.93 33.52
C PHE A 8 -27.20 -41.32 34.87
N SER A 9 -28.45 -41.03 35.19
CA SER A 9 -28.83 -40.54 36.53
C SER A 9 -28.66 -41.66 37.63
N LEU A 10 -28.17 -41.30 38.81
CA LEU A 10 -28.08 -42.22 39.94
C LEU A 10 -29.25 -42.01 40.85
N THR A 11 -30.02 -40.92 40.64
CA THR A 11 -31.33 -40.81 41.22
C THR A 11 -32.40 -41.04 40.20
N THR A 12 -33.36 -41.97 40.53
CA THR A 12 -34.50 -42.28 39.68
C THR A 12 -35.80 -42.45 40.49
N PHE A 13 -36.94 -42.46 39.81
CA PHE A 13 -38.20 -42.67 40.49
C PHE A 13 -38.43 -44.13 40.87
N SER A 14 -38.79 -44.32 42.10
CA SER A 14 -39.26 -45.70 42.53
C SER A 14 -40.73 -45.96 42.03
N PRO A 15 -41.22 -47.24 42.10
CA PRO A 15 -42.59 -47.53 41.66
C PRO A 15 -43.71 -46.76 42.38
N SER A 16 -43.45 -46.32 43.60
CA SER A 16 -44.36 -45.38 44.31
C SER A 16 -44.10 -43.88 44.06
N GLY A 17 -43.23 -43.52 43.12
CA GLY A 17 -43.03 -42.14 42.81
C GLY A 17 -42.06 -41.39 43.71
N LYS A 18 -41.24 -42.09 44.48
CA LYS A 18 -40.27 -41.46 45.35
C LYS A 18 -38.87 -41.44 44.71
N LEU A 19 -38.11 -40.40 44.97
CA LEU A 19 -36.71 -40.33 44.56
C LEU A 19 -35.92 -40.73 45.78
N VAL A 20 -35.65 -42.03 45.93
CA VAL A 20 -35.11 -42.51 47.22
C VAL A 20 -33.75 -41.92 47.54
N GLN A 21 -32.89 -41.68 46.53
CA GLN A 21 -31.59 -41.05 46.88
C GLN A 21 -31.74 -39.73 47.60
N ILE A 22 -32.78 -38.99 47.24
CA ILE A 22 -33.00 -37.73 47.87
C ILE A 22 -33.47 -37.97 49.29
N GLU A 23 -34.41 -38.88 49.46
CA GLU A 23 -34.78 -39.25 50.84
C GLU A 23 -33.62 -39.78 51.74
N TYR A 24 -32.73 -40.56 51.14
CA TYR A 24 -31.55 -40.93 51.86
C TYR A 24 -30.54 -39.76 52.14
N ALA A 25 -30.44 -38.81 51.19
CA ALA A 25 -29.71 -37.59 51.48
C ALA A 25 -30.30 -36.86 52.68
N LEU A 26 -31.63 -36.81 52.75
CA LEU A 26 -32.31 -36.17 53.87
C LEU A 26 -32.01 -36.88 55.18
N ALA A 27 -31.80 -38.19 55.10
CA ALA A 27 -31.44 -38.92 56.31
C ALA A 27 -30.00 -38.52 56.72
N ALA A 28 -29.08 -38.35 55.76
CA ALA A 28 -27.77 -37.78 56.18
C ALA A 28 -27.92 -36.42 56.84
N VAL A 29 -28.85 -35.60 56.37
CA VAL A 29 -29.06 -34.28 56.99
C VAL A 29 -29.60 -34.43 58.41
N ALA A 30 -30.59 -35.33 58.57
CA ALA A 30 -31.22 -35.56 59.88
C ALA A 30 -30.27 -36.08 60.91
N GLY A 31 -29.26 -36.81 60.48
CA GLY A 31 -28.19 -37.25 61.36
C GLY A 31 -27.07 -36.27 61.55
N GLY A 32 -27.11 -35.11 60.92
CA GLY A 32 -26.05 -34.14 61.12
C GLY A 32 -26.23 -33.39 62.43
N ALA A 33 -25.24 -32.59 62.78
CA ALA A 33 -25.29 -31.83 63.99
C ALA A 33 -26.37 -30.72 63.89
N PRO A 34 -26.98 -30.35 65.01
CA PRO A 34 -28.08 -29.39 64.90
C PRO A 34 -27.67 -28.03 64.39
N SER A 35 -28.57 -27.41 63.61
CA SER A 35 -28.52 -25.98 63.23
C SER A 35 -29.87 -25.33 63.41
N VAL A 36 -29.84 -24.02 63.68
CA VAL A 36 -30.98 -23.23 64.01
C VAL A 36 -30.83 -21.89 63.32
N GLY A 37 -31.94 -21.38 62.83
CA GLY A 37 -32.01 -19.99 62.33
C GLY A 37 -33.28 -19.31 62.81
N ILE A 38 -33.14 -18.06 63.24
CA ILE A 38 -34.27 -17.26 63.72
C ILE A 38 -34.20 -15.90 63.03
N LYS A 39 -35.29 -15.55 62.39
CA LYS A 39 -35.47 -14.21 61.84
C LYS A 39 -36.15 -13.28 62.85
N ALA A 40 -35.38 -12.40 63.48
CA ALA A 40 -35.90 -11.34 64.30
C ALA A 40 -36.44 -10.22 63.40
N ALA A 41 -37.02 -9.21 64.03
CA ALA A 41 -37.58 -8.08 63.33
C ALA A 41 -36.47 -7.28 62.63
N ASN A 42 -35.32 -7.14 63.31
CA ASN A 42 -34.19 -6.32 62.86
C ASN A 42 -32.94 -7.12 62.48
N GLY A 43 -33.08 -8.43 62.27
CA GLY A 43 -31.94 -9.23 61.84
C GLY A 43 -32.16 -10.74 61.87
N VAL A 44 -31.11 -11.48 61.57
CA VAL A 44 -31.18 -12.93 61.59
C VAL A 44 -30.03 -13.52 62.38
N VAL A 45 -30.29 -14.58 63.11
CA VAL A 45 -29.24 -15.36 63.80
C VAL A 45 -29.22 -16.75 63.22
N LEU A 46 -28.02 -17.25 62.97
CA LEU A 46 -27.76 -18.63 62.60
C LEU A 46 -26.85 -19.20 63.66
N ALA A 47 -27.15 -20.41 64.09
CA ALA A 47 -26.38 -21.04 65.17
C ALA A 47 -26.31 -22.53 64.95
N THR A 48 -25.19 -23.09 65.35
CA THR A 48 -24.93 -24.48 65.09
C THR A 48 -24.07 -25.07 66.18
N GLU A 49 -24.23 -26.36 66.36
CA GLU A 49 -23.40 -27.14 67.23
C GLU A 49 -22.21 -27.73 66.46
N LYS A 50 -21.04 -27.63 67.04
CA LYS A 50 -19.92 -28.42 66.57
C LYS A 50 -20.01 -29.87 67.09
N LYS A 51 -20.10 -30.87 66.18
CA LYS A 51 -19.82 -32.32 66.52
C LYS A 51 -18.31 -32.50 66.90
N GLN A 52 -17.88 -31.67 67.85
CA GLN A 52 -16.49 -31.38 68.14
C GLN A 52 -16.16 -32.23 69.32
N LYS A 53 -15.53 -33.34 69.03
CA LYS A 53 -14.87 -34.11 70.03
C LYS A 53 -13.78 -33.25 70.71
N SER A 54 -12.69 -33.94 70.93
CA SER A 54 -11.40 -33.46 71.29
C SER A 54 -11.14 -32.00 71.59
N ILE A 55 -10.55 -31.78 72.74
CA ILE A 55 -9.77 -30.60 72.97
C ILE A 55 -8.63 -30.40 71.92
N LEU A 56 -8.22 -31.46 71.21
CA LEU A 56 -7.19 -31.37 70.20
C LEU A 56 -7.56 -30.56 68.97
N TYR A 57 -8.85 -30.43 68.65
CA TYR A 57 -9.28 -29.60 67.55
C TYR A 57 -8.96 -28.12 67.76
N ASP A 58 -8.43 -27.49 66.71
CA ASP A 58 -8.33 -26.04 66.70
C ASP A 58 -9.67 -25.65 66.15
N GLU A 59 -10.57 -25.24 67.07
N GLU A 59 -10.57 -25.26 67.05
CA GLU A 59 -11.95 -24.88 66.72
CA GLU A 59 -11.95 -24.95 66.66
C GLU A 59 -12.05 -23.73 65.75
C GLU A 59 -12.06 -23.73 65.74
N ARG A 60 -11.07 -22.85 65.78
CA ARG A 60 -11.01 -21.69 64.88
C ARG A 60 -10.59 -22.07 63.45
N SER A 61 -10.09 -23.29 63.20
CA SER A 61 -9.50 -23.64 61.92
C SER A 61 -10.48 -23.86 60.79
N VAL A 62 -11.70 -24.27 61.09
CA VAL A 62 -12.68 -24.33 60.06
C VAL A 62 -14.01 -23.90 60.66
N HIS A 63 -14.85 -23.26 59.86
CA HIS A 63 -16.12 -22.75 60.33
C HIS A 63 -17.25 -23.36 59.55
N LYS A 64 -18.33 -23.59 60.28
CA LYS A 64 -19.59 -23.99 59.73
C LYS A 64 -20.44 -22.79 59.33
N VAL A 65 -20.31 -21.69 60.03
CA VAL A 65 -21.06 -20.49 59.73
C VAL A 65 -20.12 -19.66 58.84
N GLU A 66 -20.53 -19.42 57.61
CA GLU A 66 -19.65 -18.85 56.59
C GLU A 66 -20.28 -17.64 55.88
N PRO A 67 -19.49 -16.58 55.64
CA PRO A 67 -19.97 -15.48 54.75
C PRO A 67 -19.97 -15.84 53.27
N ILE A 68 -21.04 -15.43 52.59
CA ILE A 68 -21.15 -15.56 51.15
C ILE A 68 -20.83 -14.22 50.49
N THR A 69 -21.38 -13.15 51.06
CA THR A 69 -21.13 -11.79 50.66
C THR A 69 -21.11 -11.02 51.95
N LYS A 70 -20.95 -9.73 51.82
CA LYS A 70 -21.01 -8.84 52.99
C LYS A 70 -22.33 -8.88 53.71
N HIS A 71 -23.39 -9.24 53.00
CA HIS A 71 -24.76 -9.19 53.50
C HIS A 71 -25.46 -10.57 53.62
N ILE A 72 -24.81 -11.65 53.17
CA ILE A 72 -25.39 -12.99 53.15
C ILE A 72 -24.44 -13.95 53.86
N GLY A 73 -25.03 -14.78 54.72
CA GLY A 73 -24.31 -15.94 55.32
C GLY A 73 -25.12 -17.24 55.35
N LEU A 74 -24.41 -18.36 55.65
CA LEU A 74 -24.93 -19.72 55.52
C LEU A 74 -24.51 -20.51 56.77
N VAL A 75 -25.32 -21.51 57.04
CA VAL A 75 -24.89 -22.64 57.89
C VAL A 75 -25.59 -23.90 57.31
N TYR A 76 -25.28 -25.08 57.85
CA TYR A 76 -25.87 -26.29 57.28
C TYR A 76 -26.00 -27.33 58.40
N SER A 77 -26.70 -28.41 58.04
CA SER A 77 -26.64 -29.68 58.72
C SER A 77 -26.44 -30.71 57.65
N GLY A 78 -25.64 -31.74 57.99
CA GLY A 78 -25.34 -32.83 57.09
C GLY A 78 -23.84 -32.97 56.86
N MET A 79 -23.45 -33.27 55.63
CA MET A 79 -22.08 -33.58 55.38
C MET A 79 -21.27 -32.37 55.11
N GLY A 80 -20.28 -32.14 55.96
CA GLY A 80 -19.39 -30.97 55.86
C GLY A 80 -18.72 -30.76 54.49
N PRO A 81 -18.14 -31.79 53.91
CA PRO A 81 -17.41 -31.55 52.63
C PRO A 81 -18.35 -31.19 51.49
N ASP A 82 -19.59 -31.75 51.49
CA ASP A 82 -20.60 -31.34 50.54
C ASP A 82 -20.95 -29.85 50.69
N TYR A 83 -21.04 -29.38 51.92
CA TYR A 83 -21.29 -28.02 52.24
C TYR A 83 -20.23 -27.04 51.69
N ARG A 84 -18.97 -27.41 51.78
CA ARG A 84 -17.87 -26.59 51.26
C ARG A 84 -17.99 -26.40 49.75
N VAL A 85 -18.47 -27.42 49.03
CA VAL A 85 -18.79 -27.23 47.60
C VAL A 85 -19.84 -26.13 47.36
N LEU A 86 -20.91 -26.15 48.15
CA LEU A 86 -22.02 -25.26 47.96
C LEU A 86 -21.62 -23.83 48.41
N VAL A 87 -20.83 -23.71 49.48
CA VAL A 87 -20.26 -22.41 49.89
C VAL A 87 -19.45 -21.76 48.73
N HIS A 88 -18.58 -22.54 48.13
CA HIS A 88 -17.75 -22.11 47.00
C HIS A 88 -18.61 -21.69 45.82
N ARG A 89 -19.63 -22.49 45.43
CA ARG A 89 -20.49 -22.13 44.32
CA ARG A 89 -20.50 -22.14 44.33
C ARG A 89 -21.35 -20.91 44.66
N ALA A 90 -21.89 -20.84 45.89
CA ALA A 90 -22.66 -19.69 46.29
C ALA A 90 -21.84 -18.42 46.17
N ARG A 91 -20.61 -18.45 46.67
CA ARG A 91 -19.72 -17.26 46.55
C ARG A 91 -19.55 -16.86 45.11
N LYS A 92 -19.31 -17.84 44.25
CA LYS A 92 -19.07 -17.60 42.84
C LYS A 92 -20.31 -17.04 42.15
N LEU A 93 -21.45 -17.62 42.44
CA LEU A 93 -22.73 -17.11 41.97
C LEU A 93 -22.97 -15.70 42.42
N ALA A 94 -22.65 -15.39 43.65
CA ALA A 94 -22.88 -14.02 44.12
C ALA A 94 -21.99 -13.03 43.35
N GLN A 95 -20.75 -13.42 43.09
CA GLN A 95 -19.85 -12.55 42.34
C GLN A 95 -20.25 -12.39 40.88
N GLN A 96 -20.68 -13.45 40.22
CA GLN A 96 -21.17 -13.34 38.83
C GLN A 96 -22.36 -12.35 38.70
N TYR A 97 -23.30 -12.41 39.66
CA TYR A 97 -24.38 -11.48 39.75
C TYR A 97 -23.86 -10.04 39.92
N TYR A 98 -22.96 -9.86 40.90
CA TYR A 98 -22.43 -8.52 41.14
C TYR A 98 -21.72 -7.94 39.90
N LEU A 99 -21.01 -8.78 39.15
CA LEU A 99 -20.32 -8.24 37.95
C LEU A 99 -21.28 -7.71 36.92
N VAL A 100 -22.42 -8.33 36.77
CA VAL A 100 -23.37 -7.93 35.78
C VAL A 100 -24.18 -6.75 36.27
N TYR A 101 -24.76 -6.85 37.46
CA TYR A 101 -25.73 -5.92 37.92
C TYR A 101 -25.20 -4.86 38.82
N GLN A 102 -23.98 -4.98 39.28
CA GLN A 102 -23.34 -3.94 40.14
C GLN A 102 -24.18 -3.59 41.38
N GLU A 103 -24.84 -4.60 41.90
CA GLU A 103 -25.60 -4.51 43.11
C GLU A 103 -25.41 -5.89 43.83
N PRO A 104 -25.31 -5.92 45.17
CA PRO A 104 -25.23 -7.25 45.83
C PRO A 104 -26.44 -8.14 45.50
N ILE A 105 -26.19 -9.41 45.32
CA ILE A 105 -27.27 -10.34 44.99
C ILE A 105 -28.34 -10.39 46.12
N PRO A 106 -29.64 -10.24 45.76
CA PRO A 106 -30.66 -10.35 46.77
C PRO A 106 -30.63 -11.79 47.32
N THR A 107 -30.89 -11.92 48.60
CA THR A 107 -30.84 -13.20 49.29
C THR A 107 -31.67 -14.24 48.57
N ALA A 108 -32.88 -13.92 48.17
CA ALA A 108 -33.73 -14.85 47.50
C ALA A 108 -33.17 -15.27 46.14
N GLN A 109 -32.47 -14.37 45.45
CA GLN A 109 -31.85 -14.73 44.16
C GLN A 109 -30.63 -15.63 44.34
N LEU A 110 -29.89 -15.43 45.40
CA LEU A 110 -28.79 -16.30 45.73
C LEU A 110 -29.32 -17.73 46.11
N VAL A 111 -30.38 -17.77 46.88
CA VAL A 111 -30.98 -19.08 47.28
C VAL A 111 -31.46 -19.81 46.03
N GLN A 112 -32.15 -19.09 45.13
CA GLN A 112 -32.66 -19.74 43.93
C GLN A 112 -31.57 -20.36 43.11
N ARG A 113 -30.42 -19.68 43.00
CA ARG A 113 -29.37 -20.17 42.14
C ARG A 113 -28.62 -21.34 42.79
N VAL A 114 -28.38 -21.23 44.10
CA VAL A 114 -27.80 -22.34 44.84
C VAL A 114 -28.74 -23.59 44.77
N ALA A 115 -30.04 -23.40 45.02
CA ALA A 115 -31.02 -24.49 45.01
C ALA A 115 -31.06 -25.17 43.64
N SER A 116 -30.85 -24.38 42.62
CA SER A 116 -30.77 -24.92 41.27
C SER A 116 -29.54 -25.84 41.06
N VAL A 117 -28.40 -25.47 41.67
CA VAL A 117 -27.28 -26.32 41.62
C VAL A 117 -27.57 -27.64 42.35
N MET A 118 -28.22 -27.58 43.51
CA MET A 118 -28.58 -28.81 44.25
C MET A 118 -29.54 -29.69 43.45
N GLN A 119 -30.50 -29.10 42.72
CA GLN A 119 -31.35 -29.85 41.80
C GLN A 119 -30.58 -30.60 40.75
N GLU A 120 -29.55 -30.02 40.21
CA GLU A 120 -28.77 -30.70 39.19
C GLU A 120 -28.22 -32.03 39.62
N TYR A 121 -27.75 -32.03 40.87
CA TYR A 121 -27.10 -33.22 41.45
C TYR A 121 -28.12 -34.28 41.79
N THR A 122 -29.41 -34.04 41.52
CA THR A 122 -30.45 -35.06 41.64
C THR A 122 -30.83 -35.67 40.29
N GLN A 123 -30.21 -35.22 39.20
CA GLN A 123 -30.60 -35.70 37.85
C GLN A 123 -29.46 -35.94 36.91
N SER A 124 -28.42 -35.16 37.07
CA SER A 124 -27.32 -35.15 36.15
C SER A 124 -26.55 -36.47 36.31
N GLY A 125 -25.73 -36.83 35.36
CA GLY A 125 -25.17 -38.12 35.25
C GLY A 125 -24.12 -38.47 36.27
N GLY A 126 -24.18 -39.69 36.82
CA GLY A 126 -23.03 -40.21 37.59
C GLY A 126 -22.71 -39.56 38.95
N VAL A 127 -23.66 -38.89 39.52
CA VAL A 127 -23.45 -38.21 40.79
C VAL A 127 -24.66 -38.46 41.69
N ARG A 128 -24.41 -38.34 42.99
CA ARG A 128 -25.43 -38.35 44.01
C ARG A 128 -25.84 -36.95 44.44
N PRO A 129 -27.01 -36.82 45.04
CA PRO A 129 -27.32 -35.56 45.66
C PRO A 129 -26.43 -35.16 46.77
N PHE A 130 -26.43 -33.87 47.08
CA PHE A 130 -25.76 -33.32 48.24
C PHE A 130 -26.43 -33.77 49.50
N GLY A 131 -25.62 -34.18 50.46
CA GLY A 131 -26.16 -34.63 51.76
C GLY A 131 -26.18 -33.50 52.76
N VAL A 132 -26.72 -32.35 52.33
CA VAL A 132 -26.82 -31.22 53.22
C VAL A 132 -28.10 -30.50 53.01
N SER A 133 -28.54 -29.83 54.08
CA SER A 133 -29.48 -28.75 53.98
C SER A 133 -28.80 -27.46 54.48
N LEU A 134 -29.05 -26.38 53.74
CA LEU A 134 -28.51 -25.04 54.01
C LEU A 134 -29.53 -24.20 54.66
N LEU A 135 -29.11 -23.42 55.66
CA LEU A 135 -29.87 -22.27 56.12
C LEU A 135 -29.09 -21.00 55.63
N ILE A 136 -29.80 -20.13 54.94
CA ILE A 136 -29.18 -18.93 54.28
C ILE A 136 -29.85 -17.71 54.86
N CYS A 137 -29.06 -16.84 55.48
CA CYS A 137 -29.59 -15.59 56.00
C CYS A 137 -29.06 -14.39 55.14
N GLY A 138 -29.81 -13.33 55.16
CA GLY A 138 -29.43 -12.12 54.42
C GLY A 138 -30.28 -10.95 54.80
N TRP A 139 -29.81 -9.77 54.38
CA TRP A 139 -30.53 -8.51 54.55
C TRP A 139 -30.47 -7.75 53.25
N ASN A 140 -31.62 -7.45 52.68
CA ASN A 140 -31.72 -6.50 51.54
C ASN A 140 -33.15 -5.96 51.39
N GLU A 141 -33.34 -4.92 50.61
CA GLU A 141 -34.61 -4.17 50.62
C GLU A 141 -35.04 -3.77 52.01
N GLY A 142 -34.10 -3.35 52.84
CA GLY A 142 -34.37 -2.92 54.21
C GLY A 142 -34.99 -3.97 55.11
N ARG A 143 -34.67 -5.26 54.91
CA ARG A 143 -35.45 -6.32 55.57
C ARG A 143 -34.65 -7.63 55.68
N PRO A 144 -34.81 -8.36 56.81
CA PRO A 144 -34.11 -9.67 56.97
C PRO A 144 -34.77 -10.87 56.26
N TYR A 145 -33.96 -11.82 55.83
CA TYR A 145 -34.41 -13.01 55.16
C TYR A 145 -33.73 -14.25 55.76
N LEU A 146 -34.51 -15.32 55.93
CA LEU A 146 -34.02 -16.64 56.36
C LEU A 146 -34.62 -17.69 55.40
N PHE A 147 -33.75 -18.43 54.71
CA PHE A 147 -34.16 -19.50 53.81
C PHE A 147 -33.47 -20.82 54.18
N GLN A 148 -34.16 -21.91 53.88
CA GLN A 148 -33.61 -23.23 53.87
C GLN A 148 -33.59 -23.80 52.46
N SER A 149 -32.54 -24.50 52.09
CA SER A 149 -32.48 -25.16 50.79
C SER A 149 -32.08 -26.61 51.03
N ASP A 150 -32.86 -27.57 50.51
CA ASP A 150 -32.73 -28.99 50.89
CA ASP A 150 -32.74 -28.97 50.91
C ASP A 150 -32.12 -29.77 49.74
N PRO A 151 -31.79 -31.07 49.95
CA PRO A 151 -31.10 -31.83 48.93
C PRO A 151 -31.81 -32.01 47.61
N SER A 152 -33.11 -31.89 47.56
CA SER A 152 -33.82 -31.87 46.26
C SER A 152 -33.61 -30.61 45.45
N GLY A 153 -33.18 -29.51 46.07
CA GLY A 153 -33.18 -28.19 45.43
C GLY A 153 -34.44 -27.41 45.76
N ALA A 154 -35.32 -27.94 46.60
CA ALA A 154 -36.49 -27.18 47.06
C ALA A 154 -35.97 -26.20 48.08
N TYR A 155 -36.56 -25.01 48.13
CA TYR A 155 -36.21 -24.05 49.16
C TYR A 155 -37.48 -23.44 49.81
N PHE A 156 -37.30 -22.88 51.00
CA PHE A 156 -38.41 -22.37 51.78
C PHE A 156 -37.94 -21.18 52.58
N ALA A 157 -38.82 -20.24 52.80
CA ALA A 157 -38.52 -19.07 53.62
C ALA A 157 -39.13 -19.33 54.98
N TRP A 158 -38.32 -19.17 56.01
CA TRP A 158 -38.75 -19.41 57.39
C TRP A 158 -38.66 -18.16 58.25
N LYS A 159 -39.52 -18.08 59.24
CA LYS A 159 -39.35 -17.17 60.37
C LYS A 159 -38.33 -17.72 61.38
N ALA A 160 -38.31 -19.05 61.53
CA ALA A 160 -37.41 -19.74 62.43
C ALA A 160 -37.55 -21.21 62.13
N THR A 161 -36.44 -21.91 62.24
CA THR A 161 -36.44 -23.36 62.03
C THR A 161 -35.19 -24.02 62.61
N ALA A 162 -35.22 -25.33 62.51
CA ALA A 162 -34.14 -26.18 63.03
C ALA A 162 -33.95 -27.30 62.05
N MET A 163 -32.73 -27.76 61.93
CA MET A 163 -32.43 -28.88 61.09
C MET A 163 -31.39 -29.76 61.79
N GLY A 164 -31.08 -30.93 61.24
CA GLY A 164 -30.15 -31.82 61.86
C GLY A 164 -30.81 -32.68 62.97
N LYS A 165 -30.00 -33.32 63.80
CA LYS A 165 -30.50 -34.14 64.89
C LYS A 165 -31.51 -33.39 65.71
N ASN A 166 -32.63 -34.05 66.01
CA ASN A 166 -33.63 -33.53 66.93
C ASN A 166 -34.31 -32.26 66.45
N TYR A 167 -34.36 -32.11 65.12
CA TYR A 167 -34.96 -30.94 64.52
C TYR A 167 -36.48 -30.86 64.77
N VAL A 168 -37.18 -32.00 64.82
CA VAL A 168 -38.64 -31.98 65.03
C VAL A 168 -38.93 -31.25 66.33
N ASN A 169 -38.29 -31.67 67.40
CA ASN A 169 -38.40 -31.01 68.70
C ASN A 169 -37.92 -29.58 68.72
N GLY A 170 -36.82 -29.30 67.99
CA GLY A 170 -36.32 -27.96 67.86
C GLY A 170 -37.34 -27.00 67.30
N LYS A 171 -38.05 -27.45 66.27
CA LYS A 171 -39.10 -26.64 65.62
C LYS A 171 -40.29 -26.41 66.55
N THR A 172 -40.75 -27.43 67.30
CA THR A 172 -41.80 -27.17 68.27
C THR A 172 -41.29 -26.31 69.45
N PHE A 173 -40.03 -26.44 69.85
CA PHE A 173 -39.46 -25.50 70.84
C PHE A 173 -39.54 -24.04 70.35
N LEU A 174 -39.16 -23.80 69.09
CA LEU A 174 -39.25 -22.48 68.47
C LEU A 174 -40.70 -22.01 68.24
N GLU A 175 -41.57 -22.92 67.82
CA GLU A 175 -43.02 -22.64 67.67
C GLU A 175 -43.59 -22.06 68.94
N LYS A 176 -43.17 -22.58 70.09
CA LYS A 176 -43.67 -22.11 71.38
C LYS A 176 -42.72 -21.10 72.01
N ARG A 177 -42.24 -20.13 71.25
CA ARG A 177 -41.19 -19.22 71.74
C ARG A 177 -40.80 -18.08 70.85
N TYR A 178 -41.07 -18.18 69.56
CA TYR A 178 -40.81 -17.10 68.62
C TYR A 178 -42.01 -16.18 68.56
N ASN A 179 -41.78 -14.85 68.57
CA ASN A 179 -42.80 -13.87 68.19
C ASN A 179 -42.23 -12.93 67.13
N GLU A 180 -43.13 -12.39 66.27
CA GLU A 180 -42.74 -11.59 65.10
C GLU A 180 -42.04 -10.29 65.48
N ASP A 181 -42.37 -9.73 66.64
CA ASP A 181 -41.82 -8.44 67.08
C ASP A 181 -40.50 -8.58 67.85
N LEU A 182 -39.89 -9.75 67.83
CA LEU A 182 -38.70 -10.02 68.63
C LEU A 182 -37.42 -9.37 68.07
N GLU A 183 -36.56 -8.86 68.96
CA GLU A 183 -35.26 -8.27 68.62
C GLU A 183 -34.18 -9.32 68.39
N LEU A 184 -33.08 -8.90 67.77
CA LEU A 184 -31.98 -9.81 67.43
C LEU A 184 -31.22 -10.30 68.67
N GLU A 185 -31.00 -9.43 69.65
CA GLU A 185 -30.28 -9.85 70.86
C GLU A 185 -31.04 -10.95 71.58
N ASP A 186 -32.36 -10.82 71.66
CA ASP A 186 -33.22 -11.85 72.24
C ASP A 186 -33.21 -13.13 71.40
N ALA A 187 -33.29 -12.96 70.08
CA ALA A 187 -33.24 -14.08 69.11
C ALA A 187 -31.99 -14.95 69.26
N ILE A 188 -30.84 -14.31 69.45
CA ILE A 188 -29.59 -14.99 69.68
C ILE A 188 -29.74 -15.87 70.93
N HIS A 189 -30.23 -15.25 72.00
CA HIS A 189 -30.54 -15.98 73.22
C HIS A 189 -31.40 -17.22 72.91
N THR A 190 -32.51 -17.06 72.19
CA THR A 190 -33.44 -18.20 72.01
C THR A 190 -32.85 -19.26 71.02
N ALA A 191 -32.05 -18.82 70.07
CA ALA A 191 -31.31 -19.73 69.22
C ALA A 191 -30.38 -20.67 70.00
N ILE A 192 -29.66 -20.14 70.96
CA ILE A 192 -28.77 -20.91 71.78
C ILE A 192 -29.55 -21.85 72.74
N LEU A 193 -30.61 -21.35 73.36
CA LEU A 193 -31.51 -22.22 74.08
C LEU A 193 -32.04 -23.37 73.20
N THR A 194 -32.34 -23.12 71.94
CA THR A 194 -32.80 -24.18 71.08
C THR A 194 -31.74 -25.26 70.91
N LEU A 195 -30.48 -24.89 70.74
CA LEU A 195 -29.39 -25.87 70.69
C LEU A 195 -29.20 -26.57 72.04
N LYS A 196 -29.39 -25.86 73.14
CA LYS A 196 -29.29 -26.45 74.47
C LYS A 196 -30.28 -27.60 74.64
N GLU A 197 -31.46 -27.51 74.01
CA GLU A 197 -32.46 -28.60 74.02
C GLU A 197 -31.92 -29.95 73.59
N SER A 198 -31.01 -29.97 72.64
CA SER A 198 -30.51 -31.22 72.12
C SER A 198 -28.99 -31.28 72.20
N PHE A 199 -28.39 -30.69 73.23
CA PHE A 199 -26.92 -30.58 73.23
C PHE A 199 -26.23 -31.87 73.69
N GLU A 200 -26.08 -32.07 75.00
CA GLU A 200 -25.20 -33.12 75.57
C GLU A 200 -23.73 -32.69 75.51
N GLY A 201 -23.20 -32.22 76.64
CA GLY A 201 -21.79 -31.93 76.71
C GLY A 201 -21.37 -30.78 77.58
N GLN A 202 -22.28 -29.88 77.90
CA GLN A 202 -21.93 -28.57 78.45
C GLN A 202 -21.35 -27.64 77.32
N MET A 203 -22.06 -26.55 77.06
CA MET A 203 -21.72 -25.63 76.03
C MET A 203 -20.63 -24.67 76.43
N THR A 204 -19.68 -24.49 75.55
CA THR A 204 -18.71 -23.43 75.63
C THR A 204 -18.79 -22.67 74.32
N GLU A 205 -18.14 -21.52 74.31
CA GLU A 205 -17.96 -20.75 73.10
C GLU A 205 -17.13 -21.45 72.03
N ASP A 206 -16.40 -22.50 72.39
CA ASP A 206 -15.59 -23.23 71.43
C ASP A 206 -16.36 -24.33 70.71
N ASN A 207 -17.55 -24.73 71.18
CA ASN A 207 -18.23 -25.84 70.49
C ASN A 207 -19.61 -25.49 69.96
N ILE A 208 -19.96 -24.22 69.97
CA ILE A 208 -21.03 -23.74 69.10
C ILE A 208 -20.48 -22.56 68.23
N GLU A 209 -21.18 -22.27 67.15
CA GLU A 209 -20.85 -21.13 66.29
C GLU A 209 -22.12 -20.38 66.05
N VAL A 210 -21.99 -19.06 65.98
CA VAL A 210 -23.12 -18.17 65.81
C VAL A 210 -22.75 -17.09 64.78
N GLY A 211 -23.68 -16.85 63.88
CA GLY A 211 -23.57 -15.80 62.90
C GLY A 211 -24.80 -14.94 62.97
N ILE A 212 -24.63 -13.67 62.65
CA ILE A 212 -25.74 -12.73 62.65
C ILE A 212 -25.74 -11.93 61.34
N CYS A 213 -26.91 -11.51 60.97
CA CYS A 213 -27.15 -10.71 59.80
C CYS A 213 -28.09 -9.54 60.13
N ASN A 214 -27.69 -8.31 59.82
CA ASN A 214 -28.56 -7.12 59.99
C ASN A 214 -28.22 -6.07 58.92
N GLU A 215 -28.70 -4.86 59.08
CA GLU A 215 -28.38 -3.80 58.19
C GLU A 215 -26.87 -3.60 58.00
N ALA A 216 -26.09 -3.66 59.08
CA ALA A 216 -24.63 -3.53 58.91
C ALA A 216 -23.94 -4.69 58.10
N GLY A 217 -24.58 -5.87 57.99
CA GLY A 217 -24.00 -6.98 57.21
C GLY A 217 -24.03 -8.32 57.96
N PHE A 218 -23.42 -9.31 57.38
CA PHE A 218 -23.35 -10.61 57.94
C PHE A 218 -22.01 -10.80 58.60
N ARG A 219 -21.98 -11.39 59.77
CA ARG A 219 -20.71 -11.77 60.37
C ARG A 219 -20.88 -12.90 61.41
N ARG A 220 -19.81 -13.63 61.64
CA ARG A 220 -19.72 -14.55 62.77
C ARG A 220 -19.54 -13.76 64.01
N LEU A 221 -20.18 -14.20 65.07
CA LEU A 221 -19.84 -13.74 66.39
C LEU A 221 -18.47 -14.31 66.78
N THR A 222 -17.76 -13.55 67.59
CA THR A 222 -16.46 -13.93 68.05
C THR A 222 -16.65 -14.88 69.26
N PRO A 223 -15.66 -15.73 69.56
CA PRO A 223 -15.71 -16.54 70.77
C PRO A 223 -16.09 -15.73 72.03
N THR A 224 -15.44 -14.58 72.24
CA THR A 224 -15.76 -13.69 73.37
C THR A 224 -17.25 -13.23 73.40
N GLU A 225 -17.84 -12.96 72.23
CA GLU A 225 -19.25 -12.56 72.18
C GLU A 225 -20.18 -13.71 72.52
N VAL A 226 -19.85 -14.90 72.03
CA VAL A 226 -20.63 -16.09 72.30
C VAL A 226 -20.56 -16.45 73.80
N LYS A 227 -19.35 -16.39 74.36
CA LYS A 227 -19.10 -16.59 75.80
C LYS A 227 -20.05 -15.76 76.66
N ASP A 228 -20.16 -14.47 76.30
CA ASP A 228 -21.08 -13.50 76.92
C ASP A 228 -22.55 -13.90 76.87
N TYR A 229 -23.03 -14.36 75.71
CA TYR A 229 -24.41 -14.84 75.61
C TYR A 229 -24.59 -16.14 76.41
N LEU A 230 -23.53 -16.96 76.50
CA LEU A 230 -23.55 -18.22 77.27
C LEU A 230 -23.58 -18.04 78.80
N ALA A 231 -23.19 -16.87 79.30
CA ALA A 231 -23.34 -16.60 80.74
C ALA A 231 -24.78 -16.80 81.28
N ALA A 232 -25.77 -16.14 80.69
CA ALA A 232 -27.23 -16.35 80.94
C ALA A 232 -27.73 -17.81 80.82
N ILE A 233 -27.09 -18.58 79.95
CA ILE A 233 -27.41 -20.00 79.66
C ILE A 233 -26.43 -20.94 80.34
N SER B 2 -20.79 -47.36 32.58
CA SER B 2 -20.77 -48.67 33.31
C SER B 2 -22.17 -49.32 33.41
N ARG B 3 -22.17 -50.48 32.83
CA ARG B 3 -23.44 -51.13 32.43
C ARG B 3 -24.10 -51.66 33.66
N ARG B 4 -23.34 -52.10 34.64
CA ARG B 4 -23.86 -52.66 35.89
C ARG B 4 -24.71 -51.66 36.66
N TYR B 5 -24.35 -50.40 36.65
CA TYR B 5 -25.03 -49.44 37.53
C TYR B 5 -26.09 -48.65 36.83
N ASP B 6 -26.18 -48.79 35.52
CA ASP B 6 -27.10 -47.97 34.74
C ASP B 6 -28.53 -48.48 34.95
N SER B 7 -29.39 -47.65 35.53
CA SER B 7 -30.78 -48.09 35.72
C SER B 7 -31.63 -47.98 34.41
N ARG B 8 -31.10 -47.37 33.34
CA ARG B 8 -31.72 -47.48 32.00
C ARG B 8 -33.06 -46.81 31.98
N THR B 9 -33.05 -45.51 32.22
CA THR B 9 -34.28 -44.79 32.42
C THR B 9 -35.09 -44.51 31.14
N THR B 10 -34.48 -44.72 29.96
CA THR B 10 -35.09 -44.30 28.69
C THR B 10 -35.28 -45.51 27.80
N ILE B 11 -35.75 -46.65 28.35
CA ILE B 11 -35.96 -47.82 27.52
C ILE B 11 -37.40 -48.29 27.69
N PHE B 12 -37.91 -49.01 26.71
CA PHE B 12 -39.20 -49.67 26.87
C PHE B 12 -39.14 -50.91 27.76
N SER B 13 -40.23 -51.13 28.47
CA SER B 13 -40.57 -52.39 29.11
C SER B 13 -41.31 -53.30 28.13
N PRO B 14 -41.49 -54.59 28.47
CA PRO B 14 -42.18 -55.49 27.56
C PRO B 14 -43.60 -55.12 27.10
N GLU B 15 -44.34 -54.25 27.79
CA GLU B 15 -45.68 -53.90 27.22
C GLU B 15 -45.68 -52.65 26.37
N GLY B 16 -44.50 -52.14 26.06
CA GLY B 16 -44.38 -50.89 25.36
C GLY B 16 -44.52 -49.77 26.36
N ARG B 17 -44.12 -49.95 27.61
CA ARG B 17 -44.27 -48.89 28.59
C ARG B 17 -42.95 -48.26 28.96
N LEU B 18 -43.08 -47.09 29.54
CA LEU B 18 -41.96 -46.29 30.02
C LEU B 18 -42.13 -46.14 31.51
N TYR B 19 -41.45 -46.98 32.27
CA TYR B 19 -41.68 -47.02 33.68
C TYR B 19 -41.39 -45.82 34.48
N GLN B 20 -40.27 -45.13 34.18
CA GLN B 20 -39.95 -43.91 34.88
C GLN B 20 -41.10 -42.94 34.73
N VAL B 21 -41.64 -42.83 33.49
CA VAL B 21 -42.66 -41.82 33.17
C VAL B 21 -43.85 -42.07 34.05
N GLU B 22 -44.27 -43.35 34.06
CA GLU B 22 -45.37 -43.78 34.93
C GLU B 22 -45.05 -43.39 36.40
N TYR B 23 -43.79 -43.69 36.80
CA TYR B 23 -43.45 -43.52 38.18
C TYR B 23 -43.45 -42.09 38.58
N ALA B 24 -42.98 -41.26 37.65
CA ALA B 24 -43.08 -39.80 37.83
C ALA B 24 -44.56 -39.35 37.99
N MET B 25 -45.44 -39.95 37.21
CA MET B 25 -46.89 -39.67 37.31
CA MET B 25 -46.90 -39.67 37.33
C MET B 25 -47.47 -40.07 38.69
N GLU B 26 -46.89 -41.08 39.36
CA GLU B 26 -47.31 -41.38 40.74
C GLU B 26 -46.87 -40.29 41.70
N ALA B 27 -45.66 -39.78 41.51
CA ALA B 27 -45.18 -38.63 42.33
C ALA B 27 -46.17 -37.43 42.26
N ILE B 28 -46.63 -37.15 41.06
CA ILE B 28 -47.53 -36.06 40.78
C ILE B 28 -48.88 -36.22 41.48
N GLY B 29 -49.40 -37.45 41.46
CA GLY B 29 -50.67 -37.77 42.03
C GLY B 29 -50.73 -37.55 43.52
N HIS B 30 -49.59 -37.58 44.19
CA HIS B 30 -49.52 -37.35 45.61
C HIS B 30 -49.33 -35.87 45.92
N ALA B 31 -48.82 -35.08 44.98
CA ALA B 31 -48.60 -33.64 45.20
C ALA B 31 -49.87 -32.80 45.35
N GLY B 32 -49.70 -31.54 45.76
CA GLY B 32 -50.81 -30.61 45.98
C GLY B 32 -51.76 -30.53 44.81
N THR B 33 -53.05 -30.54 45.10
CA THR B 33 -54.08 -30.49 44.06
C THR B 33 -54.07 -29.09 43.39
N CYS B 34 -54.24 -29.12 42.08
CA CYS B 34 -54.06 -27.91 41.33
C CYS B 34 -55.06 -27.93 40.17
N LEU B 35 -55.97 -26.97 40.11
CA LEU B 35 -56.97 -27.00 39.06
C LEU B 35 -56.97 -25.73 38.21
N GLY B 36 -57.48 -25.87 36.99
CA GLY B 36 -57.57 -24.76 36.08
C GLY B 36 -58.96 -24.73 35.51
N ILE B 37 -59.50 -23.54 35.36
CA ILE B 37 -60.86 -23.37 34.82
C ILE B 37 -60.93 -22.18 33.86
N LEU B 38 -61.28 -22.46 32.60
CA LEU B 38 -61.57 -21.47 31.58
C LEU B 38 -62.98 -20.85 31.65
N ALA B 39 -63.07 -19.53 31.50
CA ALA B 39 -64.33 -18.82 31.40
C ALA B 39 -64.36 -17.95 30.18
N ASN B 40 -65.54 -17.36 29.92
CA ASN B 40 -65.69 -16.43 28.79
C ASN B 40 -64.87 -15.17 28.90
N ASP B 41 -64.69 -14.66 30.10
CA ASP B 41 -63.94 -13.44 30.33
C ASP B 41 -62.59 -13.69 31.09
N GLY B 42 -62.07 -14.92 31.07
CA GLY B 42 -60.78 -15.16 31.72
C GLY B 42 -60.52 -16.64 32.02
N VAL B 43 -59.43 -16.88 32.70
CA VAL B 43 -59.02 -18.20 33.08
C VAL B 43 -58.44 -18.10 34.46
N LEU B 44 -58.54 -19.19 35.23
CA LEU B 44 -57.97 -19.20 36.57
C LEU B 44 -57.22 -20.47 36.90
N LEU B 45 -56.35 -20.34 37.90
CA LEU B 45 -55.65 -21.45 38.53
C LEU B 45 -55.93 -21.35 40.00
N ALA B 46 -56.22 -22.49 40.61
CA ALA B 46 -56.36 -22.57 42.03
C ALA B 46 -55.60 -23.81 42.52
N ALA B 47 -54.80 -23.64 43.56
CA ALA B 47 -53.88 -24.70 43.99
C ALA B 47 -53.89 -24.82 45.48
N GLU B 48 -53.86 -26.08 45.94
CA GLU B 48 -53.60 -26.39 47.32
C GLU B 48 -52.17 -25.97 47.66
N ARG B 49 -51.99 -25.24 48.74
CA ARG B 49 -50.64 -24.97 49.21
C ARG B 49 -50.13 -26.14 50.06
N ARG B 50 -48.88 -26.53 49.87
CA ARG B 50 -48.22 -27.41 50.82
C ARG B 50 -47.34 -26.63 51.85
N ASN B 51 -46.78 -25.49 51.47
CA ASN B 51 -46.14 -24.57 52.44
C ASN B 51 -47.14 -23.91 53.40
N ILE B 52 -47.42 -24.57 54.51
CA ILE B 52 -48.43 -24.17 55.52
C ILE B 52 -48.05 -24.22 57.02
N HIS B 53 -46.92 -24.83 57.38
CA HIS B 53 -46.37 -24.70 58.75
C HIS B 53 -46.37 -23.23 59.24
N LYS B 54 -46.69 -23.06 60.51
CA LYS B 54 -46.91 -21.75 61.14
C LYS B 54 -45.66 -20.87 61.03
N LEU B 55 -44.50 -21.46 61.34
CA LEU B 55 -43.21 -20.77 61.27
C LEU B 55 -42.66 -20.39 59.86
N LEU B 56 -43.33 -20.78 58.77
CA LEU B 56 -42.95 -20.28 57.43
C LEU B 56 -43.08 -18.76 57.33
N ASP B 57 -42.27 -18.12 56.47
CA ASP B 57 -42.19 -16.64 56.42
C ASP B 57 -42.93 -15.90 55.35
N GLU B 58 -43.27 -16.47 54.22
CA GLU B 58 -44.08 -15.67 53.24
C GLU B 58 -43.37 -14.45 52.64
N VAL B 59 -42.78 -14.67 51.49
CA VAL B 59 -41.79 -13.79 50.93
C VAL B 59 -42.03 -13.57 49.44
N PHE B 60 -42.56 -14.56 48.73
CA PHE B 60 -42.97 -14.41 47.35
C PHE B 60 -44.45 -14.19 47.28
N PHE B 61 -44.91 -13.78 46.11
CA PHE B 61 -46.33 -13.50 45.92
C PHE B 61 -47.15 -14.79 45.71
N SER B 62 -46.49 -15.90 45.40
CA SER B 62 -47.12 -17.21 45.45
C SER B 62 -46.15 -18.32 45.77
N GLU B 63 -46.68 -19.52 45.96
CA GLU B 63 -45.93 -20.71 46.22
C GLU B 63 -45.75 -21.52 44.95
N LYS B 64 -46.79 -21.65 44.15
CA LYS B 64 -46.80 -22.58 42.99
C LYS B 64 -47.40 -21.93 41.74
N ILE B 65 -47.69 -20.64 41.76
CA ILE B 65 -48.16 -19.94 40.56
C ILE B 65 -46.96 -19.17 39.95
N TYR B 66 -46.63 -19.42 38.70
CA TYR B 66 -45.49 -18.74 38.07
C TYR B 66 -45.97 -17.90 36.83
N LYS B 67 -45.55 -16.66 36.78
CA LYS B 67 -45.72 -15.85 35.57
C LYS B 67 -44.68 -16.33 34.56
N LEU B 68 -45.10 -16.59 33.33
CA LEU B 68 -44.18 -17.06 32.25
C LEU B 68 -43.69 -15.94 31.28
N ASN B 69 -44.61 -15.04 30.97
CA ASN B 69 -44.41 -13.86 30.13
C ASN B 69 -45.61 -12.95 30.37
N GLU B 70 -45.74 -11.91 29.53
CA GLU B 70 -46.81 -10.95 29.71
C GLU B 70 -48.22 -11.55 29.73
N ASP B 71 -48.44 -12.53 28.85
CA ASP B 71 -49.76 -13.04 28.61
C ASP B 71 -50.04 -14.43 29.22
N MET B 72 -49.14 -15.00 30.04
CA MET B 72 -49.25 -16.41 30.44
C MET B 72 -48.70 -16.68 31.81
N ALA B 73 -49.35 -17.62 32.49
CA ALA B 73 -48.90 -18.13 33.76
C ALA B 73 -49.11 -19.63 33.81
N CYS B 74 -48.50 -20.25 34.80
CA CYS B 74 -48.69 -21.67 35.01
C CYS B 74 -48.69 -22.02 36.47
N SER B 75 -49.26 -23.20 36.76
CA SER B 75 -49.06 -23.83 38.08
C SER B 75 -48.54 -25.25 37.87
N VAL B 76 -48.07 -25.84 38.95
CA VAL B 76 -47.35 -27.11 38.86
C VAL B 76 -47.77 -28.07 39.99
N ALA B 77 -47.67 -29.36 39.71
CA ALA B 77 -47.78 -30.37 40.72
C ALA B 77 -46.64 -31.31 40.49
N GLY B 78 -45.93 -31.61 41.57
CA GLY B 78 -44.88 -32.61 41.58
C GLY B 78 -43.60 -32.07 42.21
N ILE B 79 -42.46 -32.44 41.70
CA ILE B 79 -41.20 -32.16 42.38
C ILE B 79 -40.92 -30.66 42.19
N THR B 80 -40.84 -29.91 43.27
CA THR B 80 -40.72 -28.48 43.20
C THR B 80 -39.43 -28.02 42.45
N SER B 81 -38.29 -28.51 42.85
CA SER B 81 -37.03 -28.18 42.18
C SER B 81 -37.14 -28.48 40.68
N ASP B 82 -37.77 -29.60 40.30
CA ASP B 82 -37.96 -29.88 38.87
C ASP B 82 -38.84 -28.79 38.23
N ALA B 83 -39.90 -28.39 38.91
CA ALA B 83 -40.78 -27.35 38.42
C ALA B 83 -40.00 -26.01 38.18
N ASN B 84 -39.07 -25.67 39.11
CA ASN B 84 -38.21 -24.48 38.94
C ASN B 84 -37.37 -24.53 37.69
N VAL B 85 -36.76 -25.64 37.37
CA VAL B 85 -36.00 -25.78 36.11
C VAL B 85 -36.92 -25.61 34.90
N LEU B 86 -38.11 -26.26 34.92
CA LEU B 86 -38.98 -26.18 33.77
C LEU B 86 -39.58 -24.74 33.53
N THR B 87 -39.96 -24.03 34.62
CA THR B 87 -40.59 -22.77 34.50
C THR B 87 -39.55 -21.79 34.06
N ASN B 88 -38.31 -21.93 34.54
CA ASN B 88 -37.22 -21.13 33.98
C ASN B 88 -37.05 -21.37 32.48
N GLU B 89 -37.00 -22.62 32.05
CA GLU B 89 -36.97 -22.91 30.64
C GLU B 89 -38.22 -22.31 29.85
N LEU B 90 -39.43 -22.40 30.40
CA LEU B 90 -40.55 -21.79 29.75
C LEU B 90 -40.32 -20.23 29.49
N ARG B 91 -39.80 -19.53 30.48
CA ARG B 91 -39.57 -18.10 30.35
C ARG B 91 -38.55 -17.86 29.25
N LEU B 92 -37.50 -18.67 29.19
CA LEU B 92 -36.50 -18.52 28.14
CA LEU B 92 -36.50 -18.52 28.15
C LEU B 92 -37.08 -18.74 26.73
N ILE B 93 -37.90 -19.76 26.56
CA ILE B 93 -38.48 -20.04 25.26
C ILE B 93 -39.37 -18.88 24.84
N ALA B 94 -40.16 -18.35 25.79
CA ALA B 94 -41.07 -17.27 25.50
C ALA B 94 -40.26 -16.03 25.06
N GLN B 95 -39.15 -15.74 25.69
CA GLN B 95 -38.30 -14.59 25.31
C GLN B 95 -37.55 -14.81 24.00
N ARG B 96 -37.12 -16.03 23.72
CA ARG B 96 -36.56 -16.37 22.40
C ARG B 96 -37.54 -16.13 21.26
N TYR B 97 -38.79 -16.52 21.42
CA TYR B 97 -39.78 -16.31 20.44
C TYR B 97 -40.00 -14.79 20.28
N LEU B 98 -40.20 -14.07 21.39
CA LEU B 98 -40.39 -12.60 21.36
C LEU B 98 -39.23 -11.88 20.66
N LEU B 99 -37.99 -12.29 20.96
CA LEU B 99 -36.82 -11.74 20.30
C LEU B 99 -36.89 -11.93 18.80
N GLN B 100 -37.20 -13.12 18.37
CA GLN B 100 -37.21 -13.45 16.96
C GLN B 100 -38.35 -12.83 16.13
N TYR B 101 -39.53 -12.89 16.67
CA TYR B 101 -40.75 -12.47 15.92
C TYR B 101 -41.28 -11.06 16.31
N GLN B 102 -40.87 -10.55 17.47
CA GLN B 102 -41.40 -9.31 18.06
C GLN B 102 -42.91 -9.37 18.31
N GLU B 103 -43.41 -10.56 18.69
CA GLU B 103 -44.78 -10.74 19.21
C GLU B 103 -44.71 -11.83 20.27
N PRO B 104 -45.67 -11.85 21.20
CA PRO B 104 -45.69 -12.95 22.22
C PRO B 104 -45.85 -14.33 21.61
N ILE B 105 -45.26 -15.33 22.27
CA ILE B 105 -45.45 -16.71 21.84
C ILE B 105 -46.92 -17.08 22.05
N PRO B 106 -47.58 -17.63 21.01
CA PRO B 106 -48.91 -18.19 21.20
C PRO B 106 -48.79 -19.34 22.21
N CYS B 107 -49.77 -19.43 23.09
CA CYS B 107 -49.80 -20.35 24.22
C CYS B 107 -49.42 -21.79 23.90
N GLU B 108 -50.06 -22.34 22.88
CA GLU B 108 -49.88 -23.72 22.52
C GLU B 108 -48.47 -24.01 22.07
N GLN B 109 -47.85 -23.00 21.45
CA GLN B 109 -46.50 -23.13 20.97
C GLN B 109 -45.53 -23.18 22.11
N LEU B 110 -45.83 -22.48 23.21
CA LEU B 110 -44.94 -22.48 24.36
C LEU B 110 -45.00 -23.86 25.02
N VAL B 111 -46.23 -24.34 25.20
CA VAL B 111 -46.43 -25.61 25.77
C VAL B 111 -45.71 -26.70 24.97
N THR B 112 -45.96 -26.74 23.66
CA THR B 112 -45.31 -27.70 22.76
C THR B 112 -43.81 -27.67 22.83
N ALA B 113 -43.21 -26.48 22.86
CA ALA B 113 -41.76 -26.37 22.98
C ALA B 113 -41.26 -27.05 24.23
N LEU B 114 -41.93 -26.83 25.36
CA LEU B 114 -41.49 -27.50 26.62
C LEU B 114 -41.70 -29.03 26.56
N CYS B 115 -42.87 -29.44 26.09
CA CYS B 115 -43.22 -30.84 25.99
C CYS B 115 -42.19 -31.61 25.13
N ASP B 116 -41.63 -30.97 24.11
CA ASP B 116 -40.57 -31.60 23.30
C ASP B 116 -39.25 -31.86 24.10
N ILE B 117 -38.97 -30.98 25.06
CA ILE B 117 -37.85 -31.17 25.98
C ILE B 117 -38.16 -32.37 26.89
N LYS B 118 -39.33 -32.36 27.49
CA LYS B 118 -39.77 -33.53 28.31
C LYS B 118 -39.72 -34.81 27.51
N GLN B 119 -40.24 -34.80 26.30
CA GLN B 119 -40.21 -35.97 25.41
C GLN B 119 -38.81 -36.54 25.22
N ALA B 120 -37.87 -35.66 24.99
CA ALA B 120 -36.50 -36.06 24.76
C ALA B 120 -35.93 -36.87 25.97
N TYR B 121 -36.30 -36.41 27.17
CA TYR B 121 -35.84 -37.02 28.41
C TYR B 121 -36.42 -38.47 28.60
N THR B 122 -37.46 -38.84 27.84
CA THR B 122 -38.00 -40.19 27.86
C THR B 122 -37.40 -41.05 26.76
N GLN B 123 -36.67 -40.46 25.82
CA GLN B 123 -36.18 -41.21 24.65
C GLN B 123 -34.70 -41.36 24.56
N PHE B 124 -33.95 -40.40 25.08
CA PHE B 124 -32.51 -40.53 25.07
C PHE B 124 -31.88 -39.78 26.22
N GLY B 125 -30.61 -40.06 26.45
CA GLY B 125 -29.83 -39.41 27.50
C GLY B 125 -29.70 -40.11 28.84
N GLY B 126 -30.47 -41.17 29.09
CA GLY B 126 -30.23 -42.01 30.31
C GLY B 126 -30.52 -41.28 31.62
N LYS B 127 -31.28 -40.19 31.57
CA LYS B 127 -31.60 -39.45 32.79
C LYS B 127 -33.04 -39.75 33.25
N ARG B 128 -33.29 -39.57 34.55
CA ARG B 128 -34.65 -39.50 35.03
C ARG B 128 -35.45 -38.35 34.39
N PRO B 129 -36.72 -38.57 34.16
CA PRO B 129 -37.56 -37.49 33.68
C PRO B 129 -37.84 -36.51 34.80
N PHE B 130 -38.39 -35.36 34.40
CA PHE B 130 -38.86 -34.33 35.31
C PHE B 130 -40.15 -34.80 35.94
N GLY B 131 -40.24 -34.72 37.26
CA GLY B 131 -41.44 -35.16 38.01
C GLY B 131 -42.50 -34.07 38.21
N VAL B 132 -42.98 -33.55 37.09
CA VAL B 132 -43.81 -32.36 37.12
C VAL B 132 -44.94 -32.48 36.11
N SER B 133 -46.14 -32.08 36.54
CA SER B 133 -47.21 -31.80 35.62
C SER B 133 -47.54 -30.33 35.75
N LEU B 134 -47.98 -29.74 34.67
CA LEU B 134 -48.25 -28.32 34.69
C LEU B 134 -49.65 -28.05 34.19
N LEU B 135 -50.23 -26.99 34.76
CA LEU B 135 -51.38 -26.30 34.11
C LEU B 135 -50.91 -24.90 33.60
N TYR B 136 -51.28 -24.58 32.35
CA TYR B 136 -50.90 -23.32 31.71
C TYR B 136 -52.13 -22.51 31.37
N ILE B 137 -52.15 -21.21 31.76
CA ILE B 137 -53.24 -20.30 31.41
C ILE B 137 -52.68 -19.12 30.65
N GLY B 138 -53.48 -18.64 29.71
CA GLY B 138 -52.96 -17.63 28.85
C GLY B 138 -54.02 -17.01 27.98
N TRP B 139 -53.61 -15.94 27.31
CA TRP B 139 -54.38 -15.31 26.22
C TRP B 139 -53.44 -15.11 25.05
N ASP B 140 -53.86 -15.48 23.86
CA ASP B 140 -53.16 -14.96 22.67
C ASP B 140 -54.20 -14.53 21.62
N LYS B 141 -53.70 -13.90 20.57
CA LYS B 141 -54.54 -13.38 19.53
C LYS B 141 -55.07 -14.44 18.58
N HIS B 142 -54.64 -15.70 18.67
CA HIS B 142 -55.17 -16.72 17.76
C HIS B 142 -56.36 -17.47 18.34
N TYR B 143 -56.32 -17.81 19.63
CA TYR B 143 -57.40 -18.54 20.30
C TYR B 143 -57.88 -17.90 21.60
N GLY B 144 -57.48 -16.67 21.89
CA GLY B 144 -58.00 -15.98 23.10
C GLY B 144 -57.59 -16.69 24.38
N PHE B 145 -58.51 -16.81 25.33
CA PHE B 145 -58.27 -17.45 26.61
C PHE B 145 -58.09 -18.94 26.45
N GLN B 146 -57.04 -19.50 27.09
CA GLN B 146 -56.72 -20.90 26.94
C GLN B 146 -56.15 -21.49 28.23
N LEU B 147 -56.27 -22.80 28.31
CA LEU B 147 -55.85 -23.63 29.46
C LEU B 147 -55.30 -24.90 28.86
N TYR B 148 -54.07 -25.24 29.27
CA TYR B 148 -53.39 -26.46 28.83
C TYR B 148 -52.91 -27.24 30.03
N GLN B 149 -52.68 -28.53 29.80
CA GLN B 149 -52.12 -29.43 30.80
C GLN B 149 -51.06 -30.27 30.15
N SER B 150 -49.90 -30.35 30.81
CA SER B 150 -48.79 -31.20 30.30
C SER B 150 -48.24 -32.08 31.42
N ASP B 151 -47.69 -33.22 31.05
CA ASP B 151 -47.18 -34.19 32.04
C ASP B 151 -45.80 -34.76 31.67
N PRO B 152 -45.18 -35.58 32.55
CA PRO B 152 -43.85 -36.02 32.26
C PRO B 152 -43.68 -36.85 31.03
N SER B 153 -44.70 -37.40 30.42
CA SER B 153 -44.52 -38.06 29.13
C SER B 153 -44.18 -37.10 27.99
N GLY B 154 -44.28 -35.78 28.21
CA GLY B 154 -44.24 -34.84 27.12
C GLY B 154 -45.49 -34.69 26.33
N ASN B 155 -46.59 -35.21 26.86
CA ASN B 155 -47.91 -35.01 26.28
C ASN B 155 -48.56 -33.76 26.84
N TYR B 156 -49.37 -33.08 26.03
CA TYR B 156 -50.15 -31.93 26.51
C TYR B 156 -51.54 -32.04 25.81
N GLY B 157 -52.47 -31.35 26.44
CA GLY B 157 -53.72 -31.00 25.79
C GLY B 157 -54.25 -29.65 26.26
N GLY B 158 -55.21 -29.13 25.46
CA GLY B 158 -56.08 -28.05 25.89
C GLY B 158 -57.34 -28.59 26.62
N TRP B 159 -57.78 -27.85 27.65
CA TRP B 159 -58.98 -28.17 28.47
C TRP B 159 -59.80 -26.90 28.73
N LYS B 160 -61.08 -27.07 28.93
CA LYS B 160 -61.92 -26.01 29.44
C LYS B 160 -61.85 -25.97 30.97
N ALA B 161 -61.67 -27.15 31.57
CA ALA B 161 -61.45 -27.29 33.03
C ALA B 161 -60.77 -28.67 33.33
N THR B 162 -59.91 -28.73 34.35
CA THR B 162 -59.21 -29.93 34.61
C THR B 162 -58.65 -29.70 36.01
N CYS B 163 -57.90 -30.88 36.37
CA CYS B 163 -57.14 -30.93 37.65
C CYS B 163 -55.96 -31.90 37.60
N ILE B 164 -54.90 -31.54 38.29
CA ILE B 164 -53.73 -32.43 38.47
C ILE B 164 -53.38 -32.43 39.94
N GLY B 165 -52.63 -33.45 40.35
CA GLY B 165 -52.23 -33.58 41.74
C GLY B 165 -53.26 -34.39 42.55
N ASN B 166 -53.18 -34.25 43.87
CA ASN B 166 -54.04 -35.05 44.75
C ASN B 166 -55.55 -34.97 44.45
N ASN B 167 -56.16 -36.14 44.43
CA ASN B 167 -57.59 -36.30 44.21
C ASN B 167 -58.12 -35.82 42.86
N SER B 168 -57.25 -35.83 41.85
CA SER B 168 -57.55 -35.34 40.50
C SER B 168 -58.84 -35.88 39.95
N ALA B 169 -59.00 -37.21 40.03
CA ALA B 169 -60.17 -37.93 39.43
C ALA B 169 -61.48 -37.38 40.00
N ALA B 170 -61.52 -37.30 41.33
CA ALA B 170 -62.66 -36.70 42.01
C ALA B 170 -62.88 -35.26 41.53
N ALA B 171 -61.82 -34.47 41.44
CA ALA B 171 -61.95 -33.05 41.00
C ALA B 171 -62.50 -32.93 39.59
N VAL B 172 -62.02 -33.78 38.68
CA VAL B 172 -62.56 -33.82 37.33
C VAL B 172 -64.01 -34.27 37.29
N SER B 173 -64.43 -35.21 38.15
CA SER B 173 -65.85 -35.58 38.14
C SER B 173 -66.72 -34.39 38.50
N MET B 174 -66.37 -33.69 39.57
CA MET B 174 -67.12 -32.51 39.99
C MET B 174 -67.17 -31.45 38.95
N LEU B 175 -66.06 -31.26 38.20
CA LEU B 175 -66.04 -30.32 37.08
C LEU B 175 -66.91 -30.79 35.91
N LYS B 176 -66.80 -32.06 35.49
CA LYS B 176 -67.70 -32.63 34.47
C LYS B 176 -69.16 -32.27 34.74
N GLN B 177 -69.52 -32.24 36.00
CA GLN B 177 -70.90 -32.10 36.33
C GLN B 177 -71.36 -30.69 36.52
N ASP B 178 -70.46 -29.81 36.93
CA ASP B 178 -70.86 -28.42 37.18
C ASP B 178 -70.53 -27.45 36.08
N TYR B 179 -69.56 -27.76 35.24
CA TYR B 179 -69.05 -26.82 34.27
C TYR B 179 -70.02 -26.63 33.08
N LYS B 180 -70.31 -25.38 32.75
CA LYS B 180 -71.23 -25.03 31.68
C LYS B 180 -70.47 -24.58 30.44
N GLU B 181 -70.27 -25.46 29.46
CA GLU B 181 -69.50 -25.11 28.27
C GLU B 181 -70.08 -23.83 27.59
N GLY B 182 -69.25 -22.84 27.37
CA GLY B 182 -69.67 -21.58 26.71
C GLY B 182 -70.39 -20.56 27.60
N GLU B 183 -70.62 -20.89 28.87
CA GLU B 183 -71.48 -20.05 29.71
C GLU B 183 -70.82 -19.61 31.02
N MET B 184 -69.58 -20.01 31.30
CA MET B 184 -68.93 -19.66 32.58
C MET B 184 -68.37 -18.26 32.53
N THR B 185 -68.37 -17.62 33.69
CA THR B 185 -67.69 -16.36 33.91
C THR B 185 -66.58 -16.60 34.95
N LEU B 186 -65.68 -15.64 35.10
CA LEU B 186 -64.65 -15.72 36.09
C LEU B 186 -65.24 -15.88 37.50
N LYS B 187 -66.33 -15.18 37.74
CA LYS B 187 -66.98 -15.16 39.04
C LYS B 187 -67.60 -16.53 39.34
N SER B 188 -68.19 -17.18 38.34
CA SER B 188 -68.73 -18.53 38.50
C SER B 188 -67.66 -19.62 38.51
N ALA B 189 -66.59 -19.45 37.74
CA ALA B 189 -65.43 -20.35 37.78
C ALA B 189 -64.76 -20.30 39.16
N LEU B 190 -64.66 -19.11 39.73
CA LEU B 190 -64.11 -18.96 41.08
C LEU B 190 -64.95 -19.69 42.09
N ALA B 191 -66.29 -19.53 41.99
CA ALA B 191 -67.20 -20.33 42.84
C ALA B 191 -66.95 -21.81 42.64
N LEU B 192 -66.89 -22.28 41.41
CA LEU B 192 -66.72 -23.72 41.17
C LEU B 192 -65.37 -24.23 41.70
N ALA B 193 -64.30 -23.43 41.56
CA ALA B 193 -62.97 -23.83 42.01
C ALA B 193 -62.99 -24.05 43.50
N ILE B 194 -63.63 -23.14 44.24
CA ILE B 194 -63.72 -23.30 45.69
C ILE B 194 -64.58 -24.50 46.09
N LYS B 195 -65.70 -24.69 45.39
CA LYS B 195 -66.50 -25.92 45.55
C LYS B 195 -65.62 -27.17 45.39
N VAL B 196 -64.83 -27.22 44.32
CA VAL B 196 -64.04 -28.40 44.01
C VAL B 196 -62.97 -28.63 45.07
N LEU B 197 -62.22 -27.59 45.43
CA LEU B 197 -61.19 -27.71 46.48
C LEU B 197 -61.75 -28.03 47.86
N ASN B 198 -62.97 -27.57 48.12
CA ASN B 198 -63.67 -27.89 49.36
C ASN B 198 -63.87 -29.39 49.53
N LYS B 199 -64.32 -30.05 48.47
CA LYS B 199 -64.45 -31.50 48.44
C LYS B 199 -63.12 -32.26 48.41
N THR B 200 -62.18 -31.88 47.54
CA THR B 200 -60.96 -32.67 47.32
C THR B 200 -59.85 -32.46 48.34
N MET B 201 -59.91 -31.40 49.13
CA MET B 201 -59.09 -31.32 50.32
C MET B 201 -59.88 -31.94 51.50
N ASP B 202 -60.10 -33.27 51.45
CA ASP B 202 -60.82 -34.03 52.49
C ASP B 202 -59.90 -34.36 53.67
N VAL B 203 -58.94 -33.49 53.97
CA VAL B 203 -58.05 -33.65 55.14
C VAL B 203 -57.36 -32.29 55.47
N SER B 204 -58.10 -31.26 55.94
CA SER B 204 -59.52 -31.31 56.35
C SER B 204 -60.38 -30.05 55.99
N LYS B 205 -60.52 -29.07 56.90
CA LYS B 205 -61.45 -27.91 56.72
C LYS B 205 -60.83 -26.67 56.02
N LEU B 206 -61.42 -26.24 54.91
CA LEU B 206 -60.77 -25.31 53.93
C LEU B 206 -60.59 -23.85 54.36
N SER B 207 -59.40 -23.33 54.10
CA SER B 207 -58.95 -22.07 54.67
C SER B 207 -58.19 -21.31 53.62
N ALA B 208 -58.14 -19.99 53.75
CA ALA B 208 -57.45 -19.14 52.78
C ALA B 208 -55.92 -19.29 52.84
N GLU B 209 -55.40 -19.61 54.03
CA GLU B 209 -53.98 -19.94 54.21
C GLU B 209 -53.58 -21.20 53.41
N LYS B 210 -54.56 -22.04 53.06
CA LYS B 210 -54.32 -23.35 52.42
C LYS B 210 -54.51 -23.41 50.91
N VAL B 211 -54.96 -22.31 50.27
CA VAL B 211 -55.10 -22.25 48.81
C VAL B 211 -54.53 -20.96 48.21
N GLU B 212 -54.31 -21.05 46.91
CA GLU B 212 -53.74 -20.00 46.10
C GLU B 212 -54.59 -19.90 44.86
N ILE B 213 -54.99 -18.69 44.50
CA ILE B 213 -55.78 -18.51 43.30
C ILE B 213 -55.17 -17.38 42.49
N ALA B 214 -55.02 -17.62 41.22
CA ALA B 214 -54.60 -16.60 40.27
C ALA B 214 -55.61 -16.51 39.17
N THR B 215 -55.90 -15.28 38.75
CA THR B 215 -56.76 -15.06 37.59
C THR B 215 -55.98 -14.37 36.48
N LEU B 216 -56.39 -14.64 35.25
CA LEU B 216 -55.82 -14.05 34.06
C LEU B 216 -57.00 -13.51 33.28
N THR B 217 -57.00 -12.18 33.10
CA THR B 217 -58.05 -11.47 32.36
C THR B 217 -57.45 -10.46 31.38
N ARG B 218 -58.30 -9.89 30.55
CA ARG B 218 -57.94 -8.86 29.57
C ARG B 218 -58.60 -7.54 29.96
N GLU B 219 -57.84 -6.44 29.95
CA GLU B 219 -58.31 -5.11 30.29
C GLU B 219 -57.59 -4.08 29.44
N ASN B 220 -58.35 -3.38 28.62
CA ASN B 220 -57.81 -2.31 27.77
C ASN B 220 -56.70 -2.76 26.89
N GLY B 221 -56.96 -3.85 26.18
CA GLY B 221 -56.00 -4.47 25.28
C GLY B 221 -54.74 -5.06 25.90
N LYS B 222 -54.76 -5.31 27.21
CA LYS B 222 -53.59 -5.78 27.97
C LYS B 222 -54.02 -6.99 28.87
N THR B 223 -53.14 -7.96 29.01
CA THR B 223 -53.40 -9.12 29.86
C THR B 223 -53.06 -8.77 31.30
N VAL B 224 -53.95 -9.08 32.24
CA VAL B 224 -53.69 -8.80 33.65
C VAL B 224 -53.72 -10.14 34.39
N ILE B 225 -52.68 -10.39 35.17
CA ILE B 225 -52.46 -11.66 35.83
C ILE B 225 -52.31 -11.29 37.27
N ARG B 226 -53.15 -11.82 38.15
CA ARG B 226 -53.15 -11.40 39.55
C ARG B 226 -53.33 -12.61 40.46
N VAL B 227 -52.61 -12.64 41.57
CA VAL B 227 -52.78 -13.58 42.61
C VAL B 227 -53.72 -12.94 43.59
N LEU B 228 -54.90 -13.55 43.83
CA LEU B 228 -55.91 -12.98 44.74
C LEU B 228 -55.36 -12.87 46.15
N LYS B 229 -55.71 -11.78 46.84
CA LYS B 229 -55.24 -11.58 48.22
C LYS B 229 -56.13 -12.42 49.14
N GLN B 230 -55.71 -12.58 50.39
CA GLN B 230 -56.38 -13.54 51.31
C GLN B 230 -57.73 -13.06 51.72
N LYS B 231 -57.89 -11.74 51.79
CA LYS B 231 -59.20 -11.13 52.03
C LYS B 231 -60.23 -11.64 51.00
N GLU B 232 -59.87 -11.67 49.73
CA GLU B 232 -60.77 -12.14 48.68
C GLU B 232 -61.02 -13.65 48.74
N VAL B 233 -59.97 -14.42 49.02
CA VAL B 233 -60.10 -15.87 49.08
C VAL B 233 -61.08 -16.22 50.23
N GLU B 234 -60.91 -15.61 51.39
CA GLU B 234 -61.83 -15.78 52.53
C GLU B 234 -63.26 -15.43 52.16
N GLN B 235 -63.44 -14.31 51.46
CA GLN B 235 -64.74 -13.89 51.00
C GLN B 235 -65.39 -14.94 50.09
N LEU B 236 -64.62 -15.59 49.20
CA LEU B 236 -65.20 -16.61 48.30
C LEU B 236 -65.56 -17.88 49.05
N ILE B 237 -64.79 -18.16 50.10
CA ILE B 237 -64.98 -19.31 50.96
C ILE B 237 -66.29 -19.06 51.71
N LYS B 238 -66.42 -17.89 52.33
CA LYS B 238 -67.66 -17.43 52.94
C LYS B 238 -68.87 -17.57 52.01
N LYS B 239 -68.76 -17.10 50.77
CA LYS B 239 -69.90 -17.19 49.83
C LYS B 239 -70.24 -18.65 49.51
N HIS B 240 -69.23 -19.47 49.26
CA HIS B 240 -69.47 -20.91 49.10
C HIS B 240 -70.20 -21.56 50.31
N GLU B 241 -69.85 -21.12 51.53
CA GLU B 241 -70.44 -21.68 52.78
C GLU B 241 -71.87 -21.20 52.98
N GLU B 242 -72.11 -19.94 52.69
CA GLU B 242 -73.48 -19.43 52.61
C GLU B 242 -74.30 -20.19 51.56
N GLU B 243 -73.72 -20.40 50.38
CA GLU B 243 -74.43 -21.08 49.29
C GLU B 243 -74.84 -22.51 49.63
N GLU B 244 -73.99 -23.26 50.32
CA GLU B 244 -74.32 -24.63 50.78
C GLU B 244 -75.43 -24.67 51.85
N ALA B 245 -75.58 -23.60 52.63
CA ALA B 245 -76.71 -23.46 53.58
C ALA B 245 -78.05 -23.48 52.87
N LYS B 246 -78.12 -22.83 51.72
CA LYS B 246 -79.32 -22.86 50.88
C LYS B 246 -79.66 -24.25 50.32
N ALA B 247 -78.70 -25.16 50.30
CA ALA B 247 -78.78 -26.36 49.45
C ALA B 247 -80.10 -27.15 49.49
N GLU B 248 -80.74 -27.25 50.66
CA GLU B 248 -82.01 -28.00 50.80
C GLU B 248 -83.24 -27.10 50.60
N ARG B 249 -83.46 -26.17 51.53
CA ARG B 249 -84.58 -25.21 51.45
C ARG B 249 -83.97 -23.82 51.40
N SER C 2 -21.89 -37.42 27.32
CA SER C 2 -23.14 -37.91 26.67
C SER C 2 -23.37 -39.43 26.81
N TYR C 3 -24.62 -39.81 26.74
CA TYR C 3 -25.05 -41.14 27.08
C TYR C 3 -25.01 -42.05 25.89
N ASP C 4 -24.10 -43.00 25.89
CA ASP C 4 -23.84 -43.90 24.76
C ASP C 4 -24.20 -45.33 24.96
N ARG C 5 -25.04 -45.66 25.92
CA ARG C 5 -25.43 -47.04 26.11
C ARG C 5 -26.07 -47.59 24.84
N ALA C 6 -25.72 -48.80 24.46
CA ALA C 6 -26.44 -49.55 23.42
C ALA C 6 -27.80 -49.99 24.01
N ILE C 7 -28.89 -49.52 23.44
CA ILE C 7 -30.23 -49.76 23.95
C ILE C 7 -30.92 -50.78 23.14
N THR C 8 -30.83 -50.69 21.83
CA THR C 8 -31.44 -51.74 21.04
C THR C 8 -30.33 -52.67 20.64
N VAL C 9 -30.39 -53.90 21.14
CA VAL C 9 -29.37 -54.93 20.86
C VAL C 9 -30.13 -56.20 20.40
N PHE C 10 -29.41 -57.09 19.73
CA PHE C 10 -29.97 -58.40 19.40
C PHE C 10 -30.01 -59.25 20.65
N SER C 11 -31.00 -60.07 20.68
CA SER C 11 -31.09 -61.21 21.67
C SER C 11 -30.88 -62.47 20.95
N PRO C 12 -30.81 -63.62 21.72
CA PRO C 12 -30.69 -64.90 21.03
C PRO C 12 -31.91 -65.05 20.04
N ASP C 13 -31.67 -65.69 18.92
CA ASP C 13 -32.72 -65.87 17.86
C ASP C 13 -33.08 -64.72 17.04
N GLY C 14 -32.29 -63.65 17.16
CA GLY C 14 -32.37 -62.63 16.21
C GLY C 14 -33.44 -61.63 16.52
N HIS C 15 -33.98 -61.60 17.73
CA HIS C 15 -34.92 -60.56 18.12
C HIS C 15 -34.21 -59.24 18.54
N LEU C 16 -34.86 -58.15 18.20
CA LEU C 16 -34.59 -56.85 18.70
C LEU C 16 -35.70 -56.45 19.65
N PHE C 17 -35.51 -56.76 20.93
CA PHE C 17 -36.58 -56.55 21.91
C PHE C 17 -37.12 -55.14 22.07
N GLN C 18 -36.26 -54.12 22.04
CA GLN C 18 -36.77 -52.76 22.10
C GLN C 18 -37.74 -52.43 20.96
N VAL C 19 -37.50 -52.99 19.77
CA VAL C 19 -38.30 -52.72 18.64
C VAL C 19 -39.64 -53.44 18.80
N GLU C 20 -39.58 -54.70 19.26
CA GLU C 20 -40.82 -55.44 19.54
C GLU C 20 -41.65 -54.69 20.57
N TYR C 21 -40.99 -54.13 21.59
CA TYR C 21 -41.72 -53.44 22.63
C TYR C 21 -42.30 -52.12 22.11
N ALA C 22 -41.57 -51.46 21.24
CA ALA C 22 -42.11 -50.31 20.56
C ALA C 22 -43.42 -50.72 19.82
N GLN C 23 -43.36 -51.85 19.12
CA GLN C 23 -44.56 -52.38 18.39
C GLN C 23 -45.72 -52.66 19.31
N GLU C 24 -45.45 -53.05 20.56
CA GLU C 24 -46.54 -53.21 21.57
C GLU C 24 -47.16 -51.90 21.95
N ALA C 25 -46.35 -50.86 21.98
CA ALA C 25 -46.85 -49.49 22.23
C ALA C 25 -47.84 -49.08 21.11
N VAL C 26 -47.47 -49.40 19.86
CA VAL C 26 -48.28 -49.04 18.72
C VAL C 26 -49.65 -49.78 18.82
N LYS C 27 -49.61 -51.02 19.29
CA LYS C 27 -50.83 -51.85 19.37
C LYS C 27 -51.82 -51.39 20.42
N LYS C 28 -51.35 -50.69 21.45
CA LYS C 28 -52.22 -50.06 22.44
C LYS C 28 -52.67 -48.65 22.06
N GLY C 29 -52.23 -48.14 20.91
CA GLY C 29 -52.69 -46.85 20.43
C GLY C 29 -54.07 -46.97 19.81
N SER C 30 -54.70 -45.83 19.55
CA SER C 30 -56.00 -45.77 18.90
C SER C 30 -55.92 -46.23 17.47
N THR C 31 -56.98 -46.86 17.00
CA THR C 31 -57.01 -47.40 15.67
C THR C 31 -56.92 -46.29 14.66
N ALA C 32 -56.12 -46.47 13.62
CA ALA C 32 -56.11 -45.53 12.52
C ALA C 32 -56.28 -46.30 11.25
N VAL C 33 -56.99 -45.74 10.26
CA VAL C 33 -57.23 -46.41 9.01
C VAL C 33 -56.98 -45.47 7.85
N GLY C 34 -56.46 -46.03 6.77
CA GLY C 34 -56.27 -45.34 5.51
C GLY C 34 -56.85 -46.10 4.35
N VAL C 35 -57.53 -45.40 3.44
CA VAL C 35 -57.81 -46.00 2.12
C VAL C 35 -57.43 -45.08 0.99
N ARG C 36 -56.70 -45.66 0.06
CA ARG C 36 -56.37 -45.07 -1.20
C ARG C 36 -57.51 -45.25 -2.23
N GLY C 37 -58.20 -44.15 -2.49
CA GLY C 37 -59.15 -44.06 -3.57
C GLY C 37 -58.57 -43.94 -4.96
N ARG C 38 -59.45 -43.59 -5.88
CA ARG C 38 -59.14 -43.40 -7.29
C ARG C 38 -58.56 -42.01 -7.47
N ASP C 39 -59.24 -41.01 -6.92
CA ASP C 39 -58.67 -39.69 -6.95
C ASP C 39 -58.92 -38.95 -5.62
N ILE C 40 -58.98 -39.73 -4.55
CA ILE C 40 -59.03 -39.21 -3.20
C ILE C 40 -58.21 -40.17 -2.30
N VAL C 41 -57.74 -39.63 -1.18
CA VAL C 41 -57.22 -40.48 -0.11
C VAL C 41 -57.86 -40.09 1.20
N VAL C 42 -58.15 -41.08 2.05
CA VAL C 42 -58.89 -40.81 3.26
C VAL C 42 -58.18 -41.42 4.46
N LEU C 43 -58.23 -40.71 5.59
CA LEU C 43 -57.73 -41.20 6.86
C LEU C 43 -58.80 -41.05 7.90
N GLY C 44 -58.93 -42.09 8.73
CA GLY C 44 -59.84 -42.02 9.86
C GLY C 44 -59.17 -42.54 11.08
N VAL C 45 -59.47 -41.96 12.24
CA VAL C 45 -58.91 -42.49 13.47
C VAL C 45 -59.86 -42.41 14.66
N GLU C 46 -59.75 -43.43 15.49
CA GLU C 46 -60.57 -43.63 16.67
C GLU C 46 -60.29 -42.55 17.73
N LYS C 47 -61.39 -42.03 18.26
CA LYS C 47 -61.56 -41.58 19.64
C LYS C 47 -60.85 -40.30 20.01
N LYS C 48 -59.88 -40.29 20.94
CA LYS C 48 -59.30 -41.45 21.67
C LYS C 48 -60.13 -41.83 22.92
N SER C 49 -60.42 -40.82 23.74
CA SER C 49 -61.11 -41.01 25.03
C SER C 49 -62.48 -40.31 25.17
N VAL C 50 -62.86 -39.44 24.23
CA VAL C 50 -63.98 -38.51 24.44
C VAL C 50 -63.55 -37.48 25.51
N ALA C 51 -64.41 -37.14 26.47
CA ALA C 51 -64.15 -36.12 27.53
C ALA C 51 -64.60 -34.73 27.11
N LYS C 52 -65.78 -34.33 27.61
CA LYS C 52 -66.47 -33.09 27.22
C LYS C 52 -65.63 -31.87 27.52
N LEU C 53 -64.80 -31.94 28.56
CA LEU C 53 -63.99 -30.80 28.96
C LEU C 53 -62.69 -30.58 28.16
N GLN C 54 -62.43 -31.47 27.22
CA GLN C 54 -61.30 -31.40 26.33
C GLN C 54 -61.56 -30.44 25.15
N ASP C 55 -60.56 -29.61 24.82
CA ASP C 55 -60.55 -28.86 23.55
C ASP C 55 -60.15 -29.79 22.41
N GLU C 56 -61.12 -30.15 21.56
CA GLU C 56 -60.97 -31.17 20.49
C GLU C 56 -59.74 -30.87 19.58
N ARG C 57 -59.64 -29.60 19.13
CA ARG C 57 -58.55 -29.09 18.26
C ARG C 57 -57.13 -29.55 18.67
N THR C 58 -56.90 -29.58 19.99
CA THR C 58 -55.56 -29.80 20.56
C THR C 58 -55.06 -31.24 20.59
N VAL C 59 -55.87 -32.23 20.21
CA VAL C 59 -55.44 -33.63 20.29
C VAL C 59 -55.65 -34.46 19.00
N ARG C 60 -55.78 -33.81 17.86
CA ARG C 60 -55.90 -34.53 16.59
C ARG C 60 -54.72 -35.45 16.36
N LYS C 61 -54.98 -36.53 15.67
CA LYS C 61 -53.98 -37.52 15.33
C LYS C 61 -53.78 -37.59 13.84
N ILE C 62 -54.45 -36.72 13.08
CA ILE C 62 -54.18 -36.58 11.67
C ILE C 62 -53.47 -35.23 11.56
N YCM C 63 -52.41 -35.14 10.76
CA YCM C 63 -51.47 -33.96 10.72
CB YCM C 63 -50.20 -34.35 11.51
SG YCM C 63 -50.62 -34.55 13.23
CD YCM C 63 -50.97 -32.93 13.80
CE YCM C 63 -50.90 -32.97 15.32
OZ1 YCM C 63 -50.17 -33.74 15.97
NZ2 YCM C 63 -51.72 -32.13 15.95
C YCM C 63 -50.95 -33.68 9.35
O YCM C 63 -50.44 -34.60 8.72
N ALA C 64 -50.96 -32.42 8.90
CA ALA C 64 -50.34 -32.12 7.62
C ALA C 64 -48.84 -32.15 7.81
N LEU C 65 -48.14 -32.80 6.89
CA LEU C 65 -46.71 -32.70 6.82
C LEU C 65 -46.29 -31.59 5.85
N ASP C 66 -47.01 -31.51 4.74
CA ASP C 66 -46.84 -30.46 3.71
C ASP C 66 -48.22 -30.30 3.03
N ASP C 67 -48.32 -29.45 2.01
CA ASP C 67 -49.60 -29.23 1.32
C ASP C 67 -50.14 -30.48 0.67
N ASN C 68 -49.25 -31.27 0.08
CA ASN C 68 -49.66 -32.49 -0.63
C ASN C 68 -49.46 -33.84 0.12
N VAL C 69 -49.16 -33.79 1.42
CA VAL C 69 -48.89 -35.03 2.22
C VAL C 69 -49.35 -34.87 3.66
N CYS C 70 -50.13 -35.83 4.15
CA CYS C 70 -50.52 -35.83 5.57
C CYS C 70 -50.31 -37.21 6.14
N MET C 71 -50.48 -37.32 7.46
CA MET C 71 -50.24 -38.59 8.10
C MET C 71 -51.12 -38.72 9.29
N ALA C 72 -51.47 -39.97 9.57
CA ALA C 72 -51.99 -40.32 10.83
C ALA C 72 -50.97 -41.26 11.53
N PHE C 73 -51.11 -41.41 12.83
CA PHE C 73 -50.26 -42.33 13.57
C PHE C 73 -51.06 -43.11 14.60
N ALA C 74 -50.52 -44.23 15.06
CA ALA C 74 -50.93 -44.87 16.29
C ALA C 74 -49.72 -45.17 17.16
N GLY C 75 -49.87 -44.95 18.46
CA GLY C 75 -48.87 -45.26 19.44
C GLY C 75 -48.64 -44.12 20.43
N LEU C 76 -47.38 -43.90 20.83
CA LEU C 76 -47.02 -42.82 21.74
C LEU C 76 -47.10 -41.41 21.06
N THR C 77 -48.02 -40.60 21.54
CA THR C 77 -48.41 -39.38 20.86
C THR C 77 -47.22 -38.39 20.92
N ALA C 78 -46.47 -38.36 22.04
CA ALA C 78 -45.26 -37.49 22.16
C ALA C 78 -44.17 -37.86 21.16
N ASP C 79 -43.90 -39.14 21.01
CA ASP C 79 -43.02 -39.62 19.98
C ASP C 79 -43.49 -39.20 18.57
N ALA C 80 -44.79 -39.38 18.29
CA ALA C 80 -45.33 -39.00 16.99
C ALA C 80 -45.04 -37.50 16.65
N ARG C 81 -45.22 -36.64 17.65
CA ARG C 81 -45.05 -35.22 17.46
C ARG C 81 -43.60 -34.95 17.01
N ILE C 82 -42.62 -35.67 17.56
CA ILE C 82 -41.23 -35.51 17.17
C ILE C 82 -41.01 -35.94 15.72
N VAL C 83 -41.63 -37.05 15.34
CA VAL C 83 -41.46 -37.59 14.00
C VAL C 83 -42.11 -36.59 13.01
N ILE C 84 -43.30 -36.13 13.37
CA ILE C 84 -44.05 -35.26 12.52
C ILE C 84 -43.27 -33.98 12.21
N ASN C 85 -42.73 -33.36 13.25
CA ASN C 85 -41.94 -32.19 13.11
CA ASN C 85 -41.86 -32.18 13.12
C ASN C 85 -40.63 -32.41 12.29
N ARG C 86 -39.94 -33.51 12.54
CA ARG C 86 -38.79 -33.88 11.72
C ARG C 86 -39.20 -33.96 10.24
N ALA C 87 -40.33 -34.59 9.96
CA ALA C 87 -40.76 -34.77 8.59
C ALA C 87 -41.17 -33.43 7.94
N ARG C 88 -41.77 -32.56 8.74
CA ARG C 88 -42.15 -31.25 8.25
C ARG C 88 -40.91 -30.41 7.86
N VAL C 89 -39.84 -30.48 8.66
CA VAL C 89 -38.58 -29.83 8.35
C VAL C 89 -38.07 -30.39 7.04
N GLU C 90 -38.00 -31.72 6.92
CA GLU C 90 -37.49 -32.37 5.72
C GLU C 90 -38.26 -32.00 4.45
N CYS C 91 -39.59 -31.89 4.52
CA CYS C 91 -40.38 -31.45 3.35
C CYS C 91 -39.96 -30.08 2.81
N GLN C 92 -39.62 -29.18 3.73
CA GLN C 92 -39.08 -27.88 3.37
C GLN C 92 -37.65 -27.95 2.83
N SER C 93 -36.75 -28.78 3.37
CA SER C 93 -35.45 -29.01 2.68
C SER C 93 -35.62 -29.53 1.24
N HIS C 94 -36.44 -30.56 1.09
CA HIS C 94 -36.69 -31.08 -0.25
C HIS C 94 -37.12 -29.98 -1.24
N ARG C 95 -38.22 -29.27 -0.92
CA ARG C 95 -38.68 -28.15 -1.77
C ARG C 95 -37.53 -27.17 -2.02
N LEU C 96 -36.71 -26.92 -1.00
CA LEU C 96 -35.60 -26.01 -1.10
C LEU C 96 -34.63 -26.46 -2.18
N THR C 97 -34.21 -27.72 -2.15
CA THR C 97 -33.07 -28.20 -2.97
C THR C 97 -33.50 -28.87 -4.31
N VAL C 98 -34.78 -29.22 -4.43
CA VAL C 98 -35.36 -29.85 -5.63
C VAL C 98 -36.45 -29.04 -6.32
N GLU C 99 -37.07 -28.10 -5.61
CA GLU C 99 -38.12 -27.25 -6.15
C GLU C 99 -39.28 -28.08 -6.66
N ASP C 100 -39.54 -29.19 -5.98
CA ASP C 100 -40.76 -29.91 -6.15
C ASP C 100 -41.24 -30.26 -4.77
N PRO C 101 -42.55 -30.46 -4.64
CA PRO C 101 -42.96 -31.11 -3.43
C PRO C 101 -42.40 -32.54 -3.36
N VAL C 102 -42.34 -33.06 -2.16
CA VAL C 102 -41.82 -34.38 -1.94
C VAL C 102 -42.80 -35.30 -2.58
N THR C 103 -42.35 -36.42 -3.11
CA THR C 103 -43.28 -37.51 -3.29
C THR C 103 -43.66 -38.08 -1.91
N VAL C 104 -44.77 -38.77 -1.87
CA VAL C 104 -45.22 -39.43 -0.65
C VAL C 104 -44.20 -40.53 -0.26
N GLU C 105 -43.63 -41.19 -1.26
CA GLU C 105 -42.65 -42.22 -1.08
C GLU C 105 -41.36 -41.62 -0.52
N TYR C 106 -40.93 -40.50 -1.06
CA TYR C 106 -39.77 -39.81 -0.55
C TYR C 106 -39.88 -39.55 0.96
N ILE C 107 -40.96 -38.93 1.39
CA ILE C 107 -41.05 -38.56 2.80
C ILE C 107 -41.32 -39.78 3.70
N THR C 108 -42.02 -40.79 3.15
CA THR C 108 -42.18 -42.03 3.82
C THR C 108 -40.79 -42.65 4.06
N ARG C 109 -40.02 -42.75 2.99
CA ARG C 109 -38.69 -43.32 3.06
C ARG C 109 -37.80 -42.53 4.11
N TYR C 110 -37.95 -41.22 4.16
CA TYR C 110 -37.24 -40.39 5.12
C TYR C 110 -37.70 -40.77 6.57
N ILE C 111 -39.00 -40.88 6.81
CA ILE C 111 -39.50 -41.19 8.13
C ILE C 111 -39.05 -42.58 8.57
N ALA C 112 -39.16 -43.55 7.65
CA ALA C 112 -38.78 -44.89 7.87
C ALA C 112 -37.28 -44.99 8.25
N SER C 113 -36.45 -44.24 7.55
CA SER C 113 -35.04 -44.34 7.81
C SER C 113 -34.69 -43.59 9.12
N LEU C 114 -35.46 -42.59 9.51
CA LEU C 114 -35.32 -42.01 10.84
C LEU C 114 -35.62 -43.00 11.95
N LYS C 115 -36.76 -43.68 11.79
CA LYS C 115 -37.17 -44.71 12.70
C LYS C 115 -36.10 -45.85 12.77
N GLN C 116 -35.59 -46.31 11.62
CA GLN C 116 -34.57 -47.34 11.62
C GLN C 116 -33.34 -46.90 12.42
N ARG C 117 -32.89 -45.69 12.18
CA ARG C 117 -31.71 -45.16 12.88
C ARG C 117 -31.84 -45.10 14.36
N TYR C 118 -33.04 -44.82 14.85
CA TYR C 118 -33.31 -44.88 16.30
C TYR C 118 -33.43 -46.36 16.82
N THR C 119 -33.30 -47.39 15.96
CA THR C 119 -33.14 -48.80 16.44
C THR C 119 -31.70 -49.32 16.43
N GLN C 120 -30.76 -48.50 15.96
CA GLN C 120 -29.39 -48.88 15.79
C GLN C 120 -28.40 -47.75 16.20
N SER C 121 -28.78 -46.82 17.08
CA SER C 121 -27.91 -45.75 17.52
C SER C 121 -27.86 -45.77 19.00
N ASN C 122 -26.68 -45.54 19.52
CA ASN C 122 -26.48 -45.53 20.94
C ASN C 122 -27.28 -44.46 21.63
N GLY C 123 -27.70 -44.76 22.86
CA GLY C 123 -28.30 -43.77 23.76
C GLY C 123 -29.77 -43.50 23.61
N ARG C 124 -30.39 -44.10 22.59
CA ARG C 124 -31.79 -43.84 22.19
C ARG C 124 -32.62 -45.10 22.15
N ARG C 125 -33.88 -44.98 22.51
CA ARG C 125 -34.85 -46.05 22.25
C ARG C 125 -35.57 -45.79 20.91
N PRO C 126 -36.18 -46.81 20.31
CA PRO C 126 -36.96 -46.62 19.10
C PRO C 126 -38.20 -45.78 19.32
N PHE C 127 -38.75 -45.25 18.21
CA PHE C 127 -40.00 -44.46 18.33
C PHE C 127 -41.13 -45.47 18.49
N GLY C 128 -42.02 -45.22 19.43
CA GLY C 128 -43.20 -46.12 19.62
C GLY C 128 -44.45 -45.71 18.78
N ILE C 129 -44.28 -45.55 17.47
CA ILE C 129 -45.36 -45.19 16.59
C ILE C 129 -45.23 -45.88 15.25
N SER C 130 -46.39 -46.15 14.64
CA SER C 130 -46.55 -46.42 13.21
C SER C 130 -47.31 -45.27 12.61
N ALA C 131 -47.11 -45.09 11.33
CA ALA C 131 -47.72 -43.95 10.63
C ALA C 131 -48.30 -44.44 9.35
N LEU C 132 -49.43 -43.87 9.00
CA LEU C 132 -50.03 -44.00 7.68
C LEU C 132 -49.89 -42.66 7.04
N ILE C 133 -49.27 -42.67 5.87
CA ILE C 133 -48.87 -41.47 5.20
C ILE C 133 -49.58 -41.45 3.84
N VAL C 134 -50.27 -40.36 3.53
CA VAL C 134 -51.01 -40.28 2.26
C VAL C 134 -50.75 -39.01 1.51
N GLY C 135 -50.95 -39.10 0.20
CA GLY C 135 -51.12 -37.93 -0.64
C GLY C 135 -51.09 -38.26 -2.11
N PHE C 136 -50.71 -37.28 -2.91
CA PHE C 136 -50.60 -37.42 -4.33
C PHE C 136 -49.23 -36.99 -4.81
N ASP C 137 -48.69 -37.76 -5.77
CA ASP C 137 -47.52 -37.36 -6.54
C ASP C 137 -47.85 -36.33 -7.66
N PHE C 138 -46.81 -35.58 -8.08
CA PHE C 138 -46.93 -34.49 -9.12
C PHE C 138 -47.79 -34.88 -10.33
N ASP C 139 -47.69 -36.14 -10.77
CA ASP C 139 -48.49 -36.68 -11.89
C ASP C 139 -49.95 -37.08 -11.54
N GLY C 140 -50.45 -36.65 -10.38
CA GLY C 140 -51.78 -37.03 -9.92
C GLY C 140 -52.03 -38.44 -9.35
N THR C 141 -51.03 -39.32 -9.30
CA THR C 141 -51.24 -40.67 -8.68
C THR C 141 -51.41 -40.61 -7.14
N PRO C 142 -52.51 -41.18 -6.61
CA PRO C 142 -52.75 -41.19 -5.16
C PRO C 142 -51.93 -42.30 -4.45
N ARG C 143 -51.61 -42.10 -3.18
CA ARG C 143 -50.65 -42.98 -2.45
C ARG C 143 -50.99 -43.14 -0.98
N LEU C 144 -50.74 -44.34 -0.47
CA LEU C 144 -50.92 -44.64 0.93
C LEU C 144 -49.76 -45.55 1.35
N TYR C 145 -49.01 -45.12 2.36
CA TYR C 145 -47.81 -45.82 2.81
C TYR C 145 -47.96 -46.04 4.28
N GLN C 146 -47.33 -47.10 4.78
CA GLN C 146 -47.23 -47.31 6.22
C GLN C 146 -45.76 -47.54 6.65
N THR C 147 -45.41 -46.96 7.79
CA THR C 147 -44.13 -47.18 8.46
C THR C 147 -44.34 -47.77 9.84
N ASP C 148 -43.41 -48.57 10.32
CA ASP C 148 -43.48 -48.99 11.71
C ASP C 148 -42.19 -48.75 12.45
N PRO C 149 -42.20 -48.99 13.78
CA PRO C 149 -41.03 -48.68 14.60
C PRO C 149 -39.75 -49.24 14.10
N SER C 150 -39.79 -50.37 13.40
CA SER C 150 -38.53 -50.97 12.90
C SER C 150 -37.89 -50.18 11.77
N GLY C 151 -38.66 -49.32 11.11
CA GLY C 151 -38.19 -48.63 9.92
C GLY C 151 -38.62 -49.29 8.63
N THR C 152 -39.34 -50.38 8.70
CA THR C 152 -39.84 -50.99 7.44
C THR C 152 -41.05 -50.22 6.97
N TYR C 153 -41.20 -50.16 5.67
CA TYR C 153 -42.31 -49.43 5.09
C TYR C 153 -42.78 -50.11 3.83
N HIS C 154 -44.09 -50.02 3.62
CA HIS C 154 -44.73 -50.48 2.38
C HIS C 154 -45.86 -49.56 1.94
N ALA C 155 -46.21 -49.70 0.66
CA ALA C 155 -47.41 -49.07 0.09
C ALA C 155 -48.59 -50.01 0.27
N TRP C 156 -49.76 -49.40 0.45
CA TRP C 156 -50.98 -50.14 0.69
C TRP C 156 -52.12 -49.53 -0.12
N LYS C 157 -53.04 -50.42 -0.57
CA LYS C 157 -54.32 -50.01 -1.12
C LYS C 157 -55.18 -49.46 0.03
N ALA C 158 -55.10 -50.14 1.17
CA ALA C 158 -55.84 -49.73 2.37
C ALA C 158 -55.16 -50.46 3.51
N ASN C 159 -55.28 -49.92 4.73
CA ASN C 159 -54.66 -50.47 5.91
C ASN C 159 -55.16 -49.82 7.19
N ALA C 160 -54.91 -50.51 8.29
CA ALA C 160 -55.22 -50.04 9.62
C ALA C 160 -54.00 -50.33 10.51
N ILE C 161 -53.80 -49.51 11.54
CA ILE C 161 -52.75 -49.70 12.58
C ILE C 161 -53.36 -49.35 13.94
N GLY C 162 -52.69 -49.69 15.04
CA GLY C 162 -53.24 -49.48 16.38
C GLY C 162 -54.13 -50.64 16.83
N ARG C 163 -54.84 -50.45 17.94
CA ARG C 163 -55.60 -51.54 18.53
C ARG C 163 -56.71 -51.98 17.60
N GLY C 164 -56.86 -53.27 17.42
CA GLY C 164 -57.86 -53.78 16.47
C GLY C 164 -57.49 -53.67 14.99
N ALA C 165 -56.27 -53.23 14.66
CA ALA C 165 -55.80 -53.34 13.29
C ALA C 165 -56.06 -54.70 12.58
N LYS C 166 -55.96 -55.83 13.29
CA LYS C 166 -56.06 -57.16 12.65
C LYS C 166 -57.45 -57.38 12.07
N SER C 167 -58.49 -57.08 12.86
CA SER C 167 -59.87 -57.22 12.40
C SER C 167 -60.26 -56.10 11.40
N VAL C 168 -59.78 -54.87 11.61
CA VAL C 168 -60.02 -53.81 10.62
C VAL C 168 -59.35 -54.21 9.29
N ARG C 169 -58.14 -54.77 9.33
CA ARG C 169 -57.51 -55.20 8.09
C ARG C 169 -58.30 -56.27 7.39
N GLU C 170 -58.81 -57.23 8.18
CA GLU C 170 -59.64 -58.33 7.70
C GLU C 170 -60.88 -57.77 7.02
N PHE C 171 -61.60 -56.89 7.70
CA PHE C 171 -62.70 -56.17 7.07
C PHE C 171 -62.35 -55.52 5.71
N LEU C 172 -61.28 -54.72 5.66
CA LEU C 172 -60.83 -54.09 4.42
C LEU C 172 -60.50 -55.07 3.29
N GLU C 173 -59.87 -56.19 3.65
CA GLU C 173 -59.53 -57.23 2.67
C GLU C 173 -60.77 -57.74 1.94
N LYS C 174 -61.89 -57.91 2.64
CA LYS C 174 -63.16 -58.37 2.00
C LYS C 174 -63.83 -57.21 1.27
N ASN C 175 -63.72 -55.99 1.82
CA ASN C 175 -64.53 -54.84 1.40
C ASN C 175 -63.88 -53.83 0.42
N TYR C 176 -62.56 -53.89 0.22
CA TYR C 176 -61.93 -53.01 -0.72
C TYR C 176 -62.01 -53.58 -2.14
N THR C 177 -62.83 -52.95 -2.97
CA THR C 177 -63.07 -53.36 -4.36
C THR C 177 -63.24 -52.11 -5.23
N ASP C 178 -63.13 -52.28 -6.55
CA ASP C 178 -63.38 -51.18 -7.50
C ASP C 178 -64.69 -50.44 -7.20
N GLU C 179 -65.71 -51.20 -6.81
CA GLU C 179 -67.02 -50.64 -6.45
C GLU C 179 -67.01 -49.81 -5.16
N ALA C 180 -66.30 -50.27 -4.14
CA ALA C 180 -66.27 -49.53 -2.87
C ALA C 180 -65.55 -48.17 -2.96
N ILE C 181 -64.66 -48.01 -3.94
CA ILE C 181 -63.92 -46.74 -4.16
C ILE C 181 -64.26 -46.05 -5.52
N GLU C 182 -65.42 -46.38 -6.10
CA GLU C 182 -65.79 -45.84 -7.40
C GLU C 182 -65.98 -44.31 -7.28
N THR C 183 -66.54 -43.87 -6.17
CA THR C 183 -66.68 -42.47 -5.86
C THR C 183 -66.08 -42.06 -4.55
N ASP C 184 -65.94 -40.74 -4.39
CA ASP C 184 -65.47 -40.12 -3.17
C ASP C 184 -66.24 -40.49 -1.90
N ASP C 185 -67.55 -40.37 -1.96
CA ASP C 185 -68.43 -40.70 -0.85
C ASP C 185 -68.31 -42.16 -0.33
N LEU C 186 -68.18 -43.13 -1.24
CA LEU C 186 -68.12 -44.54 -0.90
C LEU C 186 -66.75 -44.90 -0.29
N THR C 187 -65.69 -44.28 -0.83
CA THR C 187 -64.36 -44.30 -0.23
C THR C 187 -64.41 -43.82 1.21
N ILE C 188 -65.00 -42.65 1.41
CA ILE C 188 -65.14 -42.11 2.77
C ILE C 188 -65.92 -43.05 3.65
N LYS C 189 -67.05 -43.58 3.13
CA LYS C 189 -67.88 -44.53 3.87
C LYS C 189 -67.14 -45.85 4.19
N LEU C 190 -66.30 -46.31 3.25
CA LEU C 190 -65.48 -47.51 3.49
C LEU C 190 -64.57 -47.35 4.71
N VAL C 191 -63.98 -46.17 4.89
CA VAL C 191 -63.22 -45.84 6.09
C VAL C 191 -64.07 -45.82 7.35
N ILE C 192 -65.19 -45.14 7.31
CA ILE C 192 -66.09 -45.12 8.48
C ILE C 192 -66.61 -46.53 8.86
N LYS C 193 -67.01 -47.33 7.87
CA LYS C 193 -67.47 -48.71 8.13
C LYS C 193 -66.33 -49.48 8.82
N ALA C 194 -65.13 -49.34 8.27
CA ALA C 194 -63.95 -50.01 8.85
C ALA C 194 -63.73 -49.66 10.34
N LEU C 195 -63.80 -48.39 10.69
CA LEU C 195 -63.71 -47.95 12.10
C LEU C 195 -64.88 -48.42 12.95
N LEU C 196 -66.10 -48.25 12.44
CA LEU C 196 -67.34 -48.51 13.19
C LEU C 196 -67.42 -49.95 13.63
N GLU C 197 -66.62 -50.80 13.00
CA GLU C 197 -66.39 -52.12 13.52
C GLU C 197 -65.70 -52.26 14.88
N VAL C 198 -64.72 -51.45 15.11
CA VAL C 198 -63.93 -51.53 16.31
C VAL C 198 -64.29 -50.43 17.33
N VAL C 199 -64.79 -49.29 16.84
CA VAL C 199 -64.86 -48.07 17.65
C VAL C 199 -65.94 -48.12 18.74
N GLN C 200 -65.51 -47.98 20.00
CA GLN C 200 -66.40 -48.15 21.19
C GLN C 200 -67.84 -47.60 21.12
N SER C 201 -68.05 -46.29 21.32
CA SER C 201 -69.41 -45.73 21.38
C SER C 201 -69.79 -45.14 20.02
N GLY C 202 -69.79 -45.99 18.99
CA GLY C 202 -69.83 -45.53 17.61
C GLY C 202 -70.91 -44.48 17.48
N GLY C 203 -70.62 -43.26 17.02
CA GLY C 203 -69.31 -42.81 16.58
C GLY C 203 -69.44 -41.45 15.90
N LYS C 204 -69.56 -40.33 16.60
CA LYS C 204 -69.21 -40.06 17.97
C LYS C 204 -67.76 -39.70 17.79
N ASN C 205 -66.86 -40.67 17.90
CA ASN C 205 -65.47 -40.35 18.00
C ASN C 205 -64.68 -41.09 16.94
N ILE C 206 -65.01 -40.89 15.68
CA ILE C 206 -64.07 -41.10 14.59
C ILE C 206 -63.68 -39.66 14.25
N GLU C 207 -62.37 -39.33 14.21
CA GLU C 207 -61.91 -38.13 13.53
C GLU C 207 -61.63 -38.55 12.08
N LEU C 208 -61.97 -37.70 11.12
CA LEU C 208 -61.79 -38.05 9.71
C LEU C 208 -61.29 -36.88 8.85
N ALA C 209 -60.41 -37.22 7.90
CA ALA C 209 -59.84 -36.27 6.97
C ALA C 209 -59.61 -36.87 5.61
N VAL C 210 -59.69 -35.98 4.63
CA VAL C 210 -59.62 -36.33 3.23
C VAL C 210 -58.62 -35.49 2.50
N MET C 211 -58.05 -36.05 1.44
CA MET C 211 -57.17 -35.30 0.56
C MET C 211 -57.49 -35.57 -0.88
N ARG C 212 -57.85 -34.51 -1.63
CA ARG C 212 -58.15 -34.63 -3.04
C ARG C 212 -56.99 -34.14 -3.88
N ARG C 213 -56.86 -34.69 -5.09
CA ARG C 213 -55.82 -34.31 -6.07
C ARG C 213 -55.75 -32.78 -6.16
N ASP C 214 -54.59 -32.22 -5.84
CA ASP C 214 -54.35 -30.74 -5.80
C ASP C 214 -55.09 -29.95 -4.72
N GLN C 215 -56.02 -30.55 -3.98
CA GLN C 215 -56.99 -29.79 -3.20
C GLN C 215 -56.63 -29.59 -1.72
N SER C 216 -55.49 -30.11 -1.27
CA SER C 216 -55.06 -30.02 0.16
C SER C 216 -56.04 -30.49 1.27
N LEU C 217 -55.48 -30.74 2.45
CA LEU C 217 -56.18 -31.46 3.52
C LEU C 217 -57.48 -30.79 4.00
N LYS C 218 -58.64 -31.46 3.83
CA LYS C 218 -59.91 -31.08 4.50
C LYS C 218 -60.17 -32.07 5.64
N ILE C 219 -60.30 -31.57 6.88
CA ILE C 219 -60.83 -32.39 7.98
C ILE C 219 -62.35 -32.26 8.03
N LEU C 220 -63.06 -33.35 8.29
CA LEU C 220 -64.53 -33.28 8.48
C LEU C 220 -64.88 -32.97 9.93
N ASN C 221 -66.04 -32.34 10.09
CA ASN C 221 -66.56 -31.91 11.40
CA ASN C 221 -66.57 -31.90 11.39
C ASN C 221 -67.61 -32.91 11.85
N PRO C 222 -67.96 -32.91 13.16
CA PRO C 222 -68.92 -33.90 13.65
C PRO C 222 -70.26 -33.92 12.93
N GLU C 223 -70.72 -32.73 12.49
CA GLU C 223 -71.97 -32.59 11.71
C GLU C 223 -71.85 -33.26 10.33
N GLU C 224 -70.70 -33.08 9.65
CA GLU C 224 -70.46 -33.69 8.33
C GLU C 224 -70.19 -35.20 8.41
N ILE C 225 -69.64 -35.67 9.53
CA ILE C 225 -69.37 -37.10 9.76
C ILE C 225 -70.64 -37.89 10.00
N GLU C 226 -71.47 -37.39 10.91
CA GLU C 226 -72.72 -38.07 11.28
C GLU C 226 -73.79 -38.07 10.16
N LYS C 227 -73.61 -37.25 9.13
CA LYS C 227 -74.30 -37.39 7.84
C LYS C 227 -73.95 -38.73 7.20
N TYR C 228 -72.65 -38.99 7.02
CA TYR C 228 -72.15 -40.29 6.49
C TYR C 228 -72.53 -41.49 7.36
N VAL C 229 -72.54 -41.30 8.68
CA VAL C 229 -72.85 -42.37 9.63
C VAL C 229 -74.29 -42.89 9.40
N ALA C 230 -75.24 -41.95 9.39
CA ALA C 230 -76.67 -42.23 9.16
C ALA C 230 -76.92 -42.83 7.77
N GLU C 231 -76.30 -42.20 6.77
CA GLU C 231 -76.30 -42.65 5.36
C GLU C 231 -75.78 -44.08 5.13
N ILE C 232 -74.97 -44.61 6.06
CA ILE C 232 -74.51 -46.03 6.07
C ILE C 232 -75.36 -46.94 6.96
N GLU C 233 -75.89 -46.40 8.06
CA GLU C 233 -76.64 -47.15 9.06
C GLU C 233 -78.02 -47.55 8.53
N LYS C 234 -78.69 -46.58 7.92
CA LYS C 234 -79.95 -46.84 7.23
C LYS C 234 -79.80 -47.68 5.95
N GLU C 235 -78.63 -47.66 5.30
CA GLU C 235 -78.37 -48.58 4.18
C GLU C 235 -78.16 -50.02 4.64
N LYS C 236 -77.56 -50.20 5.83
CA LYS C 236 -77.39 -51.53 6.46
C LYS C 236 -78.65 -51.99 7.26
N GLU C 237 -79.83 -51.91 6.64
CA GLU C 237 -81.09 -52.45 7.18
C GLU C 237 -81.76 -53.30 6.11
N GLU C 238 -81.99 -52.66 4.96
CA GLU C 238 -82.20 -53.30 3.66
C GLU C 238 -81.79 -54.77 3.59
N ASP D 9 -27.26 -59.70 31.11
CA ASP D 9 -26.90 -58.55 30.19
C ASP D 9 -25.39 -58.21 30.31
N ARG D 10 -24.78 -58.13 29.13
CA ARG D 10 -23.35 -57.99 28.91
C ARG D 10 -23.22 -56.97 27.78
N GLY D 11 -22.00 -56.57 27.46
CA GLY D 11 -21.77 -55.60 26.46
C GLY D 11 -21.88 -56.16 25.07
N VAL D 12 -22.16 -55.29 24.15
CA VAL D 12 -22.25 -55.70 22.76
C VAL D 12 -20.98 -56.21 22.11
N ASN D 13 -19.81 -55.90 22.66
CA ASN D 13 -18.58 -56.44 22.09
C ASN D 13 -17.99 -57.58 22.95
N THR D 14 -18.87 -58.37 23.52
CA THR D 14 -18.45 -59.49 24.35
C THR D 14 -18.33 -60.76 23.50
N PHE D 15 -17.19 -61.41 23.69
CA PHE D 15 -16.93 -62.71 23.09
C PHE D 15 -17.58 -63.84 23.97
N SER D 16 -18.05 -64.85 23.29
CA SER D 16 -18.48 -66.11 23.93
C SER D 16 -17.26 -66.99 24.20
N PRO D 17 -17.40 -68.05 25.03
CA PRO D 17 -16.31 -69.02 25.18
C PRO D 17 -15.93 -69.76 23.92
N GLU D 18 -16.75 -69.78 22.91
CA GLU D 18 -16.34 -70.28 21.62
C GLU D 18 -15.64 -69.28 20.74
N GLY D 19 -15.42 -68.04 21.18
CA GLY D 19 -14.70 -67.11 20.34
C GLY D 19 -15.53 -66.39 19.29
N ARG D 20 -16.82 -66.27 19.53
CA ARG D 20 -17.70 -65.56 18.63
C ARG D 20 -18.29 -64.39 19.40
N LEU D 21 -18.65 -63.34 18.66
CA LEU D 21 -19.30 -62.20 19.25
C LEU D 21 -20.76 -62.53 19.31
N PHE D 22 -21.32 -62.49 20.49
CA PHE D 22 -22.72 -62.80 20.70
C PHE D 22 -23.62 -62.02 19.73
N GLN D 23 -23.41 -60.72 19.66
CA GLN D 23 -24.26 -59.87 18.79
C GLN D 23 -24.21 -60.30 17.33
N VAL D 24 -23.05 -60.72 16.84
CA VAL D 24 -22.96 -61.15 15.47
C VAL D 24 -23.69 -62.46 15.26
N GLU D 25 -23.53 -63.41 16.20
CA GLU D 25 -24.23 -64.66 16.08
C GLU D 25 -25.73 -64.45 16.07
N TYR D 26 -26.24 -63.59 16.98
CA TYR D 26 -27.65 -63.32 17.01
C TYR D 26 -28.10 -62.63 15.74
N ALA D 27 -27.29 -61.70 15.20
CA ALA D 27 -27.61 -61.08 13.90
C ALA D 27 -27.73 -62.15 12.79
N ILE D 28 -26.86 -63.17 12.84
CA ILE D 28 -26.88 -64.23 11.86
C ILE D 28 -28.20 -65.05 11.97
N GLU D 29 -28.67 -65.27 13.18
CA GLU D 29 -30.01 -65.87 13.39
C GLU D 29 -31.18 -65.04 12.81
N ALA D 30 -31.10 -63.71 12.89
CA ALA D 30 -32.10 -62.82 12.24
C ALA D 30 -32.19 -63.00 10.74
N ILE D 31 -31.12 -63.37 10.07
CA ILE D 31 -31.19 -63.67 8.60
C ILE D 31 -32.17 -64.78 8.25
N LYS D 32 -32.31 -65.73 9.16
CA LYS D 32 -33.23 -66.81 8.94
C LYS D 32 -34.70 -66.38 8.97
N LEU D 33 -35.00 -65.20 9.52
CA LEU D 33 -36.34 -64.65 9.53
C LEU D 33 -36.67 -63.94 8.21
N GLY D 34 -35.69 -63.82 7.31
CA GLY D 34 -35.96 -63.24 6.01
C GLY D 34 -36.50 -64.18 4.95
N SER D 35 -37.04 -63.58 3.92
CA SER D 35 -37.45 -64.30 2.70
C SER D 35 -36.28 -64.87 1.96
N THR D 36 -36.54 -65.91 1.19
CA THR D 36 -35.45 -66.60 0.49
C THR D 36 -35.02 -65.82 -0.72
N ALA D 37 -33.70 -65.63 -0.88
CA ALA D 37 -33.16 -65.06 -2.11
C ALA D 37 -32.15 -66.02 -2.66
N ILE D 38 -32.01 -65.99 -3.97
CA ILE D 38 -31.11 -66.86 -4.70
C ILE D 38 -30.25 -66.02 -5.70
N GLY D 39 -28.96 -66.34 -5.76
CA GLY D 39 -28.09 -65.83 -6.79
C GLY D 39 -27.41 -66.96 -7.54
N ILE D 40 -27.26 -66.81 -8.84
CA ILE D 40 -26.49 -67.77 -9.66
C ILE D 40 -25.62 -67.02 -10.66
N GLN D 41 -24.38 -67.44 -10.73
CA GLN D 41 -23.38 -66.88 -11.59
C GLN D 41 -23.11 -67.82 -12.72
N THR D 42 -23.30 -67.33 -13.95
CA THR D 42 -23.00 -68.07 -15.17
C THR D 42 -22.04 -67.27 -16.00
N SER D 43 -21.41 -67.93 -16.96
CA SER D 43 -20.55 -67.24 -17.91
C SER D 43 -21.31 -66.18 -18.75
N GLU D 44 -22.64 -66.26 -18.83
CA GLU D 44 -23.46 -65.28 -19.56
C GLU D 44 -24.09 -64.17 -18.70
N GLY D 45 -23.86 -64.19 -17.41
CA GLY D 45 -24.42 -63.15 -16.54
C GLY D 45 -24.82 -63.74 -15.21
N VAL D 46 -25.29 -62.87 -14.34
CA VAL D 46 -25.81 -63.35 -13.08
C VAL D 46 -27.26 -63.01 -12.95
N CYS D 47 -27.98 -63.91 -12.29
CA CYS D 47 -29.33 -63.66 -11.88
C CYS D 47 -29.50 -63.73 -10.38
N LEU D 48 -30.46 -62.97 -9.93
CA LEU D 48 -30.82 -62.79 -8.57
C LEU D 48 -32.32 -62.95 -8.60
N ALA D 49 -32.86 -63.67 -7.64
CA ALA D 49 -34.27 -63.93 -7.54
C ALA D 49 -34.65 -63.97 -6.07
N VAL D 50 -35.82 -63.44 -5.74
CA VAL D 50 -36.20 -63.30 -4.36
C VAL D 50 -37.69 -63.53 -4.20
N GLU D 51 -38.03 -64.20 -3.13
CA GLU D 51 -39.39 -64.38 -2.68
C GLU D 51 -39.81 -63.07 -2.06
N LYS D 52 -40.94 -62.53 -2.44
CA LYS D 52 -41.40 -61.28 -1.82
C LYS D 52 -41.98 -61.44 -0.44
N ARG D 53 -42.85 -62.43 -0.31
CA ARG D 53 -43.53 -62.76 0.93
C ARG D 53 -44.63 -61.78 1.26
N ILE D 54 -45.70 -61.87 0.49
CA ILE D 54 -46.83 -60.92 0.60
C ILE D 54 -47.67 -61.36 1.80
N THR D 55 -48.02 -60.44 2.69
CA THR D 55 -48.77 -60.74 3.92
C THR D 55 -50.24 -60.32 3.87
N SER D 56 -50.65 -59.59 2.83
CA SER D 56 -52.04 -59.12 2.65
C SER D 56 -52.22 -58.77 1.16
N PRO D 57 -53.35 -59.17 0.57
CA PRO D 57 -53.62 -58.68 -0.78
C PRO D 57 -53.73 -57.14 -0.90
N LEU D 58 -54.01 -56.48 0.22
CA LEU D 58 -54.07 -54.99 0.26
C LEU D 58 -52.70 -54.31 0.12
N MET D 59 -51.62 -55.05 0.38
CA MET D 59 -50.26 -54.54 0.21
C MET D 59 -49.95 -54.39 -1.26
N GLU D 60 -49.31 -53.30 -1.69
CA GLU D 60 -48.78 -53.22 -3.07
C GLU D 60 -47.49 -54.02 -3.24
N PRO D 61 -47.51 -55.08 -4.06
CA PRO D 61 -46.33 -55.91 -4.33
C PRO D 61 -45.13 -55.18 -4.85
N SER D 62 -45.36 -54.22 -5.73
CA SER D 62 -44.23 -53.52 -6.28
C SER D 62 -43.51 -52.66 -5.21
N SER D 63 -44.12 -52.42 -4.04
CA SER D 63 -43.46 -51.66 -2.96
C SER D 63 -42.56 -52.56 -2.14
N ILE D 64 -42.58 -53.87 -2.37
CA ILE D 64 -41.58 -54.75 -1.74
C ILE D 64 -40.40 -54.74 -2.70
N GLU D 65 -39.24 -54.25 -2.26
CA GLU D 65 -38.05 -54.20 -3.10
C GLU D 65 -36.89 -54.82 -2.36
N LYS D 66 -36.54 -56.01 -2.76
CA LYS D 66 -35.53 -56.80 -2.08
C LYS D 66 -34.41 -57.08 -3.04
N ILE D 67 -34.57 -56.64 -4.29
CA ILE D 67 -33.48 -56.59 -5.24
C ILE D 67 -33.40 -55.12 -5.66
N VAL D 68 -32.20 -54.55 -5.60
CA VAL D 68 -31.96 -53.11 -5.92
C VAL D 68 -30.73 -53.02 -6.80
N GLU D 69 -30.73 -52.00 -7.61
CA GLU D 69 -29.58 -51.66 -8.43
C GLU D 69 -28.57 -50.91 -7.53
N ILE D 70 -27.32 -51.33 -7.59
CA ILE D 70 -26.21 -50.60 -6.95
C ILE D 70 -25.62 -49.60 -7.94
N ASP D 71 -25.31 -50.12 -9.10
CA ASP D 71 -24.88 -49.36 -10.26
C ASP D 71 -25.33 -50.18 -11.50
N ALA D 72 -25.01 -49.69 -12.69
CA ALA D 72 -25.54 -50.28 -13.92
C ALA D 72 -25.09 -51.71 -14.13
N HIS D 73 -23.95 -52.03 -13.53
CA HIS D 73 -23.28 -53.34 -13.68
C HIS D 73 -23.39 -54.20 -12.42
N ILE D 74 -24.17 -53.81 -11.42
CA ILE D 74 -24.21 -54.51 -10.12
C ILE D 74 -25.56 -54.36 -9.47
N GLY D 75 -26.18 -55.50 -9.11
CA GLY D 75 -27.41 -55.49 -8.34
C GLY D 75 -27.18 -56.15 -7.01
N CYS D 76 -28.18 -56.04 -6.14
CA CYS D 76 -28.08 -56.59 -4.82
C CYS D 76 -29.40 -57.15 -4.34
N ALA D 77 -29.36 -58.39 -3.87
CA ALA D 77 -30.53 -59.01 -3.24
C ALA D 77 -30.25 -59.13 -1.75
N MET D 78 -31.26 -58.86 -0.93
CA MET D 78 -31.14 -58.87 0.50
C MET D 78 -32.15 -59.81 1.16
N SER D 79 -31.77 -60.31 2.32
CA SER D 79 -32.62 -61.06 3.20
C SER D 79 -32.27 -60.82 4.64
N GLY D 80 -33.30 -60.65 5.44
CA GLY D 80 -33.16 -60.53 6.86
C GLY D 80 -33.96 -59.35 7.28
N LEU D 81 -33.44 -58.51 8.13
CA LEU D 81 -34.15 -57.30 8.57
C LEU D 81 -33.92 -56.19 7.54
N ILE D 82 -34.92 -55.97 6.70
CA ILE D 82 -34.79 -55.22 5.47
C ILE D 82 -34.46 -53.78 5.78
N ALA D 83 -35.04 -53.22 6.82
CA ALA D 83 -34.80 -51.85 7.17
C ALA D 83 -33.28 -51.59 7.44
N ASP D 84 -32.62 -52.59 8.01
CA ASP D 84 -31.20 -52.47 8.21
C ASP D 84 -30.41 -52.43 6.90
N ALA D 85 -30.93 -53.00 5.82
CA ALA D 85 -30.14 -53.05 4.59
C ALA D 85 -29.92 -51.67 3.96
N LYS D 86 -30.79 -50.71 4.27
CA LYS D 86 -30.79 -49.39 3.57
C LYS D 86 -29.45 -48.66 3.67
N THR D 87 -28.87 -48.58 4.86
CA THR D 87 -27.61 -47.89 4.97
C THR D 87 -26.52 -48.66 4.25
N LEU D 88 -26.63 -50.01 4.17
CA LEU D 88 -25.64 -50.80 3.43
C LEU D 88 -25.67 -50.56 1.91
N ILE D 89 -26.88 -50.53 1.41
CA ILE D 89 -27.16 -50.32 0.00
C ILE D 89 -26.68 -48.90 -0.40
N ASP D 90 -26.97 -47.93 0.44
CA ASP D 90 -26.61 -46.55 0.17
C ASP D 90 -25.09 -46.43 0.15
N LYS D 91 -24.43 -47.05 1.11
CA LYS D 91 -22.99 -47.12 1.13
C LYS D 91 -22.41 -47.74 -0.13
N ALA D 92 -23.00 -48.83 -0.61
CA ALA D 92 -22.51 -49.47 -1.85
C ALA D 92 -22.66 -48.46 -3.03
N ARG D 93 -23.77 -47.73 -3.06
CA ARG D 93 -24.05 -46.81 -4.16
C ARG D 93 -23.08 -45.65 -4.17
N VAL D 94 -22.92 -45.03 -3.01
CA VAL D 94 -21.96 -43.95 -2.79
C VAL D 94 -20.53 -44.38 -3.12
N GLU D 95 -20.14 -45.54 -2.64
CA GLU D 95 -18.82 -46.04 -2.95
C GLU D 95 -18.54 -46.23 -4.47
N THR D 96 -19.50 -46.78 -5.22
CA THR D 96 -19.26 -47.06 -6.65
C THR D 96 -19.17 -45.75 -7.39
N GLN D 97 -19.96 -44.77 -6.96
CA GLN D 97 -19.93 -43.46 -7.56
C GLN D 97 -18.68 -42.68 -7.20
N ASN D 98 -18.16 -42.84 -5.97
CA ASN D 98 -16.88 -42.29 -5.61
C ASN D 98 -15.76 -42.84 -6.46
N HIS D 99 -15.82 -44.14 -6.67
CA HIS D 99 -14.79 -44.81 -7.41
C HIS D 99 -14.82 -44.31 -8.83
N TRP D 100 -16.03 -44.19 -9.41
CA TRP D 100 -16.20 -43.64 -10.78
C TRP D 100 -15.63 -42.20 -10.84
N PHE D 101 -16.01 -41.38 -9.86
CA PHE D 101 -15.57 -40.00 -9.75
C PHE D 101 -14.04 -39.93 -9.74
N THR D 102 -13.42 -40.71 -8.88
CA THR D 102 -11.99 -40.59 -8.67
C THR D 102 -11.17 -41.24 -9.78
N TYR D 103 -11.60 -42.41 -10.22
CA TYR D 103 -10.80 -43.26 -11.12
C TYR D 103 -11.32 -43.41 -12.57
N ASN D 104 -12.50 -42.85 -12.86
CA ASN D 104 -13.12 -42.94 -14.18
C ASN D 104 -13.21 -44.38 -14.71
N GLU D 105 -13.68 -45.27 -13.88
CA GLU D 105 -13.77 -46.68 -14.19
C GLU D 105 -14.84 -47.21 -13.27
N THR D 106 -15.39 -48.36 -13.62
CA THR D 106 -16.37 -49.01 -12.77
C THR D 106 -15.63 -49.77 -11.65
N MET D 107 -16.26 -49.87 -10.50
CA MET D 107 -15.69 -50.57 -9.35
C MET D 107 -16.05 -52.06 -9.51
N THR D 108 -15.13 -52.96 -9.18
CA THR D 108 -15.41 -54.41 -9.28
C THR D 108 -16.45 -54.85 -8.24
N VAL D 109 -17.12 -55.96 -8.53
CA VAL D 109 -18.14 -56.50 -7.61
C VAL D 109 -17.49 -56.84 -6.28
N GLU D 110 -16.31 -57.48 -6.36
CA GLU D 110 -15.54 -57.80 -5.19
C GLU D 110 -15.22 -56.56 -4.32
N SER D 111 -14.79 -55.48 -4.99
CA SER D 111 -14.46 -54.26 -4.26
C SER D 111 -15.66 -53.60 -3.61
N VAL D 112 -16.80 -53.59 -4.28
CA VAL D 112 -17.99 -53.05 -3.64
C VAL D 112 -18.32 -53.86 -2.40
N THR D 113 -18.25 -55.17 -2.56
CA THR D 113 -18.66 -56.04 -1.49
C THR D 113 -17.72 -55.79 -0.29
N GLN D 114 -16.41 -55.64 -0.58
CA GLN D 114 -15.42 -55.38 0.47
C GLN D 114 -15.75 -54.10 1.21
N ALA D 115 -16.06 -53.05 0.45
CA ALA D 115 -16.31 -51.77 1.09
C ALA D 115 -17.49 -51.86 2.04
N VAL D 116 -18.56 -52.50 1.58
CA VAL D 116 -19.71 -52.62 2.45
C VAL D 116 -19.38 -53.51 3.66
N SER D 117 -18.63 -54.57 3.43
CA SER D 117 -18.31 -55.51 4.49
C SER D 117 -17.46 -54.87 5.61
N ASN D 118 -16.66 -53.85 5.30
CA ASN D 118 -15.95 -53.09 6.34
C ASN D 118 -16.79 -52.26 7.31
N LEU D 119 -18.07 -52.09 7.05
CA LEU D 119 -18.96 -51.51 8.08
C LEU D 119 -19.40 -52.54 9.13
N ALA D 120 -19.32 -53.81 8.78
CA ALA D 120 -20.00 -54.81 9.62
C ALA D 120 -19.76 -54.83 11.16
N LEU D 121 -18.51 -54.80 11.64
CA LEU D 121 -18.21 -54.88 13.05
C LEU D 121 -18.03 -53.50 13.66
N GLN D 122 -18.45 -52.46 12.95
CA GLN D 122 -18.28 -51.12 13.47
C GLN D 122 -19.47 -50.77 14.35
N PHE D 123 -19.62 -51.43 15.47
CA PHE D 123 -20.59 -51.08 16.48
C PHE D 123 -19.93 -51.14 17.83
N GLY D 124 -20.51 -50.53 18.84
CA GLY D 124 -19.92 -50.51 20.17
C GLY D 124 -20.26 -49.23 20.87
N GLU D 125 -20.14 -49.24 22.19
CA GLU D 125 -20.67 -48.15 23.02
C GLU D 125 -19.70 -47.33 23.87
N GLU D 126 -18.40 -47.38 23.58
CA GLU D 126 -17.45 -46.45 24.28
C GLU D 126 -16.04 -46.36 23.61
N ASP D 127 -16.06 -46.39 22.28
CA ASP D 127 -14.98 -45.88 21.42
C ASP D 127 -15.38 -44.60 20.64
N ALA D 128 -16.69 -44.44 20.30
CA ALA D 128 -17.13 -43.84 19.02
C ALA D 128 -17.96 -42.52 19.16
N ASP D 129 -18.48 -41.99 18.04
CA ASP D 129 -19.19 -40.68 18.03
C ASP D 129 -20.49 -40.70 18.84
N PRO D 130 -21.01 -39.52 19.27
CA PRO D 130 -22.08 -39.45 20.29
C PRO D 130 -23.29 -40.43 20.20
N GLY D 131 -23.71 -40.80 18.98
CA GLY D 131 -24.69 -41.89 18.77
C GLY D 131 -24.44 -42.80 17.56
N ALA D 132 -23.27 -43.46 17.55
CA ALA D 132 -22.78 -44.39 16.50
C ALA D 132 -23.54 -45.73 16.54
N MET D 133 -23.23 -46.71 15.68
CA MET D 133 -24.01 -47.98 15.61
C MET D 133 -23.96 -48.75 16.93
N SER D 134 -25.12 -49.16 17.43
CA SER D 134 -25.21 -49.91 18.68
C SER D 134 -25.17 -51.43 18.54
N ARG D 135 -25.26 -51.90 17.31
CA ARG D 135 -25.42 -53.34 17.07
C ARG D 135 -25.09 -53.64 15.63
N PRO D 136 -24.78 -54.87 15.32
CA PRO D 136 -24.59 -55.21 13.93
C PRO D 136 -25.89 -55.13 13.06
N PHE D 137 -25.71 -55.31 11.77
CA PHE D 137 -26.77 -55.28 10.80
C PHE D 137 -27.37 -56.68 10.70
N GLY D 138 -28.70 -56.75 10.76
CA GLY D 138 -29.43 -58.05 10.65
C GLY D 138 -29.78 -58.48 9.23
N VAL D 139 -28.79 -58.47 8.35
CA VAL D 139 -29.01 -58.62 6.96
C VAL D 139 -27.95 -59.43 6.32
N ALA D 140 -28.33 -60.25 5.35
CA ALA D 140 -27.37 -60.83 4.40
C ALA D 140 -27.56 -60.30 3.00
N LEU D 141 -26.46 -60.21 2.23
CA LEU D 141 -26.50 -59.59 0.89
C LEU D 141 -25.82 -60.45 -0.17
N LEU D 142 -26.47 -60.54 -1.33
CA LEU D 142 -25.89 -61.11 -2.52
C LEU D 142 -25.67 -59.95 -3.52
N PHE D 143 -24.42 -59.70 -3.88
CA PHE D 143 -24.06 -58.73 -4.88
C PHE D 143 -23.80 -59.53 -6.16
N GLY D 144 -24.56 -59.24 -7.20
CA GLY D 144 -24.41 -59.85 -8.54
C GLY D 144 -24.16 -58.78 -9.61
N GLY D 145 -23.13 -59.00 -10.41
CA GLY D 145 -22.75 -58.04 -11.40
C GLY D 145 -21.72 -58.57 -12.37
N VAL D 146 -21.30 -57.67 -13.25
CA VAL D 146 -20.30 -57.97 -14.26
C VAL D 146 -19.26 -56.87 -14.20
N ASP D 147 -17.99 -57.24 -14.18
CA ASP D 147 -16.84 -56.31 -14.20
C ASP D 147 -15.81 -56.95 -15.14
N GLU D 148 -14.56 -56.51 -15.14
CA GLU D 148 -13.56 -57.12 -16.05
C GLU D 148 -13.14 -58.54 -15.69
N LYS D 149 -13.47 -59.04 -14.50
CA LYS D 149 -13.28 -60.46 -14.20
C LYS D 149 -14.40 -61.30 -14.84
N GLY D 150 -15.42 -60.66 -15.42
CA GLY D 150 -16.59 -61.36 -15.96
C GLY D 150 -17.75 -61.28 -14.98
N PRO D 151 -18.79 -62.09 -15.19
CA PRO D 151 -19.90 -62.14 -14.24
C PRO D 151 -19.48 -62.63 -12.85
N GLN D 152 -20.14 -62.10 -11.83
CA GLN D 152 -19.71 -62.35 -10.46
C GLN D 152 -20.77 -62.22 -9.40
N LEU D 153 -20.78 -63.19 -8.50
CA LEU D 153 -21.72 -63.24 -7.40
C LEU D 153 -20.95 -63.36 -6.10
N PHE D 154 -21.28 -62.48 -5.17
CA PHE D 154 -20.62 -62.44 -3.89
C PHE D 154 -21.68 -62.43 -2.80
N HIS D 155 -21.37 -63.11 -1.70
CA HIS D 155 -22.25 -63.15 -0.56
C HIS D 155 -21.58 -62.46 0.59
N MET D 156 -22.37 -61.79 1.41
CA MET D 156 -21.89 -61.17 2.64
C MET D 156 -22.90 -61.33 3.77
N ASP D 157 -22.41 -61.57 4.98
CA ASP D 157 -23.26 -61.71 6.16
C ASP D 157 -22.86 -60.72 7.28
N PRO D 158 -23.59 -60.71 8.39
CA PRO D 158 -23.31 -59.72 9.41
C PRO D 158 -21.96 -59.83 10.11
N SER D 159 -21.17 -60.87 9.84
CA SER D 159 -19.80 -60.91 10.39
C SER D 159 -18.82 -60.06 9.63
N GLY D 160 -19.23 -59.57 8.47
CA GLY D 160 -18.36 -58.88 7.54
C GLY D 160 -17.52 -59.86 6.72
N THR D 161 -17.85 -61.14 6.79
CA THR D 161 -17.19 -62.10 5.90
C THR D 161 -17.88 -62.02 4.54
N PHE D 162 -17.11 -62.02 3.46
CA PHE D 162 -17.68 -62.03 2.14
C PHE D 162 -16.87 -62.94 1.28
N VAL D 163 -17.53 -63.57 0.33
CA VAL D 163 -16.92 -64.54 -0.54
C VAL D 163 -17.71 -64.63 -1.88
N GLN D 164 -16.99 -64.97 -2.95
CA GLN D 164 -17.55 -65.28 -4.26
C GLN D 164 -18.22 -66.67 -4.16
N CYS D 165 -19.37 -66.83 -4.79
CA CYS D 165 -20.11 -68.08 -4.86
C CYS D 165 -20.59 -68.29 -6.27
N ASP D 166 -20.49 -69.52 -6.79
CA ASP D 166 -21.11 -69.82 -8.07
C ASP D 166 -22.64 -69.79 -7.99
N ALA D 167 -23.19 -70.15 -6.84
CA ALA D 167 -24.61 -70.06 -6.58
C ALA D 167 -24.85 -70.11 -5.08
N ARG D 168 -25.81 -69.34 -4.59
CA ARG D 168 -26.06 -69.23 -3.18
C ARG D 168 -27.48 -68.84 -2.90
N ALA D 169 -28.00 -69.39 -1.84
CA ALA D 169 -29.29 -68.96 -1.30
C ALA D 169 -29.11 -68.35 0.11
N ILE D 170 -30.01 -67.47 0.49
CA ILE D 170 -29.99 -66.83 1.82
C ILE D 170 -31.41 -66.63 2.28
N GLY D 171 -31.58 -66.46 3.60
CA GLY D 171 -32.89 -66.38 4.23
C GLY D 171 -33.45 -67.73 4.71
N SER D 172 -34.75 -67.73 5.03
CA SER D 172 -35.48 -68.85 5.72
C SER D 172 -35.22 -70.23 5.18
N ALA D 173 -35.33 -70.39 3.87
CA ALA D 173 -35.23 -71.73 3.28
C ALA D 173 -33.87 -72.01 2.64
N SER D 174 -32.82 -71.32 3.10
CA SER D 174 -31.55 -71.38 2.37
C SER D 174 -30.91 -72.76 2.39
N GLU D 175 -31.07 -73.46 3.50
N GLU D 175 -31.04 -73.53 3.48
CA GLU D 175 -30.87 -74.86 3.53
CA GLU D 175 -30.54 -74.94 3.47
C GLU D 175 -32.23 -75.24 2.96
C GLU D 175 -30.99 -75.84 2.27
N GLY D 176 -32.21 -76.33 2.24
CA GLY D 176 -33.06 -76.51 1.11
C GLY D 176 -32.66 -76.00 -0.23
N ALA D 177 -32.73 -74.69 -0.36
CA ALA D 177 -32.44 -74.07 -1.62
C ALA D 177 -31.00 -74.32 -2.05
N GLN D 178 -30.10 -74.32 -1.08
CA GLN D 178 -28.68 -74.55 -1.34
C GLN D 178 -28.45 -75.97 -1.82
N SER D 179 -29.16 -76.96 -1.24
CA SER D 179 -29.03 -78.33 -1.73
C SER D 179 -29.47 -78.48 -3.18
N SER D 180 -30.64 -77.94 -3.51
CA SER D 180 -31.10 -77.96 -4.89
C SER D 180 -30.09 -77.23 -5.80
N LEU D 181 -29.48 -76.16 -5.30
CA LEU D 181 -28.48 -75.46 -6.13
C LEU D 181 -27.28 -76.37 -6.45
N GLN D 182 -26.72 -77.07 -5.45
CA GLN D 182 -25.59 -78.01 -5.68
C GLN D 182 -25.99 -79.05 -6.74
N GLU D 183 -27.24 -79.53 -6.67
CA GLU D 183 -27.78 -80.48 -7.62
C GLU D 183 -27.83 -79.96 -9.05
N VAL D 184 -28.47 -78.81 -9.27
CA VAL D 184 -28.64 -78.26 -10.63
C VAL D 184 -27.47 -77.45 -11.21
N TYR D 185 -26.59 -76.89 -10.39
CA TYR D 185 -25.57 -75.95 -10.92
C TYR D 185 -24.50 -76.65 -11.74
N HIS D 186 -24.07 -76.07 -12.86
CA HIS D 186 -22.83 -76.51 -13.52
C HIS D 186 -22.15 -75.32 -14.16
N LYS D 187 -20.81 -75.35 -14.21
CA LYS D 187 -19.98 -74.24 -14.68
C LYS D 187 -20.37 -73.69 -16.07
N SER D 188 -20.80 -74.58 -16.95
CA SER D 188 -21.17 -74.23 -18.33
C SER D 188 -22.68 -73.93 -18.53
N MET D 189 -23.44 -73.93 -17.45
CA MET D 189 -24.87 -73.60 -17.48
C MET D 189 -25.15 -72.22 -18.10
N THR D 190 -26.18 -72.12 -18.92
CA THR D 190 -26.57 -70.83 -19.53
C THR D 190 -27.32 -69.99 -18.52
N LEU D 191 -27.38 -68.68 -18.78
CA LEU D 191 -28.18 -67.79 -17.96
C LEU D 191 -29.66 -68.14 -17.98
N LYS D 192 -30.22 -68.51 -19.12
CA LYS D 192 -31.66 -68.88 -19.17
C LYS D 192 -31.98 -70.09 -18.32
N GLU D 193 -31.08 -71.07 -18.35
CA GLU D 193 -31.12 -72.21 -17.47
C GLU D 193 -31.08 -71.80 -15.99
N ALA D 194 -30.14 -70.94 -15.65
CA ALA D 194 -30.01 -70.42 -14.29
C ALA D 194 -31.29 -69.72 -13.81
N ILE D 195 -31.88 -68.92 -14.68
CA ILE D 195 -33.13 -68.24 -14.35
C ILE D 195 -34.24 -69.25 -14.02
N LYS D 196 -34.46 -70.21 -14.92
CA LYS D 196 -35.44 -71.28 -14.72
C LYS D 196 -35.13 -72.03 -13.41
N SER D 197 -33.89 -72.48 -13.25
CA SER D 197 -33.49 -73.22 -12.05
C SER D 197 -33.83 -72.49 -10.74
N SER D 198 -33.56 -71.20 -10.69
CA SER D 198 -33.83 -70.46 -9.47
C SER D 198 -35.33 -70.22 -9.28
N LEU D 199 -36.11 -70.13 -10.34
CA LEU D 199 -37.55 -70.02 -10.15
C LEU D 199 -38.15 -71.38 -9.72
N ILE D 200 -37.64 -72.49 -10.24
CA ILE D 200 -38.06 -73.82 -9.80
C ILE D 200 -37.79 -73.97 -8.30
N ILE D 201 -36.60 -73.55 -7.87
CA ILE D 201 -36.23 -73.69 -6.47
C ILE D 201 -37.06 -72.78 -5.57
N LEU D 202 -37.25 -71.53 -5.95
CA LEU D 202 -38.16 -70.68 -5.18
C LEU D 202 -39.54 -71.33 -5.04
N LYS D 203 -40.03 -71.91 -6.13
CA LYS D 203 -41.35 -72.49 -6.15
C LYS D 203 -41.46 -73.61 -5.12
N GLN D 204 -40.47 -74.51 -5.05
CA GLN D 204 -40.42 -75.49 -3.98
C GLN D 204 -40.46 -74.88 -2.61
N VAL D 205 -39.62 -73.83 -2.37
CA VAL D 205 -39.36 -73.46 -0.98
C VAL D 205 -40.42 -72.52 -0.43
N MET D 206 -41.06 -71.76 -1.32
CA MET D 206 -42.04 -70.75 -0.91
C MET D 206 -43.27 -71.37 -0.26
N GLU D 207 -43.77 -70.76 0.82
CA GLU D 207 -45.03 -71.19 1.46
C GLU D 207 -46.22 -70.95 0.53
N GLU D 208 -46.27 -69.77 -0.09
CA GLU D 208 -47.30 -69.46 -1.06
C GLU D 208 -47.01 -70.05 -2.45
N LYS D 209 -48.06 -70.15 -3.25
CA LYS D 209 -47.96 -70.54 -4.65
C LYS D 209 -47.20 -69.47 -5.43
N LEU D 210 -46.09 -69.81 -6.10
CA LEU D 210 -45.34 -68.86 -6.89
C LEU D 210 -46.22 -68.23 -7.98
N ASN D 211 -46.02 -66.94 -8.26
CA ASN D 211 -46.60 -66.24 -9.40
C ASN D 211 -45.80 -64.98 -9.77
N ALA D 212 -46.27 -64.26 -10.77
CA ALA D 212 -45.50 -63.18 -11.33
C ALA D 212 -45.53 -61.86 -10.52
N THR D 213 -46.33 -61.78 -9.45
CA THR D 213 -46.35 -60.61 -8.53
C THR D 213 -45.64 -60.89 -7.16
N ASN D 214 -45.53 -62.14 -6.73
CA ASN D 214 -44.91 -62.42 -5.42
C ASN D 214 -43.43 -62.86 -5.44
N ILE D 215 -42.76 -62.65 -6.57
CA ILE D 215 -41.34 -62.83 -6.67
C ILE D 215 -40.73 -61.63 -7.37
N GLU D 216 -39.42 -61.49 -7.34
CA GLU D 216 -38.71 -60.54 -8.21
C GLU D 216 -37.50 -61.24 -8.79
N LEU D 217 -37.08 -60.82 -9.97
CA LEU D 217 -35.92 -61.38 -10.61
C LEU D 217 -35.20 -60.26 -11.33
N ALA D 218 -33.87 -60.29 -11.24
CA ALA D 218 -33.01 -59.36 -11.96
C ALA D 218 -31.84 -60.09 -12.54
N THR D 219 -31.28 -59.52 -13.60
CA THR D 219 -30.06 -60.01 -14.22
C THR D 219 -29.05 -58.88 -14.47
N VAL D 220 -27.80 -59.27 -14.65
CA VAL D 220 -26.76 -58.43 -15.21
C VAL D 220 -25.94 -59.32 -16.14
N GLN D 221 -25.69 -58.84 -17.36
CA GLN D 221 -24.98 -59.63 -18.38
C GLN D 221 -23.87 -58.80 -18.96
N PRO D 222 -22.83 -59.45 -19.53
CA PRO D 222 -21.76 -58.68 -20.17
C PRO D 222 -22.29 -57.70 -21.20
N GLY D 223 -23.29 -58.12 -21.97
CA GLY D 223 -23.93 -57.18 -22.89
C GLY D 223 -24.62 -55.98 -22.24
N GLN D 224 -25.35 -56.24 -21.17
CA GLN D 224 -26.51 -55.44 -20.80
C GLN D 224 -26.53 -55.07 -19.31
N ASN D 225 -26.97 -53.83 -19.06
CA ASN D 225 -27.08 -53.31 -17.72
C ASN D 225 -28.07 -54.06 -16.83
N PHE D 226 -27.94 -53.83 -15.54
CA PHE D 226 -28.89 -54.30 -14.54
C PHE D 226 -30.31 -54.26 -15.10
N HIS D 227 -31.00 -55.37 -15.04
CA HIS D 227 -32.36 -55.36 -15.50
C HIS D 227 -33.32 -56.12 -14.58
N MET D 228 -34.28 -55.38 -14.02
CA MET D 228 -35.39 -55.96 -13.29
C MET D 228 -36.41 -56.54 -14.27
N PHE D 229 -36.79 -57.82 -14.12
CA PHE D 229 -37.84 -58.42 -14.93
C PHE D 229 -39.20 -57.76 -14.64
N THR D 230 -39.89 -57.43 -15.73
CA THR D 230 -41.24 -56.89 -15.68
C THR D 230 -42.23 -58.02 -15.37
N LYS D 231 -43.45 -57.66 -14.99
CA LYS D 231 -44.54 -58.63 -14.79
C LYS D 231 -44.60 -59.58 -15.96
N GLU D 232 -44.60 -59.00 -17.15
CA GLU D 232 -44.77 -59.74 -18.40
C GLU D 232 -43.59 -60.66 -18.68
N GLU D 233 -42.37 -60.18 -18.49
CA GLU D 233 -41.20 -61.06 -18.66
C GLU D 233 -41.14 -62.21 -17.63
N LEU D 234 -41.67 -61.97 -16.43
CA LEU D 234 -41.73 -63.00 -15.39
C LEU D 234 -42.75 -64.10 -15.78
N GLU D 235 -43.96 -63.67 -16.14
CA GLU D 235 -45.02 -64.54 -16.69
C GLU D 235 -44.48 -65.47 -17.75
N GLU D 236 -43.74 -64.93 -18.72
CA GLU D 236 -43.11 -65.76 -19.77
C GLU D 236 -42.24 -66.87 -19.21
N VAL D 237 -41.32 -66.52 -18.32
CA VAL D 237 -40.44 -67.52 -17.66
C VAL D 237 -41.20 -68.48 -16.74
N ILE D 238 -42.29 -68.01 -16.13
CA ILE D 238 -43.12 -68.83 -15.24
C ILE D 238 -43.87 -69.96 -15.96
N LYS D 239 -44.21 -69.78 -17.24
CA LYS D 239 -44.97 -70.77 -18.03
C LYS D 239 -44.42 -72.19 -17.97
N ASP D 240 -43.11 -72.32 -18.16
CA ASP D 240 -42.44 -73.64 -18.16
C ASP D 240 -42.31 -74.22 -16.75
N ILE D 241 -42.48 -73.37 -15.74
CA ILE D 241 -42.15 -73.71 -14.36
C ILE D 241 -43.42 -73.75 -13.54
N ASN E 4 -16.80 -66.08 35.32
CA ASN E 4 -18.35 -66.13 35.33
C ASN E 4 -18.94 -64.70 35.50
N GLN E 5 -18.94 -64.15 36.72
CA GLN E 5 -18.93 -62.66 36.89
C GLN E 5 -17.63 -62.05 36.28
N TYR E 6 -16.61 -62.88 36.02
CA TYR E 6 -15.33 -62.49 35.51
C TYR E 6 -15.21 -62.71 34.03
N ASP E 7 -16.24 -63.10 33.30
CA ASP E 7 -15.92 -63.33 31.88
C ASP E 7 -16.54 -62.43 30.81
N ASN E 8 -17.15 -61.34 31.21
CA ASN E 8 -17.83 -60.58 30.19
C ASN E 8 -17.09 -59.26 29.79
N ASP E 9 -16.12 -58.81 30.62
CA ASP E 9 -15.40 -57.58 30.39
C ASP E 9 -13.93 -57.77 30.33
N VAL E 10 -13.33 -57.24 29.30
CA VAL E 10 -11.87 -57.31 29.17
C VAL E 10 -11.14 -56.58 30.27
N THR E 11 -11.83 -55.67 30.96
CA THR E 11 -11.28 -54.98 32.08
C THR E 11 -11.37 -55.68 33.41
N VAL E 12 -11.98 -56.85 33.46
CA VAL E 12 -12.14 -57.56 34.73
C VAL E 12 -11.11 -58.69 34.81
N TRP E 13 -10.12 -58.53 35.70
CA TRP E 13 -9.23 -59.67 36.09
C TRP E 13 -10.01 -60.71 36.86
N SER E 14 -9.73 -61.97 36.60
CA SER E 14 -10.30 -63.04 37.51
C SER E 14 -9.40 -63.21 38.75
N PRO E 15 -9.89 -63.93 39.75
CA PRO E 15 -9.05 -64.13 40.91
C PRO E 15 -7.80 -65.00 40.68
N GLN E 16 -7.65 -65.63 39.52
CA GLN E 16 -6.47 -66.35 39.13
C GLN E 16 -5.49 -65.51 38.37
N GLY E 17 -5.76 -64.20 38.10
CA GLY E 17 -4.82 -63.42 37.33
C GLY E 17 -5.00 -63.69 35.84
N ARG E 18 -6.23 -64.02 35.42
CA ARG E 18 -6.49 -64.19 33.99
C ARG E 18 -7.56 -63.20 33.54
N ILE E 19 -7.69 -63.05 32.25
CA ILE E 19 -8.70 -62.14 31.65
C ILE E 19 -9.38 -63.04 30.64
N HIS E 20 -10.57 -63.52 31.03
CA HIS E 20 -11.33 -64.47 30.20
C HIS E 20 -11.69 -64.00 28.80
N GLN E 21 -12.07 -62.68 28.68
CA GLN E 21 -12.34 -62.19 27.37
C GLN E 21 -11.19 -62.40 26.42
N ILE E 22 -9.93 -62.23 26.88
CA ILE E 22 -8.81 -62.41 26.00
C ILE E 22 -8.67 -63.87 25.61
N GLU E 23 -8.84 -64.76 26.58
CA GLU E 23 -8.83 -66.22 26.28
C GLU E 23 -9.95 -66.66 25.31
N TYR E 24 -11.12 -66.04 25.45
CA TYR E 24 -12.20 -66.33 24.49
C TYR E 24 -11.91 -65.87 23.14
N ALA E 25 -11.30 -64.66 23.04
CA ALA E 25 -10.85 -64.17 21.71
C ALA E 25 -9.85 -65.12 21.07
N MET E 26 -8.98 -65.70 21.89
CA MET E 26 -8.03 -66.68 21.31
C MET E 26 -8.71 -67.90 20.70
N GLU E 27 -9.89 -68.21 21.19
CA GLU E 27 -10.63 -69.33 20.64
C GLU E 27 -11.07 -69.08 19.23
N ALA E 28 -11.37 -67.84 18.92
CA ALA E 28 -11.67 -67.50 17.51
C ALA E 28 -10.50 -67.93 16.64
N VAL E 29 -9.26 -67.75 17.06
CA VAL E 29 -8.16 -68.22 16.18
C VAL E 29 -8.05 -69.74 16.08
N LYS E 30 -8.23 -70.43 17.21
CA LYS E 30 -8.15 -71.93 17.23
C LYS E 30 -9.18 -72.61 16.36
N GLN E 31 -10.32 -71.95 16.14
CA GLN E 31 -11.36 -72.49 15.26
C GLN E 31 -11.24 -72.05 13.81
N GLY E 32 -10.35 -71.11 13.46
CA GLY E 32 -10.11 -70.84 12.05
C GLY E 32 -9.43 -71.99 11.33
N SER E 33 -9.42 -71.96 10.00
CA SER E 33 -8.72 -72.99 9.25
C SER E 33 -7.20 -72.83 9.41
N ALA E 34 -6.47 -73.92 9.38
CA ALA E 34 -5.04 -73.88 9.68
C ALA E 34 -4.23 -73.12 8.60
N THR E 35 -3.15 -72.53 9.08
CA THR E 35 -2.15 -71.95 8.26
C THR E 35 -0.81 -72.21 8.86
N VAL E 36 0.16 -72.31 7.97
CA VAL E 36 1.52 -72.61 8.32
C VAL E 36 2.43 -71.49 7.75
N GLY E 37 3.44 -71.12 8.53
CA GLY E 37 4.54 -70.25 8.11
C GLY E 37 5.91 -70.79 8.52
N LEU E 38 6.84 -70.71 7.60
CA LEU E 38 8.19 -71.16 7.83
C LEU E 38 9.19 -70.37 6.96
N LYS E 39 10.47 -70.46 7.30
CA LYS E 39 11.51 -69.75 6.59
C LYS E 39 12.78 -70.52 6.47
N SER E 40 13.55 -70.13 5.46
CA SER E 40 14.92 -70.60 5.26
C SER E 40 15.84 -69.41 5.51
N LYS E 41 17.13 -69.53 5.11
CA LYS E 41 18.09 -68.43 5.08
C LYS E 41 17.61 -67.27 4.12
N THR E 42 16.93 -67.60 3.04
CA THR E 42 16.59 -66.66 1.98
C THR E 42 15.13 -66.35 1.75
N HIS E 43 14.19 -67.19 2.25
CA HIS E 43 12.75 -66.99 1.93
C HIS E 43 11.87 -67.20 3.16
N ALA E 44 10.73 -66.52 3.15
CA ALA E 44 9.70 -66.75 4.16
C ALA E 44 8.49 -67.18 3.39
N VAL E 45 7.87 -68.27 3.83
CA VAL E 45 6.67 -68.83 3.16
C VAL E 45 5.48 -68.97 4.09
N LEU E 46 4.30 -68.68 3.55
CA LEU E 46 3.05 -68.94 4.18
C LEU E 46 2.26 -69.95 3.34
N VAL E 47 1.59 -70.87 4.02
CA VAL E 47 0.70 -71.81 3.34
C VAL E 47 -0.59 -71.81 4.11
N ALA E 48 -1.72 -71.79 3.42
CA ALA E 48 -3.01 -71.77 4.12
C ALA E 48 -4.07 -72.69 3.51
N LEU E 49 -4.84 -73.34 4.38
CA LEU E 49 -6.05 -74.03 3.96
C LEU E 49 -7.18 -73.07 3.91
N LYS E 50 -7.85 -73.03 2.78
CA LYS E 50 -9.03 -72.21 2.65
C LYS E 50 -10.28 -73.11 2.87
N ARG E 51 -11.15 -72.69 3.79
CA ARG E 51 -12.48 -73.30 4.00
C ARG E 51 -13.49 -72.69 2.95
N ALA E 52 -14.27 -73.57 2.34
CA ALA E 52 -15.39 -73.19 1.44
C ALA E 52 -16.73 -73.47 2.12
N GLN E 53 -17.59 -72.45 2.18
CA GLN E 53 -18.89 -72.55 2.87
C GLN E 53 -19.70 -73.73 2.32
N SER E 54 -20.03 -73.67 1.03
CA SER E 54 -20.67 -74.76 0.28
C SER E 54 -19.72 -75.28 -0.82
N GLU E 55 -20.20 -76.31 -1.54
CA GLU E 55 -19.50 -76.88 -2.70
C GLU E 55 -19.36 -75.90 -3.89
N LEU E 56 -20.25 -74.91 -3.97
CA LEU E 56 -20.24 -73.89 -5.03
C LEU E 56 -19.55 -72.53 -4.67
N ALA E 57 -19.12 -72.36 -3.41
CA ALA E 57 -18.33 -71.19 -2.95
C ALA E 57 -16.82 -71.25 -3.34
N ALA E 58 -16.24 -70.06 -3.57
CA ALA E 58 -14.82 -69.92 -3.99
C ALA E 58 -13.80 -70.47 -3.01
N HIS E 59 -13.99 -70.23 -1.72
CA HIS E 59 -12.94 -70.51 -0.75
C HIS E 59 -12.41 -69.13 -0.27
N GLN E 60 -12.54 -68.91 1.04
CA GLN E 60 -12.16 -67.68 1.71
C GLN E 60 -10.69 -67.36 1.51
N LYS E 61 -10.36 -66.13 1.10
CA LYS E 61 -8.97 -65.69 1.13
C LYS E 61 -8.36 -65.83 2.57
N LYS E 62 -7.17 -66.41 2.63
CA LYS E 62 -6.42 -66.46 3.85
C LYS E 62 -5.11 -65.65 3.86
N ILE E 63 -4.59 -65.29 2.70
CA ILE E 63 -3.30 -64.71 2.60
C ILE E 63 -3.51 -63.32 1.97
N LEU E 64 -2.89 -62.31 2.58
CA LEU E 64 -3.08 -60.87 2.22
C LEU E 64 -1.75 -60.21 2.05
N HIS E 65 -1.69 -59.36 1.01
CA HIS E 65 -0.52 -58.51 0.72
C HIS E 65 -0.53 -57.28 1.67
N VAL E 66 0.62 -56.97 2.22
CA VAL E 66 0.78 -55.83 3.14
C VAL E 66 1.70 -54.79 2.50
N ASP E 67 2.86 -55.21 2.04
CA ASP E 67 3.78 -54.34 1.31
C ASP E 67 4.64 -55.25 0.46
N ASN E 68 5.50 -54.69 -0.37
CA ASN E 68 6.32 -55.53 -1.25
C ASN E 68 7.16 -56.57 -0.54
N HIS E 69 7.46 -56.30 0.71
CA HIS E 69 8.34 -57.14 1.51
C HIS E 69 7.62 -57.90 2.67
N ILE E 70 6.28 -57.79 2.75
CA ILE E 70 5.50 -58.29 3.85
C ILE E 70 4.14 -58.82 3.38
N GLY E 71 3.79 -60.04 3.80
CA GLY E 71 2.44 -60.57 3.60
C GLY E 71 1.98 -61.33 4.85
N ILE E 72 0.68 -61.53 4.96
CA ILE E 72 0.13 -62.14 6.16
C ILE E 72 -0.85 -63.29 5.81
N SER E 73 -0.95 -64.23 6.75
CA SER E 73 -1.97 -65.26 6.72
C SER E 73 -2.78 -65.09 7.96
N ILE E 74 -4.07 -65.32 7.86
CA ILE E 74 -5.00 -64.96 8.94
C ILE E 74 -5.74 -66.18 9.53
N ALA E 75 -6.13 -66.09 10.79
CA ALA E 75 -7.09 -67.05 11.37
C ALA E 75 -7.93 -66.37 12.45
N GLY E 76 -9.24 -66.50 12.36
CA GLY E 76 -10.13 -65.82 13.24
C GLY E 76 -11.13 -64.92 12.50
N LEU E 77 -11.58 -63.85 13.16
CA LEU E 77 -12.61 -62.96 12.58
C LEU E 77 -12.04 -62.22 11.37
N THR E 78 -12.63 -62.49 10.22
CA THR E 78 -12.15 -61.93 8.96
C THR E 78 -12.18 -60.35 8.98
N ALA E 79 -13.18 -59.78 9.64
CA ALA E 79 -13.34 -58.32 9.71
C ALA E 79 -12.25 -57.73 10.54
N ASP E 80 -11.84 -58.45 11.62
CA ASP E 80 -10.72 -58.03 12.40
C ASP E 80 -9.39 -58.18 11.64
N ALA E 81 -9.30 -59.22 10.84
CA ALA E 81 -8.15 -59.48 10.05
C ALA E 81 -7.97 -58.29 9.06
N ARG E 82 -9.04 -57.84 8.42
CA ARG E 82 -8.93 -56.73 7.47
C ARG E 82 -8.55 -55.40 8.16
N LEU E 83 -9.15 -55.10 9.29
CA LEU E 83 -8.84 -53.91 10.03
C LEU E 83 -7.35 -53.87 10.41
N LEU E 84 -6.82 -54.99 10.91
CA LEU E 84 -5.44 -55.10 11.26
C LEU E 84 -4.54 -55.03 10.04
N CYS E 85 -4.93 -55.70 8.98
CA CYS E 85 -4.19 -55.67 7.75
C CYS E 85 -4.12 -54.23 7.23
N ASN E 86 -5.22 -53.50 7.35
CA ASN E 86 -5.27 -52.09 6.84
C ASN E 86 -4.33 -51.22 7.67
N PHE E 87 -4.30 -51.46 8.99
CA PHE E 87 -3.32 -50.80 9.88
C PHE E 87 -1.88 -51.07 9.48
N MET E 88 -1.58 -52.35 9.22
CA MET E 88 -0.25 -52.72 8.78
C MET E 88 0.17 -52.02 7.49
N ARG E 89 -0.74 -52.04 6.52
CA ARG E 89 -0.52 -51.42 5.24
C ARG E 89 -0.18 -49.96 5.38
N GLN E 90 -0.93 -49.27 6.23
CA GLN E 90 -0.77 -47.85 6.43
C GLN E 90 0.59 -47.56 7.11
N GLU E 91 0.94 -48.36 8.13
CA GLU E 91 2.24 -48.23 8.79
C GLU E 91 3.41 -48.41 7.81
N CYS E 92 3.28 -49.39 6.92
CA CYS E 92 4.24 -49.57 5.85
C CYS E 92 4.29 -48.40 4.88
N LEU E 93 3.15 -47.90 4.42
CA LEU E 93 3.16 -46.74 3.46
C LEU E 93 3.82 -45.53 4.11
N ASP E 94 3.44 -45.25 5.35
CA ASP E 94 4.05 -44.20 6.16
C ASP E 94 5.55 -44.26 6.25
N SER E 95 6.09 -45.42 6.55
CA SER E 95 7.52 -45.51 6.58
C SER E 95 8.20 -45.33 5.23
N ARG E 96 7.62 -45.83 4.15
CA ARG E 96 8.19 -45.51 2.83
C ARG E 96 8.04 -44.02 2.46
N PHE E 97 6.94 -43.41 2.87
CA PHE E 97 6.73 -42.00 2.62
C PHE E 97 7.79 -41.16 3.37
N VAL E 98 7.97 -41.44 4.67
CA VAL E 98 8.83 -40.67 5.52
C VAL E 98 10.29 -40.90 5.20
N PHE E 99 10.67 -42.17 5.13
CA PHE E 99 12.09 -42.59 5.13
C PHE E 99 12.56 -43.21 3.82
N ASP E 100 11.64 -43.48 2.92
CA ASP E 100 11.99 -44.02 1.63
C ASP E 100 12.66 -45.36 1.67
N ARG E 101 12.30 -46.16 2.67
CA ARG E 101 12.78 -47.51 2.81
CA ARG E 101 12.78 -47.51 2.80
C ARG E 101 11.75 -48.37 3.52
N PRO E 102 11.82 -49.68 3.31
CA PRO E 102 10.82 -50.56 3.93
C PRO E 102 10.82 -50.56 5.42
N LEU E 103 9.65 -50.74 6.01
CA LEU E 103 9.49 -50.73 7.44
C LEU E 103 10.05 -52.08 7.91
N PRO E 104 11.03 -52.08 8.81
CA PRO E 104 11.52 -53.36 9.26
C PRO E 104 10.40 -54.24 9.91
N VAL E 105 10.44 -55.52 9.63
CA VAL E 105 9.33 -56.40 9.95
C VAL E 105 9.13 -56.43 11.48
N SER E 106 10.22 -56.50 12.25
CA SER E 106 10.11 -56.50 13.70
C SER E 106 9.54 -55.22 14.26
N ARG E 107 9.73 -54.09 13.58
CA ARG E 107 9.07 -52.88 14.07
C ARG E 107 7.57 -52.88 13.75
N LEU E 108 7.19 -53.31 12.56
CA LEU E 108 5.78 -53.43 12.26
C LEU E 108 5.12 -54.33 13.29
N VAL E 109 5.79 -55.43 13.63
CA VAL E 109 5.13 -56.35 14.60
C VAL E 109 4.97 -55.66 15.95
N SER E 110 6.00 -54.91 16.40
CA SER E 110 5.84 -54.11 17.64
C SER E 110 4.66 -53.17 17.63
N LEU E 111 4.43 -52.50 16.50
CA LEU E 111 3.30 -51.59 16.32
C LEU E 111 2.00 -52.35 16.47
N ILE E 112 1.96 -53.54 15.92
CA ILE E 112 0.75 -54.40 16.10
C ILE E 112 0.51 -54.73 17.57
N GLY E 113 1.53 -55.14 18.28
CA GLY E 113 1.42 -55.44 19.75
C GLY E 113 0.92 -54.24 20.55
N SER E 114 1.44 -53.10 20.22
CA SER E 114 1.03 -51.87 20.90
C SER E 114 -0.39 -51.43 20.55
N LYS E 115 -0.75 -51.49 19.28
CA LYS E 115 -2.09 -51.21 18.87
C LYS E 115 -3.13 -52.20 19.44
N THR E 116 -2.83 -53.50 19.36
CA THR E 116 -3.85 -54.54 19.77
C THR E 116 -3.95 -54.69 21.29
N GLN E 117 -3.01 -54.12 22.05
CA GLN E 117 -3.05 -54.19 23.50
C GLN E 117 -4.07 -53.23 24.04
N ILE E 118 -4.21 -52.06 23.36
CA ILE E 118 -5.02 -50.97 23.89
C ILE E 118 -6.43 -51.36 24.23
N PRO E 119 -7.18 -51.95 23.29
CA PRO E 119 -8.53 -52.28 23.72
C PRO E 119 -8.62 -53.39 24.81
N THR E 120 -7.53 -54.11 25.14
CA THR E 120 -7.62 -55.09 26.24
C THR E 120 -7.70 -54.45 27.61
N GLN E 121 -7.52 -53.14 27.71
CA GLN E 121 -7.43 -52.48 28.97
C GLN E 121 -8.49 -51.41 29.22
N ARG E 122 -9.42 -51.21 28.30
CA ARG E 122 -10.45 -50.20 28.38
C ARG E 122 -11.87 -50.83 28.37
N TYR E 123 -12.71 -50.34 29.24
CA TYR E 123 -14.02 -50.88 29.39
C TYR E 123 -14.81 -50.70 28.13
N GLY E 124 -15.56 -51.70 27.80
CA GLY E 124 -16.41 -51.60 26.62
C GLY E 124 -15.67 -51.86 25.29
N ARG E 125 -14.36 -52.12 25.32
CA ARG E 125 -13.61 -52.47 24.10
C ARG E 125 -13.40 -53.98 24.12
N ARG E 126 -12.88 -54.57 23.06
CA ARG E 126 -12.68 -55.97 23.12
C ARG E 126 -11.36 -56.30 22.46
N PRO E 127 -10.79 -57.45 22.76
CA PRO E 127 -9.63 -57.73 21.98
C PRO E 127 -9.94 -57.89 20.48
N TYR E 128 -8.89 -57.83 19.68
CA TYR E 128 -8.93 -58.36 18.33
C TYR E 128 -9.08 -59.85 18.27
N GLY E 129 -9.99 -60.35 17.46
CA GLY E 129 -10.28 -61.83 17.46
C GLY E 129 -9.59 -62.50 16.31
N VAL E 130 -8.32 -62.18 16.10
CA VAL E 130 -7.60 -62.71 14.96
C VAL E 130 -6.18 -62.94 15.33
N GLY E 131 -5.61 -63.94 14.69
CA GLY E 131 -4.21 -64.24 14.89
C GLY E 131 -3.64 -64.18 13.50
N LEU E 132 -2.39 -63.75 13.41
CA LEU E 132 -1.70 -63.67 12.13
C LEU E 132 -0.42 -64.40 12.10
N LEU E 133 -0.11 -64.97 10.95
CA LEU E 133 1.26 -65.30 10.65
C LEU E 133 1.77 -64.26 9.68
N ILE E 134 2.94 -63.73 9.98
CA ILE E 134 3.54 -62.63 9.19
C ILE E 134 4.82 -63.07 8.53
N ALA E 135 4.88 -63.02 7.21
CA ALA E 135 6.09 -63.35 6.47
C ALA E 135 6.72 -62.10 5.93
N GLY E 136 8.02 -61.95 6.12
CA GLY E 136 8.65 -60.75 5.63
C GLY E 136 10.08 -60.98 5.32
N TYR E 137 10.68 -60.01 4.65
CA TYR E 137 12.10 -60.03 4.34
C TYR E 137 12.63 -58.59 4.44
N ASP E 138 13.68 -58.39 5.20
CA ASP E 138 14.32 -57.04 5.28
C ASP E 138 15.84 -57.24 5.48
N ASP E 139 16.56 -56.21 5.94
CA ASP E 139 18.00 -56.31 6.13
C ASP E 139 18.45 -57.40 7.06
N MET E 140 17.58 -57.84 7.96
CA MET E 140 17.95 -58.91 8.84
C MET E 140 17.49 -60.27 8.27
N GLY E 141 17.09 -60.32 7.00
CA GLY E 141 16.73 -61.57 6.38
C GLY E 141 15.25 -61.87 6.46
N PRO E 142 14.90 -63.17 6.30
CA PRO E 142 13.49 -63.54 6.29
C PRO E 142 12.98 -63.61 7.70
N HIS E 143 11.68 -63.45 7.84
CA HIS E 143 11.04 -63.57 9.15
C HIS E 143 9.67 -64.23 9.05
N ILE E 144 9.34 -64.92 10.13
CA ILE E 144 8.00 -65.35 10.41
C ILE E 144 7.65 -64.90 11.82
N PHE E 145 6.62 -64.07 11.95
CA PHE E 145 6.12 -63.70 13.21
C PHE E 145 4.69 -64.20 13.35
N GLN E 146 4.28 -64.37 14.61
CA GLN E 146 2.93 -64.68 14.96
C GLN E 146 2.37 -63.68 15.89
N THR E 147 1.12 -63.27 15.69
CA THR E 147 0.43 -62.31 16.62
C THR E 147 -0.84 -62.94 17.14
N 6V1 E 148 -1.25 -62.56 18.36
CA 6V1 E 148 -2.36 -63.14 19.04
C 6V1 E 148 -3.29 -62.06 19.53
O 6V1 E 148 -2.84 -61.00 19.77
CB 6V1 E 148 -1.97 -63.88 20.37
SG 6V1 E 148 -0.61 -64.92 19.99
C1 6V1 E 148 -1.19 -66.43 20.77
C2 6V1 E 148 -2.28 -67.16 19.97
N3 6V1 E 148 -2.25 -68.49 20.22
C4 6V1 E 148 -1.01 -68.82 20.63
C5 6V1 E 148 -0.21 -67.59 21.05
C6 6V1 E 148 -3.34 -69.48 20.18
O7 6V1 E 148 -3.09 -66.60 19.25
O8 6V1 E 148 -0.59 -69.98 20.59
C3 6V1 E 148 -4.66 -69.09 19.54
N PRO E 149 -4.53 -62.42 19.88
CA PRO E 149 -5.47 -61.54 20.42
C PRO E 149 -5.08 -60.97 21.76
N SER E 150 -4.18 -61.62 22.49
CA SER E 150 -3.64 -61.11 23.72
C SER E 150 -2.72 -59.90 23.46
N ALA E 151 -2.39 -59.64 22.19
CA ALA E 151 -1.42 -58.58 21.82
C ALA E 151 0.00 -59.00 21.98
N ASN E 152 0.25 -60.25 22.48
CA ASN E 152 1.57 -60.83 22.48
C ASN E 152 1.92 -61.26 21.05
N TYR E 153 3.22 -61.34 20.74
CA TYR E 153 3.68 -61.76 19.48
C TYR E 153 4.97 -62.47 19.66
N PHE E 154 5.37 -63.22 18.64
CA PHE E 154 6.41 -64.16 18.72
C PHE E 154 7.19 -64.17 17.43
N ASP E 155 8.50 -64.35 17.53
CA ASP E 155 9.39 -64.50 16.44
C ASP E 155 9.67 -65.94 16.27
N CYS E 156 9.44 -66.47 15.07
CA CYS E 156 9.35 -67.93 14.91
C CYS E 156 10.29 -68.46 13.88
N ARG E 157 10.82 -69.64 14.14
CA ARG E 157 11.49 -70.41 13.10
C ARG E 157 10.44 -70.90 12.09
N ALA E 158 9.28 -71.26 12.62
CA ALA E 158 8.12 -71.69 11.86
C ALA E 158 6.95 -71.69 12.80
N MET E 159 5.75 -71.73 12.24
CA MET E 159 4.58 -71.76 13.08
C MET E 159 3.37 -72.26 12.34
N SER E 160 2.41 -72.77 13.11
CA SER E 160 1.03 -73.05 12.63
C SER E 160 -0.01 -72.61 13.65
N ILE E 161 -1.08 -72.02 13.16
CA ILE E 161 -2.20 -71.64 14.01
C ILE E 161 -3.46 -72.14 13.31
N GLY E 162 -4.52 -72.23 14.09
CA GLY E 162 -5.86 -72.60 13.60
C GLY E 162 -6.20 -74.04 13.97
N ALA E 163 -7.24 -74.57 13.37
CA ALA E 163 -7.81 -75.87 13.82
C ALA E 163 -6.87 -77.01 13.42
N ARG E 164 -6.55 -77.80 14.42
CA ARG E 164 -5.66 -78.93 14.30
C ARG E 164 -4.23 -78.53 13.95
N SER E 165 -3.85 -77.27 14.23
CA SER E 165 -2.49 -76.82 14.05
C SER E 165 -1.43 -77.53 14.87
N GLN E 166 -1.81 -78.20 15.98
CA GLN E 166 -0.88 -78.95 16.80
C GLN E 166 -0.14 -79.91 15.90
N SER E 167 -0.86 -80.58 15.02
CA SER E 167 -0.27 -81.56 14.08
C SER E 167 0.81 -80.91 13.22
N ALA E 168 0.46 -79.76 12.67
CA ALA E 168 1.37 -78.98 11.82
C ALA E 168 2.61 -78.51 12.58
N ARG E 169 2.40 -78.06 13.80
CA ARG E 169 3.50 -77.73 14.69
C ARG E 169 4.43 -78.87 15.01
N THR E 170 3.88 -80.08 15.23
CA THR E 170 4.72 -81.22 15.47
C THR E 170 5.59 -81.41 14.22
N TYR E 171 4.96 -81.40 13.05
CA TYR E 171 5.68 -81.73 11.80
C TYR E 171 6.86 -80.74 11.67
N LEU E 172 6.56 -79.48 11.92
CA LEU E 172 7.55 -78.41 11.81
C LEU E 172 8.68 -78.59 12.80
N GLU E 173 8.38 -78.95 14.06
CA GLU E 173 9.45 -79.27 15.01
C GLU E 173 10.30 -80.44 14.52
N ARG E 174 9.64 -81.46 13.97
CA ARG E 174 10.35 -82.64 13.50
C ARG E 174 11.39 -82.31 12.43
N HIS E 175 11.07 -81.40 11.52
CA HIS E 175 11.92 -81.13 10.37
C HIS E 175 12.63 -79.75 10.38
N MET E 176 12.48 -78.97 11.46
CA MET E 176 12.94 -77.58 11.45
C MET E 176 14.46 -77.42 11.27
N SER E 177 15.25 -78.39 11.68
CA SER E 177 16.70 -78.35 11.48
C SER E 177 17.09 -78.38 10.01
N GLU E 178 16.19 -78.80 9.15
CA GLU E 178 16.43 -78.81 7.69
C GLU E 178 16.09 -77.44 7.04
N PHE E 179 15.29 -76.58 7.69
CA PHE E 179 14.64 -75.50 6.95
C PHE E 179 15.66 -74.45 6.45
N MET E 180 16.65 -74.12 7.27
CA MET E 180 17.52 -72.95 7.01
C MET E 180 18.27 -73.13 5.68
N GLU E 181 18.64 -74.37 5.42
CA GLU E 181 19.40 -74.75 4.24
C GLU E 181 18.54 -75.11 3.04
N CYS E 182 17.21 -75.04 3.15
CA CYS E 182 16.34 -75.49 2.05
C CYS E 182 16.31 -74.52 0.89
N ASN E 183 16.28 -75.04 -0.34
CA ASN E 183 15.90 -74.23 -1.50
C ASN E 183 14.41 -73.94 -1.38
N LEU E 184 13.90 -73.13 -2.29
CA LEU E 184 12.54 -72.62 -2.14
C LEU E 184 11.48 -73.68 -2.27
N ASN E 185 11.66 -74.54 -3.26
CA ASN E 185 10.72 -75.58 -3.57
C ASN E 185 10.59 -76.52 -2.37
N GLU E 186 11.73 -76.91 -1.82
CA GLU E 186 11.80 -77.76 -0.61
C GLU E 186 11.10 -77.13 0.57
N LEU E 187 11.33 -75.85 0.74
CA LEU E 187 10.72 -75.14 1.84
C LEU E 187 9.20 -75.11 1.71
N VAL E 188 8.68 -74.91 0.52
CA VAL E 188 7.23 -74.79 0.32
C VAL E 188 6.58 -76.19 0.52
N LYS E 189 7.23 -77.22 -0.04
CA LYS E 189 6.90 -78.64 0.19
C LYS E 189 6.75 -78.92 1.69
N HIS E 190 7.74 -78.51 2.47
CA HIS E 190 7.68 -78.66 3.93
C HIS E 190 6.43 -77.97 4.51
N GLY E 191 6.15 -76.77 4.08
CA GLY E 191 4.97 -76.03 4.51
C GLY E 191 3.68 -76.75 4.20
N LEU E 192 3.64 -77.33 3.01
CA LEU E 192 2.47 -78.11 2.58
C LEU E 192 2.30 -79.43 3.38
N ARG E 193 3.39 -80.16 3.57
CA ARG E 193 3.36 -81.36 4.38
C ARG E 193 2.91 -81.07 5.79
N ALA E 194 3.41 -79.99 6.41
CA ALA E 194 2.91 -79.59 7.72
C ALA E 194 1.38 -79.34 7.69
N LEU E 195 0.95 -78.56 6.69
CA LEU E 195 -0.45 -78.22 6.57
C LEU E 195 -1.33 -79.48 6.36
N ARG E 196 -0.83 -80.41 5.56
CA ARG E 196 -1.57 -81.60 5.24
C ARG E 196 -1.82 -82.51 6.49
N GLU E 197 -0.92 -82.45 7.47
CA GLU E 197 -1.13 -83.11 8.73
C GLU E 197 -2.40 -82.63 9.41
N THR E 198 -2.84 -81.39 9.15
CA THR E 198 -4.03 -80.87 9.85
C THR E 198 -5.34 -81.43 9.29
N LEU E 199 -5.29 -82.11 8.14
CA LEU E 199 -6.48 -82.60 7.47
C LEU E 199 -7.01 -83.97 7.92
N PRO E 200 -8.35 -84.15 7.85
CA PRO E 200 -8.86 -85.52 8.01
C PRO E 200 -8.21 -86.46 6.98
N ALA E 201 -7.96 -87.72 7.40
CA ALA E 201 -7.19 -88.73 6.63
C ALA E 201 -7.67 -88.93 5.17
N GLU E 202 -8.98 -88.78 5.00
CA GLU E 202 -9.62 -88.92 3.71
C GLU E 202 -9.12 -87.85 2.75
N GLN E 203 -9.05 -86.62 3.26
CA GLN E 203 -9.04 -85.44 2.46
C GLN E 203 -7.61 -85.04 2.14
N ASP E 204 -7.47 -84.33 1.02
CA ASP E 204 -6.14 -83.99 0.45
C ASP E 204 -6.00 -82.50 0.13
N LEU E 205 -4.75 -82.07 -0.05
CA LEU E 205 -4.44 -80.74 -0.58
C LEU E 205 -4.82 -80.70 -2.03
N THR E 206 -5.56 -79.69 -2.43
CA THR E 206 -5.93 -79.55 -3.84
C THR E 206 -5.67 -78.11 -4.21
N THR E 207 -5.77 -77.85 -5.50
CA THR E 207 -5.65 -76.51 -6.02
C THR E 207 -6.79 -75.64 -5.55
N LYS E 208 -7.92 -76.23 -5.17
CA LYS E 208 -9.05 -75.44 -4.67
C LYS E 208 -8.88 -74.99 -3.21
N ASN E 209 -8.25 -75.81 -2.36
CA ASN E 209 -8.14 -75.46 -0.92
C ASN E 209 -6.80 -74.90 -0.38
N VAL E 210 -5.76 -74.82 -1.20
CA VAL E 210 -4.42 -74.39 -0.76
C VAL E 210 -4.12 -73.00 -1.35
N SER E 211 -3.59 -72.13 -0.50
CA SER E 211 -3.11 -70.86 -0.90
C SER E 211 -1.69 -70.75 -0.36
N ILE E 212 -0.83 -70.11 -1.14
CA ILE E 212 0.59 -69.99 -0.83
C ILE E 212 1.07 -68.51 -1.00
N GLY E 213 1.90 -68.08 -0.06
CA GLY E 213 2.53 -66.77 -0.06
C GLY E 213 4.04 -66.91 0.13
N ILE E 214 4.82 -66.21 -0.70
CA ILE E 214 6.27 -66.29 -0.65
C ILE E 214 6.91 -64.90 -0.75
N VAL E 215 7.93 -64.67 0.05
CA VAL E 215 8.76 -63.47 -0.07
C VAL E 215 10.18 -63.89 0.20
N GLY E 216 11.12 -63.29 -0.50
CA GLY E 216 12.52 -63.45 -0.14
C GLY E 216 13.42 -62.44 -0.77
N LYS E 217 14.72 -62.73 -0.71
CA LYS E 217 15.76 -61.78 -1.19
C LYS E 217 15.49 -61.21 -2.58
N ASP E 218 15.19 -62.09 -3.52
CA ASP E 218 14.96 -61.68 -4.91
C ASP E 218 13.48 -61.73 -5.32
N LEU E 219 12.57 -61.73 -4.34
CA LEU E 219 11.16 -61.98 -4.65
C LEU E 219 10.24 -61.17 -3.74
N GLU E 220 9.44 -60.30 -4.33
CA GLU E 220 8.46 -59.52 -3.60
C GLU E 220 7.35 -60.42 -3.13
N PHE E 221 6.66 -60.02 -2.06
CA PHE E 221 5.59 -60.85 -1.59
C PHE E 221 4.56 -61.17 -2.68
N THR E 222 4.37 -62.47 -2.95
CA THR E 222 3.54 -62.96 -4.04
C THR E 222 2.58 -64.09 -3.51
N ILE E 223 1.33 -64.02 -3.99
CA ILE E 223 0.32 -64.94 -3.66
C ILE E 223 0.05 -65.90 -4.83
N TYR E 224 -0.02 -67.19 -4.50
CA TYR E 224 -0.31 -68.26 -5.44
C TYR E 224 -1.62 -68.96 -5.03
N ASP E 225 -2.61 -68.89 -5.92
CA ASP E 225 -3.93 -69.51 -5.74
C ASP E 225 -4.29 -70.30 -6.99
N ASP E 226 -5.20 -71.26 -6.77
CA ASP E 226 -5.87 -72.01 -7.83
C ASP E 226 -4.88 -72.69 -8.75
N ASP E 227 -4.92 -72.46 -10.04
CA ASP E 227 -3.98 -73.14 -10.93
C ASP E 227 -2.51 -72.84 -10.61
N ASP E 228 -2.21 -71.66 -10.06
CA ASP E 228 -0.82 -71.31 -9.70
C ASP E 228 -0.18 -72.09 -8.54
N VAL E 229 -0.98 -72.83 -7.78
CA VAL E 229 -0.40 -73.69 -6.74
C VAL E 229 0.04 -75.05 -7.27
N SER E 230 -0.46 -75.47 -8.45
CA SER E 230 -0.17 -76.81 -9.04
C SER E 230 1.30 -77.19 -9.17
N PRO E 231 2.16 -76.30 -9.66
CA PRO E 231 3.60 -76.57 -9.59
C PRO E 231 4.11 -77.04 -8.22
N PHE E 232 3.63 -76.40 -7.16
CA PHE E 232 4.07 -76.71 -5.80
C PHE E 232 3.44 -78.03 -5.27
N LEU E 233 2.22 -78.35 -5.69
CA LEU E 233 1.58 -79.60 -5.28
C LEU E 233 2.07 -80.85 -6.01
N GLU E 234 2.49 -80.71 -7.27
CA GLU E 234 3.01 -81.83 -8.04
C GLU E 234 4.39 -82.03 -7.52
N GLY E 235 4.78 -83.27 -7.37
CA GLY E 235 6.01 -83.56 -6.63
C GLY E 235 5.90 -83.18 -5.17
N LEU E 236 4.80 -83.57 -4.53
CA LEU E 236 4.83 -84.08 -3.16
C LEU E 236 5.01 -85.58 -3.39
N GLU E 237 6.21 -85.92 -3.89
CA GLU E 237 6.61 -87.26 -4.37
C GLU E 237 7.92 -87.64 -3.70
N GLY F 7 -21.04 -58.55 44.23
CA GLY F 7 -19.61 -58.91 44.60
C GLY F 7 -18.64 -57.70 44.49
N TYR F 8 -17.63 -57.70 45.38
CA TYR F 8 -16.75 -56.54 45.60
C TYR F 8 -15.42 -56.49 44.81
N ASP F 9 -15.24 -57.32 43.80
CA ASP F 9 -13.97 -57.50 43.19
C ASP F 9 -14.00 -57.36 41.71
N LEU F 10 -14.98 -56.65 41.20
CA LEU F 10 -15.15 -56.53 39.75
C LEU F 10 -14.62 -55.21 39.14
N SER F 11 -14.38 -54.22 39.96
CA SER F 11 -13.91 -52.93 39.49
C SER F 11 -12.82 -52.39 40.39
N ALA F 12 -11.81 -51.75 39.77
CA ALA F 12 -10.82 -50.98 40.53
C ALA F 12 -11.37 -49.72 41.17
N SER F 13 -12.62 -49.32 40.87
CA SER F 13 -13.24 -48.21 41.54
C SER F 13 -14.13 -48.61 42.71
N THR F 14 -14.00 -49.89 43.17
CA THR F 14 -14.82 -50.33 44.29
C THR F 14 -13.90 -50.88 45.37
N PHE F 15 -13.96 -50.27 46.57
CA PHE F 15 -13.29 -50.84 47.70
C PHE F 15 -14.15 -52.04 48.23
N SER F 16 -13.50 -53.10 48.75
CA SER F 16 -14.19 -54.09 49.54
C SER F 16 -14.47 -53.51 50.91
N PRO F 17 -15.35 -54.15 51.71
CA PRO F 17 -15.60 -53.68 53.12
C PRO F 17 -14.41 -53.69 54.05
N ASP F 18 -13.35 -54.41 53.70
CA ASP F 18 -12.10 -54.39 54.48
C ASP F 18 -11.09 -53.38 53.94
N GLY F 19 -11.46 -52.63 52.88
CA GLY F 19 -10.60 -51.61 52.40
C GLY F 19 -9.56 -52.11 51.44
N ARG F 20 -9.89 -53.12 50.66
CA ARG F 20 -8.95 -53.64 49.65
C ARG F 20 -9.43 -53.29 48.28
N VAL F 21 -8.57 -53.34 47.27
CA VAL F 21 -8.96 -53.20 45.90
C VAL F 21 -8.63 -54.47 45.19
N PHE F 22 -9.57 -55.44 45.16
CA PHE F 22 -9.24 -56.73 44.69
C PHE F 22 -8.77 -56.74 43.26
N GLN F 23 -9.33 -55.90 42.39
CA GLN F 23 -8.82 -55.95 41.04
C GLN F 23 -7.32 -55.67 40.92
N VAL F 24 -6.75 -54.86 41.78
CA VAL F 24 -5.27 -54.68 41.81
C VAL F 24 -4.59 -55.96 42.30
N GLU F 25 -5.14 -56.55 43.33
CA GLU F 25 -4.63 -57.85 43.86
C GLU F 25 -4.69 -58.92 42.77
N TYR F 26 -5.72 -58.92 41.93
CA TYR F 26 -5.80 -59.95 40.94
C TYR F 26 -4.75 -59.78 39.91
N ALA F 27 -4.49 -58.51 39.53
CA ALA F 27 -3.45 -58.16 38.61
C ALA F 27 -2.12 -58.58 39.16
N MET F 28 -1.90 -58.38 40.44
CA MET F 28 -0.69 -58.90 41.11
C MET F 28 -0.53 -60.41 41.00
N LYS F 29 -1.65 -61.17 40.95
CA LYS F 29 -1.58 -62.57 40.82
C LYS F 29 -1.07 -62.94 39.45
N ALA F 30 -1.38 -62.17 38.40
CA ALA F 30 -0.78 -62.45 37.09
C ALA F 30 0.75 -62.33 37.04
N VAL F 31 1.28 -61.43 37.84
CA VAL F 31 2.74 -61.24 37.93
C VAL F 31 3.30 -62.42 38.71
N GLU F 32 2.62 -62.77 39.77
CA GLU F 32 3.09 -63.97 40.52
C GLU F 32 2.97 -65.34 39.85
N ASN F 33 2.21 -65.46 38.78
CA ASN F 33 2.22 -66.61 37.91
C ASN F 33 3.32 -66.68 36.90
N SER F 34 4.00 -65.57 36.72
CA SER F 34 4.99 -65.48 35.69
C SER F 34 6.30 -66.09 36.19
N SER F 35 7.17 -66.51 35.31
CA SER F 35 8.54 -66.93 35.68
C SER F 35 9.41 -65.75 36.21
N THR F 36 10.52 -66.05 36.81
CA THR F 36 11.15 -65.10 37.74
C THR F 36 12.16 -64.17 37.06
N ALA F 37 12.16 -62.90 37.47
CA ALA F 37 13.16 -61.94 37.00
C ALA F 37 13.80 -61.41 38.22
N ILE F 38 15.09 -61.10 38.14
CA ILE F 38 15.79 -60.54 39.29
C ILE F 38 16.70 -59.37 38.89
N GLY F 39 16.90 -58.47 39.82
CA GLY F 39 17.90 -57.42 39.62
C GLY F 39 18.76 -57.33 40.83
N ILE F 40 20.02 -56.98 40.61
CA ILE F 40 20.93 -56.77 41.70
C ILE F 40 21.74 -55.51 41.39
N ARG F 41 21.78 -54.65 42.37
CA ARG F 41 22.62 -53.49 42.35
C ARG F 41 23.91 -53.82 43.02
N CYS F 42 25.02 -53.35 42.44
CA CYS F 42 26.30 -53.63 43.06
C CYS F 42 27.18 -52.41 43.06
N LYS F 43 28.47 -52.61 43.23
CA LYS F 43 29.40 -51.51 43.48
C LYS F 43 29.39 -50.51 42.32
N ASP F 44 29.40 -51.02 41.09
CA ASP F 44 29.65 -50.26 39.89
C ASP F 44 28.52 -50.42 38.87
N GLY F 45 27.33 -50.81 39.30
CA GLY F 45 26.16 -50.99 38.34
C GLY F 45 25.03 -51.90 38.79
N VAL F 46 24.19 -52.26 37.84
CA VAL F 46 23.01 -53.05 38.04
C VAL F 46 22.95 -54.12 36.96
N VAL F 47 22.64 -55.36 37.40
CA VAL F 47 22.52 -56.49 36.50
C VAL F 47 21.10 -57.07 36.63
N PHE F 48 20.54 -57.46 35.49
CA PHE F 48 19.24 -58.10 35.39
C PHE F 48 19.40 -59.47 34.81
N GLY F 49 18.57 -60.40 35.31
CA GLY F 49 18.48 -61.77 34.75
C GLY F 49 17.04 -62.17 34.74
N VAL F 50 16.63 -62.85 33.69
CA VAL F 50 15.29 -63.38 33.60
C VAL F 50 15.30 -64.84 33.23
N GLU F 51 14.47 -65.60 33.93
CA GLU F 51 14.18 -66.99 33.59
C GLU F 51 13.15 -66.97 32.49
N LYS F 52 13.50 -67.24 31.29
CA LYS F 52 12.57 -66.96 30.22
C LYS F 52 12.07 -68.30 29.68
N LEU F 53 10.84 -68.66 30.05
CA LEU F 53 10.36 -70.00 29.75
C LEU F 53 10.15 -70.08 28.21
N VAL F 54 10.56 -71.16 27.59
CA VAL F 54 10.38 -71.31 26.18
C VAL F 54 9.18 -72.28 26.05
N LEU F 55 8.10 -71.78 25.50
CA LEU F 55 6.85 -72.48 25.46
C LEU F 55 6.74 -73.28 24.22
N SER F 56 7.60 -73.03 23.23
CA SER F 56 7.71 -73.92 22.03
C SER F 56 9.09 -73.88 21.45
N LYS F 57 9.59 -75.02 21.05
CA LYS F 57 10.85 -75.10 20.32
C LYS F 57 10.84 -74.38 18.94
N LEU F 58 9.65 -74.04 18.45
CA LEU F 58 9.48 -73.35 17.20
C LEU F 58 9.87 -71.87 17.28
N TYR F 59 9.89 -71.31 18.48
CA TYR F 59 10.26 -69.92 18.71
C TYR F 59 11.78 -69.70 18.53
N GLU F 60 12.16 -68.55 17.95
CA GLU F 60 13.59 -68.12 17.85
C GLU F 60 14.14 -67.81 19.20
N GLU F 61 15.41 -68.10 19.40
CA GLU F 61 16.20 -67.41 20.46
C GLU F 61 15.94 -65.92 20.51
N GLY F 62 15.70 -65.36 21.70
CA GLY F 62 15.39 -63.95 21.80
C GLY F 62 13.92 -63.59 21.63
N SER F 63 13.07 -64.49 21.16
CA SER F 63 11.64 -64.13 21.11
C SER F 63 11.08 -63.76 22.51
N ASN F 64 10.09 -62.91 22.53
CA ASN F 64 9.49 -62.46 23.78
C ASN F 64 10.51 -62.04 24.85
N LYS F 65 11.47 -61.17 24.46
CA LYS F 65 12.33 -60.51 25.45
C LYS F 65 11.57 -59.95 26.61
N ARG F 66 12.13 -60.05 27.78
CA ARG F 66 11.58 -59.44 28.97
C ARG F 66 12.54 -58.40 29.52
N LEU F 67 13.59 -58.08 28.77
CA LEU F 67 14.54 -57.06 29.17
C LEU F 67 14.49 -56.01 28.08
N PHE F 68 14.30 -54.76 28.47
CA PHE F 68 14.13 -53.63 27.44
C PHE F 68 15.09 -52.50 27.75
N ASN F 69 15.49 -51.75 26.73
CA ASN F 69 16.17 -50.38 26.93
C ASN F 69 15.06 -49.33 26.86
N VAL F 70 14.87 -48.60 27.94
CA VAL F 70 13.85 -47.59 27.95
C VAL F 70 14.50 -46.17 27.77
N ASP F 71 15.76 -46.04 28.09
CA ASP F 71 16.54 -44.91 27.64
C ASP F 71 17.95 -45.42 27.48
N ARG F 72 18.87 -44.58 27.00
CA ARG F 72 20.19 -45.15 26.73
C ARG F 72 20.88 -45.60 28.03
N HIS F 73 20.55 -44.94 29.13
CA HIS F 73 21.08 -45.23 30.42
C HIS F 73 20.15 -46.15 31.37
N VAL F 74 19.01 -46.61 30.88
CA VAL F 74 17.99 -47.20 31.73
C VAL F 74 17.48 -48.45 31.11
N GLY F 75 17.67 -49.56 31.87
CA GLY F 75 17.08 -50.81 31.46
C GLY F 75 15.84 -51.15 32.26
N MET F 76 14.99 -51.97 31.65
CA MET F 76 13.76 -52.40 32.28
C MET F 76 13.63 -53.91 32.19
N ALA F 77 13.33 -54.52 33.33
CA ALA F 77 13.04 -55.98 33.40
C ALA F 77 11.62 -56.26 33.93
N VAL F 78 10.87 -57.12 33.23
CA VAL F 78 9.46 -57.29 33.51
C VAL F 78 9.07 -58.73 33.90
N ALA F 79 7.92 -58.80 34.56
CA ALA F 79 7.21 -60.08 34.79
C ALA F 79 5.77 -59.78 34.74
N GLY F 80 4.97 -60.73 34.26
CA GLY F 80 3.52 -60.56 34.20
C GLY F 80 3.08 -60.68 32.79
N LEU F 81 1.97 -60.01 32.49
CA LEU F 81 1.39 -60.12 31.16
C LEU F 81 2.25 -59.32 30.18
N LEU F 82 2.75 -59.94 29.15
CA LEU F 82 3.85 -59.37 28.47
C LEU F 82 3.39 -58.10 27.57
N ALA F 83 2.20 -58.15 27.01
CA ALA F 83 1.62 -57.07 26.25
C ALA F 83 1.44 -55.84 27.16
N ASP F 84 1.01 -56.03 28.42
CA ASP F 84 0.97 -54.90 29.34
C ASP F 84 2.39 -54.40 29.62
N ALA F 85 3.38 -55.29 29.85
CA ALA F 85 4.70 -54.82 30.13
C ALA F 85 5.28 -53.95 28.97
N ARG F 86 5.08 -54.39 27.75
CA ARG F 86 5.57 -53.72 26.58
C ARG F 86 4.94 -52.33 26.43
N SER F 87 3.70 -52.20 26.79
CA SER F 87 3.04 -50.95 26.77
C SER F 87 3.63 -50.01 27.81
N LEU F 88 4.02 -50.57 28.93
CA LEU F 88 4.68 -49.84 29.96
C LEU F 88 6.14 -49.42 29.55
N ALA F 89 6.85 -50.25 28.84
CA ALA F 89 8.10 -49.94 28.32
C ALA F 89 7.97 -48.73 27.35
N ASP F 90 6.92 -48.70 26.53
CA ASP F 90 6.60 -47.53 25.72
C ASP F 90 6.29 -46.26 26.48
N ILE F 91 5.53 -46.36 27.56
CA ILE F 91 5.28 -45.26 28.43
C ILE F 91 6.58 -44.76 29.05
N ALA F 92 7.41 -45.65 29.55
CA ALA F 92 8.68 -45.24 30.11
C ALA F 92 9.54 -44.58 29.07
N ARG F 93 9.59 -45.14 27.87
CA ARG F 93 10.38 -44.52 26.80
C ARG F 93 9.94 -43.10 26.50
N GLU F 94 8.63 -42.94 26.36
CA GLU F 94 8.02 -41.67 26.04
C GLU F 94 8.33 -40.68 27.15
N GLU F 95 8.28 -41.12 28.39
CA GLU F 95 8.54 -40.22 29.49
C GLU F 95 10.03 -39.75 29.50
N ALA F 96 10.96 -40.64 29.18
CA ALA F 96 12.38 -40.30 29.16
C ALA F 96 12.69 -39.36 28.02
N SER F 97 12.09 -39.64 26.89
CA SER F 97 12.18 -38.79 25.70
C SER F 97 11.63 -37.36 25.94
N ASN F 98 10.45 -37.25 26.51
CA ASN F 98 9.83 -35.97 26.86
C ASN F 98 10.58 -35.18 27.89
N PHE F 99 11.15 -35.88 28.85
CA PHE F 99 11.97 -35.26 29.84
C PHE F 99 13.23 -34.61 29.18
N ARG F 100 13.91 -35.31 28.30
CA ARG F 100 15.05 -34.82 27.63
C ARG F 100 14.71 -33.56 26.75
N SER F 101 13.58 -33.60 26.04
CA SER F 101 13.11 -32.48 25.26
C SER F 101 12.81 -31.24 26.08
N ASN F 102 12.20 -31.42 27.25
CA ASN F 102 11.73 -30.29 28.08
C ASN F 102 12.80 -29.73 28.96
N PHE F 103 13.60 -30.60 29.58
CA PHE F 103 14.59 -30.19 30.56
C PHE F 103 15.99 -30.23 30.08
N GLY F 104 16.27 -30.91 28.96
CA GLY F 104 17.61 -30.85 28.34
C GLY F 104 18.68 -31.75 28.92
N TYR F 105 18.30 -32.78 29.68
CA TYR F 105 19.32 -33.75 30.14
C TYR F 105 18.65 -35.16 30.38
N ASN F 106 19.44 -36.18 30.59
CA ASN F 106 18.92 -37.54 30.80
C ASN F 106 18.07 -37.68 32.09
N ILE F 107 16.92 -38.28 31.99
CA ILE F 107 16.01 -38.35 33.12
C ILE F 107 16.69 -39.16 34.30
N PRO F 108 16.67 -38.65 35.53
CA PRO F 108 17.23 -39.36 36.70
C PRO F 108 16.32 -40.57 36.93
N LEU F 109 16.90 -41.64 37.37
CA LEU F 109 16.17 -42.93 37.45
C LEU F 109 14.99 -42.86 38.36
N LYS F 110 15.20 -42.33 39.52
CA LYS F 110 14.15 -42.19 40.45
C LYS F 110 12.97 -41.40 39.90
N HIS F 111 13.24 -40.29 39.16
CA HIS F 111 12.14 -39.52 38.63
C HIS F 111 11.40 -40.33 37.59
N LEU F 112 12.11 -41.10 36.77
CA LEU F 112 11.46 -41.87 35.78
C LEU F 112 10.59 -42.92 36.47
N ALA F 113 11.19 -43.59 37.43
CA ALA F 113 10.41 -44.62 38.19
C ALA F 113 9.15 -43.99 38.75
N ASP F 114 9.25 -42.85 39.46
CA ASP F 114 8.07 -42.23 40.04
C ASP F 114 7.03 -41.83 38.99
N ARG F 115 7.48 -41.39 37.82
CA ARG F 115 6.52 -40.96 36.81
C ARG F 115 5.79 -42.12 36.21
N VAL F 116 6.51 -43.18 35.84
CA VAL F 116 5.81 -44.30 35.26
C VAL F 116 4.92 -44.96 36.39
N ALA F 117 5.37 -44.96 37.66
CA ALA F 117 4.53 -45.48 38.76
C ALA F 117 3.22 -44.74 38.90
N MET F 118 3.23 -43.41 38.73
CA MET F 118 1.98 -42.65 38.75
C MET F 118 1.10 -43.00 37.60
N TYR F 119 1.69 -43.29 36.45
CA TYR F 119 0.87 -43.79 35.34
C TYR F 119 0.20 -45.16 35.64
N VAL F 120 0.99 -46.12 36.18
CA VAL F 120 0.44 -47.37 36.67
C VAL F 120 -0.65 -47.13 37.69
N HIS F 121 -0.42 -46.20 38.62
CA HIS F 121 -1.38 -45.89 39.64
C HIS F 121 -2.67 -45.41 39.09
N ALA F 122 -2.63 -44.63 38.02
CA ALA F 122 -3.85 -44.07 37.48
C ALA F 122 -4.75 -45.17 36.98
N TYR F 123 -4.24 -46.34 36.65
CA TYR F 123 -5.11 -47.46 36.21
C TYR F 123 -5.67 -48.33 37.35
N THR F 124 -5.64 -47.87 38.60
CA THR F 124 -6.14 -48.57 39.76
C THR F 124 -7.28 -47.87 40.49
N LEU F 125 -7.84 -46.84 39.85
CA LEU F 125 -8.88 -45.99 40.42
C LEU F 125 -10.31 -46.08 39.82
N TYR F 126 -10.44 -46.70 38.65
CA TYR F 126 -11.57 -46.49 37.76
C TYR F 126 -12.21 -47.76 37.25
N SER F 127 -13.53 -47.76 37.08
CA SER F 127 -14.18 -48.88 36.33
C SER F 127 -13.84 -48.82 34.86
N ALA F 128 -13.43 -47.60 34.34
CA ALA F 128 -13.18 -47.46 32.91
C ALA F 128 -11.98 -48.23 32.37
N VAL F 129 -11.02 -48.57 33.22
CA VAL F 129 -9.84 -49.22 32.76
C VAL F 129 -9.42 -50.26 33.84
N ARG F 130 -8.56 -51.20 33.44
CA ARG F 130 -8.03 -52.17 34.38
C ARG F 130 -6.59 -51.97 34.73
N PRO F 131 -6.19 -52.44 35.94
CA PRO F 131 -4.79 -52.36 36.32
C PRO F 131 -3.92 -53.17 35.38
N PHE F 132 -2.67 -52.71 35.23
CA PHE F 132 -1.64 -53.40 34.50
C PHE F 132 -1.26 -54.72 35.23
N GLY F 133 -1.13 -55.81 34.47
CA GLY F 133 -0.71 -57.13 35.02
C GLY F 133 0.76 -57.35 34.94
N CYS F 134 1.53 -56.40 35.45
CA CYS F 134 2.98 -56.50 35.39
CA CYS F 134 2.98 -56.40 35.34
C CYS F 134 3.64 -55.73 36.49
N SER F 135 4.79 -56.27 36.92
CA SER F 135 5.70 -55.60 37.78
C SER F 135 6.97 -55.42 36.94
N PHE F 136 7.74 -54.38 37.26
CA PHE F 136 8.97 -54.18 36.49
C PHE F 136 10.02 -53.49 37.33
N MET F 137 11.25 -53.76 36.97
CA MET F 137 12.39 -53.16 37.60
C MET F 137 12.99 -52.19 36.59
N LEU F 138 13.52 -51.08 37.12
CA LEU F 138 14.31 -50.10 36.27
C LEU F 138 15.72 -49.99 36.86
N GLY F 139 16.73 -50.08 36.01
CA GLY F 139 18.08 -50.02 36.50
C GLY F 139 18.89 -48.96 35.73
N SER F 140 19.74 -48.24 36.40
CA SER F 140 20.72 -47.39 35.72
CA SER F 140 20.69 -47.39 35.73
C SER F 140 21.97 -47.21 36.51
N TYR F 141 22.94 -46.57 35.85
CA TYR F 141 24.17 -46.18 36.50
C TYR F 141 24.70 -44.87 35.88
N SER F 142 25.25 -43.99 36.71
CA SER F 142 26.02 -42.82 36.23
C SER F 142 27.04 -42.53 37.28
N VAL F 143 28.09 -41.81 36.87
CA VAL F 143 29.12 -41.41 37.83
C VAL F 143 28.47 -40.57 38.89
N ASN F 144 27.61 -39.63 38.52
CA ASN F 144 26.97 -38.75 39.51
C ASN F 144 25.98 -39.39 40.47
N ASP F 145 25.10 -40.27 39.95
CA ASP F 145 24.07 -40.87 40.77
C ASP F 145 24.40 -42.27 41.28
N GLY F 146 25.52 -42.83 40.84
CA GLY F 146 25.84 -44.24 41.14
C GLY F 146 24.84 -45.25 40.51
N ALA F 147 24.79 -46.40 41.13
CA ALA F 147 23.93 -47.50 40.65
C ALA F 147 22.58 -47.32 41.28
N GLN F 148 21.52 -47.48 40.49
CA GLN F 148 20.16 -47.47 41.04
C GLN F 148 19.25 -48.49 40.45
N LEU F 149 18.43 -49.13 41.32
CA LEU F 149 17.50 -50.24 40.94
C LEU F 149 16.19 -49.96 41.62
N TYR F 150 15.15 -49.75 40.83
CA TYR F 150 13.80 -49.50 41.39
C TYR F 150 12.87 -50.58 40.92
N MET F 151 11.81 -50.80 41.67
CA MET F 151 10.81 -51.83 41.25
C MET F 151 9.47 -51.22 41.50
N ILE F 152 8.63 -51.37 40.50
CA ILE F 152 7.26 -50.88 40.50
C ILE F 152 6.30 -52.09 40.29
N ASP F 153 5.20 -52.07 41.02
CA ASP F 153 4.20 -53.11 40.96
C ASP F 153 2.88 -52.60 40.41
N PRO F 154 1.87 -53.50 40.26
CA PRO F 154 0.65 -53.05 39.66
C PRO F 154 -0.12 -52.03 40.44
N SER F 155 0.08 -51.85 41.72
CA SER F 155 -0.62 -50.79 42.43
C SER F 155 0.02 -49.41 42.15
N GLY F 156 1.23 -49.39 41.60
CA GLY F 156 1.94 -48.13 41.41
C GLY F 156 2.91 -47.82 42.49
N VAL F 157 3.18 -48.73 43.41
CA VAL F 157 4.21 -48.48 44.45
C VAL F 157 5.59 -48.63 43.77
N SER F 158 6.51 -47.79 44.20
CA SER F 158 7.84 -47.71 43.65
C SER F 158 8.84 -47.58 44.78
N TYR F 159 9.80 -48.47 44.85
CA TYR F 159 10.85 -48.32 45.85
C TYR F 159 12.17 -48.62 45.17
N GLY F 160 13.22 -48.20 45.83
CA GLY F 160 14.58 -48.59 45.50
C GLY F 160 15.12 -49.80 46.30
N TYR F 161 16.03 -50.55 45.66
CA TYR F 161 16.53 -51.83 46.17
C TYR F 161 18.02 -52.04 45.95
N TRP F 162 18.61 -52.83 46.82
CA TRP F 162 19.84 -53.52 46.57
C TRP F 162 19.69 -54.76 45.72
N GLY F 163 18.61 -55.49 45.96
CA GLY F 163 18.33 -56.67 45.18
C GLY F 163 16.82 -56.87 45.15
N CYS F 164 16.32 -57.49 44.10
CA CYS F 164 14.90 -57.56 43.87
C CYS F 164 14.57 -58.73 42.97
N ALA F 165 13.41 -59.29 43.18
CA ALA F 165 12.93 -60.38 42.38
C ALA F 165 11.43 -60.30 42.30
N ILE F 166 10.94 -60.65 41.15
CA ILE F 166 9.53 -60.62 40.86
C ILE F 166 9.20 -61.89 40.09
N GLY F 167 7.95 -62.29 40.19
CA GLY F 167 7.46 -63.50 39.56
C GLY F 167 7.36 -64.61 40.62
N LYS F 168 7.20 -65.82 40.14
CA LYS F 168 6.70 -66.91 40.96
C LYS F 168 7.68 -67.50 41.92
N ALA F 169 8.99 -67.37 41.70
CA ALA F 169 9.93 -67.85 42.72
C ALA F 169 10.63 -66.65 43.43
N ARG F 170 9.86 -65.62 43.59
CA ARG F 170 10.32 -64.37 44.16
CA ARG F 170 10.32 -64.37 44.16
C ARG F 170 11.04 -64.57 45.49
N GLN F 171 10.37 -65.27 46.40
CA GLN F 171 10.92 -65.49 47.72
C GLN F 171 12.17 -66.33 47.71
N ALA F 172 12.12 -67.48 47.04
CA ALA F 172 13.34 -68.31 46.91
C ALA F 172 14.50 -67.42 46.34
N ALA F 173 14.19 -66.56 45.35
CA ALA F 173 15.24 -65.77 44.73
C ALA F 173 15.84 -64.78 45.75
N LYS F 174 14.98 -64.09 46.50
CA LYS F 174 15.41 -63.14 47.51
C LYS F 174 16.31 -63.74 48.54
N THR F 175 15.93 -64.91 49.01
CA THR F 175 16.76 -65.60 49.99
C THR F 175 18.17 -65.89 49.42
N GLU F 176 18.30 -66.24 48.14
CA GLU F 176 19.63 -66.41 47.56
C GLU F 176 20.36 -65.05 47.41
N ILE F 177 19.62 -64.01 46.97
CA ILE F 177 20.21 -62.67 46.77
C ILE F 177 20.79 -62.13 48.11
N GLU F 178 20.07 -62.35 49.21
CA GLU F 178 20.53 -61.97 50.56
C GLU F 178 21.86 -62.54 51.00
N LYS F 179 22.27 -63.66 50.40
CA LYS F 179 23.58 -64.23 50.71
C LYS F 179 24.75 -63.46 50.14
N LEU F 180 24.50 -62.62 49.14
CA LEU F 180 25.54 -61.87 48.49
C LEU F 180 25.85 -60.59 49.22
N GLN F 181 27.13 -60.23 49.25
CA GLN F 181 27.54 -58.92 49.71
C GLN F 181 27.70 -58.06 48.45
N MET F 182 26.55 -57.68 47.88
CA MET F 182 26.53 -57.05 46.56
C MET F 182 27.14 -55.64 46.53
N LYS F 183 27.11 -54.91 47.65
CA LYS F 183 27.73 -53.56 47.79
C LYS F 183 29.21 -53.49 47.46
N GLU F 184 29.91 -54.59 47.63
CA GLU F 184 31.31 -54.71 47.38
C GLU F 184 31.64 -55.51 46.11
N MET F 185 30.66 -55.93 45.33
CA MET F 185 30.95 -56.74 44.13
C MET F 185 30.84 -55.90 42.86
N THR F 186 31.52 -56.31 41.82
CA THR F 186 31.39 -55.70 40.51
C THR F 186 30.33 -56.41 39.66
N CYS F 187 29.85 -55.72 38.62
CA CYS F 187 28.94 -56.31 37.67
C CYS F 187 29.45 -57.62 37.05
N ARG F 188 30.72 -57.68 36.71
CA ARG F 188 31.30 -58.89 36.11
C ARG F 188 31.15 -60.13 37.05
N ASP F 189 31.31 -59.94 38.36
CA ASP F 189 31.12 -60.96 39.38
C ASP F 189 29.64 -61.25 39.52
N ILE F 190 28.81 -60.19 39.49
CA ILE F 190 27.39 -60.35 39.81
C ILE F 190 26.63 -61.11 38.71
N VAL F 191 26.95 -60.93 37.41
CA VAL F 191 26.26 -61.70 36.37
C VAL F 191 26.28 -63.20 36.65
N LYS F 192 27.41 -63.71 37.10
CA LYS F 192 27.54 -65.15 37.42
C LYS F 192 26.56 -65.55 38.50
N GLU F 193 26.47 -64.73 39.53
CA GLU F 193 25.58 -64.94 40.64
C GLU F 193 24.10 -64.81 40.29
N VAL F 194 23.79 -63.92 39.35
CA VAL F 194 22.46 -63.80 38.82
C VAL F 194 22.12 -65.10 38.10
N ALA F 195 23.00 -65.57 37.23
CA ALA F 195 22.74 -66.83 36.49
C ALA F 195 22.58 -67.98 37.44
N LYS F 196 23.44 -68.03 38.42
CA LYS F 196 23.36 -69.04 39.51
C LYS F 196 21.99 -69.06 40.18
N ILE F 197 21.52 -67.88 40.62
CA ILE F 197 20.23 -67.75 41.29
C ILE F 197 19.03 -68.16 40.41
N ILE F 198 19.01 -67.77 39.14
CA ILE F 198 17.94 -68.19 38.25
C ILE F 198 17.95 -69.74 38.14
N TYR F 199 19.10 -70.35 37.99
CA TYR F 199 19.18 -71.83 37.97
C TYR F 199 18.73 -72.48 39.25
N ILE F 200 19.00 -71.83 40.38
CA ILE F 200 18.52 -72.39 41.69
C ILE F 200 16.98 -72.37 41.75
N VAL F 201 16.34 -71.25 41.41
CA VAL F 201 14.89 -71.15 41.58
C VAL F 201 14.04 -71.75 40.45
N HIS F 202 14.65 -72.03 39.31
CA HIS F 202 14.03 -72.72 38.24
C HIS F 202 13.65 -74.14 38.70
N ASP F 203 12.40 -74.43 38.51
CA ASP F 203 11.80 -75.72 38.80
C ASP F 203 11.90 -76.59 37.53
N GLU F 204 12.98 -77.34 37.40
CA GLU F 204 13.25 -78.09 36.14
C GLU F 204 12.25 -79.26 35.89
N VAL F 205 11.67 -79.82 36.97
CA VAL F 205 10.57 -80.79 36.79
C VAL F 205 9.37 -80.14 36.09
N LYS F 206 8.85 -79.04 36.65
CA LYS F 206 7.55 -78.49 36.21
C LYS F 206 7.57 -77.71 34.88
N ASP F 207 8.62 -76.92 34.60
CA ASP F 207 8.72 -76.23 33.29
C ASP F 207 10.08 -76.50 32.68
N LYS F 208 10.07 -77.10 31.51
CA LYS F 208 11.17 -77.98 31.06
C LYS F 208 12.37 -77.25 30.51
N ALA F 209 12.09 -76.17 29.79
CA ALA F 209 13.10 -75.45 29.01
C ALA F 209 12.99 -73.97 29.25
N PHE F 210 14.15 -73.33 29.41
CA PHE F 210 14.21 -71.89 29.53
C PHE F 210 15.50 -71.30 28.93
N GLU F 211 15.43 -70.04 28.53
CA GLU F 211 16.57 -69.26 28.13
C GLU F 211 16.91 -68.31 29.29
N LEU F 212 18.18 -68.17 29.59
CA LEU F 212 18.56 -67.12 30.48
C LEU F 212 18.74 -65.79 29.65
N GLU F 213 18.13 -64.75 30.14
CA GLU F 213 18.26 -63.46 29.50
C GLU F 213 19.02 -62.59 30.49
N LEU F 214 20.11 -61.95 30.06
CA LEU F 214 20.88 -61.08 30.93
C LEU F 214 21.16 -59.67 30.30
N SER F 215 21.10 -58.65 31.13
CA SER F 215 21.45 -57.30 30.75
C SER F 215 22.11 -56.59 31.95
N TRP F 216 22.85 -55.52 31.64
CA TRP F 216 23.51 -54.74 32.67
C TRP F 216 23.75 -53.29 32.24
N VAL F 217 23.95 -52.47 33.24
CA VAL F 217 24.28 -51.11 33.08
C VAL F 217 25.21 -50.74 34.20
N GLY F 218 26.41 -50.27 33.88
CA GLY F 218 27.35 -49.85 34.89
C GLY F 218 28.63 -49.15 34.38
N GLU F 219 29.62 -48.99 35.26
CA GLU F 219 30.89 -48.33 34.86
C GLU F 219 31.42 -49.05 33.61
N LEU F 220 31.31 -50.36 33.57
CA LEU F 220 31.88 -51.13 32.48
C LEU F 220 31.15 -50.96 31.16
N THR F 221 29.92 -50.46 31.14
CA THR F 221 29.28 -50.15 29.88
C THR F 221 29.19 -48.62 29.63
N ASN F 222 29.90 -47.85 30.45
CA ASN F 222 29.86 -46.40 30.46
C ASN F 222 28.48 -45.82 30.65
N GLY F 223 27.72 -46.39 31.56
CA GLY F 223 26.39 -45.94 31.84
C GLY F 223 25.36 -46.22 30.75
N ARG F 224 25.64 -47.05 29.77
CA ARG F 224 24.67 -47.49 28.82
C ARG F 224 24.06 -48.89 29.26
N HIS F 225 22.74 -49.06 29.11
CA HIS F 225 22.09 -50.35 29.39
C HIS F 225 22.21 -51.15 28.16
N GLU F 226 22.78 -52.34 28.29
CA GLU F 226 23.21 -53.20 27.17
C GLU F 226 22.91 -54.69 27.60
N ILE F 227 22.66 -55.51 26.60
CA ILE F 227 22.62 -56.93 26.74
C ILE F 227 23.97 -57.40 27.22
N VAL F 228 24.04 -58.38 28.12
CA VAL F 228 25.33 -58.96 28.49
C VAL F 228 25.84 -59.66 27.24
N PRO F 229 27.11 -59.45 26.89
CA PRO F 229 27.63 -60.15 25.69
C PRO F 229 27.50 -61.68 25.75
N LYS F 230 27.33 -62.29 24.58
CA LYS F 230 27.07 -63.73 24.47
C LYS F 230 28.11 -64.58 25.19
N ASP F 231 29.39 -64.29 24.99
CA ASP F 231 30.43 -65.10 25.64
C ASP F 231 30.36 -65.06 27.19
N ILE F 232 30.18 -63.87 27.74
CA ILE F 232 30.00 -63.73 29.16
C ILE F 232 28.72 -64.46 29.65
N ARG F 233 27.61 -64.38 28.92
CA ARG F 233 26.39 -65.10 29.35
CA ARG F 233 26.38 -65.08 29.32
C ARG F 233 26.64 -66.60 29.40
N GLU F 234 27.35 -67.13 28.40
CA GLU F 234 27.56 -68.57 28.32
C GLU F 234 28.41 -69.09 29.43
N GLU F 235 29.42 -68.32 29.76
CA GLU F 235 30.21 -68.61 30.93
C GLU F 235 29.41 -68.55 32.23
N ALA F 236 28.57 -67.53 32.36
CA ALA F 236 27.76 -67.44 33.57
C ALA F 236 26.80 -68.64 33.67
N GLU F 237 26.24 -69.07 32.54
CA GLU F 237 25.35 -70.24 32.52
C GLU F 237 26.12 -71.48 32.97
N LYS F 238 27.30 -71.66 32.39
CA LYS F 238 28.12 -72.80 32.67
C LYS F 238 28.48 -72.82 34.17
N TYR F 239 28.89 -71.68 34.73
CA TYR F 239 29.09 -71.54 36.16
C TYR F 239 27.85 -71.89 37.01
N ALA F 240 26.69 -71.39 36.59
CA ALA F 240 25.43 -71.65 37.30
C ALA F 240 25.05 -73.16 37.30
N LYS F 241 25.24 -73.79 36.16
CA LYS F 241 24.88 -75.18 35.92
C LYS F 241 25.79 -76.08 36.76
N GLU F 242 27.08 -75.85 36.68
CA GLU F 242 28.03 -76.65 37.46
C GLU F 242 27.90 -76.42 38.94
N SER F 243 27.52 -75.22 39.32
CA SER F 243 27.27 -74.92 40.73
C SER F 243 26.05 -75.64 41.28
N LEU F 244 25.09 -75.92 40.41
CA LEU F 244 23.93 -76.76 40.73
C LEU F 244 24.27 -78.26 41.01
N LYS F 245 25.10 -78.91 40.20
CA LYS F 245 25.77 -80.19 40.58
C LYS F 245 24.92 -81.04 41.53
N SER G 2 -32.73 -49.23 58.56
CA SER G 2 -31.61 -48.54 59.26
C SER G 2 -30.89 -49.43 60.28
N ARG G 3 -29.73 -48.95 60.74
CA ARG G 3 -28.67 -49.67 61.45
C ARG G 3 -28.08 -50.76 60.54
N GLY G 4 -27.12 -50.35 59.74
CA GLY G 4 -26.50 -51.23 58.79
C GLY G 4 -27.37 -51.68 57.64
N SER G 5 -28.44 -50.96 57.30
CA SER G 5 -29.22 -51.31 56.07
C SER G 5 -28.51 -50.93 54.75
N SER G 6 -28.93 -51.60 53.67
CA SER G 6 -28.35 -51.49 52.35
C SER G 6 -29.42 -51.75 51.29
N ALA G 7 -29.43 -50.90 50.26
CA ALA G 7 -30.24 -51.05 49.08
C ALA G 7 -29.34 -50.86 47.83
N GLY G 8 -29.63 -51.68 46.81
CA GLY G 8 -29.10 -51.43 45.49
C GLY G 8 -27.60 -51.47 45.53
N PHE G 9 -26.96 -50.47 44.91
CA PHE G 9 -25.55 -50.48 44.74
C PHE G 9 -24.78 -49.66 45.79
N ASP G 10 -25.42 -49.36 46.91
CA ASP G 10 -24.83 -48.53 47.94
C ASP G 10 -23.60 -49.03 48.69
N ARG G 11 -23.18 -50.26 48.47
CA ARG G 11 -21.89 -50.72 48.95
C ARG G 11 -20.82 -50.80 47.90
N HIS G 12 -21.21 -50.64 46.65
CA HIS G 12 -20.27 -50.70 45.52
C HIS G 12 -19.80 -49.32 45.00
N ILE G 13 -20.69 -48.34 45.01
CA ILE G 13 -20.38 -46.91 44.56
C ILE G 13 -20.86 -45.94 45.59
N THR G 14 -20.45 -44.70 45.48
CA THR G 14 -20.74 -43.65 46.44
C THR G 14 -22.14 -43.09 46.21
N ILE G 15 -23.18 -43.90 46.46
CA ILE G 15 -24.54 -43.39 46.56
C ILE G 15 -24.92 -43.60 48.05
N PHE G 16 -25.97 -42.91 48.49
CA PHE G 16 -26.37 -42.93 49.87
C PHE G 16 -27.04 -44.30 50.19
N SER G 17 -26.69 -44.83 51.33
CA SER G 17 -27.45 -46.00 51.95
C SER G 17 -28.71 -45.48 52.67
N PRO G 18 -29.62 -46.37 53.12
CA PRO G 18 -30.89 -45.87 53.72
C PRO G 18 -30.77 -45.07 55.05
N GLU G 19 -29.66 -45.27 55.74
CA GLU G 19 -29.35 -44.34 56.87
C GLU G 19 -28.65 -43.04 56.40
N GLY G 20 -28.33 -42.91 55.13
CA GLY G 20 -27.56 -41.70 54.65
C GLY G 20 -26.06 -41.81 54.74
N ARG G 21 -25.52 -43.01 54.81
CA ARG G 21 -24.13 -43.24 54.86
C ARG G 21 -23.57 -43.46 53.44
N LEU G 22 -22.26 -43.32 53.34
CA LEU G 22 -21.50 -43.61 52.13
C LEU G 22 -20.53 -44.77 52.43
N TYR G 23 -20.99 -46.02 52.26
CA TYR G 23 -20.16 -47.15 52.59
C TYR G 23 -18.77 -47.15 51.92
N GLN G 24 -18.68 -46.74 50.65
CA GLN G 24 -17.43 -46.75 49.94
C GLN G 24 -16.41 -45.80 50.58
N VAL G 25 -16.91 -44.69 51.11
CA VAL G 25 -16.08 -43.75 51.87
C VAL G 25 -15.60 -44.39 53.23
N GLU G 26 -16.51 -45.04 53.89
CA GLU G 26 -16.18 -45.78 55.10
C GLU G 26 -15.13 -46.84 54.81
N TYR G 27 -15.26 -47.54 53.69
CA TYR G 27 -14.27 -48.55 53.32
C TYR G 27 -12.90 -47.98 52.96
N ALA G 28 -12.88 -46.73 52.51
CA ALA G 28 -11.62 -46.07 52.21
C ALA G 28 -10.87 -45.78 53.50
N PHE G 29 -11.58 -45.51 54.59
CA PHE G 29 -10.90 -45.36 55.91
C PHE G 29 -10.24 -46.65 56.37
N LYS G 30 -10.92 -47.76 56.14
CA LYS G 30 -10.30 -49.09 56.38
C LYS G 30 -9.05 -49.33 55.54
N ALA G 31 -9.05 -48.85 54.29
CA ALA G 31 -7.86 -49.02 53.43
C ALA G 31 -6.66 -48.32 54.04
N ILE G 32 -6.89 -47.27 54.81
CA ILE G 32 -5.78 -46.49 55.47
C ILE G 32 -4.96 -47.43 56.37
N ASN G 33 -5.66 -48.32 57.03
CA ASN G 33 -5.04 -49.26 58.00
C ASN G 33 -4.40 -50.50 57.36
N GLN G 34 -4.65 -50.74 56.07
CA GLN G 34 -4.03 -51.88 55.38
C GLN G 34 -2.53 -51.88 55.51
N GLY G 35 -1.93 -50.73 55.36
CA GLY G 35 -0.47 -50.49 55.56
C GLY G 35 0.13 -50.87 56.92
N GLY G 36 -0.70 -50.90 57.96
CA GLY G 36 -0.21 -51.32 59.27
C GLY G 36 0.59 -50.26 59.97
N LEU G 37 0.54 -49.00 59.51
CA LEU G 37 1.40 -47.96 60.11
C LEU G 37 0.56 -46.95 60.88
N THR G 38 1.21 -46.23 61.78
CA THR G 38 0.64 -45.12 62.52
C THR G 38 1.58 -43.85 62.46
N SER G 39 0.95 -42.68 62.31
CA SER G 39 1.64 -41.38 62.31
C SER G 39 1.08 -40.46 63.40
N VAL G 40 1.97 -39.61 63.94
CA VAL G 40 1.59 -38.60 64.94
C VAL G 40 2.11 -37.21 64.55
N ALA G 41 1.36 -36.15 64.89
CA ALA G 41 1.81 -34.78 64.65
C ALA G 41 1.43 -33.87 65.77
N VAL G 42 2.37 -33.04 66.22
CA VAL G 42 2.09 -32.12 67.33
C VAL G 42 2.67 -30.73 67.08
N ARG G 43 1.96 -29.73 67.57
CA ARG G 43 2.33 -28.33 67.37
C ARG G 43 2.50 -27.69 68.75
N GLY G 44 3.53 -26.86 68.90
CA GLY G 44 3.67 -25.96 70.01
C GLY G 44 3.69 -24.53 69.54
N LYS G 45 4.05 -23.63 70.47
CA LYS G 45 4.24 -22.21 70.13
C LYS G 45 5.43 -22.06 69.18
N ASP G 46 6.45 -22.89 69.27
CA ASP G 46 7.67 -22.73 68.46
C ASP G 46 7.83 -23.61 67.26
N 6V1 G 47 7.24 -24.80 67.28
CA 6V1 G 47 7.41 -25.74 66.20
C 6V1 G 47 6.23 -26.66 66.00
O 6V1 G 47 5.32 -26.69 66.76
CB 6V1 G 47 8.71 -26.51 66.38
SG 6V1 G 47 8.84 -27.33 67.94
C1 6V1 G 47 10.52 -28.07 68.13
C2 6V1 G 47 11.27 -28.49 66.89
N3 6V1 G 47 12.57 -28.22 66.92
C4 6V1 G 47 12.90 -27.56 68.02
C5 6V1 G 47 11.62 -27.21 68.78
C6 6V1 G 47 13.51 -28.49 65.83
O7 6V1 G 47 10.70 -28.97 65.92
O8 6V1 G 47 14.06 -27.24 68.33
C3 6V1 G 47 14.41 -29.66 66.16
N ALA G 48 6.29 -27.38 64.89
CA ALA G 48 5.39 -28.44 64.55
C ALA G 48 6.24 -29.57 64.08
N VAL G 49 5.79 -30.78 64.42
CA VAL G 49 6.57 -32.02 64.24
CA VAL G 49 6.55 -32.02 64.25
C VAL G 49 5.66 -33.11 63.67
N ILE G 50 6.21 -33.90 62.77
CA ILE G 50 5.52 -35.07 62.26
C ILE G 50 6.45 -36.23 62.56
N VAL G 51 5.89 -37.30 63.14
CA VAL G 51 6.64 -38.58 63.45
C VAL G 51 5.88 -39.72 62.84
N THR G 52 6.57 -40.65 62.21
CA THR G 52 5.87 -41.82 61.70
C THR G 52 6.78 -43.03 61.84
N GLN G 53 6.17 -44.20 61.76
CA GLN G 53 6.92 -45.46 61.83
C GLN G 53 7.63 -45.66 60.55
N LYS G 54 8.82 -46.20 60.60
CA LYS G 54 9.50 -46.57 59.40
C LYS G 54 9.75 -48.10 59.54
N LYS G 55 9.10 -48.91 58.71
CA LYS G 55 9.20 -50.34 58.69
C LYS G 55 9.87 -50.78 57.43
N VAL G 56 11.06 -51.32 57.58
CA VAL G 56 11.89 -51.87 56.50
C VAL G 56 12.14 -53.37 56.83
N PRO G 57 11.11 -54.24 56.62
CA PRO G 57 11.25 -55.70 56.93
C PRO G 57 12.27 -56.38 56.05
N ASP G 58 12.23 -56.05 54.75
CA ASP G 58 13.11 -56.61 53.74
C ASP G 58 14.50 -55.93 53.78
N LYS G 59 15.52 -56.66 54.13
CA LYS G 59 16.94 -56.22 54.03
C LYS G 59 17.43 -55.72 52.62
N LEU G 60 16.78 -56.18 51.57
CA LEU G 60 17.18 -55.88 50.21
C LEU G 60 16.64 -54.53 49.69
N LEU G 61 15.75 -53.90 50.44
CA LEU G 61 15.29 -52.56 50.20
C LEU G 61 16.44 -51.59 50.44
N ASP G 62 16.48 -50.57 49.59
CA ASP G 62 17.30 -49.38 49.86
C ASP G 62 16.47 -48.54 50.77
N SER G 63 16.83 -48.56 52.04
CA SER G 63 15.98 -47.96 53.06
C SER G 63 15.89 -46.44 52.99
N SER G 64 16.85 -45.80 52.35
CA SER G 64 16.76 -44.38 52.05
C SER G 64 15.59 -44.03 51.12
N THR G 65 15.05 -44.98 50.36
CA THR G 65 13.88 -44.72 49.52
C THR G 65 12.55 -45.05 50.22
N VAL G 66 12.59 -45.54 51.45
CA VAL G 66 11.39 -45.86 52.19
C VAL G 66 11.10 -44.70 53.10
N THR G 67 10.13 -43.91 52.72
CA THR G 67 9.72 -42.81 53.55
C THR G 67 8.23 -42.52 53.39
N HIS G 68 7.63 -41.99 54.45
CA HIS G 68 6.30 -41.39 54.32
C HIS G 68 6.27 -39.89 54.55
N LEU G 69 7.47 -39.27 54.60
CA LEU G 69 7.61 -37.83 54.84
C LEU G 69 7.88 -37.20 53.50
N PHE G 70 7.16 -36.13 53.20
CA PHE G 70 7.34 -35.51 51.88
C PHE G 70 7.37 -33.97 51.98
N LYS G 71 8.32 -33.39 51.27
CA LYS G 71 8.33 -31.91 51.12
C LYS G 71 7.29 -31.50 50.06
N ILE G 72 6.36 -30.64 50.43
CA ILE G 72 5.38 -30.15 49.50
C ILE G 72 5.87 -28.81 48.85
N THR G 73 6.33 -27.89 49.67
CA THR G 73 7.06 -26.68 49.22
C THR G 73 8.24 -26.64 50.17
N GLU G 74 9.09 -25.63 50.06
CA GLU G 74 10.19 -25.52 51.01
C GLU G 74 9.72 -25.33 52.45
N ASN G 75 8.58 -24.68 52.64
CA ASN G 75 8.03 -24.44 53.96
C ASN G 75 6.88 -25.36 54.48
N ILE G 76 6.49 -26.34 53.67
CA ILE G 76 5.33 -27.21 54.05
C ILE G 76 5.78 -28.63 53.89
N GLY G 77 5.70 -29.35 55.02
CA GLY G 77 6.04 -30.74 55.02
C GLY G 77 4.76 -31.60 55.21
N CYS G 78 4.90 -32.88 54.95
CA CYS G 78 3.73 -33.75 55.06
C CYS G 78 4.10 -35.13 55.47
N VAL G 79 3.22 -35.75 56.25
CA VAL G 79 3.29 -37.24 56.44
C VAL G 79 2.03 -37.86 55.89
N MET G 80 2.21 -38.93 55.15
CA MET G 80 1.14 -39.67 54.49
C MET G 80 0.97 -41.01 55.22
N THR G 81 -0.31 -41.40 55.41
CA THR G 81 -0.62 -42.66 56.06
C THR G 81 -1.65 -43.34 55.16
N GLY G 82 -1.41 -44.63 54.82
CA GLY G 82 -2.39 -45.42 54.11
C GLY G 82 -1.80 -45.98 52.85
N MET G 83 -2.62 -46.17 51.81
CA MET G 83 -2.13 -46.86 50.62
C MET G 83 -1.05 -46.02 49.97
N THR G 84 0.07 -46.63 49.66
CA THR G 84 1.32 -45.89 49.27
C THR G 84 1.16 -45.16 47.91
N ALA G 85 0.74 -45.86 46.87
CA ALA G 85 0.61 -45.26 45.57
C ALA G 85 -0.45 -44.12 45.53
N ASP G 86 -1.60 -44.31 46.19
CA ASP G 86 -2.57 -43.32 46.39
C ASP G 86 -1.90 -42.10 47.10
N SER G 87 -1.15 -42.36 48.13
CA SER G 87 -0.50 -41.29 48.88
C SER G 87 0.47 -40.41 47.99
N ARG G 88 1.26 -41.09 47.19
CA ARG G 88 2.16 -40.47 46.33
C ARG G 88 1.45 -39.55 45.33
N SER G 89 0.32 -40.05 44.85
CA SER G 89 -0.45 -39.30 43.92
CA SER G 89 -0.47 -39.30 43.91
C SER G 89 -0.98 -38.06 44.63
N GLN G 90 -1.41 -38.21 45.88
CA GLN G 90 -1.94 -37.09 46.58
C GLN G 90 -0.81 -36.05 46.86
N VAL G 91 0.40 -36.53 47.22
CA VAL G 91 1.51 -35.66 47.41
C VAL G 91 1.83 -34.83 46.12
N GLN G 92 1.84 -35.48 44.96
CA GLN G 92 2.02 -34.81 43.69
C GLN G 92 1.01 -33.73 43.43
N ARG G 93 -0.25 -33.99 43.72
CA ARG G 93 -1.29 -33.05 43.57
C ARG G 93 -1.11 -31.90 44.50
N ALA G 94 -0.73 -32.15 45.75
CA ALA G 94 -0.48 -31.06 46.67
C ALA G 94 0.66 -30.16 46.18
N ARG G 95 1.74 -30.74 45.67
CA ARG G 95 2.91 -29.99 45.14
C ARG G 95 2.48 -29.07 43.98
N TYR G 96 1.61 -29.59 43.11
CA TYR G 96 1.05 -28.89 41.98
C TYR G 96 0.16 -27.74 42.48
N GLU G 97 -0.74 -27.98 43.43
CA GLU G 97 -1.60 -26.97 43.95
C GLU G 97 -0.80 -25.83 44.56
N ALA G 98 0.22 -26.17 45.35
CA ALA G 98 1.01 -25.15 45.95
C ALA G 98 1.75 -24.30 44.94
N ALA G 99 2.39 -24.94 44.00
CA ALA G 99 3.22 -24.24 43.04
C ALA G 99 2.31 -23.35 42.17
N ASN G 100 1.12 -23.84 41.88
CA ASN G 100 0.15 -23.11 41.11
C ASN G 100 -0.32 -21.85 41.90
N TRP G 101 -0.63 -22.00 43.18
CA TRP G 101 -1.04 -20.94 43.97
C TRP G 101 0.05 -19.82 43.97
N LYS G 102 1.30 -20.19 44.16
CA LYS G 102 2.36 -19.21 44.20
C LYS G 102 2.52 -18.42 42.87
N TYR G 103 2.43 -19.16 41.76
CA TYR G 103 2.49 -18.55 40.44
C TYR G 103 1.34 -17.53 40.19
N LYS G 104 0.13 -17.88 40.59
CA LYS G 104 -1.07 -17.03 40.38
C LYS G 104 -1.16 -15.93 41.38
N TYR G 105 -0.70 -16.13 42.62
CA TYR G 105 -1.04 -15.16 43.68
C TYR G 105 0.10 -14.49 44.29
N GLY G 106 1.33 -14.93 43.99
CA GLY G 106 2.55 -14.21 44.43
C GLY G 106 2.98 -14.41 45.86
N TYR G 107 2.37 -15.37 46.58
CA TYR G 107 2.83 -15.66 47.93
C TYR G 107 2.55 -17.13 48.19
N GLU G 108 3.20 -17.68 49.16
CA GLU G 108 3.10 -19.13 49.42
C GLU G 108 1.70 -19.52 49.87
N ILE G 109 1.25 -20.67 49.44
CA ILE G 109 -0.07 -21.16 49.92
C ILE G 109 -0.03 -21.37 51.45
N PRO G 110 -1.01 -20.83 52.18
CA PRO G 110 -1.13 -21.14 53.62
C PRO G 110 -1.42 -22.65 53.78
N VAL G 111 -0.95 -23.21 54.86
CA VAL G 111 -1.15 -24.65 55.08
C VAL G 111 -2.65 -25.01 55.13
N ASP G 112 -3.46 -24.24 55.80
CA ASP G 112 -4.90 -24.45 55.83
C ASP G 112 -5.53 -24.50 54.44
N MET G 113 -5.09 -23.60 53.55
CA MET G 113 -5.63 -23.57 52.21
C MET G 113 -5.17 -24.72 51.41
N LEU G 114 -3.94 -25.15 51.58
CA LEU G 114 -3.49 -26.33 50.83
C LEU G 114 -4.33 -27.57 51.32
N CYS G 115 -4.54 -27.63 52.61
CA CYS G 115 -5.27 -28.82 53.18
C CYS G 115 -6.70 -28.78 52.73
N LYS G 116 -7.32 -27.62 52.77
CA LYS G 116 -8.62 -27.44 52.21
C LYS G 116 -8.70 -27.82 50.75
N ARG G 117 -7.78 -27.37 49.92
CA ARG G 117 -7.88 -27.72 48.55
C ARG G 117 -7.82 -29.27 48.33
N ILE G 118 -6.92 -29.96 49.00
CA ILE G 118 -6.76 -31.40 48.82
C ILE G 118 -8.08 -32.06 49.33
N ALA G 119 -8.62 -31.56 50.42
CA ALA G 119 -9.83 -32.08 50.92
C ALA G 119 -10.97 -31.85 49.96
N ASP G 120 -11.04 -30.68 49.34
CA ASP G 120 -12.10 -30.43 48.31
C ASP G 120 -11.98 -31.31 47.08
N ILE G 121 -10.79 -31.66 46.70
CA ILE G 121 -10.55 -32.56 45.58
C ILE G 121 -11.01 -34.00 46.00
N SER G 122 -10.73 -34.39 47.23
CA SER G 122 -11.17 -35.71 47.71
C SER G 122 -12.70 -35.80 47.80
N GLN G 123 -13.30 -34.68 48.18
CA GLN G 123 -14.74 -34.61 48.16
C GLN G 123 -15.34 -35.07 46.84
N VAL G 124 -14.71 -34.72 45.74
CA VAL G 124 -15.33 -35.02 44.42
C VAL G 124 -15.46 -36.57 44.27
N TYR G 125 -14.45 -37.29 44.78
CA TYR G 125 -14.48 -38.76 44.74
C TYR G 125 -15.56 -39.39 45.61
N THR G 126 -16.09 -38.65 46.59
CA THR G 126 -17.20 -39.12 47.35
C THR G 126 -18.58 -38.88 46.72
N GLN G 127 -18.66 -38.07 45.67
CA GLN G 127 -19.96 -37.67 45.03
C GLN G 127 -20.10 -38.14 43.59
N ASN G 128 -19.00 -38.45 42.95
CA ASN G 128 -19.02 -38.99 41.62
C ASN G 128 -18.73 -40.50 41.61
N ALA G 129 -19.46 -41.23 40.82
CA ALA G 129 -19.52 -42.70 41.01
C ALA G 129 -18.41 -43.44 40.37
N GLU G 130 -17.73 -42.82 39.39
CA GLU G 130 -16.86 -43.62 38.53
C GLU G 130 -15.44 -43.94 39.03
N MET G 131 -15.02 -43.30 40.08
CA MET G 131 -13.73 -43.53 40.65
C MET G 131 -13.88 -43.81 42.16
N ARG G 132 -12.88 -44.44 42.78
CA ARG G 132 -12.89 -44.62 44.22
C ARG G 132 -12.20 -43.48 44.94
N PRO G 133 -12.54 -43.23 46.19
CA PRO G 133 -11.65 -42.45 47.00
C PRO G 133 -10.25 -43.01 47.10
N LEU G 134 -9.31 -42.16 47.45
CA LEU G 134 -7.92 -42.52 47.73
C LEU G 134 -7.91 -43.00 49.17
N GLY G 135 -7.22 -44.10 49.42
CA GLY G 135 -7.24 -44.73 50.73
C GLY G 135 -6.04 -44.25 51.51
N CYS G 136 -5.97 -42.93 51.67
CA CYS G 136 -4.84 -42.33 52.39
C CYS G 136 -5.27 -41.11 53.10
N YCM G 137 -4.46 -40.70 54.04
CA YCM G 137 -4.73 -39.55 54.90
CB YCM G 137 -4.75 -40.24 56.25
SG YCM G 137 -5.17 -39.01 57.38
CD YCM G 137 -6.82 -39.89 57.68
CE YCM G 137 -7.29 -40.52 59.03
OZ1 YCM G 137 -8.00 -39.79 59.77
NZ2 YCM G 137 -6.92 -41.82 59.45
C YCM G 137 -3.45 -38.69 54.88
O YCM G 137 -2.36 -39.23 54.92
N MET G 138 -3.62 -37.37 54.81
CA MET G 138 -2.48 -36.41 54.68
C MET G 138 -2.47 -35.53 55.91
N ILE G 139 -1.32 -35.47 56.56
CA ILE G 139 -1.12 -34.51 57.59
C ILE G 139 -0.01 -33.47 57.15
N LEU G 140 -0.33 -32.19 57.24
CA LEU G 140 0.52 -31.12 56.74
C LEU G 140 0.98 -30.30 57.88
N ILE G 141 2.26 -29.90 57.86
CA ILE G 141 2.79 -28.95 58.87
C ILE G 141 3.42 -27.72 58.14
N GLY G 142 3.27 -26.54 58.75
CA GLY G 142 3.96 -25.35 58.26
C GLY G 142 3.79 -24.25 59.24
N ILE G 143 4.57 -23.16 59.04
CA ILE G 143 4.48 -22.00 59.94
C ILE G 143 3.62 -20.93 59.24
N ASP G 144 2.60 -20.45 59.93
CA ASP G 144 1.80 -19.36 59.47
C ASP G 144 2.31 -18.15 60.18
N GLU G 145 2.48 -17.10 59.40
CA GLU G 145 3.10 -15.85 59.90
C GLU G 145 2.33 -15.24 61.06
N GLU G 146 1.01 -15.36 61.06
CA GLU G 146 0.18 -14.84 62.17
C GLU G 146 -0.13 -15.89 63.24
N GLN G 147 -0.53 -17.09 62.80
CA GLN G 147 -1.01 -18.13 63.71
C GLN G 147 0.07 -19.06 64.32
N GLY G 148 1.29 -18.97 63.84
CA GLY G 148 2.35 -19.80 64.34
C GLY G 148 2.36 -21.17 63.65
N PRO G 149 3.01 -22.16 64.31
CA PRO G 149 3.06 -23.50 63.74
C PRO G 149 1.64 -24.06 63.54
N GLN G 150 1.46 -24.77 62.45
CA GLN G 150 0.16 -25.33 62.13
C GLN G 150 0.30 -26.83 61.88
N VAL G 151 -0.73 -27.56 62.29
CA VAL G 151 -0.89 -29.01 61.88
C VAL G 151 -2.26 -29.17 61.32
N TYR G 152 -2.37 -29.67 60.11
CA TYR G 152 -3.66 -29.83 59.44
C TYR G 152 -3.73 -31.28 58.94
N LYS G 153 -4.94 -31.85 58.97
CA LYS G 153 -5.18 -33.18 58.46
C LYS G 153 -6.42 -33.25 57.58
N CYS G 154 -6.31 -33.94 56.46
CA CYS G 154 -7.44 -34.24 55.69
C CYS G 154 -7.57 -35.74 55.42
N ASP G 155 -8.80 -36.18 55.11
CA ASP G 155 -9.11 -37.61 55.01
C ASP G 155 -9.92 -37.95 53.75
N PRO G 156 -10.22 -39.25 53.54
CA PRO G 156 -10.88 -39.65 52.27
C PRO G 156 -12.33 -39.23 52.17
N ALA G 157 -12.94 -38.75 53.25
CA ALA G 157 -14.28 -38.19 53.17
C ALA G 157 -14.25 -36.73 52.66
N GLY G 158 -13.06 -36.14 52.55
CA GLY G 158 -12.99 -34.69 52.27
C GLY G 158 -13.16 -33.87 53.52
N TYR G 159 -13.12 -34.45 54.70
CA TYR G 159 -13.14 -33.63 55.94
C TYR G 159 -11.70 -33.11 56.17
N TYR G 160 -11.56 -31.94 56.80
CA TYR G 160 -10.22 -31.42 57.19
C TYR G 160 -10.35 -30.54 58.42
N 6V1 G 161 -9.26 -30.43 59.16
CA 6V1 G 161 -9.26 -29.67 60.36
C 6V1 G 161 -7.84 -29.35 60.73
O 6V1 G 161 -6.92 -30.05 60.32
CB 6V1 G 161 -9.89 -30.40 61.53
SG 6V1 G 161 -10.32 -29.19 62.80
C1 6V1 G 161 -12.04 -28.67 62.56
C2 6V1 G 161 -13.09 -29.73 62.81
N3 6V1 G 161 -13.88 -29.44 63.87
C4 6V1 G 161 -13.53 -28.26 64.42
C5 6V1 G 161 -12.45 -27.61 63.61
C6 6V1 G 161 -15.05 -30.20 64.32
O7 6V1 G 161 -13.17 -30.72 62.05
O8 6V1 G 161 -14.03 -27.70 65.40
C3 6V1 G 161 -14.69 -31.65 64.53
N GLY G 162 -7.66 -28.23 61.40
CA GLY G 162 -6.42 -27.90 62.10
C GLY G 162 -6.40 -28.46 63.52
N PHE G 163 -5.24 -28.74 64.06
CA PHE G 163 -5.12 -29.40 65.37
C PHE G 163 -3.98 -28.89 66.27
N LYS G 164 -4.14 -29.09 67.55
CA LYS G 164 -3.04 -29.00 68.46
C LYS G 164 -2.11 -30.20 68.28
N ALA G 165 -2.73 -31.35 68.04
CA ALA G 165 -1.99 -32.56 67.81
C ALA G 165 -2.97 -33.52 67.22
N THR G 166 -2.48 -34.46 66.45
CA THR G 166 -3.39 -35.43 65.87
C THR G 166 -2.62 -36.69 65.45
N ALA G 167 -3.39 -37.65 64.94
CA ALA G 167 -2.77 -38.87 64.47
C ALA G 167 -3.50 -39.49 63.33
N ALA G 168 -2.85 -40.47 62.71
CA ALA G 168 -3.50 -41.22 61.65
C ALA G 168 -3.05 -42.68 61.64
N GLY G 169 -3.90 -43.53 61.05
CA GLY G 169 -3.52 -44.93 60.79
C GLY G 169 -3.96 -45.86 61.95
N VAL G 170 -3.24 -46.95 62.10
CA VAL G 170 -3.78 -48.09 62.87
C VAL G 170 -4.11 -47.65 64.32
N LYS G 171 -3.19 -46.93 64.98
CA LYS G 171 -3.40 -46.49 66.38
C LYS G 171 -3.87 -45.08 66.57
N GLN G 172 -4.64 -44.60 65.62
CA GLN G 172 -5.12 -43.23 65.65
C GLN G 172 -5.92 -42.91 66.89
N THR G 173 -6.88 -43.78 67.23
CA THR G 173 -7.76 -43.58 68.41
C THR G 173 -6.96 -43.51 69.68
N GLU G 174 -6.04 -44.44 69.81
CA GLU G 174 -5.24 -44.58 71.01
C GLU G 174 -4.35 -43.37 71.13
N SER G 175 -3.76 -42.92 70.00
CA SER G 175 -2.97 -41.69 69.98
C SER G 175 -3.81 -40.50 70.40
N THR G 176 -5.01 -40.39 69.87
CA THR G 176 -5.89 -39.28 70.21
C THR G 176 -6.16 -39.21 71.70
N SER G 177 -6.40 -40.36 72.33
CA SER G 177 -6.54 -40.46 73.81
C SER G 177 -5.29 -40.03 74.55
N PHE G 178 -4.15 -40.57 74.13
CA PHE G 178 -2.87 -40.18 74.73
C PHE G 178 -2.73 -38.63 74.66
N LEU G 179 -3.01 -38.07 73.48
CA LEU G 179 -2.69 -36.66 73.26
C LEU G 179 -3.67 -35.82 74.03
N GLU G 180 -4.93 -36.21 74.01
CA GLU G 180 -6.00 -35.53 74.78
C GLU G 180 -5.67 -35.42 76.24
N LYS G 181 -5.23 -36.53 76.83
CA LYS G 181 -4.97 -36.58 78.28
C LYS G 181 -3.77 -35.69 78.58
N LYS G 182 -2.76 -35.74 77.73
CA LYS G 182 -1.57 -34.94 77.97
C LYS G 182 -1.83 -33.41 77.87
N VAL G 183 -2.66 -32.96 76.90
CA VAL G 183 -2.93 -31.49 76.84
C VAL G 183 -3.77 -30.90 77.94
N LYS G 184 -4.77 -31.62 78.41
CA LYS G 184 -5.59 -31.12 79.50
C LYS G 184 -4.71 -30.72 80.69
N LYS G 185 -3.65 -31.48 80.91
CA LYS G 185 -2.61 -31.22 81.94
C LYS G 185 -1.84 -29.93 81.76
N LYS G 186 -1.50 -29.62 80.50
CA LYS G 186 -0.71 -28.42 80.15
C LYS G 186 -1.50 -27.09 80.30
N PHE G 187 -0.83 -26.05 80.85
CA PHE G 187 -1.37 -24.68 80.95
C PHE G 187 -1.57 -24.02 79.58
N ASP G 188 -2.72 -23.37 79.44
CA ASP G 188 -3.25 -22.88 78.17
C ASP G 188 -3.35 -23.99 77.11
N TRP G 189 -3.70 -25.19 77.56
CA TRP G 189 -3.95 -26.37 76.73
C TRP G 189 -3.01 -26.44 75.51
N THR G 190 -1.70 -26.33 75.75
CA THR G 190 -0.74 -26.20 74.67
C THR G 190 0.53 -26.99 74.94
N PHE G 191 0.90 -27.80 73.94
CA PHE G 191 2.10 -28.63 74.01
C PHE G 191 3.31 -27.73 73.93
N GLU G 192 4.40 -28.22 74.46
CA GLU G 192 5.61 -27.44 74.69
C GLU G 192 6.89 -28.23 74.36
N GLN G 193 6.94 -29.54 74.64
CA GLN G 193 8.05 -30.39 74.30
C GLN G 193 7.59 -31.28 73.15
N THR G 194 7.59 -30.70 71.96
CA THR G 194 6.73 -31.20 70.94
C THR G 194 7.24 -32.46 70.28
N VAL G 195 8.54 -32.51 69.99
CA VAL G 195 9.14 -33.73 69.42
C VAL G 195 9.02 -34.90 70.42
N GLU G 196 9.27 -34.62 71.69
CA GLU G 196 9.21 -35.65 72.75
C GLU G 196 7.80 -36.18 72.92
N THR G 197 6.81 -35.29 72.92
CA THR G 197 5.42 -35.69 73.00
C THR G 197 5.05 -36.60 71.83
N ALA G 198 5.46 -36.20 70.60
CA ALA G 198 5.15 -36.98 69.41
C ALA G 198 5.73 -38.41 69.51
N ILE G 199 7.00 -38.52 69.84
CA ILE G 199 7.67 -39.82 69.84
C ILE G 199 7.11 -40.70 70.97
N THR G 200 6.93 -40.10 72.14
CA THR G 200 6.35 -40.78 73.29
C THR G 200 4.95 -41.31 72.99
N CYS G 201 4.14 -40.49 72.32
CA CYS G 201 2.79 -40.90 71.98
C CYS G 201 2.89 -42.13 71.11
N LEU G 202 3.74 -42.06 70.11
CA LEU G 202 3.85 -43.16 69.20
C LEU G 202 4.33 -44.43 69.92
N SER G 203 5.32 -44.25 70.75
CA SER G 203 5.98 -45.32 71.49
C SER G 203 5.02 -46.03 72.45
N THR G 204 4.19 -45.28 73.15
CA THR G 204 3.18 -45.84 74.04
C THR G 204 2.18 -46.67 73.26
N VAL G 205 1.54 -46.08 72.26
CA VAL G 205 0.42 -46.73 71.63
C VAL G 205 0.83 -47.99 70.85
N LEU G 206 2.08 -48.08 70.45
CA LEU G 206 2.63 -49.27 69.81
C LEU G 206 3.37 -50.24 70.80
N SER G 207 3.71 -49.74 71.99
CA SER G 207 4.60 -50.39 72.92
C SER G 207 5.94 -50.81 72.31
N ILE G 208 6.74 -49.88 71.76
CA ILE G 208 7.97 -50.30 71.09
C ILE G 208 9.28 -49.90 71.75
N ASP G 209 9.46 -48.65 72.14
CA ASP G 209 10.82 -48.17 72.54
C ASP G 209 11.78 -48.24 71.33
N PHE G 210 11.77 -47.16 70.55
CA PHE G 210 12.30 -47.17 69.19
C PHE G 210 13.78 -47.15 69.08
N LYS G 211 14.29 -47.76 68.04
CA LYS G 211 15.63 -47.45 67.57
C LYS G 211 15.51 -46.23 66.63
N PRO G 212 16.61 -45.51 66.40
CA PRO G 212 16.50 -44.33 65.57
C PRO G 212 16.18 -44.59 64.09
N SER G 213 16.41 -45.80 63.60
CA SER G 213 16.07 -46.18 62.22
C SER G 213 14.64 -46.67 62.04
N GLU G 214 13.88 -46.74 63.12
CA GLU G 214 12.50 -47.25 63.07
C GLU G 214 11.45 -46.15 63.05
N ILE G 215 11.87 -44.89 63.22
CA ILE G 215 10.98 -43.76 63.04
C ILE G 215 11.61 -42.72 62.08
N GLU G 216 10.75 -41.87 61.53
CA GLU G 216 11.16 -40.68 60.76
C GLU G 216 10.51 -39.47 61.44
N VAL G 217 11.23 -38.35 61.40
CA VAL G 217 10.85 -37.13 62.11
C VAL G 217 11.08 -35.96 61.19
N GLY G 218 10.04 -35.17 61.02
CA GLY G 218 10.03 -33.92 60.26
C GLY G 218 9.57 -32.76 61.10
N VAL G 219 10.18 -31.57 60.90
CA VAL G 219 9.91 -30.39 61.68
C VAL G 219 9.83 -29.08 60.82
N VAL G 220 9.05 -28.14 61.32
CA VAL G 220 9.10 -26.74 60.93
C VAL G 220 9.08 -25.93 62.21
N THR G 221 9.86 -24.83 62.24
CA THR G 221 9.98 -23.99 63.45
C THR G 221 9.82 -22.52 63.07
N VAL G 222 9.41 -21.73 64.03
CA VAL G 222 9.22 -20.33 63.81
C VAL G 222 10.57 -19.66 63.41
N GLU G 223 11.65 -20.07 64.05
CA GLU G 223 12.95 -19.58 63.68
C GLU G 223 13.48 -20.16 62.36
N ASN G 224 13.04 -21.35 62.00
CA ASN G 224 13.53 -22.05 60.82
C ASN G 224 12.33 -22.69 60.11
N PRO G 225 11.60 -21.92 59.27
CA PRO G 225 10.35 -22.41 58.74
C PRO G 225 10.52 -23.41 57.65
N LYS G 226 11.71 -23.59 57.11
CA LYS G 226 11.90 -24.56 56.06
C LYS G 226 11.70 -25.99 56.62
N PHE G 227 10.93 -26.81 55.95
CA PHE G 227 10.69 -28.19 56.40
C PHE G 227 11.97 -28.97 56.41
N ARG G 228 12.28 -29.64 57.52
CA ARG G 228 13.55 -30.35 57.66
C ARG G 228 13.27 -31.78 58.20
N ILE G 229 14.01 -32.75 57.68
CA ILE G 229 13.96 -34.12 58.10
C ILE G 229 15.15 -34.38 59.00
N LEU G 230 14.90 -34.90 60.20
CA LEU G 230 15.95 -35.26 61.12
C LEU G 230 16.71 -36.44 60.56
N THR G 231 18.00 -36.40 60.75
CA THR G 231 18.86 -37.52 60.52
C THR G 231 18.65 -38.59 61.66
N GLU G 232 19.24 -39.75 61.44
CA GLU G 232 19.31 -40.81 62.46
C GLU G 232 19.95 -40.35 63.78
N ALA G 233 21.09 -39.66 63.68
CA ALA G 233 21.79 -39.14 64.83
C ALA G 233 20.97 -38.12 65.60
N GLU G 234 20.33 -37.21 64.89
CA GLU G 234 19.47 -36.26 65.54
C GLU G 234 18.27 -36.95 66.25
N ILE G 235 17.67 -37.94 65.62
CA ILE G 235 16.57 -38.70 66.24
C ILE G 235 17.13 -39.47 67.48
N ASP G 236 18.30 -40.06 67.32
CA ASP G 236 18.95 -40.77 68.44
C ASP G 236 19.16 -39.84 69.63
N ALA G 237 19.57 -38.58 69.40
CA ALA G 237 19.78 -37.69 70.52
C ALA G 237 18.50 -37.48 71.32
N HIS G 238 17.35 -37.45 70.64
CA HIS G 238 16.05 -37.37 71.31
C HIS G 238 15.72 -38.67 72.03
N LEU G 239 15.95 -39.79 71.38
CA LEU G 239 15.68 -41.07 72.00
C LEU G 239 16.50 -41.29 73.32
N VAL G 240 17.75 -40.88 73.30
CA VAL G 240 18.68 -41.02 74.43
C VAL G 240 18.26 -40.06 75.54
N ALA G 241 18.00 -38.80 75.20
CA ALA G 241 17.58 -37.79 76.18
C ALA G 241 16.26 -38.15 76.87
N LEU G 242 15.40 -38.88 76.16
CA LEU G 242 14.18 -39.41 76.73
C LEU G 242 14.47 -40.55 77.71
N ALA G 243 15.24 -41.53 77.25
CA ALA G 243 15.62 -42.68 78.03
C ALA G 243 16.23 -42.31 79.42
N GLU G 244 16.93 -41.18 79.49
CA GLU G 244 17.62 -40.70 80.71
C GLU G 244 16.92 -39.65 81.61
N ARG G 245 15.82 -39.97 82.29
CA ARG G 245 15.28 -39.12 83.39
C ARG G 245 14.76 -39.91 84.59
N THR H 1 -5.90 11.90 31.00
CA THR H 1 -5.86 11.38 32.36
C THR H 1 -4.52 11.61 32.99
N THR H 2 -4.56 12.03 34.26
CA THR H 2 -3.41 12.00 35.12
C THR H 2 -3.73 11.17 36.34
N ILE H 3 -2.94 10.13 36.53
CA ILE H 3 -3.04 9.30 37.74
C ILE H 3 -1.66 9.10 38.28
N ALA H 4 -1.61 8.94 39.57
CA ALA H 4 -0.34 8.86 40.27
C ALA H 4 -0.49 8.25 41.63
N GLY H 5 0.65 7.87 42.14
CA GLY H 5 0.78 7.29 43.46
C GLY H 5 2.13 7.51 44.08
N VAL H 6 2.13 7.56 45.39
CA VAL H 6 3.30 7.72 46.25
C VAL H 6 3.22 6.74 47.46
N VAL H 7 4.39 6.18 47.84
CA VAL H 7 4.56 5.50 49.13
C VAL H 7 5.08 6.56 50.10
N TYR H 8 4.35 6.79 51.20
CA TYR H 8 4.78 7.65 52.27
C TYR H 8 5.10 6.83 53.53
N LYS H 9 5.42 7.47 54.65
CA LYS H 9 5.98 6.76 55.82
C LYS H 9 5.09 5.59 56.27
N ASP H 10 3.78 5.85 56.33
CA ASP H 10 2.80 4.94 56.85
C ASP H 10 1.82 4.39 55.86
N GLY H 11 2.05 4.59 54.58
CA GLY H 11 1.06 4.12 53.62
C GLY H 11 1.28 4.57 52.19
N ILE H 12 0.16 4.68 51.53
CA ILE H 12 0.08 4.98 50.10
C ILE H 12 -0.85 6.20 49.91
N VAL H 13 -0.45 7.14 49.03
CA VAL H 13 -1.41 8.10 48.48
C VAL H 13 -1.55 7.90 47.00
N LEU H 14 -2.79 7.69 46.56
CA LEU H 14 -3.14 7.63 45.15
C LEU H 14 -3.86 8.91 44.79
N GLY H 15 -3.67 9.31 43.56
CA GLY H 15 -4.35 10.53 43.04
C GLY H 15 -4.84 10.39 41.64
N ALA H 16 -5.86 11.17 41.27
CA ALA H 16 -6.33 11.18 39.92
C ALA H 16 -7.11 12.45 39.62
N ASP H 17 -7.13 12.83 38.33
CA ASP H 17 -8.05 13.84 37.84
C ASP H 17 -9.44 13.22 37.53
N THR H 18 -10.37 14.04 37.03
CA THR H 18 -11.70 13.57 36.83
C THR H 18 -12.29 13.81 35.46
N ARG H 19 -11.44 14.09 34.44
CA ARG H 19 -11.91 14.29 33.10
C ARG H 19 -11.89 13.06 32.30
N ALA H 20 -12.97 12.79 31.61
CA ALA H 20 -12.94 11.84 30.54
C ALA H 20 -13.25 12.54 29.22
N THR H 21 -12.55 12.18 28.16
CA THR H 21 -12.75 12.75 26.88
C THR H 21 -13.17 11.72 25.83
N GLU H 22 -13.90 12.20 24.83
CA GLU H 22 -14.23 11.47 23.61
C GLU H 22 -13.71 12.38 22.51
N GLY H 23 -12.69 11.93 21.84
CA GLY H 23 -11.95 12.75 20.92
C GLY H 23 -11.34 13.93 21.69
N MET H 24 -11.60 15.14 21.23
CA MET H 24 -11.08 16.26 21.96
C MET H 24 -12.23 17.02 22.59
N VAL H 25 -13.25 16.26 23.04
CA VAL H 25 -14.37 16.80 23.72
C VAL H 25 -14.45 16.18 25.09
N VAL H 26 -14.72 16.98 26.11
CA VAL H 26 -14.96 16.47 27.45
C VAL H 26 -16.36 15.82 27.54
N ALA H 27 -16.39 14.52 27.76
CA ALA H 27 -17.67 13.76 27.93
C ALA H 27 -18.11 13.71 29.43
N ASP H 28 -17.15 13.54 30.29
CA ASP H 28 -17.41 13.59 31.73
C ASP H 28 -16.46 14.52 32.41
N LYS H 29 -17.02 15.44 33.16
CA LYS H 29 -16.29 16.35 34.01
C LYS H 29 -15.94 15.71 35.32
N ASN H 30 -16.60 14.62 35.69
CA ASN H 30 -16.46 14.09 37.08
C ASN H 30 -16.45 12.58 37.14
N CYS H 31 -15.60 12.04 36.31
CA CYS H 31 -15.32 10.64 36.22
C CYS H 31 -14.51 10.23 37.49
N SER H 32 -14.79 9.08 38.07
CA SER H 32 -14.09 8.54 39.25
C SER H 32 -13.08 7.56 38.78
N LYS H 33 -11.77 7.86 38.89
CA LYS H 33 -10.72 7.02 38.30
C LYS H 33 -9.94 6.16 39.33
N ILE H 34 -10.25 6.31 40.59
CA ILE H 34 -9.56 5.60 41.66
C ILE H 34 -10.56 4.47 42.10
N HIS H 35 -10.30 3.25 41.65
CA HIS H 35 -11.27 2.12 41.79
C HIS H 35 -10.93 1.26 42.98
N PHE H 36 -12.00 0.77 43.64
CA PHE H 36 -11.92 -0.20 44.71
C PHE H 36 -11.38 -1.51 44.19
N ILE H 37 -10.37 -2.05 44.85
CA ILE H 37 -9.94 -3.45 44.64
C ILE H 37 -10.30 -4.34 45.83
N SER H 38 -9.86 -3.97 47.02
CA SER H 38 -10.29 -4.57 48.27
C SER H 38 -10.28 -3.47 49.34
N PRO H 39 -10.78 -3.69 50.58
CA PRO H 39 -10.81 -2.59 51.55
C PRO H 39 -9.43 -1.96 51.80
N ASN H 40 -8.36 -2.73 51.57
CA ASN H 40 -6.98 -2.24 51.75
C ASN H 40 -6.19 -1.96 50.46
N ILE H 41 -6.84 -2.03 49.32
CA ILE H 41 -6.15 -1.92 48.04
C ILE H 41 -7.01 -1.16 47.05
N TYR H 42 -6.42 -0.13 46.46
CA TYR H 42 -7.10 0.67 45.42
C TYR H 42 -6.23 0.76 44.19
N CYS H 43 -6.84 1.17 43.07
CA CYS H 43 -6.20 1.11 41.74
C CYS H 43 -6.73 2.29 40.91
N CYS H 44 -5.85 3.22 40.57
CA CYS H 44 -6.20 4.32 39.56
C CYS H 44 -6.15 3.74 38.18
N GLY H 45 -7.05 4.16 37.32
CA GLY H 45 -7.02 3.70 35.94
C GLY H 45 -6.95 4.85 34.87
N ALA H 46 -6.14 4.63 33.84
CA ALA H 46 -6.04 5.42 32.61
C ALA H 46 -6.16 4.49 31.41
N GLY H 47 -6.58 4.99 30.30
CA GLY H 47 -6.50 4.27 29.04
C GLY H 47 -7.93 4.17 28.62
N THR H 48 -8.32 3.05 28.01
CA THR H 48 -9.74 2.91 27.55
C THR H 48 -10.64 2.66 28.75
N ALA H 49 -11.62 3.53 28.95
CA ALA H 49 -12.36 3.55 30.18
C ALA H 49 -13.12 2.22 30.45
N ALA H 50 -13.73 1.61 29.43
CA ALA H 50 -14.56 0.40 29.68
C ALA H 50 -13.58 -0.70 30.18
N ASP H 51 -12.36 -0.68 29.64
CA ASP H 51 -11.34 -1.62 29.98
C ASP H 51 -10.80 -1.47 31.37
N THR H 52 -10.56 -0.26 31.82
CA THR H 52 -10.13 -0.04 33.16
C THR H 52 -11.24 -0.41 34.15
N ASP H 53 -12.47 0.01 33.86
CA ASP H 53 -13.59 -0.34 34.71
C ASP H 53 -13.76 -1.87 34.86
N MET H 54 -13.83 -2.58 33.74
CA MET H 54 -14.12 -3.99 33.72
C MET H 54 -12.97 -4.79 34.32
N THR H 55 -11.73 -4.36 34.07
CA THR H 55 -10.56 -5.05 34.58
C THR H 55 -10.43 -4.92 36.06
N THR H 56 -10.56 -3.71 36.58
CA THR H 56 -10.56 -3.56 38.01
C THR H 56 -11.71 -4.26 38.72
N GLN H 57 -12.91 -4.18 38.17
CA GLN H 57 -14.09 -4.88 38.76
C GLN H 57 -13.84 -6.39 38.82
N LEU H 58 -13.33 -6.97 37.73
CA LEU H 58 -13.11 -8.42 37.65
C LEU H 58 -12.09 -8.85 38.69
N ILE H 59 -10.98 -8.15 38.78
CA ILE H 59 -9.94 -8.51 39.72
C ILE H 59 -10.38 -8.28 41.14
N SER H 60 -11.14 -7.24 41.38
CA SER H 60 -11.70 -7.03 42.73
C SER H 60 -12.61 -8.16 43.14
N SER H 61 -13.45 -8.59 42.21
CA SER H 61 -14.36 -9.65 42.44
C SER H 61 -13.57 -10.97 42.72
N ASN H 62 -12.57 -11.30 41.89
CA ASN H 62 -11.77 -12.51 42.10
C ASN H 62 -10.99 -12.46 43.38
N LEU H 63 -10.54 -11.26 43.79
CA LEU H 63 -9.89 -11.09 45.08
C LEU H 63 -10.80 -11.27 46.25
N GLU H 64 -12.04 -10.82 46.12
CA GLU H 64 -13.01 -11.02 47.16
C GLU H 64 -13.23 -12.55 47.34
N LEU H 65 -13.41 -13.30 46.26
CA LEU H 65 -13.50 -14.76 46.30
C LEU H 65 -12.29 -15.39 47.01
N HIS H 66 -11.09 -14.91 46.68
CA HIS H 66 -9.88 -15.31 47.33
C HIS H 66 -9.88 -15.01 48.83
N SER H 67 -10.19 -13.81 49.24
CA SER H 67 -10.16 -13.46 50.67
C SER H 67 -11.28 -14.13 51.44
N LEU H 68 -12.40 -14.35 50.84
CA LEU H 68 -13.49 -15.11 51.51
C LEU H 68 -12.97 -16.55 51.87
N SER H 69 -12.24 -17.13 50.94
CA SER H 69 -11.67 -18.38 51.12
C SER H 69 -10.55 -18.37 52.13
N THR H 70 -9.58 -17.49 52.00
CA THR H 70 -8.45 -17.48 52.88
C THR H 70 -8.79 -16.93 54.23
N GLY H 71 -9.84 -16.12 54.34
CA GLY H 71 -10.17 -15.47 55.62
C GLY H 71 -9.18 -14.35 55.98
N ARG H 72 -8.31 -13.95 55.08
CA ARG H 72 -7.24 -12.98 55.39
C ARG H 72 -7.37 -11.75 54.41
N LEU H 73 -6.75 -10.71 54.86
CA LEU H 73 -6.64 -9.46 54.10
C LEU H 73 -5.82 -9.76 52.84
N PRO H 74 -6.28 -9.33 51.69
CA PRO H 74 -5.49 -9.68 50.50
C PRO H 74 -4.16 -8.91 50.40
N ARG H 75 -3.28 -9.39 49.54
CA ARG H 75 -1.99 -8.78 49.34
C ARG H 75 -1.92 -7.99 48.03
N VAL H 76 -1.13 -6.93 48.07
CA VAL H 76 -1.00 -6.10 46.85
C VAL H 76 -0.40 -6.93 45.75
N VAL H 77 0.58 -7.84 46.05
CA VAL H 77 1.21 -8.62 45.00
C VAL H 77 0.22 -9.46 44.28
N THR H 78 -0.83 -9.91 45.00
CA THR H 78 -1.82 -10.82 44.43
C THR H 78 -2.66 -10.07 43.42
N ALA H 79 -3.14 -8.90 43.78
CA ALA H 79 -3.78 -8.03 42.74
C ALA H 79 -2.88 -7.75 41.55
N ASN H 80 -1.60 -7.43 41.80
CA ASN H 80 -0.64 -7.16 40.73
C ASN H 80 -0.46 -8.30 39.79
N ARG H 81 -0.22 -9.53 40.32
CA ARG H 81 -0.19 -10.73 39.44
C ARG H 81 -1.43 -11.03 38.69
N MET H 82 -2.57 -10.94 39.34
CA MET H 82 -3.80 -11.22 38.61
C MET H 82 -3.97 -10.22 37.44
N LEU H 83 -3.76 -8.97 37.73
CA LEU H 83 -3.94 -7.90 36.68
C LEU H 83 -3.00 -8.13 35.55
N LYS H 84 -1.71 -8.32 35.86
CA LYS H 84 -0.70 -8.42 34.82
C LYS H 84 -0.83 -9.67 34.01
N GLN H 85 -1.13 -10.83 34.67
CA GLN H 85 -1.36 -12.04 33.88
C GLN H 85 -2.57 -11.98 32.95
N MET H 86 -3.67 -11.38 33.40
CA MET H 86 -4.75 -11.17 32.48
C MET H 86 -4.33 -10.18 31.30
N LEU H 87 -3.71 -9.08 31.61
CA LEU H 87 -3.34 -8.09 30.58
C LEU H 87 -2.34 -8.68 29.58
N PHE H 88 -1.38 -9.48 30.05
CA PHE H 88 -0.47 -10.17 29.17
C PHE H 88 -1.19 -11.08 28.27
N ARG H 89 -2.10 -11.90 28.84
CA ARG H 89 -2.86 -12.83 28.02
C ARG H 89 -3.54 -12.11 26.86
N TYR H 90 -4.06 -10.90 27.09
CA TYR H 90 -4.76 -10.17 26.02
C TYR H 90 -3.81 -9.35 25.13
N GLN H 91 -2.50 -9.33 25.40
CA GLN H 91 -1.51 -8.82 24.42
C GLN H 91 -1.68 -7.34 24.17
N GLY H 92 -2.11 -6.63 25.19
CA GLY H 92 -2.26 -5.21 25.08
C GLY H 92 -3.55 -4.79 24.42
N TYR H 93 -4.43 -5.73 24.05
CA TYR H 93 -5.72 -5.29 23.55
C TYR H 93 -6.64 -4.81 24.62
N ILE H 94 -6.36 -5.07 25.88
CA ILE H 94 -7.17 -4.47 26.95
C ILE H 94 -6.39 -3.28 27.35
N GLY H 95 -6.92 -2.07 27.07
CA GLY H 95 -6.09 -0.85 27.23
C GLY H 95 -6.17 -0.27 28.61
N ALA H 96 -5.80 -1.04 29.63
CA ALA H 96 -5.82 -0.59 31.00
C ALA H 96 -4.41 -0.27 31.45
N ALA H 97 -4.19 0.99 31.86
CA ALA H 97 -2.95 1.46 32.45
C ALA H 97 -3.28 1.86 33.89
N LEU H 98 -2.62 1.18 34.86
CA LEU H 98 -3.04 1.24 36.21
C LEU H 98 -1.99 1.64 37.17
N VAL H 99 -2.44 2.31 38.24
CA VAL H 99 -1.60 2.54 39.37
C VAL H 99 -2.26 1.82 40.55
N LEU H 100 -1.58 0.79 41.03
CA LEU H 100 -2.12 -0.09 42.09
C LEU H 100 -1.38 0.17 43.37
N GLY H 101 -2.12 0.52 44.42
CA GLY H 101 -1.53 0.73 45.69
C GLY H 101 -2.36 0.15 46.81
N GLY H 102 -1.69 -0.38 47.83
CA GLY H 102 -2.35 -0.69 49.06
C GLY H 102 -1.42 -0.99 50.21
N VAL H 103 -2.04 -1.46 51.29
CA VAL H 103 -1.30 -1.81 52.51
C VAL H 103 -1.79 -3.19 52.94
N ASP H 104 -0.83 -4.10 53.02
CA ASP H 104 -1.12 -5.50 53.44
C ASP H 104 -0.22 -5.87 54.64
N VAL H 105 -0.21 -7.15 55.05
CA VAL H 105 0.57 -7.57 56.19
C VAL H 105 2.01 -7.25 56.03
N THR H 106 2.54 -7.22 54.80
CA THR H 106 3.95 -6.83 54.59
C THR H 106 4.21 -5.33 54.39
N GLY H 107 3.21 -4.49 54.63
CA GLY H 107 3.34 -3.04 54.53
C GLY H 107 2.75 -2.42 53.25
N PRO H 108 3.11 -1.15 52.96
CA PRO H 108 2.66 -0.47 51.74
C PRO H 108 3.36 -0.95 50.48
N HIS H 109 2.65 -1.05 49.36
CA HIS H 109 3.21 -1.44 48.09
C HIS H 109 2.53 -0.65 46.98
N LEU H 110 3.31 -0.24 45.98
CA LEU H 110 2.79 0.57 44.83
C LEU H 110 3.37 0.05 43.58
N TYR H 111 2.52 -0.21 42.56
CA TYR H 111 2.96 -0.73 41.28
C TYR H 111 2.35 0.10 40.13
N SER H 112 3.03 0.24 39.02
CA SER H 112 2.37 0.67 37.86
C SER H 112 2.21 -0.55 36.98
N ILE H 113 1.09 -0.64 36.30
CA ILE H 113 0.79 -1.77 35.45
C ILE H 113 0.41 -1.31 34.10
N TYR H 114 1.10 -1.80 33.07
CA TYR H 114 0.87 -1.41 31.70
C TYR H 114 -0.03 -2.35 30.93
N PRO H 115 -0.70 -1.89 29.85
CA PRO H 115 -1.59 -2.69 29.10
C PRO H 115 -1.03 -3.94 28.62
N HIS H 116 0.23 -4.01 28.25
CA HIS H 116 0.76 -5.27 27.66
C HIS H 116 1.14 -6.30 28.82
N GLY H 117 1.02 -5.87 30.09
CA GLY H 117 1.27 -6.71 31.19
C GLY H 117 2.57 -6.50 31.90
N SER H 118 3.41 -5.43 31.61
CA SER H 118 4.57 -5.26 32.46
C SER H 118 4.14 -4.53 33.69
N THR H 119 4.85 -4.71 34.79
CA THR H 119 4.62 -3.94 35.99
C THR H 119 5.96 -3.52 36.59
N ASP H 120 5.91 -2.42 37.33
CA ASP H 120 7.09 -1.87 37.94
C ASP H 120 6.73 -1.51 39.35
N LYS H 121 7.50 -2.01 40.34
CA LYS H 121 7.20 -1.78 41.69
C LYS H 121 8.11 -0.62 42.12
N LEU H 122 7.53 0.49 42.59
CA LEU H 122 8.30 1.71 42.74
C LEU H 122 7.70 2.55 43.83
N PRO H 123 8.43 3.49 44.38
CA PRO H 123 7.90 4.33 45.46
C PRO H 123 7.07 5.56 44.96
N TYR H 124 7.10 5.81 43.66
CA TYR H 124 6.22 6.78 43.04
C TYR H 124 6.09 6.52 41.58
N VAL H 125 4.86 6.64 41.09
CA VAL H 125 4.58 6.39 39.69
C VAL H 125 3.49 7.30 39.19
N THR H 126 3.41 7.41 37.89
CA THR H 126 2.39 8.16 37.26
C THR H 126 2.01 7.48 35.94
N MET H 127 0.77 7.69 35.49
CA MET H 127 0.33 7.13 34.22
CA MET H 127 0.32 7.14 34.21
C MET H 127 -0.69 8.10 33.58
N GLY H 128 -0.97 7.87 32.31
CA GLY H 128 -1.99 8.66 31.59
C GLY H 128 -1.28 9.72 30.71
N SER H 129 -2.06 10.42 29.92
CA SER H 129 -1.53 11.47 29.04
C SER H 129 -0.85 12.59 29.85
N GLY H 130 -1.18 12.77 31.14
CA GLY H 130 -0.57 13.78 31.99
C GLY H 130 0.56 13.23 32.80
N SER H 131 1.02 12.01 32.51
CA SER H 131 1.92 11.39 33.44
C SER H 131 3.30 12.07 33.52
N LEU H 132 3.74 12.75 32.47
CA LEU H 132 5.10 13.37 32.52
C LEU H 132 5.09 14.65 33.34
N ALA H 133 4.00 15.39 33.27
CA ALA H 133 3.83 16.57 34.12
C ALA H 133 3.81 16.15 35.60
N ALA H 134 2.98 15.15 35.93
CA ALA H 134 2.96 14.62 37.29
C ALA H 134 4.32 14.06 37.73
N MET H 135 5.03 13.39 36.84
CA MET H 135 6.31 12.84 37.21
C MET H 135 7.39 13.91 37.44
N ALA H 136 7.30 15.02 36.68
CA ALA H 136 8.20 16.13 36.94
C ALA H 136 8.06 16.57 38.36
N VAL H 137 6.84 16.70 38.84
CA VAL H 137 6.64 17.16 40.20
C VAL H 137 7.30 16.18 41.20
N PHE H 138 7.05 14.90 40.96
CA PHE H 138 7.64 13.86 41.85
C PHE H 138 9.14 13.87 41.79
N GLU H 139 9.76 13.93 40.58
CA GLU H 139 11.23 13.88 40.56
C GLU H 139 11.84 15.08 41.31
N ASP H 140 11.19 16.22 41.20
CA ASP H 140 11.63 17.46 41.79
C ASP H 140 11.44 17.49 43.30
N LYS H 141 10.37 16.86 43.80
CA LYS H 141 9.90 17.11 45.19
C LYS H 141 9.75 15.85 46.07
N PHE H 142 9.74 14.68 45.50
CA PHE H 142 9.50 13.49 46.33
C PHE H 142 10.65 13.32 47.32
N ARG H 143 10.34 12.95 48.57
CA ARG H 143 11.38 12.51 49.52
C ARG H 143 10.88 11.20 50.10
N PRO H 144 11.78 10.31 50.49
CA PRO H 144 11.30 9.06 51.22
C PRO H 144 10.71 9.42 52.57
N ASP H 145 9.70 8.68 53.00
CA ASP H 145 9.16 8.76 54.35
C ASP H 145 8.49 10.06 54.64
N MET H 146 7.71 10.51 53.72
CA MET H 146 6.93 11.68 53.98
C MET H 146 5.87 11.39 55.01
N GLU H 147 5.52 12.42 55.76
CA GLU H 147 4.32 12.39 56.56
C GLU H 147 3.09 12.47 55.63
N GLU H 148 1.95 12.07 56.18
CA GLU H 148 0.71 11.94 55.44
C GLU H 148 0.37 13.24 54.67
N GLU H 149 0.36 14.37 55.36
CA GLU H 149 -0.03 15.63 54.72
C GLU H 149 0.94 16.08 53.63
N GLU H 150 2.24 15.89 53.82
CA GLU H 150 3.21 16.21 52.81
C GLU H 150 2.94 15.34 51.60
N ALA H 151 2.73 14.05 51.83
CA ALA H 151 2.44 13.11 50.73
C ALA H 151 1.21 13.52 49.94
N LYS H 152 0.16 13.94 50.65
CA LYS H 152 -1.09 14.35 50.04
C LYS H 152 -0.91 15.62 49.20
N ASN H 153 -0.20 16.58 49.74
CA ASN H 153 0.25 17.81 49.01
C ASN H 153 1.00 17.49 47.78
N LEU H 154 1.95 16.59 47.88
CA LEU H 154 2.76 16.24 46.72
C LEU H 154 1.89 15.57 45.63
N VAL H 155 1.07 14.59 45.99
CA VAL H 155 0.24 13.95 45.00
C VAL H 155 -0.69 14.95 44.32
N SER H 156 -1.33 15.81 45.12
CA SER H 156 -2.30 16.67 44.51
C SER H 156 -1.62 17.73 43.63
N GLU H 157 -0.41 18.15 43.98
CA GLU H 157 0.44 19.02 43.10
C GLU H 157 0.76 18.32 41.76
N ALA H 158 1.04 17.02 41.81
CA ALA H 158 1.38 16.28 40.64
C ALA H 158 0.20 16.12 39.75
N ILE H 159 -0.95 15.88 40.32
CA ILE H 159 -2.19 15.75 39.54
C ILE H 159 -2.55 17.16 38.97
N ALA H 160 -2.41 18.20 39.78
CA ALA H 160 -2.61 19.57 39.27
C ALA H 160 -1.73 19.86 38.06
N ALA H 161 -0.46 19.44 38.11
CA ALA H 161 0.42 19.64 36.93
C ALA H 161 -0.16 19.01 35.67
N GLY H 162 -0.70 17.80 35.80
CA GLY H 162 -1.29 17.12 34.69
C GLY H 162 -2.54 17.84 34.27
N ILE H 163 -3.35 18.26 35.25
CA ILE H 163 -4.62 18.97 34.96
C ILE H 163 -4.46 20.25 34.10
N PHE H 164 -3.44 21.04 34.49
CA PHE H 164 -3.21 22.29 33.86
C PHE H 164 -2.37 22.23 32.60
N ASN H 165 -1.52 21.19 32.44
CA ASN H 165 -0.59 21.10 31.30
C ASN H 165 -0.97 20.08 30.26
N ASP H 166 -1.95 19.24 30.54
CA ASP H 166 -2.37 18.24 29.59
C ASP H 166 -3.83 18.48 29.21
N LEU H 167 -4.08 18.55 27.90
CA LEU H 167 -5.40 18.77 27.43
C LEU H 167 -6.32 17.54 27.70
N GLY H 168 -5.74 16.36 27.92
CA GLY H 168 -6.51 15.17 28.23
C GLY H 168 -6.92 15.08 29.68
N SER H 169 -6.52 16.03 30.52
CA SER H 169 -6.74 15.97 31.96
C SER H 169 -7.43 17.19 32.43
N GLY H 170 -8.25 17.07 33.48
CA GLY H 170 -8.93 18.25 34.02
C GLY H 170 -9.83 18.02 35.23
N SER H 171 -10.47 19.08 35.60
CA SER H 171 -11.56 19.13 36.54
C SER H 171 -10.92 18.88 37.90
N ASN H 172 -11.43 17.94 38.67
CA ASN H 172 -11.11 17.81 40.09
C ASN H 172 -9.89 16.95 40.35
N ILE H 173 -9.37 17.07 41.58
CA ILE H 173 -8.36 16.20 42.08
C ILE H 173 -9.02 15.26 43.15
N ASP H 174 -9.01 13.95 42.90
CA ASP H 174 -9.39 12.91 43.93
C ASP H 174 -8.14 12.28 44.49
N LEU H 175 -8.14 12.01 45.80
CA LEU H 175 -7.06 11.32 46.44
C LEU H 175 -7.64 10.11 47.17
N CYS H 176 -6.80 9.12 47.37
CA CYS H 176 -7.14 7.99 48.28
C CYS H 176 -5.94 7.75 49.16
N VAL H 177 -6.10 7.83 50.47
CA VAL H 177 -5.02 7.64 51.41
C VAL H 177 -5.27 6.33 52.14
N ILE H 178 -4.28 5.47 52.11
CA ILE H 178 -4.37 4.12 52.66
C ILE H 178 -3.22 3.94 53.62
N SER H 179 -3.55 3.63 54.87
CA SER H 179 -2.55 3.17 55.88
C SER H 179 -3.03 1.86 56.58
N LYS H 180 -2.18 1.28 57.45
CA LYS H 180 -2.58 0.17 58.37
C LYS H 180 -3.91 0.50 59.09
N ASN H 181 -4.06 1.75 59.51
CA ASN H 181 -5.19 2.17 60.34
C ASN H 181 -6.40 2.84 59.70
N LYS H 182 -6.32 3.19 58.43
CA LYS H 182 -7.23 4.18 57.88
C LYS H 182 -7.32 4.06 56.36
N LEU H 183 -8.52 4.34 55.85
CA LEU H 183 -8.78 4.51 54.45
C LEU H 183 -9.55 5.79 54.26
N ASP H 184 -8.93 6.77 53.59
CA ASP H 184 -9.57 8.06 53.32
C ASP H 184 -9.70 8.22 51.82
N PHE H 185 -10.90 8.05 51.32
CA PHE H 185 -11.22 8.15 49.89
C PHE H 185 -11.72 9.55 49.84
N LEU H 186 -10.97 10.44 49.16
CA LEU H 186 -11.24 11.87 49.22
C LEU H 186 -11.60 12.31 47.78
N ARG H 187 -12.93 12.28 47.53
CA ARG H 187 -13.50 12.55 46.23
CA ARG H 187 -13.50 12.56 46.22
C ARG H 187 -14.62 13.58 46.37
N PRO H 188 -14.42 14.85 45.96
CA PRO H 188 -13.17 15.44 45.47
C PRO H 188 -12.24 15.81 46.63
N TYR H 189 -10.93 15.82 46.39
CA TYR H 189 -9.99 16.44 47.30
C TYR H 189 -9.99 17.91 47.07
N THR H 190 -9.78 18.30 45.81
CA THR H 190 -9.73 19.71 45.33
C THR H 190 -10.58 19.92 44.07
N VAL H 191 -11.09 21.14 43.91
CA VAL H 191 -11.94 21.49 42.77
C VAL H 191 -11.25 22.73 42.28
N PRO H 192 -10.10 22.59 41.59
CA PRO H 192 -9.40 23.77 41.07
C PRO H 192 -10.03 24.40 39.81
N ASN H 193 -11.04 23.76 39.24
CA ASN H 193 -11.73 24.26 38.07
C ASN H 193 -13.25 24.33 38.21
N LYS H 194 -13.82 25.44 37.78
CA LYS H 194 -15.23 25.73 37.96
C LYS H 194 -15.73 26.36 36.66
N LYS H 195 -16.93 26.01 36.22
CA LYS H 195 -17.56 26.77 35.14
C LYS H 195 -17.79 28.18 35.58
N GLY H 196 -17.56 29.12 34.69
CA GLY H 196 -17.96 30.51 34.93
C GLY H 196 -19.46 30.61 35.01
N THR H 197 -19.95 31.75 35.47
CA THR H 197 -21.41 31.86 35.56
C THR H 197 -22.00 32.33 34.23
N ARG H 198 -23.32 32.25 34.20
CA ARG H 198 -24.15 32.58 33.07
C ARG H 198 -24.65 34.01 33.22
N LEU H 199 -24.23 34.89 32.32
CA LEU H 199 -24.60 36.29 32.34
C LEU H 199 -26.04 36.58 31.88
N GLY H 200 -26.49 35.92 30.82
CA GLY H 200 -27.86 36.09 30.29
C GLY H 200 -28.74 34.86 30.47
N ARG H 201 -29.96 35.04 30.97
CA ARG H 201 -30.89 33.90 31.21
C ARG H 201 -31.74 33.58 29.96
N TYR H 202 -31.93 32.29 29.73
CA TYR H 202 -32.70 31.78 28.60
C TYR H 202 -33.90 30.91 29.07
N ARG H 203 -34.59 31.35 30.14
CA ARG H 203 -35.82 30.70 30.65
C ARG H 203 -37.01 30.77 29.66
N CYS H 204 -37.07 29.74 28.81
CA CYS H 204 -38.08 29.70 27.75
C CYS H 204 -39.44 29.29 28.32
N GLU H 205 -40.35 30.25 28.35
CA GLU H 205 -41.67 30.05 28.87
C GLU H 205 -42.51 29.08 28.03
N LYS H 206 -43.50 28.46 28.68
CA LYS H 206 -44.35 27.48 28.03
C LYS H 206 -44.99 28.05 26.76
N GLY H 207 -44.99 27.29 25.68
CA GLY H 207 -45.48 27.72 24.37
C GLY H 207 -44.40 28.20 23.39
N THR H 208 -43.20 28.52 23.90
CA THR H 208 -42.03 28.90 23.08
C THR H 208 -41.77 27.84 22.00
N THR H 209 -41.85 26.57 22.40
CA THR H 209 -41.68 25.44 21.52
C THR H 209 -43.03 25.01 20.90
N ALA H 210 -43.16 25.02 19.59
CA ALA H 210 -44.38 24.57 18.95
C ALA H 210 -44.47 23.03 18.97
N VAL H 211 -45.67 22.53 19.18
CA VAL H 211 -45.90 21.11 19.39
C VAL H 211 -46.84 20.61 18.37
N LEU H 212 -46.48 19.53 17.67
CA LEU H 212 -47.37 18.91 16.68
C LEU H 212 -48.37 17.98 17.32
N THR H 213 -47.93 17.13 18.25
CA THR H 213 -48.74 16.04 18.79
C THR H 213 -48.39 15.88 20.27
N GLU H 214 -49.37 15.43 21.05
CA GLU H 214 -49.23 15.25 22.47
C GLU H 214 -50.05 13.99 22.95
N LYS H 215 -49.43 13.15 23.77
CA LYS H 215 -50.12 12.03 24.41
C LYS H 215 -49.67 11.99 25.87
N ILE H 216 -50.64 12.10 26.78
CA ILE H 216 -50.42 11.94 28.17
C ILE H 216 -50.88 10.50 28.51
N THR H 217 -49.97 9.72 29.07
CA THR H 217 -50.25 8.39 29.61
C THR H 217 -50.12 8.45 31.13
N PRO H 218 -51.26 8.41 31.87
CA PRO H 218 -51.20 8.35 33.35
C PRO H 218 -50.67 7.02 33.87
N LEU H 219 -49.96 7.05 35.00
CA LEU H 219 -49.34 5.88 35.65
C LEU H 219 -49.78 5.71 37.14
N GLU H 220 -49.50 4.57 37.74
CA GLU H 220 -50.06 4.22 39.08
C GLU H 220 -49.21 4.74 40.23
N SER I 2 -17.18 7.02 8.34
CA SER I 2 -17.38 6.67 9.80
C SER I 2 -18.71 5.88 10.04
N ILE I 3 -18.62 4.78 10.76
CA ILE I 3 -19.72 3.83 10.86
C ILE I 3 -20.90 4.49 11.54
N MET I 4 -20.61 5.32 12.54
CA MET I 4 -21.59 5.95 13.35
C MET I 4 -22.31 7.03 12.68
N SER I 5 -21.82 7.53 11.58
CA SER I 5 -22.53 8.54 10.88
C SER I 5 -23.30 7.99 9.68
N TYR I 6 -23.29 6.67 9.49
CA TYR I 6 -23.91 6.11 8.26
C TYR I 6 -25.41 6.43 8.26
N ASN I 7 -26.04 6.30 9.43
CA ASN I 7 -27.47 6.58 9.58
C ASN I 7 -27.75 7.93 10.20
N GLY I 8 -26.75 8.56 10.79
CA GLY I 8 -26.96 9.75 11.55
C GLY I 8 -27.84 9.56 12.75
N GLY I 9 -28.20 10.64 13.42
CA GLY I 9 -29.17 10.55 14.49
C GLY I 9 -28.64 11.12 15.76
N ALA I 10 -29.57 11.43 16.63
CA ALA I 10 -29.24 12.09 17.88
C ALA I 10 -30.23 11.77 18.95
N VAL I 11 -29.72 11.50 20.17
CA VAL I 11 -30.51 11.41 21.31
C VAL I 11 -29.91 12.22 22.44
N MET I 12 -30.74 12.65 23.38
CA MET I 12 -30.27 13.23 24.65
C MET I 12 -31.25 12.98 25.76
N ALA I 13 -30.76 13.16 26.95
CA ALA I 13 -31.59 13.11 28.09
C ALA I 13 -31.19 14.16 29.03
N MET I 14 -32.13 14.52 29.90
CA MET I 14 -31.97 15.63 30.79
CA MET I 14 -31.97 15.65 30.79
C MET I 14 -32.76 15.50 32.10
N LYS I 15 -32.15 15.91 33.18
CA LYS I 15 -32.70 15.83 34.50
C LYS I 15 -33.34 17.17 34.93
N GLY I 16 -34.52 17.09 35.52
CA GLY I 16 -35.10 18.16 36.30
C GLY I 16 -35.43 17.76 37.73
N LYS I 17 -36.27 18.52 38.39
N LYS I 17 -36.36 18.54 38.31
CA LYS I 17 -36.46 18.31 39.86
CA LYS I 17 -36.96 18.33 39.64
C LYS I 17 -36.77 16.87 40.45
C LYS I 17 -38.13 17.40 39.49
N ASN I 18 -37.88 16.24 40.05
CA ASN I 18 -38.58 15.00 40.18
C ASN I 18 -39.04 14.49 38.83
N CYS I 19 -38.23 14.74 37.79
CA CYS I 19 -38.62 14.38 36.43
C CYS I 19 -37.41 14.29 35.54
N VAL I 20 -37.53 13.54 34.45
CA VAL I 20 -36.48 13.40 33.51
C VAL I 20 -37.11 13.50 32.15
N ALA I 21 -36.27 13.81 31.18
CA ALA I 21 -36.70 13.98 29.81
C ALA I 21 -35.74 13.29 28.93
N ILE I 22 -36.23 12.74 27.83
CA ILE I 22 -35.41 12.09 26.85
C ILE I 22 -36.01 12.38 25.49
N ALA I 23 -35.14 12.55 24.51
CA ALA I 23 -35.53 13.07 23.19
C ALA I 23 -34.66 12.50 22.07
N ALA I 24 -35.25 12.46 20.87
CA ALA I 24 -34.55 11.91 19.72
C ALA I 24 -35.03 12.50 18.47
N ASP I 25 -34.18 12.53 17.45
CA ASP I 25 -34.63 12.91 16.14
C ASP I 25 -35.35 11.72 15.55
N ARG I 26 -35.97 11.90 14.39
CA ARG I 26 -36.89 10.89 13.85
CA ARG I 26 -36.89 10.89 13.84
C ARG I 26 -36.42 10.33 12.51
N ARG I 27 -35.33 10.87 11.98
CA ARG I 27 -34.86 10.45 10.63
C ARG I 27 -34.27 9.04 10.64
N PHE I 28 -34.65 8.23 9.64
CA PHE I 28 -33.90 7.02 9.29
C PHE I 28 -33.44 7.30 7.91
N GLY I 29 -32.14 7.45 7.75
CA GLY I 29 -31.55 7.65 6.47
C GLY I 29 -30.30 6.83 6.26
N ILE I 30 -29.92 6.66 5.00
CA ILE I 30 -28.75 5.94 4.60
C ILE I 30 -27.83 6.91 3.83
N GLN I 31 -26.73 7.31 4.48
CA GLN I 31 -25.86 8.42 4.05
C GLN I 31 -26.74 9.65 3.70
N ALA I 32 -26.71 10.18 2.49
CA ALA I 32 -27.49 11.35 2.20
C ALA I 32 -29.02 11.12 2.19
N GLN I 33 -29.47 9.89 1.90
CA GLN I 33 -30.86 9.65 1.59
C GLN I 33 -31.77 9.38 2.79
N MET I 34 -32.74 10.26 3.01
CA MET I 34 -33.79 9.99 4.00
C MET I 34 -34.61 8.82 3.43
N VAL I 35 -34.84 7.85 4.27
CA VAL I 35 -35.74 6.66 3.96
C VAL I 35 -37.05 6.81 4.67
N THR I 36 -37.01 7.17 5.95
CA THR I 36 -38.23 7.34 6.67
C THR I 36 -38.09 8.47 7.68
N THR I 37 -39.19 9.01 8.16
CA THR I 37 -39.20 10.09 9.13
C THR I 37 -39.92 9.82 10.42
N ASP I 38 -40.13 8.54 10.75
CA ASP I 38 -40.76 8.21 12.03
C ASP I 38 -40.01 7.05 12.66
N PHE I 39 -38.69 7.06 12.60
CA PHE I 39 -37.91 5.90 13.06
C PHE I 39 -37.77 6.00 14.59
N GLN I 40 -38.07 4.93 15.27
CA GLN I 40 -37.99 4.90 16.72
C GLN I 40 -36.60 4.63 17.26
N LYS I 41 -36.22 5.43 18.22
CA LYS I 41 -34.93 5.34 18.82
C LYS I 41 -34.97 5.30 20.32
N ILE I 42 -36.12 5.64 20.90
CA ILE I 42 -36.35 5.63 22.32
C ILE I 42 -37.38 4.51 22.64
N PHE I 43 -36.99 3.62 23.55
CA PHE I 43 -37.73 2.39 23.88
C PHE I 43 -37.98 2.33 25.35
N PRO I 44 -39.22 2.00 25.73
CA PRO I 44 -39.59 1.81 27.15
C PRO I 44 -38.92 0.58 27.74
N MET I 45 -38.37 0.73 28.94
CA MET I 45 -37.75 -0.38 29.63
C MET I 45 -38.39 -0.56 31.02
N GLY I 46 -39.59 -0.06 31.18
CA GLY I 46 -40.23 0.19 32.44
C GLY I 46 -41.20 1.33 32.29
N ASP I 47 -42.07 1.43 33.26
CA ASP I 47 -43.10 2.46 33.22
C ASP I 47 -42.45 3.86 33.21
N ARG I 48 -41.35 4.01 33.95
CA ARG I 48 -40.68 5.25 34.19
C ARG I 48 -39.20 5.18 33.84
N LEU I 49 -38.88 4.41 32.80
CA LEU I 49 -37.50 4.13 32.46
C LEU I 49 -37.39 3.87 30.97
N TYR I 50 -36.61 4.69 30.30
CA TYR I 50 -36.51 4.68 28.85
C TYR I 50 -35.01 4.65 28.47
N ILE I 51 -34.72 3.98 27.34
CA ILE I 51 -33.40 3.95 26.76
C ILE I 51 -33.48 4.52 25.34
N GLY I 52 -32.51 5.39 25.00
CA GLY I 52 -32.43 6.06 23.70
C GLY I 52 -31.14 5.63 23.06
N LEU I 53 -31.19 5.22 21.81
CA LEU I 53 -30.03 4.74 21.15
C LEU I 53 -29.83 5.46 19.85
N ALA I 54 -28.62 5.98 19.64
CA ALA I 54 -28.25 6.55 18.35
C ALA I 54 -27.07 5.77 17.87
N GLY I 55 -26.82 5.81 16.59
CA GLY I 55 -25.72 5.07 16.02
C GLY I 55 -26.29 4.32 14.84
N LEU I 56 -25.70 3.18 14.50
CA LEU I 56 -26.11 2.41 13.32
C LEU I 56 -27.45 1.79 13.61
N ALA I 57 -28.42 2.05 12.73
CA ALA I 57 -29.79 1.78 12.96
C ALA I 57 -30.04 0.28 13.24
N THR I 58 -29.35 -0.59 12.53
CA THR I 58 -29.47 -1.97 12.74
C THR I 58 -29.15 -2.40 14.18
N ASP I 59 -28.11 -1.78 14.77
CA ASP I 59 -27.64 -2.01 16.14
C ASP I 59 -28.47 -1.31 17.17
N VAL I 60 -29.08 -0.20 16.82
CA VAL I 60 -30.08 0.45 17.65
C VAL I 60 -31.22 -0.55 17.93
N GLN I 61 -31.64 -1.24 16.87
CA GLN I 61 -32.76 -2.15 16.97
C GLN I 61 -32.31 -3.46 17.71
N THR I 62 -31.16 -4.00 17.34
CA THR I 62 -30.64 -5.21 17.97
C THR I 62 -30.43 -5.05 19.46
N VAL I 63 -29.78 -3.95 19.83
CA VAL I 63 -29.51 -3.68 21.24
C VAL I 63 -30.79 -3.48 22.03
N ALA I 64 -31.77 -2.72 21.50
CA ALA I 64 -33.01 -2.57 22.18
C ALA I 64 -33.73 -3.95 22.40
N GLN I 65 -33.69 -4.82 21.40
CA GLN I 65 -34.39 -6.06 21.39
C GLN I 65 -33.68 -7.06 22.33
N ARG I 66 -32.38 -7.12 22.24
CA ARG I 66 -31.61 -7.99 23.08
C ARG I 66 -31.64 -7.53 24.51
N LEU I 67 -31.71 -6.22 24.72
CA LEU I 67 -31.76 -5.70 26.06
C LEU I 67 -33.13 -6.11 26.67
N LYS I 68 -34.16 -5.99 25.88
CA LYS I 68 -35.51 -6.25 26.36
C LYS I 68 -35.65 -7.75 26.81
N PHE I 69 -35.07 -8.64 26.04
CA PHE I 69 -34.94 -10.03 26.30
C PHE I 69 -34.37 -10.24 27.69
N ARG I 70 -33.26 -9.62 27.96
CA ARG I 70 -32.60 -9.75 29.23
C ARG I 70 -33.39 -9.13 30.34
N LEU I 71 -33.99 -7.99 30.10
CA LEU I 71 -34.72 -7.30 31.16
C LEU I 71 -35.98 -8.06 31.58
N ASN I 72 -36.69 -8.59 30.60
CA ASN I 72 -37.90 -9.36 30.85
C ASN I 72 -37.63 -10.61 31.72
N LEU I 73 -36.52 -11.29 31.40
CA LEU I 73 -36.07 -12.47 32.19
C LEU I 73 -35.69 -12.03 33.56
N TYR I 74 -34.93 -10.90 33.63
CA TYR I 74 -34.60 -10.26 34.90
C TYR I 74 -35.85 -9.98 35.77
N GLU I 75 -36.87 -9.38 35.20
CA GLU I 75 -38.01 -8.94 35.98
C GLU I 75 -38.87 -10.14 36.44
N LEU I 76 -39.03 -11.14 35.56
CA LEU I 76 -39.75 -12.37 35.87
C LEU I 76 -39.06 -13.10 37.02
N LYS I 77 -37.74 -13.16 37.00
CA LYS I 77 -36.99 -13.90 37.96
C LYS I 77 -36.92 -13.20 39.30
N GLU I 78 -36.70 -11.91 39.27
CA GLU I 78 -36.56 -11.16 40.47
C GLU I 78 -38.03 -10.91 41.02
N GLY I 79 -38.13 -10.33 42.16
CA GLY I 79 -39.50 -9.84 42.41
C GLY I 79 -40.18 -8.71 41.59
N ARG I 80 -39.54 -8.04 40.62
CA ARG I 80 -39.66 -6.56 40.60
C ARG I 80 -39.21 -5.83 39.36
N GLN I 81 -39.57 -4.56 39.31
CA GLN I 81 -39.10 -3.65 38.27
C GLN I 81 -37.63 -3.29 38.45
N ILE I 82 -36.88 -3.31 37.36
CA ILE I 82 -35.45 -2.97 37.43
C ILE I 82 -35.21 -1.48 37.87
N LYS I 83 -34.22 -1.26 38.69
CA LYS I 83 -33.73 0.04 39.03
C LYS I 83 -32.89 0.69 37.85
N PRO I 84 -32.98 2.03 37.68
CA PRO I 84 -32.19 2.72 36.63
C PRO I 84 -30.70 2.40 36.54
N TYR I 85 -30.03 2.52 37.67
CA TYR I 85 -28.64 2.12 37.79
C TYR I 85 -28.32 0.65 37.38
N THR I 86 -29.25 -0.26 37.73
CA THR I 86 -29.12 -1.68 37.41
C THR I 86 -29.34 -1.92 35.95
N LEU I 87 -30.27 -1.19 35.33
CA LEU I 87 -30.42 -1.22 33.84
C LEU I 87 -29.11 -0.80 33.14
N MET I 88 -28.55 0.30 33.62
CA MET I 88 -27.27 0.76 33.14
C MET I 88 -26.28 -0.38 33.12
N SER I 89 -26.17 -1.06 34.25
CA SER I 89 -25.13 -2.11 34.40
C SER I 89 -25.40 -3.27 33.49
N MET I 90 -26.66 -3.59 33.31
CA MET I 90 -27.11 -4.65 32.41
C MET I 90 -26.70 -4.31 30.99
N VAL I 91 -26.88 -3.03 30.59
CA VAL I 91 -26.54 -2.58 29.23
C VAL I 91 -25.04 -2.58 29.08
N ALA I 92 -24.33 -2.09 30.12
CA ALA I 92 -22.87 -2.11 30.07
C ALA I 92 -22.31 -3.49 29.78
N ASN I 93 -22.86 -4.47 30.52
CA ASN I 93 -22.43 -5.82 30.41
C ASN I 93 -22.74 -6.33 29.00
N LEU I 94 -23.96 -6.03 28.49
CA LEU I 94 -24.29 -6.47 27.13
C LEU I 94 -23.32 -5.93 26.05
N LEU I 95 -23.02 -4.65 26.17
CA LEU I 95 -22.10 -3.99 25.17
C LEU I 95 -20.69 -4.48 25.29
N TYR I 96 -20.19 -4.66 26.52
CA TYR I 96 -18.82 -5.12 26.72
C TYR I 96 -18.56 -6.59 26.33
N GLU I 97 -19.59 -7.45 26.32
CA GLU I 97 -19.43 -8.78 25.76
C GLU I 97 -18.97 -8.72 24.33
N LYS I 98 -19.35 -7.67 23.63
CA LYS I 98 -18.86 -7.41 22.23
C LYS I 98 -17.68 -6.44 22.09
N ARG I 99 -16.87 -6.39 23.13
CA ARG I 99 -15.74 -5.52 23.24
C ARG I 99 -14.87 -5.56 21.98
N PHE I 100 -14.62 -6.74 21.44
CA PHE I 100 -13.82 -6.85 20.24
C PHE I 100 -14.61 -6.89 18.91
N GLY I 101 -15.92 -6.57 18.89
CA GLY I 101 -16.73 -6.45 17.63
C GLY I 101 -18.03 -5.81 18.05
N PRO I 102 -17.96 -4.57 18.46
CA PRO I 102 -19.03 -3.95 19.16
C PRO I 102 -20.23 -3.61 18.32
N TYR I 103 -21.35 -3.42 19.01
CA TYR I 103 -22.50 -2.86 18.46
C TYR I 103 -22.18 -1.36 18.32
N TYR I 104 -22.63 -0.73 17.25
CA TYR I 104 -22.31 0.70 17.02
C TYR I 104 -23.46 1.49 17.48
N THR I 105 -23.61 1.54 18.77
CA THR I 105 -24.60 2.39 19.35
C THR I 105 -24.14 2.86 20.69
N GLU I 106 -24.59 4.03 21.08
CA GLU I 106 -24.15 4.68 22.31
C GLU I 106 -25.38 5.19 23.03
N PRO I 107 -25.95 4.38 23.92
CA PRO I 107 -27.22 4.73 24.52
C PRO I 107 -27.21 5.78 25.60
N VAL I 108 -28.38 6.36 25.80
CA VAL I 108 -28.67 7.16 26.98
C VAL I 108 -29.86 6.50 27.67
N ILE I 109 -29.89 6.61 28.97
CA ILE I 109 -30.96 6.13 29.74
C ILE I 109 -31.53 7.25 30.56
N ALA I 110 -32.85 7.26 30.72
CA ALA I 110 -33.52 8.23 31.55
C ALA I 110 -34.66 7.54 32.23
N GLY I 111 -34.75 7.76 33.52
CA GLY I 111 -35.90 7.31 34.26
C GLY I 111 -35.96 7.73 35.70
N LEU I 112 -36.97 7.20 36.37
CA LEU I 112 -37.19 7.48 37.79
C LEU I 112 -37.08 6.18 38.54
N ASP I 113 -36.40 6.17 39.69
CA ASP I 113 -36.36 4.91 40.52
C ASP I 113 -37.78 4.39 40.79
N PRO I 114 -38.05 3.09 40.47
CA PRO I 114 -39.47 2.62 40.60
C PRO I 114 -40.05 2.65 42.01
N LYS I 115 -39.20 2.72 43.03
CA LYS I 115 -39.69 2.88 44.40
C LYS I 115 -39.56 4.30 44.92
N THR I 116 -38.39 4.92 44.77
CA THR I 116 -38.15 6.28 45.30
C THR I 116 -38.53 7.43 44.37
N PHE I 117 -38.76 7.13 43.09
CA PHE I 117 -38.99 8.15 42.06
C PHE I 117 -37.88 9.20 41.85
N LYS I 118 -36.67 8.92 42.33
CA LYS I 118 -35.54 9.85 42.15
C LYS I 118 -35.11 9.83 40.66
N PRO I 119 -34.82 10.98 40.08
CA PRO I 119 -34.39 11.02 38.69
C PRO I 119 -33.02 10.42 38.41
N PHE I 120 -32.88 9.77 37.27
CA PHE I 120 -31.60 9.19 36.85
C PHE I 120 -31.35 9.42 35.40
N ILE I 121 -30.16 9.87 35.05
CA ILE I 121 -29.72 9.84 33.63
C ILE I 121 -28.27 9.41 33.45
N CYS I 122 -28.01 8.72 32.32
CA CYS I 122 -26.68 8.22 32.06
C CYS I 122 -26.53 7.99 30.58
N SER I 123 -25.30 7.76 30.14
CA SER I 123 -25.02 7.35 28.82
C SER I 123 -23.92 6.34 28.85
N LEU I 124 -23.73 5.63 27.77
CA LEU I 124 -22.64 4.71 27.71
C LEU I 124 -22.04 4.77 26.36
N ASP I 125 -20.76 4.54 26.26
CA ASP I 125 -20.08 4.41 24.98
C ASP I 125 -20.38 3.03 24.40
N LEU I 126 -19.86 2.78 23.22
CA LEU I 126 -20.27 1.61 22.46
C LEU I 126 -19.75 0.32 23.02
N ILE I 127 -18.73 0.38 23.87
CA ILE I 127 -18.23 -0.81 24.55
C ILE I 127 -18.67 -0.89 26.03
N GLY I 128 -19.62 -0.11 26.44
CA GLY I 128 -20.17 -0.23 27.73
C GLY I 128 -19.64 0.52 28.89
N CYS I 129 -18.85 1.57 28.69
CA CYS I 129 -18.39 2.37 29.76
C CYS I 129 -19.52 3.25 30.22
N PRO I 130 -19.89 3.17 31.49
CA PRO I 130 -21.04 3.99 31.89
C PRO I 130 -20.65 5.36 32.46
N MET I 131 -21.54 6.32 32.27
CA MET I 131 -21.37 7.65 32.77
C MET I 131 -22.70 8.18 33.30
N VAL I 132 -22.80 8.34 34.60
CA VAL I 132 -23.95 8.96 35.22
C VAL I 132 -23.68 10.47 35.34
N THR I 133 -24.67 11.32 35.10
CA THR I 133 -24.56 12.74 35.39
C THR I 133 -25.78 13.27 36.11
N ASP I 134 -25.64 14.46 36.69
CA ASP I 134 -26.75 15.15 37.33
C ASP I 134 -27.41 16.22 36.49
N ASP I 135 -27.07 16.29 35.19
CA ASP I 135 -27.64 17.33 34.32
C ASP I 135 -28.15 16.84 33.00
N PHE I 136 -27.27 16.36 32.14
CA PHE I 136 -27.71 15.89 30.84
C PHE I 136 -26.66 15.01 30.27
N VAL I 137 -27.05 14.33 29.20
CA VAL I 137 -26.18 13.48 28.43
C VAL I 137 -26.67 13.55 27.00
N VAL I 138 -25.75 13.35 26.08
CA VAL I 138 -26.03 13.42 24.66
C VAL I 138 -25.29 12.32 23.90
N SER I 139 -25.86 11.89 22.77
CA SER I 139 -25.18 10.92 21.92
C SER I 139 -25.66 11.08 20.51
N GLY I 140 -24.77 11.12 19.55
CA GLY I 140 -25.18 11.09 18.13
C GLY I 140 -24.23 11.87 17.24
N THR I 141 -24.57 11.99 15.96
CA THR I 141 -23.69 12.70 15.02
C THR I 141 -23.57 14.20 15.25
N CYS I 142 -24.39 14.80 16.11
CA CYS I 142 -24.25 16.22 16.43
C CYS I 142 -23.99 16.46 17.90
N ALA I 143 -23.10 15.67 18.47
CA ALA I 143 -22.87 15.76 19.92
C ALA I 143 -22.35 17.14 20.34
N GLU I 144 -21.43 17.69 19.57
CA GLU I 144 -20.89 19.02 19.86
C GLU I 144 -21.99 20.09 19.89
N GLN I 145 -22.85 20.07 18.91
CA GLN I 145 -23.97 20.95 18.87
C GLN I 145 -24.89 20.75 20.08
N MET I 146 -25.21 19.50 20.39
CA MET I 146 -25.93 19.19 21.55
C MET I 146 -25.25 19.68 22.86
N TYR I 147 -23.94 19.44 23.04
CA TYR I 147 -23.26 19.99 24.16
C TYR I 147 -23.36 21.49 24.31
N GLY I 148 -23.20 22.22 23.19
CA GLY I 148 -23.29 23.64 23.22
C GLY I 148 -24.63 24.14 23.67
N MET I 149 -25.72 23.52 23.17
CA MET I 149 -27.06 23.91 23.59
C MET I 149 -27.31 23.56 25.04
N CYS I 150 -26.95 22.32 25.49
CA CYS I 150 -27.26 21.89 26.87
C CYS I 150 -26.42 22.70 27.86
N GLU I 151 -25.13 22.94 27.58
CA GLU I 151 -24.33 23.71 28.53
C GLU I 151 -24.85 25.13 28.71
N SER I 152 -25.38 25.73 27.64
CA SER I 152 -25.86 27.07 27.71
C SER I 152 -27.25 27.18 28.36
N LEU I 153 -28.16 26.24 28.10
CA LEU I 153 -29.53 26.36 28.53
C LEU I 153 -29.87 25.61 29.83
N TRP I 154 -29.26 24.48 30.11
CA TRP I 154 -29.69 23.66 31.23
C TRP I 154 -29.53 24.41 32.57
N GLU I 155 -30.50 24.28 33.44
CA GLU I 155 -30.38 24.79 34.80
C GLU I 155 -30.87 23.70 35.78
N PRO I 156 -30.36 23.72 37.03
CA PRO I 156 -30.86 22.76 38.03
C PRO I 156 -32.33 22.93 38.40
N ASN I 157 -32.91 21.83 38.91
CA ASN I 157 -34.22 21.83 39.56
C ASN I 157 -35.40 22.33 38.70
N MET I 158 -35.34 22.07 37.40
CA MET I 158 -36.40 22.54 36.51
C MET I 158 -37.70 21.75 36.67
N ASP I 159 -38.85 22.44 36.63
CA ASP I 159 -40.16 21.76 36.66
C ASP I 159 -40.41 21.13 35.27
N PRO I 160 -41.39 20.21 35.17
CA PRO I 160 -41.71 19.55 33.90
C PRO I 160 -41.84 20.46 32.65
N ASP I 161 -42.53 21.59 32.79
CA ASP I 161 -42.74 22.53 31.66
C ASP I 161 -41.44 23.16 31.14
N HIS I 162 -40.60 23.60 32.07
CA HIS I 162 -39.32 24.21 31.76
C HIS I 162 -38.30 23.17 31.22
N LEU I 163 -38.33 21.96 31.76
CA LEU I 163 -37.50 20.85 31.27
C LEU I 163 -37.86 20.53 29.85
N PHE I 164 -39.17 20.49 29.56
CA PHE I 164 -39.67 20.22 28.20
C PHE I 164 -39.20 21.29 27.20
N GLU I 165 -39.34 22.56 27.57
CA GLU I 165 -38.85 23.65 26.72
C GLU I 165 -37.31 23.58 26.51
N THR I 166 -36.53 23.28 27.55
CA THR I 166 -35.11 23.27 27.42
C THR I 166 -34.66 22.10 26.53
N ILE I 167 -35.19 20.90 26.76
CA ILE I 167 -34.69 19.74 26.02
C ILE I 167 -35.09 19.94 24.57
N SER I 168 -36.31 20.46 24.36
CA SER I 168 -36.81 20.67 23.00
C SER I 168 -35.93 21.68 22.22
N GLN I 169 -35.54 22.76 22.91
CA GLN I 169 -34.79 23.84 22.21
C GLN I 169 -33.38 23.37 22.01
N ALA I 170 -32.83 22.64 22.97
CA ALA I 170 -31.52 22.02 22.79
C ALA I 170 -31.47 21.06 21.58
N MET I 171 -32.46 20.15 21.48
CA MET I 171 -32.54 19.22 20.34
C MET I 171 -32.75 19.94 18.99
N LEU I 172 -33.78 20.78 18.89
CA LEU I 172 -34.12 21.37 17.59
C LEU I 172 -32.95 22.16 16.95
N ASN I 173 -32.34 22.99 17.80
CA ASN I 173 -31.28 23.90 17.35
C ASN I 173 -29.97 23.14 17.10
N ALA I 174 -29.70 22.11 17.90
CA ALA I 174 -28.58 21.26 17.64
C ALA I 174 -28.69 20.48 16.33
N VAL I 175 -29.81 19.81 16.06
CA VAL I 175 -29.94 19.03 14.84
C VAL I 175 -30.06 19.85 13.56
N ASP I 176 -30.51 21.10 13.75
CA ASP I 176 -30.51 22.08 12.63
C ASP I 176 -29.13 22.50 12.22
N ARG I 177 -28.07 22.15 12.98
CA ARG I 177 -26.73 22.29 12.44
C ARG I 177 -26.10 21.00 12.00
N ASP I 178 -26.89 19.96 11.78
CA ASP I 178 -26.37 18.66 11.38
C ASP I 178 -27.15 18.09 10.21
N ALA I 179 -26.45 17.83 9.11
CA ALA I 179 -27.13 17.42 7.89
C ALA I 179 -27.91 16.13 8.02
N VAL I 180 -27.33 15.16 8.75
CA VAL I 180 -27.85 13.79 8.86
C VAL I 180 -28.63 13.45 10.16
N SER I 181 -29.06 14.46 10.90
CA SER I 181 -29.99 14.30 11.95
C SER I 181 -31.18 15.28 11.75
N GLY I 182 -32.33 14.84 12.25
CA GLY I 182 -33.51 15.69 12.28
C GLY I 182 -34.68 14.98 11.66
N MET I 183 -35.32 15.66 10.73
CA MET I 183 -36.58 15.29 10.16
C MET I 183 -37.59 15.02 11.23
N GLY I 184 -37.55 15.78 12.31
CA GLY I 184 -38.50 15.65 13.39
C GLY I 184 -37.78 15.32 14.65
N VAL I 185 -38.45 15.62 15.78
CA VAL I 185 -37.97 15.41 17.12
C VAL I 185 -39.15 14.87 17.97
N ILE I 186 -38.87 13.83 18.78
CA ILE I 186 -39.82 13.30 19.74
C ILE I 186 -39.25 13.46 21.13
N VAL I 187 -40.10 13.82 22.07
CA VAL I 187 -39.68 14.12 23.44
C VAL I 187 -40.63 13.40 24.39
N HIS I 188 -40.05 12.66 25.34
CA HIS I 188 -40.81 12.08 26.44
C HIS I 188 -40.45 12.80 27.72
N ILE I 189 -41.46 13.26 28.47
CA ILE I 189 -41.24 13.76 29.82
C ILE I 189 -41.72 12.70 30.80
N ILE I 190 -40.85 12.27 31.70
CA ILE I 190 -41.18 11.20 32.64
C ILE I 190 -41.33 11.80 34.05
N GLU I 191 -42.56 11.74 34.53
CA GLU I 191 -42.90 12.14 35.90
C GLU I 191 -43.41 10.89 36.69
N LYS I 192 -43.52 11.03 38.02
CA LYS I 192 -44.05 10.01 38.96
C LYS I 192 -45.41 9.45 38.53
N ASP I 193 -46.30 10.34 38.14
CA ASP I 193 -47.69 9.98 37.87
C ASP I 193 -48.07 9.95 36.41
N LYS I 194 -47.17 10.32 35.48
CA LYS I 194 -47.48 10.22 34.02
C LYS I 194 -46.25 10.35 33.10
N ILE I 195 -46.41 9.88 31.86
CA ILE I 195 -45.52 10.10 30.76
C ILE I 195 -46.27 11.02 29.76
N THR I 196 -45.56 12.04 29.31
CA THR I 196 -46.04 12.98 28.28
C THR I 196 -45.13 12.87 27.07
N THR I 197 -45.71 12.48 25.93
CA THR I 197 -44.99 12.24 24.68
C THR I 197 -45.45 13.30 23.64
N ARG I 198 -44.48 14.08 23.13
CA ARG I 198 -44.73 15.09 22.09
C ARG I 198 -43.82 14.96 20.88
N THR I 199 -44.38 15.23 19.70
CA THR I 199 -43.58 15.51 18.55
C THR I 199 -43.60 17.05 18.34
N LEU I 200 -42.45 17.58 17.91
CA LEU I 200 -42.21 19.01 17.86
C LEU I 200 -42.38 19.52 16.43
N LYS I 201 -42.92 20.71 16.27
CA LYS I 201 -42.80 21.35 14.97
C LYS I 201 -41.33 21.51 14.69
N ALA I 202 -40.86 21.00 13.56
CA ALA I 202 -39.41 21.00 13.25
C ALA I 202 -39.10 21.08 11.82
N ARG I 203 -37.93 21.53 11.48
CA ARG I 203 -37.50 21.55 10.08
C ARG I 203 -37.50 20.14 9.50
N MET I 204 -37.89 20.03 8.24
CA MET I 204 -37.89 18.83 7.48
C MET I 204 -36.90 18.79 6.29
N ASP I 205 -35.75 19.44 6.41
CA ASP I 205 -34.67 19.42 5.37
C ASP I 205 -33.27 18.93 5.88
N MET J 1 -29.21 -3.07 -13.18
CA MET J 1 -29.26 -3.12 -11.66
CA MET J 1 -29.24 -3.24 -11.69
C MET J 1 -30.63 -2.89 -11.12
N GLU J 2 -30.87 -3.44 -9.95
CA GLU J 2 -32.20 -3.97 -9.65
C GLU J 2 -33.09 -3.00 -8.95
N TYR J 3 -34.33 -2.93 -9.35
CA TYR J 3 -35.22 -1.92 -8.82
C TYR J 3 -36.37 -2.65 -8.17
N LEU J 4 -36.70 -2.24 -6.98
CA LEU J 4 -37.90 -2.70 -6.24
C LEU J 4 -38.69 -1.47 -5.81
N ILE J 5 -40.03 -1.55 -5.85
CA ILE J 5 -40.85 -0.49 -5.32
C ILE J 5 -42.08 -1.09 -4.67
N GLY J 6 -42.55 -0.39 -3.65
CA GLY J 6 -43.82 -0.68 -3.02
C GLY J 6 -44.59 0.59 -2.65
N ILE J 7 -45.91 0.49 -2.73
CA ILE J 7 -46.86 1.50 -2.39
C ILE J 7 -48.01 0.84 -1.63
N GLN J 8 -48.22 1.26 -0.39
CA GLN J 8 -49.25 0.76 0.47
C GLN J 8 -50.40 1.75 0.46
N GLY J 9 -51.57 1.30 0.02
CA GLY J 9 -52.86 1.97 0.26
C GLY J 9 -53.64 1.52 1.47
N PRO J 10 -54.86 2.01 1.62
CA PRO J 10 -55.64 1.75 2.84
C PRO J 10 -55.85 0.32 3.11
N ASP J 11 -56.10 -0.46 2.07
CA ASP J 11 -56.45 -1.89 2.21
C ASP J 11 -55.70 -2.79 1.20
N TYR J 12 -54.55 -2.34 0.67
CA TYR J 12 -53.73 -3.19 -0.23
C TYR J 12 -52.28 -2.71 -0.19
N VAL J 13 -51.38 -3.49 -0.75
CA VAL J 13 -50.01 -3.03 -1.01
C VAL J 13 -49.75 -3.47 -2.39
N LEU J 14 -49.23 -2.55 -3.19
CA LEU J 14 -48.86 -2.76 -4.57
C LEU J 14 -47.32 -2.80 -4.57
N VAL J 15 -46.74 -3.71 -5.38
CA VAL J 15 -45.31 -3.85 -5.47
C VAL J 15 -44.94 -4.16 -6.88
N ALA J 16 -43.73 -3.74 -7.23
CA ALA J 16 -43.25 -4.02 -8.53
C ALA J 16 -41.78 -4.16 -8.48
N SER J 17 -41.19 -4.75 -9.52
CA SER J 17 -39.76 -5.04 -9.58
C SER J 17 -39.33 -5.22 -11.02
N ASP J 18 -38.10 -4.82 -11.37
CA ASP J 18 -37.66 -5.04 -12.74
C ASP J 18 -37.45 -6.54 -13.04
N ARG J 19 -37.36 -6.86 -14.31
CA ARG J 19 -37.28 -8.22 -14.78
C ARG J 19 -36.01 -8.57 -15.48
N VAL J 20 -34.96 -7.83 -15.14
CA VAL J 20 -33.67 -8.06 -15.74
C VAL J 20 -32.75 -8.80 -14.81
N ALA J 21 -31.99 -9.71 -15.40
CA ALA J 21 -30.83 -10.29 -14.75
C ALA J 21 -29.68 -9.94 -15.62
N ALA J 22 -28.78 -9.16 -15.08
CA ALA J 22 -27.69 -8.71 -15.82
C ALA J 22 -26.40 -9.32 -15.38
N SER J 23 -25.45 -9.29 -16.31
CA SER J 23 -24.13 -9.72 -16.08
C SER J 23 -23.16 -9.00 -17.01
N ASN J 24 -22.24 -8.21 -16.42
CA ASN J 24 -21.21 -7.42 -17.14
C ASN J 24 -21.98 -6.45 -18.07
N ILE J 25 -21.84 -6.52 -19.37
CA ILE J 25 -22.56 -5.53 -20.21
C ILE J 25 -23.91 -6.00 -20.75
N VAL J 26 -24.35 -7.24 -20.42
CA VAL J 26 -25.52 -7.84 -21.09
C VAL J 26 -26.66 -8.10 -20.15
N GLN J 27 -27.87 -7.96 -20.61
CA GLN J 27 -29.06 -8.56 -19.96
CA GLN J 27 -29.03 -8.55 -19.94
C GLN J 27 -29.01 -10.06 -20.30
N MET J 28 -29.02 -10.95 -19.33
CA MET J 28 -29.03 -12.42 -19.60
C MET J 28 -30.41 -13.04 -19.50
N LYS J 29 -31.30 -12.34 -18.83
CA LYS J 29 -32.69 -12.69 -18.73
C LYS J 29 -33.51 -11.40 -18.68
N ASP J 30 -34.59 -11.39 -19.46
CA ASP J 30 -35.51 -10.27 -19.49
C ASP J 30 -36.87 -10.55 -18.86
N ASP J 31 -37.09 -11.76 -18.39
CA ASP J 31 -38.32 -12.10 -17.67
C ASP J 31 -37.98 -12.58 -16.24
N HIS J 32 -37.02 -11.98 -15.61
CA HIS J 32 -36.63 -12.34 -14.25
C HIS J 32 -37.70 -11.86 -13.26
N ASP J 33 -37.91 -12.64 -12.21
CA ASP J 33 -38.88 -12.34 -11.15
C ASP J 33 -38.12 -12.22 -9.83
N LYS J 34 -38.25 -11.10 -9.13
CA LYS J 34 -37.53 -10.85 -7.89
C LYS J 34 -38.43 -10.96 -6.67
N MET J 35 -39.64 -11.49 -6.87
CA MET J 35 -40.61 -11.61 -5.78
C MET J 35 -40.68 -13.08 -5.33
N PHE J 36 -40.81 -13.28 -4.04
CA PHE J 36 -40.91 -14.62 -3.41
C PHE J 36 -42.14 -14.63 -2.58
N LYS J 37 -43.03 -15.58 -2.84
CA LYS J 37 -44.23 -15.72 -2.03
C LYS J 37 -43.86 -16.44 -0.73
N MET J 38 -44.11 -15.81 0.42
CA MET J 38 -43.78 -16.39 1.70
C MET J 38 -44.97 -17.19 2.25
N SER J 39 -46.17 -16.68 1.98
CA SER J 39 -47.44 -17.17 2.53
C SER J 39 -48.54 -16.60 1.60
N GLU J 40 -49.80 -16.82 1.91
CA GLU J 40 -50.89 -16.36 1.04
C GLU J 40 -50.97 -14.87 0.88
N LYS J 41 -50.50 -14.14 1.89
CA LYS J 41 -50.68 -12.71 1.98
C LYS J 41 -49.34 -11.99 2.25
N ILE J 42 -48.22 -12.59 1.86
CA ILE J 42 -46.88 -12.01 2.09
C ILE J 42 -46.00 -12.27 0.86
N LEU J 43 -45.45 -11.17 0.32
CA LEU J 43 -44.37 -11.24 -0.65
C LEU J 43 -43.06 -10.62 -0.05
N LEU J 44 -41.93 -11.26 -0.32
CA LEU J 44 -40.61 -10.75 -0.03
C LEU J 44 -39.94 -10.46 -1.38
N LEU J 45 -39.47 -9.22 -1.56
CA LEU J 45 -38.79 -8.81 -2.81
C LEU J 45 -37.36 -8.60 -2.38
N CYS J 46 -36.43 -9.19 -3.12
CA CYS J 46 -35.06 -9.30 -2.72
C CYS J 46 -34.09 -9.06 -3.87
N VAL J 47 -33.13 -8.15 -3.63
CA VAL J 47 -32.07 -7.83 -4.56
C VAL J 47 -30.76 -7.79 -3.79
N GLY J 48 -29.64 -7.77 -4.54
CA GLY J 48 -28.33 -7.68 -4.00
C GLY J 48 -27.38 -8.64 -4.66
N GLU J 49 -26.44 -9.13 -3.90
CA GLU J 49 -25.37 -9.90 -4.49
C GLU J 49 -25.92 -11.24 -5.01
N ALA J 50 -25.36 -11.68 -6.10
CA ALA J 50 -25.67 -12.97 -6.65
C ALA J 50 -25.39 -14.09 -5.60
N GLY J 51 -26.31 -15.04 -5.56
CA GLY J 51 -26.21 -16.19 -4.69
C GLY J 51 -26.86 -15.82 -3.37
N ASP J 52 -26.33 -14.80 -2.71
CA ASP J 52 -26.91 -14.35 -1.43
C ASP J 52 -28.39 -14.08 -1.53
N THR J 53 -28.85 -13.49 -2.63
CA THR J 53 -30.22 -13.05 -2.72
C THR J 53 -31.17 -14.23 -2.72
N VAL J 54 -30.95 -15.20 -3.60
CA VAL J 54 -31.83 -16.37 -3.64
C VAL J 54 -31.64 -17.20 -2.36
N GLN J 55 -30.38 -17.42 -1.93
CA GLN J 55 -30.16 -18.29 -0.80
C GLN J 55 -30.86 -17.74 0.45
N PHE J 56 -30.79 -16.44 0.62
CA PHE J 56 -31.46 -15.79 1.70
C PHE J 56 -32.99 -15.84 1.59
N ALA J 57 -33.53 -15.44 0.45
CA ALA J 57 -34.98 -15.33 0.32
C ALA J 57 -35.63 -16.72 0.46
N GLU J 58 -35.05 -17.72 -0.21
CA GLU J 58 -35.56 -19.11 -0.08
C GLU J 58 -35.45 -19.72 1.34
N TYR J 59 -34.39 -19.37 2.07
CA TYR J 59 -34.31 -19.77 3.45
C TYR J 59 -35.44 -19.16 4.27
N ILE J 60 -35.70 -17.87 4.06
CA ILE J 60 -36.84 -17.22 4.77
C ILE J 60 -38.20 -17.89 4.38
N GLN J 61 -38.37 -18.09 3.10
CA GLN J 61 -39.57 -18.61 2.52
C GLN J 61 -39.88 -20.02 3.12
N LYS J 62 -38.90 -20.92 3.09
CA LYS J 62 -39.05 -22.22 3.68
C LYS J 62 -39.39 -22.21 5.15
N ASN J 63 -38.78 -21.30 5.90
CA ASN J 63 -39.04 -21.22 7.32
C ASN J 63 -40.40 -20.63 7.62
N VAL J 64 -40.89 -19.75 6.78
CA VAL J 64 -42.20 -19.16 7.00
C VAL J 64 -43.28 -20.19 6.67
N GLN J 65 -43.05 -21.00 5.63
CA GLN J 65 -43.92 -22.08 5.24
C GLN J 65 -43.85 -23.19 6.34
N LEU J 66 -42.70 -23.43 6.91
CA LEU J 66 -42.54 -24.39 8.01
C LEU J 66 -43.37 -23.97 9.22
N TYR J 67 -43.28 -22.68 9.53
CA TYR J 67 -44.04 -22.11 10.62
C TYR J 67 -45.59 -22.40 10.40
N LYS J 68 -46.06 -22.16 9.17
CA LYS J 68 -47.44 -22.48 8.80
C LYS J 68 -47.77 -23.99 9.10
N MET J 69 -46.89 -24.90 8.66
CA MET J 69 -47.11 -26.29 8.79
C MET J 69 -47.07 -26.69 10.25
N ARG J 70 -46.19 -26.09 11.06
CA ARG J 70 -46.10 -26.53 12.46
C ARG J 70 -47.28 -26.03 13.21
N ASN J 71 -47.77 -24.85 12.85
CA ASN J 71 -48.75 -24.18 13.72
C ASN J 71 -50.18 -24.03 13.20
N GLY J 72 -50.40 -24.41 11.96
CA GLY J 72 -51.66 -24.22 11.30
C GLY J 72 -52.21 -22.92 10.97
N TYR J 73 -51.43 -21.85 11.15
CA TYR J 73 -51.84 -20.56 10.74
C TYR J 73 -50.51 -19.89 10.34
N GLU J 74 -50.62 -18.74 9.67
CA GLU J 74 -49.48 -18.03 9.07
C GLU J 74 -48.91 -16.85 9.95
N LEU J 75 -47.60 -16.63 9.78
CA LEU J 75 -46.94 -15.48 10.41
C LEU J 75 -47.42 -14.20 9.80
N SER J 76 -47.65 -13.18 10.64
CA SER J 76 -48.17 -11.93 10.23
C SER J 76 -47.01 -11.18 9.40
N PRO J 77 -47.40 -10.35 8.46
CA PRO J 77 -46.34 -9.52 7.76
C PRO J 77 -45.29 -8.82 8.68
N THR J 78 -45.73 -8.28 9.78
CA THR J 78 -44.86 -7.77 10.80
C THR J 78 -43.97 -8.85 11.52
N ALA J 79 -44.55 -9.98 11.94
CA ALA J 79 -43.74 -11.03 12.51
C ALA J 79 -42.69 -11.44 11.46
N ALA J 80 -43.08 -11.55 10.20
CA ALA J 80 -42.22 -12.22 9.22
C ALA J 80 -41.11 -11.24 8.93
N ALA J 81 -41.46 -9.98 8.99
CA ALA J 81 -40.49 -8.91 8.78
C ALA J 81 -39.45 -8.99 9.92
N ASN J 82 -39.92 -9.14 11.16
CA ASN J 82 -38.97 -9.20 12.23
C ASN J 82 -38.16 -10.51 12.27
N PHE J 83 -38.77 -11.59 11.83
CA PHE J 83 -38.05 -12.89 11.67
C PHE J 83 -36.90 -12.69 10.60
N THR J 84 -37.26 -12.08 9.48
CA THR J 84 -36.33 -11.82 8.39
C THR J 84 -35.16 -10.97 8.94
N ARG J 85 -35.52 -9.91 9.65
CA ARG J 85 -34.56 -9.01 10.25
C ARG J 85 -33.62 -9.77 11.21
N ARG J 86 -34.16 -10.66 12.03
CA ARG J 86 -33.38 -11.29 13.09
C ARG J 86 -32.34 -12.09 12.36
N ASN J 87 -32.72 -12.76 11.29
CA ASN J 87 -31.79 -13.61 10.59
C ASN J 87 -30.65 -12.81 9.96
N LEU J 88 -31.02 -11.74 9.25
CA LEU J 88 -30.06 -10.91 8.55
C LEU J 88 -29.12 -10.31 9.54
N ALA J 89 -29.66 -9.70 10.61
CA ALA J 89 -28.82 -9.12 11.66
C ALA J 89 -27.91 -10.10 12.35
N ASP J 90 -28.43 -11.30 12.63
CA ASP J 90 -27.62 -12.34 13.33
C ASP J 90 -26.51 -12.76 12.41
N 6V1 J 91 -26.70 -12.68 11.08
CA 6V1 J 91 -25.61 -13.10 10.13
C 6V1 J 91 -24.60 -12.01 9.84
O 6V1 J 91 -23.53 -12.25 9.23
CB 6V1 J 91 -26.22 -13.67 8.83
SG 6V1 J 91 -26.65 -15.43 9.15
C1 6V1 J 91 -28.36 -15.78 9.37
C2 6V1 J 91 -29.00 -15.78 7.99
N3 6V1 J 91 -29.44 -17.08 7.67
C4 6V1 J 91 -29.41 -17.86 8.78
C5 6V1 J 91 -28.72 -17.17 9.94
C6 6V1 J 91 -29.69 -17.72 6.38
O7 6V1 J 91 -29.03 -14.69 7.38
O8 6V1 J 91 -29.84 -18.98 8.83
C3 6V1 J 91 -30.48 -16.88 5.46
N LEU J 92 -24.91 -10.79 10.27
CA LEU J 92 -24.14 -9.62 9.81
C LEU J 92 -22.69 -9.71 10.18
N ARG J 93 -22.43 -10.12 11.40
CA ARG J 93 -21.10 -10.18 11.93
C ARG J 93 -20.57 -11.62 11.91
N SER J 94 -21.27 -12.55 11.27
CA SER J 94 -20.85 -13.92 11.17
C SER J 94 -19.94 -14.11 10.00
N ARG J 95 -19.54 -15.34 9.83
CA ARG J 95 -18.78 -15.81 8.67
C ARG J 95 -19.67 -15.88 7.45
N THR J 96 -21.00 -15.82 7.59
CA THR J 96 -21.86 -15.87 6.42
C THR J 96 -22.86 -14.70 6.37
N PRO J 97 -22.40 -13.50 6.12
CA PRO J 97 -23.32 -12.35 5.97
C PRO J 97 -24.07 -12.48 4.64
N TYR J 98 -25.27 -11.94 4.55
CA TYR J 98 -25.98 -11.96 3.29
C TYR J 98 -26.12 -10.50 2.75
N HIS J 99 -25.61 -10.25 1.56
N HIS J 99 -25.58 -10.22 1.57
CA HIS J 99 -25.62 -8.89 1.01
CA HIS J 99 -25.64 -8.83 1.03
C HIS J 99 -26.85 -8.66 0.19
C HIS J 99 -26.86 -8.65 0.19
N VAL J 100 -27.98 -8.39 0.88
CA VAL J 100 -29.26 -8.32 0.23
C VAL J 100 -30.03 -7.15 0.75
N ASN J 101 -30.86 -6.56 -0.10
CA ASN J 101 -31.73 -5.45 0.31
C ASN J 101 -33.12 -5.96 0.02
N LEU J 102 -34.09 -5.60 0.85
CA LEU J 102 -35.43 -6.15 0.71
C LEU J 102 -36.54 -5.20 0.92
N LEU J 103 -37.70 -5.55 0.34
CA LEU J 103 -39.00 -5.13 0.77
C LEU J 103 -39.85 -6.35 1.16
N LEU J 104 -40.67 -6.15 2.18
CA LEU J 104 -41.64 -7.14 2.58
C LEU J 104 -42.99 -6.47 2.57
N ALA J 105 -43.90 -7.05 1.75
CA ALA J 105 -45.25 -6.57 1.59
C ALA J 105 -46.20 -7.63 2.09
N GLY J 106 -47.20 -7.18 2.85
CA GLY J 106 -48.20 -8.10 3.30
C GLY J 106 -49.50 -7.47 3.71
N TYR J 107 -50.49 -8.36 3.90
CA TYR J 107 -51.81 -7.98 4.37
C TYR J 107 -52.14 -8.88 5.54
N ASP J 108 -52.41 -8.28 6.69
CA ASP J 108 -52.91 -8.97 7.86
C ASP J 108 -54.43 -8.75 8.09
N GLU J 109 -55.16 -9.81 8.45
CA GLU J 109 -56.60 -9.72 8.75
C GLU J 109 -56.90 -8.54 9.68
N HIS J 110 -56.13 -8.36 10.73
CA HIS J 110 -56.44 -7.37 11.77
C HIS J 110 -55.70 -6.07 11.68
N GLU J 111 -54.46 -6.11 11.21
CA GLU J 111 -53.62 -4.92 11.08
C GLU J 111 -53.79 -4.17 9.74
N GLY J 112 -54.25 -4.87 8.70
CA GLY J 112 -54.33 -4.33 7.37
C GLY J 112 -53.00 -4.40 6.61
N PRO J 113 -52.85 -3.63 5.51
CA PRO J 113 -51.68 -3.80 4.64
C PRO J 113 -50.44 -3.27 5.32
N ALA J 114 -49.29 -3.83 4.98
CA ALA J 114 -47.98 -3.33 5.51
C ALA J 114 -46.89 -3.48 4.45
N LEU J 115 -45.95 -2.56 4.49
CA LEU J 115 -44.79 -2.54 3.66
C LEU J 115 -43.60 -2.22 4.57
N TYR J 116 -42.59 -3.10 4.46
CA TYR J 116 -41.39 -2.98 5.22
C TYR J 116 -40.19 -2.87 4.33
N TYR J 117 -39.27 -2.04 4.78
CA TYR J 117 -37.98 -1.82 4.10
C TYR J 117 -36.86 -2.29 4.91
N MET J 118 -35.98 -3.05 4.27
CA MET J 118 -34.81 -3.47 4.93
C MET J 118 -33.58 -3.35 4.06
N ASP J 119 -32.49 -2.89 4.64
CA ASP J 119 -31.19 -2.82 3.95
C ASP J 119 -30.32 -4.00 4.41
N TYR J 120 -29.16 -4.17 3.74
CA TYR J 120 -28.29 -5.26 4.01
C TYR J 120 -27.77 -5.21 5.43
N LEU J 121 -27.70 -4.04 6.05
CA LEU J 121 -27.31 -4.02 7.45
C LEU J 121 -28.39 -4.60 8.46
N ALA J 122 -29.62 -4.73 7.98
CA ALA J 122 -30.75 -5.27 8.69
C ALA J 122 -31.46 -4.24 9.52
N ALA J 123 -31.32 -3.00 9.15
CA ALA J 123 -32.22 -1.92 9.66
C ALA J 123 -33.61 -2.15 9.03
N LEU J 124 -34.66 -2.16 9.84
CA LEU J 124 -36.01 -2.40 9.39
C LEU J 124 -36.86 -1.15 9.61
N ALA J 125 -37.56 -0.71 8.58
CA ALA J 125 -38.47 0.43 8.68
C ALA J 125 -39.76 0.14 7.97
N LYS J 126 -40.85 0.45 8.65
CA LYS J 126 -42.16 0.33 8.06
C LYS J 126 -42.42 1.65 7.38
N ALA J 127 -43.00 1.62 6.21
CA ALA J 127 -43.16 2.81 5.37
C ALA J 127 -44.42 2.76 4.54
N PRO J 128 -44.97 3.93 4.16
CA PRO J 128 -46.14 3.94 3.26
C PRO J 128 -45.78 3.67 1.84
N PHE J 129 -44.53 3.90 1.48
CA PHE J 129 -43.98 3.49 0.19
C PHE J 129 -42.46 3.53 0.29
N ALA J 130 -41.78 2.87 -0.66
CA ALA J 130 -40.34 2.67 -0.55
C ALA J 130 -39.84 2.04 -1.81
N ALA J 131 -38.52 2.12 -1.98
CA ALA J 131 -37.87 1.57 -3.15
C ALA J 131 -36.41 1.33 -2.91
N HIS J 132 -35.85 0.41 -3.67
CA HIS J 132 -34.49 0.03 -3.57
C HIS J 132 -33.88 0.07 -4.95
N GLY J 133 -32.58 0.26 -4.97
CA GLY J 133 -31.77 0.27 -6.16
C GLY J 133 -31.48 1.73 -6.55
N TYR J 134 -30.55 1.90 -7.42
CA TYR J 134 -30.24 3.21 -8.02
C TYR J 134 -31.50 3.92 -8.55
N GLY J 135 -32.44 3.19 -9.11
CA GLY J 135 -33.69 3.72 -9.63
C GLY J 135 -34.48 4.41 -8.54
N ALA J 136 -34.28 4.03 -7.30
CA ALA J 136 -34.99 4.67 -6.15
C ALA J 136 -34.65 6.17 -6.10
N PHE J 137 -33.42 6.52 -6.46
CA PHE J 137 -32.96 7.88 -6.40
C PHE J 137 -33.79 8.81 -7.31
N LEU J 138 -34.22 8.28 -8.44
CA LEU J 138 -35.03 9.03 -9.39
C LEU J 138 -36.53 8.92 -9.14
N THR J 139 -37.00 7.93 -8.31
CA THR J 139 -38.44 7.75 -8.14
C THR J 139 -39.04 8.08 -6.76
N LEU J 140 -38.25 8.09 -5.69
CA LEU J 140 -38.81 8.36 -4.37
C LEU J 140 -39.49 9.75 -4.31
N SER J 141 -38.91 10.76 -4.98
CA SER J 141 -39.45 12.13 -4.94
C SER J 141 -40.75 12.27 -5.74
N ILE J 142 -40.90 11.45 -6.77
CA ILE J 142 -42.19 11.25 -7.49
C ILE J 142 -43.25 10.68 -6.54
N LEU J 143 -42.87 9.67 -5.76
CA LEU J 143 -43.77 9.15 -4.76
C LEU J 143 -44.09 10.22 -3.68
N ASP J 144 -43.07 10.91 -3.13
CA ASP J 144 -43.31 11.94 -2.12
C ASP J 144 -44.29 12.98 -2.69
N ARG J 145 -44.18 13.26 -3.98
CA ARG J 145 -44.91 14.38 -4.59
C ARG J 145 -46.41 14.06 -4.72
N TYR J 146 -46.73 12.80 -5.05
CA TYR J 146 -48.09 12.41 -5.45
C TYR J 146 -48.80 11.38 -4.52
N TYR J 147 -48.08 10.67 -3.68
CA TYR J 147 -48.70 9.72 -2.79
C TYR J 147 -49.61 10.44 -1.75
N THR J 148 -50.74 9.82 -1.47
CA THR J 148 -51.52 10.17 -0.30
C THR J 148 -51.90 8.84 0.37
N PRO J 149 -52.10 8.87 1.69
CA PRO J 149 -52.45 7.59 2.40
C PRO J 149 -53.72 6.87 1.90
N THR J 150 -54.68 7.60 1.32
CA THR J 150 -55.94 6.97 0.90
C THR J 150 -55.92 6.60 -0.58
N ILE J 151 -54.75 6.66 -1.18
CA ILE J 151 -54.62 6.45 -2.61
C ILE J 151 -55.27 5.17 -3.02
N SER J 152 -56.09 5.22 -4.05
CA SER J 152 -56.81 4.04 -4.56
C SER J 152 -55.87 3.20 -5.37
N ARG J 153 -56.25 1.95 -5.59
CA ARG J 153 -55.32 1.04 -6.27
C ARG J 153 -55.14 1.40 -7.75
N GLU J 154 -56.17 1.93 -8.40
CA GLU J 154 -56.07 2.42 -9.78
C GLU J 154 -55.07 3.56 -9.91
N ARG J 155 -55.08 4.52 -8.99
CA ARG J 155 -54.10 5.61 -8.96
C ARG J 155 -52.72 5.21 -8.51
N ALA J 156 -52.62 4.22 -7.62
CA ALA J 156 -51.34 3.64 -7.25
C ALA J 156 -50.66 3.05 -8.50
N VAL J 157 -51.43 2.32 -9.34
CA VAL J 157 -50.86 1.74 -10.57
C VAL J 157 -50.43 2.87 -11.53
N GLU J 158 -51.20 3.95 -11.55
CA GLU J 158 -50.80 5.17 -12.28
C GLU J 158 -49.54 5.82 -11.76
N LEU J 159 -49.45 5.91 -10.42
CA LEU J 159 -48.29 6.44 -9.74
C LEU J 159 -47.04 5.59 -10.00
N LEU J 160 -47.23 4.29 -9.87
CA LEU J 160 -46.20 3.32 -10.24
C LEU J 160 -45.73 3.55 -11.64
N ARG J 161 -46.69 3.77 -12.55
CA ARG J 161 -46.32 3.98 -13.97
C ARG J 161 -45.49 5.25 -14.20
N LYS J 162 -45.78 6.30 -13.45
CA LYS J 162 -45.00 7.48 -13.51
C LYS J 162 -43.52 7.24 -13.12
N CYS J 163 -43.32 6.53 -12.01
CA CYS J 163 -42.03 6.06 -11.59
C CYS J 163 -41.30 5.29 -12.66
N LEU J 164 -41.97 4.35 -13.27
CA LEU J 164 -41.34 3.48 -14.25
C LEU J 164 -41.03 4.21 -15.55
N GLU J 165 -41.90 5.14 -15.95
CA GLU J 165 -41.64 6.02 -17.08
C GLU J 165 -40.43 6.92 -16.81
N GLU J 166 -40.30 7.42 -15.59
CA GLU J 166 -39.16 8.23 -15.22
C GLU J 166 -37.84 7.46 -15.37
N LEU J 167 -37.87 6.15 -15.10
CA LEU J 167 -36.65 5.34 -15.35
C LEU J 167 -36.30 5.21 -16.83
N GLN J 168 -37.32 4.97 -17.63
CA GLN J 168 -37.14 4.93 -19.08
C GLN J 168 -36.52 6.25 -19.56
N LYS J 169 -36.96 7.37 -19.01
CA LYS J 169 -36.53 8.67 -19.50
C LYS J 169 -35.10 8.97 -19.03
N ARG J 170 -34.89 8.82 -17.75
CA ARG J 170 -33.79 9.43 -17.08
C ARG J 170 -32.70 8.47 -16.62
N PHE J 171 -33.01 7.20 -16.37
CA PHE J 171 -32.03 6.26 -15.79
C PHE J 171 -31.13 5.64 -16.88
N ILE J 172 -29.83 5.56 -16.65
CA ILE J 172 -28.95 5.02 -17.65
C ILE J 172 -29.06 3.54 -17.95
N LEU J 173 -29.71 2.78 -17.10
CA LEU J 173 -29.88 1.39 -17.37
C LEU J 173 -31.20 1.07 -18.10
N ASN J 174 -31.09 0.08 -18.96
CA ASN J 174 -32.16 -0.46 -19.75
C ASN J 174 -32.96 -1.47 -18.91
N LEU J 175 -33.99 -0.98 -18.25
CA LEU J 175 -34.98 -1.77 -17.55
C LEU J 175 -36.34 -1.68 -18.23
N PRO J 176 -36.58 -2.48 -19.27
CA PRO J 176 -37.76 -2.28 -20.07
C PRO J 176 -39.06 -2.90 -19.57
N THR J 177 -39.00 -3.81 -18.63
CA THR J 177 -40.21 -4.50 -18.15
C THR J 177 -40.16 -4.70 -16.64
N PHE J 178 -41.35 -4.68 -16.03
CA PHE J 178 -41.54 -4.82 -14.61
C PHE J 178 -42.67 -5.75 -14.24
N SER J 179 -42.42 -6.58 -13.20
CA SER J 179 -43.45 -7.43 -12.60
C SER J 179 -44.25 -6.53 -11.67
N VAL J 180 -45.55 -6.73 -11.62
CA VAL J 180 -46.42 -5.97 -10.73
C VAL J 180 -47.39 -6.97 -10.07
N ARG J 181 -47.50 -6.89 -8.74
CA ARG J 181 -48.40 -7.67 -7.98
C ARG J 181 -49.03 -6.77 -6.93
N ILE J 182 -50.23 -7.16 -6.49
CA ILE J 182 -50.86 -6.50 -5.39
C ILE J 182 -51.34 -7.53 -4.35
N ILE J 183 -51.35 -7.09 -3.10
CA ILE J 183 -51.82 -7.90 -2.01
C ILE J 183 -52.93 -7.17 -1.26
N ASP J 184 -53.98 -7.92 -0.94
CA ASP J 184 -55.08 -7.41 -0.15
C ASP J 184 -55.74 -8.58 0.63
N LYS J 185 -56.91 -8.31 1.22
CA LYS J 185 -57.74 -9.30 1.95
C LYS J 185 -57.86 -10.65 1.25
N ASN J 186 -57.91 -10.65 -0.06
CA ASN J 186 -58.02 -11.89 -0.84
C ASN J 186 -56.72 -12.44 -1.35
N GLY J 187 -55.58 -11.96 -0.85
CA GLY J 187 -54.29 -12.58 -1.17
C GLY J 187 -53.45 -11.81 -2.20
N ILE J 188 -52.70 -12.56 -2.98
CA ILE J 188 -51.74 -12.05 -3.90
C ILE J 188 -52.31 -12.16 -5.30
N HIS J 189 -52.32 -11.03 -6.03
CA HIS J 189 -52.83 -10.97 -7.38
C HIS J 189 -51.73 -10.53 -8.32
N ASP J 190 -51.57 -11.27 -9.41
CA ASP J 190 -50.66 -10.85 -10.46
C ASP J 190 -51.31 -9.79 -11.34
N LEU J 191 -50.71 -8.61 -11.50
CA LEU J 191 -51.21 -7.67 -12.50
C LEU J 191 -50.42 -7.88 -13.79
N ASP J 192 -50.82 -7.21 -14.85
CA ASP J 192 -50.05 -7.26 -16.10
C ASP J 192 -48.70 -6.63 -15.77
N ASN J 193 -47.68 -7.15 -16.45
CA ASN J 193 -46.41 -6.51 -16.46
C ASN J 193 -46.54 -5.13 -17.09
N ILE J 194 -45.75 -4.20 -16.59
CA ILE J 194 -45.64 -2.86 -17.20
C ILE J 194 -44.41 -2.94 -18.07
N SER J 195 -44.58 -2.65 -19.34
CA SER J 195 -43.52 -2.85 -20.32
C SER J 195 -43.36 -1.64 -21.25
N PHE J 196 -42.16 -1.51 -21.81
CA PHE J 196 -41.81 -0.41 -22.72
C PHE J 196 -41.10 -1.06 -23.94
N THR K 1 -13.11 -18.77 -24.30
CA THR K 1 -14.22 -19.72 -24.55
C THR K 1 -15.45 -19.06 -25.04
N THR K 2 -16.16 -19.76 -25.90
CA THR K 2 -17.53 -19.39 -26.21
C THR K 2 -18.39 -20.62 -26.12
N THR K 3 -19.46 -20.54 -25.34
CA THR K 3 -20.47 -21.62 -25.23
C THR K 3 -21.80 -20.93 -25.39
N LEU K 4 -22.75 -21.64 -26.00
CA LEU K 4 -24.14 -21.16 -26.07
C LEU K 4 -25.10 -22.35 -25.97
N ALA K 5 -26.33 -22.01 -25.64
CA ALA K 5 -27.41 -22.93 -25.75
C ALA K 5 -28.71 -22.19 -25.91
N PHE K 6 -29.71 -22.88 -26.50
CA PHE K 6 -31.07 -22.36 -26.58
C PHE K 6 -32.14 -23.43 -26.66
N LYS K 7 -33.28 -23.15 -26.03
CA LYS K 7 -34.45 -23.97 -26.14
C LYS K 7 -35.19 -23.57 -27.38
N PHE K 8 -35.83 -24.57 -27.97
CA PHE K 8 -36.72 -24.33 -29.09
C PHE K 8 -37.71 -25.49 -29.18
N ARG K 9 -38.62 -25.44 -30.13
CA ARG K 9 -39.66 -26.44 -30.30
C ARG K 9 -39.10 -27.87 -30.22
N HIS K 10 -37.97 -28.13 -30.86
CA HIS K 10 -37.40 -29.45 -30.95
C HIS K 10 -36.29 -29.79 -29.94
N GLY K 11 -36.23 -29.07 -28.80
CA GLY K 11 -35.32 -29.42 -27.70
C GLY K 11 -34.36 -28.31 -27.33
N VAL K 12 -33.10 -28.65 -27.11
CA VAL K 12 -32.12 -27.66 -26.79
C VAL K 12 -30.84 -27.88 -27.52
N ILE K 13 -30.39 -26.81 -28.21
CA ILE K 13 -29.13 -26.82 -28.92
C ILE K 13 -28.03 -26.38 -27.94
N VAL K 14 -26.89 -27.05 -28.01
CA VAL K 14 -25.78 -26.76 -27.16
C VAL K 14 -24.54 -26.79 -28.00
N ALA K 15 -23.73 -25.73 -27.90
CA ALA K 15 -22.50 -25.61 -28.72
C ALA K 15 -21.37 -24.92 -28.02
N ALA K 16 -20.13 -25.28 -28.39
CA ALA K 16 -18.96 -24.74 -27.78
C ALA K 16 -17.81 -24.71 -28.74
N ASP K 17 -16.85 -23.82 -28.44
CA ASP K 17 -15.51 -23.87 -29.03
C ASP K 17 -14.66 -24.90 -28.26
N SER K 18 -13.38 -24.99 -28.58
CA SER K 18 -12.54 -25.99 -27.97
C SER K 18 -11.18 -25.52 -27.50
N ARG K 19 -11.04 -24.22 -27.25
CA ARG K 19 -9.73 -23.67 -26.94
C ARG K 19 -9.56 -23.52 -25.47
N ALA K 20 -8.34 -23.77 -25.04
CA ALA K 20 -7.94 -23.39 -23.70
C ALA K 20 -6.67 -22.61 -23.76
N THR K 21 -6.56 -21.72 -22.80
CA THR K 21 -5.43 -20.82 -22.71
C THR K 21 -4.89 -20.70 -21.31
N ALA K 22 -3.58 -20.46 -21.25
CA ALA K 22 -2.90 -20.10 -20.04
C ALA K 22 -2.30 -18.73 -20.32
N GLY K 23 -2.93 -17.67 -19.81
CA GLY K 23 -2.64 -16.30 -20.25
C GLY K 23 -2.89 -16.22 -21.74
N ALA K 24 -1.91 -15.77 -22.50
CA ALA K 24 -2.06 -15.76 -23.95
C ALA K 24 -1.58 -17.07 -24.65
N TYR K 25 -0.98 -18.02 -23.90
CA TYR K 25 -0.52 -19.26 -24.53
C TYR K 25 -1.72 -20.14 -24.84
N ILE K 26 -1.79 -20.67 -26.05
CA ILE K 26 -2.88 -21.60 -26.40
C ILE K 26 -2.44 -22.98 -25.90
N ALA K 27 -3.10 -23.43 -24.83
CA ALA K 27 -2.78 -24.71 -24.14
C ALA K 27 -3.36 -25.93 -24.85
N SER K 28 -4.56 -25.73 -25.39
CA SER K 28 -5.18 -26.79 -26.20
C SER K 28 -6.19 -26.21 -27.19
N GLN K 29 -6.32 -26.89 -28.34
CA GLN K 29 -7.33 -26.61 -29.35
C GLN K 29 -8.41 -27.72 -29.37
N THR K 30 -8.34 -28.69 -28.45
CA THR K 30 -9.23 -29.86 -28.49
C THR K 30 -9.90 -30.14 -27.18
N VAL K 31 -10.28 -29.13 -26.45
CA VAL K 31 -10.97 -29.32 -25.19
C VAL K 31 -12.42 -29.68 -25.46
N LYS K 32 -12.94 -30.64 -24.73
CA LYS K 32 -14.38 -30.95 -24.74
C LYS K 32 -15.10 -30.13 -23.70
N LYS K 33 -15.83 -29.10 -24.10
CA LYS K 33 -16.43 -28.21 -23.14
C LYS K 33 -17.87 -28.56 -22.82
N VAL K 34 -18.42 -29.54 -23.52
CA VAL K 34 -19.80 -30.02 -23.27
C VAL K 34 -19.61 -31.33 -22.55
N ILE K 35 -20.09 -31.41 -21.33
CA ILE K 35 -19.98 -32.62 -20.52
C ILE K 35 -21.31 -33.39 -20.43
N GLU K 36 -21.21 -34.71 -20.62
CA GLU K 36 -22.35 -35.63 -20.63
C GLU K 36 -22.60 -35.99 -19.19
N ILE K 37 -23.58 -35.32 -18.57
CA ILE K 37 -23.92 -35.57 -17.19
C ILE K 37 -24.69 -36.89 -17.07
N ASN K 38 -25.70 -37.07 -17.90
CA ASN K 38 -26.28 -38.41 -18.11
C ASN K 38 -26.82 -38.44 -19.53
N PRO K 39 -27.48 -39.51 -19.97
CA PRO K 39 -27.95 -39.48 -21.37
C PRO K 39 -29.02 -38.43 -21.77
N TYR K 40 -29.62 -37.72 -20.80
CA TYR K 40 -30.60 -36.65 -21.06
C TYR K 40 -30.21 -35.22 -20.52
N LEU K 41 -28.95 -35.06 -20.11
CA LEU K 41 -28.47 -33.86 -19.41
C LEU K 41 -27.03 -33.53 -19.79
N LEU K 42 -26.81 -32.32 -20.28
CA LEU K 42 -25.50 -31.82 -20.60
C LEU K 42 -25.16 -30.60 -19.73
N GLY K 43 -23.88 -30.44 -19.48
CA GLY K 43 -23.35 -29.23 -18.80
C GLY K 43 -22.29 -28.66 -19.68
N THR K 44 -22.25 -27.35 -19.80
CA THR K 44 -21.19 -26.68 -20.56
C THR K 44 -20.17 -26.00 -19.60
N MET K 45 -18.93 -25.93 -20.08
CA MET K 45 -17.82 -25.39 -19.29
C MET K 45 -17.27 -24.07 -19.91
N ALA K 46 -17.17 -23.05 -19.06
CA ALA K 46 -16.44 -21.87 -19.36
C ALA K 46 -15.84 -21.38 -18.03
N GLY K 47 -14.62 -20.83 -18.09
CA GLY K 47 -13.95 -20.22 -16.93
C GLY K 47 -12.74 -21.07 -16.63
N GLY K 48 -12.43 -21.28 -15.35
CA GLY K 48 -11.26 -22.08 -14.96
C GLY K 48 -11.47 -23.51 -15.43
N ALA K 49 -10.47 -24.06 -16.10
CA ALA K 49 -10.64 -25.38 -16.67
C ALA K 49 -10.83 -26.50 -15.57
N ALA K 50 -9.99 -26.44 -14.56
CA ALA K 50 -10.00 -27.40 -13.49
C ALA K 50 -11.26 -27.21 -12.68
N ASP K 51 -11.61 -25.98 -12.41
CA ASP K 51 -12.85 -25.73 -11.67
C ASP K 51 -14.06 -26.31 -12.40
N CYS K 52 -14.24 -25.99 -13.69
CA CYS K 52 -15.42 -26.50 -14.39
C CYS K 52 -15.48 -28.03 -14.41
N SER K 53 -14.38 -28.65 -14.77
CA SER K 53 -14.25 -30.10 -14.86
C SER K 53 -14.55 -30.80 -13.56
N PHE K 54 -13.94 -30.34 -12.50
CA PHE K 54 -14.22 -30.91 -11.20
C PHE K 54 -15.68 -30.79 -10.79
N TRP K 55 -16.22 -29.56 -10.85
CA TRP K 55 -17.55 -29.36 -10.29
C TRP K 55 -18.62 -30.00 -11.15
N GLU K 56 -18.40 -30.05 -12.45
CA GLU K 56 -19.37 -30.73 -13.30
C GLU K 56 -19.29 -32.26 -13.17
N ARG K 57 -18.10 -32.77 -12.93
CA ARG K 57 -17.93 -34.18 -12.65
C ARG K 57 -18.63 -34.51 -11.33
N LEU K 58 -18.50 -33.65 -10.35
CA LEU K 58 -19.16 -33.85 -9.09
C LEU K 58 -20.67 -33.78 -9.20
N LEU K 59 -21.16 -32.86 -10.01
CA LEU K 59 -22.55 -32.80 -10.29
C LEU K 59 -23.02 -34.13 -10.92
N ALA K 60 -22.27 -34.67 -11.87
CA ALA K 60 -22.64 -35.95 -12.49
C ALA K 60 -22.74 -37.10 -11.45
N ARG K 61 -21.76 -37.20 -10.57
CA ARG K 61 -21.84 -38.08 -9.42
C ARG K 61 -23.13 -37.92 -8.63
N GLN K 62 -23.45 -36.72 -8.25
CA GLN K 62 -24.60 -36.43 -7.40
C GLN K 62 -25.92 -36.76 -8.12
N CYS K 63 -26.03 -36.37 -9.39
CA CYS K 63 -27.21 -36.69 -10.17
C CYS K 63 -27.41 -38.23 -10.24
N ARG K 64 -26.33 -38.96 -10.44
CA ARG K 64 -26.39 -40.40 -10.50
C ARG K 64 -26.85 -41.02 -9.19
N ILE K 65 -26.24 -40.63 -8.08
CA ILE K 65 -26.72 -41.00 -6.71
C ILE K 65 -28.20 -40.71 -6.54
N TYR K 66 -28.60 -39.50 -6.94
CA TYR K 66 -29.97 -39.11 -6.82
C TYR K 66 -30.90 -40.11 -7.51
N GLU K 67 -30.52 -40.49 -8.72
CA GLU K 67 -31.31 -41.31 -9.59
C GLU K 67 -31.47 -42.71 -8.98
N LEU K 68 -30.36 -43.26 -8.49
CA LEU K 68 -30.38 -44.47 -7.72
C LEU K 68 -31.28 -44.36 -6.50
N ARG K 69 -31.19 -43.30 -5.71
CA ARG K 69 -31.96 -43.26 -4.46
C ARG K 69 -33.42 -43.05 -4.72
N ASN K 70 -33.76 -42.24 -5.72
CA ASN K 70 -35.14 -41.86 -5.95
C ASN K 70 -35.89 -42.66 -7.03
N LYS K 71 -35.18 -43.45 -7.83
CA LYS K 71 -35.74 -44.30 -8.87
C LYS K 71 -36.39 -43.49 -9.98
N GLU K 72 -35.84 -42.29 -10.23
CA GLU K 72 -36.24 -41.49 -11.37
C GLU K 72 -35.19 -40.48 -11.70
N ARG K 73 -35.19 -40.09 -12.97
CA ARG K 73 -34.35 -39.02 -13.54
C ARG K 73 -34.45 -37.77 -12.66
N ILE K 74 -33.31 -37.17 -12.34
CA ILE K 74 -33.31 -35.78 -11.78
C ILE K 74 -33.81 -34.77 -12.82
N SER K 75 -34.65 -33.83 -12.39
CA SER K 75 -35.04 -32.67 -13.27
C SER K 75 -33.84 -31.73 -13.54
N VAL K 76 -33.97 -30.94 -14.59
CA VAL K 76 -33.01 -29.94 -14.93
C VAL K 76 -32.96 -28.93 -13.80
N ALA K 77 -34.12 -28.56 -13.27
CA ALA K 77 -34.19 -27.61 -12.17
C ALA K 77 -33.37 -28.07 -10.96
N ALA K 78 -33.61 -29.32 -10.58
CA ALA K 78 -32.93 -29.90 -9.40
C ALA K 78 -31.44 -30.10 -9.63
N ALA K 79 -31.04 -30.50 -10.83
CA ALA K 79 -29.64 -30.67 -11.12
C ALA K 79 -28.89 -29.31 -11.04
N SER K 80 -29.44 -28.30 -11.74
CA SER K 80 -28.89 -26.98 -11.73
C SER K 80 -28.82 -26.46 -10.28
N LYS K 81 -29.83 -26.80 -9.47
CA LYS K 81 -29.83 -26.38 -8.08
C LYS K 81 -28.76 -27.05 -7.24
N LEU K 82 -28.50 -28.32 -7.50
CA LEU K 82 -27.46 -28.99 -6.79
C LEU K 82 -26.18 -28.27 -7.06
N LEU K 83 -25.95 -27.92 -8.33
CA LEU K 83 -24.67 -27.27 -8.70
C LEU K 83 -24.52 -25.89 -7.99
N ALA K 84 -25.56 -25.09 -8.01
CA ALA K 84 -25.54 -23.78 -7.34
C ALA K 84 -25.29 -23.92 -5.86
N ASN K 85 -25.94 -24.88 -5.23
CA ASN K 85 -25.73 -25.07 -3.81
C ASN K 85 -24.35 -25.55 -3.48
N MET K 86 -23.73 -26.35 -4.33
CA MET K 86 -22.34 -26.75 -4.13
C MET K 86 -21.37 -25.56 -4.16
N VAL K 87 -21.51 -24.70 -5.19
CA VAL K 87 -20.51 -23.61 -5.41
C VAL K 87 -20.76 -22.39 -4.49
N TYR K 88 -21.99 -22.22 -4.00
CA TYR K 88 -22.33 -21.09 -3.18
C TYR K 88 -21.36 -20.97 -2.01
N GLN K 89 -21.03 -22.10 -1.40
CA GLN K 89 -20.16 -22.15 -0.23
C GLN K 89 -18.75 -21.63 -0.51
N TYR K 90 -18.31 -21.66 -1.74
CA TYR K 90 -17.01 -21.20 -2.13
C TYR K 90 -16.97 -19.76 -2.65
N LYS K 91 -18.07 -19.01 -2.57
CA LYS K 91 -18.03 -17.67 -3.17
C LYS K 91 -16.88 -16.86 -2.51
N GLY K 92 -16.15 -16.09 -3.30
CA GLY K 92 -15.11 -15.27 -2.77
C GLY K 92 -13.77 -15.96 -2.67
N MET K 93 -13.67 -17.23 -3.03
CA MET K 93 -12.45 -17.98 -2.85
C MET K 93 -11.79 -18.13 -4.19
N GLY K 94 -12.34 -17.50 -5.20
CA GLY K 94 -11.66 -17.42 -6.50
C GLY K 94 -12.01 -18.55 -7.45
N LEU K 95 -13.09 -19.31 -7.23
CA LEU K 95 -13.52 -20.25 -8.28
C LEU K 95 -13.99 -19.44 -9.45
N SER K 96 -13.78 -19.95 -10.65
CA SER K 96 -14.29 -19.30 -11.86
C SER K 96 -15.01 -20.35 -12.71
N MET K 97 -16.33 -20.22 -12.81
CA MET K 97 -17.14 -21.23 -13.52
CA MET K 97 -17.14 -21.17 -13.54
C MET K 97 -18.41 -20.55 -14.06
N GLY K 98 -18.70 -20.83 -15.31
CA GLY K 98 -19.96 -20.40 -15.88
C GLY K 98 -20.45 -21.58 -16.68
N THR K 99 -21.62 -22.09 -16.33
CA THR K 99 -22.12 -23.28 -16.94
C THR K 99 -23.61 -23.17 -17.33
N MET K 100 -23.97 -23.85 -18.41
CA MET K 100 -25.33 -24.05 -18.73
C MET K 100 -25.71 -25.55 -18.52
N ILE K 101 -26.80 -25.79 -17.81
CA ILE K 101 -27.31 -27.17 -17.57
C ILE K 101 -28.49 -27.34 -18.49
N CYS K 102 -28.38 -28.25 -19.44
CA CYS K 102 -29.30 -28.39 -20.57
C CYS K 102 -29.88 -29.82 -20.60
N GLY K 103 -31.20 -29.94 -20.59
CA GLY K 103 -31.85 -31.25 -20.56
C GLY K 103 -33.27 -31.19 -21.08
N TRP K 104 -34.00 -32.26 -20.85
CA TRP K 104 -35.39 -32.34 -21.20
C TRP K 104 -36.00 -33.25 -20.15
N ASP K 105 -36.93 -32.75 -19.36
CA ASP K 105 -37.53 -33.49 -18.27
C ASP K 105 -39.05 -33.35 -18.35
N LYS K 106 -39.79 -33.51 -17.25
CA LYS K 106 -41.27 -33.45 -17.31
C LYS K 106 -41.83 -32.06 -17.63
N ARG K 107 -41.06 -31.02 -17.41
CA ARG K 107 -41.46 -29.66 -17.84
C ARG K 107 -41.07 -29.37 -19.29
N GLY K 108 -40.49 -30.34 -20.01
CA GLY K 108 -40.06 -30.17 -21.40
C GLY K 108 -38.60 -29.75 -21.48
N PRO K 109 -38.22 -29.09 -22.58
CA PRO K 109 -36.80 -28.65 -22.70
C PRO K 109 -36.38 -27.74 -21.52
N GLY K 110 -35.18 -27.96 -20.97
CA GLY K 110 -34.75 -27.20 -19.79
C GLY K 110 -33.36 -26.62 -19.97
N LEU K 111 -33.21 -25.37 -19.53
CA LEU K 111 -31.92 -24.68 -19.68
C LEU K 111 -31.76 -23.68 -18.55
N TYR K 112 -30.69 -23.88 -17.81
CA TYR K 112 -30.33 -23.06 -16.65
C TYR K 112 -28.89 -22.57 -16.83
N TYR K 113 -28.66 -21.32 -16.48
CA TYR K 113 -27.28 -20.75 -16.37
C TYR K 113 -26.89 -20.76 -14.90
N VAL K 114 -25.73 -21.32 -14.59
CA VAL K 114 -25.25 -21.41 -13.20
C VAL K 114 -23.75 -20.95 -13.18
N ASP K 115 -23.39 -20.11 -12.24
CA ASP K 115 -22.00 -19.67 -12.15
C ASP K 115 -21.49 -19.58 -10.72
N SER K 116 -20.18 -19.36 -10.62
CA SER K 116 -19.47 -19.37 -9.35
C SER K 116 -19.71 -18.13 -8.55
N GLU K 117 -20.36 -17.11 -9.15
CA GLU K 117 -20.83 -15.94 -8.39
C GLU K 117 -22.07 -16.17 -7.59
N GLY K 118 -22.74 -17.30 -7.88
CA GLY K 118 -23.94 -17.66 -7.24
C GLY K 118 -25.20 -17.51 -8.08
N ASN K 119 -25.11 -17.13 -9.36
CA ASN K 119 -26.32 -16.97 -10.17
C ASN K 119 -26.85 -18.36 -10.54
N ARG K 120 -28.14 -18.46 -10.58
CA ARG K 120 -28.81 -19.60 -11.15
C ARG K 120 -30.08 -19.10 -11.80
N ILE K 121 -30.19 -19.19 -13.11
CA ILE K 121 -31.38 -18.68 -13.78
C ILE K 121 -31.77 -19.52 -14.95
N SER K 122 -33.07 -19.70 -15.10
CA SER K 122 -33.64 -20.38 -16.24
C SER K 122 -33.77 -19.37 -17.38
N GLY K 123 -33.65 -19.80 -18.63
CA GLY K 123 -33.93 -18.88 -19.78
C GLY K 123 -33.97 -19.60 -21.09
N ALA K 124 -34.33 -18.87 -22.12
CA ALA K 124 -34.54 -19.47 -23.44
C ALA K 124 -33.22 -19.66 -24.18
N THR K 125 -32.29 -18.72 -24.01
CA THR K 125 -31.01 -18.73 -24.73
C THR K 125 -30.01 -18.12 -23.76
N PHE K 126 -28.75 -18.54 -23.87
CA PHE K 126 -27.68 -17.99 -23.10
C PHE K 126 -26.42 -18.19 -23.91
N SER K 127 -25.42 -17.37 -23.63
CA SER K 127 -24.07 -17.64 -24.10
C SER K 127 -23.16 -17.29 -22.96
N VAL K 128 -22.06 -18.03 -22.78
CA VAL K 128 -21.16 -17.86 -21.65
C VAL K 128 -19.73 -17.95 -22.12
N GLY K 129 -18.86 -17.10 -21.56
CA GLY K 129 -17.44 -17.11 -21.83
C GLY K 129 -16.99 -15.80 -22.44
N SER K 130 -15.69 -15.68 -22.62
CA SER K 130 -15.10 -14.46 -23.12
C SER K 130 -15.63 -14.10 -24.52
N GLY K 131 -16.04 -15.09 -25.28
CA GLY K 131 -16.67 -14.84 -26.58
C GLY K 131 -18.17 -14.64 -26.61
N SER K 132 -18.83 -14.74 -25.44
CA SER K 132 -20.27 -14.74 -25.42
C SER K 132 -20.88 -13.52 -26.10
N VAL K 133 -20.27 -12.37 -25.95
CA VAL K 133 -20.87 -11.14 -26.50
C VAL K 133 -21.04 -11.24 -28.02
N TYR K 134 -20.06 -11.85 -28.71
CA TYR K 134 -20.03 -12.07 -30.11
C TYR K 134 -21.04 -13.14 -30.53
N ALA K 135 -21.11 -14.23 -29.76
CA ALA K 135 -22.15 -15.26 -30.01
C ALA K 135 -23.54 -14.72 -29.81
N TYR K 136 -23.75 -13.89 -28.80
CA TYR K 136 -25.11 -13.33 -28.56
C TYR K 136 -25.59 -12.50 -29.75
N GLY K 137 -24.72 -11.70 -30.31
CA GLY K 137 -25.11 -10.89 -31.47
C GLY K 137 -25.67 -11.77 -32.58
N VAL K 138 -24.94 -12.82 -32.93
CA VAL K 138 -25.39 -13.62 -34.05
C VAL K 138 -26.56 -14.49 -33.70
N MET K 139 -26.47 -15.16 -32.54
CA MET K 139 -27.55 -15.98 -32.05
C MET K 139 -28.83 -15.16 -31.91
N ASP K 140 -28.75 -14.00 -31.27
CA ASP K 140 -29.94 -13.19 -31.09
C ASP K 140 -30.58 -12.74 -32.42
N ARG K 141 -29.79 -12.46 -33.46
CA ARG K 141 -30.41 -12.00 -34.72
C ARG K 141 -31.04 -13.16 -35.48
N GLY K 142 -30.69 -14.39 -35.19
CA GLY K 142 -31.27 -15.53 -35.92
C GLY K 142 -32.23 -16.43 -35.15
N TYR K 143 -32.39 -16.20 -33.85
CA TYR K 143 -33.06 -17.15 -32.98
C TYR K 143 -34.54 -17.04 -33.15
N SER K 144 -35.17 -18.21 -33.14
CA SER K 144 -36.63 -18.31 -33.03
C SER K 144 -36.98 -19.65 -32.41
N TYR K 145 -38.01 -19.65 -31.58
CA TYR K 145 -38.51 -20.87 -30.97
C TYR K 145 -38.93 -21.88 -32.06
N ASP K 146 -39.40 -21.38 -33.20
CA ASP K 146 -39.87 -22.25 -34.27
C ASP K 146 -38.84 -22.53 -35.34
N LEU K 147 -37.57 -22.28 -35.04
CA LEU K 147 -36.51 -22.76 -35.92
C LEU K 147 -36.69 -24.23 -36.26
N GLU K 148 -36.50 -24.59 -37.53
CA GLU K 148 -36.37 -25.99 -37.92
C GLU K 148 -35.04 -26.54 -37.39
N VAL K 149 -34.98 -27.86 -37.22
CA VAL K 149 -33.84 -28.50 -36.64
C VAL K 149 -32.55 -28.09 -37.33
N GLU K 150 -32.47 -28.27 -38.66
CA GLU K 150 -31.23 -27.97 -39.38
C GLU K 150 -30.85 -26.46 -39.31
N GLN K 151 -31.85 -25.59 -39.24
CA GLN K 151 -31.63 -24.12 -39.11
C GLN K 151 -31.02 -23.80 -37.73
N ALA K 152 -31.46 -24.54 -36.72
CA ALA K 152 -30.97 -24.38 -35.37
C ALA K 152 -29.50 -24.80 -35.29
N TYR K 153 -29.17 -25.91 -35.95
CA TYR K 153 -27.77 -26.35 -36.07
C TYR K 153 -26.88 -25.27 -36.73
N ASP K 154 -27.39 -24.70 -37.83
CA ASP K 154 -26.68 -23.66 -38.59
C ASP K 154 -26.41 -22.39 -37.77
N LEU K 155 -27.43 -21.94 -37.06
CA LEU K 155 -27.32 -20.83 -36.19
C LEU K 155 -26.26 -21.00 -35.08
N ALA K 156 -26.35 -22.12 -34.34
CA ALA K 156 -25.40 -22.38 -33.27
C ALA K 156 -23.98 -22.41 -33.76
N ARG K 157 -23.77 -23.18 -34.82
CA ARG K 157 -22.47 -23.33 -35.43
C ARG K 157 -21.90 -21.95 -35.88
N ARG K 158 -22.74 -21.14 -36.55
CA ARG K 158 -22.34 -19.85 -37.05
C ARG K 158 -22.04 -18.89 -35.89
N ALA K 159 -22.87 -18.86 -34.87
CA ALA K 159 -22.61 -18.02 -33.70
C ALA K 159 -21.27 -18.31 -33.00
N ILE K 160 -20.97 -19.59 -32.76
CA ILE K 160 -19.68 -19.93 -32.19
C ILE K 160 -18.55 -19.59 -33.11
N TYR K 161 -18.68 -19.96 -34.38
CA TYR K 161 -17.69 -19.54 -35.40
C TYR K 161 -17.31 -18.03 -35.32
N GLN K 162 -18.32 -17.19 -35.33
CA GLN K 162 -18.13 -15.72 -35.37
C GLN K 162 -17.47 -15.26 -34.09
N ALA K 163 -17.80 -15.91 -32.98
CA ALA K 163 -17.12 -15.60 -31.73
C ALA K 163 -15.64 -15.99 -31.84
N THR K 164 -15.31 -17.15 -32.41
CA THR K 164 -13.91 -17.53 -32.54
C THR K 164 -13.09 -16.52 -33.38
N TYR K 165 -13.77 -15.91 -34.32
CA TYR K 165 -13.15 -14.92 -35.19
C TYR K 165 -12.71 -13.61 -34.46
N ARG K 166 -13.62 -13.08 -33.65
CA ARG K 166 -13.36 -11.83 -32.89
C ARG K 166 -12.57 -12.03 -31.58
N ASP K 167 -12.85 -13.10 -30.85
CA ASP K 167 -12.29 -13.32 -29.51
C ASP K 167 -11.02 -14.13 -29.60
N ALA K 168 -9.92 -13.53 -29.19
CA ALA K 168 -8.65 -14.21 -29.17
C ALA K 168 -8.68 -15.49 -28.32
N TYR K 169 -9.53 -15.50 -27.28
CA TYR K 169 -9.58 -16.65 -26.35
C TYR K 169 -10.57 -17.74 -26.75
N SER K 170 -11.19 -17.66 -27.95
CA SER K 170 -12.01 -18.75 -28.44
C SER K 170 -11.47 -19.25 -29.77
N GLY K 171 -11.61 -20.56 -29.98
CA GLY K 171 -11.09 -21.16 -31.19
C GLY K 171 -11.16 -22.65 -31.22
N GLY K 172 -10.54 -23.20 -32.24
CA GLY K 172 -10.39 -24.66 -32.41
C GLY K 172 -11.47 -25.20 -33.30
N ALA K 173 -12.42 -25.88 -32.69
CA ALA K 173 -13.48 -26.53 -33.43
C ALA K 173 -14.78 -26.13 -32.80
N VAL K 174 -15.88 -26.18 -33.56
CA VAL K 174 -17.21 -26.03 -32.94
C VAL K 174 -17.90 -27.38 -32.76
N ASN K 175 -18.26 -27.68 -31.52
CA ASN K 175 -18.86 -28.94 -31.14
C ASN K 175 -20.27 -28.65 -30.77
N LEU K 176 -21.18 -29.43 -31.36
CA LEU K 176 -22.60 -29.16 -31.32
C LEU K 176 -23.38 -30.44 -30.90
N TYR K 177 -24.34 -30.22 -30.01
CA TYR K 177 -25.13 -31.24 -29.41
C TYR K 177 -26.58 -30.79 -29.48
N HIS K 178 -27.47 -31.79 -29.50
CA HIS K 178 -28.88 -31.54 -29.52
C HIS K 178 -29.52 -32.39 -28.41
N VAL K 179 -30.17 -31.76 -27.42
CA VAL K 179 -30.94 -32.49 -26.44
C VAL K 179 -32.35 -32.68 -26.97
N ARG K 180 -32.71 -33.94 -27.19
CA ARG K 180 -34.08 -34.31 -27.65
C ARG K 180 -34.83 -35.01 -26.49
N GLU K 181 -36.11 -35.26 -26.65
CA GLU K 181 -36.91 -35.89 -25.58
C GLU K 181 -36.37 -37.25 -25.13
N ASP K 182 -35.80 -38.02 -26.05
CA ASP K 182 -35.21 -39.33 -25.69
C ASP K 182 -33.68 -39.30 -25.55
N GLY K 183 -33.06 -38.13 -25.34
CA GLY K 183 -31.63 -38.10 -25.11
C GLY K 183 -30.94 -37.05 -25.93
N TRP K 184 -29.73 -36.70 -25.52
CA TRP K 184 -28.93 -35.82 -26.33
C TRP K 184 -28.25 -36.67 -27.40
N ILE K 185 -27.95 -36.03 -28.54
CA ILE K 185 -27.04 -36.60 -29.54
C ILE K 185 -25.91 -35.60 -29.78
N ARG K 186 -24.73 -36.13 -30.09
CA ARG K 186 -23.65 -35.36 -30.62
C ARG K 186 -23.94 -35.09 -32.11
N VAL K 187 -24.16 -33.85 -32.53
CA VAL K 187 -24.53 -33.58 -33.94
C VAL K 187 -23.32 -33.35 -34.86
N SER K 188 -22.32 -32.56 -34.47
CA SER K 188 -21.12 -32.40 -35.30
C SER K 188 -19.94 -31.79 -34.54
N SER K 189 -18.75 -31.97 -35.14
CA SER K 189 -17.52 -31.33 -34.74
C SER K 189 -16.88 -30.74 -35.98
N ASP K 190 -16.78 -29.41 -36.08
CA ASP K 190 -16.25 -28.79 -37.30
C ASP K 190 -15.09 -27.87 -36.95
N ASN K 191 -13.90 -28.15 -37.46
CA ASN K 191 -12.81 -27.25 -37.26
C ASN K 191 -13.15 -25.84 -37.87
N VAL K 192 -12.90 -24.80 -37.07
CA VAL K 192 -13.13 -23.42 -37.47
C VAL K 192 -12.45 -23.07 -38.81
N ALA K 193 -11.28 -23.66 -39.10
CA ALA K 193 -10.63 -23.48 -40.43
C ALA K 193 -11.42 -24.08 -41.58
N ASP K 194 -12.07 -25.21 -41.36
CA ASP K 194 -12.92 -25.81 -42.37
C ASP K 194 -14.19 -24.99 -42.48
N LEU K 195 -14.74 -24.51 -41.35
CA LEU K 195 -15.91 -23.58 -41.44
C LEU K 195 -15.58 -22.28 -42.19
N HIS K 196 -14.35 -21.78 -42.05
CA HIS K 196 -13.94 -20.52 -42.72
C HIS K 196 -14.04 -20.65 -44.26
N GLU K 197 -13.42 -21.72 -44.77
CA GLU K 197 -13.56 -22.19 -46.14
C GLU K 197 -15.02 -22.18 -46.58
N LYS K 198 -15.89 -22.75 -45.80
CA LYS K 198 -17.31 -22.86 -46.16
C LYS K 198 -18.05 -21.52 -46.16
N TYR K 199 -17.86 -20.67 -45.15
CA TYR K 199 -18.70 -19.46 -45.04
C TYR K 199 -18.12 -18.29 -45.90
N SER K 200 -17.13 -18.60 -46.75
CA SER K 200 -16.72 -17.74 -47.88
C SER K 200 -16.21 -18.59 -49.05
N ARG L 1 7.24 -11.72 3.79
CA ARG L 1 6.58 -12.69 2.90
C ARG L 1 7.63 -13.79 2.60
N PHE L 2 7.63 -14.83 3.48
CA PHE L 2 8.12 -16.15 3.07
C PHE L 2 7.34 -16.51 1.83
N SER L 3 7.97 -16.93 0.72
CA SER L 3 7.23 -17.58 -0.37
CA SER L 3 7.20 -17.60 -0.38
C SER L 3 7.41 -19.10 -0.29
N PRO L 4 6.29 -19.86 -0.36
CA PRO L 4 6.42 -21.31 -0.30
C PRO L 4 6.80 -21.93 -1.60
N TYR L 5 6.96 -21.16 -2.69
CA TYR L 5 7.35 -21.73 -3.96
C TYR L 5 8.64 -21.19 -4.53
N VAL L 6 9.31 -21.95 -5.35
CA VAL L 6 10.43 -21.41 -6.16
C VAL L 6 10.32 -22.20 -7.46
N PHE L 7 10.82 -21.61 -8.54
CA PHE L 7 10.77 -22.25 -9.86
C PHE L 7 12.07 -23.01 -10.08
N ASN L 8 12.04 -24.30 -10.41
CA ASN L 8 13.26 -25.09 -10.52
C ASN L 8 13.51 -25.61 -11.93
N GLY L 9 12.72 -25.18 -12.90
CA GLY L 9 13.07 -25.47 -14.26
C GLY L 9 12.71 -26.89 -14.70
N GLY L 10 13.09 -27.23 -15.90
CA GLY L 10 12.74 -28.54 -16.40
C GLY L 10 11.72 -28.47 -17.52
N THR L 11 12.02 -29.26 -18.53
CA THR L 11 11.14 -29.51 -19.64
C THR L 11 10.76 -31.00 -19.72
N ILE L 12 9.47 -31.21 -20.02
CA ILE L 12 8.94 -32.51 -20.25
C ILE L 12 8.18 -32.64 -21.55
N LEU L 13 8.06 -33.90 -21.98
CA LEU L 13 7.48 -34.20 -23.25
C LEU L 13 6.98 -35.63 -23.25
N ALA L 14 5.80 -35.87 -23.84
CA ALA L 14 5.30 -37.23 -24.12
C ALA L 14 4.68 -37.32 -25.52
N ILE L 15 4.86 -38.48 -26.15
CA ILE L 15 4.31 -38.77 -27.44
C ILE L 15 3.61 -40.14 -27.39
N ALA L 16 2.36 -40.21 -27.85
CA ALA L 16 1.66 -41.48 -28.01
C ALA L 16 1.86 -42.04 -29.44
N GLY L 17 2.38 -43.25 -29.53
CA GLY L 17 2.37 -44.05 -30.79
C GLY L 17 1.29 -45.09 -30.82
N GLU L 18 1.21 -45.85 -31.92
CA GLU L 18 0.24 -46.96 -32.06
C GLU L 18 0.39 -47.97 -30.96
N ASP L 19 1.64 -48.33 -30.67
CA ASP L 19 1.96 -49.37 -29.70
C ASP L 19 3.13 -48.90 -28.81
N PHE L 20 3.28 -47.61 -28.60
CA PHE L 20 4.32 -47.18 -27.68
C PHE L 20 3.97 -45.84 -27.09
N ALA L 21 4.64 -45.47 -26.03
CA ALA L 21 4.58 -44.08 -25.50
C ALA L 21 5.98 -43.68 -25.13
N ILE L 22 6.32 -42.44 -25.42
CA ILE L 22 7.59 -41.87 -25.02
C ILE L 22 7.32 -40.80 -23.98
N VAL L 23 8.12 -40.79 -22.92
CA VAL L 23 8.13 -39.71 -21.98
C VAL L 23 9.59 -39.33 -21.82
N ALA L 24 9.86 -38.04 -21.98
CA ALA L 24 11.22 -37.52 -22.03
C ALA L 24 11.32 -36.25 -21.19
N SER L 25 12.52 -36.02 -20.67
CA SER L 25 12.81 -34.82 -19.94
C SER L 25 14.26 -34.52 -19.91
N ASP L 26 14.60 -33.27 -19.63
CA ASP L 26 15.99 -32.92 -19.42
C ASP L 26 16.36 -33.22 -17.96
N THR L 27 17.63 -33.13 -17.62
CA THR L 27 18.07 -33.53 -16.31
C THR L 27 18.60 -32.39 -15.48
N ARG L 28 18.37 -31.15 -15.90
CA ARG L 28 18.88 -30.01 -15.14
C ARG L 28 17.90 -29.61 -14.05
N LEU L 29 18.41 -29.30 -12.88
CA LEU L 29 17.60 -28.73 -11.83
C LEU L 29 18.22 -27.42 -11.45
N SER L 30 17.44 -26.33 -11.56
CA SER L 30 17.93 -24.97 -11.46
C SER L 30 17.23 -24.26 -10.33
N GLU L 31 17.77 -23.13 -9.94
CA GLU L 31 17.11 -22.19 -9.08
C GLU L 31 17.77 -20.82 -9.27
N GLY L 32 16.96 -19.78 -9.51
CA GLY L 32 17.51 -18.43 -9.78
C GLY L 32 18.36 -18.48 -11.01
N PHE L 33 19.60 -18.04 -10.90
CA PHE L 33 20.55 -18.17 -12.00
C PHE L 33 21.57 -19.32 -11.85
N SER L 34 21.29 -20.30 -10.99
CA SER L 34 22.22 -21.39 -10.64
C SER L 34 21.70 -22.72 -11.03
N ILE L 35 22.61 -23.68 -11.11
CA ILE L 35 22.31 -25.07 -11.33
C ILE L 35 22.52 -25.80 -10.00
N HIS L 36 21.48 -26.47 -9.55
CA HIS L 36 21.55 -27.31 -8.36
C HIS L 36 22.28 -28.58 -8.76
N THR L 37 21.80 -29.25 -9.80
CA THR L 37 22.51 -30.43 -10.28
C THR L 37 22.19 -30.67 -11.70
N ARG L 38 23.11 -31.30 -12.40
CA ARG L 38 22.97 -31.71 -13.80
C ARG L 38 22.34 -33.09 -14.01
N ASP L 39 21.98 -33.78 -12.93
CA ASP L 39 21.48 -35.11 -13.07
C ASP L 39 20.25 -35.33 -12.20
N SER L 40 19.15 -34.75 -12.60
CA SER L 40 17.89 -34.79 -11.86
C SER L 40 16.81 -34.98 -12.93
N PRO L 41 16.50 -36.23 -13.25
CA PRO L 41 15.42 -36.51 -14.22
C PRO L 41 14.04 -36.15 -13.67
N LYS L 42 13.12 -35.94 -14.59
CA LYS L 42 11.79 -35.49 -14.26
C LYS L 42 10.73 -36.50 -14.58
N CYS L 43 11.19 -37.70 -14.95
CA CYS L 43 10.31 -38.82 -15.27
CA CYS L 43 10.34 -38.83 -15.27
C CYS L 43 10.40 -39.80 -14.11
N TYR L 44 9.27 -40.44 -13.82
CA TYR L 44 9.12 -41.37 -12.69
C TYR L 44 8.25 -42.53 -13.20
N LYS L 45 8.77 -43.76 -13.07
CA LYS L 45 7.99 -44.96 -13.33
C LYS L 45 6.86 -45.17 -12.33
N LEU L 46 5.65 -45.34 -12.81
CA LEU L 46 4.52 -45.57 -11.92
C LEU L 46 4.13 -47.05 -11.94
N THR L 47 3.99 -47.66 -13.12
CA THR L 47 3.75 -49.12 -13.27
C THR L 47 4.58 -49.55 -14.47
N ASP L 48 4.50 -50.82 -14.80
CA ASP L 48 5.14 -51.34 -16.03
C ASP L 48 4.64 -50.67 -17.33
N LYS L 49 3.49 -49.99 -17.27
CA LYS L 49 2.77 -49.48 -18.40
C LYS L 49 2.62 -47.95 -18.37
N THR L 50 3.11 -47.27 -17.35
CA THR L 50 2.80 -45.84 -17.10
C THR L 50 4.00 -45.13 -16.49
N VAL L 51 4.40 -44.01 -17.11
CA VAL L 51 5.47 -43.18 -16.63
C VAL L 51 4.86 -41.75 -16.51
N ILE L 52 5.33 -40.98 -15.54
CA ILE L 52 4.86 -39.64 -15.36
C ILE L 52 6.07 -38.67 -15.47
N GLY L 53 5.92 -37.56 -16.20
CA GLY L 53 6.92 -36.47 -16.19
C GLY L 53 6.39 -35.32 -15.32
N CYS L 54 7.24 -34.73 -14.48
CA CYS L 54 6.85 -33.66 -13.53
C CYS L 54 7.90 -32.55 -13.54
N SER L 55 7.49 -31.31 -13.77
CA SER L 55 8.43 -30.16 -13.66
C SER L 55 7.77 -29.03 -12.99
N GLY L 56 8.56 -28.12 -12.47
CA GLY L 56 7.99 -26.99 -11.74
C GLY L 56 8.77 -26.84 -10.47
N PHE L 57 8.05 -26.69 -9.37
CA PHE L 57 8.69 -26.46 -8.09
C PHE L 57 9.06 -27.87 -7.62
N HIS L 58 10.36 -28.11 -7.45
CA HIS L 58 10.85 -29.46 -7.14
C HIS L 58 10.35 -29.98 -5.82
N GLY L 59 10.18 -29.13 -4.84
CA GLY L 59 9.62 -29.58 -3.54
C GLY L 59 8.25 -30.21 -3.71
N ASP L 60 7.41 -29.66 -4.61
CA ASP L 60 6.14 -30.25 -4.96
C ASP L 60 6.28 -31.47 -5.88
N CYS L 61 7.24 -31.47 -6.79
CA CYS L 61 7.40 -32.66 -7.63
C CYS L 61 7.72 -33.91 -6.77
N LEU L 62 8.60 -33.73 -5.80
CA LEU L 62 8.94 -34.81 -4.91
C LEU L 62 7.76 -35.24 -4.10
N THR L 63 7.08 -34.31 -3.49
CA THR L 63 5.95 -34.68 -2.65
C THR L 63 4.84 -35.38 -3.42
N LEU L 64 4.47 -34.81 -4.55
CA LEU L 64 3.39 -35.32 -5.35
C LEU L 64 3.72 -36.71 -5.87
N THR L 65 4.95 -36.92 -6.36
CA THR L 65 5.28 -38.26 -6.86
C THR L 65 5.24 -39.36 -5.73
N LYS L 66 5.70 -38.99 -4.53
CA LYS L 66 5.57 -39.81 -3.41
C LYS L 66 4.11 -40.07 -3.03
N ILE L 67 3.24 -39.09 -3.13
CA ILE L 67 1.81 -39.33 -2.93
C ILE L 67 1.21 -40.28 -3.96
N ILE L 68 1.57 -40.08 -5.19
CA ILE L 68 1.06 -40.95 -6.26
C ILE L 68 1.52 -42.38 -5.99
N GLU L 69 2.79 -42.57 -5.64
CA GLU L 69 3.30 -43.94 -5.36
C GLU L 69 2.49 -44.66 -4.27
N ALA L 70 2.21 -43.95 -3.17
CA ALA L 70 1.41 -44.48 -2.08
C ALA L 70 0.01 -44.83 -2.52
N ARG L 71 -0.65 -43.98 -3.29
CA ARG L 71 -1.97 -44.19 -3.74
C ARG L 71 -2.06 -45.36 -4.71
N LEU L 72 -1.01 -45.61 -5.52
CA LEU L 72 -1.03 -46.75 -6.43
C LEU L 72 -1.04 -48.03 -5.63
N LYS L 73 -0.27 -48.07 -4.55
CA LYS L 73 -0.29 -49.25 -3.68
C LYS L 73 -1.57 -49.41 -2.91
N MET L 74 -2.10 -48.31 -2.37
CA MET L 74 -3.41 -48.38 -1.75
C MET L 74 -4.47 -48.94 -2.72
N TYR L 75 -4.48 -48.47 -3.96
CA TYR L 75 -5.43 -48.97 -4.98
C TYR L 75 -5.26 -50.48 -5.18
N LYS L 76 -4.02 -50.87 -5.37
CA LYS L 76 -3.70 -52.23 -5.69
C LYS L 76 -4.12 -53.14 -4.52
N HIS L 77 -3.86 -52.73 -3.29
CA HIS L 77 -4.33 -53.43 -2.13
C HIS L 77 -5.83 -53.51 -2.06
N SER L 78 -6.55 -52.45 -2.42
CA SER L 78 -7.97 -52.51 -2.21
C SER L 78 -8.77 -53.13 -3.38
N ASN L 79 -8.21 -53.11 -4.58
CA ASN L 79 -8.86 -53.62 -5.77
C ASN L 79 -8.15 -54.84 -6.40
N ASN L 80 -7.02 -55.28 -5.89
CA ASN L 80 -6.32 -56.47 -6.42
C ASN L 80 -5.92 -56.46 -7.86
N LYS L 81 -5.54 -55.30 -8.33
CA LYS L 81 -4.95 -55.12 -9.64
C LYS L 81 -4.23 -53.73 -9.71
N ALA L 82 -3.26 -53.58 -10.61
CA ALA L 82 -2.55 -52.34 -10.84
C ALA L 82 -3.52 -51.34 -11.45
N MET L 83 -3.29 -50.08 -11.17
CA MET L 83 -4.06 -49.02 -11.80
C MET L 83 -3.70 -48.93 -13.26
N THR L 84 -4.72 -48.73 -14.09
CA THR L 84 -4.51 -48.36 -15.50
C THR L 84 -3.99 -46.93 -15.68
N THR L 85 -3.48 -46.70 -16.87
CA THR L 85 -2.97 -45.38 -17.24
C THR L 85 -4.08 -44.35 -17.08
N GLY L 86 -5.27 -44.64 -17.61
CA GLY L 86 -6.43 -43.76 -17.53
C GLY L 86 -6.94 -43.53 -16.11
N ALA L 87 -6.86 -44.56 -15.26
CA ALA L 87 -7.27 -44.38 -13.85
C ALA L 87 -6.26 -43.59 -13.04
N ILE L 88 -4.98 -43.75 -13.33
CA ILE L 88 -3.96 -42.88 -12.72
C ILE L 88 -4.19 -41.38 -13.09
N ALA L 89 -4.47 -41.13 -14.36
CA ALA L 89 -4.76 -39.79 -14.83
C ALA L 89 -5.94 -39.20 -14.08
N ALA L 90 -7.04 -39.98 -13.99
CA ALA L 90 -8.23 -39.45 -13.34
C ALA L 90 -7.95 -39.18 -11.87
N MET L 91 -7.15 -40.04 -11.22
CA MET L 91 -6.88 -39.91 -9.81
C MET L 91 -6.01 -38.68 -9.59
N LEU L 92 -4.97 -38.56 -10.40
CA LEU L 92 -4.12 -37.32 -10.35
C LEU L 92 -4.90 -36.04 -10.44
N SER L 93 -5.92 -36.03 -11.26
CA SER L 93 -6.77 -34.86 -11.34
C SER L 93 -7.38 -34.48 -10.02
N THR L 94 -7.87 -35.48 -9.26
CA THR L 94 -8.45 -35.17 -7.97
C THR L 94 -7.39 -34.80 -6.93
N ILE L 95 -6.21 -35.39 -6.99
CA ILE L 95 -5.19 -35.06 -6.00
C ILE L 95 -4.74 -33.57 -6.19
N LEU L 96 -4.55 -33.20 -7.43
CA LEU L 96 -4.23 -31.76 -7.76
C LEU L 96 -5.33 -30.84 -7.29
N TYR L 97 -6.60 -31.24 -7.54
CA TYR L 97 -7.69 -30.32 -7.16
C TYR L 97 -7.84 -30.24 -5.65
N SER L 98 -7.43 -31.29 -4.90
CA SER L 98 -7.51 -31.20 -3.47
C SER L 98 -6.69 -30.01 -2.89
N ARG L 99 -5.65 -29.62 -3.61
CA ARG L 99 -4.82 -28.45 -3.29
C ARG L 99 -5.20 -27.24 -4.11
N ARG L 100 -6.46 -27.17 -4.56
CA ARG L 100 -6.95 -26.04 -5.36
C ARG L 100 -6.65 -24.68 -4.76
N PHE L 101 -6.72 -24.56 -3.46
CA PHE L 101 -6.42 -23.35 -2.74
C PHE L 101 -4.96 -23.21 -2.20
N PHE L 102 -4.07 -24.17 -2.52
CA PHE L 102 -2.58 -24.04 -2.27
C PHE L 102 -1.91 -25.00 -3.22
N PRO L 103 -1.86 -24.68 -4.49
CA PRO L 103 -1.60 -25.73 -5.44
C PRO L 103 -0.23 -26.35 -5.40
N TYR L 104 -0.17 -27.60 -5.84
CA TYR L 104 1.07 -28.16 -6.30
C TYR L 104 1.55 -27.40 -7.54
N TYR L 105 2.73 -26.80 -7.45
CA TYR L 105 3.33 -26.11 -8.59
C TYR L 105 4.09 -27.13 -9.42
N VAL L 106 3.31 -27.91 -10.12
CA VAL L 106 3.82 -28.96 -10.97
C VAL L 106 3.02 -29.06 -12.29
N TYR L 107 3.72 -29.20 -13.41
CA TYR L 107 3.14 -29.54 -14.66
C TYR L 107 3.41 -31.02 -14.83
N ASN L 108 2.34 -31.76 -15.07
CA ASN L 108 2.41 -33.23 -15.18
C ASN L 108 1.99 -33.68 -16.55
N ILE L 109 2.75 -34.62 -17.10
CA ILE L 109 2.33 -35.33 -18.31
C ILE L 109 2.53 -36.81 -18.05
N ILE L 110 1.44 -37.59 -18.21
CA ILE L 110 1.52 -39.06 -18.14
C ILE L 110 1.67 -39.64 -19.53
N GLY L 111 2.62 -40.55 -19.71
CA GLY L 111 2.66 -41.35 -20.92
C GLY L 111 2.64 -42.84 -20.56
N GLY L 112 1.89 -43.59 -21.33
CA GLY L 112 1.75 -45.04 -21.14
C GLY L 112 0.90 -45.73 -22.17
N LEU L 113 0.55 -46.96 -21.87
CA LEU L 113 -0.29 -47.79 -22.73
C LEU L 113 -1.65 -47.83 -22.12
N ASP L 114 -2.68 -47.73 -22.97
CA ASP L 114 -4.07 -47.81 -22.52
C ASP L 114 -4.44 -49.27 -22.47
N GLU L 115 -5.71 -49.58 -22.23
CA GLU L 115 -6.12 -51.00 -22.05
C GLU L 115 -6.16 -51.82 -23.33
N GLU L 116 -6.06 -51.16 -24.48
CA GLU L 116 -5.93 -51.85 -25.75
C GLU L 116 -4.46 -51.94 -26.22
N GLY L 117 -3.51 -51.59 -25.38
CA GLY L 117 -2.08 -51.62 -25.76
C GLY L 117 -1.63 -50.43 -26.63
N LYS L 118 -2.50 -49.44 -26.78
CA LYS L 118 -2.12 -48.26 -27.56
C LYS L 118 -1.46 -47.17 -26.69
N GLY L 119 -0.58 -46.37 -27.31
CA GLY L 119 -0.01 -45.20 -26.66
C GLY L 119 -1.06 -44.22 -26.14
N ALA L 120 -0.82 -43.70 -24.94
CA ALA L 120 -1.70 -42.75 -24.35
C ALA L 120 -0.88 -41.70 -23.65
N VAL L 121 -1.28 -40.46 -23.85
CA VAL L 121 -0.72 -39.30 -23.19
C VAL L 121 -1.84 -38.49 -22.56
N TYR L 122 -1.64 -38.15 -21.31
CA TYR L 122 -2.54 -37.27 -20.58
C TYR L 122 -1.74 -36.10 -20.03
N SER L 123 -2.25 -34.90 -20.25
CA SER L 123 -1.54 -33.71 -19.81
C SER L 123 -2.44 -32.89 -18.87
N PHE L 124 -1.79 -32.28 -17.90
CA PHE L 124 -2.43 -31.64 -16.77
C PHE L 124 -1.96 -30.18 -16.60
N ASP L 125 -2.83 -29.36 -16.03
CA ASP L 125 -2.45 -28.14 -15.44
C ASP L 125 -2.24 -28.34 -13.93
N PRO L 126 -1.62 -27.36 -13.25
CA PRO L 126 -1.31 -27.57 -11.83
C PRO L 126 -2.49 -27.82 -10.89
N VAL L 127 -3.73 -27.46 -11.25
CA VAL L 127 -4.88 -27.70 -10.37
C VAL L 127 -5.80 -28.85 -10.86
N GLY L 128 -5.32 -29.63 -11.81
CA GLY L 128 -5.89 -30.90 -12.19
C GLY L 128 -6.73 -31.00 -13.43
N SER L 129 -6.84 -29.90 -14.21
CA SER L 129 -7.50 -29.99 -15.47
C SER L 129 -6.66 -30.92 -16.33
N TYR L 130 -7.29 -31.73 -17.17
CA TYR L 130 -6.53 -32.62 -18.03
C TYR L 130 -7.29 -33.15 -19.21
N GLN L 131 -6.60 -33.75 -20.14
CA GLN L 131 -7.21 -34.44 -21.27
C GLN L 131 -6.18 -35.37 -21.85
N ARG L 132 -6.68 -36.25 -22.72
CA ARG L 132 -5.84 -37.08 -23.52
C ARG L 132 -5.35 -36.28 -24.69
N ASP L 133 -4.12 -36.53 -25.07
CA ASP L 133 -3.47 -35.89 -26.20
C ASP L 133 -2.73 -36.95 -26.96
N SER L 134 -2.40 -36.65 -28.20
CA SER L 134 -1.51 -37.49 -29.04
C SER L 134 -0.03 -37.26 -28.68
N PHE L 135 0.26 -36.05 -28.21
CA PHE L 135 1.60 -35.64 -27.80
C PHE L 135 1.46 -34.39 -27.02
N LYS L 136 2.43 -34.06 -26.21
CA LYS L 136 2.37 -32.86 -25.44
C LYS L 136 3.74 -32.45 -24.93
N ALA L 137 4.03 -31.15 -24.92
CA ALA L 137 5.20 -30.65 -24.22
C ALA L 137 4.77 -29.86 -22.98
N GLY L 138 5.68 -29.81 -22.01
CA GLY L 138 5.38 -29.16 -20.75
C GLY L 138 6.63 -28.61 -20.13
N GLY L 139 6.44 -27.73 -19.17
CA GLY L 139 7.53 -27.13 -18.42
C GLY L 139 8.15 -25.98 -19.17
N SER L 140 9.40 -25.75 -18.83
CA SER L 140 10.12 -24.53 -19.13
C SER L 140 10.17 -24.16 -20.62
N ALA L 141 10.47 -25.11 -21.48
CA ALA L 141 10.59 -24.88 -22.88
C ALA L 141 9.35 -25.33 -23.63
N SER L 142 8.18 -25.48 -22.99
CA SER L 142 7.01 -26.05 -23.69
C SER L 142 6.53 -25.24 -24.85
N ALA L 143 6.61 -23.95 -24.73
CA ALA L 143 6.19 -23.10 -25.83
C ALA L 143 7.16 -23.24 -27.02
N MET L 144 8.39 -23.62 -26.76
CA MET L 144 9.32 -23.85 -27.83
C MET L 144 9.10 -25.19 -28.46
N LEU L 145 8.84 -26.23 -27.68
CA LEU L 145 8.65 -27.55 -28.29
C LEU L 145 7.28 -27.72 -28.94
N GLN L 146 6.22 -27.18 -28.34
CA GLN L 146 4.86 -27.53 -28.77
C GLN L 146 4.56 -27.26 -30.23
N PRO L 147 4.87 -26.03 -30.71
CA PRO L 147 4.59 -25.74 -32.11
C PRO L 147 5.25 -26.65 -33.11
N LEU L 148 6.49 -27.03 -32.85
CA LEU L 148 7.15 -27.96 -33.74
C LEU L 148 6.45 -29.33 -33.76
N LEU L 149 6.00 -29.80 -32.60
CA LEU L 149 5.29 -31.09 -32.53
C LEU L 149 3.95 -30.99 -33.27
N ASP L 150 3.25 -29.87 -33.07
CA ASP L 150 2.02 -29.59 -33.81
C ASP L 150 2.25 -29.79 -35.34
N ASN L 151 3.34 -29.22 -35.83
CA ASN L 151 3.65 -29.20 -37.21
C ASN L 151 4.10 -30.59 -37.68
N GLN L 152 5.11 -31.14 -37.01
CA GLN L 152 5.76 -32.39 -37.44
C GLN L 152 5.05 -33.69 -37.09
N VAL L 153 4.33 -33.72 -35.98
CA VAL L 153 3.53 -34.91 -35.57
C VAL L 153 2.07 -34.72 -35.93
N GLY L 154 1.55 -33.52 -35.71
CA GLY L 154 0.17 -33.21 -36.04
C GLY L 154 -0.02 -32.89 -37.51
N PHE L 155 1.07 -32.69 -38.25
CA PHE L 155 1.01 -32.27 -39.67
C PHE L 155 0.28 -30.94 -39.88
N LYS L 156 0.20 -30.11 -38.85
CA LYS L 156 -0.49 -28.83 -38.99
C LYS L 156 0.18 -27.85 -39.95
N ASN L 157 -0.65 -27.09 -40.65
CA ASN L 157 -0.19 -26.10 -41.63
C ASN L 157 0.52 -26.70 -42.85
N MET L 158 0.45 -28.02 -43.04
CA MET L 158 1.11 -28.67 -44.16
C MET L 158 0.11 -29.19 -45.17
N GLN L 159 0.35 -28.87 -46.45
CA GLN L 159 -0.40 -29.41 -47.61
C GLN L 159 0.47 -30.43 -48.31
N ASN L 160 -0.17 -31.28 -49.11
CA ASN L 160 0.51 -32.28 -49.95
C ASN L 160 1.49 -33.19 -49.17
N VAL L 161 1.08 -33.65 -47.98
CA VAL L 161 1.85 -34.61 -47.17
C VAL L 161 0.95 -35.79 -46.73
N GLU L 162 1.42 -37.02 -46.93
CA GLU L 162 0.69 -38.22 -46.49
C GLU L 162 0.76 -38.29 -44.96
N HIS L 163 -0.40 -38.28 -44.31
CA HIS L 163 -0.52 -38.41 -42.84
C HIS L 163 -0.23 -39.86 -42.45
N VAL L 164 1.04 -40.23 -42.41
CA VAL L 164 1.42 -41.58 -42.07
C VAL L 164 1.46 -41.82 -40.54
N PRO L 165 1.41 -43.12 -40.13
CA PRO L 165 1.60 -43.42 -38.71
C PRO L 165 3.00 -43.05 -38.21
N LEU L 166 3.05 -42.58 -36.98
CA LEU L 166 4.31 -42.19 -36.38
C LEU L 166 5.09 -43.45 -35.96
N SER L 167 6.23 -43.70 -36.60
CA SER L 167 7.11 -44.75 -36.19
C SER L 167 7.92 -44.32 -34.99
N LEU L 168 8.33 -45.32 -34.19
CA LEU L 168 9.14 -45.11 -33.00
C LEU L 168 10.42 -44.38 -33.34
N ASP L 169 11.03 -44.78 -34.43
CA ASP L 169 12.29 -44.21 -34.91
C ASP L 169 12.17 -42.72 -35.25
N ARG L 170 11.12 -42.33 -35.94
CA ARG L 170 10.92 -40.95 -36.24
C ARG L 170 10.58 -40.20 -34.93
N ALA L 171 9.69 -40.76 -34.11
CA ALA L 171 9.33 -40.13 -32.83
C ALA L 171 10.57 -39.86 -32.00
N MET L 172 11.48 -40.83 -31.99
CA MET L 172 12.74 -40.70 -31.28
C MET L 172 13.60 -39.55 -31.83
N ARG L 173 13.72 -39.48 -33.16
CA ARG L 173 14.49 -38.45 -33.80
C ARG L 173 13.91 -37.09 -33.45
N LEU L 174 12.58 -36.96 -33.47
CA LEU L 174 11.90 -35.73 -33.14
C LEU L 174 12.20 -35.27 -31.72
N VAL L 175 12.08 -36.19 -30.78
CA VAL L 175 12.32 -35.91 -29.39
C VAL L 175 13.73 -35.39 -29.17
N LYS L 176 14.72 -36.04 -29.77
CA LYS L 176 16.10 -35.60 -29.58
C LYS L 176 16.30 -34.19 -30.20
N ASP L 177 15.80 -34.01 -31.43
CA ASP L 177 15.87 -32.71 -32.12
C ASP L 177 15.26 -31.56 -31.32
N VAL L 178 14.03 -31.72 -30.82
CA VAL L 178 13.36 -30.61 -30.16
C VAL L 178 14.05 -30.26 -28.83
N PHE L 179 14.57 -31.24 -28.09
CA PHE L 179 15.28 -30.91 -26.87
C PHE L 179 16.61 -30.21 -27.15
N ILE L 180 17.28 -30.68 -28.17
CA ILE L 180 18.49 -29.99 -28.64
C ILE L 180 18.17 -28.53 -29.01
N SER L 181 17.06 -28.31 -29.72
CA SER L 181 16.63 -26.94 -30.05
C SER L 181 16.30 -26.15 -28.81
N ALA L 182 15.61 -26.78 -27.87
CA ALA L 182 15.33 -26.14 -26.61
C ALA L 182 16.58 -25.81 -25.79
N ALA L 183 17.59 -26.68 -25.81
CA ALA L 183 18.82 -26.38 -25.07
C ALA L 183 19.57 -25.14 -25.61
N GLU L 184 19.36 -24.82 -26.91
CA GLU L 184 19.90 -23.59 -27.56
C GLU L 184 19.34 -22.29 -26.97
N ARG L 185 18.07 -22.31 -26.58
CA ARG L 185 17.31 -21.08 -26.25
C ARG L 185 16.71 -20.93 -24.86
N ASP L 186 16.29 -22.01 -24.22
CA ASP L 186 15.83 -21.98 -22.83
C ASP L 186 17.03 -22.18 -21.92
N VAL L 187 17.27 -21.24 -21.03
CA VAL L 187 18.44 -21.36 -20.13
C VAL L 187 18.27 -22.52 -19.16
N TYR L 188 17.04 -22.87 -18.83
CA TYR L 188 16.79 -23.95 -17.88
C TYR L 188 16.96 -25.37 -18.45
N THR L 189 16.87 -25.53 -19.76
CA THR L 189 16.95 -26.85 -20.34
C THR L 189 18.35 -27.17 -20.84
N GLY L 190 18.90 -28.26 -20.35
CA GLY L 190 20.25 -28.66 -20.71
C GLY L 190 20.77 -29.88 -19.99
N ASP L 191 22.08 -30.07 -20.10
CA ASP L 191 22.84 -31.13 -19.43
C ASP L 191 22.66 -32.50 -20.08
N ALA L 192 21.45 -33.04 -20.00
CA ALA L 192 21.13 -34.33 -20.63
C ALA L 192 19.63 -34.48 -20.85
N LEU L 193 19.31 -35.28 -21.86
CA LEU L 193 17.99 -35.67 -22.20
C LEU L 193 17.84 -37.16 -21.77
N ARG L 194 16.82 -37.45 -20.98
CA ARG L 194 16.45 -38.82 -20.58
C ARG L 194 15.15 -39.18 -21.29
N ILE L 195 15.14 -40.29 -22.00
CA ILE L 195 13.99 -40.76 -22.75
C ILE L 195 13.54 -42.14 -22.23
N CYS L 196 12.24 -42.28 -21.91
CA CYS L 196 11.66 -43.54 -21.50
C CYS L 196 10.73 -43.97 -22.62
N ILE L 197 10.93 -45.18 -23.11
CA ILE L 197 10.06 -45.77 -24.11
C ILE L 197 9.22 -46.92 -23.49
N VAL L 198 7.91 -46.72 -23.41
CA VAL L 198 7.01 -47.69 -22.89
C VAL L 198 6.39 -48.49 -24.04
N THR L 199 6.59 -49.81 -24.00
CA THR L 199 5.94 -50.73 -24.96
C THR L 199 5.43 -51.96 -24.18
N LYS L 200 4.79 -52.91 -24.87
CA LYS L 200 4.34 -54.17 -24.27
C LYS L 200 5.46 -54.96 -23.56
N GLU L 201 6.67 -54.87 -24.08
CA GLU L 201 7.82 -55.57 -23.55
C GLU L 201 8.37 -54.95 -22.29
N GLY L 202 8.00 -53.71 -21.98
CA GLY L 202 8.45 -53.05 -20.77
C GLY L 202 8.80 -51.57 -21.02
N ILE L 203 9.67 -51.04 -20.16
CA ILE L 203 10.12 -49.66 -20.23
C ILE L 203 11.61 -49.64 -20.42
N ARG L 204 12.09 -49.08 -21.52
CA ARG L 204 13.55 -48.88 -21.64
C ARG L 204 13.93 -47.41 -21.66
N GLU L 205 15.21 -47.18 -21.46
CA GLU L 205 15.73 -45.89 -21.11
C GLU L 205 16.84 -45.57 -22.10
N GLU L 206 16.80 -44.42 -22.77
CA GLU L 206 17.98 -43.82 -23.47
C GLU L 206 18.40 -42.47 -22.83
N THR L 207 19.69 -42.17 -22.84
CA THR L 207 20.13 -40.85 -22.48
C THR L 207 21.06 -40.22 -23.53
N VAL L 208 20.80 -38.94 -23.85
CA VAL L 208 21.53 -38.15 -24.84
C VAL L 208 22.11 -36.90 -24.15
N SER L 209 23.35 -36.59 -24.48
CA SER L 209 24.01 -35.45 -23.91
C SER L 209 23.41 -34.15 -24.49
N LEU L 210 23.22 -33.12 -23.67
CA LEU L 210 22.89 -31.75 -24.14
C LEU L 210 23.97 -30.81 -23.66
N ARG L 211 24.03 -29.63 -24.29
CA ARG L 211 24.91 -28.53 -23.86
C ARG L 211 24.83 -28.26 -22.33
N LYS L 212 25.98 -27.99 -21.74
CA LYS L 212 26.14 -27.75 -20.31
C LYS L 212 26.15 -26.29 -19.85
N ASP L 213 26.18 -25.35 -20.82
CA ASP L 213 26.08 -23.88 -20.53
C ASP L 213 24.68 -23.38 -20.16
N THR M 1 9.71 -20.29 11.73
CA THR M 1 10.40 -18.96 11.74
C THR M 1 9.86 -18.16 10.56
N GLN M 2 9.33 -16.99 10.83
CA GLN M 2 9.05 -15.99 9.77
C GLN M 2 10.33 -15.11 9.45
N ASN M 3 11.03 -14.72 10.49
CA ASN M 3 12.20 -13.87 10.39
C ASN M 3 13.44 -14.50 11.00
N PRO M 4 14.47 -14.85 10.22
CA PRO M 4 15.61 -15.55 10.83
C PRO M 4 16.33 -14.59 11.76
N MET M 5 16.95 -15.09 12.83
CA MET M 5 17.62 -14.25 13.77
C MET M 5 19.11 -14.53 13.70
N VAL M 6 19.73 -15.34 14.57
CA VAL M 6 21.13 -15.65 14.41
C VAL M 6 21.23 -16.67 13.32
N THR M 7 22.10 -16.45 12.34
CA THR M 7 22.18 -17.32 11.15
C THR M 7 23.60 -17.78 10.81
N GLY M 8 23.69 -18.90 10.11
CA GLY M 8 24.95 -19.37 9.62
C GLY M 8 25.01 -19.26 8.13
N THR M 9 26.26 -19.15 7.58
CA THR M 9 26.42 -19.01 6.17
C THR M 9 26.64 -20.35 5.49
N SER M 10 27.44 -20.42 4.40
CA SER M 10 27.58 -21.61 3.61
C SER M 10 27.94 -22.92 4.35
N VAL M 11 27.52 -24.04 3.74
CA VAL M 11 28.00 -25.36 4.08
C VAL M 11 28.41 -25.98 2.77
N LEU M 12 29.54 -26.65 2.80
CA LEU M 12 30.10 -27.33 1.65
C LEU M 12 30.09 -28.84 1.89
N GLY M 13 30.00 -29.62 0.80
CA GLY M 13 30.17 -31.09 0.85
C GLY M 13 30.70 -31.64 -0.45
N VAL M 14 31.57 -32.63 -0.37
CA VAL M 14 32.01 -33.31 -1.56
C VAL M 14 32.24 -34.80 -1.26
N LYS M 15 31.86 -35.65 -2.21
CA LYS M 15 32.12 -37.04 -2.13
C LYS M 15 33.55 -37.33 -2.50
N PHE M 16 34.09 -38.36 -1.86
CA PHE M 16 35.39 -38.90 -2.22
C PHE M 16 35.34 -40.43 -2.08
N GLU M 17 36.39 -41.09 -2.57
CA GLU M 17 36.43 -42.54 -2.61
C GLU M 17 36.54 -43.04 -1.19
N GLY M 18 35.47 -43.59 -0.67
CA GLY M 18 35.47 -44.06 0.72
C GLY M 18 34.78 -43.15 1.72
N GLY M 19 34.15 -42.07 1.24
CA GLY M 19 33.50 -41.18 2.19
C GLY M 19 32.98 -39.86 1.63
N VAL M 20 32.71 -38.96 2.55
CA VAL M 20 32.18 -37.66 2.25
C VAL M 20 32.79 -36.73 3.25
N VAL M 21 33.08 -35.48 2.81
CA VAL M 21 33.58 -34.46 3.71
C VAL M 21 32.62 -33.26 3.62
N ILE M 22 32.30 -32.65 4.75
CA ILE M 22 31.58 -31.46 4.82
C ILE M 22 32.32 -30.43 5.64
N ALA M 23 32.03 -29.15 5.37
CA ALA M 23 32.73 -28.03 6.05
C ALA M 23 31.83 -26.89 6.33
N ALA M 24 32.04 -26.22 7.48
CA ALA M 24 31.20 -25.14 7.85
C ALA M 24 31.92 -24.28 8.86
N ASP M 25 31.85 -22.96 8.68
CA ASP M 25 32.47 -22.07 9.62
C ASP M 25 31.69 -22.10 10.94
N MET M 26 32.29 -21.51 11.96
CA MET M 26 31.75 -21.58 13.30
C MET M 26 31.03 -20.35 13.77
N LEU M 27 30.43 -19.58 12.84
CA LEU M 27 29.86 -18.27 13.14
C LEU M 27 28.37 -18.26 13.14
N GLY M 28 27.80 -17.66 14.17
CA GLY M 28 26.44 -17.21 14.11
C GLY M 28 26.38 -15.69 14.03
N SER M 29 25.81 -15.20 12.92
CA SER M 29 25.67 -13.79 12.66
C SER M 29 24.29 -13.32 13.00
N TYR M 30 24.20 -12.10 13.48
CA TYR M 30 22.98 -11.48 13.82
C TYR M 30 22.91 -10.27 12.89
N GLY M 31 22.33 -10.50 11.75
CA GLY M 31 22.42 -9.48 10.65
C GLY M 31 23.94 -9.41 10.25
N SER M 32 24.50 -8.21 10.18
CA SER M 32 25.94 -8.10 9.82
C SER M 32 26.90 -8.45 11.00
N LEU M 33 26.40 -8.39 12.25
CA LEU M 33 27.21 -8.59 13.43
C LEU M 33 27.67 -10.05 13.55
N ALA M 34 28.97 -10.23 13.68
CA ALA M 34 29.58 -11.56 13.87
C ALA M 34 29.49 -11.88 15.37
N ARG M 35 28.36 -12.43 15.80
CA ARG M 35 27.97 -12.40 17.18
C ARG M 35 28.50 -13.57 18.01
N PHE M 36 28.22 -14.79 17.58
CA PHE M 36 28.66 -16.05 18.32
C PHE M 36 29.65 -16.72 17.47
N ARG M 37 30.89 -16.62 17.83
CA ARG M 37 32.02 -16.96 16.95
C ARG M 37 32.62 -18.36 17.21
N ASN M 38 31.98 -19.11 18.10
CA ASN M 38 32.41 -20.48 18.33
C ASN M 38 31.29 -21.53 18.39
N ILE M 39 30.36 -21.54 17.42
CA ILE M 39 29.22 -22.48 17.46
C ILE M 39 29.49 -23.44 16.34
N SER M 40 29.12 -24.71 16.54
CA SER M 40 29.22 -25.79 15.58
C SER M 40 27.91 -25.86 14.81
N ARG M 41 28.02 -25.84 13.49
CA ARG M 41 26.95 -25.93 12.54
C ARG M 41 26.91 -27.27 11.83
N ILE M 42 27.52 -28.28 12.49
CA ILE M 42 27.58 -29.60 12.01
C ILE M 42 27.12 -30.56 13.14
N MET M 43 26.36 -31.56 12.76
CA MET M 43 25.84 -32.56 13.67
C MET M 43 26.28 -33.97 13.19
N ARG M 44 26.85 -34.74 14.08
CA ARG M 44 26.93 -36.19 13.87
C ARG M 44 25.52 -36.73 14.15
N VAL M 45 24.88 -37.28 13.16
CA VAL M 45 23.51 -37.81 13.35
C VAL M 45 23.63 -39.26 13.96
N ASN M 46 24.38 -40.14 13.29
CA ASN M 46 24.67 -41.52 13.78
C ASN M 46 25.98 -41.88 13.14
N ASN M 47 26.36 -43.14 13.16
CA ASN M 47 27.66 -43.54 12.69
C ASN M 47 27.94 -43.38 11.19
N SER M 48 26.87 -43.29 10.42
CA SER M 48 26.98 -43.35 9.00
C SER M 48 26.63 -42.00 8.39
N THR M 49 26.17 -41.04 9.21
CA THR M 49 25.49 -39.83 8.73
C THR M 49 25.86 -38.59 9.51
N MET M 50 26.11 -37.53 8.78
CA MET M 50 26.33 -36.21 9.36
C MET M 50 25.55 -35.17 8.58
N LEU M 51 25.31 -34.06 9.27
CA LEU M 51 24.49 -32.96 8.74
C LEU M 51 25.17 -31.61 9.04
N GLY M 52 25.12 -30.70 8.08
CA GLY M 52 25.53 -29.29 8.31
C GLY M 52 24.42 -28.35 7.85
N ALA M 53 24.20 -27.28 8.58
CA ALA M 53 23.14 -26.34 8.30
C ALA M 53 23.54 -24.86 8.17
N SER M 54 23.01 -24.23 7.12
CA SER M 54 22.97 -22.78 6.92
C SER M 54 21.64 -22.31 7.49
N GLY M 55 21.58 -21.04 7.78
CA GLY M 55 20.32 -20.39 8.08
C GLY M 55 20.16 -20.30 9.54
N ASP M 56 18.92 -20.23 10.01
CA ASP M 56 18.63 -19.88 11.39
C ASP M 56 19.16 -20.96 12.37
N TYR M 57 20.02 -20.55 13.28
CA TYR M 57 20.67 -21.47 14.15
C TYR M 57 19.72 -22.05 15.23
N ALA M 58 18.74 -21.32 15.68
CA ALA M 58 17.78 -21.88 16.62
C ALA M 58 17.00 -23.00 15.99
N ASP M 59 16.60 -22.81 14.75
CA ASP M 59 15.88 -23.82 14.00
C ASP M 59 16.76 -25.02 13.79
N PHE M 60 18.03 -24.80 13.51
CA PHE M 60 18.97 -25.93 13.50
C PHE M 60 19.07 -26.63 14.83
N GLN M 61 19.15 -25.91 15.94
CA GLN M 61 19.20 -26.59 17.20
C GLN M 61 17.90 -27.46 17.47
N TYR M 62 16.79 -27.03 16.96
CA TYR M 62 15.52 -27.77 17.05
C TYR M 62 15.64 -29.00 16.23
N LEU M 63 16.10 -28.89 14.99
CA LEU M 63 16.29 -30.09 14.22
C LEU M 63 17.23 -31.07 14.89
N LYS M 64 18.33 -30.57 15.49
CA LYS M 64 19.27 -31.40 16.13
C LYS M 64 18.63 -32.18 17.31
N GLN M 65 17.84 -31.46 18.11
CA GLN M 65 17.10 -32.04 19.21
C GLN M 65 16.17 -33.16 18.68
N VAL M 66 15.41 -32.88 17.63
CA VAL M 66 14.45 -33.80 17.13
C VAL M 66 15.14 -35.04 16.54
N LEU M 67 16.13 -34.78 15.72
CA LEU M 67 16.82 -35.85 15.05
C LEU M 67 17.67 -36.68 16.02
N GLY M 68 18.28 -36.02 17.00
CA GLY M 68 19.03 -36.74 17.98
C GLY M 68 18.11 -37.70 18.77
N GLN M 69 16.91 -37.25 19.10
CA GLN M 69 16.00 -38.06 19.83
C GLN M 69 15.52 -39.24 18.98
N MET M 70 15.29 -39.01 17.69
CA MET M 70 14.89 -40.13 16.82
C MET M 70 15.93 -41.24 16.74
N VAL M 71 17.20 -40.85 16.72
CA VAL M 71 18.29 -41.81 16.63
C VAL M 71 18.37 -42.57 17.94
N ILE M 72 18.26 -41.88 19.07
CA ILE M 72 18.20 -42.59 20.37
C ILE M 72 17.04 -43.58 20.41
N ASP M 73 15.88 -43.18 19.96
CA ASP M 73 14.66 -44.06 19.98
C ASP M 73 14.94 -45.35 19.22
N GLU M 74 15.56 -45.22 18.06
CA GLU M 74 15.87 -46.31 17.21
C GLU M 74 16.92 -47.23 17.81
N GLU M 75 17.95 -46.67 18.43
CA GLU M 75 18.97 -47.44 19.08
C GLU M 75 18.47 -48.26 20.28
N LEU M 76 17.49 -47.73 21.01
CA LEU M 76 16.89 -48.44 22.06
C LEU M 76 16.36 -49.80 21.65
N LEU M 77 15.93 -49.92 20.42
CA LEU M 77 15.32 -51.20 20.01
C LEU M 77 16.36 -52.31 19.86
N GLY M 78 17.61 -51.96 19.64
CA GLY M 78 18.66 -52.92 19.42
C GLY M 78 18.33 -54.04 18.44
N ASP M 79 17.75 -53.72 17.29
CA ASP M 79 17.15 -54.70 16.38
C ASP M 79 17.92 -54.90 15.07
N GLY M 80 19.15 -54.42 14.93
CA GLY M 80 19.88 -54.64 13.68
C GLY M 80 19.54 -53.71 12.53
N HIS M 81 18.66 -52.72 12.73
CA HIS M 81 18.27 -51.83 11.66
C HIS M 81 18.62 -50.41 12.12
N SER M 82 19.12 -49.61 11.20
CA SER M 82 19.56 -48.25 11.46
C SER M 82 19.09 -47.38 10.37
N TYR M 83 18.78 -46.14 10.69
CA TYR M 83 18.57 -45.17 9.64
C TYR M 83 19.84 -44.96 8.76
N SER M 84 19.74 -45.28 7.47
CA SER M 84 20.78 -44.96 6.51
C SER M 84 20.82 -43.41 6.24
N PRO M 85 21.93 -42.89 5.68
CA PRO M 85 22.01 -41.48 5.30
C PRO M 85 20.85 -41.07 4.41
N ARG M 86 20.49 -41.91 3.49
CA ARG M 86 19.40 -41.64 2.59
C ARG M 86 18.05 -41.54 3.30
N ALA M 87 17.83 -42.36 4.32
CA ALA M 87 16.60 -42.31 5.09
C ALA M 87 16.52 -40.99 5.86
N ILE M 88 17.64 -40.56 6.41
CA ILE M 88 17.63 -39.36 7.20
C ILE M 88 17.37 -38.15 6.27
N HIS M 89 17.96 -38.21 5.10
CA HIS M 89 17.74 -37.16 4.05
C HIS M 89 16.29 -37.16 3.62
N SER M 90 15.68 -38.38 3.50
CA SER M 90 14.24 -38.44 3.22
C SER M 90 13.44 -37.81 4.31
N TRP M 91 13.74 -38.17 5.56
CA TRP M 91 12.99 -37.66 6.70
C TRP M 91 13.03 -36.11 6.71
N LEU M 92 14.22 -35.62 6.46
CA LEU M 92 14.47 -34.20 6.56
C LEU M 92 13.72 -33.48 5.41
N THR M 93 13.72 -34.03 4.22
CA THR M 93 12.93 -33.47 3.14
C THR M 93 11.44 -33.36 3.55
N ARG M 94 10.87 -34.43 4.14
CA ARG M 94 9.47 -34.38 4.56
C ARG M 94 9.21 -33.39 5.64
N ALA M 95 10.10 -33.31 6.64
CA ALA M 95 9.94 -32.39 7.72
C ALA M 95 9.97 -30.90 7.19
N MET M 96 10.94 -30.57 6.33
CA MET M 96 10.99 -29.18 5.80
C MET M 96 9.78 -28.92 4.93
N TYR M 97 9.45 -29.81 4.04
CA TYR M 97 8.26 -29.63 3.20
C TYR M 97 7.03 -29.39 4.05
N SER M 98 6.88 -30.19 5.08
CA SER M 98 5.66 -30.13 5.88
C SER M 98 5.60 -28.76 6.60
N ARG M 99 6.74 -28.29 7.08
CA ARG M 99 6.74 -27.02 7.78
C ARG M 99 6.49 -25.86 6.77
N ARG M 100 7.09 -25.96 5.57
CA ARG M 100 6.81 -25.03 4.47
C ARG M 100 5.32 -25.03 4.16
N SER M 101 4.71 -26.23 4.13
CA SER M 101 3.26 -26.31 3.77
C SER M 101 2.34 -25.79 4.83
N LYS M 102 2.81 -25.58 6.04
CA LYS M 102 2.04 -24.83 7.05
C LYS M 102 2.41 -23.36 7.13
N MET M 103 3.23 -22.88 6.19
CA MET M 103 3.64 -21.44 6.12
C MET M 103 4.41 -21.11 7.37
N ASN M 104 5.21 -22.07 7.89
CA ASN M 104 5.98 -21.83 9.05
C ASN M 104 7.27 -22.57 8.96
N PRO M 105 8.15 -22.12 8.04
CA PRO M 105 9.30 -22.94 7.70
C PRO M 105 10.30 -23.03 8.81
N LEU M 106 11.12 -24.06 8.73
CA LEU M 106 12.38 -24.11 9.48
C LEU M 106 13.32 -23.48 8.48
N TRP M 107 13.97 -22.42 8.93
CA TRP M 107 14.74 -21.53 8.01
C TRP M 107 16.16 -22.00 7.77
N ASN M 108 16.31 -23.12 7.09
CA ASN M 108 17.60 -23.72 6.99
C ASN M 108 17.78 -24.27 5.61
N THR M 109 19.06 -24.32 5.21
CA THR M 109 19.47 -25.09 4.05
C THR M 109 20.48 -26.08 4.55
N MET M 110 20.31 -27.37 4.22
CA MET M 110 21.17 -28.42 4.80
C MET M 110 21.83 -29.35 3.82
N VAL M 111 22.98 -29.84 4.25
CA VAL M 111 23.80 -30.75 3.51
C VAL M 111 23.95 -32.01 4.40
N ILE M 112 23.60 -33.19 3.88
CA ILE M 112 23.65 -34.45 4.59
C ILE M 112 24.72 -35.21 3.90
N GLY M 113 25.71 -35.67 4.65
CA GLY M 113 26.72 -36.54 4.10
C GLY M 113 26.71 -37.91 4.82
N GLY M 114 27.00 -38.96 4.10
CA GLY M 114 27.10 -40.25 4.75
C GLY M 114 27.86 -41.25 3.99
N TYR M 115 28.05 -42.36 4.66
CA TYR M 115 28.74 -43.51 4.05
C TYR M 115 28.09 -44.73 4.61
N ALA M 116 27.53 -45.55 3.74
CA ALA M 116 26.90 -46.83 4.13
C ALA M 116 26.95 -47.80 2.96
N ASP M 117 27.17 -49.08 3.28
CA ASP M 117 27.16 -50.18 2.29
C ASP M 117 28.06 -49.89 1.08
N GLY M 118 29.27 -49.41 1.32
CA GLY M 118 30.15 -49.03 0.23
C GLY M 118 29.83 -47.81 -0.63
N GLU M 119 28.74 -47.08 -0.36
CA GLU M 119 28.34 -45.92 -1.16
C GLU M 119 28.49 -44.61 -0.35
N SER M 120 29.07 -43.57 -0.96
CA SER M 120 29.03 -42.22 -0.42
C SER M 120 27.68 -41.58 -0.69
N PHE M 121 27.07 -40.97 0.31
CA PHE M 121 25.83 -40.27 0.14
C PHE M 121 26.03 -38.74 0.37
N LEU M 122 25.49 -37.92 -0.52
CA LEU M 122 25.52 -36.49 -0.31
C LEU M 122 24.29 -35.88 -0.83
N GLY M 123 23.54 -35.23 0.05
CA GLY M 123 22.23 -34.77 -0.31
C GLY M 123 21.95 -33.40 0.27
N TYR M 124 21.16 -32.61 -0.45
CA TYR M 124 20.78 -31.26 -0.06
C TYR M 124 19.30 -31.24 0.33
N VAL M 125 18.91 -30.45 1.32
CA VAL M 125 17.49 -30.10 1.55
C VAL M 125 17.37 -28.66 1.94
N ASP M 126 16.38 -27.92 1.40
CA ASP M 126 16.21 -26.47 1.73
C ASP M 126 14.91 -26.32 2.42
N MET M 127 14.61 -25.08 2.83
CA MET M 127 13.48 -24.81 3.68
C MET M 127 12.16 -25.02 3.03
N LEU M 128 12.17 -25.21 1.71
CA LEU M 128 10.98 -25.47 1.01
C LEU M 128 10.77 -26.91 0.67
N GLY M 129 11.63 -27.84 1.09
CA GLY M 129 11.49 -29.21 0.68
C GLY M 129 12.16 -29.56 -0.64
N VAL M 130 12.96 -28.64 -1.21
CA VAL M 130 13.73 -28.96 -2.44
C VAL M 130 14.86 -29.86 -2.00
N ALA M 131 14.99 -31.03 -2.58
CA ALA M 131 16.00 -31.91 -2.16
C ALA M 131 16.52 -32.70 -3.37
N TYR M 132 17.80 -33.04 -3.34
CA TYR M 132 18.43 -33.79 -4.40
C TYR M 132 19.78 -34.28 -3.91
N GLU M 133 20.37 -35.11 -4.73
CA GLU M 133 21.76 -35.54 -4.50
C GLU M 133 22.71 -35.07 -5.58
N ALA M 134 23.96 -34.92 -5.18
CA ALA M 134 24.99 -34.61 -6.12
C ALA M 134 26.36 -34.95 -5.60
N PRO M 135 27.34 -35.03 -6.51
CA PRO M 135 28.72 -35.34 -6.04
C PRO M 135 29.34 -34.25 -5.18
N SER M 136 28.89 -33.01 -5.33
CA SER M 136 29.31 -31.91 -4.47
C SER M 136 28.15 -30.93 -4.26
N LEU M 137 28.15 -30.25 -3.13
CA LEU M 137 27.13 -29.28 -2.77
C LEU M 137 27.75 -28.11 -2.08
N ALA M 138 27.02 -27.01 -2.11
CA ALA M 138 27.40 -25.79 -1.39
C ALA M 138 26.22 -24.83 -1.28
N THR M 139 25.86 -24.45 -0.07
CA THR M 139 24.72 -23.68 0.18
C THR M 139 25.17 -22.24 0.27
N GLY M 140 24.19 -21.37 0.27
CA GLY M 140 24.39 -19.93 0.43
C GLY M 140 25.36 -19.37 -0.63
N TYR M 141 26.28 -18.49 -0.19
CA TYR M 141 27.27 -17.93 -1.14
C TYR M 141 28.18 -19.02 -1.74
N GLY M 142 28.30 -20.14 -1.05
CA GLY M 142 29.03 -21.25 -1.57
C GLY M 142 28.50 -21.77 -2.90
N ALA M 143 27.21 -21.58 -3.13
CA ALA M 143 26.65 -22.01 -4.43
C ALA M 143 27.30 -21.25 -5.60
N TYR M 144 27.66 -19.99 -5.33
CA TYR M 144 28.27 -19.06 -6.31
C TYR M 144 29.77 -19.05 -6.35
N LEU M 145 30.41 -19.24 -5.19
CA LEU M 145 31.85 -19.08 -5.04
C LEU M 145 32.58 -20.41 -4.94
N ALA M 146 31.97 -21.41 -4.30
CA ALA M 146 32.65 -22.72 -4.07
C ALA M 146 32.26 -23.80 -5.06
N GLN M 147 30.96 -23.91 -5.33
CA GLN M 147 30.46 -24.89 -6.30
C GLN M 147 31.12 -24.85 -7.66
N PRO M 148 31.41 -23.64 -8.22
CA PRO M 148 32.13 -23.65 -9.51
C PRO M 148 33.51 -24.33 -9.48
N LEU M 149 34.22 -24.14 -8.38
CA LEU M 149 35.53 -24.73 -8.22
C LEU M 149 35.38 -26.27 -7.99
N LEU M 150 34.38 -26.67 -7.21
CA LEU M 150 34.18 -28.13 -6.92
C LEU M 150 33.85 -28.87 -8.20
N ARG M 151 32.96 -28.29 -8.97
CA ARG M 151 32.52 -28.89 -10.22
C ARG M 151 33.58 -28.95 -11.26
N GLU M 152 34.40 -27.91 -11.34
CA GLU M 152 35.47 -27.90 -12.33
C GLU M 152 36.48 -29.07 -12.06
N VAL M 153 36.90 -29.21 -10.80
CA VAL M 153 37.80 -30.29 -10.40
C VAL M 153 37.15 -31.65 -10.71
N LEU M 154 35.94 -31.85 -10.20
CA LEU M 154 35.15 -33.08 -10.44
C LEU M 154 34.96 -33.49 -11.90
N GLU M 155 34.87 -32.53 -12.80
CA GLU M 155 34.72 -32.84 -14.23
C GLU M 155 36.01 -33.41 -14.81
N LYS M 156 37.16 -32.90 -14.40
CA LYS M 156 38.45 -33.50 -14.78
C LYS M 156 38.75 -34.83 -14.11
N GLN M 157 38.16 -35.09 -12.95
CA GLN M 157 38.52 -36.22 -12.11
C GLN M 157 37.35 -36.47 -11.18
N PRO M 158 36.35 -37.23 -11.64
CA PRO M 158 35.16 -37.45 -10.80
C PRO M 158 35.44 -38.17 -9.49
N VAL M 159 36.47 -39.01 -9.46
CA VAL M 159 36.81 -39.76 -8.25
C VAL M 159 38.00 -39.11 -7.55
N LEU M 160 37.77 -38.56 -6.37
CA LEU M 160 38.81 -37.89 -5.59
C LEU M 160 39.21 -38.78 -4.44
N SER M 161 40.46 -38.70 -4.05
CA SER M 161 40.90 -39.25 -2.81
C SER M 161 40.42 -38.37 -1.66
N GLN M 162 40.47 -38.93 -0.45
CA GLN M 162 40.17 -38.18 0.76
C GLN M 162 41.02 -36.92 0.91
N THR M 163 42.34 -37.02 0.65
CA THR M 163 43.22 -35.91 0.89
C THR M 163 42.98 -34.79 -0.17
N GLU M 164 42.69 -35.19 -1.42
CA GLU M 164 42.32 -34.28 -2.48
C GLU M 164 41.00 -33.50 -2.19
N ALA M 165 39.99 -34.21 -1.69
CA ALA M 165 38.74 -33.63 -1.29
C ALA M 165 38.94 -32.67 -0.14
N ARG M 166 39.77 -33.02 0.80
CA ARG M 166 40.05 -32.14 1.93
C ARG M 166 40.76 -30.82 1.44
N ASP M 167 41.80 -30.96 0.59
CA ASP M 167 42.51 -29.80 0.08
CA ASP M 167 42.48 -29.78 0.05
C ASP M 167 41.56 -28.88 -0.73
N LEU M 168 40.73 -29.51 -1.56
CA LEU M 168 39.75 -28.78 -2.38
C LEU M 168 38.75 -27.99 -1.51
N VAL M 169 38.23 -28.63 -0.46
CA VAL M 169 37.42 -27.97 0.52
C VAL M 169 38.15 -26.80 1.19
N GLU M 170 39.38 -26.98 1.61
CA GLU M 170 40.18 -25.88 2.21
C GLU M 170 40.29 -24.66 1.26
N ARG M 171 40.51 -24.91 -0.04
CA ARG M 171 40.62 -23.84 -1.06
C ARG M 171 39.31 -23.07 -1.19
N CYS M 172 38.20 -23.81 -1.18
CA CYS M 172 36.86 -23.23 -1.17
C CYS M 172 36.60 -22.40 0.06
N MET M 173 37.02 -22.88 1.23
CA MET M 173 36.79 -22.11 2.45
C MET M 173 37.60 -20.78 2.45
N ARG M 174 38.77 -20.81 1.82
CA ARG M 174 39.54 -19.61 1.69
C ARG M 174 38.79 -18.58 0.81
N VAL M 175 38.30 -19.01 -0.35
CA VAL M 175 37.58 -18.15 -1.25
C VAL M 175 36.39 -17.51 -0.52
N LEU M 176 35.63 -18.34 0.24
CA LEU M 176 34.53 -17.84 1.01
C LEU M 176 34.92 -16.77 2.02
N TYR M 177 36.00 -17.03 2.75
CA TYR M 177 36.50 -16.02 3.66
C TYR M 177 36.87 -14.73 2.93
N TYR M 178 37.41 -14.86 1.73
CA TYR M 178 37.74 -13.60 0.96
C TYR M 178 36.50 -12.81 0.53
N ARG M 179 35.40 -13.51 0.18
CA ARG M 179 34.32 -12.93 -0.65
C ARG M 179 32.91 -12.91 -0.05
N ASP M 180 32.66 -13.68 1.02
CA ASP M 180 31.39 -13.66 1.76
C ASP M 180 31.58 -12.82 3.02
N ALA M 181 30.86 -11.70 3.10
CA ALA M 181 30.97 -10.80 4.25
C ALA M 181 30.31 -11.34 5.53
N ARG M 182 29.74 -12.57 5.50
CA ARG M 182 29.20 -13.17 6.69
C ARG M 182 30.00 -14.40 7.06
N SER M 183 31.16 -14.60 6.42
CA SER M 183 31.96 -15.78 6.76
C SER M 183 32.88 -15.41 7.88
N TYR M 184 33.60 -16.42 8.31
CA TYR M 184 34.55 -16.32 9.41
C TYR M 184 35.63 -17.37 9.25
N ASN M 185 36.86 -17.04 9.61
CA ASN M 185 38.02 -17.89 9.33
C ASN M 185 38.30 -18.87 10.48
N ARG M 186 37.28 -19.57 10.89
CA ARG M 186 37.32 -20.55 12.00
C ARG M 186 36.23 -21.51 11.58
N PHE M 187 36.64 -22.69 11.16
CA PHE M 187 35.68 -23.66 10.61
C PHE M 187 35.95 -25.11 11.10
N GLN M 188 34.95 -25.97 10.89
CA GLN M 188 35.05 -27.40 11.15
C GLN M 188 34.99 -28.15 9.83
N ILE M 189 35.65 -29.27 9.80
CA ILE M 189 35.57 -30.16 8.72
C ILE M 189 35.07 -31.46 9.34
N ALA M 190 34.02 -32.02 8.78
CA ALA M 190 33.53 -33.35 9.23
C ALA M 190 33.64 -34.35 8.12
N THR M 191 34.07 -35.54 8.47
CA THR M 191 34.32 -36.54 7.49
C THR M 191 33.60 -37.83 7.91
N VAL M 192 33.00 -38.54 6.96
CA VAL M 192 32.38 -39.84 7.26
C VAL M 192 32.98 -40.85 6.29
N THR M 193 33.40 -41.97 6.87
CA THR M 193 33.95 -43.10 6.14
C THR M 193 33.38 -44.39 6.79
N GLU M 194 33.85 -45.55 6.34
CA GLU M 194 33.69 -46.81 7.01
C GLU M 194 33.84 -46.73 8.52
N LYS M 195 34.77 -45.92 8.98
CA LYS M 195 35.10 -45.89 10.40
C LYS M 195 34.11 -45.04 11.20
N GLY M 196 33.24 -44.25 10.58
CA GLY M 196 32.33 -43.39 11.34
C GLY M 196 32.52 -41.94 10.95
N VAL M 197 32.10 -41.04 11.85
CA VAL M 197 32.04 -39.60 11.62
C VAL M 197 33.03 -38.96 12.54
N GLU M 198 33.93 -38.16 12.00
CA GLU M 198 34.90 -37.35 12.73
C GLU M 198 34.68 -35.86 12.41
N ILE M 199 34.63 -35.04 13.45
CA ILE M 199 34.51 -33.63 13.34
C ILE M 199 35.84 -33.07 13.83
N GLU M 200 36.53 -32.34 12.95
CA GLU M 200 37.74 -31.60 13.27
C GLU M 200 37.53 -30.09 13.31
N GLY M 201 38.22 -29.45 14.23
CA GLY M 201 38.21 -28.04 14.38
C GLY M 201 38.65 -27.67 15.75
N PRO M 202 38.79 -26.38 16.03
CA PRO M 202 38.64 -25.28 15.08
C PRO M 202 39.84 -25.13 14.08
N LEU M 203 39.53 -24.92 12.82
CA LEU M 203 40.47 -24.84 11.76
C LEU M 203 40.44 -23.45 11.14
N SER M 204 41.55 -23.05 10.53
CA SER M 204 41.74 -21.71 9.86
C SER M 204 42.37 -21.90 8.56
N THR M 205 42.11 -21.05 7.58
CA THR M 205 42.90 -21.12 6.31
C THR M 205 43.99 -20.05 6.38
N GLU M 206 45.14 -20.35 5.73
CA GLU M 206 46.13 -19.33 5.35
C GLU M 206 45.45 -18.35 4.37
N THR M 207 45.85 -17.09 4.42
CA THR M 207 45.35 -16.08 3.45
C THR M 207 46.48 -15.21 2.91
N ASN M 208 46.27 -14.63 1.75
CA ASN M 208 47.26 -13.84 1.09
C ASN M 208 46.67 -12.46 0.76
N TRP M 209 47.39 -11.42 1.14
CA TRP M 209 46.94 -10.05 1.00
C TRP M 209 47.92 -9.18 0.14
N ASP M 210 48.70 -9.84 -0.72
CA ASP M 210 49.73 -9.16 -1.55
C ASP M 210 49.02 -8.13 -2.47
N ILE M 211 47.77 -8.44 -2.85
CA ILE M 211 47.04 -7.52 -3.73
C ILE M 211 46.79 -6.17 -3.08
N ALA M 212 46.84 -6.06 -1.75
CA ALA M 212 46.75 -4.80 -1.03
C ALA M 212 47.79 -3.75 -1.46
N HIS M 213 48.96 -4.22 -1.90
CA HIS M 213 50.00 -3.34 -2.49
C HIS M 213 50.01 -3.27 -4.02
N MET M 214 49.03 -3.83 -4.72
CA MET M 214 48.95 -3.81 -6.20
C MET M 214 47.92 -2.77 -6.75
N ILE M 215 47.71 -1.66 -6.05
CA ILE M 215 46.80 -0.58 -6.47
C ILE M 215 47.68 0.68 -6.70
N SER M 216 47.66 1.26 -7.89
CA SER M 216 48.32 2.56 -8.11
C SER M 216 47.83 3.24 -9.40
N THR N 1 18.72 -1.30 26.98
CA THR N 1 19.30 -2.23 28.01
C THR N 1 20.66 -2.68 27.68
N THR N 2 21.45 -2.89 28.72
CA THR N 2 22.69 -3.63 28.56
C THR N 2 22.75 -4.67 29.70
N ILE N 3 22.98 -5.94 29.32
CA ILE N 3 23.07 -7.05 30.29
C ILE N 3 24.32 -7.77 30.01
N MET N 4 24.88 -8.38 31.07
CA MET N 4 26.13 -9.09 30.95
C MET N 4 26.19 -10.14 32.07
N ALA N 5 26.97 -11.18 31.79
CA ALA N 5 27.36 -12.14 32.81
C ALA N 5 28.68 -12.74 32.49
N VAL N 6 29.41 -13.14 33.53
CA VAL N 6 30.73 -13.63 33.37
C VAL N 6 30.96 -14.82 34.28
N GLN N 7 31.52 -15.89 33.75
CA GLN N 7 31.93 -17.09 34.56
C GLN N 7 33.26 -16.85 35.26
N PHE N 8 33.36 -17.26 36.53
CA PHE N 8 34.65 -17.44 37.23
C PHE N 8 34.75 -18.81 37.93
N ASP N 9 35.89 -19.15 38.44
CA ASP N 9 36.08 -20.49 39.04
C ASP N 9 35.34 -20.45 40.37
N GLY N 10 34.15 -21.08 40.41
CA GLY N 10 33.28 -21.13 41.58
C GLY N 10 31.97 -20.39 41.47
N GLY N 11 31.68 -19.74 40.33
CA GLY N 11 30.48 -18.91 40.32
C GLY N 11 30.37 -18.05 39.09
N VAL N 12 29.43 -17.12 39.17
CA VAL N 12 29.20 -16.16 38.10
C VAL N 12 28.96 -14.78 38.67
N VAL N 13 29.21 -13.79 37.81
CA VAL N 13 28.83 -12.40 38.03
C VAL N 13 27.85 -12.00 36.95
N LEU N 14 26.81 -11.31 37.36
CA LEU N 14 25.81 -10.77 36.45
C LEU N 14 25.72 -9.27 36.65
N GLY N 15 25.33 -8.57 35.58
CA GLY N 15 25.05 -7.13 35.69
C GLY N 15 24.03 -6.62 34.68
N ALA N 16 23.44 -5.50 35.03
CA ALA N 16 22.54 -4.81 34.11
C ALA N 16 22.49 -3.41 34.41
N ASP N 17 22.11 -2.63 33.41
CA ASP N 17 21.65 -1.21 33.68
C ASP N 17 20.22 -1.22 34.23
N SER N 18 19.61 -0.05 34.47
CA SER N 18 18.30 -0.04 35.10
C SER N 18 17.29 0.83 34.39
N ARG N 19 17.40 0.98 33.09
CA ARG N 19 16.52 1.86 32.35
C ARG N 19 15.42 1.08 31.62
N THR N 20 14.17 1.39 31.91
CA THR N 20 13.02 1.01 31.05
C THR N 20 12.52 2.22 30.25
N THR N 21 12.33 2.05 28.95
CA THR N 21 11.88 3.13 28.09
C THR N 21 10.56 2.79 27.41
N THR N 22 9.78 3.84 27.14
CA THR N 22 8.70 3.73 26.16
C THR N 22 8.99 4.87 25.20
N GLY N 23 9.39 4.55 23.98
CA GLY N 23 9.93 5.54 23.00
C GLY N 23 11.18 6.09 23.68
N SER N 24 11.25 7.39 23.86
CA SER N 24 12.40 7.90 24.56
C SER N 24 12.02 8.50 25.92
N TYR N 25 10.84 8.16 26.45
CA TYR N 25 10.53 8.40 27.85
C TYR N 25 11.06 7.25 28.76
N ILE N 26 11.69 7.62 29.85
CA ILE N 26 12.16 6.66 30.83
C ILE N 26 11.04 6.40 31.86
N ALA N 27 10.42 5.22 31.70
CA ALA N 27 9.27 4.79 32.52
C ALA N 27 9.74 4.21 33.82
N ASN N 28 10.99 3.80 33.90
CA ASN N 28 11.58 3.45 35.21
C ASN N 28 13.07 3.68 35.10
N ARG N 29 13.63 4.44 35.99
CA ARG N 29 15.08 4.73 35.89
C ARG N 29 15.92 3.81 36.81
N VAL N 30 15.24 2.95 37.61
CA VAL N 30 15.97 2.07 38.55
C VAL N 30 15.42 0.61 38.45
N THR N 31 15.07 0.19 37.24
CA THR N 31 14.62 -1.17 36.95
C THR N 31 15.60 -2.21 37.53
N ASP N 32 15.05 -3.30 38.01
CA ASP N 32 15.88 -4.45 38.39
C ASP N 32 15.73 -5.50 37.29
N LYS N 33 16.73 -5.59 36.41
CA LYS N 33 16.69 -6.52 35.28
C LYS N 33 17.30 -7.92 35.58
N LEU N 34 17.74 -8.14 36.81
CA LEU N 34 18.37 -9.38 37.16
C LEU N 34 17.35 -10.05 38.02
N THR N 35 16.74 -11.14 37.53
CA THR N 35 15.62 -11.75 38.31
C THR N 35 15.98 -13.14 38.79
N PRO N 36 15.85 -13.38 40.09
CA PRO N 36 16.10 -14.73 40.59
C PRO N 36 15.10 -15.73 40.08
N ILE N 37 15.59 -16.77 39.47
CA ILE N 37 14.76 -17.91 39.00
C ILE N 37 14.80 -19.08 39.99
N HIS N 38 15.91 -19.27 40.69
CA HIS N 38 15.94 -20.25 41.82
C HIS N 38 16.99 -19.71 42.77
N ASP N 39 17.29 -20.38 43.88
CA ASP N 39 18.23 -19.92 44.93
C ASP N 39 19.59 -19.45 44.36
N ARG N 40 20.11 -20.17 43.35
CA ARG N 40 21.38 -19.82 42.74
C ARG N 40 21.42 -19.63 41.21
N ILE N 41 20.28 -19.22 40.64
CA ILE N 41 20.12 -19.11 39.21
C ILE N 41 19.32 -17.83 38.95
N PHE N 42 19.89 -16.93 38.16
CA PHE N 42 19.29 -15.65 37.80
C PHE N 42 19.12 -15.56 36.32
N CYS N 43 18.16 -14.76 35.88
CA CYS N 43 18.21 -14.37 34.46
C CYS N 43 18.37 -12.86 34.32
N CYS N 44 19.18 -12.43 33.32
CA CYS N 44 19.24 -10.99 32.97
C CYS N 44 18.28 -10.81 31.84
N ARG N 45 17.41 -9.81 31.90
CA ARG N 45 16.40 -9.61 30.89
C ARG N 45 16.62 -8.38 30.02
N SER N 46 16.43 -8.54 28.73
CA SER N 46 16.34 -7.42 27.75
C SER N 46 15.25 -7.65 26.78
N GLY N 47 14.73 -6.53 26.17
CA GLY N 47 13.75 -6.60 25.12
C GLY N 47 12.47 -6.07 25.71
N SER N 48 11.36 -6.78 25.53
CA SER N 48 10.06 -6.37 26.06
C SER N 48 10.00 -6.63 27.55
N ALA N 49 9.62 -5.63 28.34
CA ALA N 49 9.43 -5.80 29.74
C ALA N 49 8.28 -6.78 29.98
N ALA N 50 7.19 -6.67 29.27
CA ALA N 50 6.02 -7.54 29.55
C ALA N 50 6.36 -9.01 29.26
N ASP N 51 6.98 -9.26 28.07
CA ASP N 51 7.36 -10.58 27.67
C ASP N 51 8.37 -11.22 28.61
N THR N 52 9.46 -10.52 28.98
CA THR N 52 10.45 -11.14 29.76
C THR N 52 9.96 -11.35 31.19
N GLN N 53 9.15 -10.45 31.73
CA GLN N 53 8.54 -10.70 33.03
C GLN N 53 7.61 -11.97 33.01
N ALA N 54 6.79 -12.12 31.98
CA ALA N 54 5.83 -13.24 31.92
C ALA N 54 6.62 -14.56 31.77
N VAL N 55 7.67 -14.56 30.93
CA VAL N 55 8.42 -15.75 30.69
C VAL N 55 9.20 -16.13 31.96
N ALA N 56 9.83 -15.14 32.61
CA ALA N 56 10.58 -15.41 33.82
C ALA N 56 9.69 -15.99 34.92
N ASP N 57 8.50 -15.44 35.11
CA ASP N 57 7.59 -15.98 36.12
C ASP N 57 7.18 -17.43 35.78
N ALA N 58 6.91 -17.68 34.50
CA ALA N 58 6.62 -19.01 34.07
C ALA N 58 7.74 -20.02 34.29
N VAL N 59 8.97 -19.67 33.99
CA VAL N 59 10.08 -20.56 34.16
C VAL N 59 10.39 -20.75 35.66
N THR N 60 10.25 -19.71 36.45
CA THR N 60 10.37 -19.79 37.89
C THR N 60 9.40 -20.87 38.43
N TYR N 61 8.13 -20.81 38.04
CA TYR N 61 7.13 -21.88 38.35
C TYR N 61 7.59 -23.25 37.93
N GLN N 62 7.95 -23.41 36.64
CA GLN N 62 8.37 -24.73 36.16
C GLN N 62 9.61 -25.30 36.91
N LEU N 63 10.62 -24.48 37.13
CA LEU N 63 11.83 -24.87 37.72
C LEU N 63 11.63 -25.21 39.21
N GLY N 64 10.78 -24.47 39.89
CA GLY N 64 10.51 -24.65 41.31
C GLY N 64 9.82 -26.03 41.45
N PHE N 65 8.82 -26.31 40.60
CA PHE N 65 8.08 -27.53 40.72
C PHE N 65 9.01 -28.73 40.43
N HIS N 66 9.75 -28.64 39.34
CA HIS N 66 10.76 -29.66 38.97
C HIS N 66 11.73 -29.96 40.14
N SER N 67 12.20 -28.86 40.77
CA SER N 67 13.18 -28.97 41.85
C SER N 67 12.63 -29.65 43.11
N ILE N 68 11.41 -29.33 43.48
CA ILE N 68 10.74 -29.99 44.57
C ILE N 68 10.60 -31.51 44.27
N GLU N 69 10.16 -31.82 43.07
CA GLU N 69 10.00 -33.21 42.62
C GLU N 69 11.26 -34.07 42.66
N LEU N 70 12.34 -33.51 42.17
CA LEU N 70 13.60 -34.18 42.22
C LEU N 70 14.25 -34.15 43.57
N ASN N 71 13.84 -33.23 44.44
CA ASN N 71 14.48 -33.01 45.75
C ASN N 71 15.98 -32.70 45.68
N GLU N 72 16.35 -31.87 44.72
CA GLU N 72 17.73 -31.43 44.55
C GLU N 72 17.71 -30.05 43.96
N PRO N 73 18.80 -29.30 44.16
CA PRO N 73 18.87 -28.02 43.42
C PRO N 73 18.88 -28.23 41.90
N PRO N 74 18.25 -27.34 41.18
CA PRO N 74 18.23 -27.47 39.76
C PRO N 74 19.56 -27.09 39.09
N LEU N 75 19.81 -27.69 37.94
CA LEU N 75 20.96 -27.39 37.13
C LEU N 75 20.78 -26.04 36.40
N VAL N 76 21.87 -25.29 36.26
CA VAL N 76 21.78 -24.10 35.52
C VAL N 76 21.32 -24.38 34.12
N HIS N 77 21.88 -25.42 33.55
CA HIS N 77 21.52 -25.95 32.22
C HIS N 77 20.07 -26.26 32.04
N THR N 78 19.41 -26.65 33.10
CA THR N 78 17.96 -26.90 33.06
C THR N 78 17.18 -25.61 32.97
N ALA N 79 17.49 -24.65 33.84
CA ALA N 79 16.91 -23.33 33.78
C ALA N 79 17.06 -22.71 32.38
N ALA N 80 18.24 -22.81 31.83
CA ALA N 80 18.47 -22.24 30.47
C ALA N 80 17.62 -22.97 29.45
N SER N 81 17.54 -24.29 29.60
CA SER N 81 16.74 -25.12 28.66
C SER N 81 15.31 -24.73 28.72
N LEU N 82 14.78 -24.39 29.90
CA LEU N 82 13.36 -24.07 30.01
C LEU N 82 13.08 -22.67 29.37
N PHE N 83 14.00 -21.73 29.55
CA PHE N 83 13.88 -20.43 28.89
C PHE N 83 13.92 -20.67 27.37
N LYS N 84 14.87 -21.43 26.92
CA LYS N 84 15.04 -21.71 25.49
C LYS N 84 13.77 -22.30 24.90
N GLU N 85 13.19 -23.31 25.57
CA GLU N 85 11.98 -23.92 25.05
C GLU N 85 10.90 -22.89 24.87
N MET N 86 10.69 -22.03 25.85
CA MET N 86 9.60 -21.10 25.77
CA MET N 86 9.60 -21.10 25.77
C MET N 86 9.90 -19.93 24.74
N CYS N 87 11.15 -19.38 24.75
CA CYS N 87 11.59 -18.36 23.81
C CYS N 87 11.65 -18.88 22.39
N TYR N 88 11.93 -20.18 22.16
CA TYR N 88 11.97 -20.71 20.80
C TYR N 88 10.59 -20.99 20.27
N ARG N 89 9.78 -21.67 21.07
CA ARG N 89 8.42 -22.04 20.71
C ARG N 89 7.57 -20.78 20.35
N TYR N 90 7.70 -19.73 21.15
CA TYR N 90 6.97 -18.51 20.98
C TYR N 90 7.80 -17.37 20.33
N ARG N 91 8.81 -17.72 19.54
CA ARG N 91 9.81 -16.74 19.04
C ARG N 91 8.99 -15.68 18.19
N GLU N 92 7.88 -16.05 17.62
CA GLU N 92 7.15 -15.12 16.81
C GLU N 92 6.33 -14.19 17.65
N ASP N 93 6.16 -14.40 18.95
CA ASP N 93 5.29 -13.54 19.71
C ASP N 93 6.02 -12.88 20.84
N LEU N 94 7.32 -13.04 20.94
CA LEU N 94 8.00 -12.56 22.10
C LEU N 94 9.17 -11.71 21.61
N MET N 95 9.57 -10.81 22.43
CA MET N 95 10.83 -10.06 22.18
C MET N 95 11.63 -10.15 23.43
N ALA N 96 12.57 -11.08 23.46
CA ALA N 96 13.24 -11.44 24.73
C ALA N 96 14.66 -11.83 24.45
N GLY N 97 15.62 -11.10 24.97
CA GLY N 97 17.05 -11.46 24.81
C GLY N 97 17.52 -11.68 26.23
N ILE N 98 17.83 -12.97 26.56
CA ILE N 98 17.99 -13.40 27.91
C ILE N 98 19.40 -13.89 28.14
N ILE N 99 19.91 -13.69 29.34
CA ILE N 99 21.11 -14.37 29.76
C ILE N 99 20.75 -15.13 31.04
N ILE N 100 21.09 -16.42 31.10
CA ILE N 100 20.82 -17.24 32.28
C ILE N 100 22.13 -17.57 32.88
N ALA N 101 22.30 -17.22 34.14
CA ALA N 101 23.54 -17.59 34.78
C ALA N 101 23.31 -17.99 36.23
N GLY N 102 24.20 -18.81 36.73
CA GLY N 102 24.08 -19.27 38.08
C GLY N 102 25.13 -20.29 38.42
N TRP N 103 24.89 -20.99 39.53
CA TRP N 103 25.79 -21.99 40.09
C TRP N 103 24.93 -23.23 40.41
N ASP N 104 25.48 -24.39 40.10
CA ASP N 104 24.92 -25.67 40.63
C ASP N 104 26.05 -26.58 41.02
N PRO N 105 25.77 -27.62 41.82
CA PRO N 105 26.90 -28.42 42.38
C PRO N 105 27.59 -29.32 41.37
N GLN N 106 26.98 -29.54 40.24
CA GLN N 106 27.48 -30.48 39.28
C GLN N 106 28.42 -29.81 38.29
N GLU N 107 28.05 -28.62 37.81
CA GLU N 107 28.84 -27.95 36.81
C GLU N 107 29.42 -26.59 37.23
N GLY N 108 29.14 -26.12 38.43
CA GLY N 108 29.69 -24.86 38.95
C GLY N 108 29.03 -23.65 38.24
N GLY N 109 29.82 -22.60 38.01
CA GLY N 109 29.36 -21.37 37.48
C GLY N 109 29.16 -21.52 35.99
N GLN N 110 27.99 -21.12 35.54
CA GLN N 110 27.75 -21.21 34.13
C GLN N 110 26.95 -20.00 33.65
N VAL N 111 27.22 -19.64 32.37
CA VAL N 111 26.52 -18.55 31.64
C VAL N 111 25.97 -19.04 30.35
N TYR N 112 24.68 -18.84 30.14
CA TYR N 112 24.10 -19.20 28.88
C TYR N 112 23.44 -18.00 28.26
N SER N 113 23.57 -17.88 26.95
CA SER N 113 22.75 -16.84 26.22
C SER N 113 21.60 -17.52 25.50
N VAL N 114 20.42 -16.95 25.66
CA VAL N 114 19.24 -17.26 24.89
C VAL N 114 18.79 -15.98 24.16
N PRO N 115 19.39 -15.69 23.00
CA PRO N 115 19.09 -14.39 22.34
C PRO N 115 17.76 -14.52 21.67
N MET N 116 17.30 -13.42 21.09
CA MET N 116 16.04 -13.51 20.36
C MET N 116 16.07 -14.56 19.30
N GLY N 117 14.96 -15.26 19.13
CA GLY N 117 14.90 -16.32 18.22
C GLY N 117 14.90 -17.71 18.99
N GLY N 118 15.52 -17.74 20.13
CA GLY N 118 15.54 -18.86 20.98
C GLY N 118 16.59 -19.88 20.82
N MET N 119 17.74 -19.52 20.31
CA MET N 119 18.87 -20.43 20.36
C MET N 119 19.47 -20.41 21.77
N MET N 120 20.34 -21.34 22.10
CA MET N 120 20.97 -21.37 23.47
C MET N 120 22.39 -21.80 23.28
N VAL N 121 23.31 -21.10 23.90
CA VAL N 121 24.71 -21.39 23.77
C VAL N 121 25.34 -21.03 25.12
N ARG N 122 26.21 -21.88 25.58
CA ARG N 122 26.97 -21.61 26.76
C ARG N 122 28.15 -20.73 26.37
N GLN N 123 28.51 -19.77 27.21
CA GLN N 123 29.71 -18.93 26.96
C GLN N 123 30.49 -18.61 28.22
N SER N 124 31.77 -18.27 28.08
CA SER N 124 32.60 -17.78 29.20
C SER N 124 32.00 -16.56 29.80
N PHE N 125 31.57 -15.66 28.94
CA PHE N 125 30.84 -14.43 29.33
C PHE N 125 29.90 -14.07 28.21
N ALA N 126 28.87 -13.33 28.53
CA ALA N 126 27.85 -12.97 27.56
C ALA N 126 27.41 -11.55 27.79
N ILE N 127 27.02 -10.90 26.71
CA ILE N 127 26.47 -9.57 26.77
C ILE N 127 25.28 -9.57 25.86
N GLY N 128 24.33 -8.75 26.20
CA GLY N 128 23.17 -8.57 25.37
C GLY N 128 22.48 -7.22 25.61
N GLY N 129 21.40 -7.05 24.92
CA GLY N 129 20.57 -5.84 24.88
C GLY N 129 21.11 -4.83 23.86
N SER N 130 20.36 -3.76 23.66
CA SER N 130 20.66 -2.76 22.63
C SER N 130 22.11 -2.13 22.89
N GLY N 131 22.50 -1.91 24.12
CA GLY N 131 23.78 -1.31 24.44
C GLY N 131 24.98 -2.22 24.24
N SER N 132 24.75 -3.54 24.10
CA SER N 132 25.87 -4.46 23.95
C SER N 132 26.67 -4.14 22.70
N SER N 133 26.02 -3.62 21.68
CA SER N 133 26.68 -3.30 20.44
C SER N 133 27.95 -2.45 20.72
N TYR N 134 27.82 -1.50 21.62
CA TYR N 134 28.88 -0.53 21.88
C TYR N 134 30.01 -1.04 22.70
N ILE N 135 29.85 -2.27 23.28
CA ILE N 135 30.93 -2.85 24.05
C ILE N 135 31.54 -4.11 23.52
N TYR N 136 31.18 -4.55 22.32
CA TYR N 136 31.91 -5.73 21.74
C TYR N 136 33.43 -5.58 21.71
N GLY N 137 33.85 -4.48 21.11
CA GLY N 137 35.32 -4.21 21.02
C GLY N 137 36.04 -4.08 22.37
N TYR N 138 35.44 -3.34 23.29
CA TYR N 138 35.92 -3.31 24.65
C TYR N 138 36.01 -4.75 25.35
N VAL N 139 34.92 -5.53 25.29
CA VAL N 139 34.97 -6.85 26.01
C VAL N 139 35.93 -7.78 25.32
N ASP N 140 36.02 -7.73 23.98
CA ASP N 140 36.92 -8.57 23.25
C ASP N 140 38.38 -8.23 23.52
N ALA N 141 38.68 -6.95 23.78
CA ALA N 141 40.04 -6.58 24.10
C ALA N 141 40.44 -6.84 25.56
N THR N 142 39.47 -6.75 26.46
CA THR N 142 39.72 -6.65 27.89
C THR N 142 39.57 -8.05 28.59
N TYR N 143 38.63 -8.86 28.13
CA TYR N 143 38.47 -10.22 28.66
C TYR N 143 39.81 -10.95 28.75
N ARG N 144 40.07 -11.62 29.88
CA ARG N 144 41.25 -12.51 30.08
C ARG N 144 40.71 -13.84 30.70
N GLU N 145 41.23 -14.98 30.25
CA GLU N 145 40.89 -16.27 30.91
C GLU N 145 41.39 -16.22 32.38
N GLY N 146 40.63 -16.76 33.31
CA GLY N 146 41.08 -16.93 34.69
C GLY N 146 40.88 -15.74 35.61
N MET N 147 40.02 -14.79 35.27
CA MET N 147 39.71 -13.66 36.15
C MET N 147 39.09 -14.09 37.46
N THR N 148 39.41 -13.39 38.52
CA THR N 148 38.78 -13.69 39.83
C THR N 148 37.39 -13.16 39.87
N LYS N 149 36.68 -13.48 40.93
CA LYS N 149 35.37 -12.86 41.17
C LYS N 149 35.41 -11.31 41.12
N GLU N 150 36.36 -10.76 41.84
CA GLU N 150 36.51 -9.31 41.96
C GLU N 150 36.80 -8.66 40.59
N GLU N 151 37.64 -9.31 39.80
CA GLU N 151 37.96 -8.88 38.46
C GLU N 151 36.77 -8.95 37.54
N CYS N 152 35.95 -10.01 37.68
CA CYS N 152 34.73 -10.13 36.95
C CYS N 152 33.77 -8.99 37.30
N LEU N 153 33.70 -8.63 38.59
CA LEU N 153 32.84 -7.53 39.00
C LEU N 153 33.27 -6.18 38.34
N GLN N 154 34.57 -5.89 38.36
CA GLN N 154 35.09 -4.65 37.84
C GLN N 154 34.89 -4.62 36.31
N PHE N 155 35.26 -5.71 35.61
CA PHE N 155 35.07 -5.94 34.17
C PHE N 155 33.63 -5.72 33.72
N THR N 156 32.71 -6.34 34.47
CA THR N 156 31.27 -6.12 34.27
C THR N 156 30.84 -4.61 34.48
N ALA N 157 31.23 -4.01 35.60
CA ALA N 157 30.86 -2.66 35.94
C ALA N 157 31.40 -1.65 34.89
N ASN N 158 32.67 -1.86 34.44
CA ASN N 158 33.25 -1.04 33.40
C ASN N 158 32.51 -1.17 32.07
N ALA N 159 32.29 -2.42 31.61
CA ALA N 159 31.60 -2.65 30.36
C ALA N 159 30.27 -2.01 30.38
N LEU N 160 29.51 -2.22 31.44
CA LEU N 160 28.16 -1.67 31.52
C LEU N 160 28.19 -0.14 31.51
N ALA N 161 29.10 0.43 32.28
CA ALA N 161 29.24 1.89 32.35
C ALA N 161 29.46 2.52 30.94
N LEU N 162 30.31 1.87 30.15
CA LEU N 162 30.66 2.33 28.79
C LEU N 162 29.44 2.28 27.91
N ALA N 163 28.73 1.15 27.96
CA ALA N 163 27.51 0.98 27.19
C ALA N 163 26.47 2.01 27.61
N MET N 164 26.32 2.20 28.91
CA MET N 164 25.31 3.13 29.40
C MET N 164 25.56 4.56 28.90
N GLU N 165 26.80 4.97 28.85
CA GLU N 165 27.12 6.35 28.37
C GLU N 165 26.66 6.59 26.91
N ARG N 166 26.87 5.60 26.06
CA ARG N 166 26.53 5.66 24.68
C ARG N 166 25.12 5.30 24.20
N ASP N 167 24.47 4.35 24.88
CA ASP N 167 23.16 3.84 24.46
C ASP N 167 22.09 4.61 25.15
N GLY N 168 21.30 5.29 24.37
CA GLY N 168 20.20 6.06 24.89
C GLY N 168 19.19 5.18 25.62
N SER N 169 19.04 3.92 25.23
CA SER N 169 18.07 3.04 25.91
C SER N 169 18.66 2.31 27.13
N SER N 170 19.87 2.60 27.52
CA SER N 170 20.43 2.05 28.72
C SER N 170 20.78 3.20 29.67
N GLY N 171 20.77 2.97 31.00
CA GLY N 171 21.31 3.98 31.89
C GLY N 171 20.78 3.80 33.26
N GLY N 172 21.03 4.82 34.09
CA GLY N 172 20.56 4.78 35.50
C GLY N 172 21.62 4.25 36.43
N VAL N 173 21.34 3.16 37.14
CA VAL N 173 22.31 2.50 38.02
C VAL N 173 22.77 1.17 37.44
N ILE N 174 23.88 0.68 37.94
CA ILE N 174 24.37 -0.60 37.56
C ILE N 174 24.02 -1.53 38.70
N ARG N 175 23.20 -2.51 38.45
CA ARG N 175 22.94 -3.60 39.40
C ARG N 175 23.86 -4.78 39.10
N LEU N 176 24.55 -5.28 40.12
CA LEU N 176 25.44 -6.42 39.98
C LEU N 176 25.01 -7.55 40.94
N ALA N 177 25.37 -8.75 40.60
CA ALA N 177 25.15 -9.90 41.45
C ALA N 177 26.29 -10.87 41.25
N ALA N 178 26.77 -11.49 42.34
CA ALA N 178 27.68 -12.56 42.23
C ALA N 178 26.99 -13.80 42.83
N ILE N 179 27.11 -14.93 42.14
CA ILE N 179 26.48 -16.20 42.62
C ILE N 179 27.56 -17.26 42.74
N ALA N 180 27.55 -17.95 43.88
CA ALA N 180 28.51 -19.02 44.16
C ALA N 180 27.83 -20.04 45.12
N GLU N 181 28.57 -21.09 45.45
CA GLU N 181 28.04 -22.07 46.37
C GLU N 181 27.53 -21.38 47.62
N SER N 182 28.29 -20.43 48.13
CA SER N 182 27.89 -19.74 49.37
C SER N 182 26.60 -18.89 49.30
N GLY N 183 26.11 -18.55 48.11
CA GLY N 183 24.90 -17.77 48.01
C GLY N 183 25.04 -16.63 46.96
N VAL N 184 24.16 -15.65 47.09
CA VAL N 184 23.99 -14.58 46.12
C VAL N 184 24.34 -13.29 46.88
N GLU N 185 25.19 -12.47 46.31
CA GLU N 185 25.54 -11.16 46.89
C GLU N 185 25.16 -10.10 45.83
N ARG N 186 24.25 -9.22 46.15
CA ARG N 186 23.83 -8.18 45.23
C ARG N 186 24.32 -6.84 45.69
N GLN N 187 24.53 -5.96 44.73
CA GLN N 187 24.86 -4.56 45.06
C GLN N 187 24.50 -3.66 43.89
N VAL N 188 24.44 -2.38 44.21
CA VAL N 188 24.10 -1.32 43.25
C VAL N 188 25.26 -0.30 43.19
N LEU N 189 25.71 0.03 41.97
CA LEU N 189 26.66 1.13 41.73
C LEU N 189 25.80 2.28 41.24
N LEU N 190 25.78 3.33 42.01
CA LEU N 190 25.08 4.56 41.59
C LEU N 190 25.96 5.80 41.63
N GLY N 191 25.55 6.82 40.86
CA GLY N 191 26.22 8.10 40.86
C GLY N 191 27.70 8.00 40.67
N ASP N 192 28.44 8.54 41.63
CA ASP N 192 29.90 8.51 41.61
C ASP N 192 30.54 7.15 41.66
N GLN N 193 29.80 6.14 42.07
CA GLN N 193 30.35 4.79 42.12
C GLN N 193 30.40 4.12 40.76
N ILE N 194 29.67 4.64 39.75
CA ILE N 194 29.78 4.09 38.40
C ILE N 194 31.18 4.47 37.82
N PRO N 195 31.92 3.51 37.23
CA PRO N 195 33.20 3.86 36.64
C PRO N 195 33.03 5.01 35.61
N LYS N 196 34.02 5.86 35.53
CA LYS N 196 33.97 7.17 34.84
C LYS N 196 35.07 7.23 33.79
N PHE N 197 34.76 7.64 32.58
CA PHE N 197 35.77 7.78 31.54
C PHE N 197 35.48 9.18 30.88
N ALA N 198 36.43 10.10 30.98
CA ALA N 198 36.31 11.43 30.32
C ALA N 198 35.72 11.47 28.89
N VAL N 199 34.83 12.44 28.64
CA VAL N 199 34.53 12.88 27.26
C VAL N 199 35.83 13.44 26.70
N ALA N 200 36.17 13.05 25.48
CA ALA N 200 37.43 13.49 24.85
C ALA N 200 37.36 14.94 24.26
N THR N 201 37.39 15.94 25.15
CA THR N 201 37.52 17.40 24.80
C THR N 201 38.81 17.76 24.07
N LEU N 202 38.79 18.83 23.27
CA LEU N 202 40.00 19.41 22.63
C LEU N 202 40.94 20.07 23.65
N ARG O 4 25.26 39.30 -24.10
CA ARG O 4 24.68 38.45 -25.20
C ARG O 4 25.56 38.41 -26.49
N GLY O 5 25.94 39.58 -27.04
CA GLY O 5 26.48 39.68 -28.39
C GLY O 5 25.67 40.65 -29.26
N TYR O 6 26.19 40.93 -30.41
CA TYR O 6 25.47 41.77 -31.38
C TYR O 6 24.63 40.84 -32.22
N SER O 7 23.37 41.18 -32.40
CA SER O 7 22.43 40.27 -33.06
C SER O 7 22.24 40.55 -34.58
N PHE O 8 22.91 41.57 -35.09
CA PHE O 8 22.76 42.02 -36.50
C PHE O 8 23.91 41.45 -37.31
N SER O 9 23.68 41.16 -38.59
CA SER O 9 24.72 40.61 -39.43
C SER O 9 25.84 41.67 -39.63
N LEU O 10 27.09 41.23 -39.68
CA LEU O 10 28.23 42.09 -40.01
C LEU O 10 28.59 41.92 -41.44
N THR O 11 28.08 40.87 -42.11
CA THR O 11 28.16 40.85 -43.57
C THR O 11 26.80 41.06 -44.19
N THR O 12 26.75 42.00 -45.14
CA THR O 12 25.55 42.45 -45.79
C THR O 12 25.80 42.69 -47.26
N PHE O 13 24.74 42.83 -48.05
CA PHE O 13 24.91 43.08 -49.47
C PHE O 13 25.25 44.52 -49.74
N SER O 14 26.26 44.72 -50.59
CA SER O 14 26.57 46.05 -51.16
C SER O 14 25.56 46.41 -52.30
N PRO O 15 25.51 47.71 -52.75
CA PRO O 15 24.53 48.11 -53.80
C PRO O 15 24.68 47.40 -55.17
N SER O 16 25.86 46.86 -55.44
CA SER O 16 26.11 45.98 -56.58
C SER O 16 25.93 44.47 -56.28
N GLY O 17 25.41 44.10 -55.11
CA GLY O 17 25.14 42.71 -54.86
C GLY O 17 26.30 41.87 -54.36
N LYS O 18 27.38 42.50 -53.92
CA LYS O 18 28.49 41.72 -53.32
C LYS O 18 28.37 41.68 -51.78
N LEU O 19 28.85 40.58 -51.21
CA LEU O 19 29.06 40.47 -49.79
C LEU O 19 30.56 40.79 -49.51
N VAL O 20 30.87 42.06 -49.27
CA VAL O 20 32.28 42.49 -49.29
C VAL O 20 33.08 41.84 -48.16
N GLN O 21 32.48 41.59 -46.98
CA GLN O 21 33.26 40.87 -45.95
C GLN O 21 33.77 39.53 -46.43
N ILE O 22 33.01 38.86 -47.30
CA ILE O 22 33.42 37.57 -47.80
C ILE O 22 34.61 37.84 -48.76
N GLU O 23 34.47 38.81 -49.65
CA GLU O 23 35.56 39.16 -50.56
C GLU O 23 36.84 39.60 -49.85
N TYR O 24 36.68 40.30 -48.74
CA TYR O 24 37.81 40.60 -47.91
C TYR O 24 38.39 39.36 -47.16
N ALA O 25 37.53 38.44 -46.73
CA ALA O 25 37.98 37.17 -46.17
C ALA O 25 38.83 36.41 -47.19
N LEU O 26 38.38 36.40 -48.45
CA LEU O 26 39.11 35.76 -49.53
C LEU O 26 40.46 36.43 -49.75
N ALA O 27 40.57 37.73 -49.49
CA ALA O 27 41.85 38.39 -49.59
C ALA O 27 42.77 37.96 -48.45
N ALA O 28 42.25 37.75 -47.26
CA ALA O 28 43.09 37.09 -46.24
C ALA O 28 43.59 35.69 -46.67
N VAL O 29 42.76 34.92 -47.37
CA VAL O 29 43.15 33.59 -47.82
C VAL O 29 44.24 33.72 -48.87
N ALA O 30 44.06 34.64 -49.81
CA ALA O 30 45.01 34.87 -50.90
C ALA O 30 46.39 35.32 -50.40
N GLY O 31 46.44 36.04 -49.29
CA GLY O 31 47.70 36.40 -48.66
C GLY O 31 48.26 35.35 -47.72
N GLY O 32 47.60 34.21 -47.55
CA GLY O 32 48.12 33.17 -46.71
C GLY O 32 49.16 32.35 -47.39
N ALA O 33 49.80 31.43 -46.65
CA ALA O 33 50.89 30.62 -47.21
C ALA O 33 50.33 29.62 -48.21
N PRO O 34 51.11 29.23 -49.22
CA PRO O 34 50.53 28.37 -50.22
C PRO O 34 50.14 27.01 -49.73
N SER O 35 49.05 26.49 -50.28
CA SER O 35 48.66 25.07 -50.08
C SER O 35 48.25 24.49 -51.42
N VAL O 36 48.40 23.16 -51.50
CA VAL O 36 48.22 22.41 -52.73
C VAL O 36 47.60 21.07 -52.36
N GLY O 37 46.69 20.62 -53.22
CA GLY O 37 46.13 19.29 -53.12
C GLY O 37 46.05 18.67 -54.50
N ILE O 38 46.42 17.40 -54.58
CA ILE O 38 46.34 16.63 -55.81
C ILE O 38 45.68 15.29 -55.53
N LYS O 39 44.61 15.01 -56.29
CA LYS O 39 43.98 13.70 -56.26
C LYS O 39 44.57 12.79 -57.32
N ALA O 40 45.39 11.85 -56.88
CA ALA O 40 45.90 10.79 -57.75
C ALA O 40 44.80 9.75 -57.97
N ALA O 41 45.10 8.74 -58.77
CA ALA O 41 44.17 7.64 -59.02
C ALA O 41 43.92 6.82 -57.76
N ASN O 42 44.98 6.58 -56.98
CA ASN O 42 44.96 5.72 -55.79
C ASN O 42 45.14 6.47 -54.45
N GLY O 43 44.98 7.81 -54.45
CA GLY O 43 45.10 8.56 -53.21
C GLY O 43 45.15 10.06 -53.38
N VAL O 44 45.32 10.77 -52.27
CA VAL O 44 45.40 12.23 -52.31
C VAL O 44 46.60 12.70 -51.54
N VAL O 45 47.21 13.78 -52.03
CA VAL O 45 48.27 14.46 -51.30
C VAL O 45 47.83 15.86 -50.99
N LEU O 46 48.14 16.32 -49.80
CA LEU O 46 48.00 17.69 -49.38
C LEU O 46 49.39 18.16 -49.00
N ALA O 47 49.71 19.37 -49.40
CA ALA O 47 51.01 19.93 -49.09
C ALA O 47 50.89 21.42 -48.84
N THR O 48 51.73 21.92 -47.94
CA THR O 48 51.69 23.29 -47.56
C THR O 48 53.06 23.78 -47.16
N GLU O 49 53.23 25.08 -47.34
CA GLU O 49 54.39 25.78 -46.92
C GLU O 49 54.20 26.30 -45.51
N LYS O 50 55.19 26.13 -44.67
CA LYS O 50 55.26 26.86 -43.42
C LYS O 50 55.78 28.29 -43.63
N LYS O 51 54.96 29.32 -43.32
CA LYS O 51 55.45 30.70 -43.13
C LYS O 51 56.33 30.75 -41.84
N GLN O 52 57.36 29.89 -41.85
CA GLN O 52 58.14 29.51 -40.68
C GLN O 52 59.41 30.30 -40.73
N LYS O 53 59.39 31.43 -40.04
CA LYS O 53 60.59 32.25 -39.86
C LYS O 53 61.61 31.43 -39.06
N SER O 54 62.20 32.15 -38.11
CA SER O 54 62.99 31.66 -37.01
C SER O 54 63.33 30.19 -36.88
N ILE O 55 64.63 29.95 -36.73
CA ILE O 55 65.12 28.74 -36.12
C ILE O 55 64.48 28.50 -34.73
N LEU O 56 63.99 29.55 -34.06
CA LEU O 56 63.45 29.46 -32.73
C LEU O 56 62.16 28.64 -32.63
N TYR O 57 61.38 28.56 -33.72
CA TYR O 57 60.17 27.76 -33.74
C TYR O 57 60.47 26.29 -33.55
N ASP O 58 59.67 25.61 -32.73
CA ASP O 58 59.62 24.16 -32.76
C ASP O 58 58.59 23.83 -33.84
N GLU O 59 59.08 23.50 -35.03
CA GLU O 59 58.25 23.20 -36.23
C GLU O 59 57.30 22.05 -36.00
N ARG O 60 57.68 21.09 -35.16
CA ARG O 60 56.75 19.97 -34.86
C ARG O 60 55.61 20.31 -33.88
N SER O 61 55.68 21.47 -33.21
CA SER O 61 54.72 21.81 -32.15
C SER O 61 53.31 22.16 -32.62
N VAL O 62 53.15 22.66 -33.84
CA VAL O 62 51.81 22.88 -34.38
C VAL O 62 51.85 22.39 -35.81
N HIS O 63 50.77 21.75 -36.26
CA HIS O 63 50.69 21.29 -37.63
C HIS O 63 49.56 21.94 -38.37
N LYS O 64 49.81 22.16 -39.64
CA LYS O 64 48.85 22.71 -40.56
C LYS O 64 48.09 21.58 -41.21
N VAL O 65 48.73 20.46 -41.42
CA VAL O 65 48.12 19.34 -42.03
C VAL O 65 47.62 18.47 -40.84
N GLU O 66 46.31 18.30 -40.72
CA GLU O 66 45.68 17.75 -39.54
C GLU O 66 44.72 16.61 -39.87
N PRO O 67 44.69 15.54 -39.04
CA PRO O 67 43.69 14.52 -39.24
C PRO O 67 42.33 14.94 -38.67
N ILE O 68 41.28 14.57 -39.38
CA ILE O 68 39.93 14.75 -38.91
C ILE O 68 39.36 13.41 -38.40
N THR O 69 39.53 12.37 -39.18
CA THR O 69 39.23 11.00 -38.78
C THR O 69 40.40 10.17 -39.31
N LYS O 70 40.29 8.87 -39.14
CA LYS O 70 41.28 7.94 -39.68
C LYS O 70 41.42 8.05 -41.20
N HIS O 71 40.35 8.48 -41.88
CA HIS O 71 40.28 8.48 -43.35
C HIS O 71 40.19 9.91 -43.99
N ILE O 72 40.12 10.97 -43.17
CA ILE O 72 39.96 12.35 -43.64
C ILE O 72 41.01 13.25 -43.00
N GLY O 73 41.63 14.08 -43.84
CA GLY O 73 42.52 15.15 -43.39
C GLY O 73 42.29 16.48 -44.11
N LEU O 74 42.90 17.52 -43.53
CA LEU O 74 42.70 18.94 -43.92
C LEU O 74 44.02 19.67 -43.99
N VAL O 75 44.03 20.70 -44.83
CA VAL O 75 44.98 21.75 -44.72
C VAL O 75 44.23 23.07 -45.07
N TYR O 76 44.89 24.22 -44.91
CA TYR O 76 44.24 25.49 -45.22
C TYR O 76 45.25 26.45 -45.79
N SER O 77 44.72 27.58 -46.29
CA SER O 77 45.44 28.84 -46.48
C SER O 77 44.60 29.94 -45.84
N GLY O 78 45.26 30.87 -45.17
CA GLY O 78 44.63 31.95 -44.48
C GLY O 78 45.00 32.06 -43.04
N MET O 79 44.04 32.41 -42.20
CA MET O 79 44.35 32.66 -40.79
C MET O 79 44.34 31.39 -39.98
N GLY O 80 45.49 31.08 -39.38
CA GLY O 80 45.68 29.86 -38.56
C GLY O 80 44.69 29.68 -37.43
N PRO O 81 44.46 30.71 -36.61
CA PRO O 81 43.54 30.45 -35.46
C PRO O 81 42.10 30.20 -35.88
N ASP O 82 41.65 30.85 -36.94
CA ASP O 82 40.37 30.50 -37.58
C ASP O 82 40.31 29.01 -37.97
N TYR O 83 41.39 28.52 -38.57
CA TYR O 83 41.48 27.12 -39.00
C TYR O 83 41.33 26.14 -37.90
N ARG O 84 41.93 26.45 -36.75
CA ARG O 84 41.82 25.56 -35.58
C ARG O 84 40.38 25.44 -35.14
N VAL O 85 39.58 26.52 -35.25
CA VAL O 85 38.14 26.42 -34.94
C VAL O 85 37.46 25.39 -35.85
N LEU O 86 37.76 25.49 -37.14
CA LEU O 86 37.14 24.62 -38.12
C LEU O 86 37.62 23.13 -37.95
N VAL O 87 38.92 22.93 -37.64
CA VAL O 87 39.44 21.58 -37.30
C VAL O 87 38.68 20.94 -36.15
N HIS O 88 38.55 21.67 -35.05
CA HIS O 88 37.79 21.23 -33.89
C HIS O 88 36.34 20.89 -34.27
N ARG O 89 35.66 21.74 -35.03
CA ARG O 89 34.27 21.49 -35.41
C ARG O 89 34.17 20.33 -36.36
N ALA O 90 35.08 20.23 -37.31
CA ALA O 90 35.07 19.11 -38.23
C ALA O 90 35.21 17.78 -37.46
N ARG O 91 36.14 17.72 -36.52
CA ARG O 91 36.35 16.53 -35.72
C ARG O 91 35.03 16.16 -35.01
N LYS O 92 34.39 17.18 -34.40
CA LYS O 92 33.18 17.00 -33.62
C LYS O 92 32.05 16.51 -34.51
N LEU O 93 31.92 17.15 -35.69
CA LEU O 93 30.94 16.73 -36.69
C LEU O 93 31.16 15.28 -37.11
N ALA O 94 32.40 14.90 -37.29
CA ALA O 94 32.66 13.55 -37.73
C ALA O 94 32.26 12.54 -36.65
N GLN O 95 32.54 12.86 -35.39
CA GLN O 95 32.16 11.98 -34.32
C GLN O 95 30.62 11.90 -34.13
N GLN O 96 29.91 13.04 -34.29
CA GLN O 96 28.42 13.03 -34.17
C GLN O 96 27.78 12.10 -35.19
N TYR O 97 28.30 12.19 -36.41
CA TYR O 97 27.91 11.26 -37.48
C TYR O 97 28.21 9.83 -37.11
N TYR O 98 29.44 9.58 -36.70
CA TYR O 98 29.82 8.17 -36.35
C TYR O 98 28.91 7.59 -35.21
N LEU O 99 28.53 8.41 -34.24
CA LEU O 99 27.70 7.90 -33.14
C LEU O 99 26.33 7.48 -33.61
N VAL O 100 25.78 8.18 -34.58
CA VAL O 100 24.47 7.84 -35.06
C VAL O 100 24.55 6.69 -36.05
N TYR O 101 25.41 6.82 -37.07
CA TYR O 101 25.41 5.88 -38.19
C TYR O 101 26.36 4.70 -38.05
N GLN O 102 27.27 4.73 -37.08
CA GLN O 102 28.26 3.66 -36.88
C GLN O 102 29.09 3.33 -38.13
N GLU O 103 29.35 4.35 -38.93
CA GLU O 103 30.15 4.27 -40.17
C GLU O 103 30.94 5.60 -40.24
N PRO O 104 32.20 5.57 -40.70
CA PRO O 104 32.92 6.83 -40.78
C PRO O 104 32.20 7.80 -41.77
N ILE O 105 32.21 9.07 -41.44
CA ILE O 105 31.54 10.08 -42.24
C ILE O 105 32.16 10.12 -43.65
N PRO O 106 31.32 9.96 -44.71
CA PRO O 106 31.85 10.17 -46.06
C PRO O 106 32.45 11.57 -46.19
N THR O 107 33.53 11.68 -46.96
CA THR O 107 34.25 12.91 -47.09
C THR O 107 33.30 14.04 -47.51
N ALA O 108 32.44 13.80 -48.48
CA ALA O 108 31.56 14.83 -48.99
C ALA O 108 30.57 15.30 -47.91
N GLN O 109 30.14 14.37 -47.07
CA GLN O 109 29.23 14.73 -45.98
C GLN O 109 29.92 15.58 -44.93
N LEU O 110 31.20 15.33 -44.69
CA LEU O 110 31.94 16.14 -43.73
C LEU O 110 32.16 17.53 -44.32
N VAL O 111 32.46 17.61 -45.61
CA VAL O 111 32.68 18.92 -46.27
C VAL O 111 31.38 19.74 -46.21
N GLN O 112 30.26 19.11 -46.51
CA GLN O 112 28.97 19.78 -46.46
C GLN O 112 28.70 20.36 -45.10
N ARG O 113 29.03 19.63 -44.06
CA ARG O 113 28.69 20.08 -42.72
C ARG O 113 29.64 21.18 -42.23
N VAL O 114 30.91 21.07 -42.60
CA VAL O 114 31.87 22.13 -42.31
C VAL O 114 31.51 23.42 -43.07
N ALA O 115 31.21 23.28 -44.36
CA ALA O 115 30.88 24.41 -45.19
C ALA O 115 29.63 25.14 -44.68
N SER O 116 28.68 24.37 -44.20
CA SER O 116 27.50 24.91 -43.62
C SER O 116 27.79 25.75 -42.33
N VAL O 117 28.74 25.29 -41.49
CA VAL O 117 29.27 26.15 -40.41
C VAL O 117 29.86 27.46 -40.92
N MET O 118 30.65 27.40 -41.97
CA MET O 118 31.29 28.60 -42.54
C MET O 118 30.21 29.57 -43.08
N GLN O 119 29.17 29.05 -43.72
CA GLN O 119 28.01 29.87 -44.12
C GLN O 119 27.39 30.64 -42.96
N GLU O 120 27.31 30.06 -41.80
CA GLU O 120 26.69 30.70 -40.67
C GLU O 120 27.37 31.94 -40.26
N TYR O 121 28.70 31.91 -40.35
CA TYR O 121 29.54 33.05 -40.01
C TYR O 121 29.49 34.17 -41.04
N THR O 122 28.73 34.01 -42.12
CA THR O 122 28.50 35.07 -43.10
C THR O 122 27.15 35.74 -42.93
N GLN O 123 26.36 35.28 -41.97
CA GLN O 123 24.97 35.80 -41.79
C GLN O 123 24.54 35.99 -40.34
N SER O 124 25.05 35.15 -39.46
CA SER O 124 24.68 35.13 -38.07
C SER O 124 25.15 36.43 -37.40
N GLY O 125 24.62 36.75 -36.24
CA GLY O 125 24.84 38.00 -35.59
C GLY O 125 26.24 38.25 -35.04
N GLY O 126 26.80 39.44 -35.31
CA GLY O 126 27.94 39.92 -34.53
C GLY O 126 29.24 39.15 -34.77
N VAL O 127 29.36 38.48 -35.91
CA VAL O 127 30.58 37.78 -36.24
C VAL O 127 31.00 38.12 -37.67
N ARG O 128 32.29 37.96 -37.93
CA ARG O 128 32.86 38.00 -39.28
C ARG O 128 33.02 36.62 -39.87
N PRO O 129 33.08 36.51 -41.21
CA PRO O 129 33.44 35.21 -41.76
C PRO O 129 34.83 34.71 -41.36
N PHE O 130 35.05 33.40 -41.51
CA PHE O 130 36.34 32.80 -41.37
C PHE O 130 37.26 33.29 -42.48
N GLY O 131 38.47 33.64 -42.12
CA GLY O 131 39.46 34.05 -43.09
C GLY O 131 40.32 32.86 -43.52
N VAL O 132 39.67 31.74 -43.86
CA VAL O 132 40.39 30.55 -44.33
C VAL O 132 39.66 29.86 -45.47
N SER O 133 40.42 29.23 -46.35
CA SER O 133 39.91 28.22 -47.24
C SER O 133 40.57 26.88 -46.85
N LEU O 134 39.73 25.84 -46.77
CA LEU O 134 40.13 24.50 -46.43
C LEU O 134 40.28 23.66 -47.67
N LEU O 135 41.31 22.82 -47.70
CA LEU O 135 41.37 21.68 -48.62
C LEU O 135 41.17 20.44 -47.77
N ILE O 136 40.20 19.62 -48.15
CA ILE O 136 39.81 18.43 -47.40
C ILE O 136 40.01 17.18 -48.28
N CYS O 137 40.80 16.22 -47.79
CA CYS O 137 41.01 14.97 -48.52
C CYS O 137 40.42 13.82 -47.75
N GLY O 138 40.03 12.80 -48.49
CA GLY O 138 39.43 11.61 -47.88
C GLY O 138 39.36 10.46 -48.85
N TRP O 139 39.12 9.27 -48.28
CA TRP O 139 38.95 8.04 -49.06
C TRP O 139 37.75 7.29 -48.52
N ASN O 140 36.76 7.03 -49.36
CA ASN O 140 35.63 6.19 -49.00
C ASN O 140 34.87 5.74 -50.26
N GLU O 141 33.97 4.75 -50.14
CA GLU O 141 33.43 4.02 -51.32
C GLU O 141 34.53 3.61 -52.29
N GLY O 142 35.65 3.10 -51.77
CA GLY O 142 36.78 2.66 -52.58
C GLY O 142 37.43 3.69 -53.48
N ARG O 143 37.47 4.95 -53.07
CA ARG O 143 37.79 6.04 -54.01
C ARG O 143 38.25 7.33 -53.31
N PRO O 144 39.22 8.08 -53.92
CA PRO O 144 39.75 9.27 -53.25
C PRO O 144 38.92 10.52 -53.54
N TYR O 145 38.94 11.46 -52.60
CA TYR O 145 38.22 12.70 -52.72
C TYR O 145 39.10 13.87 -52.30
N LEU O 146 39.01 14.96 -53.04
CA LEU O 146 39.64 16.24 -52.70
C LEU O 146 38.58 17.35 -52.83
N PHE O 147 38.37 18.09 -51.76
CA PHE O 147 37.45 19.20 -51.75
C PHE O 147 38.10 20.45 -51.20
N GLN O 148 37.58 21.59 -51.66
CA GLN O 148 37.90 22.89 -51.12
C GLN O 148 36.62 23.47 -50.52
N SER O 149 36.72 24.14 -49.37
CA SER O 149 35.61 24.89 -48.82
C SER O 149 36.08 26.33 -48.53
N ASP O 150 35.34 27.33 -49.04
CA ASP O 150 35.79 28.70 -48.96
C ASP O 150 35.03 29.49 -47.89
N PRO O 151 35.46 30.75 -47.60
CA PRO O 151 34.80 31.56 -46.59
C PRO O 151 33.29 31.78 -46.71
N SER O 152 32.74 31.73 -47.91
CA SER O 152 31.28 31.85 -48.06
C SER O 152 30.53 30.60 -47.63
N GLY O 153 31.22 29.45 -47.51
CA GLY O 153 30.56 28.20 -47.32
C GLY O 153 30.34 27.47 -48.63
N ALA O 154 30.80 28.00 -49.74
CA ALA O 154 30.76 27.26 -51.01
C ALA O 154 31.87 26.22 -50.96
N TYR O 155 31.61 25.05 -51.57
CA TYR O 155 32.62 24.02 -51.67
C TYR O 155 32.68 23.42 -53.09
N PHE O 156 33.81 22.84 -53.40
CA PHE O 156 34.09 22.34 -54.75
C PHE O 156 34.91 21.09 -54.63
N ALA O 157 34.67 20.14 -55.52
CA ALA O 157 35.48 18.96 -55.64
C ALA O 157 36.50 19.22 -56.75
N TRP O 158 37.78 19.04 -56.43
CA TRP O 158 38.89 19.26 -57.36
C TRP O 158 39.66 17.96 -57.65
N LYS O 159 40.23 17.89 -58.85
CA LYS O 159 41.26 16.92 -59.20
C LYS O 159 42.63 17.38 -58.66
N ALA O 160 42.82 18.69 -58.64
CA ALA O 160 44.02 19.29 -58.11
C ALA O 160 43.76 20.78 -58.04
N THR O 161 44.37 21.44 -57.06
CA THR O 161 44.28 22.88 -56.96
C THR O 161 45.34 23.45 -56.03
N ALA O 162 45.34 24.78 -55.97
CA ALA O 162 46.25 25.52 -55.14
C ALA O 162 45.48 26.67 -54.53
N MET O 163 45.90 27.10 -53.36
CA MET O 163 45.29 28.24 -52.73
C MET O 163 46.35 28.99 -52.00
N GLY O 164 46.04 30.18 -51.50
CA GLY O 164 47.06 31.02 -50.84
C GLY O 164 47.87 31.83 -51.83
N LYS O 165 48.97 32.44 -51.37
CA LYS O 165 49.84 33.30 -52.27
C LYS O 165 50.22 32.55 -53.54
N ASN O 166 50.08 33.23 -54.66
CA ASN O 166 50.48 32.71 -55.96
C ASN O 166 49.70 31.50 -56.44
N TYR O 167 48.46 31.41 -55.99
CA TYR O 167 47.61 30.30 -56.33
C TYR O 167 47.23 30.28 -57.80
N VAL O 168 47.04 31.45 -58.42
CA VAL O 168 46.63 31.48 -59.81
C VAL O 168 47.66 30.73 -60.66
N ASN O 169 48.95 31.08 -60.49
CA ASN O 169 50.06 30.38 -61.15
C ASN O 169 50.14 28.92 -60.77
N GLY O 170 49.94 28.61 -59.48
CA GLY O 170 49.93 27.25 -58.99
C GLY O 170 48.93 26.37 -59.72
N LYS O 171 47.73 26.90 -59.95
CA LYS O 171 46.69 26.19 -60.71
C LYS O 171 47.06 25.97 -62.17
N THR O 172 47.59 26.99 -62.85
CA THR O 172 48.05 26.77 -64.24
C THR O 172 49.30 25.86 -64.28
N PHE O 173 50.19 25.91 -63.28
CA PHE O 173 51.26 24.89 -63.17
C PHE O 173 50.69 23.45 -63.10
N LEU O 174 49.68 23.24 -62.27
CA LEU O 174 49.02 21.94 -62.14
C LEU O 174 48.24 21.57 -63.39
N GLU O 175 47.59 22.57 -64.00
CA GLU O 175 46.82 22.42 -65.25
C GLU O 175 47.66 21.91 -66.41
N LYS O 176 48.94 22.26 -66.44
CA LYS O 176 49.91 21.72 -67.43
C LYS O 176 50.83 20.64 -66.81
N ARG O 177 50.25 19.68 -66.08
CA ARG O 177 51.06 18.69 -65.32
C ARG O 177 50.33 17.56 -64.64
N TYR O 178 49.05 17.73 -64.33
CA TYR O 178 48.22 16.65 -63.76
C TYR O 178 47.62 15.81 -64.88
N ASN O 179 47.65 14.48 -64.72
CA ASN O 179 46.84 13.57 -65.53
C ASN O 179 46.04 12.63 -64.62
N GLU O 180 44.86 12.19 -65.09
CA GLU O 180 43.89 11.42 -64.28
C GLU O 180 44.44 10.07 -63.85
N ASP O 181 45.33 9.50 -64.66
CA ASP O 181 45.87 8.15 -64.39
C ASP O 181 47.11 8.16 -63.47
N LEU O 182 47.42 9.29 -62.83
CA LEU O 182 48.65 9.50 -62.07
C LEU O 182 48.61 8.79 -60.68
N GLU O 183 49.73 8.18 -60.30
CA GLU O 183 49.90 7.51 -58.99
C GLU O 183 50.19 8.50 -57.88
N LEU O 184 50.04 8.04 -56.63
CA LEU O 184 50.23 8.91 -55.47
C LEU O 184 51.69 9.32 -55.24
N GLU O 185 52.62 8.39 -55.43
CA GLU O 185 54.06 8.73 -55.26
C GLU O 185 54.51 9.83 -56.24
N ASP O 186 54.01 9.77 -57.48
CA ASP O 186 54.24 10.83 -58.48
C ASP O 186 53.56 12.15 -58.09
N ALA O 187 52.30 12.04 -57.65
CA ALA O 187 51.50 13.19 -57.18
C ALA O 187 52.19 13.97 -56.07
N ILE O 188 52.79 13.27 -55.13
CA ILE O 188 53.54 13.90 -54.05
C ILE O 188 54.65 14.74 -54.67
N HIS O 189 55.43 14.10 -55.57
CA HIS O 189 56.49 14.79 -56.32
C HIS O 189 55.92 16.08 -56.93
N THR O 190 54.82 16.00 -57.68
CA THR O 190 54.35 17.21 -58.38
C THR O 190 53.73 18.27 -57.41
N ALA O 191 53.13 17.83 -56.31
CA ALA O 191 52.68 18.74 -55.25
C ALA O 191 53.82 19.59 -54.71
N ILE O 192 54.97 18.97 -54.46
CA ILE O 192 56.13 19.66 -53.92
C ILE O 192 56.74 20.61 -54.97
N LEU O 193 56.82 20.16 -56.22
CA LEU O 193 57.23 21.05 -57.30
C LEU O 193 56.28 22.25 -57.41
N THR O 194 54.99 22.05 -57.16
CA THR O 194 54.04 23.18 -57.20
C THR O 194 54.36 24.21 -56.12
N LEU O 195 54.66 23.78 -54.90
CA LEU O 195 55.12 24.70 -53.86
C LEU O 195 56.48 25.33 -54.20
N LYS O 196 57.37 24.57 -54.86
CA LYS O 196 58.66 25.10 -55.29
C LYS O 196 58.51 26.30 -56.22
N GLU O 197 57.45 26.32 -57.05
CA GLU O 197 57.11 27.45 -57.92
C GLU O 197 57.04 28.79 -57.21
N SER O 198 56.54 28.80 -55.99
CA SER O 198 56.34 30.04 -55.27
C SER O 198 57.03 30.01 -53.92
N PHE O 199 58.18 29.31 -53.80
CA PHE O 199 58.75 29.12 -52.47
C PHE O 199 59.56 30.33 -51.99
N GLU O 200 60.82 30.44 -52.40
CA GLU O 200 61.76 31.43 -51.85
C GLU O 200 62.31 30.98 -50.49
N GLY O 201 63.52 30.44 -50.48
CA GLY O 201 64.15 30.07 -49.22
C GLY O 201 65.04 28.86 -49.21
N GLN O 202 64.88 27.95 -50.18
CA GLN O 202 65.44 26.60 -50.10
C GLN O 202 64.58 25.71 -49.12
N MET O 203 63.99 24.66 -49.69
CA MET O 203 63.10 23.79 -48.97
C MET O 203 63.83 22.78 -48.15
N THR O 204 63.38 22.61 -46.92
CA THR O 204 63.77 21.51 -46.09
C THR O 204 62.49 20.80 -45.67
N GLU O 205 62.67 19.61 -45.11
CA GLU O 205 61.57 18.87 -44.50
C GLU O 205 60.96 19.57 -43.29
N ASP O 206 61.62 20.58 -42.75
CA ASP O 206 61.11 21.32 -41.59
C ASP O 206 60.25 22.53 -41.94
N ASN O 207 60.21 22.94 -43.20
CA ASN O 207 59.38 24.10 -43.55
C ASN O 207 58.34 23.83 -44.62
N ILE O 208 58.13 22.57 -44.99
CA ILE O 208 56.89 22.18 -45.64
C ILE O 208 56.24 21.05 -44.82
N GLU O 209 54.95 20.84 -45.01
CA GLU O 209 54.23 19.72 -44.40
C GLU O 209 53.44 19.04 -45.49
N VAL O 210 53.40 17.71 -45.41
CA VAL O 210 52.74 16.90 -46.42
C VAL O 210 51.88 15.85 -45.70
N GLY O 211 50.69 15.66 -46.22
CA GLY O 211 49.78 14.64 -45.76
C GLY O 211 49.33 13.85 -46.95
N ILE O 212 49.01 12.58 -46.70
CA ILE O 212 48.51 11.72 -47.73
C ILE O 212 47.28 10.95 -47.24
N CYS O 213 46.46 10.57 -48.20
CA CYS O 213 45.24 9.86 -47.96
C CYS O 213 45.09 8.75 -48.99
N ASN O 214 44.91 7.52 -48.53
CA ASN O 214 44.66 6.41 -49.44
C ASN O 214 43.76 5.38 -48.74
N GLU O 215 43.68 4.17 -49.31
CA GLU O 215 42.91 3.09 -48.70
C GLU O 215 43.31 2.82 -47.24
N ALA O 216 44.59 2.84 -46.93
CA ALA O 216 45.01 2.64 -45.53
C ALA O 216 44.56 3.76 -44.56
N GLY O 217 44.27 4.96 -45.03
CA GLY O 217 43.86 6.07 -44.16
C GLY O 217 44.60 7.35 -44.42
N PHE O 218 44.37 8.34 -43.58
CA PHE O 218 45.01 9.63 -43.72
C PHE O 218 46.15 9.71 -42.75
N ARG O 219 47.28 10.26 -43.17
CA ARG O 219 48.36 10.57 -42.22
C ARG O 219 49.31 11.63 -42.76
N ARG O 220 49.99 12.31 -41.82
CA ARG O 220 51.08 13.21 -42.19
C ARG O 220 52.25 12.36 -42.57
N LEU O 221 52.99 12.80 -43.56
CA LEU O 221 54.32 12.24 -43.79
C LEU O 221 55.23 12.69 -42.65
N THR O 222 56.21 11.86 -42.32
CA THR O 222 57.22 12.23 -41.34
C THR O 222 58.22 13.14 -41.97
N PRO O 223 58.96 13.89 -41.13
CA PRO O 223 60.10 14.65 -41.65
C PRO O 223 61.04 13.79 -42.51
N THR O 224 61.40 12.59 -42.05
CA THR O 224 62.28 11.67 -42.83
C THR O 224 61.71 11.30 -44.22
N GLU O 225 60.39 11.10 -44.31
CA GLU O 225 59.77 10.78 -45.61
C GLU O 225 59.79 11.96 -46.55
N VAL O 226 59.55 13.15 -46.02
CA VAL O 226 59.55 14.38 -46.82
C VAL O 226 60.96 14.64 -47.34
N LYS O 227 61.94 14.52 -46.45
CA LYS O 227 63.36 14.65 -46.77
C LYS O 227 63.73 13.85 -48.01
N ASP O 228 63.28 12.60 -48.01
CA ASP O 228 63.47 11.69 -49.14
C ASP O 228 62.86 12.15 -50.45
N TYR O 229 61.62 12.63 -50.43
CA TYR O 229 61.01 13.19 -51.64
C TYR O 229 61.77 14.45 -52.08
N LEU O 230 62.32 15.20 -51.11
CA LEU O 230 63.09 16.43 -51.40
C LEU O 230 64.43 16.17 -52.07
N ALA O 231 64.91 14.92 -52.00
CA ALA O 231 65.90 14.40 -52.94
C ALA O 231 65.14 14.04 -54.20
N ALA O 232 65.63 14.52 -55.31
CA ALA O 232 64.91 14.68 -56.59
C ALA O 232 64.61 16.15 -56.83
N ILE O 233 64.14 16.86 -55.79
CA ILE O 233 63.83 18.31 -55.87
C ILE O 233 64.97 19.13 -55.27
N SER P 2 27.24 49.71 -30.55
CA SER P 2 26.17 48.68 -30.91
C SER P 2 25.09 49.22 -31.87
N ARG P 3 24.40 50.28 -31.46
CA ARG P 3 23.54 51.00 -32.39
C ARG P 3 24.43 51.57 -33.48
N ARG P 4 25.65 51.95 -33.14
CA ARG P 4 26.61 52.50 -34.10
C ARG P 4 26.91 51.52 -35.24
N TYR P 5 27.02 50.22 -34.96
CA TYR P 5 27.52 49.31 -35.97
C TYR P 5 26.43 48.60 -36.71
N ASP P 6 25.18 48.76 -36.29
CA ASP P 6 24.09 48.00 -36.86
C ASP P 6 23.75 48.60 -38.25
N SER P 7 23.94 47.79 -39.28
CA SER P 7 23.53 47.88 -40.69
CA SER P 7 23.60 48.32 -40.62
C SER P 7 22.08 48.29 -40.91
N ARG P 8 21.25 47.70 -40.05
CA ARG P 8 19.80 47.88 -40.10
C ARG P 8 19.27 47.29 -41.38
N THR P 9 19.40 45.99 -41.50
CA THR P 9 19.06 45.30 -42.72
C THR P 9 17.54 45.10 -42.96
N THR P 10 16.69 45.28 -41.92
CA THR P 10 15.28 44.96 -42.01
C THR P 10 14.42 46.18 -41.80
N ILE P 11 14.82 47.32 -42.37
CA ILE P 11 14.04 48.55 -42.23
C ILE P 11 13.71 49.08 -43.58
N PHE P 12 12.60 49.77 -43.67
CA PHE P 12 12.26 50.53 -44.88
C PHE P 12 13.14 51.73 -45.11
N SER P 13 13.39 51.98 -46.39
CA SER P 13 13.96 53.25 -46.90
C SER P 13 12.83 54.24 -47.14
N PRO P 14 13.16 55.52 -47.42
CA PRO P 14 12.10 56.48 -47.67
C PRO P 14 11.13 56.20 -48.81
N GLU P 15 11.46 55.38 -49.80
CA GLU P 15 10.43 55.08 -50.84
C GLU P 15 9.60 53.86 -50.57
N GLY P 16 9.74 53.29 -49.37
CA GLY P 16 9.07 52.05 -49.03
C GLY P 16 9.85 50.89 -49.57
N ARG P 17 11.17 51.03 -49.72
CA ARG P 17 11.93 49.94 -50.27
C ARG P 17 12.73 49.20 -49.22
N LEU P 18 13.11 48.00 -49.59
CA LEU P 18 13.94 47.16 -48.78
C LEU P 18 15.25 46.94 -49.51
N TYR P 19 16.26 47.72 -49.14
CA TYR P 19 17.48 47.77 -49.92
C TYR P 19 18.23 46.49 -50.02
N GLN P 20 18.37 45.79 -48.88
CA GLN P 20 19.08 44.56 -48.91
C GLN P 20 18.46 43.66 -49.97
N VAL P 21 17.10 43.59 -49.97
CA VAL P 21 16.36 42.62 -50.80
C VAL P 21 16.76 42.92 -52.22
N GLU P 22 16.65 44.22 -52.59
CA GLU P 22 17.05 44.68 -53.90
C GLU P 22 18.51 44.24 -54.21
N TYR P 23 19.39 44.51 -53.23
CA TYR P 23 20.81 44.27 -53.46
C TYR P 23 21.07 42.79 -53.65
N ALA P 24 20.37 41.96 -52.89
CA ALA P 24 20.42 40.52 -53.10
C ALA P 24 20.00 40.20 -54.55
N MET P 25 18.96 40.86 -55.03
CA MET P 25 18.45 40.63 -56.38
CA MET P 25 18.43 40.73 -56.39
C MET P 25 19.51 40.99 -57.44
N GLU P 26 20.41 41.94 -57.17
CA GLU P 26 21.55 42.23 -58.09
C GLU P 26 22.52 41.07 -58.10
N ALA P 27 22.81 40.50 -56.94
CA ALA P 27 23.69 39.30 -56.82
C ALA P 27 23.18 38.16 -57.70
N ILE P 28 21.88 37.91 -57.60
CA ILE P 28 21.18 36.89 -58.39
C ILE P 28 21.30 37.11 -59.90
N GLY P 29 21.12 38.36 -60.33
CA GLY P 29 21.17 38.73 -61.73
C GLY P 29 22.51 38.48 -62.39
N HIS P 30 23.58 38.46 -61.60
CA HIS P 30 24.93 38.19 -62.09
C HIS P 30 25.22 36.68 -62.06
N ALA P 31 24.50 35.89 -61.26
CA ALA P 31 24.71 34.43 -61.19
C ALA P 31 24.31 33.66 -62.46
N GLY P 32 24.67 32.37 -62.50
CA GLY P 32 24.37 31.51 -63.64
C GLY P 32 22.91 31.57 -64.05
N THR P 33 22.67 31.66 -65.35
CA THR P 33 21.29 31.67 -65.88
C THR P 33 20.63 30.30 -65.63
N CYS P 34 19.36 30.37 -65.27
CA CYS P 34 18.65 29.19 -64.88
C CYS P 34 17.20 29.31 -65.35
N LEU P 35 16.74 28.40 -66.19
CA LEU P 35 15.37 28.49 -66.71
C LEU P 35 14.52 27.26 -66.43
N GLY P 36 13.21 27.46 -66.46
CA GLY P 36 12.26 26.40 -66.20
C GLY P 36 11.19 26.48 -67.23
N ILE P 37 10.76 25.32 -67.71
CA ILE P 37 9.74 25.25 -68.75
C ILE P 37 8.77 24.10 -68.47
N LEU P 38 7.49 24.44 -68.34
CA LEU P 38 6.38 23.50 -68.22
C LEU P 38 5.84 22.95 -69.55
N ALA P 39 5.62 21.65 -69.60
CA ALA P 39 4.98 21.04 -70.74
C ALA P 39 3.79 20.19 -70.32
N ASN P 40 3.04 19.71 -71.31
CA ASN P 40 1.90 18.81 -71.06
C ASN P 40 2.27 17.49 -70.35
N ASP P 41 3.43 16.94 -70.68
CA ASP P 41 3.87 15.67 -70.14
C ASP P 41 5.10 15.81 -69.23
N GLY P 42 5.33 16.99 -68.68
CA GLY P 42 6.46 17.17 -67.76
C GLY P 42 6.90 18.61 -67.58
N VAL P 43 7.97 18.76 -66.83
CA VAL P 43 8.58 20.05 -66.57
C VAL P 43 10.08 19.85 -66.61
N LEU P 44 10.80 20.92 -66.96
CA LEU P 44 12.25 20.86 -66.95
C LEU P 44 12.91 22.09 -66.35
N LEU P 45 14.15 21.88 -65.93
CA LEU P 45 15.07 22.90 -65.49
C LEU P 45 16.29 22.77 -66.34
N ALA P 46 16.81 23.90 -66.82
CA ALA P 46 18.09 23.96 -67.49
C ALA P 46 18.89 25.11 -66.91
N ALA P 47 20.13 24.85 -66.53
CA ALA P 47 20.97 25.85 -65.87
C ALA P 47 22.35 25.91 -66.48
N GLU P 48 22.87 27.13 -66.60
CA GLU P 48 24.26 27.38 -66.85
C GLU P 48 25.10 26.87 -65.69
N ARG P 49 26.13 26.13 -65.95
CA ARG P 49 27.08 25.76 -64.90
C ARG P 49 28.11 26.84 -64.73
N ARG P 50 28.46 27.15 -63.49
CA ARG P 50 29.63 27.99 -63.20
C ARG P 50 30.84 27.16 -62.75
N ASN P 51 30.59 26.05 -62.04
CA ASN P 51 31.61 25.02 -61.76
C ASN P 51 31.88 24.30 -63.08
N ILE P 52 32.63 24.96 -63.95
CA ILE P 52 32.61 24.62 -65.37
C ILE P 52 33.65 25.40 -66.10
N HIS P 53 34.77 24.80 -66.44
CA HIS P 53 35.27 23.58 -65.89
C HIS P 53 36.58 24.08 -65.25
N LYS P 54 37.58 23.20 -65.17
CA LYS P 54 38.94 23.57 -64.80
C LYS P 54 39.66 22.19 -64.68
N LEU P 55 40.43 22.05 -63.62
CA LEU P 55 40.73 20.79 -62.94
C LEU P 55 39.60 20.34 -61.92
N LEU P 56 38.35 20.78 -62.08
CA LEU P 56 37.24 20.32 -61.22
C LEU P 56 37.00 18.83 -61.37
N ASP P 57 36.47 18.16 -60.32
CA ASP P 57 36.42 16.69 -60.26
C ASP P 57 35.12 15.97 -60.59
N GLU P 58 33.95 16.57 -60.48
CA GLU P 58 32.71 15.82 -60.81
C GLU P 58 32.45 14.63 -59.89
N VAL P 59 31.64 14.90 -58.89
CA VAL P 59 31.45 14.01 -57.77
C VAL P 59 29.98 13.88 -57.41
N PHE P 60 29.19 14.94 -57.56
CA PHE P 60 27.73 14.86 -57.42
C PHE P 60 27.04 14.75 -58.75
N PHE P 61 25.76 14.42 -58.73
CA PHE P 61 25.01 14.19 -59.98
C PHE P 61 24.60 15.51 -60.63
N SER P 62 24.65 16.61 -59.89
CA SER P 62 24.52 17.95 -60.49
C SER P 62 25.20 19.01 -59.64
N GLU P 63 25.23 20.22 -60.19
CA GLU P 63 25.88 21.36 -59.56
C GLU P 63 24.84 22.22 -58.86
N LYS P 64 23.71 22.43 -59.51
CA LYS P 64 22.69 23.38 -59.04
C LYS P 64 21.27 22.80 -59.10
N ILE P 65 21.10 21.52 -59.45
CA ILE P 65 19.77 20.88 -59.47
C ILE P 65 19.65 20.08 -58.17
N TYR P 66 18.63 20.34 -57.36
CA TYR P 66 18.47 19.63 -56.08
C TYR P 66 17.16 18.89 -56.05
N LYS P 67 17.21 17.60 -55.71
CA LYS P 67 15.98 16.88 -55.44
C LYS P 67 15.49 17.33 -54.06
N LEU P 68 14.20 17.62 -53.94
CA LEU P 68 13.62 18.06 -52.67
C LEU P 68 12.83 16.99 -51.88
N ASN P 69 12.12 16.15 -52.63
CA ASN P 69 11.40 14.96 -52.14
C ASN P 69 11.10 14.09 -53.37
N GLU P 70 10.20 13.10 -53.22
CA GLU P 70 9.88 12.20 -54.30
C GLU P 70 9.36 12.89 -55.57
N ASP P 71 8.58 13.95 -55.39
CA ASP P 71 7.89 14.56 -56.46
C ASP P 71 8.38 15.95 -56.92
N MET P 72 9.53 16.43 -56.43
CA MET P 72 9.92 17.79 -56.61
C MET P 72 11.41 17.96 -56.66
N ALA P 73 11.81 18.92 -57.51
CA ALA P 73 13.20 19.39 -57.58
C ALA P 73 13.23 20.89 -57.74
N CYS P 74 14.41 21.47 -57.53
CA CYS P 74 14.60 22.87 -57.74
C CYS P 74 15.97 23.16 -58.30
N SER P 75 16.10 24.36 -58.86
CA SER P 75 17.40 24.92 -59.16
C SER P 75 17.50 26.28 -58.52
N VAL P 76 18.71 26.80 -58.47
CA VAL P 76 18.98 28.06 -57.76
C VAL P 76 19.88 28.98 -58.59
N ALA P 77 19.74 30.28 -58.36
CA ALA P 77 20.70 31.24 -58.83
C ALA P 77 20.99 32.14 -57.63
N GLY P 78 22.29 32.37 -57.40
CA GLY P 78 22.75 33.33 -56.40
C GLY P 78 23.84 32.76 -55.53
N ILE P 79 23.84 33.11 -54.27
CA ILE P 79 24.93 32.70 -53.42
C ILE P 79 24.76 31.19 -53.16
N THR P 80 25.75 30.39 -53.54
CA THR P 80 25.68 28.91 -53.40
C THR P 80 25.47 28.37 -51.94
N SER P 81 26.30 28.80 -51.00
CA SER P 81 26.16 28.48 -49.59
C SER P 81 24.74 28.86 -49.08
N ASP P 82 24.19 30.02 -49.48
CA ASP P 82 22.83 30.36 -49.07
C ASP P 82 21.86 29.35 -49.68
N ALA P 83 22.07 28.97 -50.93
CA ALA P 83 21.19 27.98 -51.57
C ALA P 83 21.19 26.61 -50.83
N ASN P 84 22.36 26.19 -50.36
CA ASN P 84 22.50 24.98 -49.57
C ASN P 84 21.64 25.00 -48.29
N VAL P 85 21.62 26.13 -47.56
CA VAL P 85 20.80 26.25 -46.38
C VAL P 85 19.34 26.14 -46.76
N LEU P 86 18.93 26.82 -47.82
CA LEU P 86 17.50 26.85 -48.17
C LEU P 86 16.98 25.52 -48.71
N THR P 87 17.78 24.81 -49.49
CA THR P 87 17.38 23.52 -50.03
C THR P 87 17.35 22.47 -48.93
N ASN P 88 18.27 22.54 -47.98
CA ASN P 88 18.15 21.74 -46.79
C ASN P 88 16.83 21.99 -46.04
N GLU P 89 16.49 23.27 -45.83
CA GLU P 89 15.23 23.60 -45.18
C GLU P 89 14.03 23.11 -45.99
N LEU P 90 14.07 23.22 -47.31
CA LEU P 90 12.97 22.69 -48.15
C LEU P 90 12.74 21.19 -47.92
N ARG P 91 13.83 20.44 -47.83
CA ARG P 91 13.72 18.98 -47.61
C ARG P 91 13.08 18.70 -46.26
N LEU P 92 13.48 19.43 -45.23
CA LEU P 92 12.89 19.29 -43.91
C LEU P 92 11.38 19.58 -43.89
N ILE P 93 10.98 20.66 -44.55
CA ILE P 93 9.56 21.04 -44.60
C ILE P 93 8.76 19.94 -45.29
N ALA P 94 9.29 19.42 -46.41
CA ALA P 94 8.64 18.38 -47.12
C ALA P 94 8.50 17.11 -46.27
N GLN P 95 9.52 16.76 -45.50
CA GLN P 95 9.43 15.59 -44.63
C GLN P 95 8.52 15.81 -43.42
N ARG P 96 8.49 17.04 -42.87
CA ARG P 96 7.53 17.35 -41.80
C ARG P 96 6.12 17.16 -42.29
N TYR P 97 5.84 17.62 -43.50
CA TYR P 97 4.48 17.50 -44.04
C TYR P 97 4.12 15.99 -44.22
N LEU P 98 5.02 15.24 -44.87
CA LEU P 98 4.85 13.82 -45.04
C LEU P 98 4.59 13.08 -43.69
N LEU P 99 5.37 13.42 -42.65
CA LEU P 99 5.23 12.81 -41.36
C LEU P 99 3.84 13.03 -40.81
N GLN P 100 3.37 14.26 -40.93
CA GLN P 100 2.10 14.67 -40.39
C GLN P 100 0.86 14.10 -41.11
N TYR P 101 0.87 14.22 -42.41
CA TYR P 101 -0.31 13.83 -43.22
C TYR P 101 -0.22 12.44 -43.91
N GLN P 102 0.98 11.90 -43.99
CA GLN P 102 1.26 10.68 -44.80
C GLN P 102 0.91 10.83 -46.29
N GLU P 103 1.14 12.01 -46.83
CA GLU P 103 1.06 12.26 -48.26
C GLU P 103 2.12 13.32 -48.60
N PRO P 104 2.54 13.41 -49.87
CA PRO P 104 3.53 14.41 -50.22
C PRO P 104 2.99 15.87 -50.13
N ILE P 105 3.88 16.81 -49.82
CA ILE P 105 3.50 18.18 -49.70
C ILE P 105 3.19 18.70 -51.15
N PRO P 106 2.00 19.28 -51.35
CA PRO P 106 1.69 19.87 -52.63
C PRO P 106 2.69 21.00 -52.86
N CYS P 107 3.10 21.12 -54.12
CA CYS P 107 4.19 21.96 -54.53
C CYS P 107 4.13 23.39 -54.00
N GLU P 108 2.97 24.01 -54.18
CA GLU P 108 2.81 25.41 -53.84
C GLU P 108 2.98 25.59 -52.36
N GLN P 109 2.65 24.56 -51.60
CA GLN P 109 2.70 24.66 -50.14
C GLN P 109 4.14 24.64 -49.68
N LEU P 110 4.99 23.90 -50.39
CA LEU P 110 6.37 23.80 -50.02
C LEU P 110 7.02 25.17 -50.32
N VAL P 111 6.69 25.70 -51.50
CA VAL P 111 7.21 27.02 -51.93
C VAL P 111 6.82 28.08 -50.91
N THR P 112 5.53 28.11 -50.55
CA THR P 112 5.01 29.05 -49.59
C THR P 112 5.72 28.97 -48.28
N ALA P 113 5.94 27.74 -47.79
CA ALA P 113 6.56 27.61 -46.50
C ALA P 113 7.93 28.22 -46.48
N LEU P 114 8.70 27.97 -47.52
CA LEU P 114 10.04 28.56 -47.59
C LEU P 114 9.97 30.08 -47.70
N CYS P 115 9.09 30.56 -48.58
CA CYS P 115 8.93 32.00 -48.77
C CYS P 115 8.59 32.74 -47.47
N ASP P 116 7.88 32.08 -46.54
CA ASP P 116 7.61 32.69 -45.23
C ASP P 116 8.88 32.88 -44.38
N ILE P 117 9.83 31.98 -44.55
CA ILE P 117 11.10 32.06 -43.88
C ILE P 117 11.87 33.27 -44.50
N LYS P 118 11.93 33.32 -45.81
CA LYS P 118 12.58 34.44 -46.51
C LYS P 118 11.94 35.78 -46.13
N GLN P 119 10.62 35.85 -46.13
CA GLN P 119 9.90 37.02 -45.69
C GLN P 119 10.32 37.49 -44.29
N ALA P 120 10.43 36.55 -43.36
CA ALA P 120 10.75 36.88 -41.96
C ALA P 120 12.10 37.64 -41.89
N TYR P 121 13.04 37.19 -42.73
CA TYR P 121 14.36 37.72 -42.77
C TYR P 121 14.38 39.15 -43.29
N THR P 122 13.30 39.59 -43.94
CA THR P 122 13.19 40.92 -44.40
C THR P 122 12.44 41.81 -43.42
N GLN P 123 11.80 41.23 -42.42
CA GLN P 123 10.97 41.99 -41.48
C GLN P 123 11.49 42.06 -40.06
N PHE P 124 12.19 41.05 -39.60
CA PHE P 124 12.79 41.18 -38.30
C PHE P 124 14.07 40.40 -38.24
N GLY P 125 14.76 40.53 -37.12
CA GLY P 125 15.99 39.82 -36.83
C GLY P 125 17.28 40.57 -37.16
N GLY P 126 17.25 41.63 -37.95
CA GLY P 126 18.50 42.37 -38.26
C GLY P 126 19.58 41.64 -39.06
N LYS P 127 19.20 40.59 -39.76
CA LYS P 127 20.14 39.80 -40.52
C LYS P 127 20.04 40.13 -41.99
N ARG P 128 21.13 39.90 -42.72
CA ARG P 128 21.08 39.90 -44.18
C ARG P 128 20.11 38.81 -44.69
N PRO P 129 19.35 39.09 -45.75
CA PRO P 129 18.59 38.06 -46.39
C PRO P 129 19.46 37.04 -47.09
N PHE P 130 18.80 35.95 -47.51
CA PHE P 130 19.41 34.91 -48.37
C PHE P 130 19.48 35.41 -49.82
N GLY P 131 20.65 35.28 -50.44
CA GLY P 131 20.90 35.78 -51.77
C GLY P 131 20.62 34.76 -52.87
N VAL P 132 19.38 34.34 -52.91
CA VAL P 132 19.02 33.21 -53.72
C VAL P 132 17.65 33.37 -54.33
N SER P 133 17.55 33.04 -55.61
CA SER P 133 16.26 32.84 -56.25
C SER P 133 16.18 31.38 -56.63
N LEU P 134 14.99 30.84 -56.61
CA LEU P 134 14.81 29.45 -56.92
C LEU P 134 13.79 29.28 -58.05
N LEU P 135 14.01 28.22 -58.83
CA LEU P 135 12.97 27.64 -59.64
C LEU P 135 12.60 26.25 -59.08
N TYR P 136 11.30 25.98 -58.95
CA TYR P 136 10.82 24.74 -58.40
C TYR P 136 10.02 24.04 -59.44
N ILE P 137 10.29 22.73 -59.63
CA ILE P 137 9.46 21.90 -60.50
C ILE P 137 8.89 20.75 -59.72
N GLY P 138 7.71 20.32 -60.11
CA GLY P 138 7.03 19.30 -59.33
C GLY P 138 5.79 18.78 -59.98
N TRP P 139 5.30 17.69 -59.39
CA TRP P 139 3.99 17.14 -59.68
C TRP P 139 3.27 16.93 -58.37
N ASP P 140 2.00 17.31 -58.30
CA ASP P 140 1.14 16.83 -57.23
C ASP P 140 -0.23 16.52 -57.79
N LYS P 141 -1.06 15.96 -56.93
CA LYS P 141 -2.36 15.47 -57.31
C LYS P 141 -3.38 16.55 -57.37
N HIS P 142 -3.08 17.76 -56.92
CA HIS P 142 -4.03 18.86 -57.04
C HIS P 142 -3.96 19.60 -58.36
N TYR P 143 -2.75 19.88 -58.83
CA TYR P 143 -2.53 20.65 -60.06
C TYR P 143 -1.54 20.03 -61.04
N GLY P 144 -1.20 18.78 -60.87
CA GLY P 144 -0.30 18.13 -61.80
C GLY P 144 1.08 18.80 -61.88
N PHE P 145 1.60 18.93 -63.10
CA PHE P 145 2.93 19.50 -63.36
C PHE P 145 2.94 20.96 -63.09
N GLN P 146 3.96 21.43 -62.36
CA GLN P 146 4.01 22.80 -61.92
C GLN P 146 5.45 23.31 -61.94
N LEU P 147 5.54 24.63 -62.07
CA LEU P 147 6.78 25.39 -62.06
C LEU P 147 6.55 26.69 -61.28
N TYR P 148 7.42 26.94 -60.29
CA TYR P 148 7.35 28.12 -59.43
C TYR P 148 8.69 28.84 -59.46
N GLN P 149 8.64 30.13 -59.13
CA GLN P 149 9.81 30.93 -58.91
C GLN P 149 9.67 31.71 -57.61
N SER P 150 10.70 31.68 -56.78
CA SER P 150 10.73 32.51 -55.59
C SER P 150 12.01 33.33 -55.53
N ASP P 151 11.95 34.48 -54.86
CA ASP P 151 13.13 35.38 -54.74
C ASP P 151 13.32 35.91 -53.32
N PRO P 152 14.42 36.63 -53.06
CA PRO P 152 14.72 36.95 -51.69
C PRO P 152 13.69 37.79 -50.97
N SER P 153 12.74 38.42 -51.67
CA SER P 153 11.70 39.16 -50.97
C SER P 153 10.73 38.24 -50.23
N GLY P 154 10.82 36.93 -50.45
CA GLY P 154 9.80 36.01 -50.03
C GLY P 154 8.55 35.99 -50.88
N ASN P 155 8.63 36.55 -52.08
CA ASN P 155 7.59 36.42 -53.04
C ASN P 155 7.80 35.18 -53.89
N TYR P 156 6.71 34.59 -54.35
CA TYR P 156 6.78 33.48 -55.31
C TYR P 156 5.60 33.64 -56.27
N GLY P 157 5.76 32.95 -57.37
CA GLY P 157 4.68 32.74 -58.29
C GLY P 157 4.83 31.45 -59.03
N GLY P 158 3.71 31.09 -59.68
CA GLY P 158 3.67 30.01 -60.68
C GLY P 158 3.84 30.52 -62.10
N TRP P 159 4.56 29.75 -62.92
CA TRP P 159 4.89 30.11 -64.31
C TRP P 159 4.72 28.89 -65.24
N LYS P 160 4.42 29.15 -66.51
CA LYS P 160 4.50 28.12 -67.54
C LYS P 160 5.91 28.05 -68.12
N ALA P 161 6.62 29.19 -68.11
CA ALA P 161 8.07 29.27 -68.45
C ALA P 161 8.68 30.58 -67.94
N THR P 162 9.95 30.56 -67.55
CA THR P 162 10.55 31.70 -66.91
C THR P 162 12.07 31.41 -66.93
N CYS P 163 12.79 32.55 -66.43
CA CYS P 163 14.24 32.50 -66.26
C CYS P 163 14.74 33.42 -65.14
N ILE P 164 15.77 32.97 -64.42
CA ILE P 164 16.43 33.76 -63.38
C ILE P 164 17.91 33.67 -63.63
N GLY P 165 18.64 34.62 -63.07
CA GLY P 165 20.09 34.70 -63.24
C GLY P 165 20.47 35.54 -64.47
N ASN P 166 21.70 35.38 -64.92
CA ASN P 166 22.25 36.18 -66.02
C ASN P 166 21.38 36.20 -67.28
N ASN P 167 21.16 37.41 -67.79
CA ASN P 167 20.39 37.66 -68.99
C ASN P 167 18.93 37.25 -68.97
N SER P 168 18.36 37.23 -67.78
CA SER P 168 16.97 36.79 -67.56
C SER P 168 15.96 37.41 -68.46
N ALA P 169 16.01 38.76 -68.55
CA ALA P 169 15.05 39.58 -69.34
C ALA P 169 15.05 39.06 -70.78
N ALA P 170 16.25 38.95 -71.36
CA ALA P 170 16.39 38.40 -72.71
C ALA P 170 15.79 37.00 -72.82
N ALA P 171 16.09 36.15 -71.84
CA ALA P 171 15.53 34.78 -71.83
C ALA P 171 14.01 34.75 -71.76
N VAL P 172 13.41 35.60 -70.94
CA VAL P 172 11.95 35.70 -70.90
C VAL P 172 11.37 36.23 -72.20
N SER P 173 12.04 37.17 -72.89
CA SER P 173 11.50 37.64 -74.18
C SER P 173 11.42 36.50 -75.13
N MET P 174 12.49 35.73 -75.25
CA MET P 174 12.50 34.58 -76.16
C MET P 174 11.43 33.55 -75.83
N LEU P 175 11.18 33.32 -74.52
CA LEU P 175 10.10 32.41 -74.07
C LEU P 175 8.70 32.97 -74.36
N LYS P 176 8.45 34.24 -74.06
CA LYS P 176 7.20 34.94 -74.49
C LYS P 176 6.86 34.68 -75.95
N GLN P 177 7.86 34.65 -76.81
CA GLN P 177 7.57 34.56 -78.22
C GLN P 177 7.50 33.13 -78.74
N ASP P 178 8.17 32.17 -78.11
CA ASP P 178 8.19 30.81 -78.64
C ASP P 178 7.24 29.87 -77.98
N TYR P 179 6.87 30.15 -76.73
CA TYR P 179 6.15 29.17 -75.90
C TYR P 179 4.68 29.09 -76.33
N LYS P 180 4.19 27.87 -76.53
CA LYS P 180 2.83 27.61 -76.98
C LYS P 180 1.98 27.13 -75.80
N GLU P 181 1.19 28.02 -75.20
CA GLU P 181 0.32 27.66 -74.08
C GLU P 181 -0.56 26.45 -74.41
N GLY P 182 -0.51 25.43 -73.58
CA GLY P 182 -1.32 24.21 -73.75
C GLY P 182 -0.83 23.21 -74.79
N GLU P 183 0.27 23.50 -75.48
CA GLU P 183 0.68 22.70 -76.61
C GLU P 183 2.13 22.22 -76.56
N MET P 184 2.87 22.53 -75.50
CA MET P 184 4.27 22.08 -75.42
C MET P 184 4.37 20.64 -74.94
N THR P 185 5.41 19.95 -75.40
CA THR P 185 5.82 18.64 -74.94
C THR P 185 7.23 18.80 -74.36
N LEU P 186 7.68 17.77 -73.67
CA LEU P 186 9.01 17.78 -73.06
C LEU P 186 10.09 17.90 -74.12
N LYS P 187 9.84 17.25 -75.24
CA LYS P 187 10.75 17.26 -76.38
C LYS P 187 10.85 18.65 -77.02
N SER P 188 9.73 19.37 -77.15
CA SER P 188 9.76 20.74 -77.66
C SER P 188 10.25 21.76 -76.61
N ALA P 189 9.95 21.55 -75.32
CA ALA P 189 10.49 22.40 -74.25
C ALA P 189 12.01 22.28 -74.16
N LEU P 190 12.52 21.05 -74.32
CA LEU P 190 13.98 20.83 -74.36
C LEU P 190 14.59 21.63 -75.51
N ALA P 191 13.97 21.58 -76.69
CA ALA P 191 14.44 22.33 -77.85
C ALA P 191 14.43 23.81 -77.53
N LEU P 192 13.35 24.30 -76.95
CA LEU P 192 13.27 25.71 -76.59
C LEU P 192 14.32 26.13 -75.54
N ALA P 193 14.57 25.28 -74.57
CA ALA P 193 15.54 25.58 -73.51
C ALA P 193 16.92 25.80 -74.08
N ILE P 194 17.31 24.92 -75.00
CA ILE P 194 18.61 25.02 -75.65
C ILE P 194 18.71 26.24 -76.57
N LYS P 195 17.64 26.51 -77.30
CA LYS P 195 17.53 27.77 -78.05
C LYS P 195 17.78 28.95 -77.12
N VAL P 196 17.10 28.98 -75.97
CA VAL P 196 17.21 30.14 -75.05
C VAL P 196 18.62 30.27 -74.45
N LEU P 197 19.20 29.18 -73.96
CA LEU P 197 20.57 29.21 -73.43
C LEU P 197 21.64 29.51 -74.48
N ASN P 198 21.36 29.13 -75.72
CA ASN P 198 22.23 29.44 -76.82
C ASN P 198 22.38 30.95 -77.01
N LYS P 199 21.26 31.67 -77.00
CA LYS P 199 21.29 33.14 -77.10
C LYS P 199 21.81 33.81 -75.83
N THR P 200 21.38 33.38 -74.64
CA THR P 200 21.72 34.11 -73.40
C THR P 200 23.10 33.82 -72.80
N MET P 201 23.75 32.74 -73.17
CA MET P 201 25.17 32.57 -72.84
C MET P 201 26.16 33.24 -73.81
N ASP P 202 26.52 34.48 -73.49
CA ASP P 202 27.60 35.24 -74.21
C ASP P 202 29.05 34.67 -74.11
N VAL P 203 29.26 33.64 -73.27
CA VAL P 203 30.36 32.68 -73.46
C VAL P 203 29.95 31.88 -74.71
N SER P 204 30.60 32.16 -75.84
CA SER P 204 30.00 32.09 -77.23
C SER P 204 29.50 30.71 -77.76
N LYS P 205 30.40 29.73 -77.86
CA LYS P 205 30.05 28.40 -78.33
C LYS P 205 29.50 27.57 -77.14
N LEU P 206 28.18 27.38 -77.10
CA LEU P 206 27.48 26.56 -76.08
C LEU P 206 27.88 25.09 -76.12
N SER P 207 28.07 24.52 -74.96
CA SER P 207 28.68 23.21 -74.82
C SER P 207 27.95 22.44 -73.74
N ALA P 208 28.01 21.12 -73.79
CA ALA P 208 27.35 20.28 -72.79
C ALA P 208 28.01 20.36 -71.42
N GLU P 209 29.32 20.58 -71.40
CA GLU P 209 30.06 20.81 -70.16
C GLU P 209 29.60 22.08 -69.44
N LYS P 210 28.93 22.98 -70.16
CA LYS P 210 28.52 24.27 -69.63
C LYS P 210 27.04 24.36 -69.17
N VAL P 211 26.23 23.31 -69.40
CA VAL P 211 24.81 23.30 -68.98
C VAL P 211 24.41 22.01 -68.26
N GLU P 212 23.29 22.13 -67.56
CA GLU P 212 22.69 21.08 -66.77
C GLU P 212 21.21 21.06 -67.07
N ILE P 213 20.66 19.92 -67.36
CA ILE P 213 19.25 19.81 -67.61
C ILE P 213 18.68 18.67 -66.78
N ALA P 214 17.56 18.95 -66.13
CA ALA P 214 16.82 17.93 -65.39
C ALA P 214 15.41 17.94 -65.90
N THR P 215 14.83 16.78 -66.07
CA THR P 215 13.44 16.65 -66.43
C THR P 215 12.69 15.98 -65.26
N LEU P 216 11.41 16.30 -65.16
CA LEU P 216 10.52 15.69 -64.17
C LEU P 216 9.31 15.26 -64.94
N THR P 217 9.07 13.95 -64.90
CA THR P 217 7.97 13.31 -65.60
C THR P 217 7.23 12.33 -64.72
N ARG P 218 6.11 11.83 -65.22
CA ARG P 218 5.30 10.82 -64.56
C ARG P 218 5.34 9.50 -65.37
N GLU P 219 5.57 8.38 -64.69
CA GLU P 219 5.61 7.03 -65.31
C GLU P 219 5.07 6.00 -64.33
N ASN P 220 3.98 5.35 -64.72
CA ASN P 220 3.36 4.25 -63.96
C ASN P 220 3.01 4.69 -62.56
N GLY P 221 2.31 5.82 -62.49
CA GLY P 221 1.90 6.43 -61.23
C GLY P 221 2.98 6.93 -60.29
N LYS P 222 4.17 7.14 -60.82
CA LYS P 222 5.32 7.51 -60.03
C LYS P 222 6.04 8.70 -60.72
N THR P 223 6.56 9.63 -59.93
CA THR P 223 7.31 10.77 -60.49
C THR P 223 8.76 10.35 -60.75
N VAL P 224 9.30 10.70 -61.91
CA VAL P 224 10.68 10.38 -62.22
C VAL P 224 11.40 11.69 -62.42
N ILE P 225 12.54 11.85 -61.77
CA ILE P 225 13.34 13.05 -61.84
C ILE P 225 14.71 12.60 -62.31
N ARG P 226 15.19 13.12 -63.46
CA ARG P 226 16.43 12.63 -64.10
C ARG P 226 17.26 13.82 -64.50
N VAL P 227 18.55 13.80 -64.18
CA VAL P 227 19.52 14.75 -64.70
C VAL P 227 20.04 14.14 -65.99
N LEU P 228 19.81 14.81 -67.13
CA LEU P 228 20.23 14.27 -68.45
C LEU P 228 21.75 14.09 -68.47
N LYS P 229 22.21 12.99 -69.08
CA LYS P 229 23.64 12.72 -69.22
C LYS P 229 24.17 13.59 -70.38
N GLN P 230 25.50 13.72 -70.46
CA GLN P 230 26.12 14.68 -71.38
C GLN P 230 25.91 14.23 -72.83
N LYS P 231 25.81 12.91 -73.07
CA LYS P 231 25.48 12.35 -74.38
C LYS P 231 24.18 12.95 -74.92
N GLU P 232 23.13 13.01 -74.08
CA GLU P 232 21.83 13.57 -74.47
C GLU P 232 21.87 15.09 -74.64
N VAL P 233 22.62 15.79 -73.77
CA VAL P 233 22.74 17.26 -73.88
C VAL P 233 23.43 17.66 -75.21
N GLU P 234 24.55 16.99 -75.54
CA GLU P 234 25.25 17.17 -76.82
C GLU P 234 24.31 16.93 -78.00
N GLN P 235 23.55 15.85 -77.91
CA GLN P 235 22.60 15.50 -78.96
C GLN P 235 21.53 16.60 -79.18
N LEU P 236 21.05 17.22 -78.11
CA LEU P 236 20.06 18.31 -78.27
C LEU P 236 20.68 19.58 -78.82
N ILE P 237 21.95 19.80 -78.48
CA ILE P 237 22.73 20.93 -78.97
C ILE P 237 22.91 20.74 -80.48
N LYS P 238 23.38 19.56 -80.89
CA LYS P 238 23.46 19.17 -82.32
C LYS P 238 22.13 19.39 -83.06
N LYS P 239 20.99 18.96 -82.50
CA LYS P 239 19.69 19.15 -83.17
C LYS P 239 19.31 20.61 -83.30
N HIS P 240 19.51 21.39 -82.23
CA HIS P 240 19.35 22.86 -82.34
C HIS P 240 20.24 23.50 -83.43
N GLU P 241 21.47 23.03 -83.58
CA GLU P 241 22.44 23.56 -84.58
C GLU P 241 22.04 23.15 -86.00
N GLU P 242 21.59 21.90 -86.16
CA GLU P 242 20.98 21.47 -87.41
C GLU P 242 19.75 22.31 -87.74
N GLU P 243 18.89 22.54 -86.75
CA GLU P 243 17.67 23.33 -86.96
C GLU P 243 17.91 24.77 -87.43
N GLU P 244 18.93 25.45 -86.89
CA GLU P 244 19.29 26.81 -87.35
C GLU P 244 19.85 26.74 -88.79
N ALA P 245 19.02 27.15 -89.77
CA ALA P 245 19.01 26.61 -91.17
C ALA P 245 18.35 25.21 -91.12
N LYS P 246 17.04 25.07 -91.33
CA LYS P 246 16.29 25.56 -92.52
C LYS P 246 16.03 27.05 -92.70
N ALA P 247 16.14 27.86 -91.64
CA ALA P 247 15.93 29.32 -91.72
C ALA P 247 16.62 30.00 -92.93
N GLU P 248 17.78 29.48 -93.35
CA GLU P 248 18.58 30.04 -94.47
C GLU P 248 18.35 29.29 -95.80
N ARG P 249 18.46 29.99 -96.95
CA ARG P 249 18.28 29.40 -98.30
C ARG P 249 19.52 29.57 -99.18
N SER Q 2 18.86 37.55 -29.43
CA SER Q 2 17.78 38.10 -30.30
C SER Q 2 17.83 39.63 -30.52
N TYR Q 3 17.30 40.06 -31.64
CA TYR Q 3 17.52 41.39 -32.14
C TYR Q 3 16.48 42.32 -31.60
N ASP Q 4 16.88 43.25 -30.73
CA ASP Q 4 15.98 44.16 -30.03
C ASP Q 4 16.08 45.63 -30.41
N ARG Q 5 16.69 45.97 -31.52
CA ARG Q 5 16.77 47.37 -31.94
C ARG Q 5 15.35 47.97 -32.04
N ALA Q 6 15.16 49.16 -31.50
CA ALA Q 6 13.98 49.95 -31.73
C ALA Q 6 14.04 50.37 -33.17
N ILE Q 7 13.11 49.92 -33.96
CA ILE Q 7 13.07 50.28 -35.36
C ILE Q 7 12.11 51.42 -35.64
N THR Q 8 10.93 51.39 -35.08
CA THR Q 8 10.01 52.48 -35.33
C THR Q 8 10.08 53.39 -34.12
N VAL Q 9 10.53 54.62 -34.34
CA VAL Q 9 10.72 55.61 -33.27
C VAL Q 9 10.16 56.92 -33.77
N PHE Q 10 9.89 57.83 -32.84
CA PHE Q 10 9.43 59.15 -33.22
C PHE Q 10 10.58 59.95 -33.75
N SER Q 11 10.24 60.86 -34.65
CA SER Q 11 11.12 61.92 -35.07
C SER Q 11 10.62 63.21 -34.53
N PRO Q 12 11.43 64.32 -34.66
CA PRO Q 12 11.08 65.53 -34.00
C PRO Q 12 9.65 66.08 -34.14
N ASP Q 13 8.99 65.81 -35.22
CA ASP Q 13 7.75 66.61 -35.32
C ASP Q 13 6.56 65.68 -35.10
N GLY Q 14 6.83 64.60 -34.34
CA GLY Q 14 5.81 63.62 -34.05
C GLY Q 14 5.60 62.58 -35.11
N HIS Q 15 6.48 62.47 -36.08
CA HIS Q 15 6.34 61.47 -37.13
C HIS Q 15 6.94 60.14 -36.71
N LEU Q 16 6.31 59.09 -37.19
CA LEU Q 16 6.87 57.77 -37.17
C LEU Q 16 7.30 57.44 -38.60
N PHE Q 17 8.55 57.74 -38.94
CA PHE Q 17 9.01 57.54 -40.30
C PHE Q 17 8.90 56.09 -40.85
N GLN Q 18 9.22 55.05 -40.07
CA GLN Q 18 9.06 53.71 -40.60
C GLN Q 18 7.63 53.41 -41.03
N VAL Q 19 6.68 53.98 -40.33
CA VAL Q 19 5.26 53.81 -40.68
C VAL Q 19 4.93 54.58 -41.96
N GLU Q 20 5.45 55.77 -42.06
CA GLU Q 20 5.26 56.59 -43.31
C GLU Q 20 5.88 55.83 -44.48
N TYR Q 21 7.02 55.15 -44.24
CA TYR Q 21 7.72 54.51 -45.33
C TYR Q 21 6.96 53.29 -45.74
N ALA Q 22 6.38 52.63 -44.74
CA ALA Q 22 5.48 51.50 -45.03
C ALA Q 22 4.31 51.97 -45.90
N GLN Q 23 3.75 53.13 -45.59
CA GLN Q 23 2.71 53.78 -46.42
C GLN Q 23 3.15 54.08 -47.84
N GLU Q 24 4.41 54.44 -48.03
CA GLU Q 24 4.96 54.60 -49.41
C GLU Q 24 5.01 53.26 -50.17
N ALA Q 25 5.30 52.17 -49.44
CA ALA Q 25 5.31 50.86 -50.04
C ALA Q 25 3.88 50.52 -50.55
N VAL Q 26 2.86 50.86 -49.76
CA VAL Q 26 1.48 50.61 -50.11
C VAL Q 26 1.13 51.40 -51.39
N LYS Q 27 1.66 52.62 -51.51
CA LYS Q 27 1.33 53.49 -52.63
C LYS Q 27 1.93 53.02 -53.94
N LYS Q 28 3.02 52.26 -53.91
CA LYS Q 28 3.58 51.64 -55.08
C LYS Q 28 2.97 50.28 -55.40
N GLY Q 29 2.01 49.82 -54.60
CA GLY Q 29 1.35 48.56 -54.86
C GLY Q 29 0.32 48.78 -55.93
N SER Q 30 -0.22 47.69 -56.47
CA SER Q 30 -1.30 47.72 -57.41
C SER Q 30 -2.57 48.24 -56.78
N THR Q 31 -3.34 48.97 -57.57
CA THR Q 31 -4.55 49.61 -57.10
C THR Q 31 -5.52 48.55 -56.68
N ALA Q 32 -6.22 48.77 -55.57
CA ALA Q 32 -7.31 47.85 -55.16
C ALA Q 32 -8.47 48.71 -54.82
N VAL Q 33 -9.66 48.27 -55.17
CA VAL Q 33 -10.88 49.02 -54.90
C VAL Q 33 -11.92 48.13 -54.27
N GLY Q 34 -12.70 48.71 -53.37
CA GLY Q 34 -13.82 48.05 -52.76
C GLY Q 34 -15.05 48.92 -52.84
N VAL Q 35 -16.18 48.31 -53.18
CA VAL Q 35 -17.45 48.98 -53.03
C VAL Q 35 -18.44 48.14 -52.29
N ARG Q 36 -19.01 48.73 -51.25
CA ARG Q 36 -20.09 48.15 -50.49
C ARG Q 36 -21.43 48.43 -51.16
N GLY Q 37 -22.03 47.39 -51.72
CA GLY Q 37 -23.38 47.46 -52.29
C GLY Q 37 -24.48 47.42 -51.26
N ARG Q 38 -25.70 47.20 -51.76
CA ARG Q 38 -26.91 47.08 -50.96
C ARG Q 38 -26.99 45.64 -50.40
N ASP Q 39 -26.79 44.65 -51.26
CA ASP Q 39 -26.66 43.27 -50.76
C ASP Q 39 -25.57 42.49 -51.51
N ILE Q 40 -24.56 43.21 -51.92
CA ILE Q 40 -23.37 42.64 -52.49
C ILE Q 40 -22.17 43.48 -52.03
N VAL Q 41 -21.00 42.87 -51.99
CA VAL Q 41 -19.78 43.62 -51.82
C VAL Q 41 -18.77 43.16 -52.87
N VAL Q 42 -18.02 44.09 -53.40
CA VAL Q 42 -17.18 43.81 -54.56
C VAL Q 42 -15.76 44.29 -54.29
N LEU Q 43 -14.79 43.51 -54.74
CA LEU Q 43 -13.38 43.90 -54.73
C LEU Q 43 -12.77 43.77 -56.11
N GLY Q 44 -12.02 44.80 -56.52
CA GLY Q 44 -11.31 44.76 -57.81
C GLY Q 44 -9.89 45.19 -57.63
N VAL Q 45 -8.96 44.58 -58.36
CA VAL Q 45 -7.57 44.94 -58.22
C VAL Q 45 -6.82 44.85 -59.54
N GLU Q 46 -5.91 45.79 -59.72
CA GLU Q 46 -5.10 45.94 -60.88
C GLU Q 46 -4.09 44.82 -61.03
N LYS Q 47 -3.97 44.34 -62.25
CA LYS Q 47 -2.73 43.80 -62.85
C LYS Q 47 -2.03 42.72 -62.08
N LYS Q 48 -1.29 43.11 -61.03
CA LYS Q 48 0.02 42.52 -60.69
C LYS Q 48 0.95 42.88 -61.88
N SER Q 49 1.01 42.01 -62.91
CA SER Q 49 1.92 42.19 -64.06
C SER Q 49 1.32 42.21 -65.49
N VAL Q 50 0.18 41.55 -65.69
CA VAL Q 50 -0.05 40.85 -66.95
C VAL Q 50 1.04 39.76 -66.99
N ALA Q 51 1.66 39.49 -68.15
CA ALA Q 51 2.70 38.44 -68.33
C ALA Q 51 2.06 37.11 -68.72
N LYS Q 52 2.13 36.81 -70.01
CA LYS Q 52 1.48 35.66 -70.62
C LYS Q 52 1.91 34.35 -70.00
N LEU Q 53 3.17 34.28 -69.60
CA LEU Q 53 3.70 33.02 -69.08
C LEU Q 53 3.34 32.72 -67.62
N GLN Q 54 2.67 33.64 -66.96
CA GLN Q 54 2.31 33.52 -65.57
C GLN Q 54 1.13 32.61 -65.41
N ASP Q 55 1.17 31.75 -64.37
CA ASP Q 55 -0.01 31.02 -63.91
C ASP Q 55 -0.87 31.95 -63.07
N GLU Q 56 -2.00 32.35 -63.64
CA GLU Q 56 -2.91 33.36 -63.05
C GLU Q 56 -3.24 33.05 -61.58
N ARG Q 57 -3.68 31.80 -61.38
CA ARG Q 57 -4.12 31.29 -60.07
C ARG Q 57 -3.20 31.66 -58.89
N THR Q 58 -1.90 31.64 -59.15
CA THR Q 58 -0.87 31.77 -58.11
C THR Q 58 -0.56 33.18 -57.59
N VAL Q 59 -1.15 34.20 -58.17
CA VAL Q 59 -0.83 35.59 -57.77
C VAL Q 59 -2.04 36.48 -57.44
N ARG Q 60 -3.19 35.87 -57.17
CA ARG Q 60 -4.36 36.66 -56.79
C ARG Q 60 -4.06 37.51 -55.56
N LYS Q 61 -4.65 38.69 -55.59
CA LYS Q 61 -4.50 39.70 -54.59
C LYS Q 61 -5.81 39.81 -53.77
N ILE Q 62 -6.80 39.00 -54.10
CA ILE Q 62 -8.01 38.86 -53.33
C ILE Q 62 -7.99 37.45 -52.68
N YCM Q 63 -8.31 37.34 -51.38
CA YCM Q 63 -8.05 36.13 -50.53
CB YCM Q 63 -6.84 36.41 -49.64
SG YCM Q 63 -5.53 36.11 -50.74
CD YCM Q 63 -4.19 37.05 -51.28
CE YCM Q 63 -3.12 35.98 -51.60
OZ1 YCM Q 63 -1.99 36.15 -51.17
NZ2 YCM Q 63 -3.38 34.90 -52.37
C YCM Q 63 -9.11 35.88 -49.54
O YCM Q 63 -9.48 36.79 -48.81
N ALA Q 64 -9.66 34.67 -49.46
CA ALA Q 64 -10.64 34.37 -48.45
C ALA Q 64 -9.93 34.24 -47.11
N LEU Q 65 -10.47 34.85 -46.07
CA LEU Q 65 -9.98 34.70 -44.70
C LEU Q 65 -10.78 33.61 -43.99
N ASP Q 66 -12.08 33.61 -44.26
CA ASP Q 66 -13.02 32.62 -43.78
C ASP Q 66 -14.17 32.56 -44.80
N ASP Q 67 -15.21 31.79 -44.54
CA ASP Q 67 -16.34 31.70 -45.49
C ASP Q 67 -17.06 33.02 -45.72
N ASN Q 68 -17.25 33.77 -44.63
CA ASN Q 68 -17.97 35.05 -44.69
C ASN Q 68 -17.12 36.34 -44.76
N VAL Q 69 -15.81 36.22 -44.98
CA VAL Q 69 -14.91 37.39 -44.99
C VAL Q 69 -13.74 37.21 -45.95
N CYS Q 70 -13.52 38.17 -46.82
CA CYS Q 70 -12.36 38.13 -47.69
C CYS Q 70 -11.66 39.48 -47.68
N MET Q 71 -10.50 39.55 -48.31
CA MET Q 71 -9.73 40.76 -48.26
C MET Q 71 -8.91 40.89 -49.51
N ALA Q 72 -8.69 42.14 -49.88
CA ALA Q 72 -7.70 42.48 -50.83
C ALA Q 72 -6.66 43.32 -50.12
N PHE Q 73 -5.50 43.44 -50.74
CA PHE Q 73 -4.44 44.28 -50.20
C PHE Q 73 -3.77 45.03 -51.29
N ALA Q 74 -3.04 46.05 -50.92
CA ALA Q 74 -2.01 46.67 -51.75
C ALA Q 74 -0.72 46.86 -50.94
N GLY Q 75 0.39 46.56 -51.57
CA GLY Q 75 1.68 46.82 -50.98
C GLY Q 75 2.55 45.58 -51.15
N LEU Q 76 3.37 45.31 -50.15
CA LEU Q 76 4.32 44.16 -50.25
C LEU Q 76 3.55 42.85 -50.15
N THR Q 77 3.57 42.07 -51.22
CA THR Q 77 2.77 40.88 -51.31
C THR Q 77 3.20 39.85 -50.27
N ALA Q 78 4.50 39.76 -50.00
CA ALA Q 78 5.02 38.82 -49.01
C ALA Q 78 4.52 39.16 -47.61
N ASP Q 79 4.53 40.43 -47.26
CA ASP Q 79 3.98 40.91 -46.03
C ASP Q 79 2.49 40.58 -45.97
N ALA Q 80 1.76 40.81 -47.03
CA ALA Q 80 0.32 40.52 -47.05
C ALA Q 80 0.00 39.04 -46.73
N ARG Q 81 0.81 38.15 -47.29
CA ARG Q 81 0.63 36.72 -47.10
C ARG Q 81 0.75 36.38 -45.61
N ILE Q 82 1.68 37.02 -44.92
CA ILE Q 82 1.82 36.78 -43.46
C ILE Q 82 0.58 37.25 -42.70
N VAL Q 83 0.06 38.43 -43.05
CA VAL Q 83 -1.09 39.04 -42.33
C VAL Q 83 -2.30 38.15 -42.62
N ILE Q 84 -2.46 37.75 -43.88
CA ILE Q 84 -3.55 36.93 -44.28
C ILE Q 84 -3.60 35.63 -43.48
N ASN Q 85 -2.47 34.94 -43.40
CA ASN Q 85 -2.36 33.69 -42.63
C ASN Q 85 -2.63 33.88 -41.15
N ARG Q 86 -2.06 34.94 -40.56
CA ARG Q 86 -2.36 35.29 -39.18
C ARG Q 86 -3.89 35.49 -38.99
N ALA Q 87 -4.53 36.19 -39.92
CA ALA Q 87 -5.95 36.45 -39.80
C ALA Q 87 -6.77 35.13 -39.92
N ARG Q 88 -6.30 34.26 -40.82
CA ARG Q 88 -7.00 33.02 -41.06
C ARG Q 88 -6.96 32.15 -39.75
N VAL Q 89 -5.82 32.16 -39.08
CA VAL Q 89 -5.61 31.44 -37.84
C VAL Q 89 -6.59 32.01 -36.81
N GLU Q 90 -6.63 33.33 -36.69
CA GLU Q 90 -7.54 34.01 -35.76
C GLU Q 90 -9.03 33.71 -36.00
N CYS Q 91 -9.45 33.63 -37.26
CA CYS Q 91 -10.85 33.30 -37.59
C CYS Q 91 -11.26 31.92 -37.05
N GLN Q 92 -10.32 30.96 -37.13
CA GLN Q 92 -10.52 29.65 -36.52
C GLN Q 92 -10.51 29.67 -34.99
N SER Q 93 -9.62 30.40 -34.33
CA SER Q 93 -9.76 30.60 -32.85
C SER Q 93 -11.09 31.17 -32.45
N HIS Q 94 -11.49 32.27 -33.08
CA HIS Q 94 -12.80 32.87 -32.81
C HIS Q 94 -13.95 31.81 -32.91
N ARG Q 95 -14.09 31.13 -34.05
CA ARG Q 95 -15.11 30.07 -34.20
C ARG Q 95 -14.97 29.04 -33.09
N LEU Q 96 -13.74 28.71 -32.74
CA LEU Q 96 -13.45 27.73 -31.72
C LEU Q 96 -14.05 28.16 -30.39
N THR Q 97 -13.82 29.40 -29.98
CA THR Q 97 -14.13 29.85 -28.60
C THR Q 97 -15.49 30.59 -28.43
N VAL Q 98 -16.04 31.06 -29.54
CA VAL Q 98 -17.33 31.77 -29.52
C VAL Q 98 -18.43 31.05 -30.33
N GLU Q 99 -18.05 30.07 -31.19
CA GLU Q 99 -19.01 29.30 -31.98
C GLU Q 99 -19.87 30.20 -32.86
N ASP Q 100 -19.25 31.28 -33.36
CA ASP Q 100 -19.82 32.10 -34.42
C ASP Q 100 -18.72 32.43 -35.37
N PRO Q 101 -19.07 32.67 -36.63
CA PRO Q 101 -18.08 33.33 -37.44
C PRO Q 101 -17.74 34.72 -36.88
N VAL Q 102 -16.55 35.16 -37.24
CA VAL Q 102 -16.10 36.47 -36.86
C VAL Q 102 -17.02 37.48 -37.54
N THR Q 103 -17.25 38.62 -36.92
CA THR Q 103 -17.73 39.78 -37.72
C THR Q 103 -16.58 40.28 -38.56
N VAL Q 104 -16.92 41.06 -39.59
CA VAL Q 104 -15.93 41.71 -40.42
C VAL Q 104 -15.13 42.72 -39.57
N GLU Q 105 -15.80 43.39 -38.64
CA GLU Q 105 -15.17 44.31 -37.74
C GLU Q 105 -14.21 43.62 -36.80
N TYR Q 106 -14.64 42.52 -36.22
CA TYR Q 106 -13.76 41.76 -35.33
C TYR Q 106 -12.40 41.45 -35.97
N ILE Q 107 -12.42 40.90 -37.18
CA ILE Q 107 -11.20 40.48 -37.78
C ILE Q 107 -10.38 41.68 -38.32
N THR Q 108 -11.09 42.74 -38.71
CA THR Q 108 -10.49 43.99 -39.09
C THR Q 108 -9.72 44.55 -37.89
N ARG Q 109 -10.40 44.61 -36.75
CA ARG Q 109 -9.79 45.02 -35.51
C ARG Q 109 -8.52 44.17 -35.10
N TYR Q 110 -8.59 42.89 -35.36
CA TYR Q 110 -7.50 41.99 -35.05
C TYR Q 110 -6.29 42.30 -35.97
N ILE Q 111 -6.53 42.43 -37.27
CA ILE Q 111 -5.52 42.76 -38.23
C ILE Q 111 -4.87 44.14 -37.90
N ALA Q 112 -5.72 45.13 -37.63
CA ALA Q 112 -5.28 46.44 -37.30
C ALA Q 112 -4.33 46.42 -36.09
N SER Q 113 -4.70 45.65 -35.11
CA SER Q 113 -3.89 45.66 -33.87
C SER Q 113 -2.57 44.85 -34.05
N LEU Q 114 -2.56 43.84 -34.90
CA LEU Q 114 -1.33 43.23 -35.30
C LEU Q 114 -0.40 44.23 -36.00
N LYS Q 115 -0.94 44.93 -36.98
CA LYS Q 115 -0.18 45.95 -37.65
C LYS Q 115 0.33 47.02 -36.63
N GLN Q 116 -0.52 47.53 -35.75
CA GLN Q 116 -0.07 48.54 -34.79
C GLN Q 116 1.12 47.99 -33.98
N ARG Q 117 1.00 46.78 -33.52
CA ARG Q 117 2.07 46.18 -32.71
C ARG Q 117 3.41 46.15 -33.40
N TYR Q 118 3.40 45.84 -34.71
CA TYR Q 118 4.60 45.88 -35.46
C TYR Q 118 5.16 47.29 -35.68
N THR Q 119 4.48 48.33 -35.17
CA THR Q 119 5.03 49.71 -35.19
C THR Q 119 5.58 50.17 -33.85
N GLN Q 120 5.43 49.32 -32.83
CA GLN Q 120 5.84 49.65 -31.49
C GLN Q 120 6.61 48.53 -30.80
N SER Q 121 7.18 47.59 -31.52
CA SER Q 121 7.83 46.46 -30.94
C SER Q 121 9.23 46.41 -31.46
N ASN Q 122 10.15 46.09 -30.59
CA ASN Q 122 11.54 45.99 -30.92
C ASN Q 122 11.82 44.91 -31.95
N GLY Q 123 12.82 45.19 -32.79
CA GLY Q 123 13.35 44.24 -33.76
C GLY Q 123 12.65 44.07 -35.10
N ARG Q 124 11.52 44.74 -35.28
CA ARG Q 124 10.60 44.54 -36.38
C ARG Q 124 10.29 45.85 -37.09
N ARG Q 125 10.13 45.75 -38.39
CA ARG Q 125 9.59 46.87 -39.16
C ARG Q 125 8.09 46.69 -39.30
N PRO Q 126 7.37 47.77 -39.56
CA PRO Q 126 5.93 47.62 -39.86
C PRO Q 126 5.64 46.81 -41.14
N PHE Q 127 4.38 46.41 -41.27
CA PHE Q 127 3.96 45.69 -42.46
C PHE Q 127 3.72 46.73 -43.53
N GLY Q 128 4.20 46.47 -44.74
CA GLY Q 128 4.00 47.37 -45.84
C GLY Q 128 2.77 47.08 -46.67
N ILE Q 129 1.62 46.99 -46.00
CA ILE Q 129 0.36 46.73 -46.70
C ILE Q 129 -0.79 47.49 -46.05
N SER Q 130 -1.78 47.81 -46.89
CA SER Q 130 -3.12 48.11 -46.48
C SER Q 130 -4.01 47.03 -46.99
N ALA Q 131 -5.16 46.92 -46.34
CA ALA Q 131 -6.11 45.87 -46.66
C ALA Q 131 -7.50 46.47 -46.73
N LEU Q 132 -8.26 46.03 -47.72
CA LEU Q 132 -9.69 46.21 -47.79
C LEU Q 132 -10.31 44.86 -47.42
N ILE Q 133 -11.18 44.89 -46.41
CA ILE Q 133 -11.71 43.71 -45.84
C ILE Q 133 -13.21 43.81 -46.00
N VAL Q 134 -13.81 42.78 -46.58
CA VAL Q 134 -15.26 42.81 -46.81
C VAL Q 134 -15.94 41.57 -46.35
N GLY Q 135 -17.22 41.74 -46.05
CA GLY Q 135 -18.13 40.61 -45.93
C GLY Q 135 -19.46 41.02 -45.37
N PHE Q 136 -20.12 40.04 -44.76
CA PHE Q 136 -21.43 40.26 -44.18
C PHE Q 136 -21.42 39.79 -42.75
N ASP Q 137 -22.06 40.58 -41.90
CA ASP Q 137 -22.41 40.16 -40.54
C ASP Q 137 -23.67 39.25 -40.48
N PHE Q 138 -23.77 38.48 -39.38
CA PHE Q 138 -24.89 37.52 -39.13
C PHE Q 138 -26.28 38.03 -39.51
N ASP Q 139 -26.55 39.30 -39.26
CA ASP Q 139 -27.82 39.96 -39.60
C ASP Q 139 -27.94 40.45 -41.06
N GLY Q 140 -27.07 39.97 -41.94
CA GLY Q 140 -27.08 40.36 -43.35
C GLY Q 140 -26.50 41.73 -43.74
N THR Q 141 -26.04 42.55 -42.79
CA THR Q 141 -25.47 43.86 -43.15
C THR Q 141 -24.11 43.70 -43.86
N PRO Q 142 -23.99 44.26 -45.07
CA PRO Q 142 -22.72 44.22 -45.81
C PRO Q 142 -21.68 45.19 -45.23
N ARG Q 143 -20.39 44.89 -45.38
CA ARG Q 143 -19.30 45.68 -44.70
C ARG Q 143 -18.05 45.82 -45.55
N LEU Q 144 -17.43 46.99 -45.47
CA LEU Q 144 -16.16 47.23 -46.13
C LEU Q 144 -15.31 48.03 -45.16
N TYR Q 145 -14.16 47.47 -44.79
CA TYR Q 145 -13.25 48.07 -43.78
C TYR Q 145 -11.93 48.24 -44.47
N GLN Q 146 -11.17 49.20 -44.01
CA GLN Q 146 -9.80 49.32 -44.47
C GLN Q 146 -8.87 49.40 -43.27
N THR Q 147 -7.72 48.77 -43.39
CA THR Q 147 -6.61 48.95 -42.42
C THR Q 147 -5.41 49.52 -43.12
N ASP Q 148 -4.53 50.19 -42.38
CA ASP Q 148 -3.23 50.56 -42.98
C ASP Q 148 -2.08 50.24 -42.07
N PRO Q 149 -0.82 50.47 -42.56
CA PRO Q 149 0.35 50.03 -41.82
C PRO Q 149 0.41 50.54 -40.39
N SER Q 150 -0.17 51.71 -40.10
CA SER Q 150 -0.20 52.24 -38.76
C SER Q 150 -1.05 51.48 -37.76
N GLY Q 151 -1.95 50.65 -38.25
CA GLY Q 151 -2.93 50.00 -37.37
C GLY Q 151 -4.23 50.76 -37.24
N THR Q 152 -4.36 51.91 -37.91
CA THR Q 152 -5.62 52.60 -38.03
C THR Q 152 -6.59 51.81 -38.89
N TYR Q 153 -7.87 51.81 -38.54
CA TYR Q 153 -8.87 51.19 -39.39
C TYR Q 153 -10.19 51.93 -39.34
N HIS Q 154 -10.88 51.93 -40.48
CA HIS Q 154 -12.20 52.55 -40.62
C HIS Q 154 -13.08 51.75 -41.56
N ALA Q 155 -14.39 51.98 -41.43
CA ALA Q 155 -15.39 51.49 -42.36
C ALA Q 155 -15.61 52.51 -43.50
N TRP Q 156 -15.94 51.97 -44.67
CA TRP Q 156 -16.09 52.73 -45.87
C TRP Q 156 -17.26 52.21 -46.68
N LYS Q 157 -17.96 53.17 -47.31
CA LYS Q 157 -18.94 52.88 -48.35
C LYS Q 157 -18.23 52.40 -49.60
N ALA Q 158 -17.10 53.00 -49.90
CA ALA Q 158 -16.26 52.56 -51.00
C ALA Q 158 -14.92 53.13 -50.72
N ASN Q 159 -13.89 52.56 -51.34
CA ASN Q 159 -12.54 53.07 -51.19
C ASN Q 159 -11.60 52.44 -52.19
N ALA Q 160 -10.41 53.02 -52.30
CA ALA Q 160 -9.31 52.50 -53.09
C ALA Q 160 -8.02 52.66 -52.28
N ILE Q 161 -7.07 51.73 -52.47
CA ILE Q 161 -5.74 51.78 -51.89
C ILE Q 161 -4.74 51.42 -52.98
N GLY Q 162 -3.46 51.68 -52.74
CA GLY Q 162 -2.43 51.42 -53.77
C GLY Q 162 -2.24 52.60 -54.73
N ARG Q 163 -1.50 52.37 -55.80
CA ARG Q 163 -1.15 53.44 -56.71
C ARG Q 163 -2.38 54.01 -57.39
N GLY Q 164 -2.47 55.34 -57.39
CA GLY Q 164 -3.64 56.00 -57.91
C GLY Q 164 -4.87 55.96 -57.01
N ALA Q 165 -4.77 55.46 -55.78
CA ALA Q 165 -5.87 55.58 -54.82
C ALA Q 165 -6.51 57.00 -54.71
N LYS Q 166 -5.70 58.08 -54.78
CA LYS Q 166 -6.24 59.47 -54.58
C LYS Q 166 -7.25 59.84 -55.66
N SER Q 167 -6.91 59.57 -56.92
CA SER Q 167 -7.83 59.84 -58.03
C SER Q 167 -9.00 58.83 -58.07
N VAL Q 168 -8.73 57.56 -57.77
CA VAL Q 168 -9.81 56.56 -57.71
C VAL Q 168 -10.80 56.95 -56.61
N ARG Q 169 -10.29 57.37 -55.46
CA ARG Q 169 -11.17 57.80 -54.37
C ARG Q 169 -12.02 59.02 -54.83
N GLU Q 170 -11.39 59.97 -55.53
CA GLU Q 170 -12.08 61.15 -56.08
C GLU Q 170 -13.21 60.73 -57.01
N PHE Q 171 -12.89 59.87 -57.95
CA PHE Q 171 -13.91 59.25 -58.81
C PHE Q 171 -15.09 58.64 -58.02
N LEU Q 172 -14.81 57.78 -57.04
CA LEU Q 172 -15.86 57.14 -56.21
C LEU Q 172 -16.72 58.13 -55.43
N GLU Q 173 -16.09 59.17 -54.90
CA GLU Q 173 -16.80 60.24 -54.16
C GLU Q 173 -17.90 60.84 -55.01
N LYS Q 174 -17.63 61.09 -56.29
CA LYS Q 174 -18.64 61.69 -57.18
C LYS Q 174 -19.63 60.63 -57.67
N ASN Q 175 -19.14 59.40 -57.87
CA ASN Q 175 -19.91 58.33 -58.55
C ASN Q 175 -20.65 57.32 -57.66
N TYR Q 176 -20.37 57.28 -56.35
CA TYR Q 176 -21.09 56.39 -55.45
C TYR Q 176 -22.38 57.04 -55.00
N THR Q 177 -23.49 56.53 -55.53
CA THR Q 177 -24.84 57.04 -55.21
C THR Q 177 -25.79 55.86 -55.16
N ASP Q 178 -26.97 56.10 -54.58
CA ASP Q 178 -28.02 55.07 -54.50
C ASP Q 178 -28.23 54.41 -55.88
N GLU Q 179 -28.15 55.22 -56.93
CA GLU Q 179 -28.37 54.76 -58.32
C GLU Q 179 -27.23 53.86 -58.82
N ALA Q 180 -25.99 54.19 -58.50
CA ALA Q 180 -24.85 53.38 -58.96
C ALA Q 180 -24.79 51.98 -58.33
N ILE Q 181 -25.41 51.80 -57.16
CA ILE Q 181 -25.45 50.50 -56.45
C ILE Q 181 -26.87 49.92 -56.32
N GLU Q 182 -27.77 50.35 -57.20
CA GLU Q 182 -29.17 49.91 -57.15
C GLU Q 182 -29.24 48.42 -57.43
N THR Q 183 -28.43 47.96 -58.38
CA THR Q 183 -28.31 46.55 -58.68
C THR Q 183 -26.89 46.05 -58.57
N ASP Q 184 -26.78 44.72 -58.53
CA ASP Q 184 -25.51 44.00 -58.50
C ASP Q 184 -24.58 44.32 -59.67
N ASP Q 185 -25.12 44.31 -60.89
CA ASP Q 185 -24.36 44.63 -62.11
C ASP Q 185 -23.72 46.03 -62.13
N LEU Q 186 -24.44 47.04 -61.64
CA LEU Q 186 -23.96 48.43 -61.63
C LEU Q 186 -22.92 48.62 -60.55
N THR Q 187 -23.11 47.96 -59.39
CA THR Q 187 -22.10 47.87 -58.34
C THR Q 187 -20.79 47.31 -58.91
N ILE Q 188 -20.90 46.17 -59.59
CA ILE Q 188 -19.72 45.58 -60.22
C ILE Q 188 -19.12 46.53 -61.23
N LYS Q 189 -19.95 47.15 -62.08
CA LYS Q 189 -19.46 48.15 -63.08
C LYS Q 189 -18.81 49.39 -62.41
N LEU Q 190 -19.37 49.84 -61.29
CA LEU Q 190 -18.78 50.96 -60.53
C LEU Q 190 -17.33 50.68 -60.13
N VAL Q 191 -17.04 49.46 -59.69
CA VAL Q 191 -15.68 49.04 -59.43
C VAL Q 191 -14.79 49.04 -60.67
N ILE Q 192 -15.28 48.41 -61.74
CA ILE Q 192 -14.51 48.38 -63.00
C ILE Q 192 -14.22 49.78 -63.57
N LYS Q 193 -15.23 50.66 -63.53
CA LYS Q 193 -15.06 52.05 -64.00
C LYS Q 193 -13.98 52.70 -63.14
N ALA Q 194 -14.08 52.54 -61.83
CA ALA Q 194 -13.11 53.12 -60.92
C ALA Q 194 -11.69 52.70 -61.28
N LEU Q 195 -11.46 51.40 -61.49
CA LEU Q 195 -10.14 50.91 -61.91
C LEU Q 195 -9.69 51.45 -63.29
N LEU Q 196 -10.60 51.41 -64.27
CA LEU Q 196 -10.33 51.97 -65.60
C LEU Q 196 -9.87 53.43 -65.54
N GLU Q 197 -10.19 54.09 -64.43
CA GLU Q 197 -9.68 55.43 -64.15
C GLU Q 197 -8.16 55.51 -64.01
N VAL Q 198 -7.48 54.45 -63.56
CA VAL Q 198 -6.00 54.47 -63.52
C VAL Q 198 -5.29 53.31 -64.23
N VAL Q 199 -5.98 52.21 -64.52
CA VAL Q 199 -5.30 50.98 -64.94
C VAL Q 199 -4.70 51.05 -66.35
N GLN Q 200 -3.37 50.85 -66.39
CA GLN Q 200 -2.47 51.00 -67.54
C GLN Q 200 -2.72 49.93 -68.62
N SER Q 201 -3.87 50.06 -69.28
CA SER Q 201 -4.36 49.24 -70.44
C SER Q 201 -5.87 48.97 -70.28
N GLY Q 202 -6.25 48.58 -69.07
CA GLY Q 202 -7.65 48.53 -68.64
C GLY Q 202 -8.44 47.24 -68.79
N GLY Q 203 -8.15 46.45 -69.84
CA GLY Q 203 -8.84 45.17 -70.11
C GLY Q 203 -8.67 44.09 -69.04
N LYS Q 204 -7.61 43.30 -69.17
CA LYS Q 204 -7.23 42.33 -68.12
C LYS Q 204 -5.70 42.05 -68.06
N ASN Q 205 -4.95 42.57 -67.07
CA ASN Q 205 -5.31 43.60 -66.10
C ASN Q 205 -6.46 43.21 -65.15
N ILE Q 206 -6.97 44.13 -64.36
CA ILE Q 206 -8.15 43.91 -63.45
C ILE Q 206 -8.58 42.43 -63.06
N GLU Q 207 -8.29 42.01 -61.82
CA GLU Q 207 -8.91 40.80 -61.19
C GLU Q 207 -10.13 41.29 -60.42
N LEU Q 208 -11.22 40.54 -60.46
CA LEU Q 208 -12.43 40.95 -59.76
C LEU Q 208 -13.15 39.80 -59.03
N ALA Q 209 -13.68 40.12 -57.85
CA ALA Q 209 -14.42 39.19 -57.02
C ALA Q 209 -15.59 39.86 -56.30
N VAL Q 210 -16.62 39.05 -56.06
CA VAL Q 210 -17.86 39.48 -55.42
C VAL Q 210 -18.21 38.59 -54.24
N MET Q 211 -18.91 39.16 -53.28
CA MET Q 211 -19.45 38.40 -52.17
C MET Q 211 -20.89 38.79 -52.00
N ARG Q 212 -21.79 37.80 -52.11
CA ARG Q 212 -23.22 38.00 -51.89
C ARG Q 212 -23.61 37.49 -50.51
N ARG Q 213 -24.65 38.08 -49.92
CA ARG Q 213 -25.18 37.67 -48.60
C ARG Q 213 -25.37 36.15 -48.58
N ASP Q 214 -24.70 35.49 -47.63
CA ASP Q 214 -24.69 34.02 -47.49
C ASP Q 214 -24.01 33.22 -48.62
N GLN Q 215 -23.65 33.85 -49.74
CA GLN Q 215 -23.32 33.09 -50.95
C GLN Q 215 -21.82 32.81 -51.11
N SER Q 216 -20.97 33.25 -50.19
CA SER Q 216 -19.49 33.04 -50.27
C SER Q 216 -18.76 33.48 -51.58
N LEU Q 217 -17.45 33.63 -51.49
CA LEU Q 217 -16.65 34.34 -52.49
C LEU Q 217 -16.72 33.75 -53.91
N LYS Q 218 -17.24 34.53 -54.88
CA LYS Q 218 -17.16 34.20 -56.31
C LYS Q 218 -16.15 35.13 -57.00
N ILE Q 219 -15.11 34.57 -57.61
CA ILE Q 219 -14.19 35.33 -58.47
C ILE Q 219 -14.71 35.32 -59.92
N LEU Q 220 -14.62 36.43 -60.64
CA LEU Q 220 -14.89 36.46 -62.09
C LEU Q 220 -13.47 36.30 -62.66
N ASN Q 221 -13.10 35.74 -63.81
CA ASN Q 221 -13.83 35.30 -65.01
C ASN Q 221 -13.49 36.27 -66.14
N PRO Q 222 -12.34 36.08 -66.82
CA PRO Q 222 -11.89 37.08 -67.80
C PRO Q 222 -12.87 37.36 -68.93
N GLU Q 223 -13.62 36.35 -69.34
CA GLU Q 223 -14.65 36.51 -70.37
C GLU Q 223 -15.82 37.41 -69.90
N GLU Q 224 -16.27 37.20 -68.66
CA GLU Q 224 -17.38 37.97 -68.07
C GLU Q 224 -16.96 39.40 -67.70
N ILE Q 225 -15.68 39.58 -67.38
CA ILE Q 225 -15.14 40.90 -67.02
C ILE Q 225 -15.02 41.79 -68.26
N GLU Q 226 -14.46 41.24 -69.33
CA GLU Q 226 -14.26 42.00 -70.58
C GLU Q 226 -15.55 42.41 -71.30
N LYS Q 227 -16.65 41.76 -70.95
CA LYS Q 227 -18.01 42.29 -71.25
C LYS Q 227 -18.21 43.68 -70.67
N TYR Q 228 -18.04 43.77 -69.35
CA TYR Q 228 -18.16 45.03 -68.62
C TYR Q 228 -17.11 46.08 -69.07
N VAL Q 229 -15.91 45.62 -69.44
CA VAL Q 229 -14.82 46.52 -69.90
C VAL Q 229 -15.22 47.27 -71.17
N ALA Q 230 -15.67 46.51 -72.17
CA ALA Q 230 -16.14 47.06 -73.47
C ALA Q 230 -17.35 47.99 -73.31
N GLU Q 231 -18.31 47.52 -72.53
CA GLU Q 231 -19.52 48.27 -72.14
C GLU Q 231 -19.24 49.64 -71.45
N ILE Q 232 -18.05 49.78 -70.85
CA ILE Q 232 -17.57 51.05 -70.24
C ILE Q 232 -16.63 51.86 -71.15
N GLU Q 233 -15.86 51.17 -71.99
CA GLU Q 233 -14.87 51.77 -72.90
C GLU Q 233 -15.58 52.52 -74.02
N LYS Q 234 -16.55 51.85 -74.63
CA LYS Q 234 -17.39 52.46 -75.65
C LYS Q 234 -18.31 53.56 -75.11
N GLU Q 235 -18.68 53.50 -73.82
CA GLU Q 235 -19.41 54.62 -73.19
C GLU Q 235 -18.54 55.85 -72.91
N LYS Q 236 -17.26 55.63 -72.56
CA LYS Q 236 -16.29 56.73 -72.37
C LYS Q 236 -15.69 57.33 -73.64
N GLU Q 237 -16.07 56.79 -74.81
CA GLU Q 237 -15.64 57.32 -76.11
C GLU Q 237 -16.71 58.28 -76.55
N GLU Q 238 -17.94 57.76 -76.60
CA GLU Q 238 -19.18 58.50 -76.88
C GLU Q 238 -19.20 59.92 -76.28
N ASN Q 239 -18.88 60.01 -74.99
CA ASN Q 239 -18.90 61.29 -74.26
C ASN Q 239 -18.05 62.41 -74.88
N GLU Q 240 -16.97 62.03 -75.57
CA GLU Q 240 -16.18 62.97 -76.37
C GLU Q 240 -16.79 63.14 -77.77
N ASP R 9 22.31 59.13 -34.97
CA ASP R 9 21.38 58.12 -34.32
C ASP R 9 21.78 57.87 -32.85
N ARG R 10 20.75 57.96 -32.01
CA ARG R 10 20.83 57.90 -30.57
C ARG R 10 19.73 56.93 -30.12
N GLY R 11 19.84 56.47 -28.89
CA GLY R 11 18.91 55.56 -28.35
C GLY R 11 17.62 56.15 -27.93
N VAL R 12 16.58 55.33 -27.85
CA VAL R 12 15.26 55.82 -27.45
C VAL R 12 15.18 56.33 -26.03
N ASN R 13 16.10 55.95 -25.15
CA ASN R 13 16.10 56.46 -23.78
C ASN R 13 17.20 57.57 -23.55
N THR R 14 17.44 58.39 -24.53
CA THR R 14 18.43 59.48 -24.45
C THR R 14 17.81 60.73 -23.94
N PHE R 15 18.46 61.32 -22.94
CA PHE R 15 18.06 62.60 -22.42
C PHE R 15 18.68 63.73 -23.31
N SER R 16 17.92 64.79 -23.52
CA SER R 16 18.43 66.01 -24.18
C SER R 16 19.23 66.81 -23.12
N PRO R 17 20.02 67.81 -23.55
CA PRO R 17 20.66 68.71 -22.59
C PRO R 17 19.71 69.52 -21.73
N GLU R 18 18.46 69.64 -22.10
CA GLU R 18 17.46 70.26 -21.22
C GLU R 18 16.87 69.32 -20.23
N GLY R 19 17.28 68.06 -20.22
CA GLY R 19 16.67 67.13 -19.23
C GLY R 19 15.35 66.55 -19.58
N ARG R 20 15.09 66.40 -20.86
CA ARG R 20 13.88 65.72 -21.34
C ARG R 20 14.25 64.52 -22.20
N LEU R 21 13.38 63.52 -22.23
CA LEU R 21 13.57 62.39 -23.10
C LEU R 21 13.09 62.82 -24.51
N PHE R 22 13.99 62.76 -25.50
CA PHE R 22 13.66 63.12 -26.87
C PHE R 22 12.36 62.41 -27.34
N GLN R 23 12.29 61.07 -27.16
CA GLN R 23 11.14 60.32 -27.63
C GLN R 23 9.84 60.80 -27.00
N VAL R 24 9.86 61.17 -25.72
CA VAL R 24 8.65 61.66 -25.07
C VAL R 24 8.22 63.05 -25.63
N GLU R 25 9.20 63.92 -25.82
CA GLU R 25 8.93 65.25 -26.41
C GLU R 25 8.38 65.06 -27.79
N TYR R 26 8.97 64.21 -28.60
CA TYR R 26 8.43 64.01 -29.91
C TYR R 26 7.01 63.40 -29.90
N ALA R 27 6.75 62.44 -28.99
CA ALA R 27 5.40 61.90 -28.81
C ALA R 27 4.41 62.99 -28.44
N ILE R 28 4.85 63.94 -27.61
CA ILE R 28 4.00 65.10 -27.24
C ILE R 28 3.68 65.99 -28.51
N GLU R 29 4.62 66.16 -29.40
CA GLU R 29 4.40 66.85 -30.71
C GLU R 29 3.38 66.11 -31.60
N ALA R 30 3.40 64.78 -31.62
CA ALA R 30 2.35 63.99 -32.30
C ALA R 30 0.93 64.26 -31.77
N ILE R 31 0.75 64.57 -30.52
CA ILE R 31 -0.59 64.89 -29.97
C ILE R 31 -1.12 66.19 -30.60
N LYS R 32 -0.22 67.12 -30.92
CA LYS R 32 -0.67 68.37 -31.58
C LYS R 32 -1.21 68.14 -32.96
N LEU R 33 -0.93 67.00 -33.57
CA LEU R 33 -1.50 66.73 -34.88
C LEU R 33 -2.89 66.05 -34.73
N GLY R 34 -3.31 65.65 -33.51
CA GLY R 34 -4.60 65.00 -33.33
C GLY R 34 -5.75 66.00 -33.38
N SER R 35 -6.94 65.44 -33.57
CA SER R 35 -8.21 66.18 -33.45
C SER R 35 -8.41 66.71 -32.06
N THR R 36 -9.17 67.76 -31.96
CA THR R 36 -9.37 68.37 -30.68
C THR R 36 -10.40 67.56 -29.84
N ALA R 37 -10.08 67.28 -28.57
CA ALA R 37 -11.05 66.74 -27.63
C ALA R 37 -11.14 67.63 -26.42
N ILE R 38 -12.31 67.67 -25.83
CA ILE R 38 -12.63 68.54 -24.71
C ILE R 38 -13.30 67.77 -23.57
N GLY R 39 -12.84 68.00 -22.35
CA GLY R 39 -13.49 67.46 -21.19
C GLY R 39 -13.86 68.55 -20.23
N ILE R 40 -15.03 68.45 -19.62
CA ILE R 40 -15.46 69.36 -18.57
C ILE R 40 -16.09 68.57 -17.41
N GLN R 41 -15.69 68.92 -16.20
CA GLN R 41 -16.14 68.34 -14.99
C GLN R 41 -17.06 69.34 -14.28
N THR R 42 -18.29 68.89 -14.00
CA THR R 42 -19.27 69.64 -13.25
C THR R 42 -19.71 68.79 -12.05
N SER R 43 -20.35 69.43 -11.09
CA SER R 43 -20.95 68.73 -9.97
C SER R 43 -22.10 67.76 -10.42
N GLU R 44 -22.63 67.89 -11.62
CA GLU R 44 -23.65 66.99 -12.17
C GLU R 44 -23.13 65.91 -13.11
N GLY R 45 -21.82 65.89 -13.38
CA GLY R 45 -21.28 64.85 -14.25
C GLY R 45 -20.13 65.39 -15.07
N VAL R 46 -19.54 64.52 -15.87
CA VAL R 46 -18.57 64.97 -16.79
C VAL R 46 -19.00 64.74 -18.23
N CYS R 47 -18.60 65.68 -19.10
CA CYS R 47 -18.76 65.52 -20.53
C CYS R 47 -17.43 65.55 -21.24
N LEU R 48 -17.39 64.79 -22.32
CA LEU R 48 -16.27 64.57 -23.16
C LEU R 48 -16.84 64.77 -24.56
N ALA R 49 -16.13 65.56 -25.39
CA ALA R 49 -16.58 65.90 -26.73
C ALA R 49 -15.35 65.90 -27.61
N VAL R 50 -15.49 65.39 -28.81
CA VAL R 50 -14.36 65.23 -29.67
C VAL R 50 -14.74 65.56 -31.14
N GLU R 51 -13.81 66.22 -31.83
CA GLU R 51 -13.87 66.44 -33.24
C GLU R 51 -13.51 65.14 -33.92
N LYS R 52 -14.33 64.65 -34.82
CA LYS R 52 -14.02 63.39 -35.52
C LYS R 52 -12.93 63.56 -36.56
N ARG R 53 -13.07 64.59 -37.38
CA ARG R 53 -12.17 64.91 -38.45
C ARG R 53 -12.31 63.93 -39.62
N ILE R 54 -13.43 64.08 -40.35
CA ILE R 54 -13.81 63.21 -41.47
C ILE R 54 -12.98 63.65 -42.67
N THR R 55 -12.33 62.69 -43.35
CA THR R 55 -11.40 62.98 -44.47
C THR R 55 -11.98 62.65 -45.84
N SER R 56 -13.13 61.99 -45.88
CA SER R 56 -13.82 61.65 -47.13
C SER R 56 -15.31 61.39 -46.81
N PRO R 57 -16.24 61.87 -47.64
CA PRO R 57 -17.64 61.46 -47.45
C PRO R 57 -17.91 59.95 -47.57
N LEU R 58 -17.01 59.22 -48.27
CA LEU R 58 -17.08 57.76 -48.35
C LEU R 58 -16.77 57.01 -47.02
N MET R 59 -16.07 57.65 -46.10
CA MET R 59 -15.79 57.07 -44.79
C MET R 59 -17.07 57.01 -43.99
N GLU R 60 -17.32 55.93 -43.26
CA GLU R 60 -18.40 55.90 -42.29
C GLU R 60 -18.02 56.62 -41.02
N PRO R 61 -18.70 57.74 -40.73
CA PRO R 61 -18.50 58.45 -39.44
C PRO R 61 -18.63 57.65 -38.15
N SER R 62 -19.60 56.74 -38.07
CA SER R 62 -19.76 55.96 -36.84
C SER R 62 -18.59 54.98 -36.61
N SER R 63 -17.74 54.72 -37.61
CA SER R 63 -16.52 53.94 -37.41
C SER R 63 -15.39 54.73 -36.83
N ILE R 64 -15.50 56.06 -36.71
CA ILE R 64 -14.48 56.86 -35.98
C ILE R 64 -14.94 56.82 -34.54
N GLU R 65 -14.11 56.29 -33.65
CA GLU R 65 -14.48 56.19 -32.28
C GLU R 65 -13.32 56.72 -31.45
N LYS R 66 -13.45 57.94 -30.95
CA LYS R 66 -12.41 58.63 -30.22
C LYS R 66 -12.86 58.88 -28.78
N ILE R 67 -14.10 58.47 -28.47
CA ILE R 67 -14.55 58.41 -27.13
C ILE R 67 -14.99 56.93 -26.95
N VAL R 68 -14.53 56.31 -25.88
CA VAL R 68 -14.84 54.90 -25.58
C VAL R 68 -15.22 54.77 -24.09
N GLU R 69 -16.03 53.74 -23.82
CA GLU R 69 -16.33 53.37 -22.46
C GLU R 69 -15.17 52.54 -21.90
N ILE R 70 -14.70 52.92 -20.71
CA ILE R 70 -13.75 52.11 -19.95
C ILE R 70 -14.50 51.12 -19.05
N ASP R 71 -15.46 51.65 -18.30
CA ASP R 71 -16.43 50.88 -17.50
C ASP R 71 -17.68 51.76 -17.46
N ALA R 72 -18.68 51.34 -16.74
CA ALA R 72 -19.96 52.01 -16.73
C ALA R 72 -19.90 53.41 -16.16
N HIS R 73 -18.93 53.64 -15.29
CA HIS R 73 -18.78 54.88 -14.57
C HIS R 73 -17.59 55.71 -15.12
N ILE R 74 -16.96 55.30 -16.23
CA ILE R 74 -15.73 56.00 -16.73
C ILE R 74 -15.68 55.90 -18.24
N GLY R 75 -15.56 57.03 -18.90
CA GLY R 75 -15.28 57.09 -20.36
C GLY R 75 -13.90 57.72 -20.61
N CYS R 76 -13.43 57.60 -21.83
CA CYS R 76 -12.15 58.10 -22.21
C CYS R 76 -12.17 58.74 -23.62
N ALA R 77 -11.68 59.99 -23.74
CA ALA R 77 -11.50 60.66 -25.07
C ALA R 77 -10.01 60.74 -25.36
N MET R 78 -9.64 60.51 -26.60
CA MET R 78 -8.26 60.45 -26.97
C MET R 78 -7.96 61.45 -28.10
N SER R 79 -6.70 61.83 -28.19
CA SER R 79 -6.20 62.55 -29.32
C SER R 79 -4.78 62.14 -29.57
N GLY R 80 -4.45 62.05 -30.86
CA GLY R 80 -3.07 61.88 -31.28
C GLY R 80 -3.07 60.76 -32.26
N LEU R 81 -2.18 59.77 -32.05
CA LEU R 81 -2.10 58.60 -32.91
C LEU R 81 -3.02 57.50 -32.37
N ILE R 82 -4.19 57.41 -32.98
CA ILE R 82 -5.32 56.71 -32.39
C ILE R 82 -5.02 55.20 -32.25
N ALA R 83 -4.32 54.60 -33.18
CA ALA R 83 -3.97 53.20 -33.10
C ALA R 83 -3.18 52.90 -31.83
N ASP R 84 -2.31 53.82 -31.40
CA ASP R 84 -1.57 53.65 -30.18
C ASP R 84 -2.49 53.64 -28.94
N ALA R 85 -3.67 54.25 -29.01
CA ALA R 85 -4.48 54.33 -27.81
C ALA R 85 -5.07 52.93 -27.41
N LYS R 86 -5.20 52.00 -28.37
CA LYS R 86 -5.90 50.72 -28.14
C LYS R 86 -5.36 49.92 -26.98
N THR R 87 -4.06 49.71 -26.93
CA THR R 87 -3.51 49.01 -25.84
C THR R 87 -3.73 49.73 -24.51
N LEU R 88 -3.79 51.08 -24.53
CA LEU R 88 -4.04 51.83 -23.30
C LEU R 88 -5.45 51.62 -22.78
N ILE R 89 -6.37 51.70 -23.70
CA ILE R 89 -7.77 51.62 -23.43
C ILE R 89 -8.04 50.17 -22.89
N ASP R 90 -7.46 49.17 -23.53
CA ASP R 90 -7.61 47.77 -23.10
C ASP R 90 -7.10 47.62 -21.73
N LYS R 91 -5.93 48.18 -21.45
CA LYS R 91 -5.33 48.15 -20.14
C LYS R 91 -6.23 48.77 -19.10
N ALA R 92 -6.88 49.88 -19.42
CA ALA R 92 -7.75 50.55 -18.48
C ALA R 92 -8.97 49.61 -18.17
N ARG R 93 -9.51 48.97 -19.21
CA ARG R 93 -10.65 48.11 -19.11
C ARG R 93 -10.34 46.88 -18.24
N VAL R 94 -9.29 46.17 -18.59
CA VAL R 94 -8.76 45.08 -17.80
C VAL R 94 -8.52 45.47 -16.32
N GLU R 95 -7.86 46.57 -16.06
CA GLU R 95 -7.63 47.01 -14.69
C GLU R 95 -8.92 47.24 -13.87
N THR R 96 -9.94 47.90 -14.46
CA THR R 96 -11.13 48.21 -13.73
C THR R 96 -11.85 46.89 -13.38
N GLN R 97 -11.82 45.93 -14.31
CA GLN R 97 -12.42 44.63 -14.10
C GLN R 97 -11.65 43.76 -13.05
N ASN R 98 -10.34 43.82 -13.05
CA ASN R 98 -9.52 43.21 -12.04
C ASN R 98 -9.81 43.78 -10.69
N HIS R 99 -9.95 45.09 -10.63
CA HIS R 99 -10.22 45.73 -9.38
C HIS R 99 -11.59 45.27 -8.82
N TRP R 100 -12.60 45.26 -9.69
CA TRP R 100 -13.92 44.75 -9.36
C TRP R 100 -13.80 43.29 -8.81
N PHE R 101 -13.05 42.48 -9.55
CA PHE R 101 -12.93 41.09 -9.24
C PHE R 101 -12.35 40.94 -7.81
N THR R 102 -11.27 41.66 -7.55
CA THR R 102 -10.53 41.45 -6.34
C THR R 102 -11.22 42.10 -5.13
N TYR R 103 -11.72 43.31 -5.34
CA TYR R 103 -12.20 44.17 -4.22
C TYR R 103 -13.71 44.35 -4.12
N ASN R 104 -14.46 43.86 -5.12
CA ASN R 104 -15.88 44.04 -5.21
C ASN R 104 -16.37 45.47 -5.09
N GLU R 105 -15.73 46.36 -5.82
CA GLU R 105 -16.02 47.78 -5.73
C GLU R 105 -15.55 48.34 -7.06
N THR R 106 -16.02 49.51 -7.42
CA THR R 106 -15.53 50.19 -8.65
C THR R 106 -14.20 50.89 -8.39
N MET R 107 -13.35 50.94 -9.38
CA MET R 107 -12.06 51.57 -9.24
C MET R 107 -12.27 53.08 -9.43
N THR R 108 -11.57 53.91 -8.65
CA THR R 108 -11.66 55.38 -8.86
C THR R 108 -11.08 55.83 -10.23
N VAL R 109 -11.55 56.98 -10.73
CA VAL R 109 -11.05 57.53 -12.01
C VAL R 109 -9.56 57.80 -11.90
N GLU R 110 -9.18 58.34 -10.75
CA GLU R 110 -7.76 58.61 -10.50
C GLU R 110 -6.90 57.35 -10.55
N SER R 111 -7.42 56.27 -9.92
CA SER R 111 -6.70 55.01 -9.94
C SER R 111 -6.59 54.44 -11.33
N VAL R 112 -7.66 54.50 -12.12
CA VAL R 112 -7.56 53.95 -13.48
C VAL R 112 -6.49 54.75 -14.23
N THR R 113 -6.55 56.06 -14.08
CA THR R 113 -5.61 56.91 -14.80
C THR R 113 -4.18 56.62 -14.39
N GLN R 114 -4.00 56.42 -13.07
CA GLN R 114 -2.66 56.05 -12.54
C GLN R 114 -2.17 54.75 -13.17
N ALA R 115 -3.04 53.76 -13.26
CA ALA R 115 -2.59 52.44 -13.75
C ALA R 115 -2.17 52.53 -15.21
N VAL R 116 -2.95 53.24 -16.00
CA VAL R 116 -2.53 53.47 -17.42
C VAL R 116 -1.25 54.29 -17.51
N SER R 117 -1.14 55.29 -16.67
CA SER R 117 0.01 56.16 -16.74
C SER R 117 1.33 55.45 -16.40
N ASN R 118 1.29 54.42 -15.58
CA ASN R 118 2.46 53.59 -15.35
C ASN R 118 3.01 52.78 -16.51
N LEU R 119 2.27 52.68 -17.62
CA LEU R 119 2.85 52.11 -18.84
C LEU R 119 3.75 53.13 -19.62
N ALA R 120 3.53 54.40 -19.32
N ALA R 120 3.63 54.44 -19.41
CA ALA R 120 4.22 55.47 -19.94
CA ALA R 120 4.07 55.38 -20.50
C ALA R 120 5.43 55.45 -19.10
C ALA R 120 5.59 55.40 -20.87
N LEU R 121 6.48 55.35 -19.86
CA LEU R 121 7.94 55.28 -19.94
C LEU R 121 8.48 53.83 -20.04
N GLN R 122 7.60 52.85 -20.20
CA GLN R 122 8.05 51.47 -20.30
C GLN R 122 8.33 51.15 -21.72
N PHE R 123 9.37 51.81 -22.28
CA PHE R 123 9.91 51.47 -23.58
C PHE R 123 11.43 51.46 -23.48
N GLY R 124 12.09 50.79 -24.41
CA GLY R 124 13.53 50.65 -24.42
C GLY R 124 14.00 49.39 -25.11
N GLU R 125 15.28 49.33 -25.45
CA GLU R 125 15.84 48.34 -26.40
C GLU R 125 17.03 47.52 -25.89
N GLU R 126 17.21 47.45 -24.55
CA GLU R 126 18.34 46.76 -23.85
C GLU R 126 17.86 45.79 -22.78
N ASP R 127 17.05 46.25 -21.83
CA ASP R 127 16.55 45.35 -20.74
C ASP R 127 15.51 44.45 -21.38
N ALA R 128 14.41 45.05 -21.82
CA ALA R 128 13.52 44.52 -22.88
C ALA R 128 13.20 43.00 -22.87
N ASP R 129 12.02 42.62 -22.35
CA ASP R 129 11.61 41.20 -22.21
C ASP R 129 11.22 40.52 -23.55
N PRO R 130 9.93 40.59 -23.99
CA PRO R 130 9.54 40.26 -25.39
C PRO R 130 10.39 40.90 -26.50
N GLY R 131 9.76 41.14 -27.64
CA GLY R 131 10.02 42.40 -28.40
C GLY R 131 9.15 43.49 -27.74
N ALA R 132 9.59 44.02 -26.59
CA ALA R 132 8.78 44.90 -25.69
C ALA R 132 8.54 46.23 -26.42
N MET R 133 7.86 47.19 -25.81
CA MET R 133 7.63 48.55 -26.50
C MET R 133 8.91 49.27 -26.90
N SER R 134 8.98 49.71 -28.15
CA SER R 134 10.12 50.36 -28.68
C SER R 134 10.11 51.92 -28.55
N ARG R 135 8.97 52.46 -28.18
CA ARG R 135 8.74 53.85 -28.17
C ARG R 135 7.60 54.19 -27.29
N PRO R 136 7.51 55.45 -26.87
CA PRO R 136 6.30 55.89 -26.21
C PRO R 136 5.01 55.88 -27.09
N PHE R 137 3.87 56.04 -26.41
CA PHE R 137 2.54 56.12 -27.02
C PHE R 137 2.26 57.56 -27.45
N GLY R 138 1.87 57.74 -28.71
CA GLY R 138 1.63 59.04 -29.33
C GLY R 138 0.22 59.59 -29.08
N VAL R 139 -0.21 59.59 -27.82
CA VAL R 139 -1.60 59.75 -27.49
C VAL R 139 -1.72 60.52 -26.24
N ALA R 140 -2.65 61.44 -26.19
CA ALA R 140 -3.10 61.99 -24.91
C ALA R 140 -4.54 61.49 -24.58
N LEU R 141 -4.88 61.39 -23.29
CA LEU R 141 -6.15 60.88 -22.86
C LEU R 141 -6.78 61.77 -21.83
N LEU R 142 -8.09 61.87 -21.95
CA LEU R 142 -8.93 62.44 -20.94
C LEU R 142 -9.84 61.32 -20.43
N PHE R 143 -9.73 61.01 -19.12
CA PHE R 143 -10.58 60.05 -18.44
C PHE R 143 -11.63 60.82 -17.66
N GLY R 144 -12.91 60.62 -17.98
CA GLY R 144 -14.01 61.33 -17.33
C GLY R 144 -14.97 60.25 -16.72
N GLY R 145 -15.32 60.44 -15.46
CA GLY R 145 -16.16 59.51 -14.79
C GLY R 145 -16.67 59.98 -13.45
N VAL R 146 -17.40 59.10 -12.76
CA VAL R 146 -17.95 59.39 -11.47
C VAL R 146 -17.59 58.19 -10.53
N ASP R 147 -17.05 58.51 -9.36
CA ASP R 147 -16.66 57.56 -8.33
C ASP R 147 -17.11 58.17 -7.03
N GLU R 148 -16.69 57.68 -5.87
CA GLU R 148 -17.14 58.29 -4.58
C GLU R 148 -16.59 59.68 -4.28
N LYS R 149 -15.57 60.14 -5.01
CA LYS R 149 -15.14 61.53 -4.92
C LYS R 149 -16.12 62.45 -5.69
N GLY R 150 -17.09 61.87 -6.42
CA GLY R 150 -18.00 62.61 -7.28
C GLY R 150 -17.50 62.55 -8.73
N PRO R 151 -18.03 63.47 -9.57
CA PRO R 151 -17.56 63.52 -10.96
C PRO R 151 -16.07 63.92 -11.05
N GLN R 152 -15.38 63.38 -12.04
CA GLN R 152 -13.96 63.58 -12.15
C GLN R 152 -13.35 63.45 -13.53
N LEU R 153 -12.47 64.43 -13.87
CA LEU R 153 -11.81 64.49 -15.15
C LEU R 153 -10.32 64.51 -14.89
N PHE R 154 -9.60 63.67 -15.61
CA PHE R 154 -8.17 63.55 -15.47
C PHE R 154 -7.57 63.55 -16.86
N HIS R 155 -6.40 64.17 -16.97
CA HIS R 155 -5.68 64.24 -18.22
C HIS R 155 -4.41 63.43 -18.05
N MET R 156 -4.01 62.74 -19.12
CA MET R 156 -2.73 62.08 -19.14
C MET R 156 -2.05 62.31 -20.51
N ASP R 157 -0.75 62.49 -20.50
CA ASP R 157 0.03 62.60 -21.75
C ASP R 157 1.15 61.56 -21.85
N PRO R 158 1.93 61.54 -22.96
CA PRO R 158 2.93 60.48 -23.12
C PRO R 158 4.09 60.46 -22.11
N SER R 159 4.21 61.47 -21.24
CA SER R 159 5.21 61.44 -20.22
C SER R 159 4.81 60.53 -19.02
N GLY R 160 3.53 60.09 -18.97
CA GLY R 160 2.99 59.46 -17.84
C GLY R 160 2.64 60.43 -16.71
N THR R 161 2.66 61.71 -16.94
CA THR R 161 2.12 62.67 -15.97
C THR R 161 0.58 62.72 -16.13
N PHE R 162 -0.16 62.67 -15.02
CA PHE R 162 -1.58 62.73 -15.06
C PHE R 162 -2.01 63.63 -13.94
N VAL R 163 -3.13 64.32 -14.15
CA VAL R 163 -3.61 65.31 -13.23
C VAL R 163 -5.11 65.50 -13.46
N GLN R 164 -5.81 65.87 -12.38
CA GLN R 164 -7.23 66.25 -12.39
C GLN R 164 -7.33 67.64 -13.01
N CYS R 165 -8.36 67.86 -13.81
CA CYS R 165 -8.63 69.15 -14.43
C CYS R 165 -10.12 69.44 -14.35
N ASP R 166 -10.50 70.67 -14.05
CA ASP R 166 -11.89 71.06 -14.12
C ASP R 166 -12.41 71.07 -15.55
N ALA R 167 -11.52 71.43 -16.48
CA ALA R 167 -11.81 71.42 -17.90
C ALA R 167 -10.50 71.43 -18.67
N ARG R 168 -10.44 70.68 -19.75
CA ARG R 168 -9.22 70.51 -20.50
C ARG R 168 -9.49 70.19 -21.94
N ALA R 169 -8.69 70.82 -22.82
CA ALA R 169 -8.70 70.46 -24.22
C ALA R 169 -7.36 69.82 -24.59
N ILE R 170 -7.37 68.95 -25.59
CA ILE R 170 -6.17 68.29 -26.08
C ILE R 170 -6.26 68.20 -27.56
N GLY R 171 -5.12 68.02 -28.19
CA GLY R 171 -5.06 67.97 -29.67
C GLY R 171 -4.74 69.34 -30.27
N SER R 172 -4.92 69.46 -31.58
CA SER R 172 -4.33 70.58 -32.39
C SER R 172 -4.76 71.95 -31.91
N ALA R 173 -6.03 72.12 -31.58
CA ALA R 173 -6.46 73.48 -31.23
C ALA R 173 -6.52 73.72 -29.73
N SER R 174 -5.75 72.97 -28.95
CA SER R 174 -5.93 72.95 -27.51
C SER R 174 -5.57 74.23 -26.82
N GLU R 175 -4.55 74.93 -27.28
CA GLU R 175 -4.18 76.26 -26.73
C GLU R 175 -5.37 77.22 -26.71
N GLY R 176 -5.98 77.34 -27.88
CA GLY R 176 -7.16 78.23 -28.03
C GLY R 176 -8.42 77.74 -27.33
N ALA R 177 -8.70 76.44 -27.48
CA ALA R 177 -9.83 75.82 -26.77
C ALA R 177 -9.69 75.96 -25.25
N GLN R 178 -8.45 75.87 -24.77
CA GLN R 178 -8.19 75.97 -23.36
C GLN R 178 -8.48 77.38 -22.90
N SER R 179 -8.14 78.38 -23.71
CA SER R 179 -8.42 79.72 -23.39
C SER R 179 -9.94 79.96 -23.24
N SER R 180 -10.70 79.53 -24.25
CA SER R 180 -12.15 79.64 -24.16
C SER R 180 -12.68 78.84 -22.90
N LEU R 181 -12.04 77.72 -22.54
CA LEU R 181 -12.48 76.97 -21.37
C LEU R 181 -12.26 77.76 -20.07
N GLN R 182 -11.10 78.39 -19.88
CA GLN R 182 -10.88 79.26 -18.70
C GLN R 182 -11.97 80.36 -18.63
N GLU R 183 -12.33 80.93 -19.78
CA GLU R 183 -13.33 81.96 -19.86
C GLU R 183 -14.72 81.49 -19.38
N VAL R 184 -15.22 80.41 -19.96
CA VAL R 184 -16.60 79.95 -19.69
C VAL R 184 -16.78 79.05 -18.41
N TYR R 185 -15.72 78.40 -17.94
CA TYR R 185 -15.87 77.46 -16.85
C TYR R 185 -16.18 78.13 -15.52
N HIS R 186 -17.10 77.56 -14.75
CA HIS R 186 -17.27 77.98 -13.33
C HIS R 186 -17.71 76.78 -12.51
N LYS R 187 -17.27 76.74 -11.25
CA LYS R 187 -17.45 75.58 -10.32
C LYS R 187 -18.93 75.11 -10.23
N SER R 188 -19.85 76.07 -10.29
CA SER R 188 -21.29 75.83 -10.15
C SER R 188 -22.04 75.58 -11.50
N MET R 189 -21.30 75.56 -12.59
CA MET R 189 -21.86 75.34 -13.91
C MET R 189 -22.59 73.99 -13.96
N THR R 190 -23.74 73.96 -14.62
CA THR R 190 -24.48 72.73 -14.85
C THR R 190 -23.86 71.90 -15.96
N LEU R 191 -24.17 70.61 -15.97
CA LEU R 191 -23.76 69.74 -17.04
C LEU R 191 -24.31 70.16 -18.37
N LYS R 192 -25.58 70.57 -18.45
CA LYS R 192 -26.10 70.99 -19.78
C LYS R 192 -25.36 72.22 -20.34
N GLU R 193 -25.00 73.13 -19.44
CA GLU R 193 -24.17 74.30 -19.76
C GLU R 193 -22.80 73.87 -20.29
N ALA R 194 -22.18 72.91 -19.60
CA ALA R 194 -20.91 72.34 -19.99
C ALA R 194 -20.96 71.71 -21.38
N ILE R 195 -22.03 70.96 -21.65
CA ILE R 195 -22.21 70.39 -22.96
C ILE R 195 -22.23 71.46 -24.08
N LYS R 196 -23.11 72.44 -23.88
CA LYS R 196 -23.26 73.53 -24.82
C LYS R 196 -21.92 74.25 -25.01
N SER R 197 -21.28 74.63 -23.89
CA SER R 197 -19.96 75.30 -23.93
C SER R 197 -18.92 74.56 -24.76
N SER R 198 -18.87 73.23 -24.60
CA SER R 198 -17.86 72.48 -25.33
C SER R 198 -18.23 72.34 -26.79
N LEU R 199 -19.51 72.38 -27.13
CA LEU R 199 -19.86 72.31 -28.53
C LEU R 199 -19.60 73.66 -29.23
N ILE R 200 -19.83 74.78 -28.52
CA ILE R 200 -19.51 76.12 -29.01
C ILE R 200 -18.00 76.20 -29.29
N ILE R 201 -17.20 75.70 -28.35
CA ILE R 201 -15.77 75.77 -28.50
C ILE R 201 -15.30 74.85 -29.66
N LEU R 202 -15.80 73.60 -29.74
CA LEU R 202 -15.43 72.75 -30.88
C LEU R 202 -15.78 73.40 -32.18
N LYS R 203 -16.95 74.04 -32.23
CA LYS R 203 -17.39 74.72 -33.41
C LYS R 203 -16.39 75.80 -33.86
N GLN R 204 -15.93 76.65 -32.94
CA GLN R 204 -14.88 77.68 -33.27
C GLN R 204 -13.66 76.99 -33.83
N VAL R 205 -13.18 75.91 -33.16
CA VAL R 205 -11.82 75.45 -33.44
C VAL R 205 -11.72 74.51 -34.60
N MET R 206 -12.80 73.80 -34.88
CA MET R 206 -12.84 72.84 -35.99
C MET R 206 -12.66 73.47 -37.38
N GLU R 207 -11.88 72.82 -38.24
CA GLU R 207 -11.75 73.24 -39.67
C GLU R 207 -13.02 72.94 -40.43
N GLU R 208 -13.60 71.75 -40.23
CA GLU R 208 -14.91 71.41 -40.82
C GLU R 208 -16.05 72.11 -40.06
N LYS R 209 -17.08 72.51 -40.78
CA LYS R 209 -18.26 73.11 -40.17
C LYS R 209 -18.91 72.06 -39.27
N LEU R 210 -19.13 72.38 -38.01
CA LEU R 210 -19.67 71.39 -37.07
C LEU R 210 -21.04 70.86 -37.54
N ASN R 211 -21.31 69.58 -37.26
CA ASN R 211 -22.64 68.99 -37.40
C ASN R 211 -22.76 67.70 -36.60
N ALA R 212 -23.90 67.05 -36.69
CA ALA R 212 -24.20 65.92 -35.81
C ALA R 212 -23.52 64.59 -36.15
N THR R 213 -22.81 64.52 -37.28
CA THR R 213 -22.06 63.31 -37.68
C THR R 213 -20.54 63.48 -37.56
N ASN R 214 -20.02 64.69 -37.57
CA ASN R 214 -18.57 64.89 -37.43
C ASN R 214 -18.04 65.26 -36.04
N ILE R 215 -18.86 65.12 -35.01
CA ILE R 215 -18.42 65.19 -33.64
C ILE R 215 -18.91 63.96 -32.87
N GLU R 216 -18.40 63.74 -31.67
CA GLU R 216 -18.99 62.77 -30.72
C GLU R 216 -19.05 63.44 -29.37
N LEU R 217 -20.02 63.03 -28.59
CA LEU R 217 -20.13 63.55 -27.24
C LEU R 217 -20.58 62.41 -26.33
N ALA R 218 -20.00 62.36 -25.13
CA ALA R 218 -20.42 61.40 -24.08
C ALA R 218 -20.48 62.09 -22.76
N THR R 219 -21.30 61.52 -21.87
CA THR R 219 -21.39 61.96 -20.49
C THR R 219 -21.31 60.79 -19.48
N VAL R 220 -20.99 61.12 -18.24
CA VAL R 220 -21.16 60.26 -17.12
C VAL R 220 -21.67 61.13 -15.98
N GLN R 221 -22.73 60.68 -15.31
CA GLN R 221 -23.39 61.44 -14.24
C GLN R 221 -23.54 60.56 -13.02
N PRO R 222 -23.60 61.15 -11.82
CA PRO R 222 -23.91 60.34 -10.66
C PRO R 222 -25.16 59.44 -10.84
N GLY R 223 -26.20 59.96 -11.46
CA GLY R 223 -27.35 59.12 -11.73
C GLY R 223 -27.07 57.93 -12.65
N GLN R 224 -26.30 58.16 -13.70
CA GLN R 224 -26.44 57.43 -14.93
C GLN R 224 -25.09 57.00 -15.52
N ASN R 225 -25.08 55.81 -16.07
CA ASN R 225 -23.92 55.28 -16.68
C ASN R 225 -23.39 56.06 -17.90
N PHE R 226 -22.15 55.81 -18.25
CA PHE R 226 -21.54 56.26 -19.51
C PHE R 226 -22.58 56.27 -20.64
N HIS R 227 -22.78 57.43 -21.26
CA HIS R 227 -23.73 57.50 -22.33
C HIS R 227 -23.17 58.30 -23.53
N MET R 228 -23.05 57.60 -24.66
CA MET R 228 -22.74 58.20 -25.94
C MET R 228 -24.00 58.87 -26.51
N PHE R 229 -23.90 60.15 -26.88
CA PHE R 229 -25.00 60.83 -27.52
C PHE R 229 -25.26 60.22 -28.90
N THR R 230 -26.54 60.00 -29.16
CA THR R 230 -27.04 59.57 -30.49
C THR R 230 -27.03 60.74 -31.46
N LYS R 231 -27.14 60.46 -32.76
CA LYS R 231 -27.29 61.49 -33.79
C LYS R 231 -28.35 62.46 -33.39
N GLU R 232 -29.49 61.92 -32.97
CA GLU R 232 -30.68 62.72 -32.64
C GLU R 232 -30.44 63.61 -31.40
N GLU R 233 -29.85 63.05 -30.33
CA GLU R 233 -29.55 63.86 -29.15
C GLU R 233 -28.51 64.97 -29.43
N LEU R 234 -27.61 64.70 -30.38
CA LEU R 234 -26.62 65.68 -30.79
C LEU R 234 -27.30 66.86 -31.54
N GLU R 235 -28.10 66.52 -32.54
CA GLU R 235 -28.92 67.47 -33.29
C GLU R 235 -29.67 68.42 -32.36
N GLU R 236 -30.33 67.89 -31.33
CA GLU R 236 -31.01 68.71 -30.34
C GLU R 236 -30.08 69.75 -29.70
N VAL R 237 -28.93 69.30 -29.20
CA VAL R 237 -27.94 70.20 -28.57
C VAL R 237 -27.29 71.16 -29.58
N ILE R 238 -27.17 70.72 -30.83
CA ILE R 238 -26.60 71.57 -31.93
C ILE R 238 -27.48 72.77 -32.31
N LYS R 239 -28.80 72.68 -32.14
CA LYS R 239 -29.74 73.76 -32.52
C LYS R 239 -29.36 75.15 -32.00
N ASP R 240 -29.01 75.22 -30.73
CA ASP R 240 -28.61 76.49 -30.12
C ASP R 240 -27.27 77.00 -30.68
N ILE R 241 -26.59 76.11 -31.42
CA ILE R 241 -25.44 76.35 -32.31
C ILE R 241 -24.27 76.92 -31.54
N PHE S 2 34.44 67.70 -29.73
CA PHE S 2 34.70 68.01 -28.28
C PHE S 2 33.63 67.52 -27.26
N ARG S 3 32.38 67.32 -27.70
CA ARG S 3 31.22 67.06 -26.78
C ARG S 3 30.12 66.08 -27.32
N ASN S 4 29.70 66.30 -28.59
CA ASN S 4 28.54 65.59 -29.22
C ASN S 4 28.61 64.06 -29.26
N GLN S 5 29.79 63.50 -29.59
CA GLN S 5 29.91 62.03 -29.71
C GLN S 5 29.85 61.39 -28.30
N TYR S 6 30.04 62.20 -27.27
CA TYR S 6 30.02 61.79 -25.92
C TYR S 6 28.72 62.06 -25.20
N ASP S 7 27.66 62.51 -25.84
CA ASP S 7 26.52 62.80 -24.96
C ASP S 7 25.26 62.01 -25.12
N ASN S 8 25.31 60.96 -25.90
CA ASN S 8 24.07 60.27 -26.11
C ASN S 8 23.92 58.96 -25.30
N ASP S 9 25.03 58.40 -24.81
CA ASP S 9 25.04 57.11 -24.13
C ASP S 9 25.57 57.26 -22.72
N VAL S 10 24.84 56.74 -21.77
CA VAL S 10 25.28 56.68 -20.39
C VAL S 10 26.51 55.80 -20.14
N THR S 11 26.83 54.93 -21.08
CA THR S 11 28.08 54.23 -21.05
C THR S 11 29.31 54.91 -21.64
N VAL S 12 29.19 56.13 -22.20
CA VAL S 12 30.34 56.78 -22.85
C VAL S 12 30.88 57.82 -21.90
N TRP S 13 32.06 57.54 -21.34
CA TRP S 13 32.81 58.57 -20.61
C TRP S 13 33.29 59.64 -21.60
N SER S 14 33.20 60.89 -21.20
CA SER S 14 33.89 61.97 -22.03
C SER S 14 35.38 62.05 -21.72
N PRO S 15 36.12 62.83 -22.54
CA PRO S 15 37.53 62.99 -22.25
C PRO S 15 37.83 63.82 -21.00
N GLN S 16 36.86 64.42 -20.36
CA GLN S 16 37.03 65.07 -19.08
C GLN S 16 36.66 64.20 -17.87
N GLY S 17 36.31 62.93 -18.08
CA GLY S 17 35.86 62.14 -16.96
C GLY S 17 34.45 62.47 -16.49
N ARG S 18 33.59 62.83 -17.46
N ARG S 18 33.52 62.90 -17.33
CA ARG S 18 32.19 63.12 -17.19
CA ARG S 18 32.11 62.74 -16.90
C ARG S 18 31.28 62.20 -18.06
C ARG S 18 31.32 62.17 -18.08
N ILE S 19 30.02 62.07 -17.66
CA ILE S 19 29.06 61.25 -18.35
C ILE S 19 27.92 62.23 -18.55
N HIS S 20 27.85 62.73 -19.76
CA HIS S 20 26.89 63.80 -20.13
C HIS S 20 25.42 63.38 -19.91
N GLN S 21 25.13 62.10 -20.21
CA GLN S 21 23.73 61.61 -19.96
C GLN S 21 23.33 61.81 -18.52
N ILE S 22 24.21 61.57 -17.57
CA ILE S 22 23.91 61.74 -16.20
C ILE S 22 23.69 63.24 -15.90
N GLU S 23 24.56 64.09 -16.41
CA GLU S 23 24.39 65.57 -16.24
C GLU S 23 23.12 66.11 -16.89
N TYR S 24 22.77 65.60 -18.06
CA TYR S 24 21.51 65.97 -18.63
C TYR S 24 20.31 65.50 -17.79
N ALA S 25 20.36 64.27 -17.24
CA ALA S 25 19.30 63.80 -16.32
C ALA S 25 19.15 64.73 -15.10
N MET S 26 20.28 65.28 -14.66
CA MET S 26 20.20 66.18 -13.51
C MET S 26 19.50 67.46 -13.89
N GLU S 27 19.50 67.82 -15.17
CA GLU S 27 18.75 69.00 -15.58
C GLU S 27 17.28 68.83 -15.44
N ALA S 28 16.79 67.57 -15.57
CA ALA S 28 15.39 67.35 -15.31
C ALA S 28 15.08 67.77 -13.88
N VAL S 29 15.96 67.51 -12.94
CA VAL S 29 15.61 67.90 -11.57
C VAL S 29 15.65 69.41 -11.36
N LYS S 30 16.65 70.07 -11.97
CA LYS S 30 16.79 71.53 -11.85
C LYS S 30 15.64 72.29 -12.44
N GLN S 31 14.94 71.72 -13.41
CA GLN S 31 13.76 72.35 -13.98
C GLN S 31 12.45 71.98 -13.29
N GLY S 32 12.43 71.03 -12.38
CA GLY S 32 11.23 70.78 -11.60
C GLY S 32 10.94 71.92 -10.63
N SER S 33 9.74 71.97 -10.08
CA SER S 33 9.42 73.06 -9.17
C SER S 33 10.13 72.83 -7.84
N ALA S 34 10.49 73.89 -7.13
CA ALA S 34 11.34 73.76 -5.97
C ALA S 34 10.65 73.01 -4.82
N THR S 35 11.47 72.32 -4.04
CA THR S 35 11.04 71.74 -2.80
C THR S 35 12.18 71.91 -1.78
N VAL S 36 11.76 71.99 -0.50
CA VAL S 36 12.64 72.19 0.59
C VAL S 36 12.41 71.06 1.61
N GLY S 37 13.50 70.55 2.18
CA GLY S 37 13.49 69.70 3.33
C GLY S 37 14.40 70.20 4.43
N LEU S 38 13.93 70.09 5.65
CA LEU S 38 14.71 70.42 6.82
C LEU S 38 14.25 69.61 8.06
N LYS S 39 15.08 69.60 9.09
CA LYS S 39 14.78 68.88 10.32
C LYS S 39 15.21 69.61 11.56
N SER S 40 14.55 69.27 12.65
CA SER S 40 14.92 69.68 13.98
C SER S 40 15.40 68.41 14.69
N LYS S 41 15.57 68.50 16.02
CA LYS S 41 15.84 67.34 16.88
C LYS S 41 14.73 66.30 16.81
N THR S 42 13.49 66.73 16.62
CA THR S 42 12.32 65.85 16.71
C THR S 42 11.48 65.62 15.45
N HIS S 43 11.61 66.48 14.43
CA HIS S 43 10.79 66.37 13.23
C HIS S 43 11.57 66.56 11.93
N ALA S 44 11.08 65.92 10.86
CA ALA S 44 11.58 66.12 9.51
C ALA S 44 10.44 66.66 8.70
N VAL S 45 10.67 67.77 8.02
CA VAL S 45 9.63 68.40 7.21
C VAL S 45 10.05 68.61 5.75
N LEU S 46 9.08 68.39 4.87
CA LEU S 46 9.19 68.69 3.46
C LEU S 46 8.18 69.77 3.11
N VAL S 47 8.59 70.67 2.22
CA VAL S 47 7.71 71.68 1.73
C VAL S 47 7.93 71.74 0.24
N ALA S 48 6.86 71.87 -0.52
CA ALA S 48 6.98 71.84 -1.97
C ALA S 48 6.09 72.84 -2.66
N LEU S 49 6.62 73.47 -3.69
CA LEU S 49 5.79 74.22 -4.64
C LEU S 49 5.18 73.31 -5.67
N LYS S 50 3.89 73.37 -5.85
CA LYS S 50 3.24 72.61 -6.89
C LYS S 50 2.97 73.49 -8.10
N ARG S 51 3.33 73.00 -9.28
CA ARG S 51 2.94 73.58 -10.56
C ARG S 51 1.54 73.17 -10.98
N ALA S 52 0.72 74.13 -11.41
CA ALA S 52 -0.49 73.84 -12.17
C ALA S 52 -0.28 74.18 -13.66
N GLN S 53 -0.53 73.20 -14.55
CA GLN S 53 -0.30 73.33 -16.01
C GLN S 53 -1.05 74.56 -16.53
N SER S 54 -2.37 74.53 -16.41
CA SER S 54 -3.27 75.67 -16.72
C SER S 54 -3.95 76.14 -15.42
N GLU S 55 -4.76 77.19 -15.55
CA GLU S 55 -5.57 77.73 -14.45
C GLU S 55 -6.62 76.71 -13.86
N LEU S 56 -7.11 75.79 -14.70
CA LEU S 56 -8.18 74.81 -14.36
C LEU S 56 -7.64 73.38 -13.99
N ALA S 57 -6.32 73.19 -14.10
CA ALA S 57 -5.66 72.00 -13.58
C ALA S 57 -5.52 72.06 -12.05
N ALA S 58 -5.49 70.87 -11.45
CA ALA S 58 -5.10 70.74 -10.08
C ALA S 58 -3.58 70.86 -10.17
N HIS S 59 -3.00 71.28 -9.07
CA HIS S 59 -1.56 71.26 -8.92
C HIS S 59 -1.03 69.78 -8.78
N GLN S 60 0.07 69.52 -9.47
CA GLN S 60 0.75 68.25 -9.50
C GLN S 60 1.19 67.90 -8.08
N LYS S 61 0.88 66.69 -7.64
CA LYS S 61 1.41 66.22 -6.38
C LYS S 61 2.94 66.26 -6.40
N LYS S 62 3.51 66.75 -5.33
CA LYS S 62 4.94 66.68 -5.13
C LYS S 62 5.40 65.80 -3.99
N ILE S 63 4.52 65.52 -3.05
CA ILE S 63 4.93 64.88 -1.82
C ILE S 63 4.15 63.54 -1.79
N LEU S 64 4.86 62.46 -1.46
CA LEU S 64 4.31 61.06 -1.57
C LEU S 64 4.63 60.27 -0.30
N HIS S 65 3.63 59.49 0.13
CA HIS S 65 3.76 58.64 1.33
CA HIS S 65 3.69 58.55 1.28
C HIS S 65 4.56 57.37 0.90
N VAL S 66 5.54 56.99 1.71
CA VAL S 66 6.33 55.76 1.45
C VAL S 66 6.01 54.72 2.52
N ASP S 67 6.07 55.11 3.78
CA ASP S 67 5.67 54.22 4.88
C ASP S 67 5.30 55.15 6.06
N ASN S 68 4.84 54.60 7.16
CA ASN S 68 4.46 55.45 8.29
C ASN S 68 5.53 56.44 8.72
N HIS S 69 6.78 56.09 8.49
CA HIS S 69 7.92 56.81 9.06
C HIS S 69 8.77 57.53 7.99
N ILE S 70 8.30 57.53 6.73
CA ILE S 70 9.07 57.99 5.57
C ILE S 70 8.14 58.55 4.53
N GLY S 71 8.44 59.75 4.09
CA GLY S 71 7.76 60.32 2.94
C GLY S 71 8.79 61.05 2.02
N ILE S 72 8.39 61.33 0.80
CA ILE S 72 9.28 61.91 -0.16
C ILE S 72 8.68 63.12 -0.88
N SER S 73 9.58 64.01 -1.31
CA SER S 73 9.23 65.12 -2.20
C SER S 73 10.02 64.92 -3.47
N ILE S 74 9.40 65.20 -4.61
CA ILE S 74 10.00 64.81 -5.91
C ILE S 74 10.35 66.07 -6.78
N ALA S 75 11.34 65.95 -7.63
CA ALA S 75 11.56 66.92 -8.71
C ALA S 75 12.16 66.25 -9.90
N GLY S 76 11.56 66.44 -11.05
CA GLY S 76 11.99 65.75 -12.27
C GLY S 76 10.91 64.94 -12.91
N LEU S 77 11.25 63.88 -13.63
CA LEU S 77 10.25 63.12 -14.38
C LEU S 77 9.31 62.41 -13.41
N THR S 78 8.04 62.76 -13.51
CA THR S 78 6.98 62.23 -12.62
C THR S 78 6.90 60.69 -12.63
N ALA S 79 7.01 60.14 -13.82
CA ALA S 79 6.88 58.71 -14.04
C ALA S 79 8.06 58.01 -13.39
N ASP S 80 9.28 58.58 -13.45
CA ASP S 80 10.42 58.07 -12.75
C ASP S 80 10.24 58.21 -11.23
N ALA S 81 9.60 59.29 -10.81
CA ALA S 81 9.37 59.52 -9.43
C ALA S 81 8.43 58.41 -8.91
N ARG S 82 7.41 58.06 -9.65
CA ARG S 82 6.48 56.99 -9.18
C ARG S 82 7.17 55.60 -9.15
N LEU S 83 7.97 55.30 -10.14
CA LEU S 83 8.70 54.03 -10.18
C LEU S 83 9.61 53.90 -8.95
N LEU S 84 10.34 54.98 -8.63
CA LEU S 84 11.22 54.98 -7.50
C LEU S 84 10.45 54.92 -6.19
N CYS S 85 9.36 55.66 -6.12
CA CYS S 85 8.54 55.65 -4.95
C CYS S 85 8.00 54.21 -4.72
N ASN S 86 7.56 53.54 -5.79
CA ASN S 86 7.01 52.22 -5.70
C ASN S 86 8.10 51.23 -5.20
N PHE S 87 9.33 51.36 -5.69
CA PHE S 87 10.45 50.59 -5.19
C PHE S 87 10.67 50.82 -3.68
N MET S 88 10.63 52.07 -3.25
CA MET S 88 10.80 52.41 -1.86
C MET S 88 9.74 51.81 -0.95
N ARG S 89 8.51 51.94 -1.41
CA ARG S 89 7.36 51.35 -0.75
C ARG S 89 7.55 49.83 -0.56
N GLN S 90 7.99 49.16 -1.60
CA GLN S 90 8.10 47.74 -1.58
C GLN S 90 9.27 47.32 -0.59
N GLU S 91 10.37 48.05 -0.59
CA GLU S 91 11.49 47.77 0.30
C GLU S 91 11.05 47.92 1.75
N CYS S 92 10.22 48.93 2.00
CA CYS S 92 9.63 49.14 3.34
C CYS S 92 8.65 48.02 3.72
N LEU S 93 7.79 47.57 2.82
CA LEU S 93 6.89 46.44 3.15
C LEU S 93 7.71 45.18 3.44
N ASP S 94 8.66 44.87 2.58
CA ASP S 94 9.56 43.77 2.77
C ASP S 94 10.22 43.74 4.18
N SER S 95 10.78 44.85 4.59
CA SER S 95 11.36 44.87 5.89
C SER S 95 10.39 44.67 7.01
N ARG S 96 9.21 45.27 6.93
CA ARG S 96 8.17 44.96 7.95
C ARG S 96 7.71 43.49 7.90
N PHE S 97 7.61 42.91 6.71
CA PHE S 97 7.25 41.52 6.56
C PHE S 97 8.31 40.59 7.21
N VAL S 98 9.58 40.82 6.88
CA VAL S 98 10.66 39.96 7.34
C VAL S 98 10.94 40.15 8.86
N PHE S 99 11.10 41.40 9.28
CA PHE S 99 11.66 41.75 10.57
C PHE S 99 10.62 42.36 11.53
N ASP S 100 9.42 42.64 11.07
CA ASP S 100 8.40 43.28 11.88
C ASP S 100 8.87 44.57 12.53
N ARG S 101 9.70 45.34 11.84
CA ARG S 101 10.08 46.66 12.29
C ARG S 101 10.41 47.59 11.09
N PRO S 102 10.29 48.90 11.29
CA PRO S 102 10.49 49.85 10.11
C PRO S 102 11.88 49.78 9.50
N LEU S 103 11.98 49.95 8.20
CA LEU S 103 13.26 49.89 7.55
C LEU S 103 13.99 51.19 7.97
N PRO S 104 15.18 51.10 8.55
CA PRO S 104 15.88 52.31 8.81
C PRO S 104 16.09 53.18 7.57
N VAL S 105 15.94 54.48 7.78
CA VAL S 105 15.94 55.43 6.65
C VAL S 105 17.25 55.38 5.84
N SER S 106 18.38 55.36 6.53
CA SER S 106 19.69 55.30 5.83
C SER S 106 19.87 54.03 5.05
N ARG S 107 19.27 52.92 5.47
CA ARG S 107 19.33 51.72 4.63
C ARG S 107 18.47 51.80 3.40
N LEU S 108 17.28 52.38 3.52
CA LEU S 108 16.44 52.58 2.36
C LEU S 108 17.20 53.44 1.35
N VAL S 109 17.85 54.47 1.84
CA VAL S 109 18.56 55.40 0.89
C VAL S 109 19.69 54.66 0.16
N SER S 110 20.47 53.82 0.88
CA SER S 110 21.47 52.96 0.25
C SER S 110 20.93 52.13 -0.84
N LEU S 111 19.77 51.47 -0.60
CA LEU S 111 19.09 50.66 -1.59
C LEU S 111 18.74 51.51 -2.83
N ILE S 112 18.30 52.74 -2.61
CA ILE S 112 18.04 53.66 -3.76
C ILE S 112 19.30 53.89 -4.57
N GLY S 113 20.38 54.20 -3.88
CA GLY S 113 21.70 54.39 -4.57
C GLY S 113 22.09 53.16 -5.41
N SER S 114 21.95 51.96 -4.83
CA SER S 114 22.31 50.76 -5.59
C SER S 114 21.44 50.60 -6.78
N LYS S 115 20.14 50.65 -6.54
CA LYS S 115 19.20 50.46 -7.59
C LYS S 115 19.42 51.52 -8.73
N THR S 116 19.54 52.79 -8.37
CA THR S 116 19.64 53.86 -9.43
C THR S 116 20.99 53.91 -10.11
N GLN S 117 22.01 53.30 -9.52
CA GLN S 117 23.36 53.27 -10.16
C GLN S 117 23.40 52.33 -11.37
N ILE S 118 22.65 51.23 -11.28
CA ILE S 118 22.73 50.15 -12.27
C ILE S 118 22.51 50.60 -13.67
N PRO S 119 21.42 51.32 -13.92
CA PRO S 119 21.29 51.68 -15.35
C PRO S 119 22.35 52.71 -15.83
N THR S 120 23.08 53.37 -14.94
CA THR S 120 24.14 54.30 -15.40
C THR S 120 25.39 53.62 -16.01
N GLN S 121 25.44 52.30 -16.01
CA GLN S 121 26.57 51.56 -16.46
C GLN S 121 26.31 50.54 -17.54
N ARG S 122 25.08 50.47 -18.04
CA ARG S 122 24.69 49.54 -19.04
C ARG S 122 24.15 50.19 -20.31
N TYR S 123 24.58 49.70 -21.46
CA TYR S 123 24.29 50.34 -22.71
C TYR S 123 22.83 50.30 -23.00
N GLY S 124 22.33 51.42 -23.53
CA GLY S 124 20.92 51.51 -23.86
C GLY S 124 20.01 51.71 -22.65
N ARG S 125 20.51 51.80 -21.43
CA ARG S 125 19.70 52.14 -20.26
C ARG S 125 19.87 53.62 -19.99
N ARG S 126 19.17 54.22 -19.06
CA ARG S 126 19.38 55.67 -18.83
C ARG S 126 19.32 55.94 -17.36
N PRO S 127 19.84 57.05 -16.91
CA PRO S 127 19.58 57.32 -15.49
C PRO S 127 18.14 57.64 -15.18
N TYR S 128 17.80 57.54 -13.89
CA TYR S 128 16.55 58.05 -13.37
C TYR S 128 16.57 59.59 -13.50
N GLY S 129 15.53 60.17 -14.05
CA GLY S 129 15.49 61.61 -14.20
C GLY S 129 14.74 62.27 -13.08
N VAL S 130 15.03 61.86 -11.86
CA VAL S 130 14.33 62.41 -10.70
C VAL S 130 15.25 62.54 -9.51
N GLY S 131 15.02 63.57 -8.70
CA GLY S 131 15.77 63.81 -7.50
C GLY S 131 14.72 63.82 -6.41
N LEU S 132 15.08 63.29 -5.25
CA LEU S 132 14.16 63.20 -4.13
C LEU S 132 14.71 63.88 -2.90
N LEU S 133 13.83 64.52 -2.15
CA LEU S 133 14.11 64.80 -0.77
C LEU S 133 13.30 63.76 0.05
N ILE S 134 14.00 63.11 0.99
CA ILE S 134 13.43 62.02 1.80
C ILE S 134 13.36 62.44 3.25
N ALA S 135 12.16 62.51 3.81
CA ALA S 135 11.99 62.82 5.24
C ALA S 135 11.65 61.54 5.99
N GLY S 136 12.33 61.30 7.11
CA GLY S 136 12.08 60.08 7.85
C GLY S 136 12.40 60.25 9.28
N TYR S 137 11.93 59.28 10.09
CA TYR S 137 12.18 59.27 11.51
C TYR S 137 12.34 57.79 11.93
N ASP S 138 13.46 57.49 12.56
CA ASP S 138 13.71 56.14 13.06
C ASP S 138 14.54 56.27 14.35
N ASP S 139 15.16 55.19 14.78
CA ASP S 139 15.83 55.13 16.07
C ASP S 139 16.94 56.11 16.16
N MET S 140 17.47 56.52 15.03
CA MET S 140 18.49 57.56 15.02
C MET S 140 17.89 58.96 14.85
N GLY S 141 16.59 59.12 15.02
CA GLY S 141 15.97 60.44 14.99
C GLY S 141 15.51 60.86 13.58
N PRO S 142 15.30 62.18 13.39
CA PRO S 142 14.79 62.64 12.11
C PRO S 142 15.88 62.68 11.06
N HIS S 143 15.49 62.50 9.81
CA HIS S 143 16.42 62.57 8.69
C HIS S 143 15.85 63.33 7.48
N ILE S 144 16.76 64.03 6.82
CA ILE S 144 16.52 64.52 5.48
C ILE S 144 17.62 63.98 4.59
N PHE S 145 17.25 63.19 3.61
CA PHE S 145 18.23 62.76 2.58
C PHE S 145 17.85 63.35 1.24
N GLN S 146 18.84 63.43 0.37
CA GLN S 146 18.65 63.84 -1.01
C GLN S 146 19.20 62.79 -1.92
N THR S 147 18.47 62.46 -2.97
CA THR S 147 18.99 61.50 -3.98
C THR S 147 19.01 62.15 -5.36
N 6V1 S 148 19.90 61.68 -6.24
CA 6V1 S 148 20.15 62.33 -7.52
C 6V1 S 148 20.17 61.32 -8.59
O 6V1 S 148 20.45 60.21 -8.31
CB 6V1 S 148 21.53 62.99 -7.62
SG 6V1 S 148 21.83 63.98 -6.19
C1 6V1 S 148 22.46 65.49 -7.03
C2 6V1 S 148 21.35 66.34 -7.66
N3 6V1 S 148 21.49 67.66 -7.49
C4 6V1 S 148 22.52 67.89 -6.66
C5 6V1 S 148 23.18 66.56 -6.21
C6 6V1 S 148 20.58 68.67 -8.03
O7 6V1 S 148 20.35 65.87 -8.20
O8 6V1 S 148 22.84 69.01 -6.23
C3 6V1 S 148 20.61 68.76 -9.54
N PRO S 149 20.00 61.77 -9.85
CA PRO S 149 20.08 60.93 -11.01
C PRO S 149 21.42 60.27 -11.19
N SER S 150 22.48 60.82 -10.59
CA SER S 150 23.81 60.20 -10.60
C SER S 150 23.83 58.94 -9.71
N ALA S 151 22.77 58.73 -8.92
CA ALA S 151 22.69 57.62 -7.91
C ALA S 151 23.43 57.97 -6.63
N ASN S 152 24.14 59.11 -6.57
CA ASN S 152 24.69 59.59 -5.34
CA ASN S 152 24.66 59.61 -5.34
C ASN S 152 23.54 60.07 -4.43
N TYR S 153 23.81 60.14 -3.15
CA TYR S 153 22.85 60.62 -2.19
C TYR S 153 23.59 61.25 -1.04
N PHE S 154 22.88 62.06 -0.28
CA PHE S 154 23.47 62.96 0.67
C PHE S 154 22.60 62.97 1.90
N ASP S 155 23.22 63.04 3.06
CA ASP S 155 22.55 63.19 4.32
C ASP S 155 22.61 64.63 4.70
N CYS S 156 21.45 65.25 4.95
CA CYS S 156 21.36 66.69 4.99
C CYS S 156 20.80 67.25 6.27
N ARG S 157 21.37 68.37 6.72
CA ARG S 157 20.75 69.16 7.77
C ARG S 157 19.47 69.77 7.21
N ALA S 158 19.56 70.21 5.95
CA ALA S 158 18.45 70.73 5.19
C ALA S 158 18.86 70.73 3.74
N MET S 159 17.89 70.87 2.84
CA MET S 159 18.21 70.91 1.42
C MET S 159 17.07 71.50 0.61
N SER S 160 17.41 72.02 -0.57
CA SER S 160 16.44 72.40 -1.60
C SER S 160 16.93 71.98 -2.96
N ILE S 161 16.00 71.49 -3.77
CA ILE S 161 16.28 71.10 -5.16
C ILE S 161 15.15 71.68 -6.02
N GLY S 162 15.43 71.79 -7.30
CA GLY S 162 14.48 72.27 -8.29
C GLY S 162 14.79 73.71 -8.74
N ALA S 163 13.88 74.32 -9.46
CA ALA S 163 14.16 75.64 -10.12
C ALA S 163 14.27 76.73 -9.08
N ARG S 164 15.39 77.44 -9.17
CA ARG S 164 15.74 78.52 -8.26
C ARG S 164 15.94 78.07 -6.82
N SER S 165 16.20 76.77 -6.62
CA SER S 165 16.57 76.26 -5.29
C SER S 165 17.80 76.87 -4.63
N GLN S 166 18.71 77.44 -5.43
CA GLN S 166 19.88 78.14 -4.89
C GLN S 166 19.44 79.15 -3.81
N SER S 167 18.40 79.90 -4.11
CA SER S 167 17.86 80.88 -3.16
C SER S 167 17.45 80.26 -1.85
N ALA S 168 16.75 79.12 -1.96
CA ALA S 168 16.29 78.40 -0.80
C ALA S 168 17.45 77.87 0.03
N ARG S 169 18.43 77.32 -0.68
CA ARG S 169 19.66 76.88 -0.03
C ARG S 169 20.39 77.96 0.73
N THR S 170 20.46 79.17 0.15
CA THR S 170 21.09 80.28 0.86
C THR S 170 20.33 80.53 2.15
N TYR S 171 18.99 80.60 2.06
CA TYR S 171 18.20 80.93 3.23
C TYR S 171 18.51 79.89 4.30
N LEU S 172 18.51 78.62 3.89
CA LEU S 172 18.70 77.51 4.83
C LEU S 172 20.06 77.60 5.50
N GLU S 173 21.11 77.90 4.74
CA GLU S 173 22.44 78.11 5.35
C GLU S 173 22.45 79.24 6.33
N ARG S 174 21.77 80.30 5.98
CA ARG S 174 21.68 81.48 6.85
C ARG S 174 21.08 81.16 8.21
N HIS S 175 20.04 80.32 8.26
CA HIS S 175 19.32 80.06 9.51
C HIS S 175 19.49 78.67 10.12
N MET S 176 20.34 77.83 9.53
CA MET S 176 20.39 76.41 9.92
C MET S 176 20.79 76.16 11.36
N SER S 177 21.59 77.05 11.93
CA SER S 177 21.95 76.95 13.34
C SER S 177 20.76 77.10 14.30
N GLU S 178 19.63 77.62 13.82
CA GLU S 178 18.39 77.65 14.62
C GLU S 178 17.51 76.38 14.52
N PHE S 179 17.73 75.54 13.52
CA PHE S 179 16.75 74.49 13.20
C PHE S 179 16.63 73.42 14.29
N MET S 180 17.74 73.00 14.89
CA MET S 180 17.76 71.82 15.74
C MET S 180 16.83 72.01 16.98
N GLU S 181 16.79 73.24 17.46
CA GLU S 181 15.99 73.58 18.64
C GLU S 181 14.59 74.04 18.31
N CYS S 182 14.19 74.08 17.05
CA CYS S 182 12.88 74.64 16.70
C CYS S 182 11.74 73.74 17.10
N ASN S 183 10.65 74.35 17.55
CA ASN S 183 9.37 73.63 17.64
C ASN S 183 8.87 73.41 16.23
N LEU S 184 7.78 72.67 16.11
CA LEU S 184 7.35 72.21 14.78
C LEU S 184 6.91 73.38 13.87
N ASN S 185 6.15 74.30 14.45
CA ASN S 185 5.60 75.43 13.67
C ASN S 185 6.69 76.30 13.13
N GLU S 186 7.66 76.61 13.98
CA GLU S 186 8.86 77.33 13.60
C GLU S 186 9.62 76.65 12.49
N LEU S 187 9.80 75.36 12.61
CA LEU S 187 10.54 74.62 11.61
C LEU S 187 9.83 74.67 10.26
N VAL S 188 8.50 74.55 10.24
CA VAL S 188 7.76 74.57 9.00
C VAL S 188 7.80 75.99 8.36
N LYS S 189 7.61 77.02 9.21
CA LYS S 189 7.76 78.43 8.83
C LYS S 189 9.10 78.62 8.15
N HIS S 190 10.19 78.11 8.75
CA HIS S 190 11.52 78.16 8.11
C HIS S 190 11.53 77.49 6.73
N GLY S 191 10.93 76.30 6.61
CA GLY S 191 10.80 75.65 5.33
C GLY S 191 10.07 76.51 4.27
N LEU S 192 8.98 77.15 4.70
CA LEU S 192 8.17 77.97 3.84
C LEU S 192 8.90 79.30 3.41
N ARG S 193 9.59 79.94 4.36
CA ARG S 193 10.45 81.06 4.06
C ARG S 193 11.54 80.70 3.06
N ALA S 194 12.22 79.57 3.26
CA ALA S 194 13.19 79.13 2.24
C ALA S 194 12.54 78.95 0.84
N LEU S 195 11.42 78.25 0.81
CA LEU S 195 10.72 77.96 -0.42
C LEU S 195 10.26 79.26 -1.10
N ARG S 196 9.76 80.18 -0.30
CA ARG S 196 9.26 81.45 -0.84
C ARG S 196 10.38 82.27 -1.53
N GLU S 197 11.61 82.11 -1.10
CA GLU S 197 12.76 82.75 -1.79
C GLU S 197 12.90 82.30 -3.22
N THR S 198 12.41 81.10 -3.56
CA THR S 198 12.51 80.58 -4.92
C THR S 198 11.52 81.20 -5.88
N LEU S 199 10.53 81.93 -5.37
CA LEU S 199 9.49 82.54 -6.20
C LEU S 199 9.88 83.86 -6.87
N PRO S 200 9.38 84.11 -8.10
CA PRO S 200 9.45 85.48 -8.60
C PRO S 200 8.86 86.45 -7.56
N ALA S 201 9.44 87.66 -7.49
CA ALA S 201 9.12 88.68 -6.48
C ALA S 201 7.61 88.97 -6.32
N GLU S 202 6.91 88.85 -7.43
CA GLU S 202 5.47 89.10 -7.56
C GLU S 202 4.59 88.01 -6.98
N GLN S 203 5.10 86.78 -7.00
CA GLN S 203 4.36 85.57 -6.69
C GLN S 203 4.44 85.31 -5.19
N ASP S 204 3.38 84.71 -4.62
CA ASP S 204 3.28 84.37 -3.19
C ASP S 204 2.93 82.89 -2.91
N LEU S 205 3.21 82.43 -1.69
CA LEU S 205 2.76 81.12 -1.22
C LEU S 205 1.26 81.20 -1.01
N THR S 206 0.54 80.23 -1.52
CA THR S 206 -0.90 80.17 -1.31
C THR S 206 -1.24 78.75 -0.95
N THR S 207 -2.48 78.57 -0.52
CA THR S 207 -3.00 77.27 -0.25
C THR S 207 -3.09 76.41 -1.50
N LYS S 208 -3.15 77.02 -2.67
CA LYS S 208 -3.17 76.28 -3.95
C LYS S 208 -1.80 75.75 -4.37
N ASN S 209 -0.73 76.49 -4.10
CA ASN S 209 0.59 76.04 -4.58
C ASN S 209 1.56 75.36 -3.58
N VAL S 210 1.20 75.28 -2.30
CA VAL S 210 2.11 74.80 -1.28
C VAL S 210 1.61 73.42 -0.83
N SER S 211 2.54 72.49 -0.71
CA SER S 211 2.27 71.20 -0.13
C SER S 211 3.30 70.98 0.98
N ILE S 212 2.87 70.33 2.08
CA ILE S 212 3.71 70.12 3.24
C ILE S 212 3.63 68.64 3.68
N GLY S 213 4.79 68.11 4.07
CA GLY S 213 4.93 66.78 4.62
C GLY S 213 5.72 66.79 5.90
N ILE S 214 5.23 66.10 6.92
CA ILE S 214 5.82 66.12 8.25
C ILE S 214 5.86 64.69 8.84
N VAL S 215 7.01 64.36 9.44
CA VAL S 215 7.12 63.14 10.23
C VAL S 215 7.97 63.47 11.43
N GLY S 216 7.67 62.86 12.57
CA GLY S 216 8.54 62.97 13.74
C GLY S 216 8.25 61.96 14.81
N LYS S 217 8.82 62.19 15.99
CA LYS S 217 8.72 61.26 17.15
C LYS S 217 7.26 60.81 17.43
N ASP S 218 6.35 61.77 17.54
CA ASP S 218 4.95 61.46 17.87
C ASP S 218 4.04 61.59 16.66
N LEU S 219 4.58 61.55 15.45
CA LEU S 219 3.78 61.82 14.28
C LEU S 219 4.21 60.96 13.06
N GLU S 220 3.28 60.22 12.53
CA GLU S 220 3.47 59.48 11.29
C GLU S 220 3.51 60.42 10.09
N PHE S 221 4.19 60.02 9.03
CA PHE S 221 4.29 60.85 7.87
C PHE S 221 2.92 61.27 7.37
N THR S 222 2.70 62.58 7.34
CA THR S 222 1.42 63.18 7.02
C THR S 222 1.59 64.28 5.95
N ILE S 223 0.65 64.34 5.02
CA ILE S 223 0.64 65.30 3.93
C ILE S 223 -0.46 66.32 4.15
N TYR S 224 -0.09 67.59 3.97
CA TYR S 224 -1.01 68.73 4.13
C TYR S 224 -1.09 69.48 2.79
N ASP S 225 -2.31 69.50 2.22
CA ASP S 225 -2.60 70.17 0.99
C ASP S 225 -3.83 71.03 1.17
N ASP S 226 -3.91 72.04 0.30
CA ASP S 226 -5.08 72.89 0.13
C ASP S 226 -5.50 73.55 1.41
N ASP S 227 -6.72 73.39 1.89
CA ASP S 227 -7.12 74.06 3.13
C ASP S 227 -6.27 73.67 4.34
N ASP S 228 -5.72 72.45 4.36
CA ASP S 228 -4.86 72.03 5.48
C ASP S 228 -3.50 72.72 5.61
N VAL S 229 -3.05 73.46 4.58
CA VAL S 229 -1.81 74.19 4.74
C VAL S 229 -2.02 75.55 5.38
N SER S 230 -3.25 76.06 5.41
CA SER S 230 -3.56 77.40 5.96
C SER S 230 -3.07 77.67 7.36
N PRO S 231 -3.25 76.75 8.31
CA PRO S 231 -2.61 76.96 9.63
C PRO S 231 -1.12 77.32 9.57
N PHE S 232 -0.37 76.66 8.70
CA PHE S 232 1.05 76.89 8.56
C PHE S 232 1.39 78.20 7.83
N LEU S 233 0.55 78.62 6.90
CA LEU S 233 0.78 79.87 6.17
C LEU S 233 0.44 81.13 6.95
N GLU S 234 -0.46 81.05 7.91
CA GLU S 234 -0.71 82.23 8.75
C GLU S 234 -0.16 82.24 10.20
N GLY S 235 1.14 82.42 10.45
CA GLY S 235 2.23 82.37 9.52
C GLY S 235 2.57 83.78 9.12
N LEU S 236 2.94 83.97 7.86
CA LEU S 236 3.01 85.28 7.20
C LEU S 236 4.14 86.21 7.61
N GLU S 237 5.20 85.70 8.21
CA GLU S 237 6.34 86.56 8.55
C GLU S 237 7.01 87.08 7.25
N GLU S 238 6.58 88.26 6.79
CA GLU S 238 7.14 88.99 5.60
C GLU S 238 6.04 89.53 4.65
N ARG S 239 6.32 90.45 3.71
CA ARG S 239 7.56 91.27 3.56
C ARG S 239 8.87 90.49 3.37
N THR T 6 42.06 61.41 -29.44
CA THR T 6 41.41 60.06 -29.50
C THR T 6 40.21 60.05 -30.47
N GLY T 7 39.83 58.85 -30.94
CA GLY T 7 39.22 58.73 -32.31
C GLY T 7 37.97 57.89 -32.67
N TYR T 8 37.72 56.71 -32.09
CA TYR T 8 38.55 55.63 -31.31
C TYR T 8 38.35 55.51 -29.80
N ASP T 9 37.56 56.39 -29.22
CA ASP T 9 37.48 56.50 -27.78
C ASP T 9 36.02 56.40 -27.28
N LEU T 10 35.12 55.74 -28.00
CA LEU T 10 33.75 55.68 -27.58
C LEU T 10 33.33 54.35 -26.87
N SER T 11 34.14 53.30 -27.01
CA SER T 11 33.81 52.02 -26.46
C SER T 11 35.02 51.36 -25.81
N ALA T 12 34.81 50.73 -24.67
CA ALA T 12 35.83 49.89 -24.06
C ALA T 12 36.16 48.62 -24.89
N SER T 13 35.36 48.26 -25.91
CA SER T 13 35.67 47.19 -26.82
C SER T 13 36.48 47.61 -28.04
N THR T 14 37.04 48.84 -28.05
CA THR T 14 37.79 49.33 -29.21
C THR T 14 39.16 49.79 -28.76
N PHE T 15 40.18 49.21 -29.33
CA PHE T 15 41.55 49.71 -29.13
C PHE T 15 41.75 50.92 -30.07
N SER T 16 42.51 51.91 -29.62
CA SER T 16 43.09 52.92 -30.55
C SER T 16 44.25 52.33 -31.36
N PRO T 17 44.64 52.96 -32.48
CA PRO T 17 45.84 52.48 -33.24
C PRO T 17 47.18 52.41 -32.46
N ASP T 18 47.27 53.09 -31.32
CA ASP T 18 48.44 53.01 -30.43
C ASP T 18 48.22 51.96 -29.32
N GLY T 19 47.10 51.25 -29.34
CA GLY T 19 46.89 50.12 -28.40
C GLY T 19 46.40 50.60 -27.05
N ARG T 20 45.62 51.67 -27.03
CA ARG T 20 45.11 52.23 -25.78
C ARG T 20 43.64 51.98 -25.75
N VAL T 21 43.06 51.96 -24.56
CA VAL T 21 41.62 51.84 -24.37
C VAL T 21 41.24 53.15 -23.73
N PHE T 22 40.85 54.14 -24.55
CA PHE T 22 40.59 55.44 -23.99
C PHE T 22 39.44 55.49 -23.01
N GLN T 23 38.37 54.71 -23.24
CA GLN T 23 37.30 54.73 -22.25
C GLN T 23 37.79 54.39 -20.82
N VAL T 24 38.77 53.51 -20.68
CA VAL T 24 39.36 53.27 -19.37
C VAL T 24 40.14 54.47 -18.86
N GLU T 25 40.91 55.09 -19.74
CA GLU T 25 41.62 56.34 -19.43
C GLU T 25 40.67 57.46 -19.00
N TYR T 26 39.51 57.52 -19.62
CA TYR T 26 38.59 58.61 -19.28
C TYR T 26 37.98 58.38 -17.91
N ALA T 27 37.70 57.11 -17.61
CA ALA T 27 37.28 56.72 -16.27
C ALA T 27 38.33 57.06 -15.23
N MET T 28 39.59 56.78 -15.54
CA MET T 28 40.71 57.24 -14.66
C MET T 28 40.73 58.72 -14.43
N LYS T 29 40.29 59.51 -15.40
CA LYS T 29 40.24 60.94 -15.24
C LYS T 29 39.18 61.31 -14.20
N ALA T 30 38.06 60.59 -14.12
CA ALA T 30 37.06 60.90 -13.06
C ALA T 30 37.64 60.68 -11.63
N VAL T 31 38.50 59.70 -11.49
CA VAL T 31 39.19 59.46 -10.21
C VAL T 31 40.14 60.62 -9.97
N GLU T 32 40.88 60.98 -10.99
CA GLU T 32 41.82 62.09 -10.80
C GLU T 32 41.22 63.50 -10.61
N ASN T 33 39.92 63.67 -10.88
CA ASN T 33 39.15 64.87 -10.47
C ASN T 33 38.61 64.87 -9.04
N SER T 34 38.68 63.74 -8.39
CA SER T 34 38.19 63.60 -7.06
C SER T 34 39.23 64.05 -6.00
N SER T 35 38.77 64.50 -4.85
CA SER T 35 39.67 64.83 -3.74
C SER T 35 40.42 63.60 -3.22
N THR T 36 41.45 63.82 -2.40
CA THR T 36 42.48 62.80 -2.26
C THR T 36 42.19 61.86 -1.11
N ALA T 37 42.47 60.58 -1.31
CA ALA T 37 42.38 59.58 -0.27
C ALA T 37 43.76 58.96 -0.19
N ILE T 38 44.17 58.56 1.02
CA ILE T 38 45.46 57.90 1.21
C ILE T 38 45.34 56.70 2.16
N GLY T 39 46.19 55.71 1.93
CA GLY T 39 46.37 54.69 2.88
C GLY T 39 47.83 54.50 3.20
N ILE T 40 48.09 54.06 4.43
CA ILE T 40 49.43 53.76 4.86
C ILE T 40 49.38 52.50 5.69
N ARG T 41 50.19 51.52 5.27
CA ARG T 41 50.43 50.30 6.03
C ARG T 41 51.61 50.57 6.99
N CYS T 42 51.51 50.10 8.22
CA CYS T 42 52.60 50.25 9.15
C CYS T 42 52.85 48.98 9.93
N LYS T 43 53.56 49.07 11.08
CA LYS T 43 54.09 47.88 11.78
C LYS T 43 52.96 46.94 12.18
N ASP T 44 51.85 47.49 12.66
CA ASP T 44 50.78 46.81 13.32
C ASP T 44 49.37 47.07 12.71
N GLY T 45 49.32 47.54 11.46
CA GLY T 45 48.05 47.83 10.82
C GLY T 45 48.05 48.74 9.61
N VAL T 46 46.87 49.18 9.26
CA VAL T 46 46.64 50.08 8.11
C VAL T 46 45.73 51.22 8.54
N VAL T 47 46.07 52.43 8.08
CA VAL T 47 45.27 53.62 8.35
C VAL T 47 44.86 54.27 7.01
N PHE T 48 43.63 54.78 6.98
CA PHE T 48 43.08 55.47 5.84
C PHE T 48 42.65 56.85 6.23
N GLY T 49 42.82 57.79 5.31
CA GLY T 49 42.40 59.18 5.51
C GLY T 49 41.85 59.69 4.20
N VAL T 50 40.79 60.48 4.28
CA VAL T 50 40.20 61.07 3.07
C VAL T 50 39.93 62.54 3.26
N GLU T 51 40.35 63.32 2.27
CA GLU T 51 40.05 64.73 2.20
C GLU T 51 38.61 64.75 1.72
N LYS T 52 37.66 65.12 2.54
CA LYS T 52 36.31 64.98 2.11
C LYS T 52 35.78 66.39 1.93
N LEU T 53 35.65 66.83 0.68
CA LEU T 53 35.26 68.22 0.40
C LEU T 53 33.83 68.38 0.81
N VAL T 54 33.52 69.49 1.48
CA VAL T 54 32.15 69.76 1.87
C VAL T 54 31.64 70.78 0.84
N LEU T 55 30.69 70.32 0.02
CA LEU T 55 30.22 71.08 -1.11
C LEU T 55 29.09 71.98 -0.69
N SER T 56 28.52 71.73 0.49
CA SER T 56 27.55 72.64 1.08
C SER T 56 27.56 72.53 2.60
N LYS T 57 27.43 73.65 3.26
CA LYS T 57 27.22 73.69 4.71
C LYS T 57 25.88 73.03 5.15
N LEU T 58 24.99 72.76 4.22
CA LEU T 58 23.73 72.08 4.50
C LEU T 58 23.85 70.56 4.76
N TYR T 59 24.94 69.94 4.33
CA TYR T 59 25.22 68.53 4.56
C TYR T 59 25.60 68.24 6.03
N GLU T 60 25.18 67.07 6.55
CA GLU T 60 25.59 66.60 7.89
C GLU T 60 27.04 66.22 7.87
N GLU T 61 27.73 66.38 8.99
CA GLU T 61 28.95 65.56 9.32
C GLU T 61 28.76 64.09 8.98
N GLY T 62 29.72 63.49 8.28
CA GLY T 62 29.58 62.07 7.90
C GLY T 62 28.82 61.81 6.62
N SER T 63 28.14 62.79 6.05
CA SER T 63 27.49 62.54 4.74
C SER T 63 28.52 62.10 3.67
N ASN T 64 28.08 61.31 2.70
CA ASN T 64 28.98 60.82 1.64
C ASN T 64 30.30 60.27 2.18
N LYS T 65 30.24 59.39 3.15
CA LYS T 65 31.42 58.64 3.54
C LYS T 65 32.17 58.11 2.35
N ARG T 66 33.48 58.16 2.40
CA ARG T 66 34.30 57.54 1.39
C ARG T 66 35.13 56.42 1.99
N LEU T 67 34.85 56.08 3.26
CA LEU T 67 35.49 54.95 3.96
C LEU T 67 34.41 53.94 4.31
N PHE T 68 34.58 52.70 3.88
CA PHE T 68 33.53 51.60 4.05
C PHE T 68 34.08 50.38 4.75
N ASN T 69 33.23 49.65 5.49
CA ASN T 69 33.62 48.33 6.03
C ASN T 69 33.10 47.39 4.97
N VAL T 70 33.98 46.61 4.37
CA VAL T 70 33.54 45.60 3.41
C VAL T 70 33.54 44.19 4.06
N ASP T 71 34.33 43.99 5.11
CA ASP T 71 34.15 42.83 5.97
C ASP T 71 34.58 43.28 7.35
N ARG T 72 34.43 42.42 8.35
CA ARG T 72 34.71 42.86 9.72
C ARG T 72 36.19 43.26 9.86
N HIS T 73 37.05 42.61 9.08
CA HIS T 73 38.47 42.87 9.04
C HIS T 73 38.99 43.71 7.86
N VAL T 74 38.11 44.21 6.98
CA VAL T 74 38.54 44.85 5.75
C VAL T 74 37.83 46.17 5.56
N GLY T 75 38.63 47.20 5.44
CA GLY T 75 38.17 48.55 5.18
C GLY T 75 38.44 48.90 3.75
N MET T 76 37.61 49.81 3.24
CA MET T 76 37.73 50.25 1.84
C MET T 76 37.72 51.79 1.78
N ALA T 77 38.66 52.37 1.04
CA ALA T 77 38.72 53.79 0.84
C ALA T 77 38.66 54.10 -0.64
N VAL T 78 37.83 55.07 -1.00
CA VAL T 78 37.54 55.29 -2.40
C VAL T 78 37.83 56.74 -2.90
N ALA T 79 37.99 56.85 -4.21
CA ALA T 79 38.00 58.13 -4.88
C ALA T 79 37.36 57.95 -6.22
N GLY T 80 36.71 58.98 -6.71
CA GLY T 80 36.03 58.82 -7.99
C GLY T 80 34.52 58.85 -7.81
N LEU T 81 33.81 58.36 -8.80
CA LEU T 81 32.37 58.60 -8.86
C LEU T 81 31.74 57.76 -7.71
N LEU T 82 31.07 58.42 -6.80
CA LEU T 82 30.82 57.82 -5.53
C LEU T 82 29.78 56.67 -5.69
N ALA T 83 28.81 56.83 -6.59
CA ALA T 83 27.82 55.78 -6.88
C ALA T 83 28.51 54.49 -7.42
N ASP T 84 29.54 54.65 -8.26
CA ASP T 84 30.28 53.53 -8.74
C ASP T 84 31.07 52.92 -7.54
N ALA T 85 31.69 53.74 -6.70
CA ALA T 85 32.44 53.20 -5.57
C ALA T 85 31.54 52.36 -4.63
N ARG T 86 30.38 52.90 -4.32
CA ARG T 86 29.44 52.25 -3.44
C ARG T 86 28.95 50.90 -3.99
N SER T 87 28.76 50.83 -5.30
CA SER T 87 28.43 49.58 -5.94
C SER T 87 29.60 48.57 -5.79
N LEU T 88 30.83 49.06 -5.88
CA LEU T 88 32.00 48.23 -5.74
C LEU T 88 32.17 47.77 -4.29
N ALA T 89 31.82 48.60 -3.33
CA ALA T 89 31.81 48.23 -1.95
C ALA T 89 30.80 47.09 -1.78
N ASP T 90 29.66 47.16 -2.45
CA ASP T 90 28.72 46.05 -2.44
C ASP T 90 29.24 44.72 -3.04
N ILE T 91 29.93 44.81 -4.17
CA ILE T 91 30.54 43.67 -4.78
C ILE T 91 31.56 43.07 -3.77
N ALA T 92 32.38 43.91 -3.15
CA ALA T 92 33.37 43.44 -2.23
C ALA T 92 32.72 42.76 -1.06
N ARG T 93 31.67 43.34 -0.51
CA ARG T 93 30.95 42.72 0.61
C ARG T 93 30.44 41.37 0.26
N GLU T 94 29.79 41.31 -0.89
CA GLU T 94 29.21 40.07 -1.38
C GLU T 94 30.29 39.01 -1.56
N GLU T 95 31.46 39.42 -2.04
CA GLU T 95 32.53 38.49 -2.27
C GLU T 95 33.12 37.95 -0.97
N ALA T 96 33.21 38.80 0.03
CA ALA T 96 33.71 38.37 1.35
C ALA T 96 32.73 37.48 2.05
N SER T 97 31.46 37.84 1.98
CA SER T 97 30.37 37.01 2.51
C SER T 97 30.35 35.61 1.89
N ASN T 98 30.35 35.54 0.58
CA ASN T 98 30.34 34.24 -0.13
C ASN T 98 31.54 33.35 0.17
N PHE T 99 32.67 33.96 0.37
CA PHE T 99 33.89 33.29 0.62
C PHE T 99 33.76 32.60 2.00
N ARG T 100 33.23 33.34 2.98
CA ARG T 100 33.04 32.78 4.29
C ARG T 100 32.08 31.57 4.25
N SER T 101 30.98 31.71 3.51
CA SER T 101 30.06 30.66 3.31
C SER T 101 30.63 29.39 2.64
N ASN T 102 31.45 29.57 1.61
CA ASN T 102 31.94 28.46 0.85
C ASN T 102 33.15 27.78 1.50
N PHE T 103 34.07 28.55 2.05
CA PHE T 103 35.38 28.13 2.52
C PHE T 103 35.56 28.12 4.03
N GLY T 104 34.68 28.79 4.76
CA GLY T 104 34.56 28.71 6.23
C GLY T 104 35.52 29.59 7.00
N TYR T 105 36.14 30.55 6.37
CA TYR T 105 37.00 31.48 7.11
C TYR T 105 37.00 32.86 6.46
N ASN T 106 37.57 33.84 7.16
CA ASN T 106 37.64 35.19 6.67
C ASN T 106 38.47 35.26 5.41
N ILE T 107 37.98 35.98 4.41
CA ILE T 107 38.68 36.06 3.13
C ILE T 107 40.01 36.74 3.36
N PRO T 108 41.08 36.21 2.78
CA PRO T 108 42.38 36.90 2.81
C PRO T 108 42.31 38.13 1.92
N LEU T 109 43.02 39.16 2.31
CA LEU T 109 42.88 40.46 1.69
C LEU T 109 43.28 40.44 0.22
N LYS T 110 44.43 39.85 -0.05
CA LYS T 110 44.88 39.67 -1.42
C LYS T 110 43.86 38.95 -2.31
N HIS T 111 43.25 37.88 -1.81
CA HIS T 111 42.26 37.17 -2.60
C HIS T 111 41.00 38.05 -2.80
N LEU T 112 40.58 38.80 -1.78
CA LEU T 112 39.45 39.74 -2.01
C LEU T 112 39.82 40.81 -3.09
N ALA T 113 41.01 41.40 -2.95
CA ALA T 113 41.48 42.43 -3.88
C ALA T 113 41.45 41.87 -5.28
N ASP T 114 42.02 40.70 -5.48
CA ASP T 114 42.08 40.11 -6.81
C ASP T 114 40.68 39.79 -7.38
N ARG T 115 39.77 39.33 -6.53
CA ARG T 115 38.46 39.00 -7.02
C ARG T 115 37.71 40.26 -7.45
N VAL T 116 37.72 41.29 -6.63
CA VAL T 116 37.00 42.50 -6.97
C VAL T 116 37.71 43.14 -8.21
N ALA T 117 39.03 43.03 -8.28
CA ALA T 117 39.78 43.62 -9.47
C ALA T 117 39.35 42.96 -10.77
N MET T 118 39.11 41.65 -10.74
CA MET T 118 38.65 40.98 -11.92
C MET T 118 37.23 41.40 -12.30
N TYR T 119 36.45 41.76 -11.30
CA TYR T 119 35.14 42.30 -11.58
C TYR T 119 35.25 43.69 -12.28
N VAL T 120 36.11 44.58 -11.73
CA VAL T 120 36.42 45.85 -12.35
C VAL T 120 36.92 45.61 -13.77
N HIS T 121 37.81 44.64 -13.92
CA HIS T 121 38.37 44.29 -15.24
C HIS T 121 37.35 43.87 -16.25
N ALA T 122 36.33 43.12 -15.82
CA ALA T 122 35.29 42.72 -16.70
C ALA T 122 34.53 43.89 -17.30
N TYR T 123 34.55 45.08 -16.68
CA TYR T 123 33.85 46.24 -17.24
C TYR T 123 34.74 47.11 -18.20
N THR T 124 35.88 46.59 -18.65
CA THR T 124 36.81 47.28 -19.54
C THR T 124 36.99 46.60 -20.91
N LEU T 125 36.11 45.65 -21.22
CA LEU T 125 36.19 44.80 -22.45
C LEU T 125 35.06 45.00 -23.47
N TYR T 126 33.99 45.69 -23.08
CA TYR T 126 32.72 45.58 -23.84
C TYR T 126 32.10 46.89 -24.21
N SER T 127 31.47 46.97 -25.37
CA SER T 127 30.59 48.11 -25.63
C SER T 127 29.37 48.09 -24.76
N ALA T 128 28.97 46.91 -24.23
CA ALA T 128 27.73 46.81 -23.47
C ALA T 128 27.75 47.54 -22.10
N VAL T 129 28.91 47.76 -21.52
CA VAL T 129 29.00 48.41 -20.24
C VAL T 129 30.19 49.40 -20.25
N ARG T 130 30.26 50.28 -19.25
CA ARG T 130 31.34 51.20 -19.11
C ARG T 130 32.19 50.91 -17.95
N PRO T 131 33.47 51.33 -18.01
CA PRO T 131 34.34 51.10 -16.84
C PRO T 131 33.89 51.87 -15.65
N PHE T 132 34.17 51.33 -14.48
CA PHE T 132 33.92 52.02 -13.21
C PHE T 132 34.76 53.29 -13.14
N GLY T 133 34.20 54.38 -12.64
CA GLY T 133 34.96 55.63 -12.44
C GLY T 133 35.49 55.80 -11.04
N CYS T 134 36.19 54.79 -10.56
CA CYS T 134 36.69 54.83 -9.20
CA CYS T 134 36.59 54.68 -9.16
C CYS T 134 37.92 53.96 -9.03
N SER T 135 38.75 54.41 -8.11
CA SER T 135 39.87 53.63 -7.61
C SER T 135 39.56 53.44 -6.14
N PHE T 136 40.07 52.34 -5.60
CA PHE T 136 39.85 52.11 -4.20
C PHE T 136 41.01 51.33 -3.57
N MET T 137 41.12 51.53 -2.28
CA MET T 137 42.10 50.86 -1.47
C MET T 137 41.37 49.88 -0.53
N LEU T 138 41.98 48.72 -0.31
CA LEU T 138 41.48 47.74 0.69
C LEU T 138 42.56 47.53 1.74
N GLY T 139 42.19 47.60 3.02
CA GLY T 139 43.14 47.43 4.08
C GLY T 139 42.67 46.40 5.10
N SER T 140 43.59 45.58 5.57
CA SER T 140 43.29 44.69 6.69
C SER T 140 44.51 44.36 7.54
N TYR T 141 44.23 43.70 8.66
CA TYR T 141 45.25 43.23 9.52
C TYR T 141 44.78 41.98 10.22
N SER T 142 45.66 41.00 10.35
CA SER T 142 45.40 39.83 11.22
C SER T 142 46.75 39.42 11.79
N VAL T 143 46.71 38.67 12.89
CA VAL T 143 47.96 38.17 13.48
C VAL T 143 48.64 37.30 12.44
N ASN T 144 47.91 36.44 11.76
CA ASN T 144 48.50 35.54 10.76
C ASN T 144 49.05 36.16 9.48
N ASP T 145 48.31 37.09 8.87
CA ASP T 145 48.73 37.70 7.59
C ASP T 145 49.42 39.03 7.75
N GLY T 146 49.47 39.58 8.96
CA GLY T 146 49.97 40.95 9.15
C GLY T 146 49.13 42.05 8.49
N ALA T 147 49.73 43.20 8.33
CA ALA T 147 49.07 44.37 7.77
C ALA T 147 49.10 44.23 6.25
N GLN T 148 47.99 44.51 5.58
CA GLN T 148 47.94 44.53 4.10
C GLN T 148 47.07 45.64 3.52
N LEU T 149 47.58 46.27 2.46
CA LEU T 149 47.01 47.45 1.81
C LEU T 149 47.12 47.22 0.32
N TYR T 150 45.97 47.16 -0.36
CA TYR T 150 45.93 46.97 -1.81
C TYR T 150 45.25 48.14 -2.44
N MET T 151 45.55 48.39 -3.70
CA MET T 151 44.86 49.44 -4.42
C MET T 151 44.51 48.88 -5.79
N ILE T 152 43.28 49.19 -6.18
CA ILE T 152 42.74 48.78 -7.44
C ILE T 152 42.23 50.04 -8.20
N ASP T 153 42.50 50.08 -9.51
CA ASP T 153 42.12 51.23 -10.38
C ASP T 153 41.11 50.79 -11.41
N PRO T 154 40.56 51.75 -12.20
CA PRO T 154 39.52 51.41 -13.12
C PRO T 154 39.89 50.41 -14.19
N SER T 155 41.18 50.21 -14.49
CA SER T 155 41.50 49.15 -15.45
C SER T 155 41.40 47.76 -14.84
N GLY T 156 41.32 47.68 -13.52
CA GLY T 156 41.35 46.35 -12.82
C GLY T 156 42.71 45.88 -12.34
N VAL T 157 43.73 46.74 -12.42
CA VAL T 157 45.07 46.43 -11.89
C VAL T 157 45.00 46.54 -10.37
N SER T 158 45.71 45.64 -9.73
CA SER T 158 45.69 45.44 -8.28
C SER T 158 47.13 45.13 -7.78
N TYR T 159 47.62 45.96 -6.87
CA TYR T 159 48.93 45.77 -6.29
C TYR T 159 48.80 46.05 -4.81
N GLY T 160 49.76 45.48 -4.07
CA GLY T 160 49.96 45.78 -2.65
C GLY T 160 50.99 46.89 -2.40
N TYR T 161 50.78 47.65 -1.33
CA TYR T 161 51.45 48.89 -1.07
C TYR T 161 51.86 49.05 0.39
N TRP T 162 52.95 49.76 0.57
CA TRP T 162 53.27 50.39 1.85
C TRP T 162 52.52 51.67 2.09
N GLY T 163 52.33 52.44 1.03
CA GLY T 163 51.60 53.66 1.12
C GLY T 163 51.01 53.92 -0.23
N CYS T 164 49.89 54.64 -0.26
CA CYS T 164 49.16 54.79 -1.48
C CYS T 164 48.32 56.04 -1.39
N ALA T 165 48.08 56.63 -2.55
CA ALA T 165 47.20 57.76 -2.62
C ALA T 165 46.48 57.73 -3.96
N ILE T 166 45.26 58.19 -3.93
CA ILE T 166 44.43 58.28 -5.13
C ILE T 166 43.65 59.58 -5.11
N GLY T 167 43.26 59.98 -6.31
CA GLY T 167 42.59 61.25 -6.46
C GLY T 167 43.57 62.30 -6.96
N LYS T 168 43.15 63.53 -6.83
CA LYS T 168 43.77 64.67 -7.56
C LYS T 168 45.09 65.16 -7.04
N ALA T 169 45.41 64.97 -5.76
CA ALA T 169 46.75 65.34 -5.27
C ALA T 169 47.58 64.11 -4.96
N ARG T 170 47.38 63.08 -5.78
CA ARG T 170 48.01 61.79 -5.64
C ARG T 170 49.53 61.89 -5.50
N GLN T 171 50.14 62.59 -6.47
CA GLN T 171 51.60 62.77 -6.52
C GLN T 171 52.17 63.56 -5.36
N ALA T 172 51.58 64.71 -5.06
CA ALA T 172 51.95 65.43 -3.86
C ALA T 172 51.84 64.55 -2.60
N ALA T 173 50.76 63.79 -2.50
CA ALA T 173 50.58 62.93 -1.35
C ALA T 173 51.70 61.89 -1.24
N LYS T 174 52.00 61.21 -2.35
CA LYS T 174 53.00 60.16 -2.38
C LYS T 174 54.33 60.69 -1.90
N THR T 175 54.71 61.86 -2.40
CA THR T 175 56.00 62.41 -2.01
C THR T 175 56.05 62.66 -0.49
N GLU T 176 54.98 63.11 0.15
CA GLU T 176 54.98 63.20 1.62
C GLU T 176 55.05 61.81 2.29
N ILE T 177 54.30 60.84 1.75
CA ILE T 177 54.23 59.49 2.32
C ILE T 177 55.61 58.84 2.31
N GLU T 178 56.36 59.06 1.23
CA GLU T 178 57.75 58.59 1.11
C GLU T 178 58.72 59.06 2.19
N LYS T 179 58.43 60.19 2.82
CA LYS T 179 59.25 60.68 3.92
C LYS T 179 59.13 59.90 5.18
N LEU T 180 58.08 59.08 5.33
CA LEU T 180 57.83 58.32 6.53
C LEU T 180 58.52 56.96 6.50
N GLN T 181 58.99 56.52 7.66
CA GLN T 181 59.50 55.18 7.82
C GLN T 181 58.36 54.36 8.44
N MET T 182 57.36 54.08 7.61
CA MET T 182 56.10 53.50 8.10
C MET T 182 56.21 52.06 8.63
N LYS T 183 57.16 51.28 8.12
CA LYS T 183 57.47 49.88 8.57
C LYS T 183 57.75 49.76 10.04
N GLU T 184 58.23 50.84 10.63
CA GLU T 184 58.56 50.88 12.04
C GLU T 184 57.57 51.68 12.89
N MET T 185 56.50 52.20 12.31
CA MET T 185 55.56 53.04 13.07
C MET T 185 54.29 52.27 13.42
N THR T 186 53.61 52.69 14.48
CA THR T 186 52.33 52.14 14.85
C THR T 186 51.17 52.94 14.19
N CYS T 187 50.00 52.34 14.13
CA CYS T 187 48.80 53.03 13.73
C CYS T 187 48.56 54.32 14.52
N ARG T 188 48.82 54.34 15.84
CA ARG T 188 48.54 55.52 16.69
C ARG T 188 49.41 56.68 16.29
N ASP T 189 50.65 56.42 15.86
CA ASP T 189 51.56 57.40 15.25
C ASP T 189 51.12 57.83 13.82
N ILE T 190 50.70 56.83 13.02
CA ILE T 190 50.44 57.03 11.61
C ILE T 190 49.19 57.87 11.37
N VAL T 191 48.15 57.74 12.19
CA VAL T 191 46.96 58.62 12.00
C VAL T 191 47.32 60.09 11.93
N LYS T 192 48.23 60.50 12.80
CA LYS T 192 48.64 61.87 12.84
C LYS T 192 49.22 62.24 11.49
N GLU T 193 50.07 61.36 10.95
CA GLU T 193 50.81 61.61 9.74
C GLU T 193 49.92 61.59 8.51
N VAL T 194 48.85 60.77 8.58
CA VAL T 194 47.82 60.78 7.57
C VAL T 194 47.10 62.14 7.58
N ALA T 195 46.67 62.60 8.74
CA ALA T 195 46.04 63.92 8.82
C ALA T 195 46.95 65.00 8.32
N LYS T 196 48.20 64.94 8.76
CA LYS T 196 49.22 65.91 8.33
C LYS T 196 49.30 65.99 6.80
N ILE T 197 49.47 64.84 6.16
CA ILE T 197 49.57 64.77 4.69
C ILE T 197 48.32 65.28 3.95
N ILE T 198 47.15 64.98 4.45
CA ILE T 198 45.91 65.52 3.83
C ILE T 198 45.92 67.04 3.92
N TYR T 199 46.28 67.59 5.06
CA TYR T 199 46.39 69.07 5.20
C TYR T 199 47.43 69.68 4.27
N ILE T 200 48.52 68.97 4.01
CA ILE T 200 49.56 69.51 3.12
C ILE T 200 49.03 69.59 1.69
N VAL T 201 48.41 68.53 1.21
CA VAL T 201 47.99 68.46 -0.19
C VAL T 201 46.66 69.14 -0.48
N HIS T 202 45.87 69.42 0.55
CA HIS T 202 44.67 70.21 0.42
C HIS T 202 45.03 71.59 -0.10
N ASP T 203 44.37 71.95 -1.18
CA ASP T 203 44.51 73.23 -1.81
C ASP T 203 43.47 74.17 -1.18
N GLU T 204 43.83 74.87 -0.10
CA GLU T 204 42.86 75.72 0.67
C GLU T 204 42.35 76.94 -0.12
N VAL T 205 43.17 77.45 -1.04
CA VAL T 205 42.72 78.48 -1.95
C VAL T 205 41.56 77.91 -2.84
N LYS T 206 41.81 76.84 -3.58
CA LYS T 206 40.85 76.27 -4.55
C LYS T 206 40.18 75.10 -3.88
N ASP T 207 38.97 75.32 -3.35
CA ASP T 207 38.20 74.40 -2.43
C ASP T 207 38.44 74.69 -0.92
N LYS T 208 37.74 75.69 -0.41
CA LYS T 208 37.66 75.88 1.04
C LYS T 208 36.65 74.88 1.62
N ALA T 209 36.96 74.40 2.82
CA ALA T 209 36.14 73.48 3.63
C ALA T 209 36.19 72.03 3.21
N PHE T 210 36.75 71.27 4.15
CA PHE T 210 36.76 69.83 4.06
C PHE T 210 36.67 69.18 5.44
N GLU T 211 36.18 67.95 5.47
CA GLU T 211 36.18 67.13 6.66
C GLU T 211 37.28 66.13 6.45
N LEU T 212 38.04 65.88 7.51
CA LEU T 212 38.91 64.75 7.49
C LEU T 212 38.11 63.47 7.91
N GLU T 213 38.21 62.44 7.09
CA GLU T 213 37.64 61.14 7.45
C GLU T 213 38.79 60.19 7.71
N LEU T 214 38.80 59.53 8.86
CA LEU T 214 39.88 58.57 9.23
C LEU T 214 39.37 57.20 9.76
N SER T 215 40.01 56.12 9.32
CA SER T 215 39.66 54.77 9.72
C SER T 215 40.94 53.96 9.82
N TRP T 216 40.83 52.87 10.58
CA TRP T 216 41.97 52.00 10.74
C TRP T 216 41.63 50.59 11.06
N VAL T 217 42.61 49.73 10.83
CA VAL T 217 42.47 48.34 11.15
C VAL T 217 43.84 47.87 11.54
N GLY T 218 43.97 47.31 12.76
CA GLY T 218 45.26 46.80 13.25
C GLY T 218 45.23 46.06 14.56
N GLU T 219 46.40 45.73 15.10
CA GLU T 219 46.45 45.10 16.42
C GLU T 219 45.55 45.84 17.40
N LEU T 220 45.61 47.15 17.39
CA LEU T 220 44.89 47.97 18.35
C LEU T 220 43.37 47.92 18.19
N THR T 221 42.85 47.46 17.07
CA THR T 221 41.43 47.24 16.95
C THR T 221 41.05 45.75 16.93
N ASN T 222 42.03 44.91 17.28
CA ASN T 222 41.91 43.47 17.17
C ASN T 222 41.52 42.96 15.79
N GLY T 223 42.14 43.52 14.76
CA GLY T 223 41.82 43.11 13.40
C GLY T 223 40.46 43.53 12.86
N ARG T 224 39.75 44.43 13.53
CA ARG T 224 38.49 44.95 13.05
C ARG T 224 38.73 46.32 12.39
N HIS T 225 38.10 46.53 11.23
CA HIS T 225 38.19 47.85 10.56
C HIS T 225 37.13 48.71 11.19
N GLU T 226 37.52 49.86 11.69
CA GLU T 226 36.74 50.78 12.52
C GLU T 226 37.10 52.26 12.15
N ILE T 227 36.14 53.17 12.35
CA ILE T 227 36.39 54.57 12.31
C ILE T 227 37.42 54.92 13.40
N VAL T 228 38.31 55.86 13.16
CA VAL T 228 39.19 56.34 14.20
C VAL T 228 38.30 57.07 15.20
N PRO T 229 38.47 56.83 16.50
CA PRO T 229 37.64 57.55 17.47
C PRO T 229 37.76 59.06 17.38
N LYS T 230 36.68 59.76 17.72
CA LYS T 230 36.58 61.21 17.57
C LYS T 230 37.71 61.95 18.27
N ASP T 231 38.01 61.62 19.52
CA ASP T 231 39.09 62.32 20.25
C ASP T 231 40.46 62.16 19.56
N ILE T 232 40.78 60.96 19.12
CA ILE T 232 42.01 60.75 18.37
C ILE T 232 42.01 61.53 17.01
N ARG T 233 40.89 61.57 16.29
CA ARG T 233 40.85 62.33 15.02
C ARG T 233 41.11 63.81 15.29
N GLU T 234 40.53 64.34 16.36
CA GLU T 234 40.65 65.76 16.64
C GLU T 234 42.08 66.16 17.00
N GLU T 235 42.73 65.28 17.77
CA GLU T 235 44.16 65.43 18.06
C GLU T 235 44.98 65.37 16.78
N ALA T 236 44.67 64.42 15.88
CA ALA T 236 45.42 64.33 14.63
C ALA T 236 45.20 65.56 13.74
N GLU T 237 43.98 66.09 13.73
CA GLU T 237 43.71 67.35 13.01
C GLU T 237 44.50 68.51 13.58
N LYS T 238 44.44 68.66 14.89
CA LYS T 238 45.14 69.70 15.57
C LYS T 238 46.64 69.61 15.28
N TYR T 239 47.23 68.41 15.39
CA TYR T 239 48.62 68.17 14.99
C TYR T 239 48.92 68.58 13.55
N ALA T 240 48.05 68.19 12.63
CA ALA T 240 48.21 68.54 11.20
C ALA T 240 48.17 70.03 10.93
N LYS T 241 47.25 70.71 11.61
CA LYS T 241 46.97 72.12 11.43
C LYS T 241 48.17 72.95 11.96
N GLU T 242 48.58 72.68 13.18
CA GLU T 242 49.69 73.41 13.80
C GLU T 242 51.01 73.07 13.06
N SER T 243 51.12 71.86 12.51
CA SER T 243 52.27 71.49 11.67
C SER T 243 52.34 72.26 10.36
N LEU T 244 51.18 72.67 9.85
CA LEU T 244 51.07 73.55 8.68
C LEU T 244 51.46 74.99 9.01
N LYS T 245 50.96 75.51 10.14
CA LYS T 245 51.19 76.90 10.62
C LYS T 245 52.57 77.08 11.27
N SER U 2 43.99 48.61 -51.27
CA SER U 2 45.04 47.82 -50.54
C SER U 2 46.34 48.62 -50.29
N ARG U 3 47.21 48.06 -49.43
CA ARG U 3 48.32 48.72 -48.68
C ARG U 3 47.77 49.80 -47.74
N GLY U 4 47.37 49.40 -46.55
CA GLY U 4 46.77 50.30 -45.59
C GLY U 4 45.42 50.91 -45.97
N SER U 5 44.65 50.28 -46.86
CA SER U 5 43.23 50.67 -47.04
C SER U 5 42.27 50.29 -45.85
N SER U 6 41.16 51.02 -45.78
CA SER U 6 40.15 50.89 -44.73
C SER U 6 38.75 51.25 -45.29
N ALA U 7 37.74 50.47 -44.89
CA ALA U 7 36.33 50.70 -45.21
C ALA U 7 35.50 50.55 -43.94
N GLY U 8 34.50 51.41 -43.79
CA GLY U 8 33.47 51.21 -42.81
C GLY U 8 34.07 51.16 -41.44
N PHE U 9 33.67 50.16 -40.67
CA PHE U 9 34.11 50.07 -39.28
C PHE U 9 35.30 49.14 -39.01
N ASP U 10 36.08 48.83 -40.04
CA ASP U 10 37.22 47.90 -39.93
C ASP U 10 38.39 48.32 -39.06
N ARG U 11 38.42 49.59 -38.59
CA ARG U 11 39.38 50.01 -37.55
C ARG U 11 38.82 50.06 -36.14
N HIS U 12 37.52 49.86 -36.01
CA HIS U 12 36.83 49.89 -34.72
C HIS U 12 36.45 48.53 -34.11
N ILE U 13 36.09 47.59 -34.96
CA ILE U 13 35.75 46.22 -34.56
C ILE U 13 36.46 45.23 -35.44
N THR U 14 36.42 43.96 -35.06
CA THR U 14 37.11 42.89 -35.74
C THR U 14 36.37 42.41 -36.94
N ILE U 15 36.26 43.25 -37.97
CA ILE U 15 35.79 42.81 -39.29
C ILE U 15 37.01 43.02 -40.22
N PHE U 16 36.99 42.36 -41.38
CA PHE U 16 38.08 42.37 -42.30
C PHE U 16 38.19 43.72 -43.01
N SER U 17 39.41 44.22 -43.10
CA SER U 17 39.74 45.35 -43.96
C SER U 17 39.85 44.89 -45.44
N PRO U 18 39.95 45.85 -46.40
CA PRO U 18 40.03 45.40 -47.84
C PRO U 18 41.25 44.56 -48.30
N GLU U 19 42.34 44.65 -47.54
CA GLU U 19 43.45 43.69 -47.66
C GLU U 19 43.24 42.34 -46.89
N GLY U 20 42.17 42.22 -46.10
CA GLY U 20 42.00 41.01 -45.26
C GLY U 20 42.68 41.00 -43.91
N ARG U 21 42.97 42.17 -43.39
CA ARG U 21 43.55 42.38 -42.09
C ARG U 21 42.48 42.63 -41.04
N LEU U 22 42.88 42.40 -39.78
CA LEU U 22 42.08 42.76 -38.64
C LEU U 22 42.83 43.83 -37.86
N TYR U 23 42.54 45.10 -38.13
CA TYR U 23 43.23 46.15 -37.46
C TYR U 23 43.15 46.14 -35.97
N GLN U 24 41.98 45.76 -35.40
CA GLN U 24 41.82 45.73 -33.96
C GLN U 24 42.81 44.76 -33.35
N VAL U 25 43.05 43.67 -34.04
CA VAL U 25 43.98 42.63 -33.55
C VAL U 25 45.40 43.21 -33.61
N GLU U 26 45.70 43.86 -34.70
CA GLU U 26 47.02 44.55 -34.86
C GLU U 26 47.25 45.62 -33.78
N TYR U 27 46.19 46.33 -33.40
CA TYR U 27 46.27 47.26 -32.30
C TYR U 27 46.45 46.63 -30.91
N ALA U 28 45.94 45.40 -30.73
CA ALA U 28 46.10 44.69 -29.48
C ALA U 28 47.55 44.31 -29.28
N PHE U 29 48.28 44.05 -30.37
CA PHE U 29 49.74 43.83 -30.27
C PHE U 29 50.48 45.08 -29.79
N LYS U 30 50.07 46.25 -30.27
CA LYS U 30 50.57 47.51 -29.76
C LYS U 30 50.27 47.72 -28.28
N ALA U 31 49.08 47.31 -27.82
CA ALA U 31 48.75 47.40 -26.39
C ALA U 31 49.77 46.62 -25.55
N ILE U 32 50.35 45.53 -26.09
CA ILE U 32 51.33 44.70 -25.34
C ILE U 32 52.54 45.53 -24.91
N ASN U 33 52.93 46.45 -25.77
CA ASN U 33 54.06 47.33 -25.52
C ASN U 33 53.77 48.54 -24.62
N GLN U 34 52.49 48.82 -24.35
CA GLN U 34 52.16 49.97 -23.48
C GLN U 34 52.86 49.88 -22.13
N GLY U 35 52.88 48.69 -21.57
CA GLY U 35 53.61 48.37 -20.33
C GLY U 35 55.09 48.67 -20.27
N GLY U 36 55.75 48.76 -21.43
CA GLY U 36 57.18 49.10 -21.47
C GLY U 36 58.13 47.99 -21.02
N LEU U 37 57.66 46.75 -20.93
CA LEU U 37 58.47 45.66 -20.42
C LEU U 37 58.79 44.66 -21.53
N THR U 38 59.86 43.90 -21.28
CA THR U 38 60.28 42.79 -22.15
C THR U 38 60.48 41.49 -21.32
N SER U 39 60.02 40.36 -21.89
CA SER U 39 60.20 39.03 -21.30
C SER U 39 60.93 38.08 -22.27
N VAL U 40 61.69 37.14 -21.69
CA VAL U 40 62.43 36.14 -22.44
C VAL U 40 62.24 34.76 -21.84
N ALA U 41 62.23 33.74 -22.70
CA ALA U 41 62.14 32.38 -22.24
C ALA U 41 63.02 31.48 -23.06
N VAL U 42 63.71 30.55 -22.39
CA VAL U 42 64.51 29.56 -23.13
C VAL U 42 64.35 28.14 -22.54
N ARG U 43 64.47 27.15 -23.43
CA ARG U 43 64.41 25.74 -23.04
C ARG U 43 65.75 25.05 -23.43
N GLY U 44 66.24 24.17 -22.56
CA GLY U 44 67.27 23.21 -22.91
C GLY U 44 66.73 21.82 -22.80
N LYS U 45 67.65 20.86 -22.85
CA LYS U 45 67.30 19.47 -22.57
C LYS U 45 66.83 19.28 -21.13
N ASP U 46 67.40 20.02 -20.19
CA ASP U 46 67.16 19.79 -18.75
C ASP U 46 66.16 20.70 -18.09
N 6V1 U 47 66.01 21.91 -18.61
CA 6V1 U 47 65.17 22.90 -17.96
C 6V1 U 47 64.58 23.89 -18.93
O 6V1 U 47 64.95 23.95 -20.10
CB 6V1 U 47 65.92 23.59 -16.80
SG 6V1 U 47 67.42 24.36 -17.28
C1 6V1 U 47 68.38 25.21 -16.02
C2 6V1 U 47 68.77 24.47 -14.76
N3 6V1 U 47 68.67 25.26 -13.67
C4 6V1 U 47 68.11 26.44 -13.99
C5 6V1 U 47 67.71 26.47 -15.46
C6 6V1 U 47 69.16 24.93 -12.34
O7 6V1 U 47 69.18 23.33 -14.75
O8 6V1 U 47 67.94 27.37 -13.20
C3 6V1 U 47 68.02 24.68 -11.37
N ALA U 48 63.62 24.63 -18.42
CA ALA U 48 63.05 25.78 -19.11
C ALA U 48 63.03 26.91 -18.12
N VAL U 49 63.29 28.12 -18.62
CA VAL U 49 63.45 29.32 -17.80
C VAL U 49 62.64 30.47 -18.39
N ILE U 50 62.11 31.29 -17.50
CA ILE U 50 61.42 32.52 -17.89
C ILE U 50 62.10 33.61 -17.10
N VAL U 51 62.44 34.70 -17.80
CA VAL U 51 62.99 35.91 -17.18
C VAL U 51 62.24 37.13 -17.67
N THR U 52 61.98 38.07 -16.77
CA THR U 52 61.32 39.29 -17.16
C THR U 52 61.89 40.43 -16.33
N GLN U 53 61.67 41.63 -16.81
CA GLN U 53 62.05 42.82 -16.10
C GLN U 53 61.14 43.02 -14.92
N LYS U 54 61.67 43.53 -13.84
CA LYS U 54 60.87 43.89 -12.71
C LYS U 54 61.16 45.34 -12.45
N LYS U 55 60.21 46.21 -12.70
CA LYS U 55 60.38 47.64 -12.49
C LYS U 55 59.53 48.07 -11.29
N VAL U 56 60.19 48.45 -10.19
CA VAL U 56 59.55 48.97 -8.97
C VAL U 56 60.09 50.41 -8.77
N PRO U 57 59.62 51.38 -9.59
CA PRO U 57 60.07 52.77 -9.47
C PRO U 57 59.73 53.37 -8.12
N ASP U 58 58.50 53.10 -7.68
CA ASP U 58 57.94 53.65 -6.46
C ASP U 58 58.67 53.17 -5.16
N LYS U 59 58.34 52.01 -4.61
CA LYS U 59 58.87 51.57 -3.28
C LYS U 59 57.95 51.96 -2.11
N LEU U 60 56.96 52.81 -2.35
CA LEU U 60 55.75 52.72 -1.57
C LEU U 60 54.97 51.48 -1.99
N LEU U 61 55.38 50.83 -3.07
CA LEU U 61 54.90 49.53 -3.47
C LEU U 61 55.41 48.47 -2.56
N ASP U 62 54.53 47.47 -2.27
CA ASP U 62 54.97 46.22 -1.68
C ASP U 62 55.53 45.41 -2.86
N SER U 63 56.85 45.39 -2.99
CA SER U 63 57.47 44.84 -4.20
C SER U 63 57.27 43.34 -4.37
N SER U 64 56.96 42.65 -3.28
CA SER U 64 56.62 41.22 -3.38
C SER U 64 55.31 41.00 -4.17
N THR U 65 54.44 42.01 -4.28
CA THR U 65 53.24 41.87 -5.08
C THR U 65 53.43 42.31 -6.54
N VAL U 66 54.62 42.78 -6.89
CA VAL U 66 54.91 43.20 -8.25
C VAL U 66 55.60 42.03 -8.92
N THR U 67 54.86 41.32 -9.73
CA THR U 67 55.41 40.24 -10.45
C THR U 67 54.64 40.08 -11.73
N HIS U 68 55.31 39.55 -12.72
CA HIS U 68 54.65 39.05 -13.90
C HIS U 68 54.78 37.54 -14.06
N LEU U 69 55.23 36.85 -13.01
CA LEU U 69 55.42 35.40 -13.03
C LEU U 69 54.25 34.81 -12.29
N PHE U 70 53.64 33.78 -12.86
CA PHE U 70 52.49 33.17 -12.17
C PHE U 70 52.54 31.67 -12.24
N LYS U 71 52.19 31.04 -11.12
CA LYS U 71 51.99 29.59 -11.09
C LYS U 71 50.59 29.28 -11.67
N ILE U 72 50.52 28.42 -12.67
CA ILE U 72 49.25 27.98 -13.22
C ILE U 72 48.77 26.69 -12.56
N THR U 73 49.65 25.71 -12.50
CA THR U 73 49.50 24.49 -11.67
C THR U 73 50.84 24.39 -10.95
N GLU U 74 51.02 23.37 -10.13
CA GLU U 74 52.32 23.19 -9.47
C GLU U 74 53.49 23.00 -10.46
N ASN U 75 53.21 22.38 -11.60
CA ASN U 75 54.19 22.07 -12.62
C ASN U 75 54.16 22.97 -13.88
N ILE U 76 53.29 23.98 -13.93
CA ILE U 76 53.27 24.91 -15.09
C ILE U 76 53.38 26.32 -14.56
N GLY U 77 54.42 27.00 -15.05
CA GLY U 77 54.64 28.41 -14.76
C GLY U 77 54.38 29.29 -15.97
N CYS U 78 54.25 30.58 -15.71
CA CYS U 78 53.95 31.51 -16.80
C CYS U 78 54.50 32.89 -16.58
N VAL U 79 54.90 33.53 -17.67
CA VAL U 79 55.22 34.96 -17.61
C VAL U 79 54.26 35.68 -18.54
N MET U 80 53.69 36.77 -18.04
CA MET U 80 52.73 37.60 -18.76
CA MET U 80 52.73 37.60 -18.78
C MET U 80 53.41 38.91 -19.17
N THR U 81 53.16 39.34 -20.41
CA THR U 81 53.63 40.58 -20.92
C THR U 81 52.43 41.35 -21.52
N GLY U 82 52.30 42.63 -21.16
CA GLY U 82 51.31 43.54 -21.76
C GLY U 82 50.47 44.24 -20.73
N MET U 83 49.20 44.45 -21.05
CA MET U 83 48.29 45.07 -20.12
C MET U 83 48.05 44.12 -18.87
N THR U 84 48.15 44.71 -17.69
CA THR U 84 48.24 43.99 -16.46
C THR U 84 46.95 43.27 -16.07
N ALA U 85 45.85 44.01 -16.04
CA ALA U 85 44.58 43.45 -15.66
C ALA U 85 44.13 42.36 -16.68
N ASP U 86 44.29 42.61 -17.98
CA ASP U 86 44.05 41.62 -19.01
C ASP U 86 44.88 40.35 -18.74
N SER U 87 46.13 40.54 -18.38
CA SER U 87 47.04 39.43 -18.09
C SER U 87 46.56 38.57 -16.91
N ARG U 88 46.18 39.22 -15.81
CA ARG U 88 45.73 38.61 -14.61
C ARG U 88 44.47 37.78 -14.89
N SER U 89 43.64 38.31 -15.76
CA SER U 89 42.43 37.64 -16.19
C SER U 89 42.78 36.39 -16.99
N GLN U 90 43.76 36.50 -17.86
CA GLN U 90 44.15 35.37 -18.66
C GLN U 90 44.80 34.29 -17.78
N VAL U 91 45.58 34.73 -16.78
CA VAL U 91 46.14 33.78 -15.80
C VAL U 91 45.02 32.99 -15.06
N GLN U 92 44.01 33.72 -14.61
CA GLN U 92 42.83 33.09 -13.97
C GLN U 92 42.14 32.06 -14.83
N ARG U 93 42.00 32.39 -16.09
CA ARG U 93 41.43 31.48 -17.01
C ARG U 93 42.28 30.24 -17.22
N ALA U 94 43.56 30.43 -17.35
CA ALA U 94 44.49 29.30 -17.51
C ALA U 94 44.45 28.35 -16.31
N ARG U 95 44.38 28.88 -15.09
CA ARG U 95 44.29 28.14 -13.86
C ARG U 95 43.00 27.30 -13.87
N TYR U 96 41.90 27.92 -14.32
CA TYR U 96 40.61 27.28 -14.40
C TYR U 96 40.67 26.15 -15.44
N GLU U 97 41.28 26.42 -16.59
CA GLU U 97 41.33 25.41 -17.64
C GLU U 97 42.13 24.20 -17.18
N ALA U 98 43.26 24.44 -16.53
CA ALA U 98 44.13 23.37 -16.06
C ALA U 98 43.48 22.54 -14.98
N ALA U 99 42.84 23.18 -14.01
CA ALA U 99 42.19 22.50 -12.94
C ALA U 99 41.00 21.67 -13.48
N ASN U 100 40.28 22.24 -14.43
CA ASN U 100 39.16 21.58 -15.07
C ASN U 100 39.62 20.37 -15.86
N TRP U 101 40.70 20.49 -16.59
CA TRP U 101 41.28 19.38 -17.33
C TRP U 101 41.63 18.20 -16.40
N LYS U 102 42.32 18.51 -15.31
CA LYS U 102 42.71 17.51 -14.34
C LYS U 102 41.51 16.79 -13.69
N TYR U 103 40.46 17.57 -13.38
CA TYR U 103 39.19 17.01 -12.86
C TYR U 103 38.50 16.04 -13.82
N LYS U 104 38.45 16.40 -15.09
CA LYS U 104 37.78 15.61 -16.10
C LYS U 104 38.58 14.45 -16.60
N TYR U 105 39.88 14.60 -16.67
CA TYR U 105 40.70 13.62 -17.40
C TYR U 105 41.70 12.85 -16.59
N GLY U 106 41.89 13.21 -15.31
CA GLY U 106 42.70 12.42 -14.39
C GLY U 106 44.20 12.55 -14.54
N TYR U 107 44.64 13.49 -15.34
CA TYR U 107 46.10 13.75 -15.45
C TYR U 107 46.29 15.20 -15.71
N GLU U 108 47.49 15.68 -15.45
CA GLU U 108 47.80 17.13 -15.66
C GLU U 108 47.68 17.58 -17.10
N ILE U 109 47.20 18.79 -17.33
CA ILE U 109 47.13 19.29 -18.67
C ILE U 109 48.59 19.43 -19.25
N PRO U 110 48.83 18.96 -20.49
CA PRO U 110 50.10 19.27 -21.17
C PRO U 110 50.20 20.77 -21.43
N VAL U 111 51.43 21.29 -21.47
CA VAL U 111 51.65 22.69 -21.63
C VAL U 111 51.12 23.10 -23.00
N ASP U 112 51.37 22.31 -24.03
CA ASP U 112 50.87 22.60 -25.37
C ASP U 112 49.32 22.71 -25.44
N MET U 113 48.65 21.82 -24.72
CA MET U 113 47.19 21.86 -24.62
C MET U 113 46.67 23.04 -23.82
N LEU U 114 47.33 23.41 -22.74
CA LEU U 114 46.90 24.60 -22.04
C LEU U 114 47.09 25.88 -22.95
N CYS U 115 48.21 25.91 -23.63
CA CYS U 115 48.49 27.09 -24.49
C CYS U 115 47.45 27.15 -25.61
N LYS U 116 47.24 26.01 -26.27
CA LYS U 116 46.25 25.92 -27.30
C LYS U 116 44.89 26.35 -26.81
N ARG U 117 44.49 25.90 -25.62
CA ARG U 117 43.17 26.30 -25.13
C ARG U 117 43.05 27.83 -24.96
N ILE U 118 44.07 28.48 -24.43
CA ILE U 118 44.04 29.91 -24.21
C ILE U 118 44.06 30.67 -25.56
N ALA U 119 44.87 30.15 -26.48
CA ALA U 119 44.85 30.60 -27.80
C ALA U 119 43.50 30.49 -28.49
N ASP U 120 42.81 29.38 -28.31
CA ASP U 120 41.47 29.23 -28.90
C ASP U 120 40.40 30.16 -28.31
N ILE U 121 40.51 30.44 -27.01
CA ILE U 121 39.65 31.38 -26.33
C ILE U 121 39.93 32.80 -26.90
N SER U 122 41.20 33.16 -27.06
CA SER U 122 41.52 34.49 -27.67
C SER U 122 41.00 34.62 -29.11
N GLN U 123 41.07 33.51 -29.84
CA GLN U 123 40.56 33.51 -31.20
C GLN U 123 39.13 34.07 -31.26
N VAL U 124 38.31 33.66 -30.28
CA VAL U 124 36.92 34.10 -30.30
C VAL U 124 36.80 35.68 -30.33
N TYR U 125 37.70 36.35 -29.60
CA TYR U 125 37.69 37.75 -29.51
C TYR U 125 38.11 38.42 -30.85
N THR U 126 38.74 37.69 -31.74
CA THR U 126 39.11 38.20 -33.04
C THR U 126 37.98 38.04 -34.07
N GLN U 127 36.94 37.30 -33.72
CA GLN U 127 35.85 37.00 -34.67
C GLN U 127 34.49 37.50 -34.24
N ASN U 128 34.34 37.81 -32.94
CA ASN U 128 33.12 38.35 -32.44
C ASN U 128 33.25 39.79 -32.09
N ALA U 129 32.28 40.59 -32.50
CA ALA U 129 32.51 42.11 -32.63
C ALA U 129 32.39 42.82 -31.30
N GLU U 130 31.69 42.20 -30.32
CA GLU U 130 31.29 42.97 -29.15
C GLU U 130 32.33 43.12 -28.00
N MET U 131 33.42 42.38 -28.03
CA MET U 131 34.49 42.58 -27.04
C MET U 131 35.85 42.80 -27.75
N ARG U 132 36.81 43.40 -27.05
CA ARG U 132 38.14 43.59 -27.61
C ARG U 132 39.00 42.36 -27.28
N PRO U 133 40.04 42.17 -28.09
CA PRO U 133 41.10 41.25 -27.61
C PRO U 133 41.74 41.75 -26.33
N LEU U 134 42.37 40.82 -25.60
CA LEU U 134 43.17 41.12 -24.44
C LEU U 134 44.51 41.57 -24.99
N GLY U 135 45.06 42.63 -24.42
CA GLY U 135 46.30 43.19 -24.91
C GLY U 135 47.46 42.62 -24.15
N CYS U 136 47.61 41.33 -24.23
CA CYS U 136 48.63 40.63 -23.44
C CYS U 136 49.08 39.38 -24.16
N YCM U 137 50.26 38.89 -23.75
CA YCM U 137 50.89 37.73 -24.31
CB YCM U 137 52.15 38.37 -24.86
SG YCM U 137 52.95 37.14 -25.79
CD YCM U 137 52.65 38.02 -27.36
CE YCM U 137 53.78 38.62 -28.26
OZ1 YCM U 137 54.12 37.95 -29.24
NZ2 YCM U 137 54.30 39.88 -28.06
C YCM U 137 51.29 36.80 -23.19
O YCM U 137 51.78 37.28 -22.18
N MET U 138 51.09 35.51 -23.36
CA MET U 138 51.36 34.50 -22.29
C MET U 138 52.43 33.60 -22.77
N ILE U 139 53.45 33.45 -21.96
CA ILE U 139 54.48 32.42 -22.20
C ILE U 139 54.40 31.38 -21.10
N LEU U 140 54.24 30.12 -21.50
CA LEU U 140 54.11 29.01 -20.54
C LEU U 140 55.34 28.14 -20.55
N ILE U 141 55.78 27.64 -19.37
CA ILE U 141 56.83 26.63 -19.30
C ILE U 141 56.35 25.41 -18.45
N GLY U 142 56.81 24.23 -18.83
CA GLY U 142 56.55 22.99 -18.05
C GLY U 142 57.32 21.84 -18.61
N ILE U 143 57.35 20.73 -17.88
CA ILE U 143 58.07 19.55 -18.33
C ILE U 143 57.04 18.60 -18.87
N ASP U 144 57.24 18.16 -20.09
CA ASP U 144 56.44 17.09 -20.65
C ASP U 144 57.21 15.78 -20.46
N GLU U 145 56.49 14.76 -20.03
CA GLU U 145 57.08 13.45 -19.69
C GLU U 145 57.75 12.81 -20.88
N GLU U 146 57.20 12.97 -22.09
CA GLU U 146 57.81 12.43 -23.31
C GLU U 146 58.75 13.40 -23.97
N GLN U 147 58.33 14.66 -24.15
CA GLN U 147 59.09 15.66 -24.96
C GLN U 147 60.14 16.52 -24.17
N GLY U 148 60.20 16.44 -22.85
CA GLY U 148 61.14 17.26 -22.07
C GLY U 148 60.62 18.66 -21.77
N PRO U 149 61.52 19.59 -21.38
CA PRO U 149 61.08 20.96 -21.10
C PRO U 149 60.39 21.62 -22.29
N GLN U 150 59.36 22.39 -22.02
CA GLN U 150 58.59 23.03 -23.06
C GLN U 150 58.46 24.52 -22.76
N VAL U 151 58.52 25.34 -23.82
CA VAL U 151 58.09 26.71 -23.71
C VAL U 151 57.12 27.00 -24.86
N TYR U 152 55.99 27.57 -24.48
CA TYR U 152 54.94 27.83 -25.42
C TYR U 152 54.54 29.26 -25.26
N LYS U 153 54.11 29.85 -26.35
CA LYS U 153 53.63 31.26 -26.33
C LYS U 153 52.33 31.35 -27.09
N CYS U 154 51.36 32.07 -26.54
CA CYS U 154 50.21 32.51 -27.31
C CYS U 154 50.01 34.05 -27.25
N ASP U 155 49.24 34.53 -28.20
CA ASP U 155 49.13 35.98 -28.45
C ASP U 155 47.68 36.43 -28.69
N PRO U 156 47.44 37.74 -28.81
CA PRO U 156 46.07 38.21 -28.97
C PRO U 156 45.40 37.82 -30.26
N ALA U 157 46.14 37.39 -31.28
CA ALA U 157 45.55 36.89 -32.53
C ALA U 157 45.03 35.47 -32.37
N GLY U 158 45.33 34.82 -31.24
CA GLY U 158 45.02 33.38 -31.12
C GLY U 158 46.04 32.48 -31.80
N TYR U 159 47.21 33.02 -32.18
CA TYR U 159 48.30 32.17 -32.66
C TYR U 159 49.01 31.57 -31.44
N TYR U 160 49.59 30.39 -31.61
CA TYR U 160 50.44 29.81 -30.55
C TYR U 160 51.47 28.88 -31.16
N 6V1 U 161 52.54 28.65 -30.43
CA 6V1 U 161 53.61 27.79 -30.91
C 6V1 U 161 54.44 27.38 -29.75
O 6V1 U 161 54.49 28.12 -28.75
CB 6V1 U 161 54.49 28.52 -31.97
SG 6V1 U 161 55.39 27.35 -32.94
C1 6V1 U 161 54.46 26.94 -34.42
C2 6V1 U 161 54.23 28.05 -35.45
N3 6V1 U 161 54.80 27.78 -36.66
C4 6V1 U 161 55.43 26.61 -36.60
C5 6V1 U 161 55.18 25.91 -35.28
C6 6V1 U 161 54.69 28.58 -37.88
O7 6V1 U 161 53.58 29.05 -35.16
O8 6V1 U 161 56.13 26.11 -37.48
C3 6V1 U 161 55.04 30.03 -37.67
N GLY U 162 55.10 26.24 -29.88
CA GLY U 162 56.22 25.84 -29.02
C GLY U 162 57.55 26.44 -29.55
N PHE U 163 58.49 26.71 -28.65
CA PHE U 163 59.73 27.37 -29.00
C PHE U 163 60.97 26.79 -28.33
N LYS U 164 62.10 26.92 -29.02
CA LYS U 164 63.40 26.68 -28.39
C LYS U 164 63.76 27.83 -27.45
N ALA U 165 63.36 29.02 -27.85
CA ALA U 165 63.46 30.19 -27.01
C ALA U 165 62.56 31.24 -27.65
N THR U 166 62.12 32.20 -26.88
CA THR U 166 61.27 33.23 -27.44
C THR U 166 61.23 34.41 -26.52
N ALA U 167 60.52 35.42 -26.99
CA ALA U 167 60.41 36.66 -26.23
C ALA U 167 59.12 37.37 -26.46
N ALA U 168 58.88 38.37 -25.64
CA ALA U 168 57.67 39.18 -25.78
C ALA U 168 57.89 40.59 -25.31
N GLY U 169 57.10 41.53 -25.84
CA GLY U 169 57.08 42.91 -25.36
C GLY U 169 58.01 43.81 -26.15
N VAL U 170 58.46 44.87 -25.50
CA VAL U 170 59.05 46.03 -26.23
C VAL U 170 60.27 45.63 -27.09
N LYS U 171 61.20 44.83 -26.53
CA LYS U 171 62.41 44.35 -27.27
C LYS U 171 62.31 42.92 -27.84
N GLN U 172 61.10 42.52 -28.22
CA GLN U 172 60.85 41.16 -28.72
C GLN U 172 61.67 40.83 -29.95
N THR U 173 61.65 41.74 -30.92
CA THR U 173 62.37 41.56 -32.20
C THR U 173 63.90 41.45 -32.02
N GLU U 174 64.44 42.30 -31.13
CA GLU U 174 65.88 42.33 -30.82
C GLU U 174 66.26 41.05 -30.06
N SER U 175 65.42 40.64 -29.11
CA SER U 175 65.58 39.35 -28.43
C SER U 175 65.54 38.17 -29.40
N THR U 176 64.59 38.17 -30.31
CA THR U 176 64.50 37.13 -31.35
C THR U 176 65.79 36.98 -32.17
N SER U 177 66.38 38.11 -32.60
CA SER U 177 67.69 38.14 -33.29
C SER U 177 68.81 37.58 -32.43
N PHE U 178 68.93 38.09 -31.20
CA PHE U 178 69.93 37.58 -30.25
C PHE U 178 69.79 36.05 -30.14
N LEU U 179 68.55 35.56 -29.92
CA LEU U 179 68.37 34.15 -29.61
C LEU U 179 68.60 33.32 -30.87
N GLU U 180 68.09 33.79 -32.01
CA GLU U 180 68.34 33.15 -33.31
C GLU U 180 69.83 32.93 -33.58
N LYS U 181 70.62 33.98 -33.39
CA LYS U 181 72.07 33.92 -33.67
C LYS U 181 72.70 32.92 -32.72
N LYS U 182 72.26 32.91 -31.46
CA LYS U 182 72.77 31.94 -30.48
C LYS U 182 72.32 30.50 -30.76
N VAL U 183 71.03 30.29 -30.95
CA VAL U 183 70.49 28.96 -31.27
C VAL U 183 71.06 28.35 -32.58
N LYS U 184 71.64 29.18 -33.47
CA LYS U 184 72.20 28.71 -34.75
C LYS U 184 73.40 27.78 -34.63
N LYS U 185 74.26 27.99 -33.65
CA LYS U 185 75.35 27.05 -33.30
C LYS U 185 74.80 25.73 -32.72
N LYS U 186 75.37 24.59 -33.13
CA LYS U 186 75.08 23.24 -32.56
C LYS U 186 76.11 22.78 -31.52
N GLN U 193 74.04 27.03 -21.23
CA GLN U 193 73.37 27.33 -19.95
C GLN U 193 72.08 28.17 -20.16
N THR U 194 70.91 27.61 -19.83
CA THR U 194 69.65 28.19 -20.27
C THR U 194 69.32 29.47 -19.49
N VAL U 195 69.57 29.45 -18.18
CA VAL U 195 69.30 30.61 -17.32
C VAL U 195 70.22 31.75 -17.72
N GLU U 196 71.49 31.44 -17.98
CA GLU U 196 72.45 32.45 -18.39
C GLU U 196 72.12 33.04 -19.78
N THR U 197 71.74 32.20 -20.74
CA THR U 197 71.26 32.70 -22.04
C THR U 197 70.08 33.67 -21.90
N ALA U 198 69.09 33.29 -21.07
CA ALA U 198 67.90 34.14 -20.89
C ALA U 198 68.26 35.52 -20.33
N ILE U 199 69.04 35.55 -19.26
CA ILE U 199 69.30 36.82 -18.59
C ILE U 199 70.29 37.69 -19.46
N THR U 200 71.26 37.06 -20.12
CA THR U 200 72.14 37.72 -21.09
C THR U 200 71.35 38.33 -22.27
N CYS U 201 70.40 37.57 -22.82
CA CYS U 201 69.58 38.09 -23.92
C CYS U 201 68.85 39.35 -23.47
N LEU U 202 68.21 39.26 -22.32
CA LEU U 202 67.51 40.41 -21.78
C LEU U 202 68.44 41.62 -21.56
N SER U 203 69.59 41.34 -20.98
CA SER U 203 70.56 42.36 -20.60
C SER U 203 71.14 43.09 -21.83
N THR U 204 71.41 42.34 -22.90
CA THR U 204 71.88 42.91 -24.15
C THR U 204 70.85 43.85 -24.74
N VAL U 205 69.66 43.32 -24.97
CA VAL U 205 68.66 44.05 -25.74
C VAL U 205 68.17 45.31 -25.03
N LEU U 206 68.30 45.35 -23.70
CA LEU U 206 67.98 46.56 -22.90
C LEU U 206 69.21 47.41 -22.54
N SER U 207 70.41 46.85 -22.70
CA SER U 207 71.67 47.44 -22.23
C SER U 207 71.64 47.84 -20.75
N ILE U 208 71.41 46.89 -19.84
CA ILE U 208 71.28 47.27 -18.43
C ILE U 208 72.38 46.76 -17.50
N ASP U 209 72.73 45.48 -17.52
CA ASP U 209 73.62 44.91 -16.45
C ASP U 209 72.87 44.98 -15.10
N PHE U 210 72.10 43.92 -14.84
CA PHE U 210 71.01 43.94 -13.84
C PHE U 210 71.47 43.87 -12.43
N LYS U 211 70.74 44.51 -11.52
CA LYS U 211 70.78 44.15 -10.11
C LYS U 211 69.82 42.97 -9.91
N PRO U 212 70.00 42.20 -8.83
CA PRO U 212 69.09 41.03 -8.66
C PRO U 212 67.62 41.35 -8.39
N SER U 213 67.34 42.58 -7.93
CA SER U 213 65.97 43.05 -7.72
C SER U 213 65.28 43.62 -8.97
N GLU U 214 65.98 43.67 -10.10
CA GLU U 214 65.43 44.24 -11.34
C GLU U 214 64.97 43.21 -12.34
N ILE U 215 65.21 41.93 -12.06
CA ILE U 215 64.61 40.86 -12.84
C ILE U 215 63.91 39.85 -11.96
N GLU U 216 63.05 39.05 -12.57
CA GLU U 216 62.44 37.87 -11.95
C GLU U 216 62.78 36.69 -12.83
N VAL U 217 62.91 35.52 -12.19
CA VAL U 217 63.32 34.30 -12.89
C VAL U 217 62.48 33.15 -12.34
N GLY U 218 61.94 32.37 -13.27
CA GLY U 218 61.19 31.18 -12.97
C GLY U 218 61.72 30.02 -13.77
N VAL U 219 61.68 28.82 -13.19
CA VAL U 219 62.25 27.59 -13.78
C VAL U 219 61.41 26.31 -13.54
N VAL U 220 61.49 25.40 -14.50
CA VAL U 220 61.10 24.04 -14.32
C VAL U 220 62.28 23.21 -14.83
N THR U 221 62.53 22.08 -14.15
CA THR U 221 63.59 21.16 -14.55
C THR U 221 63.10 19.70 -14.56
N VAL U 222 63.78 18.88 -15.35
CA VAL U 222 63.42 17.47 -15.48
C VAL U 222 63.52 16.80 -14.09
N GLU U 223 64.57 17.15 -13.34
CA GLU U 223 64.81 16.76 -11.95
C GLU U 223 63.73 17.22 -10.99
N ASN U 224 63.30 18.45 -11.19
CA ASN U 224 62.37 19.14 -10.28
C ASN U 224 61.34 19.85 -11.12
N PRO U 225 60.30 19.13 -11.56
CA PRO U 225 59.31 19.75 -12.44
C PRO U 225 58.44 20.83 -11.82
N LYS U 226 58.43 20.98 -10.48
CA LYS U 226 57.57 22.01 -9.83
C LYS U 226 58.09 23.38 -10.22
N PHE U 227 57.19 24.24 -10.68
CA PHE U 227 57.56 25.59 -11.07
C PHE U 227 58.08 26.29 -9.84
N ARG U 228 59.25 26.91 -9.96
CA ARG U 228 59.91 27.55 -8.85
C ARG U 228 60.37 28.95 -9.28
N ILE U 229 60.23 29.91 -8.38
CA ILE U 229 60.65 31.27 -8.57
C ILE U 229 61.92 31.46 -7.80
N LEU U 230 62.96 31.93 -8.48
CA LEU U 230 64.23 32.17 -7.83
C LEU U 230 64.07 33.33 -6.86
N THR U 231 64.77 33.22 -5.74
CA THR U 231 64.95 34.32 -4.80
C THR U 231 65.98 35.33 -5.36
N GLU U 232 66.06 36.47 -4.70
CA GLU U 232 67.05 37.52 -5.00
C GLU U 232 68.47 36.97 -4.94
N ALA U 233 68.75 36.22 -3.88
CA ALA U 233 70.05 35.59 -3.70
C ALA U 233 70.37 34.62 -4.82
N GLU U 234 69.41 33.79 -5.19
CA GLU U 234 69.64 32.82 -6.26
C GLU U 234 69.89 33.50 -7.59
N ILE U 235 69.15 34.58 -7.86
CA ILE U 235 69.40 35.39 -9.06
C ILE U 235 70.81 36.03 -8.98
N ASP U 236 71.14 36.57 -7.83
CA ASP U 236 72.43 37.21 -7.63
C ASP U 236 73.56 36.24 -7.92
N ALA U 237 73.42 34.99 -7.51
CA ALA U 237 74.47 34.01 -7.80
C ALA U 237 74.72 33.88 -9.31
N HIS U 238 73.65 33.95 -10.10
CA HIS U 238 73.78 33.89 -11.56
C HIS U 238 74.37 35.15 -12.12
N LEU U 239 73.95 36.29 -11.58
CA LEU U 239 74.48 37.57 -12.01
C LEU U 239 75.99 37.68 -11.77
N VAL U 240 76.42 37.22 -10.61
CA VAL U 240 77.81 37.23 -10.20
C VAL U 240 78.63 36.28 -11.07
N ALA U 241 78.15 35.05 -11.25
CA ALA U 241 78.85 34.04 -12.06
C ALA U 241 79.00 34.47 -13.51
N LEU U 242 78.05 35.25 -14.00
CA LEU U 242 78.13 35.86 -15.33
C LEU U 242 79.18 36.97 -15.40
N ALA U 243 79.09 37.91 -14.46
CA ALA U 243 80.03 39.04 -14.33
C ALA U 243 81.50 38.62 -14.31
N GLU U 244 81.79 37.44 -13.73
CA GLU U 244 83.11 36.87 -13.64
C GLU U 244 83.35 35.87 -14.78
N ARG U 245 82.69 36.10 -15.92
CA ARG U 245 82.97 35.47 -17.25
C ARG U 245 83.87 34.25 -17.15
N THR V 1 25.83 -12.75 -17.99
CA THR V 1 27.11 -12.28 -18.50
C THR V 1 28.19 -12.58 -17.51
N THR V 2 29.31 -13.01 -18.07
CA THR V 2 30.53 -13.10 -17.31
C THR V 2 31.62 -12.31 -18.03
N ILE V 3 32.13 -11.31 -17.33
CA ILE V 3 33.27 -10.53 -17.86
C ILE V 3 34.32 -10.39 -16.80
N ALA V 4 35.54 -10.26 -17.27
CA ALA V 4 36.66 -10.30 -16.35
C ALA V 4 37.90 -9.75 -16.97
N GLY V 5 38.83 -9.40 -16.09
CA GLY V 5 40.09 -8.87 -16.48
C GLY V 5 41.18 -9.18 -15.47
N VAL V 6 42.41 -9.25 -16.00
CA VAL V 6 43.60 -9.50 -15.23
C VAL V 6 44.73 -8.57 -15.74
N VAL V 7 45.54 -8.05 -14.82
CA VAL V 7 46.84 -7.49 -15.12
C VAL V 7 47.88 -8.61 -15.06
N TYR V 8 48.60 -8.81 -16.16
CA TYR V 8 49.74 -9.74 -16.22
C TYR V 8 51.05 -8.95 -16.40
N LYS V 9 52.17 -9.65 -16.56
CA LYS V 9 53.49 -9.05 -16.42
C LYS V 9 53.66 -7.89 -17.35
N ASP V 10 53.18 -8.07 -18.58
CA ASP V 10 53.37 -7.10 -19.68
C ASP V 10 52.09 -6.47 -20.17
N GLY V 11 50.99 -6.62 -19.46
CA GLY V 11 49.75 -6.06 -19.97
C GLY V 11 48.50 -6.48 -19.25
N ILE V 12 47.43 -6.56 -20.04
CA ILE V 12 46.07 -6.80 -19.58
C ILE V 12 45.49 -7.95 -20.41
N VAL V 13 44.77 -8.85 -19.75
CA VAL V 13 43.87 -9.76 -20.47
C VAL V 13 42.46 -9.55 -19.99
N LEU V 14 41.58 -9.29 -20.97
CA LEU V 14 40.12 -9.14 -20.72
C LEU V 14 39.45 -10.36 -21.31
N GLY V 15 38.33 -10.72 -20.70
CA GLY V 15 37.58 -11.89 -21.17
C GLY V 15 36.11 -11.66 -21.07
N ALA V 16 35.36 -12.35 -21.93
CA ALA V 16 33.91 -12.33 -21.85
C ALA V 16 33.27 -13.54 -22.47
N ASP V 17 32.07 -13.88 -21.99
CA ASP V 17 31.21 -14.82 -22.67
C ASP V 17 30.45 -14.13 -23.82
N THR V 18 29.60 -14.89 -24.51
CA THR V 18 28.90 -14.35 -25.65
C THR V 18 27.42 -14.53 -25.65
N ARG V 19 26.81 -14.83 -24.52
CA ARG V 19 25.34 -14.97 -24.44
C ARG V 19 24.64 -13.67 -24.08
N ALA V 20 23.58 -13.36 -24.79
CA ALA V 20 22.67 -12.33 -24.34
C ALA V 20 21.33 -12.93 -24.15
N THR V 21 20.69 -12.62 -23.05
CA THR V 21 19.39 -13.15 -22.75
C THR V 21 18.31 -12.10 -22.70
N GLU V 22 17.08 -12.52 -22.98
CA GLU V 22 15.87 -11.70 -22.84
C GLU V 22 14.96 -12.54 -21.97
N GLY V 23 14.78 -12.10 -20.75
CA GLY V 23 14.19 -12.91 -19.71
C GLY V 23 15.08 -14.11 -19.45
N MET V 24 14.50 -15.31 -19.51
CA MET V 24 15.35 -16.49 -19.38
C MET V 24 15.42 -17.26 -20.71
N VAL V 25 15.48 -16.49 -21.80
CA VAL V 25 15.65 -16.99 -23.16
C VAL V 25 16.93 -16.43 -23.73
N VAL V 26 17.68 -17.23 -24.44
CA VAL V 26 18.87 -16.76 -25.14
C VAL V 26 18.42 -16.06 -26.42
N ALA V 27 18.68 -14.78 -26.48
CA ALA V 27 18.41 -13.99 -27.73
C ALA V 27 19.62 -14.06 -28.69
N ASP V 28 20.82 -13.95 -28.11
CA ASP V 28 22.02 -13.95 -28.91
C ASP V 28 22.98 -14.93 -28.34
N LYS V 29 23.40 -15.85 -29.19
CA LYS V 29 24.41 -16.81 -28.87
C LYS V 29 25.80 -16.28 -29.08
N ASN V 30 25.95 -15.17 -29.80
CA ASN V 30 27.29 -14.67 -30.14
C ASN V 30 27.39 -13.15 -30.10
N CYS V 31 26.99 -12.63 -28.96
CA CYS V 31 27.09 -11.25 -28.63
C CYS V 31 28.57 -10.95 -28.39
N SER V 32 29.05 -9.82 -28.86
CA SER V 32 30.43 -9.35 -28.59
C SER V 32 30.39 -8.35 -27.42
N LYS V 33 31.00 -8.70 -26.29
CA LYS V 33 30.94 -7.88 -25.08
C LYS V 33 32.21 -7.12 -24.72
N ILE V 34 33.27 -7.30 -25.49
CA ILE V 34 34.54 -6.61 -25.28
C ILE V 34 34.55 -5.48 -26.33
N HIS V 35 34.34 -4.24 -25.88
CA HIS V 35 34.17 -3.06 -26.73
C HIS V 35 35.46 -2.22 -26.88
N PHE V 36 35.65 -1.70 -28.08
CA PHE V 36 36.75 -0.79 -28.37
C PHE V 36 36.51 0.53 -27.60
N ILE V 37 37.53 0.99 -26.88
CA ILE V 37 37.57 2.32 -26.35
C ILE V 37 38.57 3.18 -27.17
N SER V 38 39.80 2.74 -27.24
CA SER V 38 40.82 3.36 -28.10
C SER V 38 41.78 2.22 -28.53
N PRO V 39 42.74 2.45 -29.44
CA PRO V 39 43.56 1.31 -29.88
C PRO V 39 44.29 0.60 -28.74
N ASN V 40 44.58 1.32 -27.65
CA ASN V 40 45.25 0.74 -26.48
C ASN V 40 44.32 0.48 -25.24
N ILE V 41 43.02 0.65 -25.40
CA ILE V 41 42.05 0.49 -24.27
C ILE V 41 40.77 -0.19 -24.73
N TYR V 42 40.42 -1.26 -24.04
CA TYR V 42 39.17 -1.97 -24.27
C TYR V 42 38.35 -2.04 -22.97
N CYS V 43 37.06 -2.39 -23.11
CA CYS V 43 36.11 -2.31 -22.02
C CYS V 43 35.07 -3.42 -22.22
N CYS V 44 35.06 -4.40 -21.31
CA CYS V 44 33.97 -5.39 -21.29
C CYS V 44 32.73 -4.79 -20.69
N GLY V 45 31.58 -5.17 -21.20
CA GLY V 45 30.31 -4.65 -20.64
C GLY V 45 29.31 -5.70 -20.24
N ALA V 46 28.68 -5.46 -19.10
CA ALA V 46 27.57 -6.26 -18.55
C ALA V 46 26.48 -5.29 -18.10
N GLY V 47 25.27 -5.76 -17.98
CA GLY V 47 24.15 -5.00 -17.44
C GLY V 47 23.24 -4.79 -18.63
N THR V 48 22.59 -3.62 -18.70
CA THR V 48 21.65 -3.40 -19.76
C THR V 48 22.42 -3.12 -21.07
N ALA V 49 22.18 -3.93 -22.09
CA ALA V 49 22.97 -3.94 -23.25
C ALA V 49 22.97 -2.64 -24.01
N ALA V 50 21.83 -1.97 -24.16
CA ALA V 50 21.80 -0.73 -24.94
C ALA V 50 22.70 0.26 -24.19
N ASP V 51 22.66 0.19 -22.84
CA ASP V 51 23.40 1.11 -22.03
C ASP V 51 24.91 0.91 -22.10
N THR V 52 25.36 -0.34 -22.13
CA THR V 52 26.78 -0.58 -22.22
C THR V 52 27.29 -0.25 -23.61
N ASP V 53 26.53 -0.62 -24.64
CA ASP V 53 26.87 -0.24 -26.02
C ASP V 53 26.99 1.28 -26.17
N MET V 54 25.97 2.03 -25.75
CA MET V 54 25.93 3.47 -26.00
C MET V 54 26.93 4.21 -25.15
N THR V 55 27.15 3.73 -23.94
CA THR V 55 28.11 4.35 -23.03
C THR V 55 29.53 4.16 -23.53
N THR V 56 29.91 2.92 -23.86
CA THR V 56 31.25 2.72 -24.40
C THR V 56 31.51 3.49 -25.73
N GLN V 57 30.53 3.52 -26.63
CA GLN V 57 30.63 4.23 -27.92
C GLN V 57 30.86 5.70 -27.63
N LEU V 58 30.09 6.28 -26.70
CA LEU V 58 30.18 7.73 -26.42
C LEU V 58 31.57 8.06 -25.84
N ILE V 59 32.05 7.27 -24.89
CA ILE V 59 33.34 7.55 -24.27
C ILE V 59 34.48 7.29 -25.27
N SER V 60 34.35 6.26 -26.10
CA SER V 60 35.33 6.00 -27.13
C SER V 60 35.43 7.21 -28.12
N SER V 61 34.28 7.72 -28.51
CA SER V 61 34.17 8.86 -29.42
C SER V 61 34.74 10.15 -28.78
N ASN V 62 34.39 10.42 -27.53
CA ASN V 62 34.98 11.54 -26.85
C ASN V 62 36.48 11.40 -26.67
N LEU V 63 36.97 10.18 -26.46
CA LEU V 63 38.40 9.94 -26.32
C LEU V 63 39.15 10.12 -27.61
N GLU V 64 38.53 9.75 -28.72
CA GLU V 64 39.14 9.93 -30.00
C GLU V 64 39.24 11.45 -30.26
N LEU V 65 38.23 12.24 -29.96
CA LEU V 65 38.31 13.71 -29.99
C LEU V 65 39.47 14.20 -29.10
N HIS V 66 39.56 13.69 -27.88
CA HIS V 66 40.64 14.05 -26.97
C HIS V 66 42.03 13.75 -27.60
N SER V 67 42.22 12.53 -28.08
CA SER V 67 43.57 12.12 -28.61
C SER V 67 43.91 12.79 -29.91
N LEU V 68 42.93 13.08 -30.73
CA LEU V 68 43.13 13.88 -31.93
C LEU V 68 43.72 15.28 -31.54
N SER V 69 43.16 15.86 -30.49
CA SER V 69 43.63 17.11 -29.97
C SER V 69 45.01 16.98 -29.30
N THR V 70 45.19 16.02 -28.41
CA THR V 70 46.44 15.92 -27.65
C THR V 70 47.57 15.29 -28.44
N GLY V 71 47.23 14.53 -29.49
CA GLY V 71 48.25 13.90 -30.35
C GLY V 71 48.92 12.77 -29.62
N ARG V 72 48.35 12.32 -28.51
CA ARG V 72 48.94 11.30 -27.66
C ARG V 72 47.96 10.15 -27.48
N LEU V 73 48.55 9.06 -27.13
CA LEU V 73 47.85 7.85 -26.80
C LEU V 73 46.99 8.10 -25.52
N PRO V 74 45.73 7.76 -25.55
CA PRO V 74 44.95 8.07 -24.38
C PRO V 74 45.31 7.27 -23.12
N ARG V 75 44.95 7.81 -21.97
CA ARG V 75 45.23 7.11 -20.70
C ARG V 75 44.03 6.33 -20.19
N VAL V 76 44.29 5.25 -19.48
CA VAL V 76 43.20 4.46 -18.93
C VAL V 76 42.45 5.29 -17.92
N VAL V 77 43.16 6.06 -17.10
CA VAL V 77 42.50 6.87 -16.07
C VAL V 77 41.48 7.84 -16.67
N THR V 78 41.73 8.29 -17.89
CA THR V 78 40.87 9.25 -18.55
C THR V 78 39.57 8.60 -18.92
N ALA V 79 39.64 7.40 -19.51
CA ALA V 79 38.44 6.64 -19.81
C ALA V 79 37.65 6.37 -18.55
N ASN V 80 38.36 5.99 -17.48
CA ASN V 80 37.75 5.72 -16.19
C ASN V 80 36.98 6.91 -15.66
N ARG V 81 37.62 8.07 -15.58
CA ARG V 81 36.93 9.31 -15.16
C ARG V 81 35.74 9.70 -15.99
N MET V 82 35.89 9.62 -17.30
CA MET V 82 34.75 9.99 -18.18
C MET V 82 33.57 9.05 -17.93
N LEU V 83 33.86 7.76 -17.82
CA LEU V 83 32.81 6.78 -17.62
C LEU V 83 32.13 7.04 -16.28
N LYS V 84 32.93 7.13 -15.22
CA LYS V 84 32.38 7.18 -13.87
C LYS V 84 31.66 8.50 -13.61
N GLN V 85 32.18 9.62 -14.14
CA GLN V 85 31.44 10.88 -14.00
C GLN V 85 30.11 10.88 -14.73
N MET V 86 30.06 10.27 -15.90
CA MET V 86 28.79 10.15 -16.57
C MET V 86 27.81 9.22 -15.79
N LEU V 87 28.30 8.04 -15.38
CA LEU V 87 27.45 7.09 -14.67
C LEU V 87 26.93 7.71 -13.36
N PHE V 88 27.78 8.43 -12.66
CA PHE V 88 27.36 9.09 -11.46
C PHE V 88 26.26 10.11 -11.72
N ARG V 89 26.48 10.91 -12.75
CA ARG V 89 25.52 11.90 -13.11
C ARG V 89 24.11 11.26 -13.33
N TYR V 90 24.04 10.08 -13.91
CA TYR V 90 22.78 9.41 -14.15
C TYR V 90 22.27 8.53 -12.96
N GLN V 91 23.02 8.46 -11.85
CA GLN V 91 22.48 7.96 -10.58
C GLN V 91 22.11 6.50 -10.69
N GLY V 92 22.89 5.76 -11.48
CA GLY V 92 22.66 4.38 -11.66
C GLY V 92 21.55 4.06 -12.62
N TYR V 93 20.90 5.03 -13.25
CA TYR V 93 19.89 4.65 -14.22
C TYR V 93 20.45 4.18 -15.51
N ILE V 94 21.73 4.42 -15.76
CA ILE V 94 22.38 3.82 -16.93
C ILE V 94 23.01 2.56 -16.37
N GLY V 95 22.55 1.39 -16.81
CA GLY V 95 22.92 0.13 -16.14
C GLY V 95 24.13 -0.52 -16.74
N ALA V 96 25.24 0.22 -16.81
CA ALA V 96 26.48 -0.27 -17.42
C ALA V 96 27.41 -0.67 -16.29
N ALA V 97 27.81 -1.93 -16.29
CA ALA V 97 28.76 -2.48 -15.41
C ALA V 97 29.96 -2.91 -16.31
N LEU V 98 31.15 -2.35 -16.03
CA LEU V 98 32.23 -2.42 -16.95
C LEU V 98 33.51 -2.94 -16.35
N VAL V 99 34.27 -3.69 -17.15
CA VAL V 99 35.65 -3.97 -16.87
C VAL V 99 36.51 -3.22 -17.91
N LEU V 100 37.28 -2.23 -17.43
CA LEU V 100 38.06 -1.31 -18.30
C LEU V 100 39.54 -1.67 -18.16
N GLY V 101 40.18 -2.02 -19.27
CA GLY V 101 41.59 -2.34 -19.23
C GLY V 101 42.34 -1.74 -20.39
N GLY V 102 43.55 -1.24 -20.14
CA GLY V 102 44.44 -0.99 -21.19
C GLY V 102 45.87 -0.76 -20.76
N VAL V 103 46.65 -0.23 -21.72
CA VAL V 103 48.06 0.06 -21.52
C VAL V 103 48.36 1.45 -22.08
N ASP V 104 48.84 2.33 -21.20
CA ASP V 104 49.24 3.70 -21.58
CA ASP V 104 49.19 3.68 -21.57
C ASP V 104 50.67 3.97 -21.22
N VAL V 105 51.06 5.23 -21.30
CA VAL V 105 52.45 5.62 -21.03
C VAL V 105 52.88 5.26 -19.62
N THR V 106 51.95 5.20 -18.67
CA THR V 106 52.24 4.71 -17.31
C THR V 106 52.09 3.20 -17.04
N GLY V 107 51.85 2.40 -18.08
CA GLY V 107 51.74 0.95 -17.95
C GLY V 107 50.33 0.39 -18.02
N PRO V 108 50.15 -0.87 -17.59
CA PRO V 108 48.84 -1.50 -17.63
C PRO V 108 47.96 -1.01 -16.50
N HIS V 109 46.69 -0.82 -16.77
CA HIS V 109 45.72 -0.48 -15.72
C HIS V 109 44.39 -1.20 -15.94
N LEU V 110 43.74 -1.56 -14.86
CA LEU V 110 42.47 -2.28 -14.92
C LEU V 110 41.54 -1.71 -13.88
N TYR V 111 40.32 -1.44 -14.27
CA TYR V 111 39.31 -0.92 -13.34
C TYR V 111 38.00 -1.67 -13.47
N SER V 112 37.25 -1.81 -12.40
CA SER V 112 35.85 -2.21 -12.56
C SER V 112 35.05 -0.94 -12.31
N ILE V 113 33.98 -0.76 -13.09
CA ILE V 113 33.17 0.45 -12.99
C ILE V 113 31.74 0.02 -12.84
N TYR V 114 31.09 0.53 -11.82
CA TYR V 114 29.70 0.16 -11.50
C TYR V 114 28.70 1.20 -12.00
N PRO V 115 27.43 0.79 -12.18
CA PRO V 115 26.42 1.67 -12.71
C PRO V 115 26.23 2.92 -11.94
N HIS V 116 26.39 2.92 -10.59
CA HIS V 116 26.19 4.18 -9.83
C HIS V 116 27.44 5.13 -9.89
N GLY V 117 28.51 4.67 -10.52
CA GLY V 117 29.69 5.49 -10.74
C GLY V 117 30.84 5.22 -9.82
N SER V 118 30.82 4.17 -8.98
CA SER V 118 32.07 3.86 -8.25
C SER V 118 32.97 3.08 -9.15
N THR V 119 34.28 3.19 -8.92
CA THR V 119 35.22 2.38 -9.61
C THR V 119 36.21 1.82 -8.58
N ASP V 120 36.78 0.69 -8.94
CA ASP V 120 37.82 0.10 -8.16
C ASP V 120 38.97 -0.24 -9.12
N LYS V 121 40.17 0.17 -8.73
CA LYS V 121 41.35 -0.10 -9.53
C LYS V 121 42.05 -1.33 -8.90
N LEU V 122 42.23 -2.40 -9.68
CA LEU V 122 42.56 -3.70 -9.07
C LEU V 122 43.26 -4.56 -10.09
N PRO V 123 44.00 -5.61 -9.63
CA PRO V 123 44.80 -6.39 -10.59
C PRO V 123 43.98 -7.54 -11.19
N TYR V 124 42.80 -7.76 -10.65
CA TYR V 124 41.81 -8.64 -11.27
C TYR V 124 40.39 -8.34 -10.79
N VAL V 125 39.43 -8.39 -11.72
CA VAL V 125 38.07 -8.04 -11.44
C VAL V 125 37.16 -8.88 -12.31
N THR V 126 35.91 -8.98 -11.87
CA THR V 126 34.90 -9.65 -12.63
C THR V 126 33.62 -8.88 -12.44
N MET V 127 32.73 -9.02 -13.41
CA MET V 127 31.41 -8.42 -13.33
CA MET V 127 31.41 -8.44 -13.33
C MET V 127 30.43 -9.29 -14.06
N GLY V 128 29.16 -9.02 -13.81
CA GLY V 128 28.07 -9.73 -14.48
C GLY V 128 27.49 -10.80 -13.56
N SER V 129 26.41 -11.42 -13.98
CA SER V 129 25.73 -12.43 -13.18
C SER V 129 26.65 -13.66 -12.92
N GLY V 130 27.67 -13.88 -13.75
CA GLY V 130 28.66 -14.91 -13.50
C GLY V 130 29.89 -14.50 -12.71
N SER V 131 29.87 -13.33 -12.11
CA SER V 131 31.11 -12.73 -11.65
C SER V 131 31.69 -13.46 -10.45
N LEU V 132 30.87 -14.11 -9.66
CA LEU V 132 31.41 -14.78 -8.48
C LEU V 132 32.08 -16.09 -8.86
N ALA V 133 31.55 -16.76 -9.88
CA ALA V 133 32.20 -17.97 -10.42
C ALA V 133 33.58 -17.61 -10.99
N ALA V 134 33.61 -16.59 -11.82
CA ALA V 134 34.88 -16.08 -12.35
C ALA V 134 35.84 -15.59 -11.26
N MET V 135 35.32 -14.90 -10.23
CA MET V 135 36.18 -14.44 -9.14
C MET V 135 36.74 -15.59 -8.30
N ALA V 136 35.95 -16.64 -8.13
CA ALA V 136 36.46 -17.81 -7.41
C ALA V 136 37.72 -18.36 -8.09
N VAL V 137 37.69 -18.45 -9.41
CA VAL V 137 38.83 -18.92 -10.15
C VAL V 137 40.03 -18.03 -9.88
N PHE V 138 39.81 -16.72 -9.98
CA PHE V 138 40.90 -15.77 -9.74
C PHE V 138 41.44 -15.84 -8.31
N GLU V 139 40.57 -15.87 -7.30
CA GLU V 139 41.12 -15.94 -5.93
C GLU V 139 41.97 -17.21 -5.70
N ASP V 140 41.52 -18.32 -6.28
CA ASP V 140 42.16 -19.60 -6.16
C ASP V 140 43.49 -19.66 -6.94
N LYS V 141 43.58 -18.96 -8.08
CA LYS V 141 44.68 -19.20 -9.05
C LYS V 141 45.49 -18.00 -9.49
N PHE V 142 45.05 -16.80 -9.22
CA PHE V 142 45.80 -15.65 -9.72
C PHE V 142 47.15 -15.58 -9.03
N ARG V 143 48.20 -15.22 -9.77
CA ARG V 143 49.48 -14.86 -9.17
C ARG V 143 49.88 -13.54 -9.83
N PRO V 144 50.63 -12.67 -9.14
CA PRO V 144 51.18 -11.47 -9.79
C PRO V 144 52.18 -11.84 -10.87
N ASP V 145 52.25 -11.04 -11.93
CA ASP V 145 53.29 -11.15 -12.95
C ASP V 145 53.24 -12.44 -13.71
N MET V 146 52.04 -12.85 -14.07
CA MET V 146 51.92 -13.96 -14.96
C MET V 146 52.46 -13.64 -16.34
N GLU V 147 52.94 -14.67 -17.00
CA GLU V 147 53.26 -14.60 -18.43
C GLU V 147 51.95 -14.58 -19.20
N GLU V 148 52.03 -14.17 -20.46
CA GLU V 148 50.90 -13.96 -21.33
C GLU V 148 49.99 -15.17 -21.42
N GLU V 149 50.57 -16.33 -21.70
CA GLU V 149 49.77 -17.56 -21.87
C GLU V 149 49.13 -18.05 -20.57
N GLU V 150 49.82 -17.89 -19.43
CA GLU V 150 49.23 -18.22 -18.14
C GLU V 150 48.03 -17.32 -17.87
N ALA V 151 48.22 -16.02 -18.12
CA ALA V 151 47.14 -15.02 -17.92
C ALA V 151 45.94 -15.34 -18.78
N LYS V 152 46.18 -15.71 -20.04
CA LYS V 152 45.12 -16.06 -20.97
C LYS V 152 44.36 -17.30 -20.51
N ASN V 153 45.09 -18.35 -20.12
CA ASN V 153 44.52 -19.55 -19.50
C ASN V 153 43.66 -19.24 -18.29
N LEU V 154 44.14 -18.36 -17.42
CA LEU V 154 43.43 -18.00 -16.22
C LEU V 154 42.13 -17.27 -16.56
N VAL V 155 42.20 -16.27 -17.45
CA VAL V 155 40.99 -15.58 -17.80
C VAL V 155 39.97 -16.51 -18.42
N SER V 156 40.41 -17.40 -19.30
CA SER V 156 39.43 -18.17 -20.03
C SER V 156 38.83 -19.23 -19.10
N GLU V 157 39.59 -19.71 -18.12
CA GLU V 157 39.06 -20.55 -17.08
C GLU V 157 37.99 -19.83 -16.24
N ALA V 158 38.25 -18.58 -15.92
CA ALA V 158 37.30 -17.79 -15.15
C ALA V 158 36.01 -17.58 -15.89
N ILE V 159 36.12 -17.29 -17.17
CA ILE V 159 34.94 -17.09 -18.01
C ILE V 159 34.21 -18.42 -18.16
N ALA V 160 34.96 -19.51 -18.37
CA ALA V 160 34.33 -20.85 -18.41
C ALA V 160 33.52 -21.13 -17.12
N ALA V 161 34.09 -20.81 -15.94
CA ALA V 161 33.35 -20.98 -14.68
C ALA V 161 31.99 -20.28 -14.70
N GLY V 162 31.96 -19.08 -15.22
CA GLY V 162 30.72 -18.33 -15.37
C GLY V 162 29.81 -18.99 -16.39
N ILE V 163 30.38 -19.38 -17.54
CA ILE V 163 29.62 -20.06 -18.61
C ILE V 163 28.83 -21.30 -18.12
N PHE V 164 29.50 -22.10 -17.34
CA PHE V 164 28.95 -23.38 -16.94
C PHE V 164 28.13 -23.32 -15.67
N ASN V 165 28.33 -22.31 -14.82
CA ASN V 165 27.64 -22.21 -13.54
C ASN V 165 26.56 -21.16 -13.44
N ASP V 166 26.53 -20.24 -14.40
CA ASP V 166 25.55 -19.13 -14.41
C ASP V 166 24.64 -19.31 -15.62
N LEU V 167 23.34 -19.39 -15.33
CA LEU V 167 22.37 -19.50 -16.38
C LEU V 167 22.34 -18.23 -17.29
N GLY V 168 22.77 -17.09 -16.77
CA GLY V 168 22.91 -15.85 -17.60
C GLY V 168 24.08 -15.82 -18.53
N SER V 169 24.96 -16.82 -18.49
CA SER V 169 26.20 -16.80 -19.26
C SER V 169 26.31 -18.02 -20.15
N GLY V 170 26.94 -17.89 -21.30
CA GLY V 170 27.10 -19.06 -22.18
C GLY V 170 27.90 -18.87 -23.43
N SER V 171 27.89 -19.94 -24.21
CA SER V 171 28.41 -19.93 -25.59
C SER V 171 29.92 -19.74 -25.52
N ASN V 172 30.48 -18.77 -26.22
CA ASN V 172 31.91 -18.73 -26.50
C ASN V 172 32.64 -17.95 -25.48
N ILE V 173 33.95 -18.12 -25.49
CA ILE V 173 34.87 -17.27 -24.73
C ILE V 173 35.63 -16.36 -25.69
N ASP V 174 35.47 -15.03 -25.54
CA ASP V 174 36.30 -14.02 -26.23
C ASP V 174 37.37 -13.53 -25.25
N LEU V 175 38.58 -13.29 -25.76
CA LEU V 175 39.64 -12.62 -25.01
C LEU V 175 40.12 -11.40 -25.78
N CYS V 176 40.72 -10.46 -25.05
CA CYS V 176 41.47 -9.34 -25.67
C CYS V 176 42.75 -9.15 -24.87
N VAL V 177 43.89 -9.26 -25.53
CA VAL V 177 45.19 -9.15 -24.90
C VAL V 177 45.89 -7.89 -25.34
N ILE V 178 46.29 -7.07 -24.37
CA ILE V 178 46.77 -5.71 -24.64
C ILE V 178 48.08 -5.55 -23.92
N SER V 179 49.15 -5.32 -24.70
CA SER V 179 50.48 -5.00 -24.15
C SER V 179 51.00 -3.72 -24.82
N LYS V 180 52.15 -3.23 -24.35
CA LYS V 180 52.90 -2.13 -25.03
C LYS V 180 53.01 -2.39 -26.52
N ASN V 181 53.26 -3.63 -26.88
CA ASN V 181 53.61 -4.01 -28.27
C ASN V 181 52.54 -4.57 -29.18
N LYS V 182 51.35 -4.83 -28.66
CA LYS V 182 50.46 -5.75 -29.32
C LYS V 182 49.03 -5.58 -28.79
N LEU V 183 48.09 -5.82 -29.70
CA LEU V 183 46.70 -5.97 -29.37
C LEU V 183 46.18 -7.21 -30.08
N ASP V 184 45.77 -8.19 -29.30
CA ASP V 184 45.17 -9.41 -29.81
C ASP V 184 43.73 -9.49 -29.35
N PHE V 185 42.79 -9.29 -30.27
CA PHE V 185 41.38 -9.35 -30.04
C PHE V 185 41.06 -10.73 -30.53
N LEU V 186 40.69 -11.64 -29.63
CA LEU V 186 40.58 -13.03 -29.94
C LEU V 186 39.12 -13.43 -29.77
N ARG V 187 38.39 -13.34 -30.88
CA ARG V 187 36.94 -13.59 -30.92
C ARG V 187 36.60 -14.58 -32.04
N PRO V 188 36.23 -15.84 -31.77
CA PRO V 188 36.20 -16.48 -30.43
C PRO V 188 37.60 -16.96 -30.02
N TYR V 189 37.90 -16.97 -28.74
CA TYR V 189 39.08 -17.63 -28.24
C TYR V 189 38.80 -19.13 -28.14
N THR V 190 37.67 -19.49 -27.51
CA THR V 190 37.20 -20.85 -27.37
C THR V 190 35.71 -20.96 -27.69
N VAL V 191 35.30 -22.14 -28.12
CA VAL V 191 33.92 -22.43 -28.45
C VAL V 191 33.68 -23.69 -27.66
N PRO V 192 33.45 -23.58 -26.32
CA PRO V 192 33.20 -24.79 -25.52
C PRO V 192 31.79 -25.39 -25.67
N ASN V 193 30.90 -24.72 -26.37
CA ASN V 193 29.53 -25.17 -26.53
C ASN V 193 29.13 -25.25 -28.01
N LYS V 194 28.43 -26.31 -28.39
CA LYS V 194 28.01 -26.53 -29.78
C LYS V 194 26.58 -27.12 -29.83
N LYS V 195 25.72 -26.69 -30.78
CA LYS V 195 24.36 -27.29 -30.92
C LYS V 195 24.52 -28.73 -31.34
N GLY V 196 23.72 -29.60 -30.74
CA GLY V 196 23.72 -31.02 -31.10
C GLY V 196 23.27 -31.21 -32.53
N THR V 197 23.69 -32.33 -33.12
CA THR V 197 23.53 -32.61 -34.56
C THR V 197 22.07 -32.86 -34.87
N ARG V 198 21.56 -32.33 -36.00
CA ARG V 198 20.11 -32.24 -36.22
C ARG V 198 19.69 -33.58 -36.78
N LEU V 199 19.08 -34.39 -35.94
CA LEU V 199 18.94 -35.82 -36.21
C LEU V 199 17.93 -36.16 -37.28
N GLY V 200 16.95 -35.30 -37.53
CA GLY V 200 15.98 -35.50 -38.61
C GLY V 200 16.12 -34.49 -39.75
N ARG V 201 15.98 -34.95 -40.99
CA ARG V 201 15.68 -34.07 -42.11
C ARG V 201 14.16 -33.78 -42.06
N TYR V 202 13.80 -32.54 -42.34
CA TYR V 202 12.41 -32.12 -42.42
C TYR V 202 12.12 -31.58 -43.83
N ARG V 203 12.75 -32.17 -44.86
CA ARG V 203 12.88 -31.48 -46.17
C ARG V 203 11.54 -30.98 -46.75
N CYS V 204 11.14 -29.74 -46.43
CA CYS V 204 9.81 -29.18 -46.80
C CYS V 204 9.81 -28.78 -48.26
N GLU V 205 9.16 -29.60 -49.10
CA GLU V 205 9.10 -29.34 -50.53
C GLU V 205 8.29 -28.09 -50.88
N LYS V 206 8.60 -27.50 -52.05
CA LYS V 206 7.83 -26.38 -52.58
C LYS V 206 6.35 -26.76 -52.64
N GLY V 207 5.45 -25.88 -52.21
CA GLY V 207 4.00 -26.15 -52.20
C GLY V 207 3.44 -26.64 -50.89
N THR V 208 4.32 -27.06 -49.96
CA THR V 208 3.93 -27.45 -48.58
C THR V 208 3.10 -26.36 -47.90
N THR V 209 3.51 -25.10 -48.07
CA THR V 209 2.80 -23.94 -47.57
C THR V 209 1.77 -23.41 -48.60
N ALA V 210 0.49 -23.40 -48.24
CA ALA V 210 -0.54 -22.89 -49.10
C ALA V 210 -0.52 -21.36 -49.11
N VAL V 211 -0.76 -20.80 -50.29
CA VAL V 211 -0.62 -19.36 -50.49
C VAL V 211 -1.94 -18.79 -50.95
N LEU V 212 -2.43 -17.73 -50.29
CA LEU V 212 -3.65 -17.02 -50.72
C LEU V 212 -3.42 -16.01 -51.84
N THR V 213 -2.30 -15.32 -51.80
CA THR V 213 -2.06 -14.13 -52.58
C THR V 213 -0.59 -14.04 -52.92
N GLU V 214 -0.25 -13.51 -54.10
CA GLU V 214 1.15 -13.32 -54.52
C GLU V 214 1.34 -12.06 -55.39
N LYS V 215 2.39 -11.30 -55.13
CA LYS V 215 2.75 -10.16 -55.95
C LYS V 215 4.26 -10.21 -56.11
N ILE V 216 4.72 -10.26 -57.36
CA ILE V 216 6.12 -10.11 -57.69
C ILE V 216 6.35 -8.65 -58.10
N THR V 217 7.27 -7.98 -57.43
CA THR V 217 7.72 -6.63 -57.78
C THR V 217 9.16 -6.72 -58.30
N PRO V 218 9.38 -6.54 -59.63
CA PRO V 218 10.74 -6.62 -60.17
C PRO V 218 11.54 -5.37 -59.81
N LEU V 219 12.86 -5.50 -59.68
CA LEU V 219 13.81 -4.39 -59.38
C LEU V 219 14.96 -4.29 -60.41
N GLU V 220 15.72 -3.19 -60.41
CA GLU V 220 16.74 -2.88 -61.47
C GLU V 220 18.21 -3.02 -61.01
N SER W 2 0.75 -6.45 -19.23
CA SER W 2 2.03 -6.13 -19.98
C SER W 2 1.79 -5.28 -21.25
N ILE W 3 2.54 -4.19 -21.40
CA ILE W 3 2.28 -3.20 -22.44
C ILE W 3 2.44 -3.81 -23.81
N MET W 4 3.44 -4.66 -23.95
CA MET W 4 3.79 -5.29 -25.23
C MET W 4 2.81 -6.36 -25.65
N SER W 5 1.98 -6.87 -24.78
CA SER W 5 0.95 -7.80 -25.19
C SER W 5 -0.43 -7.18 -25.40
N TYR W 6 -0.54 -5.86 -25.29
CA TYR W 6 -1.87 -5.23 -25.39
C TYR W 6 -2.46 -5.43 -26.79
N ASN W 7 -1.62 -5.30 -27.83
CA ASN W 7 -2.03 -5.52 -29.22
C ASN W 7 -1.56 -6.86 -29.77
N GLY W 8 -0.68 -7.56 -29.06
CA GLY W 8 -0.12 -8.79 -29.57
C GLY W 8 0.69 -8.58 -30.83
N GLY W 9 1.09 -9.65 -31.48
CA GLY W 9 1.70 -9.54 -32.81
C GLY W 9 3.08 -10.14 -32.83
N ALA W 10 3.54 -10.47 -34.04
CA ALA W 10 4.78 -11.20 -34.21
C ALA W 10 5.40 -10.89 -35.53
N VAL W 11 6.72 -10.76 -35.50
CA VAL W 11 7.49 -10.60 -36.69
C VAL W 11 8.74 -11.44 -36.58
N MET W 12 9.23 -11.90 -37.73
CA MET W 12 10.55 -12.54 -37.81
C MET W 12 11.23 -12.25 -39.13
N ALA W 13 12.53 -12.39 -39.13
CA ALA W 13 13.30 -12.32 -40.36
C ALA W 13 14.30 -13.47 -40.37
N MET W 14 14.70 -13.86 -41.57
CA MET W 14 15.50 -15.03 -41.80
C MET W 14 16.39 -14.90 -43.04
N LYS W 15 17.63 -15.37 -42.88
CA LYS W 15 18.66 -15.29 -43.91
C LYS W 15 18.76 -16.61 -44.71
N GLY W 16 18.90 -16.50 -46.02
CA GLY W 16 19.31 -17.58 -46.89
C GLY W 16 20.53 -17.22 -47.71
N LYS W 17 20.66 -17.97 -48.83
N LYS W 17 20.74 -17.85 -48.87
CA LYS W 17 21.65 -17.79 -49.87
CA LYS W 17 22.01 -17.71 -49.64
C LYS W 17 21.09 -16.81 -50.89
C LYS W 17 22.43 -16.26 -49.97
N ASN W 18 21.69 -15.67 -50.89
CA ASN W 18 21.70 -14.39 -51.53
C ASN W 18 20.29 -13.80 -51.42
N CYS W 19 19.62 -14.03 -50.29
CA CYS W 19 18.25 -13.59 -50.11
C CYS W 19 17.92 -13.48 -48.64
N VAL W 20 16.91 -12.69 -48.33
CA VAL W 20 16.38 -12.61 -46.94
C VAL W 20 14.89 -12.68 -47.00
N ALA W 21 14.30 -13.01 -45.86
CA ALA W 21 12.87 -13.10 -45.75
C ALA W 21 12.45 -12.39 -44.49
N ILE W 22 11.29 -11.74 -44.55
CA ILE W 22 10.71 -11.12 -43.39
C ILE W 22 9.21 -11.38 -43.41
N ALA W 23 8.65 -11.64 -42.21
CA ALA W 23 7.25 -12.03 -42.07
C ALA W 23 6.57 -11.44 -40.83
N ALA W 24 5.25 -11.33 -40.91
CA ALA W 24 4.47 -10.84 -39.82
C ALA W 24 3.09 -11.40 -39.81
N ASP W 25 2.46 -11.39 -38.64
CA ASP W 25 1.04 -11.65 -38.58
C ASP W 25 0.31 -10.40 -39.00
N ARG W 26 -1.02 -10.52 -39.16
CA ARG W 26 -1.84 -9.47 -39.74
CA ARG W 26 -1.85 -9.50 -39.76
C ARG W 26 -2.89 -8.90 -38.80
N ARG W 27 -2.99 -9.44 -37.60
CA ARG W 27 -4.00 -8.99 -36.65
C ARG W 27 -3.69 -7.62 -36.06
N PHE W 28 -4.70 -6.76 -36.00
CA PHE W 28 -4.70 -5.60 -35.11
C PHE W 28 -5.86 -5.86 -34.14
N GLY W 29 -5.52 -6.06 -32.89
CA GLY W 29 -6.50 -6.30 -31.84
C GLY W 29 -6.15 -5.53 -30.60
N ILE W 30 -7.17 -5.33 -29.76
CA ILE W 30 -7.07 -4.64 -28.51
C ILE W 30 -7.49 -5.68 -27.43
N GLN W 31 -6.50 -6.14 -26.64
CA GLN W 31 -6.64 -7.26 -25.68
C GLN W 31 -7.31 -8.45 -26.41
N ALA W 32 -8.48 -8.88 -25.99
CA ALA W 32 -9.09 -10.06 -26.64
C ALA W 32 -9.69 -9.75 -28.02
N GLN W 33 -10.06 -8.50 -28.26
CA GLN W 33 -10.83 -8.19 -29.44
C GLN W 33 -9.98 -7.95 -30.70
N MET W 34 -10.19 -8.77 -31.73
CA MET W 34 -9.67 -8.45 -33.04
C MET W 34 -10.47 -7.22 -33.58
N VAL W 35 -9.74 -6.28 -34.17
CA VAL W 35 -10.34 -5.08 -34.77
C VAL W 35 -10.23 -5.18 -36.26
N THR W 36 -9.07 -5.58 -36.73
CA THR W 36 -8.82 -5.68 -38.14
C THR W 36 -7.88 -6.86 -38.41
N THR W 37 -7.90 -7.36 -39.63
CA THR W 37 -7.04 -8.45 -40.05
C THR W 37 -6.07 -8.14 -41.19
N ASP W 38 -5.79 -6.88 -41.45
CA ASP W 38 -4.85 -6.54 -42.52
C ASP W 38 -3.97 -5.42 -42.02
N PHE W 39 -3.54 -5.49 -40.76
CA PHE W 39 -2.71 -4.44 -40.19
C PHE W 39 -1.24 -4.58 -40.65
N GLN W 40 -0.69 -3.50 -41.17
CA GLN W 40 0.69 -3.48 -41.68
C GLN W 40 1.71 -3.34 -40.54
N LYS W 41 2.67 -4.25 -40.53
CA LYS W 41 3.77 -4.25 -39.58
C LYS W 41 5.15 -4.23 -40.22
N ILE W 42 5.23 -4.53 -41.51
CA ILE W 42 6.46 -4.52 -42.25
C ILE W 42 6.39 -3.35 -43.25
N PHE W 43 7.43 -2.51 -43.23
CA PHE W 43 7.49 -1.30 -44.00
C PHE W 43 8.77 -1.25 -44.82
N PRO W 44 8.66 -0.85 -46.10
CA PRO W 44 9.84 -0.72 -46.97
C PRO W 44 10.69 0.45 -46.52
N MET W 45 12.00 0.23 -46.50
CA MET W 45 12.93 1.28 -46.15
C MET W 45 13.99 1.39 -47.26
N GLY W 46 13.61 0.96 -48.47
CA GLY W 46 14.56 0.77 -49.56
C GLY W 46 14.01 -0.33 -50.43
N ASP W 47 14.57 -0.41 -51.62
CA ASP W 47 14.10 -1.37 -52.59
C ASP W 47 14.29 -2.77 -52.06
N ARG W 48 15.39 -2.98 -51.33
CA ARG W 48 15.78 -4.31 -50.82
C ARG W 48 16.02 -4.31 -49.29
N LEU W 49 15.25 -3.50 -48.58
CA LEU W 49 15.48 -3.28 -47.16
C LEU W 49 14.17 -2.95 -46.47
N TYR W 50 13.81 -3.83 -45.55
CA TYR W 50 12.49 -3.82 -44.89
C TYR W 50 12.68 -3.89 -43.36
N ILE W 51 11.79 -3.21 -42.65
CA ILE W 51 11.74 -3.23 -41.20
C ILE W 51 10.39 -3.77 -40.79
N GLY W 52 10.40 -4.66 -39.81
CA GLY W 52 9.21 -5.25 -39.23
C GLY W 52 9.13 -4.83 -37.77
N LEU W 53 7.96 -4.40 -37.31
CA LEU W 53 7.82 -3.93 -35.97
C LEU W 53 6.64 -4.63 -35.31
N ALA W 54 6.89 -5.21 -34.15
CA ALA W 54 5.82 -5.72 -33.35
C ALA W 54 5.84 -4.97 -32.03
N GLY W 55 4.74 -5.00 -31.29
CA GLY W 55 4.67 -4.34 -30.01
C GLY W 55 3.38 -3.52 -30.04
N LEU W 56 3.37 -2.40 -29.36
CA LEU W 56 2.20 -1.59 -29.25
C LEU W 56 1.97 -0.87 -30.60
N ALA W 57 0.78 -1.04 -31.14
CA ALA W 57 0.50 -0.71 -32.52
C ALA W 57 0.73 0.81 -32.78
N THR W 58 0.37 1.64 -31.83
CA THR W 58 0.63 3.03 -31.97
C THR W 58 2.12 3.38 -32.23
N ASP W 59 3.00 2.69 -31.51
CA ASP W 59 4.43 2.89 -31.64
C ASP W 59 4.99 2.22 -32.85
N VAL W 60 4.41 1.10 -33.28
CA VAL W 60 4.77 0.47 -34.51
C VAL W 60 4.66 1.51 -35.62
N GLN W 61 3.54 2.23 -35.63
CA GLN W 61 3.28 3.23 -36.63
C GLN W 61 4.21 4.44 -36.47
N THR W 62 4.34 4.93 -35.24
CA THR W 62 5.14 6.08 -34.99
C THR W 62 6.58 5.87 -35.39
N VAL W 63 7.13 4.76 -34.98
CA VAL W 63 8.52 4.47 -35.26
C VAL W 63 8.72 4.30 -36.74
N ALA W 64 7.83 3.58 -37.41
CA ALA W 64 7.97 3.43 -38.83
C ALA W 64 7.98 4.83 -39.55
N GLN W 65 7.09 5.72 -39.12
CA GLN W 65 6.92 7.04 -39.77
C GLN W 65 8.07 7.95 -39.43
N ARG W 66 8.50 7.93 -38.18
CA ARG W 66 9.63 8.76 -37.76
C ARG W 66 10.93 8.25 -38.36
N LEU W 67 11.03 6.92 -38.52
CA LEU W 67 12.21 6.39 -39.13
C LEU W 67 12.28 6.79 -40.61
N LYS W 68 11.14 6.71 -41.29
CA LYS W 68 11.07 7.07 -42.67
C LYS W 68 11.46 8.57 -42.92
N PHE W 69 10.99 9.47 -42.02
CA PHE W 69 11.38 10.86 -41.99
C PHE W 69 12.89 11.01 -42.01
N ARG W 70 13.54 10.33 -41.08
CA ARG W 70 14.98 10.39 -40.98
C ARG W 70 15.70 9.75 -42.13
N LEU W 71 15.18 8.63 -42.64
CA LEU W 71 15.83 7.95 -43.76
C LEU W 71 15.78 8.78 -45.07
N ASN W 72 14.62 9.33 -45.37
CA ASN W 72 14.43 10.15 -46.55
C ASN W 72 15.40 11.33 -46.56
N LEU W 73 15.56 11.96 -45.39
CA LEU W 73 16.50 13.05 -45.25
C LEU W 73 17.91 12.53 -45.46
N TYR W 74 18.24 11.44 -44.80
CA TYR W 74 19.51 10.75 -45.01
C TYR W 74 19.80 10.48 -46.49
N GLU W 75 18.84 9.93 -47.23
CA GLU W 75 19.08 9.56 -48.63
C GLU W 75 19.21 10.77 -49.56
N LEU W 76 18.39 11.80 -49.34
CA LEU W 76 18.48 13.11 -50.08
C LEU W 76 19.82 13.79 -49.86
N LYS W 77 20.30 13.80 -48.62
CA LYS W 77 21.55 14.46 -48.27
C LYS W 77 22.81 13.69 -48.74
N GLU W 78 22.75 12.37 -48.62
CA GLU W 78 23.84 11.54 -49.02
C GLU W 78 23.75 11.29 -50.58
N GLY W 79 24.70 10.64 -51.14
CA GLY W 79 24.42 10.29 -52.51
C GLY W 79 23.38 9.22 -52.84
N ARG W 80 22.73 8.56 -51.87
CA ARG W 80 22.60 7.11 -52.02
C ARG W 80 21.60 6.40 -51.16
N GLN W 81 21.34 5.17 -51.53
CA GLN W 81 20.53 4.28 -50.68
C GLN W 81 21.26 3.90 -49.39
N ILE W 82 20.54 3.90 -48.27
CA ILE W 82 21.12 3.46 -46.98
C ILE W 82 21.56 1.99 -46.98
N LYS W 83 22.71 1.72 -46.38
CA LYS W 83 23.14 0.35 -46.10
C LYS W 83 22.38 -0.31 -44.89
N PRO W 84 22.15 -1.64 -44.93
CA PRO W 84 21.37 -2.30 -43.87
C PRO W 84 21.87 -2.00 -42.44
N TYR W 85 23.17 -2.17 -42.24
CA TYR W 85 23.82 -1.94 -40.95
C TYR W 85 23.62 -0.46 -40.49
N THR W 86 23.68 0.48 -41.46
CA THR W 86 23.49 1.88 -41.19
C THR W 86 22.07 2.18 -40.83
N LEU W 87 21.11 1.53 -41.47
CA LEU W 87 19.69 1.65 -40.99
C LEU W 87 19.55 1.17 -39.54
N MET W 88 20.13 0.00 -39.25
CA MET W 88 20.13 -0.52 -37.89
C MET W 88 20.57 0.56 -36.92
N SER W 89 21.67 1.22 -37.25
CA SER W 89 22.24 2.21 -36.34
C SER W 89 21.38 3.42 -36.19
N MET W 90 20.76 3.83 -37.28
CA MET W 90 19.79 4.93 -37.34
C MET W 90 18.60 4.58 -36.42
N VAL W 91 18.11 3.35 -36.47
CA VAL W 91 16.97 2.93 -35.65
C VAL W 91 17.42 2.84 -34.16
N ALA W 92 18.62 2.32 -33.91
CA ALA W 92 19.16 2.26 -32.56
C ALA W 92 19.19 3.63 -31.91
N ASN W 93 19.67 4.59 -32.70
CA ASN W 93 19.80 5.93 -32.23
C ASN W 93 18.42 6.50 -31.91
N LEU W 94 17.45 6.29 -32.81
CA LEU W 94 16.09 6.77 -32.59
C LEU W 94 15.48 6.19 -31.30
N LEU W 95 15.61 4.89 -31.12
CA LEU W 95 15.02 4.28 -29.94
C LEU W 95 15.69 4.72 -28.65
N TYR W 96 17.02 4.83 -28.67
CA TYR W 96 17.77 5.16 -27.48
C TYR W 96 17.58 6.59 -27.03
N GLU W 97 17.20 7.48 -27.96
CA GLU W 97 16.74 8.81 -27.53
C GLU W 97 15.64 8.77 -26.52
N LYS W 98 14.77 7.78 -26.61
CA LYS W 98 13.65 7.63 -25.69
C LYS W 98 13.97 6.56 -24.58
N ARG W 99 15.26 6.42 -24.25
CA ARG W 99 15.74 5.51 -23.25
C ARG W 99 14.90 5.53 -21.99
N PHE W 100 14.53 6.71 -21.54
CA PHE W 100 13.76 6.82 -20.33
C PHE W 100 12.24 6.94 -20.48
N GLY W 101 11.69 6.74 -21.69
CA GLY W 101 10.22 6.69 -21.94
C GLY W 101 10.06 6.07 -23.31
N PRO W 102 10.43 4.84 -23.44
CA PRO W 102 10.63 4.27 -24.75
C PRO W 102 9.38 4.05 -25.54
N TYR W 103 9.57 3.88 -26.85
CA TYR W 103 8.57 3.33 -27.72
C TYR W 103 8.52 1.84 -27.39
N TYR W 104 7.32 1.25 -27.39
CA TYR W 104 7.12 -0.16 -27.09
C TYR W 104 7.10 -0.97 -28.33
N THR W 105 8.22 -1.02 -29.02
CA THR W 105 8.32 -1.82 -30.21
C THR W 105 9.74 -2.34 -30.33
N GLU W 106 9.87 -3.55 -30.88
CA GLU W 106 11.13 -4.23 -30.98
C GLU W 106 11.31 -4.69 -32.41
N PRO W 107 11.99 -3.90 -33.24
CA PRO W 107 12.01 -4.19 -34.68
C PRO W 107 12.94 -5.30 -35.12
N VAL W 108 12.63 -5.85 -36.27
CA VAL W 108 13.58 -6.65 -37.01
C VAL W 108 13.79 -5.99 -38.37
N ILE W 109 15.00 -6.08 -38.87
CA ILE W 109 15.34 -5.51 -40.15
C ILE W 109 15.84 -6.65 -41.05
N ALA W 110 15.42 -6.63 -42.31
CA ALA W 110 15.90 -7.63 -43.30
C ALA W 110 16.15 -6.91 -44.59
N GLY W 111 17.32 -7.14 -45.16
CA GLY W 111 17.59 -6.64 -46.47
C GLY W 111 18.89 -7.08 -47.09
N LEU W 112 19.17 -6.53 -48.27
CA LEU W 112 20.37 -6.83 -49.02
C LEU W 112 21.17 -5.54 -49.16
N ASP W 113 22.48 -5.59 -49.00
CA ASP W 113 23.29 -4.41 -49.25
C ASP W 113 23.01 -3.84 -50.66
N PRO W 114 22.70 -2.53 -50.77
CA PRO W 114 22.29 -2.02 -52.09
C PRO W 114 23.37 -2.07 -53.18
N LYS W 115 24.66 -2.17 -52.79
CA LYS W 115 25.74 -2.31 -53.78
C LYS W 115 26.15 -3.76 -53.93
N THR W 116 26.44 -4.43 -52.82
CA THR W 116 26.97 -5.80 -52.87
C THR W 116 25.91 -6.93 -52.81
N PHE W 117 24.66 -6.57 -52.52
CA PHE W 117 23.54 -7.53 -52.37
C PHE W 117 23.71 -8.61 -51.28
N LYS W 118 24.62 -8.41 -50.33
CA LYS W 118 24.87 -9.40 -49.26
C LYS W 118 23.69 -9.36 -48.30
N PRO W 119 23.19 -10.53 -47.87
CA PRO W 119 22.06 -10.56 -46.92
C PRO W 119 22.37 -10.02 -45.54
N PHE W 120 21.40 -9.32 -44.94
CA PHE W 120 21.56 -8.77 -43.58
C PHE W 120 20.29 -8.94 -42.80
N ILE W 121 20.41 -9.40 -41.57
CA ILE W 121 19.26 -9.40 -40.66
C ILE W 121 19.68 -8.99 -39.25
N CYS W 122 18.78 -8.29 -38.57
CA CYS W 122 19.02 -7.89 -37.20
C CYS W 122 17.71 -7.67 -36.48
N SER W 123 17.80 -7.51 -35.17
CA SER W 123 16.69 -7.06 -34.39
C SER W 123 17.22 -6.07 -33.37
N LEU W 124 16.33 -5.32 -32.75
CA LEU W 124 16.74 -4.47 -31.70
C LEU W 124 15.73 -4.56 -30.62
N ASP W 125 16.13 -4.33 -29.39
CA ASP W 125 15.17 -4.19 -28.28
C ASP W 125 14.62 -2.78 -28.27
N LEU W 126 13.73 -2.50 -27.35
CA LEU W 126 12.94 -1.28 -27.42
C LEU W 126 13.70 -0.07 -27.08
N ILE W 127 14.88 -0.24 -26.44
CA ILE W 127 15.76 0.92 -26.23
C ILE W 127 16.95 0.96 -27.18
N GLY W 128 16.93 0.17 -28.23
CA GLY W 128 17.90 0.31 -29.26
C GLY W 128 19.16 -0.51 -29.25
N CYS W 129 19.21 -1.57 -28.47
CA CYS W 129 20.34 -2.48 -28.49
C CYS W 129 20.27 -3.30 -29.75
N PRO W 130 21.31 -3.19 -30.59
CA PRO W 130 21.22 -3.96 -31.80
C PRO W 130 21.83 -5.36 -31.70
N MET W 131 21.28 -6.29 -32.46
CA MET W 131 21.72 -7.67 -32.52
C MET W 131 21.69 -8.16 -33.95
N VAL W 132 22.86 -8.33 -34.55
CA VAL W 132 22.98 -8.87 -35.90
C VAL W 132 23.14 -10.38 -35.77
N THR W 133 22.45 -11.19 -36.60
CA THR W 133 22.66 -12.65 -36.61
C THR W 133 22.81 -13.16 -38.02
N ASP W 134 23.38 -14.35 -38.14
CA ASP W 134 23.53 -14.97 -39.45
C ASP W 134 22.44 -15.96 -39.79
N ASP W 135 21.39 -16.05 -38.95
CA ASP W 135 20.32 -17.03 -39.18
C ASP W 135 18.89 -16.50 -39.13
N PHE W 136 18.43 -16.06 -37.98
CA PHE W 136 17.09 -15.53 -37.87
C PHE W 136 17.02 -14.66 -36.64
N VAL W 137 15.96 -13.85 -36.60
CA VAL W 137 15.63 -13.03 -35.48
C VAL W 137 14.12 -13.05 -35.38
N VAL W 138 13.63 -12.89 -34.16
CA VAL W 138 12.21 -12.90 -33.89
C VAL W 138 11.84 -11.83 -32.88
N SER W 139 10.61 -11.33 -32.95
CA SER W 139 10.12 -10.36 -32.00
C SER W 139 8.59 -10.47 -31.89
N GLY W 140 8.06 -10.49 -30.70
CA GLY W 140 6.62 -10.41 -30.53
C GLY W 140 6.12 -11.23 -29.35
N THR W 141 4.81 -11.34 -29.19
CA THR W 141 4.23 -12.02 -28.03
C THR W 141 4.46 -13.52 -28.02
N CYS W 142 4.87 -14.11 -29.13
CA CYS W 142 5.14 -15.51 -29.17
C CYS W 142 6.58 -15.81 -29.49
N ALA W 143 7.50 -15.07 -28.87
CA ALA W 143 8.90 -15.19 -29.24
C ALA W 143 9.40 -16.65 -28.96
N GLU W 144 8.99 -17.23 -27.84
CA GLU W 144 9.40 -18.60 -27.51
C GLU W 144 8.97 -19.61 -28.59
N GLN W 145 7.72 -19.51 -29.00
CA GLN W 145 7.22 -20.34 -30.08
C GLN W 145 8.01 -20.14 -31.35
N MET W 146 8.21 -18.87 -31.73
CA MET W 146 9.06 -18.57 -32.84
C MET W 146 10.49 -19.16 -32.71
N TYR W 147 11.17 -18.98 -31.59
CA TYR W 147 12.49 -19.56 -31.39
C TYR W 147 12.51 -21.09 -31.57
N GLY W 148 11.53 -21.77 -31.01
CA GLY W 148 11.39 -23.20 -31.19
C GLY W 148 11.34 -23.60 -32.66
N MET W 149 10.51 -22.90 -33.46
CA MET W 149 10.33 -23.23 -34.84
C MET W 149 11.56 -22.93 -35.64
N CYS W 150 12.18 -21.78 -35.40
CA CYS W 150 13.36 -21.38 -36.17
C CYS W 150 14.56 -22.26 -35.80
N GLU W 151 14.77 -22.55 -34.52
CA GLU W 151 15.88 -23.39 -34.16
C GLU W 151 15.79 -24.78 -34.79
N SER W 152 14.58 -25.28 -34.95
CA SER W 152 14.37 -26.61 -35.45
C SER W 152 14.43 -26.69 -36.98
N LEU W 153 13.97 -25.66 -37.69
CA LEU W 153 13.83 -25.73 -39.11
C LEU W 153 14.94 -25.01 -39.89
N TRP W 154 15.48 -23.94 -39.37
CA TRP W 154 16.40 -23.14 -40.15
C TRP W 154 17.62 -23.97 -40.54
N GLU W 155 18.08 -23.80 -41.77
CA GLU W 155 19.38 -24.31 -42.21
C GLU W 155 20.15 -23.24 -42.95
N PRO W 156 21.49 -23.34 -42.94
CA PRO W 156 22.28 -22.43 -43.76
C PRO W 156 22.05 -22.57 -45.27
N ASN W 157 22.37 -21.51 -45.98
CA ASN W 157 22.42 -21.47 -47.44
C ASN W 157 21.12 -21.81 -48.22
N MET W 158 19.96 -21.49 -47.66
CA MET W 158 18.68 -21.88 -48.31
C MET W 158 18.37 -21.05 -49.51
N ASP W 159 17.86 -21.66 -50.56
CA ASP W 159 17.44 -20.92 -51.76
C ASP W 159 16.10 -20.24 -51.47
N PRO W 160 15.70 -19.24 -52.31
CA PRO W 160 14.45 -18.53 -52.10
C PRO W 160 13.21 -19.37 -51.77
N ASP W 161 13.00 -20.47 -52.48
CA ASP W 161 11.83 -21.34 -52.26
C ASP W 161 11.79 -22.03 -50.90
N HIS W 162 12.96 -22.56 -50.49
CA HIS W 162 13.13 -23.20 -49.22
C HIS W 162 13.05 -22.19 -48.07
N LEU W 163 13.63 -21.01 -48.27
CA LEU W 163 13.57 -19.92 -47.30
C LEU W 163 12.13 -19.53 -47.03
N PHE W 164 11.36 -19.45 -48.11
CA PHE W 164 9.93 -19.13 -48.03
C PHE W 164 9.16 -20.19 -47.22
N GLU W 165 9.38 -21.46 -47.56
CA GLU W 165 8.70 -22.53 -46.84
C GLU W 165 9.08 -22.52 -45.34
N THR W 166 10.34 -22.25 -45.02
CA THR W 166 10.78 -22.29 -43.64
C THR W 166 10.21 -21.12 -42.85
N ILE W 167 10.28 -19.89 -43.39
CA ILE W 167 9.82 -18.73 -42.65
C ILE W 167 8.33 -18.83 -42.49
N SER W 168 7.65 -19.35 -43.52
CA SER W 168 6.18 -19.55 -43.45
C SER W 168 5.76 -20.54 -42.40
N GLN W 169 6.48 -21.65 -42.35
CA GLN W 169 6.08 -22.72 -41.41
C GLN W 169 6.46 -22.34 -40.00
N ALA W 170 7.60 -21.70 -39.83
CA ALA W 170 7.95 -21.12 -38.54
C ALA W 170 6.90 -20.12 -38.03
N MET W 171 6.46 -19.20 -38.87
CA MET W 171 5.42 -18.24 -38.48
C MET W 171 4.08 -18.84 -38.16
N LEU W 172 3.55 -19.63 -39.11
CA LEU W 172 2.19 -20.21 -38.93
C LEU W 172 2.03 -21.02 -37.66
N ASN W 173 2.98 -21.92 -37.45
CA ASN W 173 2.92 -22.84 -36.35
C ASN W 173 3.20 -22.09 -35.02
N ALA W 174 4.07 -21.08 -35.06
CA ALA W 174 4.34 -20.29 -33.86
C ALA W 174 3.11 -19.50 -33.42
N VAL W 175 2.46 -18.82 -34.36
CA VAL W 175 1.33 -17.97 -33.98
C VAL W 175 0.06 -18.75 -33.62
N ASP W 176 0.02 -19.98 -34.15
CA ASP W 176 -1.06 -20.91 -33.76
C ASP W 176 -0.94 -21.41 -32.33
N ARG W 177 0.16 -21.17 -31.63
CA ARG W 177 0.15 -21.31 -30.19
C ARG W 177 0.00 -20.01 -29.36
N ASP W 178 -0.45 -18.92 -29.96
CA ASP W 178 -0.52 -17.63 -29.31
C ASP W 178 -1.89 -17.02 -29.58
N ALA W 179 -2.65 -16.78 -28.50
CA ALA W 179 -4.01 -16.30 -28.64
C ALA W 179 -4.12 -14.96 -29.37
N VAL W 180 -3.16 -14.04 -29.11
CA VAL W 180 -3.18 -12.65 -29.55
C VAL W 180 -2.29 -12.32 -30.78
N SER W 181 -1.82 -13.35 -31.47
CA SER W 181 -1.13 -13.17 -32.76
C SER W 181 -1.83 -14.03 -33.79
N GLY W 182 -1.81 -13.57 -35.01
CA GLY W 182 -2.22 -14.35 -36.15
C GLY W 182 -3.19 -13.60 -37.01
N MET W 183 -4.33 -14.24 -37.26
CA MET W 183 -5.36 -13.78 -38.21
C MET W 183 -4.74 -13.50 -39.56
N GLY W 184 -3.78 -14.30 -39.95
CA GLY W 184 -3.11 -14.16 -41.22
C GLY W 184 -1.64 -13.89 -41.01
N VAL W 185 -0.86 -14.20 -42.06
CA VAL W 185 0.60 -14.06 -42.09
C VAL W 185 0.97 -13.52 -43.48
N ILE W 186 1.82 -12.48 -43.51
CA ILE W 186 2.37 -11.93 -44.73
C ILE W 186 3.87 -12.20 -44.73
N VAL W 187 4.40 -12.55 -45.90
CA VAL W 187 5.82 -12.87 -46.06
C VAL W 187 6.37 -12.14 -47.25
N HIS W 188 7.52 -11.46 -47.06
CA HIS W 188 8.26 -10.87 -48.18
C HIS W 188 9.57 -11.61 -48.36
N ILE W 189 9.85 -12.05 -49.58
CA ILE W 189 11.16 -12.61 -49.92
C ILE W 189 11.92 -11.58 -50.70
N ILE W 190 13.10 -11.22 -50.22
CA ILE W 190 13.89 -10.20 -50.85
C ILE W 190 15.09 -10.81 -51.58
N GLU W 191 15.08 -10.67 -52.89
CA GLU W 191 16.20 -11.09 -53.78
C GLU W 191 16.79 -9.86 -54.51
N LYS W 192 17.96 -10.04 -55.12
CA LYS W 192 18.66 -9.01 -55.94
C LYS W 192 17.79 -8.38 -56.98
N ASP W 193 17.02 -9.20 -57.67
CA ASP W 193 16.23 -8.76 -58.84
C ASP W 193 14.72 -8.62 -58.59
N LYS W 194 14.22 -9.02 -57.43
CA LYS W 194 12.77 -8.88 -57.16
C LYS W 194 12.38 -9.05 -55.68
N ILE W 195 11.20 -8.53 -55.35
CA ILE W 195 10.51 -8.77 -54.09
C ILE W 195 9.26 -9.58 -54.43
N THR W 196 9.06 -10.62 -53.63
CA THR W 196 7.91 -11.51 -53.72
C THR W 196 7.16 -11.44 -52.40
N THR W 197 5.89 -11.05 -52.50
CA THR W 197 5.04 -10.81 -51.37
C THR W 197 3.87 -11.76 -51.43
N ARG W 198 3.74 -12.57 -50.36
CA ARG W 198 2.63 -13.51 -50.24
C ARG W 198 1.85 -13.36 -48.95
N THR W 199 0.54 -13.58 -49.02
CA THR W 199 -0.24 -13.90 -47.83
C THR W 199 -0.50 -15.42 -47.83
N LEU W 200 -0.52 -15.97 -46.63
CA LEU W 200 -0.57 -17.42 -46.42
C LEU W 200 -1.97 -17.88 -46.03
N LYS W 201 -2.37 -19.05 -46.49
CA LYS W 201 -3.57 -19.67 -45.95
C LYS W 201 -3.25 -19.92 -44.46
N ALA W 202 -4.11 -19.46 -43.56
CA ALA W 202 -3.81 -19.46 -42.13
C ALA W 202 -5.06 -19.52 -41.31
N ARG W 203 -4.95 -20.07 -40.11
CA ARG W 203 -6.06 -20.04 -39.16
C ARG W 203 -6.51 -18.59 -38.86
N MET W 204 -7.82 -18.43 -38.74
CA MET W 204 -8.47 -17.16 -38.46
C MET W 204 -9.24 -17.18 -37.13
N ASP W 205 -8.71 -17.94 -36.14
CA ASP W 205 -9.21 -17.94 -34.75
C ASP W 205 -8.19 -17.36 -33.71
N MET X 1 -23.19 4.88 -21.88
CA MET X 1 -21.82 4.82 -22.54
C MET X 1 -21.86 4.62 -24.01
N GLU X 2 -20.85 5.16 -24.68
CA GLU X 2 -21.06 5.80 -25.98
C GLU X 2 -20.84 4.79 -27.08
N TYR X 3 -21.71 4.77 -28.07
CA TYR X 3 -21.56 3.86 -29.16
C TYR X 3 -21.35 4.62 -30.46
N LEU X 4 -20.35 4.17 -31.23
CA LEU X 4 -20.09 4.68 -32.58
C LEU X 4 -20.07 3.47 -33.51
N ILE X 5 -20.56 3.63 -34.74
CA ILE X 5 -20.48 2.58 -35.73
C ILE X 5 -20.37 3.20 -37.12
N GLY X 6 -19.64 2.49 -37.99
CA GLY X 6 -19.45 2.88 -39.35
C GLY X 6 -19.45 1.65 -40.25
N ILE X 7 -20.03 1.84 -41.46
CA ILE X 7 -20.12 0.81 -42.49
C ILE X 7 -19.80 1.50 -43.81
N GLN X 8 -18.74 1.04 -44.47
CA GLN X 8 -18.31 1.59 -45.76
C GLN X 8 -18.83 0.65 -46.86
N GLY X 9 -19.64 1.18 -47.76
CA GLY X 9 -19.91 0.55 -49.08
C GLY X 9 -19.07 1.01 -50.27
N PRO X 10 -19.45 0.59 -51.48
CA PRO X 10 -18.59 0.87 -52.63
C PRO X 10 -18.33 2.33 -52.87
N ASP X 11 -19.36 3.15 -52.66
CA ASP X 11 -19.30 4.58 -52.97
C ASP X 11 -19.90 5.48 -51.87
N TYR X 12 -19.96 4.98 -50.63
CA TYR X 12 -20.48 5.79 -49.50
C TYR X 12 -19.92 5.21 -48.19
N VAL X 13 -20.03 5.98 -47.10
CA VAL X 13 -19.80 5.47 -45.78
C VAL X 13 -20.98 5.94 -44.98
N LEU X 14 -21.55 4.99 -44.22
CA LEU X 14 -22.70 5.22 -43.37
C LEU X 14 -22.13 5.17 -41.93
N VAL X 15 -22.61 6.08 -41.08
CA VAL X 15 -22.15 6.18 -39.71
C VAL X 15 -23.31 6.50 -38.80
N ALA X 16 -23.19 6.02 -37.56
CA ALA X 16 -24.19 6.31 -36.59
C ALA X 16 -23.57 6.41 -35.22
N SER X 17 -24.25 7.06 -34.28
CA SER X 17 -23.76 7.28 -32.95
C SER X 17 -24.90 7.45 -32.00
N ASP X 18 -24.76 7.03 -30.71
CA ASP X 18 -25.87 7.26 -29.78
C ASP X 18 -26.00 8.73 -29.40
N ARG X 19 -27.15 9.09 -28.85
CA ARG X 19 -27.48 10.48 -28.57
C ARG X 19 -27.62 10.80 -27.11
N VAL X 20 -26.98 9.98 -26.26
CA VAL X 20 -27.02 10.17 -24.85
C VAL X 20 -25.77 10.81 -24.34
N ALA X 21 -25.97 11.72 -23.41
CA ALA X 21 -24.88 12.25 -22.58
C ALA X 21 -25.24 11.90 -21.16
N ALA X 22 -24.45 11.06 -20.59
CA ALA X 22 -24.75 10.53 -19.25
C ALA X 22 -23.81 11.06 -18.23
N SER X 23 -24.31 11.08 -17.03
CA SER X 23 -23.55 11.44 -15.89
C SER X 23 -24.06 10.65 -14.65
N ASN X 24 -23.19 9.78 -14.11
CA ASN X 24 -23.49 8.96 -12.94
C ASN X 24 -24.71 8.07 -13.32
N ILE X 25 -25.86 8.15 -12.65
CA ILE X 25 -26.96 7.25 -13.03
C ILE X 25 -27.96 7.85 -14.03
N VAL X 26 -27.77 9.09 -14.49
CA VAL X 26 -28.81 9.79 -15.27
C VAL X 26 -28.37 10.09 -16.66
N GLN X 27 -29.26 9.98 -17.61
CA GLN X 27 -29.02 10.64 -18.93
C GLN X 27 -29.30 12.15 -18.71
N MET X 28 -28.35 12.96 -19.05
CA MET X 28 -28.55 14.42 -18.95
C MET X 28 -28.98 15.07 -20.27
N LYS X 29 -28.74 14.39 -21.36
CA LYS X 29 -29.17 14.82 -22.69
C LYS X 29 -29.48 13.58 -23.51
N ASP X 30 -30.59 13.63 -24.24
CA ASP X 30 -31.02 12.54 -25.10
C ASP X 30 -30.92 12.86 -26.58
N ASP X 31 -30.52 14.09 -26.91
CA ASP X 31 -30.32 14.47 -28.31
C ASP X 31 -28.87 14.89 -28.52
N HIS X 32 -27.94 14.21 -27.89
CA HIS X 32 -26.56 14.54 -28.05
C HIS X 32 -26.09 14.10 -29.43
N ASP X 33 -25.15 14.84 -29.98
CA ASP X 33 -24.55 14.55 -31.29
C ASP X 33 -23.05 14.36 -31.11
N LYS X 34 -22.53 13.18 -31.51
CA LYS X 34 -21.13 12.87 -31.35
C LYS X 34 -20.33 12.99 -32.64
N MET X 35 -20.93 13.62 -33.64
CA MET X 35 -20.30 13.77 -34.95
C MET X 35 -19.86 15.21 -35.19
N PHE X 36 -18.69 15.35 -35.77
CA PHE X 36 -18.08 16.66 -36.03
C PHE X 36 -17.78 16.71 -37.49
N LYS X 37 -18.34 17.71 -38.17
CA LYS X 37 -18.03 17.92 -39.59
C LYS X 37 -16.65 18.55 -39.71
N MET X 38 -15.72 17.89 -40.39
CA MET X 38 -14.37 18.41 -40.54
C MET X 38 -14.24 19.25 -41.84
N SER X 39 -14.97 18.84 -42.85
CA SER X 39 -14.94 19.36 -44.23
C SER X 39 -16.24 18.91 -44.89
N GLU X 40 -16.43 19.20 -46.16
CA GLU X 40 -17.67 18.81 -46.85
C GLU X 40 -17.91 17.29 -46.88
N LYS X 41 -16.83 16.52 -46.88
CA LYS X 41 -16.88 15.12 -47.14
C LYS X 41 -16.17 14.31 -46.03
N ILE X 42 -16.06 14.88 -44.82
CA ILE X 42 -15.39 14.20 -43.70
C ILE X 42 -16.18 14.43 -42.43
N LEU X 43 -16.52 13.31 -41.75
CA LEU X 43 -17.02 13.35 -40.38
C LEU X 43 -16.04 12.62 -39.38
N LEU X 44 -15.81 13.24 -38.23
CA LEU X 44 -15.05 12.67 -37.12
C LEU X 44 -16.04 12.37 -36.00
N LEU X 45 -16.08 11.11 -35.53
CA LEU X 45 -16.98 10.70 -34.45
C LEU X 45 -16.07 10.41 -33.33
N CYS X 46 -16.38 10.99 -32.17
CA CYS X 46 -15.49 11.02 -31.04
CA CYS X 46 -15.50 10.98 -31.00
C CYS X 46 -16.25 10.71 -29.72
N VAL X 47 -15.70 9.78 -28.94
CA VAL X 47 -16.16 9.41 -27.62
C VAL X 47 -14.93 9.28 -26.69
N GLY X 48 -15.18 9.30 -25.39
CA GLY X 48 -14.18 9.12 -24.40
C GLY X 48 -14.40 10.04 -23.22
N GLU X 49 -13.32 10.46 -22.61
CA GLU X 49 -13.42 11.17 -21.39
C GLU X 49 -14.03 12.55 -21.65
N ALA X 50 -14.83 12.99 -20.70
CA ALA X 50 -15.38 14.34 -20.70
C ALA X 50 -14.25 15.39 -20.81
N GLY X 51 -14.52 16.40 -21.64
CA GLY X 51 -13.61 17.52 -21.85
C GLY X 51 -12.69 17.11 -22.98
N ASP X 52 -11.89 16.07 -22.76
CA ASP X 52 -10.96 15.60 -23.78
C ASP X 52 -11.63 15.42 -25.14
N THR X 53 -12.84 14.90 -25.17
CA THR X 53 -13.42 14.54 -26.42
C THR X 53 -13.74 15.76 -27.26
N VAL X 54 -14.42 16.72 -26.69
CA VAL X 54 -14.74 17.95 -27.42
C VAL X 54 -13.44 18.77 -27.71
N GLN X 55 -12.57 18.93 -26.71
CA GLN X 55 -11.40 19.71 -26.90
C GLN X 55 -10.61 19.14 -28.08
N PHE X 56 -10.49 17.83 -28.10
CA PHE X 56 -9.73 17.20 -29.17
C PHE X 56 -10.37 17.30 -30.55
N ALA X 57 -11.65 16.92 -30.65
CA ALA X 57 -12.35 16.96 -31.89
C ALA X 57 -12.41 18.37 -32.51
N GLU X 58 -12.74 19.36 -31.70
CA GLU X 58 -12.75 20.77 -32.16
C GLU X 58 -11.39 21.33 -32.57
N TYR X 59 -10.34 20.93 -31.89
CA TYR X 59 -9.02 21.32 -32.30
C TYR X 59 -8.72 20.76 -33.70
N ILE X 60 -9.03 19.51 -33.92
CA ILE X 60 -8.83 18.90 -35.23
C ILE X 60 -9.70 19.62 -36.32
N GLN X 61 -10.96 19.79 -36.02
CA GLN X 61 -11.90 20.39 -36.88
C GLN X 61 -11.36 21.80 -37.33
N LYS X 62 -10.98 22.67 -36.37
CA LYS X 62 -10.46 23.97 -36.68
C LYS X 62 -9.25 23.92 -37.55
N ASN X 63 -8.35 22.99 -37.31
CA ASN X 63 -7.17 22.90 -38.11
C ASN X 63 -7.39 22.35 -39.50
N VAL X 64 -8.39 21.47 -39.67
CA VAL X 64 -8.75 20.95 -41.01
C VAL X 64 -9.38 22.08 -41.83
N GLN X 65 -10.17 22.89 -41.17
CA GLN X 65 -10.82 24.03 -41.81
C GLN X 65 -9.76 25.08 -42.16
N LEU X 66 -8.81 25.30 -41.27
CA LEU X 66 -7.72 26.19 -41.48
C LEU X 66 -6.93 25.77 -42.73
N TYR X 67 -6.71 24.47 -42.86
CA TYR X 67 -6.03 23.91 -44.03
C TYR X 67 -6.76 24.28 -45.34
N LYS X 68 -8.08 24.13 -45.33
CA LYS X 68 -8.92 24.51 -46.42
C LYS X 68 -8.76 26.01 -46.76
N MET X 69 -8.80 26.87 -45.75
CA MET X 69 -8.64 28.29 -45.96
C MET X 69 -7.26 28.65 -46.45
N ARG X 70 -6.20 28.01 -45.97
CA ARG X 70 -4.86 28.38 -46.39
C ARG X 70 -4.62 27.88 -47.80
N ASN X 71 -5.21 26.76 -48.19
CA ASN X 71 -4.79 26.12 -49.40
C ASN X 71 -5.84 25.99 -50.50
N GLY X 72 -7.08 26.33 -50.21
CA GLY X 72 -8.08 26.45 -51.23
C GLY X 72 -8.70 25.17 -51.64
N TYR X 73 -8.32 24.05 -51.02
CA TYR X 73 -8.92 22.79 -51.27
C TYR X 73 -8.75 22.04 -49.92
N GLU X 74 -9.48 20.93 -49.79
CA GLU X 74 -9.61 20.18 -48.53
C GLU X 74 -8.65 19.00 -48.39
N LEU X 75 -8.35 18.67 -47.14
CA LEU X 75 -7.62 17.46 -46.83
C LEU X 75 -8.44 16.18 -47.15
N SER X 76 -7.75 15.22 -47.72
CA SER X 76 -8.37 13.95 -48.01
C SER X 76 -8.72 13.19 -46.63
N PRO X 77 -9.75 12.35 -46.65
CA PRO X 77 -10.03 11.57 -45.47
C PRO X 77 -8.77 10.90 -44.87
N THR X 78 -7.93 10.39 -45.72
CA THR X 78 -6.71 9.73 -45.33
C THR X 78 -5.74 10.69 -44.70
N ALA X 79 -5.50 11.78 -45.38
CA ALA X 79 -4.63 12.78 -44.84
C ALA X 79 -5.17 13.28 -43.49
N ALA X 80 -6.49 13.47 -43.37
CA ALA X 80 -7.07 14.03 -42.15
C ALA X 80 -6.93 12.98 -41.03
N ALA X 81 -7.05 11.70 -41.40
CA ALA X 81 -6.93 10.62 -40.43
C ALA X 81 -5.53 10.62 -39.92
N ASN X 82 -4.56 10.77 -40.80
CA ASN X 82 -3.19 10.77 -40.33
C ASN X 82 -2.82 11.97 -39.53
N PHE X 83 -3.42 13.10 -39.88
CA PHE X 83 -3.21 14.34 -39.12
C PHE X 83 -3.75 14.09 -37.71
N THR X 84 -4.93 13.52 -37.64
CA THR X 84 -5.59 13.28 -36.38
C THR X 84 -4.71 12.34 -35.49
N ARG X 85 -4.22 11.28 -36.11
CA ARG X 85 -3.30 10.33 -35.47
C ARG X 85 -2.01 11.00 -35.02
N ARG X 86 -1.44 11.91 -35.83
CA ARG X 86 -0.13 12.54 -35.45
C ARG X 86 -0.34 13.31 -34.19
N ASN X 87 -1.46 14.01 -34.10
CA ASN X 87 -1.71 14.84 -32.92
C ASN X 87 -1.90 13.93 -31.65
N LEU X 88 -2.71 12.92 -31.78
CA LEU X 88 -3.04 12.05 -30.66
C LEU X 88 -1.80 11.37 -30.14
N ALA X 89 -1.05 10.76 -31.05
CA ALA X 89 0.20 10.10 -30.75
C ALA X 89 1.25 11.03 -30.16
N ASP X 90 1.34 12.26 -30.69
CA ASP X 90 2.31 13.23 -30.13
C ASP X 90 1.91 13.61 -28.70
N 6V1 X 91 0.62 13.61 -28.35
CA 6V1 X 91 0.17 14.00 -27.02
C 6V1 X 91 0.21 12.85 -26.02
O 6V1 X 91 0.10 13.05 -24.81
CB 6V1 X 91 -1.23 14.65 -27.06
SG 6V1 X 91 -1.03 16.41 -27.52
C1 6V1 X 91 -1.47 16.81 -29.19
C2 6V1 X 91 -2.98 16.90 -29.30
N3 6V1 X 91 -3.39 18.21 -29.55
C4 6V1 X 91 -2.33 18.94 -29.93
C5 6V1 X 91 -1.01 18.19 -29.74
C6 6V1 X 91 -4.64 18.92 -29.23
O7 6V1 X 91 -3.61 15.83 -29.08
O8 6V1 X 91 -2.37 20.12 -30.26
C3 6V1 X 91 -5.84 18.16 -29.63
N LEU X 92 0.40 11.64 -26.54
CA LEU X 92 0.27 10.43 -25.71
C LEU X 92 1.18 10.37 -24.50
N ARG X 93 2.42 10.77 -24.69
CA ARG X 93 3.40 10.76 -23.63
C ARG X 93 3.60 12.13 -23.05
N SER X 94 2.76 13.10 -23.39
CA SER X 94 2.95 14.49 -22.96
C SER X 94 2.23 14.71 -21.66
N ARG X 95 2.27 15.94 -21.21
CA ARG X 95 1.47 16.39 -20.05
C ARG X 95 0.00 16.51 -20.40
N THR X 96 -0.36 16.49 -21.67
CA THR X 96 -1.75 16.63 -22.05
C THR X 96 -2.23 15.52 -23.02
N PRO X 97 -2.33 14.28 -22.54
CA PRO X 97 -2.87 13.20 -23.40
C PRO X 97 -4.37 13.42 -23.55
N TYR X 98 -4.95 12.96 -24.62
CA TYR X 98 -6.39 13.05 -24.80
C TYR X 98 -6.97 11.62 -24.79
N HIS X 99 -7.88 11.35 -23.87
CA HIS X 99 -8.48 9.97 -23.76
CA HIS X 99 -8.48 10.01 -23.74
C HIS X 99 -9.74 9.92 -24.60
N VAL X 100 -9.55 9.69 -25.89
CA VAL X 100 -10.65 9.69 -26.86
C VAL X 100 -10.51 8.53 -27.80
N ASN X 101 -11.64 7.96 -28.27
CA ASN X 101 -11.64 6.90 -29.26
C ASN X 101 -12.43 7.45 -30.42
N LEU X 102 -12.03 7.15 -31.67
CA LEU X 102 -12.59 7.82 -32.78
C LEU X 102 -12.90 6.88 -33.96
N LEU X 103 -13.87 7.32 -34.78
CA LEU X 103 -13.97 6.95 -36.19
C LEU X 103 -13.84 8.22 -37.07
N LEU X 104 -13.20 8.04 -38.21
CA LEU X 104 -13.18 9.06 -39.24
C LEU X 104 -13.73 8.45 -40.48
N ALA X 105 -14.81 9.04 -40.96
CA ALA X 105 -15.49 8.64 -42.19
C ALA X 105 -15.34 9.77 -43.22
N GLY X 106 -15.02 9.38 -44.46
CA GLY X 106 -14.95 10.33 -45.54
C GLY X 106 -15.13 9.76 -46.92
N TYR X 107 -15.29 10.69 -47.87
CA TYR X 107 -15.34 10.37 -49.27
C TYR X 107 -14.34 11.26 -50.00
N ASP X 108 -13.41 10.64 -50.72
CA ASP X 108 -12.45 11.33 -51.59
C ASP X 108 -12.81 11.17 -53.08
N GLU X 109 -12.70 12.23 -53.84
CA GLU X 109 -12.93 12.21 -55.29
C GLU X 109 -12.24 11.03 -55.98
N HIS X 110 -10.96 10.79 -55.68
CA HIS X 110 -10.14 9.79 -56.37
C HIS X 110 -10.01 8.44 -55.68
N GLU X 111 -9.95 8.41 -54.35
CA GLU X 111 -9.84 7.17 -53.58
C GLU X 111 -11.20 6.55 -53.15
N GLY X 112 -12.32 7.26 -53.29
CA GLY X 112 -13.64 6.74 -52.89
C GLY X 112 -13.88 6.84 -51.38
N PRO X 113 -14.89 6.14 -50.86
CA PRO X 113 -15.20 6.21 -49.45
C PRO X 113 -14.15 5.54 -48.55
N ALA X 114 -14.01 6.04 -47.31
CA ALA X 114 -13.06 5.50 -46.35
C ALA X 114 -13.61 5.61 -44.94
N LEU X 115 -13.27 4.61 -44.14
CA LEU X 115 -13.58 4.52 -42.72
C LEU X 115 -12.32 4.15 -41.96
N TYR X 116 -12.00 4.98 -40.98
CA TYR X 116 -10.84 4.81 -40.14
C TYR X 116 -11.24 4.64 -38.69
N TYR X 117 -10.52 3.75 -38.04
CA TYR X 117 -10.67 3.50 -36.63
C TYR X 117 -9.44 3.96 -35.91
N MET X 118 -9.66 4.66 -34.81
CA MET X 118 -8.56 5.04 -33.94
C MET X 118 -8.91 4.88 -32.46
N ASP X 119 -8.00 4.31 -31.68
CA ASP X 119 -8.16 4.23 -30.25
C ASP X 119 -7.35 5.33 -29.57
N TYR X 120 -7.51 5.42 -28.24
CA TYR X 120 -6.85 6.46 -27.46
C TYR X 120 -5.34 6.38 -27.49
N LEU X 121 -4.79 5.20 -27.73
CA LEU X 121 -3.36 5.09 -27.94
C LEU X 121 -2.85 5.67 -29.28
N ALA X 122 -3.77 5.90 -30.20
CA ALA X 122 -3.50 6.52 -31.53
C ALA X 122 -3.05 5.48 -32.59
N ALA X 123 -3.44 4.22 -32.36
CA ALA X 123 -3.35 3.20 -33.40
C ALA X 123 -4.40 3.48 -34.43
N LEU X 124 -4.02 3.54 -35.71
CA LEU X 124 -4.93 3.89 -36.78
C LEU X 124 -5.06 2.69 -37.71
N ALA X 125 -6.30 2.29 -37.97
CA ALA X 125 -6.60 1.21 -38.91
C ALA X 125 -7.72 1.63 -39.82
N LYS X 126 -7.55 1.33 -41.08
CA LYS X 126 -8.62 1.48 -42.04
C LYS X 126 -9.43 0.17 -41.99
N ALA X 127 -10.74 0.25 -42.14
CA ALA X 127 -11.60 -0.90 -42.01
C ALA X 127 -12.83 -0.75 -42.87
N PRO X 128 -13.40 -1.86 -43.35
CA PRO X 128 -14.64 -1.77 -44.08
C PRO X 128 -15.83 -1.47 -43.19
N PHE X 129 -15.69 -1.78 -41.90
CA PHE X 129 -16.68 -1.40 -40.89
C PHE X 129 -16.04 -1.47 -39.52
N ALA X 130 -16.66 -0.84 -38.51
CA ALA X 130 -16.02 -0.74 -37.22
C ALA X 130 -16.97 -0.12 -36.24
N ALA X 131 -16.64 -0.29 -34.95
CA ALA X 131 -17.45 0.28 -33.89
C ALA X 131 -16.67 0.43 -32.62
N HIS X 132 -17.14 1.36 -31.78
CA HIS X 132 -16.50 1.68 -30.56
C HIS X 132 -17.54 1.61 -29.48
N GLY X 133 -17.05 1.47 -28.28
CA GLY X 133 -17.89 1.41 -27.07
C GLY X 133 -18.19 -0.06 -26.73
N TYR X 134 -18.66 -0.26 -25.54
CA TYR X 134 -19.14 -1.57 -25.08
C TYR X 134 -20.14 -2.17 -26.06
N GLY X 135 -20.99 -1.36 -26.70
CA GLY X 135 -21.92 -1.82 -27.68
C GLY X 135 -21.27 -2.52 -28.83
N ALA X 136 -20.02 -2.20 -29.10
CA ALA X 136 -19.27 -2.85 -30.20
C ALA X 136 -19.13 -4.33 -29.97
N PHE X 137 -19.04 -4.72 -28.71
CA PHE X 137 -18.89 -6.11 -28.37
C PHE X 137 -20.07 -6.96 -28.82
N LEU X 138 -21.25 -6.37 -28.83
CA LEU X 138 -22.47 -7.05 -29.20
C LEU X 138 -22.82 -6.89 -30.66
N THR X 139 -22.17 -5.92 -31.36
CA THR X 139 -22.52 -5.66 -32.75
C THR X 139 -21.50 -6.05 -33.83
N LEU X 140 -20.22 -6.13 -33.49
CA LEU X 140 -19.22 -6.40 -34.49
C LEU X 140 -19.45 -7.75 -35.21
N SER X 141 -19.94 -8.74 -34.48
CA SER X 141 -20.19 -10.05 -35.07
C SER X 141 -21.39 -10.07 -35.97
N ILE X 142 -22.38 -9.24 -35.66
CA ILE X 142 -23.50 -8.99 -36.58
C ILE X 142 -22.97 -8.43 -37.92
N LEU X 143 -22.06 -7.48 -37.84
CA LEU X 143 -21.46 -6.92 -39.03
C LEU X 143 -20.62 -7.95 -39.76
N ASP X 144 -19.79 -8.71 -39.03
CA ASP X 144 -19.01 -9.81 -39.66
C ASP X 144 -19.91 -10.81 -40.33
N ARG X 145 -21.08 -11.04 -39.79
CA ARG X 145 -21.99 -12.09 -40.29
C ARG X 145 -22.65 -11.68 -41.63
N TYR X 146 -23.04 -10.43 -41.75
CA TYR X 146 -23.87 -9.96 -42.86
C TYR X 146 -23.21 -8.97 -43.85
N TYR X 147 -22.13 -8.29 -43.47
CA TYR X 147 -21.50 -7.31 -44.36
C TYR X 147 -20.90 -7.98 -45.60
N THR X 148 -21.04 -7.32 -46.74
CA THR X 148 -20.27 -7.68 -47.93
C THR X 148 -19.76 -6.37 -48.54
N PRO X 149 -18.62 -6.40 -49.25
CA PRO X 149 -18.05 -5.14 -49.77
C PRO X 149 -18.95 -4.37 -50.71
N THR X 150 -19.86 -5.05 -51.40
CA THR X 150 -20.73 -4.38 -52.36
C THR X 150 -22.08 -3.99 -51.76
N ILE X 151 -22.19 -4.09 -50.45
CA ILE X 151 -23.44 -3.80 -49.76
C ILE X 151 -23.99 -2.43 -50.19
N SER X 152 -25.27 -2.41 -50.54
CA SER X 152 -25.94 -1.19 -50.98
C SER X 152 -26.27 -0.36 -49.77
N ARG X 153 -26.54 0.91 -50.00
CA ARG X 153 -26.78 1.77 -48.87
C ARG X 153 -28.12 1.44 -48.15
N GLU X 154 -29.11 0.99 -48.90
CA GLU X 154 -30.39 0.52 -48.33
C GLU X 154 -30.22 -0.65 -47.34
N ARG X 155 -29.46 -1.67 -47.74
CA ARG X 155 -29.13 -2.81 -46.90
C ARG X 155 -28.14 -2.45 -45.76
N ALA X 156 -27.25 -1.48 -45.96
CA ALA X 156 -26.41 -0.95 -44.90
C ALA X 156 -27.25 -0.33 -43.78
N VAL X 157 -28.27 0.46 -44.14
CA VAL X 157 -29.16 1.06 -43.13
C VAL X 157 -29.92 -0.04 -42.40
N GLU X 158 -30.31 -1.08 -43.15
CA GLU X 158 -30.89 -2.24 -42.52
C GLU X 158 -29.95 -3.00 -41.58
N LEU X 159 -28.71 -3.20 -42.02
CA LEU X 159 -27.70 -3.86 -41.22
C LEU X 159 -27.42 -3.04 -39.95
N LEU X 160 -27.30 -1.70 -40.14
CA LEU X 160 -27.19 -0.76 -39.02
C LEU X 160 -28.33 -0.97 -38.02
N ARG X 161 -29.55 -1.05 -38.54
CA ARG X 161 -30.72 -1.22 -37.69
C ARG X 161 -30.68 -2.52 -36.90
N LYS X 162 -30.16 -3.58 -37.49
CA LYS X 162 -30.02 -4.88 -36.76
C LYS X 162 -29.07 -4.71 -35.57
N CYS X 163 -27.93 -4.06 -35.79
CA CYS X 163 -27.00 -3.65 -34.73
C CYS X 163 -27.67 -2.89 -33.59
N LEU X 164 -28.43 -1.87 -33.94
CA LEU X 164 -29.05 -1.02 -32.94
C LEU X 164 -30.16 -1.74 -32.19
N GLU X 165 -30.88 -2.62 -32.87
CA GLU X 165 -31.91 -3.45 -32.23
C GLU X 165 -31.23 -4.40 -31.23
N GLU X 166 -30.09 -4.95 -31.60
CA GLU X 166 -29.37 -5.86 -30.68
C GLU X 166 -29.00 -5.14 -29.39
N LEU X 167 -28.72 -3.84 -29.46
CA LEU X 167 -28.44 -3.05 -28.24
C LEU X 167 -29.67 -2.86 -27.36
N GLN X 168 -30.81 -2.65 -27.99
CA GLN X 168 -32.09 -2.56 -27.27
C GLN X 168 -32.36 -3.90 -26.55
N LYS X 169 -32.03 -5.02 -27.20
CA LYS X 169 -32.35 -6.31 -26.66
C LYS X 169 -31.39 -6.70 -25.54
N ARG X 170 -30.11 -6.60 -25.84
CA ARG X 170 -29.10 -7.30 -25.08
C ARG X 170 -28.20 -6.40 -24.27
N PHE X 171 -28.01 -5.14 -24.63
CA PHE X 171 -27.10 -4.26 -23.91
C PHE X 171 -27.70 -3.68 -22.60
N ILE X 172 -26.93 -3.60 -21.54
CA ILE X 172 -27.46 -3.18 -20.25
C ILE X 172 -27.78 -1.68 -20.14
N LEU X 173 -27.21 -0.86 -21.02
CA LEU X 173 -27.47 0.54 -21.00
C LEU X 173 -28.59 0.97 -21.96
N ASN X 174 -29.29 1.98 -21.51
CA ASN X 174 -30.42 2.58 -22.17
C ASN X 174 -29.94 3.61 -23.21
N LEU X 175 -29.78 3.15 -24.46
CA LEU X 175 -29.46 3.97 -25.61
C LEU X 175 -30.60 3.96 -26.60
N PRO X 176 -31.60 4.82 -26.41
CA PRO X 176 -32.81 4.69 -27.19
C PRO X 176 -32.83 5.33 -28.57
N THR X 177 -31.90 6.24 -28.85
CA THR X 177 -31.87 6.96 -30.12
C THR X 177 -30.47 7.13 -30.65
N PHE X 178 -30.35 7.12 -31.97
CA PHE X 178 -29.08 7.24 -32.68
C PHE X 178 -29.14 8.23 -33.83
N SER X 179 -28.04 9.00 -33.98
CA SER X 179 -27.82 9.87 -35.14
C SER X 179 -27.31 8.97 -36.24
N VAL X 180 -27.77 9.22 -37.46
CA VAL X 180 -27.33 8.48 -38.62
C VAL X 180 -27.04 9.50 -39.77
N ARG X 181 -25.85 9.36 -40.39
CA ARG X 181 -25.45 10.19 -41.49
C ARG X 181 -24.77 9.31 -42.51
N ILE X 182 -24.79 9.76 -43.76
CA ILE X 182 -24.04 9.09 -44.80
C ILE X 182 -23.23 10.11 -45.60
N ILE X 183 -22.08 9.66 -46.08
CA ILE X 183 -21.19 10.46 -46.89
C ILE X 183 -20.93 9.77 -48.20
N ASP X 184 -21.03 10.55 -49.29
CA ASP X 184 -20.75 10.09 -50.63
C ASP X 184 -20.21 11.26 -51.47
N LYS X 185 -20.10 11.01 -52.79
CA LYS X 185 -19.62 12.01 -53.74
C LYS X 185 -20.30 13.40 -53.61
N ASN X 186 -21.55 13.45 -53.17
CA ASN X 186 -22.27 14.69 -52.93
C ASN X 186 -22.22 15.23 -51.52
N GLY X 187 -21.35 14.69 -50.68
CA GLY X 187 -21.19 15.22 -49.34
C GLY X 187 -21.91 14.41 -48.23
N ILE X 188 -22.33 15.12 -47.19
CA ILE X 188 -22.77 14.60 -45.96
C ILE X 188 -24.24 14.82 -45.94
N HIS X 189 -24.97 13.73 -45.72
CA HIS X 189 -26.41 13.72 -45.69
C HIS X 189 -26.92 13.24 -44.33
N ASP X 190 -27.84 13.98 -43.75
CA ASP X 190 -28.46 13.52 -42.50
C ASP X 190 -29.56 12.53 -42.83
N LEU X 191 -29.53 11.33 -42.26
CA LEU X 191 -30.69 10.44 -42.36
C LEU X 191 -31.60 10.64 -41.13
N ASP X 192 -32.79 10.03 -41.14
CA ASP X 192 -33.66 10.06 -39.96
C ASP X 192 -32.87 9.39 -38.84
N ASN X 193 -33.07 9.89 -37.62
CA ASN X 193 -32.58 9.21 -36.43
C ASN X 193 -33.28 7.86 -36.33
N ILE X 194 -32.56 6.89 -35.82
CA ILE X 194 -33.13 5.57 -35.54
C ILE X 194 -33.45 5.58 -34.08
N SER X 195 -34.72 5.36 -33.78
CA SER X 195 -35.24 5.55 -32.44
C SER X 195 -36.08 4.36 -31.98
N PHE X 196 -36.13 4.19 -30.66
CA PHE X 196 -36.91 3.11 -30.01
C PHE X 196 -37.74 3.75 -28.90
N THR Y 1 -26.47 20.18 -2.19
CA THR Y 1 -27.12 21.16 -3.06
C THR Y 1 -28.07 20.58 -4.01
N THR Y 2 -29.12 21.33 -4.35
CA THR Y 2 -29.90 21.06 -5.52
C THR Y 2 -30.09 22.38 -6.32
N THR Y 3 -29.76 22.35 -7.61
CA THR Y 3 -30.03 23.45 -8.55
C THR Y 3 -30.74 22.81 -9.70
N LEU Y 4 -31.63 23.56 -10.32
CA LEU Y 4 -32.22 23.16 -11.57
C LEU Y 4 -32.44 24.37 -12.50
N ALA Y 5 -32.60 24.08 -13.77
CA ALA Y 5 -33.08 25.07 -14.71
C ALA Y 5 -33.73 24.43 -15.86
N PHE Y 6 -34.64 25.18 -16.52
CA PHE Y 6 -35.28 24.69 -17.74
C PHE Y 6 -35.71 25.79 -18.66
N LYS Y 7 -35.59 25.56 -19.96
CA LYS Y 7 -36.13 26.45 -20.97
C LYS Y 7 -37.56 26.14 -21.16
N PHE Y 8 -38.30 27.17 -21.48
CA PHE Y 8 -39.70 26.99 -21.88
C PHE Y 8 -40.10 28.21 -22.70
N ARG Y 9 -41.36 28.21 -23.18
CA ARG Y 9 -41.86 29.28 -24.07
C ARG Y 9 -41.54 30.67 -23.54
N HIS Y 10 -41.67 30.89 -22.25
CA HIS Y 10 -41.42 32.19 -21.62
C HIS Y 10 -40.06 32.44 -20.97
N GLY Y 11 -39.02 31.70 -21.39
CA GLY Y 11 -37.65 31.99 -20.99
C GLY Y 11 -36.97 30.81 -20.26
N VAL Y 12 -36.22 31.10 -19.22
CA VAL Y 12 -35.60 30.04 -18.45
C VAL Y 12 -35.83 30.25 -16.99
N ILE Y 13 -36.34 29.21 -16.35
CA ILE Y 13 -36.47 29.15 -14.92
C ILE Y 13 -35.19 28.64 -14.33
N VAL Y 14 -34.79 29.26 -13.22
CA VAL Y 14 -33.59 28.87 -12.54
C VAL Y 14 -33.87 28.85 -11.06
N ALA Y 15 -33.50 27.74 -10.39
CA ALA Y 15 -33.78 27.62 -8.95
C ALA Y 15 -32.73 26.85 -8.18
N ALA Y 16 -32.58 27.16 -6.90
CA ALA Y 16 -31.58 26.52 -6.06
C ALA Y 16 -32.01 26.53 -4.62
N ASP Y 17 -31.43 25.55 -3.89
CA ASP Y 17 -31.54 25.56 -2.43
C ASP Y 17 -30.45 26.49 -1.88
N SER Y 18 -30.25 26.54 -0.56
CA SER Y 18 -29.31 27.46 -0.02
C SER Y 18 -28.42 26.94 1.08
N ARG Y 19 -28.16 25.62 1.07
CA ARG Y 19 -27.38 24.99 2.13
C ARG Y 19 -25.95 24.76 1.72
N ALA Y 20 -25.07 24.99 2.65
CA ALA Y 20 -23.71 24.56 2.49
C ALA Y 20 -23.34 23.73 3.70
N THR Y 21 -22.50 22.75 3.43
CA THR Y 21 -22.01 21.82 4.43
C THR Y 21 -20.52 21.66 4.38
N ALA Y 22 -19.98 21.35 5.56
CA ALA Y 22 -18.63 20.89 5.71
C ALA Y 22 -18.70 19.51 6.34
N GLY Y 23 -18.50 18.48 5.56
CA GLY Y 23 -18.88 17.10 5.93
C GLY Y 23 -20.36 17.10 6.25
N ALA Y 24 -20.71 16.63 7.43
CA ALA Y 24 -22.11 16.67 7.89
C ALA Y 24 -22.48 17.94 8.69
N TYR Y 25 -21.54 18.88 8.95
CA TYR Y 25 -21.87 20.09 9.64
C TYR Y 25 -22.60 21.04 8.64
N ILE Y 26 -23.73 21.61 9.03
CA ILE Y 26 -24.41 22.61 8.19
C ILE Y 26 -23.68 23.97 8.46
N ALA Y 27 -22.90 24.38 7.48
CA ALA Y 27 -22.08 25.62 7.54
C ALA Y 27 -22.97 26.86 7.31
N SER Y 28 -23.95 26.73 6.39
CA SER Y 28 -24.86 27.86 6.16
C SER Y 28 -26.15 27.38 5.60
N GLN Y 29 -27.22 28.13 5.89
CA GLN Y 29 -28.57 27.91 5.33
C GLN Y 29 -28.95 29.09 4.37
N THR Y 30 -28.02 29.99 4.10
CA THR Y 30 -28.32 31.23 3.34
C THR Y 30 -27.31 31.50 2.26
N VAL Y 31 -26.82 30.48 1.59
CA VAL Y 31 -25.93 30.66 0.48
C VAL Y 31 -26.78 31.13 -0.73
N LYS Y 32 -26.25 32.12 -1.47
CA LYS Y 32 -26.80 32.43 -2.78
C LYS Y 32 -26.15 31.60 -3.87
N LYS Y 33 -26.82 30.61 -4.41
CA LYS Y 33 -26.21 29.73 -5.38
C LYS Y 33 -26.48 30.13 -6.84
N VAL Y 34 -27.30 31.14 -7.06
CA VAL Y 34 -27.60 31.67 -8.41
C VAL Y 34 -26.82 32.97 -8.51
N ILE Y 35 -25.81 33.01 -9.34
CA ILE Y 35 -24.95 34.23 -9.49
C ILE Y 35 -25.34 35.06 -10.73
N GLU Y 36 -25.41 36.33 -10.50
CA GLU Y 36 -25.80 37.33 -11.55
C GLU Y 36 -24.53 37.65 -12.34
N ILE Y 37 -24.39 37.03 -13.51
CA ILE Y 37 -23.21 37.27 -14.35
C ILE Y 37 -23.34 38.60 -15.05
N ASN Y 38 -24.49 38.88 -15.67
CA ASN Y 38 -24.86 40.23 -16.10
C ASN Y 38 -26.38 40.30 -16.10
N PRO Y 39 -26.98 41.43 -16.54
CA PRO Y 39 -28.43 41.46 -16.34
C PRO Y 39 -29.25 40.44 -17.17
N TYR Y 40 -28.62 39.72 -18.11
CA TYR Y 40 -29.30 38.75 -18.94
C TYR Y 40 -28.75 37.28 -18.83
N LEU Y 41 -27.88 37.04 -17.82
CA LEU Y 41 -27.13 35.80 -17.70
C LEU Y 41 -26.91 35.45 -16.25
N LEU Y 42 -27.33 34.23 -15.90
CA LEU Y 42 -27.16 33.67 -14.62
C LEU Y 42 -26.35 32.41 -14.66
N GLY Y 43 -25.60 32.22 -13.60
CA GLY Y 43 -24.87 30.94 -13.41
C GLY Y 43 -25.30 30.35 -12.10
N THR Y 44 -25.37 29.01 -12.02
CA THR Y 44 -25.68 28.32 -10.79
C THR Y 44 -24.46 27.57 -10.27
N MET Y 45 -24.41 27.46 -8.95
CA MET Y 45 -23.30 26.82 -8.22
C MET Y 45 -23.75 25.50 -7.53
N ALA Y 46 -22.98 24.46 -7.80
CA ALA Y 46 -23.03 23.23 -7.04
C ALA Y 46 -21.65 22.63 -7.03
N GLY Y 47 -21.22 22.12 -5.89
CA GLY Y 47 -19.93 21.41 -5.69
C GLY Y 47 -19.15 22.13 -4.64
N GLY Y 48 -17.85 22.33 -4.86
CA GLY Y 48 -17.03 23.13 -3.96
C GLY Y 48 -17.46 24.59 -3.94
N ALA Y 49 -17.67 25.14 -2.75
CA ALA Y 49 -18.18 26.48 -2.63
C ALA Y 49 -17.18 27.51 -3.16
N ALA Y 50 -15.95 27.38 -2.75
CA ALA Y 50 -14.90 28.29 -3.20
C ALA Y 50 -14.62 28.12 -4.68
N ASP Y 51 -14.56 26.89 -5.18
CA ASP Y 51 -14.38 26.70 -6.57
C ASP Y 51 -15.48 27.33 -7.42
N CYS Y 52 -16.75 27.04 -7.15
CA CYS Y 52 -17.81 27.68 -7.91
C CYS Y 52 -17.75 29.18 -7.85
N SER Y 53 -17.65 29.76 -6.66
CA SER Y 53 -17.63 31.23 -6.46
C SER Y 53 -16.54 31.90 -7.26
N PHE Y 54 -15.34 31.34 -7.17
CA PHE Y 54 -14.24 31.93 -7.84
C PHE Y 54 -14.41 31.85 -9.34
N TRP Y 55 -14.74 30.69 -9.86
CA TRP Y 55 -14.77 30.52 -11.30
C TRP Y 55 -15.95 31.26 -11.95
N GLU Y 56 -17.07 31.36 -11.24
CA GLU Y 56 -18.17 32.09 -11.79
C GLU Y 56 -17.95 33.61 -11.73
N ARG Y 57 -17.21 34.06 -10.73
CA ARG Y 57 -16.84 35.43 -10.63
C ARG Y 57 -15.83 35.80 -11.75
N LEU Y 58 -14.91 34.88 -12.02
CA LEU Y 58 -13.99 35.04 -13.09
C LEU Y 58 -14.71 35.05 -14.44
N LEU Y 59 -15.69 34.19 -14.59
CA LEU Y 59 -16.48 34.23 -15.78
C LEU Y 59 -17.15 35.58 -15.97
N ALA Y 60 -17.71 36.13 -14.91
CA ALA Y 60 -18.40 37.43 -14.96
C ALA Y 60 -17.41 38.51 -15.41
N ARG Y 61 -16.23 38.53 -14.83
CA ARG Y 61 -15.14 39.39 -15.33
C ARG Y 61 -14.93 39.28 -16.84
N GLN Y 62 -14.76 38.06 -17.31
CA GLN Y 62 -14.44 37.82 -18.68
C GLN Y 62 -15.58 38.25 -19.61
N CYS Y 63 -16.82 37.93 -19.22
CA CYS Y 63 -17.96 38.37 -20.02
C CYS Y 63 -18.04 39.90 -20.16
N ARG Y 64 -17.76 40.59 -19.07
CA ARG Y 64 -17.79 42.01 -19.03
C ARG Y 64 -16.68 42.63 -19.96
N ILE Y 65 -15.45 42.15 -19.86
CA ILE Y 65 -14.37 42.48 -20.79
C ILE Y 65 -14.79 42.25 -22.23
N TYR Y 66 -15.38 41.09 -22.47
CA TYR Y 66 -15.83 40.76 -23.80
C TYR Y 66 -16.78 41.83 -24.35
N GLU Y 67 -17.72 42.24 -23.52
CA GLU Y 67 -18.75 43.19 -23.90
C GLU Y 67 -18.14 44.55 -24.25
N LEU Y 68 -17.22 45.01 -23.41
CA LEU Y 68 -16.44 46.19 -23.67
C LEU Y 68 -15.61 46.11 -24.94
N ARG Y 69 -14.92 45.00 -25.22
CA ARG Y 69 -14.13 44.92 -26.45
C ARG Y 69 -14.98 44.81 -27.71
N ASN Y 70 -16.09 44.04 -27.65
CA ASN Y 70 -16.86 43.71 -28.83
C ASN Y 70 -18.10 44.56 -29.06
N LYS Y 71 -18.54 45.29 -28.05
CA LYS Y 71 -19.67 46.22 -28.15
C LYS Y 71 -20.95 45.52 -28.37
N GLU Y 72 -21.04 44.33 -27.82
CA GLU Y 72 -22.27 43.56 -27.75
C GLU Y 72 -22.19 42.50 -26.66
N ARG Y 73 -23.37 42.17 -26.16
CA ARG Y 73 -23.64 41.11 -25.20
C ARG Y 73 -22.96 39.82 -25.68
N ILE Y 74 -22.29 39.14 -24.78
CA ILE Y 74 -21.85 37.74 -25.05
C ILE Y 74 -23.06 36.80 -25.16
N SER Y 75 -23.01 35.87 -26.12
CA SER Y 75 -24.01 34.79 -26.19
C SER Y 75 -23.85 33.79 -25.02
N VAL Y 76 -24.91 33.04 -24.75
CA VAL Y 76 -24.92 31.97 -23.76
C VAL Y 76 -23.90 30.91 -24.17
N ALA Y 77 -23.87 30.58 -25.45
CA ALA Y 77 -22.92 29.65 -25.98
C ALA Y 77 -21.50 30.01 -25.69
N ALA Y 78 -21.15 31.25 -26.02
CA ALA Y 78 -19.80 31.73 -25.82
C ALA Y 78 -19.43 31.85 -24.38
N ALA Y 79 -20.37 32.24 -23.52
CA ALA Y 79 -20.04 32.43 -22.14
C ALA Y 79 -19.77 31.04 -21.47
N SER Y 80 -20.65 30.07 -21.77
CA SER Y 80 -20.51 28.72 -21.28
C SER Y 80 -19.20 28.13 -21.79
N LYS Y 81 -18.84 28.48 -23.04
CA LYS Y 81 -17.60 28.00 -23.58
C LYS Y 81 -16.39 28.62 -22.89
N LEU Y 82 -16.44 29.92 -22.53
CA LEU Y 82 -15.34 30.53 -21.81
C LEU Y 82 -15.13 29.75 -20.49
N LEU Y 83 -16.21 29.41 -19.83
CA LEU Y 83 -16.12 28.72 -18.50
C LEU Y 83 -15.50 27.32 -18.70
N ALA Y 84 -15.98 26.56 -19.68
CA ALA Y 84 -15.42 25.24 -19.98
C ALA Y 84 -13.95 25.30 -20.30
N ASN Y 85 -13.55 26.26 -21.14
CA ASN Y 85 -12.17 26.38 -21.46
C ASN Y 85 -11.31 26.78 -20.28
N MET Y 86 -11.79 27.61 -19.37
CA MET Y 86 -11.04 27.93 -18.17
C MET Y 86 -10.78 26.69 -17.24
N VAL Y 87 -11.82 25.89 -16.96
CA VAL Y 87 -11.68 24.79 -16.03
C VAL Y 87 -10.99 23.54 -16.68
N TYR Y 88 -11.03 23.42 -18.03
CA TYR Y 88 -10.47 22.27 -18.72
C TYR Y 88 -9.07 22.06 -18.24
N GLN Y 89 -8.34 23.14 -18.12
CA GLN Y 89 -6.90 23.02 -17.80
C GLN Y 89 -6.65 22.45 -16.44
N TYR Y 90 -7.61 22.54 -15.54
CA TYR Y 90 -7.47 22.05 -14.19
C TYR Y 90 -8.03 20.67 -14.01
N LYS Y 91 -8.41 19.97 -15.09
CA LYS Y 91 -8.99 18.62 -14.86
C LYS Y 91 -8.01 17.73 -14.09
N GLY Y 92 -8.53 16.97 -13.14
CA GLY Y 92 -7.70 16.07 -12.39
C GLY Y 92 -7.03 16.70 -11.20
N MET Y 93 -7.25 17.99 -10.96
CA MET Y 93 -6.60 18.66 -9.82
C MET Y 93 -7.55 18.83 -8.68
N GLY Y 94 -8.74 18.29 -8.84
CA GLY Y 94 -9.65 18.24 -7.69
C GLY Y 94 -10.58 19.43 -7.59
N LEU Y 95 -10.75 20.20 -8.66
CA LEU Y 95 -11.82 21.22 -8.62
C LEU Y 95 -13.13 20.46 -8.62
N SER Y 96 -14.12 20.99 -7.94
CA SER Y 96 -15.44 20.35 -7.98
C SER Y 96 -16.46 21.43 -8.28
N MET Y 97 -17.05 21.35 -9.45
CA MET Y 97 -17.97 22.43 -9.91
CA MET Y 97 -18.00 22.38 -9.88
C MET Y 97 -18.97 21.84 -10.87
N GLY Y 98 -20.22 22.17 -10.65
CA GLY Y 98 -21.26 21.85 -11.66
C GLY Y 98 -22.16 23.06 -11.78
N THR Y 99 -22.28 23.61 -12.98
CA THR Y 99 -23.00 24.85 -13.14
C THR Y 99 -23.93 24.80 -14.33
N MET Y 100 -24.98 25.55 -14.24
CA MET Y 100 -25.78 25.83 -15.38
C MET Y 100 -25.58 27.31 -15.75
N ILE Y 101 -25.32 27.55 -17.02
CA ILE Y 101 -25.30 28.97 -17.56
C ILE Y 101 -26.66 29.20 -18.29
N CYS Y 102 -27.44 30.19 -17.84
CA CYS Y 102 -28.75 30.42 -18.24
C CYS Y 102 -28.89 31.90 -18.75
N GLY Y 103 -29.40 32.07 -19.95
CA GLY Y 103 -29.58 33.39 -20.52
C GLY Y 103 -30.61 33.40 -21.64
N TRP Y 104 -30.62 34.53 -22.36
CA TRP Y 104 -31.52 34.70 -23.47
C TRP Y 104 -30.73 35.62 -24.43
N ASP Y 105 -30.36 35.13 -25.59
CA ASP Y 105 -29.50 35.86 -26.53
C ASP Y 105 -30.18 35.77 -27.91
N LYS Y 106 -29.46 35.95 -29.00
CA LYS Y 106 -30.12 36.03 -30.33
C LYS Y 106 -30.72 34.69 -30.75
N ARG Y 107 -30.25 33.57 -30.15
CA ARG Y 107 -30.84 32.25 -30.43
C ARG Y 107 -32.06 31.98 -29.54
N GLY Y 108 -32.44 32.96 -28.70
CA GLY Y 108 -33.53 32.78 -27.76
C GLY Y 108 -33.06 32.27 -26.39
N PRO Y 109 -33.96 31.66 -25.62
CA PRO Y 109 -33.56 31.19 -24.30
C PRO Y 109 -32.37 30.24 -24.42
N GLY Y 110 -31.40 30.31 -23.50
CA GLY Y 110 -30.24 29.46 -23.58
C GLY Y 110 -29.95 28.80 -22.27
N LEU Y 111 -29.48 27.57 -22.35
CA LEU Y 111 -29.15 26.80 -21.11
C LEU Y 111 -28.10 25.77 -21.41
N TYR Y 112 -26.98 25.89 -20.72
CA TYR Y 112 -25.83 24.99 -20.86
C TYR Y 112 -25.42 24.47 -19.49
N TYR Y 113 -25.09 23.19 -19.45
CA TYR Y 113 -24.52 22.56 -18.22
C TYR Y 113 -23.01 22.48 -18.43
N VAL Y 114 -22.27 22.96 -17.44
CA VAL Y 114 -20.79 23.01 -17.54
C VAL Y 114 -20.23 22.49 -16.22
N ASP Y 115 -19.24 21.59 -16.26
CA ASP Y 115 -18.65 21.13 -15.02
C ASP Y 115 -17.16 21.00 -15.07
N SER Y 116 -16.60 20.66 -13.93
CA SER Y 116 -15.15 20.57 -13.76
C SER Y 116 -14.58 19.31 -14.33
N GLU Y 117 -15.43 18.35 -14.71
CA GLU Y 117 -14.97 17.13 -15.42
C GLU Y 117 -14.72 17.40 -16.87
N GLY Y 118 -15.20 18.55 -17.34
CA GLY Y 118 -15.05 18.99 -18.71
C GLY Y 118 -16.30 19.00 -19.56
N ASN Y 119 -17.47 18.66 -19.01
CA ASN Y 119 -18.66 18.53 -19.81
C ASN Y 119 -19.13 19.94 -20.10
N ARG Y 120 -19.67 20.11 -21.28
CA ARG Y 120 -20.38 21.34 -21.66
C ARG Y 120 -21.47 20.95 -22.63
N ILE Y 121 -22.74 21.09 -22.22
CA ILE Y 121 -23.83 20.63 -23.09
C ILE Y 121 -25.05 21.50 -22.95
N SER Y 122 -25.68 21.74 -24.08
CA SER Y 122 -26.90 22.50 -24.17
C SER Y 122 -28.05 21.54 -23.91
N GLY Y 123 -29.12 22.00 -23.31
CA GLY Y 123 -30.31 21.16 -23.17
C GLY Y 123 -31.49 21.94 -22.68
N ALA Y 124 -32.65 21.29 -22.66
CA ALA Y 124 -33.91 21.89 -22.27
C ALA Y 124 -34.06 22.03 -20.77
N THR Y 125 -33.56 21.05 -19.99
CA THR Y 125 -33.73 21.04 -18.55
C THR Y 125 -32.50 20.35 -18.00
N PHE Y 126 -32.09 20.71 -16.79
CA PHE Y 126 -31.00 20.08 -16.13
C PHE Y 126 -31.24 20.23 -14.63
N SER Y 127 -30.61 19.35 -13.86
CA SER Y 127 -30.53 19.55 -12.40
C SER Y 127 -29.15 19.08 -11.99
N VAL Y 128 -28.53 19.76 -11.02
CA VAL Y 128 -27.18 19.49 -10.64
C VAL Y 128 -27.05 19.56 -9.15
N GLY Y 129 -26.19 18.70 -8.60
CA GLY Y 129 -25.90 18.66 -7.16
C GLY Y 129 -26.32 17.31 -6.56
N SER Y 130 -26.05 17.16 -5.28
CA SER Y 130 -26.32 15.95 -4.55
C SER Y 130 -27.82 15.66 -4.54
N GLY Y 131 -28.66 16.69 -4.70
CA GLY Y 131 -30.10 16.55 -4.77
C GLY Y 131 -30.72 16.42 -6.12
N SER Y 132 -29.91 16.43 -7.17
CA SER Y 132 -30.44 16.48 -8.51
C SER Y 132 -31.29 15.32 -8.89
N VAL Y 133 -30.96 14.14 -8.42
CA VAL Y 133 -31.75 12.99 -8.75
C VAL Y 133 -33.23 13.11 -8.32
N TYR Y 134 -33.46 13.73 -7.16
CA TYR Y 134 -34.78 13.98 -6.61
C TYR Y 134 -35.48 15.08 -7.38
N ALA Y 135 -34.76 16.15 -7.74
CA ALA Y 135 -35.37 17.24 -8.50
C ALA Y 135 -35.75 16.75 -9.85
N TYR Y 136 -34.95 15.89 -10.48
CA TYR Y 136 -35.26 15.44 -11.84
C TYR Y 136 -36.55 14.69 -11.88
N GLY Y 137 -36.75 13.82 -10.88
CA GLY Y 137 -38.03 13.09 -10.82
C GLY Y 137 -39.23 14.05 -10.87
N VAL Y 138 -39.23 15.07 -10.03
CA VAL Y 138 -40.41 15.90 -9.98
C VAL Y 138 -40.51 16.86 -11.15
N MET Y 139 -39.37 17.48 -11.49
CA MET Y 139 -39.31 18.35 -12.66
C MET Y 139 -39.71 17.57 -13.89
N ASP Y 140 -39.19 16.37 -14.10
CA ASP Y 140 -39.51 15.63 -15.30
C ASP Y 140 -40.98 15.28 -15.37
N ARG Y 141 -41.65 14.99 -14.26
CA ARG Y 141 -43.07 14.59 -14.35
CA ARG Y 141 -43.07 14.60 -14.32
C ARG Y 141 -43.97 15.81 -14.61
N GLY Y 142 -43.50 17.00 -14.35
CA GLY Y 142 -44.34 18.19 -14.53
C GLY Y 142 -43.95 19.13 -15.68
N TYR Y 143 -42.84 18.85 -16.36
CA TYR Y 143 -42.25 19.79 -17.27
C TYR Y 143 -43.01 19.78 -18.57
N SER Y 144 -43.22 20.99 -19.12
CA SER Y 144 -43.65 21.13 -20.48
C SER Y 144 -43.13 22.45 -21.02
N TYR Y 145 -42.76 22.44 -22.28
CA TYR Y 145 -42.31 23.67 -22.95
C TYR Y 145 -43.43 24.73 -22.84
N ASP Y 146 -44.69 24.28 -22.86
CA ASP Y 146 -45.83 25.22 -22.88
C ASP Y 146 -46.40 25.49 -21.52
N LEU Y 147 -45.65 25.19 -20.48
CA LEU Y 147 -46.03 25.65 -19.14
C LEU Y 147 -46.35 27.17 -19.17
N GLU Y 148 -47.41 27.56 -18.49
CA GLU Y 148 -47.64 28.97 -18.12
C GLU Y 148 -46.60 29.42 -17.09
N VAL Y 149 -46.37 30.72 -17.01
CA VAL Y 149 -45.37 31.26 -16.16
C VAL Y 149 -45.54 30.75 -14.72
N GLU Y 150 -46.71 30.93 -14.13
CA GLU Y 150 -46.90 30.64 -12.72
C GLU Y 150 -46.75 29.14 -12.47
N GLN Y 151 -47.11 28.32 -13.45
CA GLN Y 151 -46.98 26.89 -13.36
C GLN Y 151 -45.50 26.49 -13.37
N ALA Y 152 -44.68 27.19 -14.15
CA ALA Y 152 -43.29 26.95 -14.21
C ALA Y 152 -42.62 27.29 -12.87
N TYR Y 153 -43.01 28.43 -12.29
CA TYR Y 153 -42.55 28.79 -10.93
C TYR Y 153 -42.87 27.71 -9.91
N ASP Y 154 -44.12 27.24 -9.94
CA ASP Y 154 -44.59 26.19 -9.02
C ASP Y 154 -43.74 24.92 -9.14
N LEU Y 155 -43.51 24.48 -10.37
CA LEU Y 155 -42.76 23.26 -10.65
C LEU Y 155 -41.32 23.36 -10.12
N ALA Y 156 -40.63 24.49 -10.45
CA ALA Y 156 -39.25 24.69 -9.97
C ALA Y 156 -39.17 24.62 -8.42
N ARG Y 157 -40.03 25.38 -7.79
CA ARG Y 157 -40.09 25.48 -6.36
C ARG Y 157 -40.38 24.09 -5.72
N ARG Y 158 -41.33 23.34 -6.29
CA ARG Y 158 -41.71 22.05 -5.79
C ARG Y 158 -40.57 21.04 -5.98
N ALA Y 159 -39.91 21.05 -7.15
CA ALA Y 159 -38.81 20.17 -7.39
C ALA Y 159 -37.67 20.36 -6.43
N ILE Y 160 -37.29 21.62 -6.19
CA ILE Y 160 -36.24 21.87 -5.20
C ILE Y 160 -36.68 21.44 -3.83
N TYR Y 161 -37.88 21.82 -3.44
CA TYR Y 161 -38.45 21.47 -2.17
C TYR Y 161 -38.30 19.94 -1.90
N GLN Y 162 -38.74 19.14 -2.87
CA GLN Y 162 -38.75 17.65 -2.69
C GLN Y 162 -37.35 17.14 -2.59
N ALA Y 163 -36.40 17.79 -3.29
CA ALA Y 163 -35.02 17.43 -3.15
C ALA Y 163 -34.53 17.74 -1.73
N THR Y 164 -34.85 18.93 -1.19
CA THR Y 164 -34.39 19.26 0.18
C THR Y 164 -34.94 18.20 1.24
N TYR Y 165 -36.06 17.60 0.95
CA TYR Y 165 -36.68 16.64 1.84
C TYR Y 165 -35.92 15.31 1.91
N ARG Y 166 -35.56 14.76 0.76
CA ARG Y 166 -34.78 13.52 0.67
C ARG Y 166 -33.28 13.61 0.88
N ASP Y 167 -32.68 14.64 0.33
CA ASP Y 167 -31.19 14.84 0.39
C ASP Y 167 -30.77 15.61 1.61
N ALA Y 168 -30.02 14.95 2.50
CA ALA Y 168 -29.50 15.57 3.69
C ALA Y 168 -28.62 16.86 3.34
N TYR Y 169 -28.01 16.87 2.16
CA TYR Y 169 -27.10 17.95 1.81
C TYR Y 169 -27.83 19.08 1.08
N SER Y 170 -29.16 19.07 0.99
CA SER Y 170 -29.86 20.24 0.41
C SER Y 170 -30.85 20.76 1.44
N GLY Y 171 -31.04 22.09 1.44
CA GLY Y 171 -31.96 22.70 2.40
C GLY Y 171 -32.01 24.21 2.34
N GLY Y 172 -32.70 24.78 3.30
CA GLY Y 172 -32.71 26.18 3.57
C GLY Y 172 -33.89 26.81 2.92
N ALA Y 173 -33.67 27.51 1.82
CA ALA Y 173 -34.72 28.27 1.16
C ALA Y 173 -34.61 27.96 -0.31
N VAL Y 174 -35.72 28.05 -1.00
CA VAL Y 174 -35.72 27.90 -2.42
C VAL Y 174 -35.67 29.32 -3.04
N ASN Y 175 -34.64 29.59 -3.85
CA ASN Y 175 -34.43 30.86 -4.54
C ASN Y 175 -34.68 30.62 -6.00
N LEU Y 176 -35.59 31.43 -6.55
CA LEU Y 176 -36.11 31.24 -7.91
C LEU Y 176 -35.91 32.54 -8.73
N TYR Y 177 -35.47 32.33 -9.97
CA TYR Y 177 -35.17 33.37 -10.90
C TYR Y 177 -35.84 32.99 -12.21
N HIS Y 178 -36.07 34.03 -13.03
CA HIS Y 178 -36.69 33.85 -14.34
C HIS Y 178 -35.94 34.70 -15.33
N VAL Y 179 -35.30 34.05 -16.30
CA VAL Y 179 -34.66 34.77 -17.38
C VAL Y 179 -35.66 35.06 -18.46
N ARG Y 180 -35.94 36.34 -18.67
CA ARG Y 180 -36.86 36.83 -19.76
C ARG Y 180 -36.03 37.53 -20.83
N GLU Y 181 -36.65 37.89 -21.95
CA GLU Y 181 -35.92 38.49 -23.08
C GLU Y 181 -35.24 39.81 -22.71
N ASP Y 182 -35.83 40.59 -21.81
CA ASP Y 182 -35.21 41.84 -21.35
C ASP Y 182 -34.45 41.74 -20.01
N GLY Y 183 -34.09 40.54 -19.58
CA GLY Y 183 -33.36 40.41 -18.33
C GLY Y 183 -33.94 39.34 -17.41
N TRP Y 184 -33.11 38.91 -16.45
CA TRP Y 184 -33.61 38.03 -15.45
C TRP Y 184 -34.29 38.90 -14.41
N ILE Y 185 -35.25 38.29 -13.70
CA ILE Y 185 -35.79 38.85 -12.44
C ILE Y 185 -35.64 37.75 -11.33
N ARG Y 186 -35.42 38.21 -10.11
CA ARG Y 186 -35.52 37.44 -8.92
CA ARG Y 186 -35.53 37.35 -8.94
C ARG Y 186 -37.01 37.22 -8.63
N VAL Y 187 -37.53 36.00 -8.73
CA VAL Y 187 -39.00 35.79 -8.54
C VAL Y 187 -39.35 35.63 -7.07
N SER Y 188 -38.64 34.77 -6.34
CA SER Y 188 -39.00 34.55 -4.94
C SER Y 188 -37.90 33.83 -4.13
N SER Y 189 -37.98 34.00 -2.82
CA SER Y 189 -37.19 33.27 -1.85
C SER Y 189 -38.15 32.70 -0.81
N ASP Y 190 -38.27 31.38 -0.76
CA ASP Y 190 -39.21 30.74 0.19
C ASP Y 190 -38.52 29.72 1.10
N ASN Y 191 -38.54 29.95 2.38
CA ASN Y 191 -37.97 29.00 3.30
C ASN Y 191 -38.71 27.62 3.15
N VAL Y 192 -37.92 26.56 3.03
CA VAL Y 192 -38.42 25.19 2.93
C VAL Y 192 -39.40 24.83 4.06
N ALA Y 193 -39.23 25.37 5.28
CA ALA Y 193 -40.20 25.20 6.37
C ALA Y 193 -41.57 25.86 6.10
N ASP Y 194 -41.59 27.02 5.48
CA ASP Y 194 -42.84 27.68 5.10
C ASP Y 194 -43.46 26.92 3.90
N LEU Y 195 -42.63 26.43 2.96
CA LEU Y 195 -43.15 25.56 1.89
C LEU Y 195 -43.71 24.22 2.43
N HIS Y 196 -43.12 23.67 3.47
CA HIS Y 196 -43.62 22.36 4.07
C HIS Y 196 -45.06 22.48 4.55
N GLU Y 197 -45.29 23.52 5.36
CA GLU Y 197 -46.61 23.98 5.78
C GLU Y 197 -47.58 24.02 4.60
N LYS Y 198 -47.18 24.65 3.49
CA LYS Y 198 -48.05 24.80 2.34
C LYS Y 198 -48.37 23.46 1.61
N TYR Y 199 -47.40 22.60 1.36
CA TYR Y 199 -47.64 21.50 0.39
C TYR Y 199 -48.26 20.24 0.97
N SER Y 200 -48.90 19.31 0.22
CA SER Y 200 -49.41 19.27 -1.21
C SER Y 200 -49.35 17.82 -1.90
N GLY Y 201 -49.20 16.70 -1.14
CA GLY Y 201 -49.56 15.35 -1.65
C GLY Y 201 -51.12 15.39 -2.04
N ARG Z 1 6.66 11.13 5.48
CA ARG Z 1 5.68 12.21 5.24
C ARG Z 1 5.93 13.28 6.33
N PHE Z 2 6.80 14.27 6.00
CA PHE Z 2 6.75 15.58 6.63
C PHE Z 2 5.35 16.07 6.40
N SER Z 3 4.62 16.54 7.43
CA SER Z 3 3.36 17.31 7.24
C SER Z 3 3.57 18.78 7.46
N PRO Z 4 3.17 19.58 6.48
CA PRO Z 4 3.37 21.03 6.61
C PRO Z 4 2.33 21.70 7.47
N TYR Z 5 1.37 20.94 8.08
CA TYR Z 5 0.33 21.53 8.92
C TYR Z 5 0.33 20.90 10.29
N VAL Z 6 -0.11 21.62 11.29
CA VAL Z 6 -0.52 21.08 12.54
C VAL Z 6 -1.71 21.89 12.98
N PHE Z 7 -2.54 21.31 13.86
CA PHE Z 7 -3.71 22.00 14.35
C PHE Z 7 -3.38 22.68 15.69
N ASN Z 8 -3.64 24.00 15.83
CA ASN Z 8 -3.26 24.72 17.02
C ASN Z 8 -4.44 25.27 17.79
N GLY Z 9 -5.66 24.94 17.39
CA GLY Z 9 -6.77 25.26 18.28
C GLY Z 9 -7.26 26.65 18.11
N GLY Z 10 -8.24 27.00 18.87
CA GLY Z 10 -8.77 28.36 18.80
C GLY Z 10 -10.18 28.46 18.30
N THR Z 11 -10.96 29.24 19.02
CA THR Z 11 -12.33 29.49 18.71
C THR Z 11 -12.56 31.01 18.46
N ILE Z 12 -13.25 31.28 17.36
CA ILE Z 12 -13.57 32.64 16.96
C ILE Z 12 -15.08 32.87 16.75
N LEU Z 13 -15.46 34.11 16.93
CA LEU Z 13 -16.84 34.50 16.86
C LEU Z 13 -16.91 36.00 16.40
N ALA Z 14 -17.91 36.33 15.57
CA ALA Z 14 -18.30 37.72 15.28
C ALA Z 14 -19.82 37.90 15.24
N ILE Z 15 -20.26 39.03 15.74
CA ILE Z 15 -21.66 39.39 15.76
C ILE Z 15 -21.77 40.81 15.15
N ALA Z 16 -22.68 40.97 14.20
CA ALA Z 16 -23.05 42.30 13.67
C ALA Z 16 -24.24 42.90 14.38
N GLY Z 17 -24.07 44.09 14.94
CA GLY Z 17 -25.17 44.90 15.43
C GLY Z 17 -25.55 46.03 14.48
N GLU Z 18 -26.52 46.82 14.87
CA GLU Z 18 -26.99 47.94 14.11
C GLU Z 18 -25.90 49.00 13.89
N ASP Z 19 -25.13 49.29 14.92
CA ASP Z 19 -24.03 50.26 14.87
C ASP Z 19 -22.76 49.67 15.56
N PHE Z 20 -22.59 48.34 15.57
CA PHE Z 20 -21.37 47.80 16.17
C PHE Z 20 -21.05 46.46 15.58
N ALA Z 21 -19.83 46.03 15.76
CA ALA Z 21 -19.45 44.69 15.48
C ALA Z 21 -18.62 44.16 16.67
N ILE Z 22 -18.81 42.89 17.02
CA ILE Z 22 -17.97 42.23 18.00
C ILE Z 22 -17.17 41.14 17.28
N VAL Z 23 -15.89 41.03 17.60
CA VAL Z 23 -15.09 39.92 17.20
C VAL Z 23 -14.42 39.45 18.48
N ALA Z 24 -14.54 38.16 18.72
CA ALA Z 24 -14.10 37.56 19.98
C ALA Z 24 -13.36 36.26 19.70
N SER Z 25 -12.43 35.94 20.59
CA SER Z 25 -11.69 34.67 20.52
C SER Z 25 -11.11 34.31 21.85
N ASP Z 26 -10.80 33.02 21.99
CA ASP Z 26 -10.09 32.59 23.18
C ASP Z 26 -8.58 32.85 22.98
N THR Z 27 -7.76 32.67 24.01
CA THR Z 27 -6.35 33.02 23.91
C THR Z 27 -5.45 31.84 24.00
N ARG Z 28 -6.00 30.60 23.89
CA ARG Z 28 -5.16 29.41 24.05
C ARG Z 28 -4.54 29.03 22.74
N LEU Z 29 -3.29 28.67 22.77
CA LEU Z 29 -2.64 28.14 21.62
C LEU Z 29 -2.11 26.76 22.03
N SER Z 30 -2.53 25.73 21.31
CA SER Z 30 -2.27 24.30 21.69
C SER Z 30 -1.55 23.62 20.59
N GLU Z 31 -1.10 22.42 20.86
CA GLU Z 31 -0.59 21.55 19.89
C GLU Z 31 -0.61 20.13 20.51
N GLY Z 32 -1.12 19.16 19.79
CA GLY Z 32 -1.28 17.73 20.38
C GLY Z 32 -2.09 17.77 21.66
N PHE Z 33 -1.50 17.35 22.73
CA PHE Z 33 -2.13 17.47 24.04
C PHE Z 33 -1.58 18.55 24.96
N SER Z 34 -0.81 19.48 24.41
CA SER Z 34 -0.04 20.49 25.18
C SER Z 34 -0.51 21.93 24.86
N ILE Z 35 -0.26 22.82 25.79
CA ILE Z 35 -0.53 24.22 25.65
C ILE Z 35 0.81 24.91 25.38
N HIS Z 36 0.85 25.61 24.27
CA HIS Z 36 2.04 26.44 23.92
C HIS Z 36 2.02 27.67 24.76
N THR Z 37 0.92 28.40 24.75
CA THR Z 37 0.79 29.53 25.62
C THR Z 37 -0.66 29.77 25.88
N ARG Z 38 -0.92 30.41 26.99
CA ARG Z 38 -2.25 30.85 27.40
C ARG Z 38 -2.62 32.28 26.97
N ASP Z 39 -1.73 32.96 26.26
CA ASP Z 39 -1.99 34.35 25.89
C ASP Z 39 -1.66 34.62 24.43
N SER Z 40 -2.47 34.10 23.57
CA SER Z 40 -2.30 34.13 22.14
C SER Z 40 -3.69 34.42 21.58
N PRO Z 41 -4.05 35.68 21.51
CA PRO Z 41 -5.31 36.09 20.82
C PRO Z 41 -5.36 35.77 19.32
N LYS Z 42 -6.57 35.56 18.84
CA LYS Z 42 -6.81 35.17 17.48
C LYS Z 42 -7.47 36.32 16.64
N CYS Z 43 -7.56 37.50 17.25
CA CYS Z 43 -8.11 38.67 16.61
CA CYS Z 43 -8.10 38.71 16.67
C CYS Z 43 -6.93 39.63 16.28
N TYR Z 44 -7.07 40.35 15.16
CA TYR Z 44 -6.02 41.21 14.63
C TYR Z 44 -6.75 42.45 14.06
N LYS Z 45 -6.35 43.62 14.51
CA LYS Z 45 -6.87 44.88 13.99
C LYS Z 45 -6.38 45.15 12.54
N LEU Z 46 -7.27 45.38 11.60
CA LEU Z 46 -6.87 45.61 10.23
C LEU Z 46 -6.98 47.13 9.92
N THR Z 47 -8.07 47.78 10.29
CA THR Z 47 -8.22 49.25 10.18
C THR Z 47 -8.99 49.67 11.41
N ASP Z 48 -9.27 50.95 11.52
CA ASP Z 48 -10.08 51.45 12.64
C ASP Z 48 -11.49 50.86 12.70
N LYS Z 49 -11.91 50.25 11.60
CA LYS Z 49 -13.26 49.85 11.34
C LYS Z 49 -13.39 48.34 11.12
N THR Z 50 -12.28 47.63 11.09
CA THR Z 50 -12.28 46.22 10.67
C THR Z 50 -11.29 45.38 11.52
N VAL Z 51 -11.79 44.26 12.05
CA VAL Z 51 -10.99 43.31 12.81
C VAL Z 51 -11.16 41.95 12.18
N ILE Z 52 -10.12 41.15 12.19
CA ILE Z 52 -10.23 39.82 11.62
C ILE Z 52 -9.89 38.77 12.74
N GLY Z 53 -10.68 37.71 12.83
CA GLY Z 53 -10.33 36.53 13.73
C GLY Z 53 -9.84 35.40 12.87
N CYS Z 54 -8.77 34.70 13.31
CA CYS Z 54 -8.13 33.68 12.54
C CYS Z 54 -7.75 32.54 13.47
N SER Z 55 -8.22 31.32 13.15
CA SER Z 55 -7.79 30.12 13.90
C SER Z 55 -7.42 29.05 12.98
N GLY Z 56 -6.70 28.04 13.48
CA GLY Z 56 -6.33 26.92 12.66
C GLY Z 56 -4.85 26.69 12.89
N PHE Z 57 -4.12 26.48 11.82
CA PHE Z 57 -2.72 26.24 11.92
C PHE Z 57 -2.04 27.61 12.13
N HIS Z 58 -1.39 27.79 13.26
CA HIS Z 58 -0.84 29.09 13.64
C HIS Z 58 0.23 29.58 12.69
N GLY Z 59 1.04 28.72 12.11
CA GLY Z 59 1.99 29.14 11.13
C GLY Z 59 1.32 29.92 9.97
N ASP Z 60 0.11 29.46 9.55
CA ASP Z 60 -0.60 30.08 8.50
C ASP Z 60 -1.36 31.30 9.00
N CYS Z 61 -1.80 31.29 10.24
CA CYS Z 61 -2.46 32.46 10.74
C CYS Z 61 -1.46 33.67 10.72
N LEU Z 62 -0.25 33.45 11.24
CA LEU Z 62 0.75 34.49 11.23
C LEU Z 62 1.06 34.97 9.82
N THR Z 63 1.31 34.06 8.88
CA THR Z 63 1.67 34.45 7.55
C THR Z 63 0.58 35.23 6.89
N LEU Z 64 -0.64 34.71 6.95
CA LEU Z 64 -1.77 35.31 6.26
C LEU Z 64 -2.04 36.68 6.82
N THR Z 65 -2.03 36.86 8.13
CA THR Z 65 -2.28 38.16 8.67
C THR Z 65 -1.21 39.16 8.25
N LYS Z 66 0.03 38.75 8.23
CA LYS Z 66 1.08 39.64 7.69
C LYS Z 66 0.89 39.98 6.20
N ILE Z 67 0.41 39.04 5.40
CA ILE Z 67 0.07 39.31 4.01
C ILE Z 67 -1.11 40.34 3.87
N ILE Z 68 -2.14 40.15 4.69
CA ILE Z 68 -3.25 41.10 4.67
C ILE Z 68 -2.75 42.50 5.05
N GLU Z 69 -1.93 42.61 6.09
CA GLU Z 69 -1.41 43.92 6.52
C GLU Z 69 -0.65 44.66 5.38
N ALA Z 70 0.20 43.92 4.67
CA ALA Z 70 0.94 44.46 3.56
C ALA Z 70 0.01 44.89 2.46
N ARG Z 71 -1.01 44.08 2.16
CA ARG Z 71 -1.96 44.42 1.10
C ARG Z 71 -2.82 45.63 1.42
N LEU Z 72 -3.12 45.85 2.71
CA LEU Z 72 -3.92 46.99 3.07
C LEU Z 72 -3.12 48.29 2.84
N LYS Z 73 -1.84 48.27 3.19
CA LYS Z 73 -0.97 49.42 2.87
C LYS Z 73 -0.76 49.61 1.37
N MET Z 74 -0.54 48.51 0.63
CA MET Z 74 -0.45 48.65 -0.83
C MET Z 74 -1.71 49.33 -1.43
N TYR Z 75 -2.90 48.88 -1.00
CA TYR Z 75 -4.18 49.41 -1.47
C TYR Z 75 -4.23 50.91 -1.14
N LYS Z 76 -3.88 51.27 0.08
CA LYS Z 76 -3.97 52.63 0.56
C LYS Z 76 -3.03 53.53 -0.22
N HIS Z 77 -1.80 53.09 -0.45
CA HIS Z 77 -0.90 53.79 -1.35
C HIS Z 77 -1.37 53.93 -2.75
N SER Z 78 -2.01 52.90 -3.28
CA SER Z 78 -2.36 53.03 -4.68
C SER Z 78 -3.72 53.71 -4.94
N ASN Z 79 -4.62 53.67 -3.97
CA ASN Z 79 -5.94 54.23 -4.12
C ASN Z 79 -6.21 55.44 -3.21
N ASN Z 80 -5.29 55.83 -2.35
CA ASN Z 80 -5.51 56.98 -1.42
C ASN Z 80 -6.71 56.97 -0.51
N LYS Z 81 -7.04 55.81 0.00
CA LYS Z 81 -8.05 55.65 1.05
C LYS Z 81 -7.81 54.24 1.71
N ALA Z 82 -8.26 54.08 2.95
CA ALA Z 82 -8.30 52.77 3.61
C ALA Z 82 -9.27 51.83 2.87
N MET Z 83 -8.96 50.55 2.88
CA MET Z 83 -9.88 49.53 2.38
C MET Z 83 -11.11 49.40 3.30
N THR Z 84 -12.26 49.26 2.69
CA THR Z 84 -13.49 49.03 3.41
C THR Z 84 -13.51 47.60 3.91
N THR Z 85 -14.41 47.40 4.84
CA THR Z 85 -14.63 46.05 5.40
C THR Z 85 -14.96 45.09 4.27
N GLY Z 86 -15.87 45.48 3.39
CA GLY Z 86 -16.31 44.67 2.27
C GLY Z 86 -15.22 44.40 1.23
N ALA Z 87 -14.37 45.39 0.96
CA ALA Z 87 -13.28 45.17 0.05
C ALA Z 87 -12.22 44.23 0.66
N ILE Z 88 -11.94 44.37 1.94
CA ILE Z 88 -11.03 43.44 2.63
C ILE Z 88 -11.55 41.97 2.52
N ALA Z 89 -12.85 41.79 2.74
CA ALA Z 89 -13.47 40.50 2.56
C ALA Z 89 -13.29 39.95 1.16
N ALA Z 90 -13.60 40.77 0.13
CA ALA Z 90 -13.47 40.31 -1.25
C ALA Z 90 -11.99 40.02 -1.57
N MET Z 91 -11.04 40.81 -1.03
CA MET Z 91 -9.65 40.56 -1.34
C MET Z 91 -9.20 39.23 -0.66
N LEU Z 92 -9.54 39.07 0.60
CA LEU Z 92 -9.20 37.84 1.36
C LEU Z 92 -9.66 36.60 0.65
N SER Z 93 -10.81 36.66 0.04
CA SER Z 93 -11.28 35.53 -0.77
C SER Z 93 -10.28 35.17 -1.87
N THR Z 94 -9.73 36.18 -2.58
CA THR Z 94 -8.78 35.86 -3.65
C THR Z 94 -7.45 35.39 -3.08
N ILE Z 95 -7.01 35.89 -1.94
CA ILE Z 95 -5.73 35.48 -1.39
C ILE Z 95 -5.80 33.99 -0.97
N LEU Z 96 -6.90 33.63 -0.37
CA LEU Z 96 -7.14 32.18 0.08
C LEU Z 96 -7.22 31.34 -1.13
N TYR Z 97 -7.89 31.79 -2.20
CA TYR Z 97 -8.01 30.94 -3.42
C TYR Z 97 -6.67 30.81 -4.12
N SER Z 98 -5.76 31.79 -3.93
CA SER Z 98 -4.47 31.71 -4.65
C SER Z 98 -3.71 30.49 -4.16
N ARG Z 99 -4.04 30.02 -2.95
CA ARG Z 99 -3.45 28.81 -2.37
C ARG Z 99 -4.40 27.59 -2.49
N ARG Z 100 -5.32 27.64 -3.44
CA ARG Z 100 -6.26 26.55 -3.59
C ARG Z 100 -5.64 25.13 -3.53
N PHE Z 101 -4.45 24.97 -4.10
CA PHE Z 101 -3.74 23.70 -4.16
C PHE Z 101 -2.76 23.50 -3.02
N PHE Z 102 -2.66 24.44 -2.07
CA PHE Z 102 -1.80 24.27 -0.83
C PHE Z 102 -2.38 25.22 0.17
N PRO Z 103 -3.60 24.94 0.63
CA PRO Z 103 -4.32 25.96 1.35
C PRO Z 103 -3.70 26.51 2.62
N TYR Z 104 -4.00 27.78 2.91
CA TYR Z 104 -3.90 28.29 4.26
C TYR Z 104 -4.90 27.53 5.13
N TYR Z 105 -4.39 26.86 6.16
CA TYR Z 105 -5.22 26.19 7.15
C TYR Z 105 -5.69 27.19 8.21
N VAL Z 106 -6.65 28.02 7.81
CA VAL Z 106 -7.11 29.10 8.64
C VAL Z 106 -8.57 29.29 8.39
N TYR Z 107 -9.34 29.44 9.47
CA TYR Z 107 -10.73 29.82 9.39
C TYR Z 107 -10.75 31.28 9.79
N ASN Z 108 -11.39 32.11 8.97
CA ASN Z 108 -11.37 33.54 9.11
C ASN Z 108 -12.76 34.06 9.25
N ILE Z 109 -12.92 34.99 10.19
CA ILE Z 109 -14.16 35.74 10.28
C ILE Z 109 -13.80 37.20 10.43
N ILE Z 110 -14.30 38.05 9.53
CA ILE Z 110 -14.13 39.52 9.61
C ILE Z 110 -15.30 40.15 10.33
N GLY Z 111 -15.05 41.03 11.28
CA GLY Z 111 -16.07 41.86 11.82
C GLY Z 111 -15.71 43.34 11.75
N GLY Z 112 -16.69 44.16 11.39
CA GLY Z 112 -16.47 45.58 11.26
C GLY Z 112 -17.70 46.37 10.88
N LEU Z 113 -17.47 47.64 10.53
CA LEU Z 113 -18.54 48.54 10.08
C LEU Z 113 -18.49 48.62 8.58
N ASP Z 114 -19.67 48.57 7.95
CA ASP Z 114 -19.80 48.74 6.53
C ASP Z 114 -19.81 50.26 6.24
N GLU Z 115 -20.09 50.63 4.99
CA GLU Z 115 -19.96 52.06 4.63
C GLU Z 115 -21.10 52.91 5.15
N GLU Z 116 -22.15 52.29 5.66
CA GLU Z 116 -23.22 53.00 6.28
C GLU Z 116 -23.09 53.05 7.78
N GLY Z 117 -21.95 52.61 8.33
CA GLY Z 117 -21.74 52.58 9.78
C GLY Z 117 -22.43 51.39 10.46
N LYS Z 118 -22.96 50.46 9.67
CA LYS Z 118 -23.63 49.28 10.28
C LYS Z 118 -22.68 48.12 10.52
N GLY Z 119 -22.99 47.26 11.52
CA GLY Z 119 -22.21 46.06 11.71
C GLY Z 119 -22.17 45.17 10.51
N ALA Z 120 -21.00 44.64 10.21
CA ALA Z 120 -20.84 43.67 9.17
C ALA Z 120 -19.91 42.52 9.60
N VAL Z 121 -20.36 41.28 9.30
CA VAL Z 121 -19.62 40.10 9.50
C VAL Z 121 -19.50 39.34 8.18
N TYR Z 122 -18.27 38.89 7.90
CA TYR Z 122 -18.00 38.01 6.79
C TYR Z 122 -17.28 36.80 7.27
N SER Z 123 -17.71 35.61 6.81
CA SER Z 123 -17.10 34.41 7.23
C SER Z 123 -16.65 33.58 6.05
N PHE Z 124 -15.52 32.90 6.22
CA PHE Z 124 -14.79 32.27 5.18
C PHE Z 124 -14.48 30.81 5.47
N ASP Z 125 -14.38 30.00 4.44
CA ASP Z 125 -13.76 28.72 4.52
C ASP Z 125 -12.27 28.88 4.11
N PRO Z 126 -11.44 27.84 4.35
CA PRO Z 126 -10.02 28.02 4.11
C PRO Z 126 -9.56 28.35 2.71
N VAL Z 127 -10.37 28.08 1.70
CA VAL Z 127 -9.96 28.32 0.30
C VAL Z 127 -10.71 29.53 -0.31
N GLY Z 128 -11.40 30.28 0.52
CA GLY Z 128 -11.90 31.55 0.19
C GLY Z 128 -13.37 31.75 -0.09
N SER Z 129 -14.19 30.69 0.03
CA SER Z 129 -15.60 30.88 -0.09
C SER Z 129 -16.02 31.78 1.07
N TYR Z 130 -17.00 32.67 0.85
CA TYR Z 130 -17.45 33.56 1.93
C TYR Z 130 -18.81 34.13 1.71
N GLN Z 131 -19.37 34.71 2.75
CA GLN Z 131 -20.62 35.47 2.63
C GLN Z 131 -20.71 36.35 3.79
N ARG Z 132 -21.64 37.27 3.71
CA ARG Z 132 -21.95 38.12 4.81
C ARG Z 132 -22.93 37.37 5.72
N ASP Z 133 -22.81 37.59 7.00
CA ASP Z 133 -23.65 36.94 7.99
C ASP Z 133 -24.00 37.98 9.01
N SER Z 134 -25.05 37.72 9.77
CA SER Z 134 -25.42 38.54 10.94
C SER Z 134 -24.52 38.19 12.17
N PHE Z 135 -24.05 36.95 12.20
CA PHE Z 135 -23.26 36.42 13.29
C PHE Z 135 -22.71 35.08 12.87
N LYS Z 136 -21.55 34.71 13.40
CA LYS Z 136 -20.89 33.54 12.96
C LYS Z 136 -19.88 33.05 13.98
N ALA Z 137 -19.82 31.73 14.19
CA ALA Z 137 -18.76 31.17 15.02
C ALA Z 137 -17.82 30.38 14.10
N GLY Z 138 -16.58 30.25 14.51
CA GLY Z 138 -15.58 29.54 13.76
C GLY Z 138 -14.55 28.90 14.67
N GLY Z 139 -13.81 27.98 14.08
CA GLY Z 139 -12.74 27.28 14.76
C GLY Z 139 -13.24 26.11 15.60
N SER Z 140 -12.45 25.79 16.58
CA SER Z 140 -12.49 24.53 17.34
C SER Z 140 -13.87 24.20 17.98
N ALA Z 141 -14.50 25.17 18.61
CA ALA Z 141 -15.77 25.00 19.22
C ALA Z 141 -16.94 25.59 18.40
N SER Z 142 -16.77 25.81 17.11
CA SER Z 142 -17.81 26.46 16.36
C SER Z 142 -19.10 25.70 16.37
N ALA Z 143 -19.04 24.38 16.36
CA ALA Z 143 -20.28 23.60 16.37
C ALA Z 143 -21.00 23.67 17.69
N MET Z 144 -20.28 24.02 18.73
CA MET Z 144 -20.92 24.28 20.01
C MET Z 144 -21.50 25.66 20.06
N LEU Z 145 -20.81 26.66 19.56
CA LEU Z 145 -21.37 28.05 19.65
C LEU Z 145 -22.49 28.31 18.67
N GLN Z 146 -22.36 27.83 17.45
CA GLN Z 146 -23.30 28.24 16.40
C GLN Z 146 -24.74 28.03 16.72
N PRO Z 147 -25.14 26.81 17.21
CA PRO Z 147 -26.55 26.58 17.40
C PRO Z 147 -27.17 27.51 18.41
N LEU Z 148 -26.43 27.84 19.44
CA LEU Z 148 -26.97 28.72 20.45
C LEU Z 148 -27.19 30.17 19.86
N LEU Z 149 -26.27 30.60 19.00
CA LEU Z 149 -26.43 31.90 18.35
C LEU Z 149 -27.66 31.87 17.40
N ASP Z 150 -27.82 30.74 16.66
CA ASP Z 150 -28.99 30.53 15.76
C ASP Z 150 -30.28 30.75 16.57
N ASN Z 151 -30.30 30.16 17.78
CA ASN Z 151 -31.44 30.22 18.62
C ASN Z 151 -31.64 31.63 19.23
N GLN Z 152 -30.62 32.11 19.93
CA GLN Z 152 -30.75 33.32 20.74
C GLN Z 152 -30.64 34.65 19.96
N VAL Z 153 -29.87 34.68 18.89
CA VAL Z 153 -29.70 35.88 18.02
C VAL Z 153 -30.59 35.76 16.80
N GLY Z 154 -30.66 34.60 16.20
CA GLY Z 154 -31.57 34.34 15.08
C GLY Z 154 -33.01 34.10 15.49
N PHE Z 155 -33.29 33.91 16.79
CA PHE Z 155 -34.63 33.52 17.27
C PHE Z 155 -35.17 32.24 16.62
N LYS Z 156 -34.32 31.41 16.06
CA LYS Z 156 -34.81 30.17 15.48
C LYS Z 156 -35.47 29.17 16.48
N ASN Z 157 -36.48 28.47 15.96
CA ASN Z 157 -37.24 27.48 16.68
C ASN Z 157 -38.01 28.08 17.85
N MET Z 158 -38.12 29.40 17.92
CA MET Z 158 -38.91 30.03 19.00
C MET Z 158 -40.22 30.60 18.47
N GLN Z 159 -41.34 30.32 19.15
CA GLN Z 159 -42.66 30.90 18.85
C GLN Z 159 -42.97 31.98 19.88
N ASN Z 160 -43.91 32.88 19.51
CA ASN Z 160 -44.43 33.94 20.41
C ASN Z 160 -43.30 34.77 21.04
N VAL Z 161 -42.27 35.12 20.25
CA VAL Z 161 -41.09 35.89 20.74
C VAL Z 161 -40.91 37.13 19.86
N GLU Z 162 -40.82 38.31 20.47
CA GLU Z 162 -40.62 39.58 19.71
C GLU Z 162 -39.19 39.62 19.19
N HIS Z 163 -39.05 39.65 17.86
CA HIS Z 163 -37.75 39.77 17.19
C HIS Z 163 -37.20 41.20 17.32
N VAL Z 164 -36.67 41.53 18.48
CA VAL Z 164 -36.12 42.86 18.74
C VAL Z 164 -34.66 43.02 18.24
N PRO Z 165 -34.22 44.28 18.07
CA PRO Z 165 -32.82 44.51 17.67
C PRO Z 165 -31.86 44.03 18.79
N LEU Z 166 -30.69 43.55 18.37
CA LEU Z 166 -29.68 43.10 19.29
C LEU Z 166 -28.94 44.28 19.89
N SER Z 167 -29.10 44.50 21.19
CA SER Z 167 -28.32 45.52 21.88
C SER Z 167 -26.92 45.00 22.12
N LEU Z 168 -26.00 45.94 22.25
CA LEU Z 168 -24.62 45.62 22.54
C LEU Z 168 -24.49 44.78 23.84
N ASP Z 169 -25.22 45.19 24.87
CA ASP Z 169 -25.20 44.62 26.19
C ASP Z 169 -25.65 43.17 26.17
N ARG Z 170 -26.73 42.89 25.46
CA ARG Z 170 -27.14 41.52 25.29
C ARG Z 170 -26.12 40.74 24.45
N ALA Z 171 -25.65 41.31 23.34
CA ALA Z 171 -24.62 40.65 22.48
C ALA Z 171 -23.38 40.27 23.33
N MET Z 172 -23.00 41.15 24.24
CA MET Z 172 -21.87 40.91 25.10
C MET Z 172 -22.10 39.73 26.06
N ARG Z 173 -23.28 39.68 26.67
CA ARG Z 173 -23.63 38.63 27.59
C ARG Z 173 -23.61 37.31 26.85
N LEU Z 174 -24.18 37.28 25.65
CA LEU Z 174 -24.19 36.09 24.84
C LEU Z 174 -22.78 35.59 24.53
N VAL Z 175 -21.91 36.49 24.09
CA VAL Z 175 -20.56 36.13 23.78
C VAL Z 175 -19.86 35.46 24.97
N LYS Z 176 -19.97 36.05 26.13
CA LYS Z 176 -19.28 35.56 27.30
C LYS Z 176 -19.84 34.17 27.70
N ASP Z 177 -21.17 34.06 27.71
CA ASP Z 177 -21.84 32.81 27.95
C ASP Z 177 -21.38 31.69 27.05
N VAL Z 178 -21.35 31.93 25.72
CA VAL Z 178 -21.06 30.83 24.80
C VAL Z 178 -19.65 30.38 24.90
N PHE Z 179 -18.74 31.29 25.15
CA PHE Z 179 -17.34 30.86 25.34
C PHE Z 179 -17.14 30.08 26.66
N ILE Z 180 -17.81 30.53 27.72
CA ILE Z 180 -17.80 29.81 28.98
C ILE Z 180 -18.37 28.38 28.81
N SER Z 181 -19.46 28.22 28.06
CA SER Z 181 -19.97 26.91 27.70
C SER Z 181 -18.97 26.11 26.86
N ALA Z 182 -18.38 26.73 25.87
CA ALA Z 182 -17.36 26.05 25.09
C ALA Z 182 -16.13 25.64 25.94
N ALA Z 183 -15.74 26.45 26.92
CA ALA Z 183 -14.58 26.08 27.71
C ALA Z 183 -14.84 24.78 28.52
N GLU Z 184 -16.11 24.50 28.84
CA GLU Z 184 -16.54 23.28 29.55
C GLU Z 184 -16.27 22.01 28.76
N ARG Z 185 -16.38 22.08 27.44
CA ARG Z 185 -16.43 20.88 26.61
C ARG Z 185 -15.35 20.71 25.51
N ASP Z 186 -14.91 21.79 24.89
CA ASP Z 186 -13.83 21.78 23.92
C ASP Z 186 -12.52 21.90 24.69
N VAL Z 187 -11.66 20.88 24.57
CA VAL Z 187 -10.36 20.90 25.28
C VAL Z 187 -9.47 22.05 24.79
N TYR Z 188 -9.64 22.45 23.54
CA TYR Z 188 -8.80 23.55 23.00
C TYR Z 188 -9.21 24.98 23.42
N THR Z 189 -10.44 25.19 23.86
CA THR Z 189 -10.89 26.52 24.17
C THR Z 189 -10.76 26.74 25.66
N GLY Z 190 -10.01 27.78 26.01
CA GLY Z 190 -9.83 28.10 27.42
C GLY Z 190 -8.89 29.28 27.66
N ASP Z 191 -8.51 29.42 28.92
CA ASP Z 191 -7.55 30.45 29.43
C ASP Z 191 -8.16 31.81 29.58
N ALA Z 192 -8.54 32.40 28.45
CA ALA Z 192 -9.15 33.72 28.43
C ALA Z 192 -9.91 34.01 27.14
N LEU Z 193 -10.94 34.84 27.29
CA LEU Z 193 -11.74 35.31 26.22
C LEU Z 193 -11.37 36.79 25.98
N ARG Z 194 -11.00 37.10 24.74
CA ARG Z 194 -10.64 38.48 24.30
C ARG Z 194 -11.76 38.95 23.36
N ILE Z 195 -12.37 40.07 23.72
CA ILE Z 195 -13.50 40.65 22.96
C ILE Z 195 -13.09 42.01 22.39
N CYS Z 196 -13.28 42.21 21.10
CA CYS Z 196 -13.05 43.54 20.44
C CYS Z 196 -14.44 44.06 20.06
N ILE Z 197 -14.75 45.27 20.48
CA ILE Z 197 -15.98 45.95 20.07
C ILE Z 197 -15.65 47.13 19.10
N VAL Z 198 -16.02 46.97 17.84
CA VAL Z 198 -15.89 47.99 16.85
C VAL Z 198 -17.14 48.87 16.78
N THR Z 199 -16.98 50.17 17.05
CA THR Z 199 -18.06 51.16 16.84
C THR Z 199 -17.45 52.39 16.10
N LYS Z 200 -18.26 53.42 15.83
CA LYS Z 200 -17.71 54.63 15.17
C LYS Z 200 -16.63 55.36 15.99
N GLU Z 201 -16.67 55.22 17.30
CA GLU Z 201 -15.69 55.84 18.18
C GLU Z 201 -14.36 55.13 18.18
N GLY Z 202 -14.30 53.89 17.70
CA GLY Z 202 -13.08 53.13 17.64
C GLY Z 202 -13.27 51.69 18.06
N ILE Z 203 -12.19 51.08 18.52
CA ILE Z 203 -12.14 49.64 18.85
C ILE Z 203 -11.72 49.48 20.31
N ARG Z 204 -12.61 48.97 21.14
CA ARG Z 204 -12.23 48.71 22.49
C ARG Z 204 -12.21 47.21 22.80
N GLU Z 205 -11.54 46.89 23.87
CA GLU Z 205 -11.06 45.58 24.17
C GLU Z 205 -11.56 45.25 25.54
N GLU Z 206 -12.25 44.10 25.71
CA GLU Z 206 -12.48 43.48 27.05
C GLU Z 206 -11.78 42.09 27.13
N THR Z 207 -11.30 41.72 28.31
CA THR Z 207 -10.85 40.37 28.51
C THR Z 207 -11.50 39.72 29.74
N VAL Z 208 -11.91 38.47 29.59
CA VAL Z 208 -12.53 37.73 30.68
C VAL Z 208 -11.89 36.33 30.83
N SER Z 209 -11.74 35.95 32.08
CA SER Z 209 -11.02 34.75 32.41
C SER Z 209 -11.85 33.51 32.03
N LEU Z 210 -11.21 32.49 31.47
CA LEU Z 210 -11.82 31.20 31.27
C LEU Z 210 -11.01 30.15 32.05
N ARG Z 211 -11.63 29.01 32.29
CA ARG Z 211 -10.95 27.83 32.92
C ARG Z 211 -9.60 27.51 32.25
N LYS Z 212 -8.62 27.19 33.07
CA LYS Z 212 -7.26 26.90 32.67
C LYS Z 212 -6.88 25.44 32.43
N ASP Z 213 -7.80 24.52 32.75
CA ASP Z 213 -7.61 23.08 32.50
C ASP Z 213 -7.79 22.60 31.06
N THR AA 1 15.66 19.37 5.01
CA THR AA 1 15.83 18.02 5.61
C THR AA 1 14.49 17.29 5.54
N GLN AA 2 14.48 16.15 4.91
CA GLN AA 2 13.37 15.20 5.04
C GLN AA 2 13.50 14.28 6.30
N ASN AA 3 14.73 13.83 6.55
CA ASN AA 3 15.00 12.88 7.62
C ASN AA 3 16.11 13.38 8.52
N PRO AA 4 15.78 13.80 9.73
CA PRO AA 4 16.85 14.27 10.59
C PRO AA 4 17.94 13.20 10.88
N MET AA 5 19.18 13.64 11.04
CA MET AA 5 20.28 12.73 11.26
C MET AA 5 20.80 12.95 12.68
N VAL AA 6 21.83 13.75 12.94
CA VAL AA 6 22.27 13.97 14.29
C VAL AA 6 21.36 15.00 14.86
N THR AA 7 20.82 14.79 16.08
CA THR AA 7 19.81 15.66 16.64
C THR AA 7 20.08 16.08 18.07
N GLY AA 8 19.50 17.21 18.46
CA GLY AA 8 19.54 17.63 19.84
C GLY AA 8 18.16 17.52 20.45
N THR AA 9 18.10 17.39 21.77
CA THR AA 9 16.87 17.32 22.49
C THR AA 9 16.44 18.68 23.00
N SER AA 10 15.76 18.75 24.14
CA SER AA 10 15.15 19.96 24.68
C SER AA 10 16.04 21.22 24.76
N VAL AA 11 15.41 22.39 24.57
CA VAL AA 11 15.97 23.68 24.97
C VAL AA 11 14.94 24.32 25.88
N LEU AA 12 15.41 24.94 26.93
CA LEU AA 12 14.59 25.62 27.94
C LEU AA 12 14.91 27.13 27.87
N GLY AA 13 13.93 27.95 28.20
CA GLY AA 13 14.11 29.36 28.46
C GLY AA 13 13.17 29.92 29.49
N VAL AA 14 13.64 30.85 30.28
CA VAL AA 14 12.77 31.57 31.20
C VAL AA 14 13.21 33.04 31.35
N LYS AA 15 12.24 33.90 31.47
CA LYS AA 15 12.51 35.30 31.68
C LYS AA 15 12.75 35.53 33.14
N PHE AA 16 13.61 36.52 33.41
CA PHE AA 16 13.83 37.03 34.73
C PHE AA 16 14.03 38.56 34.71
N GLU AA 17 14.03 39.15 35.90
CA GLU AA 17 14.11 40.60 36.03
C GLU AA 17 15.51 41.04 35.58
N GLY AA 18 15.60 41.63 34.39
CA GLY AA 18 16.88 42.03 33.84
C GLY AA 18 17.45 41.14 32.76
N GLY AA 19 16.70 40.15 32.33
CA GLY AA 19 17.27 39.24 31.37
C GLY AA 19 16.45 37.96 31.08
N VAL AA 20 17.14 37.04 30.44
CA VAL AA 20 16.59 35.78 30.01
C VAL AA 20 17.71 34.76 30.14
N VAL AA 21 17.35 33.53 30.56
CA VAL AA 21 18.30 32.41 30.63
C VAL AA 21 17.78 31.27 29.78
N ILE AA 22 18.65 30.68 28.99
CA ILE AA 22 18.32 29.50 28.21
C ILE AA 22 19.33 28.38 28.54
N ALA AA 23 18.89 27.14 28.34
CA ALA AA 23 19.71 26.01 28.66
C ALA AA 23 19.58 24.91 27.66
N ALA AA 24 20.66 24.20 27.37
CA ALA AA 24 20.56 23.09 26.46
C ALA AA 24 21.72 22.18 26.71
N ASP AA 25 21.46 20.88 26.68
CA ASP AA 25 22.55 19.94 26.83
C ASP AA 25 23.46 19.91 25.60
N MET AA 26 24.57 19.22 25.72
CA MET AA 26 25.65 19.29 24.75
C MET AA 26 25.74 18.11 23.88
N LEU AA 27 24.62 17.43 23.65
CA LEU AA 27 24.60 16.15 22.96
C LEU AA 27 24.07 16.25 21.53
N GLY AA 28 24.77 15.66 20.59
CA GLY AA 28 24.19 15.25 19.36
C GLY AA 28 23.97 13.73 19.29
N SER AA 29 22.68 13.31 19.22
CA SER AA 29 22.32 11.91 19.14
C SER AA 29 22.08 11.48 17.71
N TYR AA 30 22.43 10.24 17.40
CA TYR AA 30 22.26 9.65 16.10
C TYR AA 30 21.32 8.50 16.38
N GLY AA 31 20.02 8.77 16.31
CA GLY AA 31 19.02 7.82 16.75
C GLY AA 31 19.20 7.69 18.29
N SER AA 32 19.32 6.45 18.81
CA SER AA 32 19.51 6.31 20.25
C SER AA 32 20.97 6.60 20.67
N LEU AA 33 21.90 6.47 19.76
CA LEU AA 33 23.33 6.63 20.05
C LEU AA 33 23.68 8.03 20.50
N ALA AA 34 24.30 8.12 21.65
CA ALA AA 34 24.79 9.40 22.16
C ALA AA 34 26.18 9.65 21.48
N ARG AA 35 26.16 10.28 20.32
CA ARG AA 35 27.28 10.21 19.39
C ARG AA 35 28.34 11.31 19.62
N PHE AA 36 27.89 12.56 19.61
CA PHE AA 36 28.80 13.75 19.75
C PHE AA 36 28.45 14.40 21.05
N ARG AA 37 29.30 14.21 22.04
CA ARG AA 37 28.95 14.53 23.43
C ARG AA 37 29.49 15.88 23.90
N ASN AA 38 30.04 16.67 23.00
CA ASN AA 38 30.50 17.99 23.33
C ASN AA 38 30.19 19.10 22.30
N ILE AA 39 28.95 19.19 21.83
CA ILE AA 39 28.60 20.17 20.84
C ILE AA 39 27.73 21.20 21.57
N SER AA 40 27.79 22.47 21.15
CA SER AA 40 27.02 23.58 21.69
C SER AA 40 25.80 23.76 20.78
N ARG AA 41 24.62 23.74 21.42
CA ARG AA 41 23.37 23.94 20.75
C ARG AA 41 22.80 25.36 20.96
N ILE AA 42 23.68 26.23 21.39
CA ILE AA 42 23.32 27.63 21.71
C ILE AA 42 24.23 28.54 20.86
N MET AA 43 23.64 29.60 20.37
CA MET AA 43 24.36 30.62 19.58
C MET AA 43 24.16 32.00 20.23
N ARG AA 44 25.26 32.72 20.42
CA ARG AA 44 25.16 34.18 20.57
C ARG AA 44 24.82 34.76 19.19
N VAL AA 45 23.67 35.37 19.03
CA VAL AA 45 23.32 35.96 17.74
C VAL AA 45 24.00 37.40 17.59
N ASN AA 46 23.74 38.25 18.56
CA ASN AA 46 24.43 39.58 18.70
C ASN AA 46 24.36 39.90 20.17
N ASN AA 47 24.60 41.12 20.56
CA ASN AA 47 24.71 41.44 21.97
C ASN AA 47 23.48 41.38 22.80
N SER AA 48 22.36 41.41 22.13
CA SER AA 48 21.11 41.49 22.80
C SER AA 48 20.28 40.15 22.67
N THR AA 49 20.77 39.20 21.88
CA THR AA 49 20.00 38.07 21.39
C THR AA 49 20.82 36.77 21.38
N MET AA 50 20.17 35.70 21.85
CA MET AA 50 20.74 34.35 21.79
C MET AA 50 19.66 33.38 21.37
N LEU AA 51 20.13 32.26 20.85
CA LEU AA 51 19.25 31.24 20.24
C LEU AA 51 19.72 29.88 20.68
N GLY AA 52 18.77 29.02 20.98
CA GLY AA 52 19.08 27.58 21.22
C GLY AA 52 18.18 26.70 20.35
N ALA AA 53 18.70 25.60 19.83
CA ALA AA 53 17.98 24.74 18.91
C ALA AA 53 17.94 23.22 19.32
N SER AA 54 16.74 22.66 19.23
CA SER AA 54 16.46 21.25 19.20
C SER AA 54 16.46 20.83 17.72
N GLY AA 55 16.66 19.53 17.49
CA GLY AA 55 16.40 18.95 16.18
C GLY AA 55 17.71 18.83 15.48
N ASP AA 56 17.67 18.75 14.15
CA ASP AA 56 18.79 18.33 13.36
C ASP AA 56 19.98 19.38 13.44
N TYR AA 57 21.12 18.93 13.89
CA TYR AA 57 22.17 19.75 14.22
C TYR AA 57 22.78 20.36 12.94
N ALA AA 58 22.80 19.64 11.82
CA ALA AA 58 23.33 20.17 10.57
C ALA AA 58 22.47 21.35 10.08
N ASP AA 59 21.14 21.27 10.24
CA ASP AA 59 20.25 22.39 9.93
C ASP AA 59 20.48 23.56 10.88
N PHE AA 60 20.72 23.30 12.15
CA PHE AA 60 21.12 24.34 13.08
C PHE AA 60 22.44 24.99 12.70
N GLN AA 61 23.44 24.21 12.32
CA GLN AA 61 24.68 24.85 11.86
C GLN AA 61 24.42 25.76 10.63
N TYR AA 62 23.45 25.39 9.80
CA TYR AA 62 23.14 26.17 8.62
C TYR AA 62 22.52 27.49 9.04
N LEU AA 63 21.54 27.41 9.92
CA LEU AA 63 20.99 28.60 10.46
C LEU AA 63 22.05 29.51 11.06
N LYS AA 64 22.98 28.92 11.83
CA LYS AA 64 23.99 29.65 12.52
C LYS AA 64 24.87 30.43 11.53
N GLN AA 65 25.27 29.73 10.45
CA GLN AA 65 26.03 30.31 9.33
C GLN AA 65 25.25 31.50 8.70
N VAL AA 66 23.96 31.29 8.39
CA VAL AA 66 23.16 32.31 7.73
C VAL AA 66 22.92 33.50 8.67
N LEU AA 67 22.50 33.21 9.88
CA LEU AA 67 22.22 34.26 10.81
C LEU AA 67 23.50 35.01 11.24
N GLY AA 68 24.59 34.29 11.42
CA GLY AA 68 25.87 34.94 11.76
C GLY AA 68 26.32 35.95 10.64
N GLN AA 69 26.12 35.57 9.39
CA GLN AA 69 26.43 36.39 8.28
C GLN AA 69 25.52 37.62 8.23
N MET AA 70 24.23 37.48 8.56
CA MET AA 70 23.36 38.63 8.58
C MET AA 70 23.75 39.65 9.61
N VAL AA 71 24.19 39.19 10.79
CA VAL AA 71 24.60 40.15 11.84
C VAL AA 71 25.92 40.82 11.40
N ILE AA 72 26.87 40.08 10.86
CA ILE AA 72 28.08 40.70 10.30
C ILE AA 72 27.70 41.79 9.24
N ASP AA 73 26.79 41.49 8.31
CA ASP AA 73 26.40 42.45 7.27
C ASP AA 73 25.89 43.73 7.87
N GLU AA 74 25.02 43.59 8.86
CA GLU AA 74 24.43 44.70 9.55
C GLU AA 74 25.50 45.55 10.31
N GLU AA 75 26.43 44.89 11.00
CA GLU AA 75 27.50 45.54 11.70
C GLU AA 75 28.43 46.33 10.79
N LEU AA 76 28.68 45.82 9.58
CA LEU AA 76 29.42 46.59 8.58
C LEU AA 76 28.90 48.00 8.31
N LEU AA 77 27.60 48.21 8.45
CA LEU AA 77 27.04 49.52 8.12
C LEU AA 77 27.32 50.56 9.20
N GLY AA 78 27.57 50.11 10.41
CA GLY AA 78 27.83 51.01 11.53
C GLY AA 78 26.91 52.23 11.59
N ASP AA 79 25.62 52.01 11.45
CA ASP AA 79 24.62 53.06 11.30
C ASP AA 79 23.72 53.28 12.56
N GLY AA 80 24.06 52.77 13.72
CA GLY AA 80 23.20 52.96 14.88
C GLY AA 80 21.94 52.03 14.98
N HIS AA 81 21.75 51.12 14.06
CA HIS AA 81 20.56 50.28 14.11
C HIS AA 81 21.05 48.88 14.21
N SER AA 82 20.37 48.12 15.05
CA SER AA 82 20.70 46.70 15.31
C SER AA 82 19.46 45.90 15.31
N TYR AA 83 19.54 44.69 14.81
CA TYR AA 83 18.41 43.73 14.92
C TYR AA 83 18.10 43.46 16.41
N SER AA 84 16.89 43.81 16.83
CA SER AA 84 16.41 43.56 18.15
C SER AA 84 16.08 42.00 18.24
N PRO AA 85 15.96 41.48 19.45
CA PRO AA 85 15.60 40.03 19.62
C PRO AA 85 14.32 39.71 18.88
N ARG AA 86 13.36 40.62 18.96
CA ARG AA 86 12.14 40.45 18.28
C ARG AA 86 12.27 40.35 16.75
N ALA AA 87 13.19 41.11 16.18
CA ALA AA 87 13.36 41.18 14.72
C ALA AA 87 13.98 39.85 14.27
N ILE AA 88 14.89 39.35 15.07
CA ILE AA 88 15.54 38.10 14.76
C ILE AA 88 14.51 36.92 14.82
N HIS AA 89 13.63 36.99 15.81
CA HIS AA 89 12.57 36.01 15.97
C HIS AA 89 11.62 36.12 14.79
N SER AA 90 11.35 37.34 14.36
CA SER AA 90 10.52 37.52 13.12
C SER AA 90 11.19 36.93 11.93
N TRP AA 91 12.46 37.23 11.75
CA TRP AA 91 13.17 36.73 10.58
C TRP AA 91 13.09 35.16 10.58
N LEU AA 92 13.29 34.62 11.75
CA LEU AA 92 13.39 33.17 11.87
C LEU AA 92 12.03 32.54 11.61
N THR AA 93 10.99 33.15 12.11
CA THR AA 93 9.68 32.65 11.78
C THR AA 93 9.51 32.57 10.24
N ARG AA 94 9.91 33.67 9.53
CA ARG AA 94 9.69 33.70 8.06
C ARG AA 94 10.51 32.66 7.32
N ALA AA 95 11.76 32.51 7.73
CA ALA AA 95 12.65 31.55 7.16
C ALA AA 95 12.09 30.08 7.37
N MET AA 96 11.66 29.73 8.56
CA MET AA 96 11.10 28.35 8.80
C MET AA 96 9.78 28.16 8.05
N TYR AA 97 8.89 29.15 8.07
CA TYR AA 97 7.69 29.06 7.29
C TYR AA 97 7.98 28.88 5.82
N SER AA 98 8.89 29.69 5.30
CA SER AA 98 9.19 29.61 3.87
C SER AA 98 9.77 28.23 3.49
N ARG AA 99 10.65 27.70 4.32
CA ARG AA 99 11.23 26.39 4.08
C ARG AA 99 10.13 25.26 4.17
N ARG AA 100 9.27 25.37 5.15
CA ARG AA 100 8.06 24.50 5.24
C ARG AA 100 7.22 24.58 4.04
N SER AA 101 6.99 25.83 3.51
CA SER AA 101 6.11 25.96 2.36
C SER AA 101 6.70 25.44 1.07
N LYS AA 102 8.00 25.21 1.01
CA LYS AA 102 8.61 24.47 -0.09
C LYS AA 102 8.74 22.97 0.18
N MET AA 103 8.13 22.44 1.26
CA MET AA 103 8.15 20.99 1.64
C MET AA 103 9.61 20.56 1.86
N ASN AA 104 10.44 21.43 2.44
CA ASN AA 104 11.83 21.10 2.66
C ASN AA 104 12.24 21.86 3.88
N PRO AA 105 11.69 21.45 5.01
CA PRO AA 105 11.92 22.20 6.23
C PRO AA 105 13.36 22.18 6.72
N LEU AA 106 13.64 23.12 7.60
CA LEU AA 106 14.77 23.05 8.47
C LEU AA 106 14.22 22.43 9.71
N TRP AA 107 14.80 21.29 10.05
CA TRP AA 107 14.20 20.39 11.08
C TRP AA 107 14.58 20.75 12.50
N ASN AA 108 14.05 21.90 12.97
CA ASN AA 108 14.46 22.43 14.22
C ASN AA 108 13.29 23.03 14.96
N THR AA 109 13.47 23.14 16.27
CA THR AA 109 12.59 23.88 17.13
C THR AA 109 13.46 24.76 17.93
N MET AA 110 13.17 26.10 17.89
CA MET AA 110 14.11 27.07 18.51
C MET AA 110 13.53 27.96 19.56
N VAL AA 111 14.39 28.38 20.47
CA VAL AA 111 14.06 29.29 21.52
C VAL AA 111 15.01 30.51 21.33
N ILE AA 112 14.44 31.71 21.25
CA ILE AA 112 15.21 32.97 21.09
C ILE AA 112 15.05 33.74 22.40
N GLY AA 113 16.15 34.15 23.01
CA GLY AA 113 16.07 34.93 24.19
C GLY AA 113 16.82 36.24 23.98
N GLY AA 114 16.34 37.33 24.59
CA GLY AA 114 17.03 38.52 24.47
C GLY AA 114 16.71 39.50 25.55
N TYR AA 115 17.47 40.57 25.53
CA TYR AA 115 17.25 41.67 26.42
C TYR AA 115 17.57 42.98 25.61
N ALA AA 116 16.59 43.85 25.47
CA ALA AA 116 16.76 45.13 24.74
C ALA AA 116 15.77 46.15 25.31
N ASP AA 117 16.24 47.40 25.46
CA ASP AA 117 15.40 48.52 25.92
C ASP AA 117 14.65 48.23 27.22
N GLY AA 118 15.34 47.71 28.21
CA GLY AA 118 14.66 47.28 29.43
C GLY AA 118 13.67 46.11 29.42
N GLU AA 119 13.40 45.45 28.28
CA GLU AA 119 12.42 44.33 28.17
C GLU AA 119 13.13 42.99 27.90
N SER AA 120 12.73 41.95 28.63
CA SER AA 120 13.16 40.57 28.33
C SER AA 120 12.34 40.01 27.18
N PHE AA 121 12.98 39.41 26.20
CA PHE AA 121 12.26 38.77 25.08
C PHE AA 121 12.48 37.26 25.13
N LEU AA 122 11.40 36.49 24.96
CA LEU AA 122 11.55 35.05 24.85
C LEU AA 122 10.57 34.52 23.87
N GLY AA 123 11.05 33.87 22.82
CA GLY AA 123 10.17 33.49 21.73
C GLY AA 123 10.52 32.12 21.19
N TYR AA 124 9.50 31.44 20.67
CA TYR AA 124 9.60 30.12 20.14
C TYR AA 124 9.40 30.17 18.64
N VAL AA 125 10.12 29.38 17.86
CA VAL AA 125 9.78 29.11 16.44
C VAL AA 125 10.02 27.64 16.13
N ASP AA 126 9.12 26.97 15.40
CA ASP AA 126 9.28 25.50 15.10
C ASP AA 126 9.45 25.40 13.62
N MET AA 127 9.59 24.17 13.15
CA MET AA 127 9.88 23.96 11.77
C MET AA 127 8.79 24.27 10.81
N LEU AA 128 7.60 24.53 11.31
CA LEU AA 128 6.48 24.81 10.48
C LEU AA 128 6.17 26.32 10.49
N GLY AA 129 6.95 27.16 11.19
CA GLY AA 129 6.61 28.57 11.25
C GLY AA 129 5.68 28.90 12.35
N VAL AA 130 5.37 27.94 13.26
CA VAL AA 130 4.56 28.26 14.47
C VAL AA 130 5.48 29.11 15.38
N ALA AA 131 5.06 30.30 15.81
CA ALA AA 131 5.86 31.16 16.64
C ALA AA 131 4.99 31.94 17.60
N TYR AA 132 5.53 32.18 18.79
CA TYR AA 132 4.86 32.95 19.81
C TYR AA 132 5.85 33.28 20.85
N GLU AA 133 5.42 34.15 21.76
CA GLU AA 133 6.19 34.56 22.95
C GLU AA 133 5.57 34.05 24.23
N ALA AA 134 6.42 33.81 25.23
CA ALA AA 134 5.93 33.47 26.53
C ALA AA 134 6.96 33.67 27.61
N PRO AA 135 6.52 33.73 28.87
CA PRO AA 135 7.49 33.94 29.97
C PRO AA 135 8.46 32.77 30.18
N SER AA 136 8.07 31.59 29.74
CA SER AA 136 8.95 30.42 29.76
C SER AA 136 8.66 29.57 28.55
N LEU AA 137 9.68 28.89 28.05
CA LEU AA 137 9.55 27.95 26.95
C LEU AA 137 10.36 26.68 27.20
N ALA AA 138 9.93 25.59 26.55
CA ALA AA 138 10.68 24.33 26.56
C ALA AA 138 10.30 23.51 25.35
N THR AA 139 11.28 23.11 24.56
CA THR AA 139 11.03 22.31 23.40
C THR AA 139 11.18 20.82 23.74
N GLY AA 140 10.71 19.97 22.84
CA GLY AA 140 10.88 18.51 22.86
C GLY AA 140 10.29 17.98 24.16
N TYR AA 141 11.00 17.07 24.81
CA TYR AA 141 10.45 16.48 26.10
C TYR AA 141 10.31 17.50 27.18
N GLY AA 142 11.09 18.61 27.05
CA GLY AA 142 10.94 19.73 27.95
C GLY AA 142 9.55 20.27 28.01
N ALA AA 143 8.84 20.15 26.90
CA ALA AA 143 7.42 20.65 26.88
C ALA AA 143 6.53 19.89 27.90
N TYR AA 144 6.84 18.63 28.10
CA TYR AA 144 6.14 17.73 29.00
C TYR AA 144 6.67 17.64 30.42
N LEU AA 145 7.99 17.72 30.56
CA LEU AA 145 8.68 17.54 31.80
C LEU AA 145 9.13 18.83 32.47
N ALA AA 146 9.57 19.84 31.70
CA ALA AA 146 10.06 21.05 32.29
C ALA AA 146 9.08 22.18 32.33
N GLN AA 147 8.35 22.36 31.25
CA GLN AA 147 7.35 23.44 31.23
C GLN AA 147 6.34 23.42 32.37
N PRO AA 148 5.81 22.24 32.78
CA PRO AA 148 4.91 22.26 33.94
C PRO AA 148 5.52 22.83 35.24
N LEU AA 149 6.79 22.55 35.48
CA LEU AA 149 7.48 23.08 36.63
C LEU AA 149 7.71 24.62 36.45
N LEU AA 150 8.11 25.04 35.26
CA LEU AA 150 8.37 26.46 35.01
C LEU AA 150 7.08 27.28 35.25
N ARG AA 151 6.00 26.81 34.67
CA ARG AA 151 4.72 27.48 34.81
C ARG AA 151 4.15 27.51 36.20
N GLU AA 152 4.32 26.41 36.96
CA GLU AA 152 3.86 26.37 38.30
C GLU AA 152 4.61 27.44 39.19
N VAL AA 153 5.94 27.53 39.08
CA VAL AA 153 6.71 28.54 39.81
C VAL AA 153 6.28 29.94 39.39
N LEU AA 154 6.31 30.20 38.09
CA LEU AA 154 5.84 31.47 37.51
C LEU AA 154 4.42 31.94 37.93
N GLU AA 155 3.51 31.00 38.16
CA GLU AA 155 2.15 31.33 38.69
C GLU AA 155 2.18 31.88 40.13
N LYS AA 156 2.97 31.27 41.01
CA LYS AA 156 3.19 31.79 42.37
C LYS AA 156 4.04 33.06 42.42
N GLN AA 157 4.86 33.32 41.39
CA GLN AA 157 5.79 34.44 41.42
C GLN AA 157 6.22 34.74 40.00
N PRO AA 158 5.44 35.58 39.29
CA PRO AA 158 5.78 35.85 37.88
C PRO AA 158 7.16 36.49 37.66
N VAL AA 159 7.65 37.26 38.64
CA VAL AA 159 8.89 37.98 38.48
C VAL AA 159 9.91 37.22 39.27
N LEU AA 160 10.88 36.65 38.57
CA LEU AA 160 11.98 35.90 39.17
C LEU AA 160 13.27 36.73 39.09
N SER AA 161 14.10 36.59 40.10
CA SER AA 161 15.46 37.06 40.05
C SER AA 161 16.29 36.17 39.17
N GLN AA 162 17.47 36.68 38.78
CA GLN AA 162 18.39 35.90 37.97
C GLN AA 162 18.77 34.57 38.65
N THR AA 163 19.05 34.63 39.96
CA THR AA 163 19.55 33.46 40.65
C THR AA 163 18.39 32.42 40.76
N GLU AA 164 17.17 32.89 41.02
CA GLU AA 164 15.97 32.05 41.07
C GLU AA 164 15.65 31.34 39.74
N ALA AA 165 15.78 32.09 38.64
CA ALA AA 165 15.64 31.54 37.33
C ALA AA 165 16.72 30.51 37.05
N ARG AA 166 17.95 30.81 37.43
CA ARG AA 166 19.02 29.85 37.23
C ARG AA 166 18.78 28.49 38.02
N ASP AA 167 18.39 28.60 39.29
CA ASP AA 167 18.13 27.43 40.09
CA ASP AA 167 18.02 27.44 40.17
C ASP AA 167 16.96 26.63 39.50
N LEU AA 168 15.94 27.33 39.06
CA LEU AA 168 14.78 26.71 38.45
C LEU AA 168 15.16 25.92 37.17
N VAL AA 169 15.96 26.55 36.31
CA VAL AA 169 16.51 25.88 35.15
C VAL AA 169 17.32 24.61 35.51
N GLU AA 170 18.16 24.69 36.54
CA GLU AA 170 18.96 23.55 36.96
C GLU AA 170 18.04 22.36 37.40
N ARG AA 171 16.95 22.64 38.13
CA ARG AA 171 15.99 21.64 38.58
C ARG AA 171 15.36 20.98 37.38
N CYS AA 172 15.01 21.77 36.36
CA CYS AA 172 14.45 21.26 35.13
C CYS AA 172 15.41 20.39 34.36
N MET AA 173 16.68 20.81 34.27
CA MET AA 173 17.65 20.02 33.56
C MET AA 173 17.86 18.64 34.26
N ARG AA 174 17.75 18.62 35.59
CA ARG AA 174 17.90 17.38 36.33
C ARG AA 174 16.72 16.42 35.93
N VAL AA 175 15.49 16.91 35.94
CA VAL AA 175 14.33 16.12 35.60
C VAL AA 175 14.47 15.54 34.21
N LEU AA 176 14.95 16.35 33.29
CA LEU AA 176 15.18 15.88 31.92
C LEU AA 176 16.20 14.78 31.87
N TYR AA 177 17.29 14.96 32.58
CA TYR AA 177 18.27 13.91 32.60
C TYR AA 177 17.67 12.57 33.21
N TYR AA 178 16.80 12.71 34.20
CA TYR AA 178 16.16 11.49 34.77
C TYR AA 178 15.22 10.78 33.79
N ARG AA 179 14.52 11.56 32.92
CA ARG AA 179 13.34 11.06 32.16
C ARG AA 179 13.33 11.08 30.67
N ASP AA 180 14.26 11.82 30.06
CA ASP AA 180 14.46 11.85 28.58
C ASP AA 180 15.66 10.98 28.18
N ALA AA 181 15.39 9.88 27.47
CA ALA AA 181 16.46 8.93 27.12
C ALA AA 181 17.38 9.48 26.01
N ARG AA 182 17.16 10.71 25.54
CA ARG AA 182 18.08 11.35 24.62
C ARG AA 182 18.80 12.53 25.28
N SER AA 183 18.69 12.71 26.57
CA SER AA 183 19.40 13.76 27.24
C SER AA 183 20.81 13.31 27.63
N TYR AA 184 21.53 14.29 28.20
CA TYR AA 184 22.90 14.06 28.65
C TYR AA 184 23.23 15.06 29.74
N ASN AA 185 23.98 14.63 30.76
CA ASN AA 185 24.20 15.45 31.95
C ASN AA 185 25.43 16.37 31.80
N ARG AA 186 25.47 17.10 30.70
CA ARG AA 186 26.55 18.00 30.36
C ARG AA 186 25.80 19.05 29.54
N PHE AA 187 25.64 20.24 30.10
CA PHE AA 187 24.83 21.28 29.45
C PHE AA 187 25.46 22.67 29.58
N GLN AA 188 24.91 23.61 28.82
CA GLN AA 188 25.30 25.01 28.86
C GLN AA 188 24.10 25.82 29.34
N ILE AA 189 24.38 26.92 30.03
CA ILE AA 189 23.40 27.88 30.37
C ILE AA 189 23.87 29.18 29.71
N ALA AA 190 22.98 29.83 28.99
CA ALA AA 190 23.29 31.13 28.35
C ALA AA 190 22.35 32.17 28.93
N THR AA 191 22.93 33.30 29.26
CA THR AA 191 22.19 34.33 29.93
C THR AA 191 22.37 35.65 29.13
N VAL AA 192 21.29 36.39 28.94
CA VAL AA 192 21.40 37.70 28.28
C VAL AA 192 20.86 38.69 29.27
N THR AA 193 21.65 39.73 29.50
CA THR AA 193 21.24 40.87 30.32
C THR AA 193 21.71 42.18 29.61
N GLU AA 194 21.51 43.31 30.28
CA GLU AA 194 22.15 44.61 29.90
C GLU AA 194 23.58 44.47 29.47
N LYS AA 195 24.33 43.58 30.12
CA LYS AA 195 25.74 43.46 29.84
C LYS AA 195 26.04 42.66 28.56
N GLY AA 196 25.08 41.98 27.95
CA GLY AA 196 25.38 41.15 26.79
C GLY AA 196 24.96 39.68 27.02
N VAL AA 197 25.54 38.78 26.22
CA VAL AA 197 25.26 37.37 26.23
C VAL AA 197 26.45 36.61 26.77
N GLU AA 198 26.24 35.79 27.81
CA GLU AA 198 27.26 34.93 28.40
C GLU AA 198 26.78 33.44 28.26
N ILE AA 199 27.68 32.57 27.79
CA ILE AA 199 27.45 31.15 27.67
C ILE AA 199 28.39 30.46 28.67
N GLU AA 200 27.79 29.77 29.64
CA GLU AA 200 28.53 28.99 30.62
C GLU AA 200 28.42 27.51 30.38
N GLY AA 201 29.52 26.80 30.62
N GLY AA 201 29.54 26.82 30.63
CA GLY AA 201 29.53 25.34 30.50
CA GLY AA 201 29.58 25.37 30.66
C GLY AA 201 30.94 24.88 30.35
C GLY AA 201 30.97 24.88 30.34
N PRO AA 202 31.16 23.56 30.29
CA PRO AA 202 30.17 22.49 30.54
C PRO AA 202 29.73 22.41 31.99
N LEU AA 203 28.44 22.27 32.20
CA LEU AA 203 27.81 22.14 33.50
C LEU AA 203 27.14 20.75 33.61
N SER AA 204 26.96 20.30 34.85
CA SER AA 204 26.36 18.99 35.25
C SER AA 204 25.44 19.20 36.40
N THR AA 205 24.40 18.43 36.54
CA THR AA 205 23.54 18.55 37.71
C THR AA 205 23.95 17.40 38.66
N GLU AA 206 23.80 17.61 39.97
CA GLU AA 206 23.79 16.54 40.97
C GLU AA 206 22.55 15.69 40.73
N THR AA 207 22.68 14.40 41.03
CA THR AA 207 21.55 13.49 40.87
C THR AA 207 21.42 12.61 42.10
N ASN AA 208 20.23 12.08 42.30
CA ASN AA 208 19.98 11.26 43.43
C ASN AA 208 19.37 9.94 42.93
N TRP AA 209 19.94 8.82 43.38
CA TRP AA 209 19.53 7.48 42.96
C TRP AA 209 19.05 6.61 44.19
N ASP AA 210 18.62 7.26 45.28
CA ASP AA 210 18.21 6.58 46.51
C ASP AA 210 17.05 5.60 46.21
N ILE AA 211 16.23 5.97 45.23
CA ILE AA 211 15.11 5.16 44.88
C ILE AA 211 15.54 3.78 44.38
N ALA AA 212 16.77 3.63 43.92
CA ALA AA 212 17.27 2.34 43.49
C ALA AA 212 17.21 1.27 44.61
N HIS AA 213 17.28 1.69 45.88
CA HIS AA 213 17.08 0.78 47.03
C HIS AA 213 15.66 0.79 47.66
N MET AA 214 14.68 1.42 47.01
CA MET AA 214 13.29 1.49 47.53
C MET AA 214 12.32 0.61 46.70
N ILE AA 215 12.78 -0.47 46.08
CA ILE AA 215 11.80 -1.22 45.26
C ILE AA 215 10.76 -1.80 46.29
N SER AA 216 9.62 -1.08 46.34
CA SER AA 216 9.04 -0.48 47.63
C SER AA 216 8.11 -1.27 48.64
N THR BA 1 32.24 -0.73 6.78
CA THR BA 1 33.45 0.12 6.95
C THR BA 1 33.70 0.55 8.35
N THR BA 2 34.96 0.70 8.69
CA THR BA 2 35.36 1.36 9.90
C THR BA 2 36.50 2.35 9.54
N ILE BA 3 36.33 3.62 9.92
CA ILE BA 3 37.32 4.66 9.68
C ILE BA 3 37.56 5.36 10.96
N MET BA 4 38.73 5.96 11.07
CA MET BA 4 39.15 6.59 12.29
C MET BA 4 40.28 7.53 12.02
N ALA BA 5 40.36 8.54 12.87
CA ALA BA 5 41.51 9.44 12.84
C ALA BA 5 41.73 10.00 14.23
N VAL BA 6 42.98 10.26 14.54
CA VAL BA 6 43.37 10.68 15.83
C VAL BA 6 44.39 11.86 15.73
N GLN BA 7 44.16 12.91 16.50
CA GLN BA 7 45.09 14.04 16.59
C GLN BA 7 46.26 13.71 17.52
N PHE BA 8 47.47 14.13 17.15
CA PHE BA 8 48.60 14.21 18.06
C PHE BA 8 49.34 15.55 17.92
N ASP BA 9 50.27 15.80 18.81
CA ASP BA 9 50.98 17.07 18.78
C ASP BA 9 51.93 17.01 17.59
N GLY BA 10 51.59 17.73 16.51
CA GLY BA 10 52.36 17.71 15.26
C GLY BA 10 51.71 17.03 14.06
N GLY BA 11 50.50 16.46 14.21
CA GLY BA 11 49.92 15.76 13.06
C GLY BA 11 48.70 14.95 13.43
N VAL BA 12 48.38 14.02 12.53
CA VAL BA 12 47.27 13.11 12.67
C VAL BA 12 47.64 11.73 12.17
N VAL BA 13 46.95 10.75 12.75
CA VAL BA 13 46.91 9.41 12.25
C VAL BA 13 45.49 9.08 11.76
N LEU BA 14 45.42 8.41 10.60
CA LEU BA 14 44.18 7.97 10.01
C LEU BA 14 44.24 6.51 9.75
N GLY BA 15 43.08 5.89 9.74
CA GLY BA 15 42.98 4.45 9.47
C GLY BA 15 41.63 4.03 8.91
N ALA BA 16 41.69 2.97 8.14
CA ALA BA 16 40.44 2.36 7.64
C ALA BA 16 40.61 0.93 7.45
N ASP BA 17 39.49 0.19 7.45
CA ASP BA 17 39.51 -1.17 6.89
C ASP BA 17 39.55 -1.11 5.37
N SER BA 18 39.45 -2.24 4.67
CA SER BA 18 39.53 -2.24 3.23
C SER BA 18 38.47 -2.99 2.51
N ARG BA 19 37.27 -3.07 3.11
CA ARG BA 19 36.20 -3.89 2.52
C ARG BA 19 35.14 -3.03 1.82
N THR BA 20 34.89 -3.32 0.53
CA THR BA 20 33.71 -2.85 -0.16
C THR BA 20 32.72 -3.99 -0.34
N THR BA 21 31.45 -3.78 0.04
CA THR BA 21 30.44 -4.78 -0.12
C THR BA 21 29.32 -4.36 -1.05
N THR BA 22 28.70 -5.34 -1.70
CA THR BA 22 27.40 -5.11 -2.30
C THR BA 22 26.51 -6.25 -1.77
N GLY BA 23 25.58 -5.89 -0.89
CA GLY BA 23 24.89 -6.87 -0.03
C GLY BA 23 25.97 -7.51 0.82
N SER BA 24 26.04 -8.82 0.81
CA SER BA 24 27.10 -9.41 1.58
C SER BA 24 28.22 -10.05 0.66
N TYR BA 25 28.25 -9.70 -0.64
CA TYR BA 25 29.42 -10.00 -1.49
C TYR BA 25 30.52 -8.91 -1.33
N ILE BA 26 31.76 -9.36 -1.19
CA ILE BA 26 32.87 -8.46 -1.07
C ILE BA 26 33.37 -8.14 -2.49
N ALA BA 27 33.07 -6.92 -2.93
CA ALA BA 27 33.41 -6.46 -4.27
C ALA BA 27 34.81 -5.92 -4.35
N ASN BA 28 35.39 -5.57 -3.22
CA ASN BA 28 36.83 -5.29 -3.16
C ASN BA 28 37.28 -5.62 -1.77
N ARG BA 29 38.27 -6.49 -1.64
CA ARG BA 29 38.76 -6.87 -0.29
C ARG BA 29 39.94 -5.99 0.16
N VAL BA 30 40.48 -5.12 -0.74
CA VAL BA 30 41.66 -4.28 -0.40
C VAL BA 30 41.45 -2.82 -0.80
N THR BA 31 40.22 -2.34 -0.68
CA THR BA 31 39.87 -0.94 -0.89
C THR BA 31 40.73 0.06 -0.11
N ASP BA 32 41.03 1.16 -0.76
CA ASP BA 32 41.76 2.21 -0.13
C ASP BA 32 40.74 3.25 0.19
N LYS BA 33 40.35 3.31 1.44
CA LYS BA 33 39.36 4.29 1.89
C LYS BA 33 39.93 5.65 2.36
N LEU BA 34 41.25 5.82 2.27
CA LEU BA 34 41.88 7.01 2.80
C LEU BA 34 42.34 7.74 1.56
N THR BA 35 41.69 8.83 1.22
CA THR BA 35 42.00 9.46 -0.07
C THR BA 35 42.65 10.84 0.13
N PRO BA 36 43.79 11.05 -0.52
CA PRO BA 36 44.47 12.37 -0.42
C PRO BA 36 43.64 13.43 -1.12
N ILE BA 37 43.34 14.48 -0.40
CA ILE BA 37 42.64 15.66 -0.96
C ILE BA 37 43.62 16.81 -1.29
N HIS BA 38 44.69 16.92 -0.54
CA HIS BA 38 45.79 17.79 -0.89
C HIS BA 38 47.05 17.16 -0.30
N ASP BA 39 48.23 17.80 -0.42
CA ASP BA 39 49.50 17.24 0.06
C ASP BA 39 49.43 16.67 1.50
N ARG BA 40 48.78 17.40 2.40
CA ARG BA 40 48.72 17.05 3.79
C ARG BA 40 47.30 16.96 4.42
N ILE BA 41 46.32 16.64 3.58
CA ILE BA 41 44.93 16.55 4.00
C ILE BA 41 44.32 15.36 3.29
N PHE BA 42 43.73 14.47 4.09
CA PHE BA 42 43.12 13.23 3.61
C PHE BA 42 41.67 13.22 4.01
N CYS BA 43 40.84 12.51 3.26
CA CYS BA 43 39.57 12.13 3.85
C CYS BA 43 39.47 10.60 4.01
N CYS BA 44 38.79 10.19 5.09
CA CYS BA 44 38.43 8.81 5.25
C CYS BA 44 36.99 8.66 4.82
N ARG BA 45 36.68 7.66 4.00
CA ARG BA 45 35.37 7.54 3.42
C ARG BA 45 34.58 6.33 3.89
N SER BA 46 33.33 6.55 4.24
CA SER BA 46 32.35 5.47 4.53
C SER BA 46 31.01 5.81 3.91
N GLY BA 47 30.20 4.76 3.61
CA GLY BA 47 28.86 4.92 3.06
C GLY BA 47 28.91 4.43 1.65
N SER BA 48 28.34 5.18 0.72
CA SER BA 48 28.32 4.86 -0.68
C SER BA 48 29.71 5.09 -1.32
N ALA BA 49 30.25 4.06 -1.97
CA ALA BA 49 31.45 4.19 -2.73
C ALA BA 49 31.29 5.25 -3.84
N ALA BA 50 30.22 5.19 -4.58
CA ALA BA 50 30.03 6.11 -5.69
C ALA BA 50 29.98 7.56 -5.20
N ASP BA 51 29.17 7.80 -4.19
CA ASP BA 51 29.00 9.12 -3.62
C ASP BA 51 30.25 9.67 -3.02
N THR BA 52 30.97 8.88 -2.21
CA THR BA 52 32.13 9.44 -1.58
C THR BA 52 33.29 9.65 -2.56
N GLN BA 53 33.41 8.81 -3.59
CA GLN BA 53 34.38 9.04 -4.64
C GLN BA 53 34.05 10.34 -5.40
N ALA BA 54 32.77 10.54 -5.74
CA ALA BA 54 32.40 11.75 -6.57
C ALA BA 54 32.69 13.01 -5.71
N VAL BA 55 32.32 12.97 -4.43
CA VAL BA 55 32.44 14.13 -3.56
C VAL BA 55 33.93 14.42 -3.28
N ALA BA 56 34.73 13.40 -3.03
CA ALA BA 56 36.14 13.56 -2.86
C ALA BA 56 36.85 14.14 -4.10
N ASP BA 57 36.53 13.68 -5.31
CA ASP BA 57 37.09 14.23 -6.53
C ASP BA 57 36.69 15.71 -6.75
N ALA BA 58 35.42 16.02 -6.46
CA ALA BA 58 34.98 17.37 -6.53
C ALA BA 58 35.68 18.30 -5.55
N VAL BA 59 35.88 17.89 -4.33
CA VAL BA 59 36.52 18.72 -3.29
C VAL BA 59 37.99 18.88 -3.61
N THR BA 60 38.60 17.79 -4.10
CA THR BA 60 40.00 17.83 -4.50
C THR BA 60 40.18 18.96 -5.50
N TYR BA 61 39.32 18.96 -6.52
CA TYR BA 61 39.30 20.03 -7.53
C TYR BA 61 39.15 21.42 -6.93
N GLN BA 62 38.15 21.61 -6.09
CA GLN BA 62 37.89 22.89 -5.44
C GLN BA 62 39.05 23.36 -4.57
N LEU BA 63 39.60 22.46 -3.78
CA LEU BA 63 40.68 22.77 -2.91
C LEU BA 63 42.00 23.12 -3.69
N GLY BA 64 42.26 22.40 -4.79
CA GLY BA 64 43.46 22.55 -5.58
C GLY BA 64 43.46 23.93 -6.25
N PHE BA 65 42.28 24.29 -6.76
CA PHE BA 65 42.14 25.57 -7.44
C PHE BA 65 42.31 26.72 -6.43
N HIS BA 66 41.57 26.61 -5.33
CA HIS BA 66 41.68 27.56 -4.19
C HIS BA 66 43.12 27.76 -3.72
N SER BA 67 43.84 26.64 -3.62
CA SER BA 67 45.22 26.67 -3.13
C SER BA 67 46.20 27.36 -4.08
N ILE BA 68 46.08 27.08 -5.38
CA ILE BA 68 46.87 27.80 -6.39
C ILE BA 68 46.62 29.30 -6.36
N GLU BA 69 45.37 29.66 -6.25
CA GLU BA 69 44.96 31.07 -6.17
C GLU BA 69 45.57 31.82 -4.99
N LEU BA 70 45.51 31.22 -3.83
CA LEU BA 70 46.04 31.81 -2.62
C LEU BA 70 47.52 31.71 -2.53
N ASN BA 71 48.13 30.81 -3.32
CA ASN BA 71 49.53 30.52 -3.26
C ASN BA 71 50.03 30.10 -1.87
N GLU BA 72 49.26 29.26 -1.19
CA GLU BA 72 49.62 28.72 0.13
C GLU BA 72 48.97 27.34 0.32
N PRO BA 73 49.54 26.51 1.22
CA PRO BA 73 48.85 25.25 1.54
C PRO BA 73 47.47 25.52 2.16
N PRO BA 74 46.50 24.74 1.78
CA PRO BA 74 45.17 24.94 2.30
C PRO BA 74 45.06 24.54 3.77
N LEU BA 75 44.17 25.22 4.48
CA LEU BA 75 43.82 24.88 5.84
C LEU BA 75 42.97 23.60 5.92
N VAL BA 76 43.20 22.82 6.98
CA VAL BA 76 42.43 21.59 7.10
C VAL BA 76 40.96 21.93 7.25
N HIS BA 77 40.70 22.94 8.07
CA HIS BA 77 39.38 23.47 8.26
C HIS BA 77 38.65 23.87 6.93
N THR BA 78 39.40 24.34 5.95
CA THR BA 78 38.85 24.67 4.63
C THR BA 78 38.41 23.40 3.89
N ALA BA 79 39.27 22.37 3.87
CA ALA BA 79 38.91 21.10 3.25
C ALA BA 79 37.64 20.53 3.90
N ALA BA 80 37.56 20.64 5.20
CA ALA BA 80 36.40 20.12 5.93
C ALA BA 80 35.17 20.91 5.57
N SER BA 81 35.33 22.23 5.49
CA SER BA 81 34.21 23.12 5.16
C SER BA 81 33.68 22.80 3.80
N LEU BA 82 34.57 22.46 2.85
CA LEU BA 82 34.11 22.21 1.48
C LEU BA 82 33.33 20.86 1.43
N PHE BA 83 33.79 19.86 2.20
CA PHE BA 83 33.09 18.59 2.28
C PHE BA 83 31.72 18.81 2.90
N LYS BA 84 31.73 19.56 3.99
CA LYS BA 84 30.50 19.90 4.71
C LYS BA 84 29.47 20.60 3.76
N GLU BA 85 29.90 21.62 3.01
CA GLU BA 85 28.98 22.30 2.16
C GLU BA 85 28.38 21.37 1.15
N MET BA 86 29.17 20.54 0.51
CA MET BA 86 28.64 19.65 -0.48
C MET BA 86 27.72 18.47 0.17
N CYS BA 87 28.16 17.90 1.28
CA CYS BA 87 27.43 16.87 2.01
C CYS BA 87 26.15 17.40 2.62
N TYR BA 88 26.14 18.66 3.05
CA TYR BA 88 24.94 19.24 3.63
C TYR BA 88 23.95 19.61 2.54
N ARG BA 89 24.38 20.39 1.52
CA ARG BA 89 23.52 20.78 0.39
C ARG BA 89 22.84 19.56 -0.30
N TYR BA 90 23.60 18.48 -0.54
CA TYR BA 90 23.09 17.32 -1.20
C TYR BA 90 22.76 16.11 -0.20
N ARG BA 91 22.46 16.43 1.05
CA ARG BA 91 22.29 15.47 2.11
C ARG BA 91 21.12 14.53 1.70
N GLU BA 92 20.14 14.98 0.94
CA GLU BA 92 19.11 14.08 0.48
C GLU BA 92 19.54 13.09 -0.59
N ASP BA 93 20.64 13.30 -1.26
CA ASP BA 93 20.99 12.46 -2.39
C ASP BA 93 22.30 11.75 -2.18
N LEU BA 94 22.87 11.79 -0.98
CA LEU BA 94 24.18 11.27 -0.79
C LEU BA 94 24.15 10.37 0.42
N MET BA 95 25.01 9.37 0.41
CA MET BA 95 25.23 8.57 1.64
C MET BA 95 26.72 8.60 1.89
N ALA BA 96 27.15 9.50 2.76
CA ALA BA 96 28.55 9.74 2.92
C ALA BA 96 28.81 10.03 4.39
N GLY BA 97 29.66 9.23 5.05
CA GLY BA 97 30.06 9.53 6.46
C GLY BA 97 31.56 9.70 6.37
N ILE BA 98 32.06 10.93 6.59
CA ILE BA 98 33.41 11.32 6.21
C ILE BA 98 34.20 11.77 7.40
N ILE BA 99 35.50 11.49 7.40
CA ILE BA 99 36.39 12.12 8.37
C ILE BA 99 37.43 12.84 7.57
N ILE BA 100 37.61 14.13 7.86
CA ILE BA 100 38.71 14.93 7.19
C ILE BA 100 39.78 15.13 8.21
N ALA BA 101 41.02 14.75 7.87
CA ALA BA 101 42.11 15.02 8.78
C ALA BA 101 43.36 15.35 8.04
N GLY BA 102 44.19 16.10 8.72
CA GLY BA 102 45.41 16.55 8.06
C GLY BA 102 46.17 17.52 8.90
N TRP BA 103 47.15 18.19 8.26
CA TRP BA 103 48.04 19.11 8.93
C TRP BA 103 48.05 20.38 8.07
N ASP BA 104 48.01 21.52 8.72
CA ASP BA 104 48.40 22.76 8.05
C ASP BA 104 49.27 23.61 8.99
N PRO BA 105 50.01 24.62 8.44
CA PRO BA 105 50.97 25.34 9.31
C PRO BA 105 50.35 26.26 10.36
N GLN BA 106 49.08 26.58 10.21
CA GLN BA 106 48.42 27.50 11.10
C GLN BA 106 47.85 26.81 12.34
N GLU BA 107 47.21 25.67 12.14
CA GLU BA 107 46.51 24.97 13.25
C GLU BA 107 47.06 23.60 13.54
N GLY BA 108 48.05 23.13 12.80
CA GLY BA 108 48.68 21.85 13.05
C GLY BA 108 47.74 20.68 12.71
N GLY BA 109 47.83 19.59 13.50
CA GLY BA 109 47.07 18.40 13.27
C GLY BA 109 45.61 18.58 13.67
N GLN BA 110 44.72 18.26 12.75
CA GLN BA 110 43.32 18.43 13.01
C GLN BA 110 42.48 17.29 12.41
N VAL BA 111 41.39 16.95 13.12
CA VAL BA 111 40.40 15.90 12.75
C VAL BA 111 38.99 16.50 12.74
N TYR BA 112 38.30 16.37 11.64
CA TYR BA 112 36.94 16.83 11.57
C TYR BA 112 36.05 15.70 11.16
N SER BA 113 34.93 15.54 11.85
CA SER BA 113 33.89 14.62 11.36
C SER BA 113 32.84 15.33 10.60
N VAL BA 114 32.48 14.77 9.43
CA VAL BA 114 31.33 15.22 8.63
C VAL BA 114 30.41 13.98 8.43
N PRO BA 115 29.56 13.70 9.41
CA PRO BA 115 28.74 12.48 9.34
C PRO BA 115 27.61 12.73 8.38
N MET BA 116 26.84 11.68 8.14
CA MET BA 116 25.70 11.83 7.24
C MET BA 116 24.78 12.91 7.74
N GLY BA 117 24.23 13.66 6.79
CA GLY BA 117 23.44 14.79 7.13
C GLY BA 117 24.22 16.15 6.87
N GLY BA 118 25.52 16.10 7.03
CA GLY BA 118 26.40 17.21 6.76
C GLY BA 118 26.69 18.20 7.82
N MET BA 119 26.60 17.81 9.08
CA MET BA 119 27.16 18.61 10.13
C MET BA 119 28.70 18.52 10.08
N MET BA 120 29.39 19.39 10.81
CA MET BA 120 30.85 19.32 10.89
C MET BA 120 31.24 19.66 12.31
N VAL BA 121 32.18 18.91 12.86
CA VAL BA 121 32.62 19.15 14.20
C VAL BA 121 34.07 18.69 14.25
N ARG BA 122 34.89 19.49 14.93
CA ARG BA 122 36.25 19.14 15.20
C ARG BA 122 36.28 18.21 16.41
N GLN BA 123 37.13 17.19 16.37
CA GLN BA 123 37.32 16.30 17.51
C GLN BA 123 38.79 15.88 17.73
N SER BA 124 39.15 15.50 18.94
CA SER BA 124 40.44 14.89 19.26
C SER BA 124 40.71 13.69 18.45
N PHE BA 125 39.68 12.85 18.34
CA PHE BA 125 39.69 11.67 17.52
C PHE BA 125 38.28 11.42 17.07
N ALA BA 126 38.17 10.73 15.95
CA ALA BA 126 36.89 10.45 15.38
C ALA BA 126 36.87 9.00 14.89
N ILE BA 127 35.67 8.41 14.92
CA ILE BA 127 35.42 7.11 14.33
C ILE BA 127 34.13 7.20 13.57
N GLY BA 128 34.06 6.45 12.49
CA GLY BA 128 32.81 6.36 11.72
C GLY BA 128 32.74 5.09 10.95
N GLY BA 129 31.66 4.98 10.20
CA GLY BA 129 31.29 3.81 9.43
C GLY BA 129 30.52 2.80 10.30
N SER BA 130 29.93 1.81 9.64
CA SER BA 130 29.06 0.82 10.27
C SER BA 130 29.82 0.11 11.49
N GLY BA 131 31.11 -0.12 11.35
CA GLY BA 131 31.86 -0.87 12.38
C GLY BA 131 32.17 -0.05 13.62
N SER BA 132 32.02 1.26 13.53
CA SER BA 132 32.37 2.16 14.65
C SER BA 132 31.46 1.89 15.83
N SER BA 133 30.24 1.40 15.59
CA SER BA 133 29.33 1.07 16.69
C SER BA 133 30.01 0.16 17.73
N TYR BA 134 30.80 -0.79 17.22
CA TYR BA 134 31.37 -1.82 18.07
C TYR BA 134 32.61 -1.41 18.83
N ILE BA 135 33.17 -0.23 18.49
CA ILE BA 135 34.30 0.27 19.23
C ILE BA 135 34.09 1.50 20.05
N TYR BA 136 32.86 2.02 20.21
CA TYR BA 136 32.67 3.19 21.08
C TYR BA 136 33.23 2.93 22.51
N GLY BA 137 32.79 1.86 23.09
CA GLY BA 137 33.24 1.49 24.46
C GLY BA 137 34.77 1.29 24.62
N TYR BA 138 35.35 0.57 23.66
CA TYR BA 138 36.79 0.44 23.60
C TYR BA 138 37.49 1.85 23.48
N VAL BA 139 37.07 2.68 22.52
CA VAL BA 139 37.84 3.95 22.34
C VAL BA 139 37.64 4.84 23.56
N ASP BA 140 36.44 4.80 24.13
CA ASP BA 140 36.15 5.68 25.26
C ASP BA 140 36.95 5.23 26.48
N ALA BA 141 37.22 3.91 26.61
CA ALA BA 141 38.00 3.43 27.75
C ALA BA 141 39.52 3.63 27.54
N THR BA 142 39.97 3.63 26.29
CA THR BA 142 41.38 3.52 25.95
C THR BA 142 42.01 4.88 25.57
N TYR BA 143 41.25 5.78 24.95
CA TYR BA 143 41.78 7.10 24.62
C TYR BA 143 42.47 7.75 25.85
N ARG BA 144 43.60 8.40 25.63
CA ARG BA 144 44.27 9.21 26.66
C ARG BA 144 44.69 10.54 26.02
N GLU BA 145 44.52 11.65 26.73
CA GLU BA 145 45.12 12.94 26.26
C GLU BA 145 46.64 12.74 26.15
N GLY BA 146 47.24 13.32 25.12
CA GLY BA 146 48.69 13.41 24.99
C GLY BA 146 49.40 12.24 24.34
N MET BA 147 48.69 11.36 23.63
CA MET BA 147 49.32 10.20 22.99
CA MET BA 147 49.30 10.20 23.00
C MET BA 147 50.34 10.61 21.93
N THR BA 148 51.43 9.85 21.82
CA THR BA 148 52.41 10.09 20.77
C THR BA 148 51.90 9.58 19.43
N LYS BA 149 52.59 9.94 18.36
CA LYS BA 149 52.28 9.39 17.05
C LYS BA 149 52.16 7.85 17.11
N GLU BA 150 53.14 7.23 17.72
CA GLU BA 150 53.27 5.77 17.73
C GLU BA 150 52.12 5.13 18.51
N GLU BA 151 51.74 5.76 19.62
CA GLU BA 151 50.61 5.38 20.39
C GLU BA 151 49.30 5.54 19.62
N CYS BA 152 49.14 6.64 18.87
CA CYS BA 152 47.99 6.87 18.00
C CYS BA 152 47.90 5.82 16.90
N LEU BA 153 49.07 5.42 16.33
CA LEU BA 153 49.09 4.35 15.35
C LEU BA 153 48.59 3.00 15.96
N GLN BA 154 49.08 2.65 17.15
CA GLN BA 154 48.72 1.39 17.82
C GLN BA 154 47.23 1.38 18.24
N PHE BA 155 46.78 2.46 18.88
CA PHE BA 155 45.39 2.75 19.25
C PHE BA 155 44.42 2.60 18.06
N THR BA 156 44.78 3.22 16.96
CA THR BA 156 44.05 3.12 15.72
C THR BA 156 44.02 1.70 15.16
N ALA BA 157 45.17 1.08 15.03
CA ALA BA 157 45.23 -0.28 14.55
C ALA BA 157 44.40 -1.26 15.43
N ASN BA 158 44.46 -1.11 16.75
CA ASN BA 158 43.71 -1.93 17.66
C ASN BA 158 42.21 -1.74 17.52
N ALA BA 159 41.77 -0.48 17.54
CA ALA BA 159 40.37 -0.17 17.38
C ALA BA 159 39.83 -0.77 16.11
N LEU BA 160 40.51 -0.52 15.00
CA LEU BA 160 40.02 -1.02 13.69
C LEU BA 160 39.98 -2.54 13.67
N ALA BA 161 41.02 -3.18 14.21
CA ALA BA 161 41.04 -4.68 14.28
C ALA BA 161 39.83 -5.25 14.99
N LEU BA 162 39.46 -4.60 16.12
CA LEU BA 162 38.30 -4.99 16.93
C LEU BA 162 36.99 -4.85 16.16
N ALA BA 163 36.81 -3.70 15.51
CA ALA BA 163 35.65 -3.46 14.68
C ALA BA 163 35.58 -4.45 13.53
N MET BA 164 36.71 -4.70 12.89
CA MET BA 164 36.75 -5.59 11.72
C MET BA 164 36.33 -7.02 12.07
N GLU BA 165 36.72 -7.46 13.23
CA GLU BA 165 36.33 -8.83 13.68
C GLU BA 165 34.79 -9.01 13.83
N ARG BA 166 34.12 -8.00 14.37
CA ARG BA 166 32.72 -7.98 14.64
C ARG BA 166 31.78 -7.53 13.51
N ASP BA 167 32.18 -6.54 12.70
CA ASP BA 167 31.32 -5.97 11.67
C ASP BA 167 31.51 -6.73 10.37
N GLY BA 168 30.46 -7.41 9.94
CA GLY BA 168 30.46 -8.12 8.68
C GLY BA 168 30.82 -7.18 7.48
N SER BA 169 30.46 -5.90 7.54
CA SER BA 169 30.77 -4.95 6.43
C SER BA 169 32.16 -4.32 6.52
N SER BA 170 32.99 -4.74 7.47
CA SER BA 170 34.35 -4.22 7.57
C SER BA 170 35.29 -5.37 7.48
N GLY BA 171 36.51 -5.18 6.98
CA GLY BA 171 37.49 -6.24 7.06
C GLY BA 171 38.61 -6.09 6.09
N GLY BA 172 39.39 -7.18 5.94
CA GLY BA 172 40.48 -7.19 4.96
C GLY BA 172 41.79 -6.75 5.59
N VAL BA 173 42.37 -5.67 5.09
CA VAL BA 173 43.60 -5.11 5.71
C VAL BA 173 43.31 -3.79 6.38
N ILE BA 174 44.27 -3.36 7.20
CA ILE BA 174 44.15 -2.07 7.86
C ILE BA 174 45.11 -1.16 7.14
N ARG BA 175 44.58 -0.09 6.56
CA ARG BA 175 45.43 0.98 5.95
C ARG BA 175 45.57 2.11 6.94
N LEU BA 176 46.83 2.55 7.17
CA LEU BA 176 47.10 3.62 8.13
C LEU BA 176 47.88 4.69 7.43
N ALA BA 177 47.75 5.91 7.92
CA ALA BA 177 48.54 7.01 7.40
C ALA BA 177 48.81 7.90 8.57
N ALA BA 178 50.02 8.50 8.57
CA ALA BA 178 50.34 9.53 9.52
C ALA BA 178 50.72 10.77 8.71
N ILE BA 179 50.22 11.91 9.13
CA ILE BA 179 50.42 13.13 8.43
C ILE BA 179 51.00 14.12 9.42
N ALA BA 180 52.05 14.81 8.96
CA ALA BA 180 52.70 15.83 9.73
C ALA BA 180 53.38 16.88 8.80
N GLU BA 181 54.02 17.86 9.43
CA GLU BA 181 54.76 18.85 8.62
C GLU BA 181 55.70 18.12 7.66
N SER BA 182 56.38 17.09 8.13
CA SER BA 182 57.33 16.39 7.26
C SER BA 182 56.76 15.66 6.06
N GLY BA 183 55.45 15.36 6.06
CA GLY BA 183 54.80 14.67 4.92
C GLY BA 183 53.84 13.57 5.40
N VAL BA 184 53.58 12.62 4.49
CA VAL BA 184 52.60 11.55 4.67
C VAL BA 184 53.33 10.21 4.62
N GLU BA 185 53.08 9.36 5.62
CA GLU BA 185 53.68 8.01 5.69
C GLU BA 185 52.53 7.04 5.73
N ARG BA 186 52.44 6.18 4.73
CA ARG BA 186 51.40 5.23 4.64
C ARG BA 186 51.95 3.83 4.87
N GLN BA 187 51.14 2.97 5.46
CA GLN BA 187 51.46 1.55 5.59
C GLN BA 187 50.17 0.72 5.67
N VAL BA 188 50.35 -0.58 5.47
CA VAL BA 188 49.30 -1.57 5.48
C VAL BA 188 49.66 -2.59 6.55
N LEU BA 189 48.70 -2.90 7.42
CA LEU BA 189 48.79 -4.06 8.32
C LEU BA 189 47.95 -5.17 7.70
N LEU BA 190 48.57 -6.30 7.41
CA LEU BA 190 47.86 -7.45 6.85
C LEU BA 190 48.15 -8.74 7.58
N GLY BA 191 47.23 -9.69 7.44
CA GLY BA 191 47.39 -11.03 8.04
C GLY BA 191 47.82 -10.99 9.49
N ASP BA 192 48.95 -11.58 9.77
CA ASP BA 192 49.50 -11.65 11.14
C ASP BA 192 49.85 -10.33 11.75
N GLN BA 193 50.02 -9.29 10.94
CA GLN BA 193 50.36 -8.00 11.48
C GLN BA 193 49.16 -7.29 12.11
N ILE BA 194 47.93 -7.73 11.81
CA ILE BA 194 46.72 -7.13 12.42
C ILE BA 194 46.68 -7.55 13.90
N PRO BA 195 46.47 -6.60 14.84
CA PRO BA 195 46.40 -7.00 16.22
C PRO BA 195 45.35 -8.08 16.39
N LYS BA 196 45.62 -9.00 17.31
CA LYS BA 196 44.89 -10.26 17.49
C LYS BA 196 44.35 -10.30 18.91
N PHE BA 197 43.08 -10.68 19.08
CA PHE BA 197 42.50 -10.85 20.41
C PHE BA 197 41.74 -12.20 20.36
N ALA BA 198 42.14 -13.15 21.20
CA ALA BA 198 41.43 -14.47 21.28
C ALA BA 198 39.87 -14.44 21.27
N VAL BA 199 39.25 -15.36 20.53
CA VAL BA 199 37.83 -15.75 20.74
C VAL BA 199 37.77 -16.39 22.15
N ALA BA 200 36.84 -15.94 23.00
CA ALA BA 200 36.81 -16.33 24.43
C ALA BA 200 36.15 -17.68 24.66
N THR BA 201 36.85 -18.75 24.27
CA THR BA 201 36.38 -20.13 24.37
C THR BA 201 36.26 -20.63 25.83
N LEU BA 202 35.41 -21.63 26.03
CA LEU BA 202 35.09 -22.06 27.40
C LEU BA 202 36.27 -22.68 28.15
N PRO BA 203 36.42 -22.38 29.47
CA PRO BA 203 37.43 -23.07 30.32
C PRO BA 203 37.20 -24.60 30.47
CL CL CA . -22.33 -43.89 30.95
CL CL DA . -17.25 -13.33 59.28
CL CL EA . -14.89 -20.83 48.93
CL CL FA . -21.60 -8.81 46.82
CL CL GA . -43.03 -10.86 28.07
CL CL HA . -44.03 -11.97 25.45
CL CL IA . -50.56 -51.91 14.45
CL CL JA . -31.35 -38.69 13.19
CL CL KA . -29.06 -67.46 5.29
CL CL LA . -15.65 -64.16 11.04
CL CL MA . -4.32 -72.04 17.01
CL CL NA . -0.40 -65.09 23.98
CL CL OA . -10.01 -68.53 9.69
CL CL PA . 6.16 -60.58 41.91
CL CL QA . 6.24 -19.24 41.13
CL CL RA . 4.28 -30.90 76.14
K K SA . -16.82 -42.44 44.01
MG MG TA . 3.41 -9.40 22.60
MG MG UA . -6.08 19.92 31.22
CL CL VA . -4.75 8.78 29.43
CL CL WA . 4.24 -9.82 40.69
OH2 1PE XA . -16.33 -14.40 25.34
C12 1PE XA . -15.22 -14.23 24.45
C22 1PE XA . -14.91 -12.75 24.29
OH3 1PE XA . -15.34 -11.97 25.42
C13 1PE XA . -15.25 -9.74 26.43
C23 1PE XA . -15.05 -10.59 25.20
OH4 1PE XA . -14.00 -9.13 26.76
C14 1PE XA . -12.16 -9.17 28.35
C24 1PE XA . -13.50 -9.72 27.93
OH5 1PE XA . -11.99 -9.42 29.75
C15 1PE XA . -11.14 -11.26 31.14
C25 1PE XA . -12.20 -10.78 30.16
OH6 1PE XA . -11.58 -12.50 31.72
C16 1PE XA . -13.08 -14.00 30.56
C26 1PE XA . -11.62 -13.64 30.87
OH7 1PE XA . -13.24 -15.40 30.32
MG MG YA . -30.46 18.38 10.59
CL CL ZA . -28.33 -11.09 23.89
OH2 1PE AB . -27.03 -16.87 16.14
C12 1PE AB . -26.99 -15.46 16.34
C22 1PE AB . -26.16 -15.06 17.55
OH3 1PE AB . -25.20 -14.08 17.12
C13 1PE AB . -25.07 -11.97 18.33
C23 1PE AB . -25.64 -12.72 17.14
OH4 1PE AB . -25.33 -12.74 19.48
C14 1PE AB . -24.65 -13.03 21.72
C24 1PE AB . -25.36 -12.09 20.75
OH5 1PE AB . -24.39 -12.38 22.97
C15 1PE AB . -22.06 -13.45 23.30
C25 1PE AB . -23.15 -12.46 23.71
OH6 1PE AB . -21.06 -12.81 22.50
C16 1PE AB . -18.72 -12.41 21.89
C26 1PE AB . -19.70 -13.11 22.84
OH7 1PE AB . -18.89 -12.76 20.52
MG MG BB . -32.30 18.10 3.05
MG MG CB . -20.50 -13.89 1.17
MG MG DB . -10.40 -16.60 -31.62
CL CL EB . -12.52 -30.85 -30.24
CL CL FB . -29.87 -37.78 -3.53
CL CL GB . -34.80 -18.30 -13.15
O19 6V7 HB . -8.88 -21.79 -21.06
C18 6V7 HB . -9.56 -21.61 -20.05
N20 6V7 HB . -10.87 -21.68 -20.03
C21 6V7 HB . -11.71 -22.03 -21.18
B26 6V7 HB . -12.59 -20.77 -21.75
O28 6V7 HB . -11.79 -19.60 -22.29
O27 6V7 HB . -13.38 -20.22 -20.53
C22 6V7 HB . -12.65 -23.05 -20.61
C10 6V7 HB . -8.94 -21.19 -18.73
N9 6V7 HB . -7.62 -21.79 -18.65
C7 6V7 HB . -7.19 -22.51 -17.64
O8 6V7 HB . -7.82 -22.64 -16.62
C2 6V7 HB . -5.84 -23.02 -17.66
N3 6V7 HB . -5.19 -22.86 -16.42
C4 6V7 HB . -3.93 -23.29 -16.32
C5 6V7 HB . -3.29 -23.87 -17.47
C6 6V7 HB . -3.97 -24.05 -18.68
C1 6V7 HB . -5.30 -23.61 -18.83
C8 6V7 HB . -12.25 -24.53 -20.56
C9 6V7 HB . -8.90 -19.65 -18.66
C11 6V7 HB . -8.54 -18.98 -19.88
O12 6V7 HB . -7.90 -19.13 -17.80
C15 6V7 HB . -3.25 -23.09 -15.03
C16 6V7 HB . -3.98 -23.10 -13.83
C17 6V7 HB . -3.33 -22.88 -12.60
C19 6V7 HB . -1.97 -22.61 -12.54
C20 6V7 HB . -1.26 -22.50 -13.75
C24 6V7 HB . -1.87 -22.77 -14.99
C3 6V7 HB . -12.99 -25.37 -19.55
C12 6V7 HB . -10.79 -24.89 -20.71
OH2 1PE IB . -15.38 -37.91 -3.43
C12 1PE IB . -15.58 -36.58 -3.88
C22 1PE IB . -14.26 -35.84 -3.68
OH3 1PE IB . -14.44 -34.42 -3.75
C13 1PE IB . -14.22 -32.73 -1.99
C23 1PE IB . -15.10 -33.80 -2.63
OH4 1PE IB . -14.04 -31.61 -2.86
C14 1PE IB . -13.38 -29.25 -3.09
C24 1PE IB . -14.10 -30.31 -2.25
OH5 1PE IB . -12.00 -29.21 -2.75
C15 1PE IB . -10.16 -28.15 -1.67
C25 1PE IB . -11.51 -27.94 -2.35
OH6 1PE IB . -10.24 -28.58 -0.30
C16 1PE IB . -10.70 -26.31 0.57
C26 1PE IB . -10.94 -27.81 0.68
OH7 1PE IB . -11.21 -25.56 1.69
OH2 1PE JB . 23.02 -7.88 -3.57
C12 1PE JB . 23.85 -8.07 -4.73
C22 1PE JB . 24.93 -9.08 -4.40
OH3 1PE JB . 25.21 -9.92 -5.52
C13 1PE JB . 24.42 -12.12 -4.91
C23 1PE JB . 25.63 -11.24 -5.19
OH4 1PE JB . 24.58 -13.36 -5.60
C14 1PE JB . 24.72 -13.70 -8.00
C24 1PE JB . 23.81 -13.57 -6.79
OH5 1PE JB . 24.10 -13.11 -9.15
C15 1PE JB . 21.95 -13.00 -10.30
C25 1PE JB . 23.07 -13.90 -9.74
OH6 1PE JB . 22.02 -11.66 -9.80
C16 1PE JB . 21.91 -10.13 -11.70
C26 1PE JB . 22.79 -10.76 -10.61
OH7 1PE JB . 22.69 -9.77 -12.85
K K KB . 20.14 -24.25 -22.26
MG MG LB . 25.55 -20.77 -18.49
CL CL MB . 29.91 -18.65 20.33
CL CL NB . 19.07 -10.80 21.38
CL CL OB . 27.33 -33.41 16.92
CL CL PB . 20.35 -10.09 24.12
CL CL QB . 17.69 5.39 33.57
OH2 1PE RB . -1.26 -15.43 24.84
C12 1PE RB . -0.14 -14.58 24.58
C22 1PE RB . 1.15 -15.30 24.95
OH3 1PE RB . 2.09 -15.35 23.92
C13 1PE RB . 3.99 -16.53 24.92
C23 1PE RB . 3.46 -15.26 24.29
OH4 1PE RB . 4.14 -16.27 26.30
C14 1PE RB . 4.88 -16.76 28.47
C24 1PE RB . 5.00 -17.16 27.02
OH5 1PE RB . 3.63 -17.21 28.92
C15 1PE RB . 1.99 -17.60 30.68
C25 1PE RB . 3.21 -16.79 30.23
OH6 1PE RB . 2.41 -18.96 30.90
C16 1PE RB . 2.57 -20.85 32.44
C26 1PE RB . 1.65 -19.78 31.82
OH7 1PE RB . 2.23 -21.15 33.81
OH2 1PE SB . 4.66 6.55 23.04
C12 1PE SB . 5.69 6.51 24.04
C22 1PE SB . 6.18 7.91 24.35
OH3 1PE SB . 5.53 8.41 25.51
C13 1PE SB . 5.51 10.84 24.93
C23 1PE SB . 5.96 9.74 25.89
OH4 1PE SB . 4.96 11.94 25.66
C14 1PE SB . 2.87 12.95 26.22
C24 1PE SB . 3.81 12.58 25.09
OH5 1PE SB . 1.64 12.29 26.05
C15 1PE SB . -0.56 12.12 25.08
C25 1PE SB . 0.71 12.96 25.18
OH6 1PE SB . -0.36 10.99 24.23
C16 1PE SB . -1.82 9.14 24.89
C26 1PE SB . -0.38 9.71 24.87
OH7 1PE SB . -2.14 8.52 26.15
K K TB . 22.34 6.32 28.34
K K UB . 11.30 -5.18 34.26
O19 6V7 VB . 12.68 -0.64 28.31
C18 6V7 VB . 12.54 -1.68 27.66
N20 6V7 VB . 13.35 -2.76 27.77
C21 6V7 VB . 14.57 -2.85 28.60
B26 6V7 VB . 15.91 -2.85 27.69
O28 6V7 VB . 16.12 -1.59 26.84
O27 6V7 VB . 15.83 -4.01 26.66
C22 6V7 VB . 14.55 -4.21 29.31
C10 6V7 VB . 11.42 -1.84 26.67
N9 6V7 VB . 10.25 -1.21 27.21
C7 6V7 VB . 9.09 -1.85 27.40
O8 6V7 VB . 8.99 -3.03 27.10
C2 6V7 VB . 7.90 -1.18 27.91
N3 6V7 VB . 6.98 -0.97 27.00
C4 6V7 VB . 5.81 -0.36 27.31
C5 6V7 VB . 5.56 0.05 28.59
C6 6V7 VB . 6.56 -0.16 29.56
C1 6V7 VB . 7.73 -0.85 29.21
C8 6V7 VB . 13.25 -4.59 30.02
C9 6V7 VB . 11.67 -1.14 25.31
C11 6V7 VB . 13.03 -1.39 24.66
O12 6V7 VB . 10.71 -1.37 24.29
C15 6V7 VB . 4.81 -0.16 26.19
C16 6V7 VB . 3.95 0.94 26.15
C17 6V7 VB . 3.00 1.10 25.14
C19 6V7 VB . 2.95 0.17 24.10
C20 6V7 VB . 3.84 -0.92 24.12
C24 6V7 VB . 4.77 -1.12 25.17
C3 6V7 VB . 13.04 -3.74 31.24
C12 6V7 VB . 13.27 -6.05 30.50
CL CL WB . 22.16 43.84 -31.23
CL CL XB . 19.19 9.94 -38.43
CL CL YB . 48.95 11.80 -38.91
CL CL ZB . 40.62 19.63 -32.00
CL CL AC . 9.80 12.02 -50.09
CL CL BC . -18.55 28.69 -36.03
CL CL CC . -3.13 53.71 -50.24
CL CL DC . -2.60 68.71 -26.32
CL CL EC . 7.37 64.49 -16.44
CL CL FC . 18.27 71.34 -8.14
CL CL GC . 25.83 64.05 -7.42
CL CL HC . 8.92 68.50 -10.51
CL CL IC . 41.38 17.27 -9.54
OH2 1PE JC . 33.65 20.04 -10.91
C12 1PE JC . 32.72 20.77 -10.09
C22 1PE JC . 32.11 19.85 -9.03
OH3 1PE JC . 31.37 18.77 -9.63
C13 1PE JC . 30.16 16.64 -9.15
C23 1PE JC . 30.45 18.10 -8.73
OH4 1PE JC . 30.10 15.79 -7.99
C14 1PE JC . 28.84 15.64 -5.84
C24 1PE JC . 28.84 15.78 -7.35
OH5 1PE JC . 27.51 15.73 -5.25
C15 1PE JC . 25.13 14.87 -5.36
C25 1PE JC . 26.52 15.04 -5.97
OH6 1PE JC . 24.14 14.79 -6.38
C16 1PE JC . 23.34 14.22 -8.54
C26 1PE JC . 24.21 13.78 -7.36
OH7 1PE JC . 23.73 13.63 -9.78
K K KC . 36.30 41.57 -31.22
MG MG LC . 22.55 8.38 -5.23
CL CL MC . 24.88 -9.59 -16.20
CL CL NC . 39.70 7.95 -11.90
MG MG OC . -2.75 -17.16 -32.81
CL CL PC . 11.71 11.72 -34.92
OH2 1PE QC . 11.83 10.82 -22.87
C12 1PE QC . 11.24 12.09 -23.23
C22 1PE QC . 12.30 13.12 -23.60
OH3 1PE QC . 12.61 13.06 -25.01
C13 1PE QC . 14.48 13.06 -26.62
C23 1PE QC . 13.86 12.45 -25.37
OH4 1PE QC . 13.55 13.09 -27.72
C14 1PE QC . 13.37 13.58 -30.09
C24 1PE QC . 14.11 12.81 -29.02
OH5 1PE QC . 12.22 12.87 -30.48
C15 1PE QC . 9.87 12.75 -31.05
C25 1PE QC . 11.05 13.66 -30.68
OH6 1PE QC . 8.96 12.70 -29.96
C16 1PE QC . 6.72 12.84 -29.09
C26 1PE QC . 7.60 12.45 -30.28
OH7 1PE QC . 6.18 14.17 -29.25
MG MG RC . -6.26 14.73 -18.79
CL CL SC . -12.81 39.36 -24.61
CL CL TC . -31.01 32.47 0.84
CL CL UC . -24.59 20.38 -26.50
CL CL VC . -45.98 22.05 -9.31
OH2 1PE WC . -4.91 40.66 -10.70
C12 1PE WC . -6.14 39.94 -10.63
C22 1PE WC . -6.26 39.00 -11.82
OH3 1PE WC . -7.49 38.25 -11.71
C13 1PE WC . -6.77 36.14 -10.81
C23 1PE WC . -7.36 36.87 -12.01
OH4 1PE WC . -6.89 34.73 -11.00
C14 1PE WC . -6.03 32.58 -11.83
C24 1PE WC . -5.82 34.10 -11.71
OH5 1PE WC . -6.38 32.00 -10.56
C15 1PE WC . -5.30 29.95 -9.92
C25 1PE WC . -6.55 30.58 -10.50
OH6 1PE WC . -5.63 29.10 -8.83
C16 1PE WC . -3.26 28.67 -8.22
C26 1PE WC . -4.67 29.02 -7.78
OH7 1PE WC . -3.23 27.60 -9.16
O19 6V7 XC . -21.67 22.94 0.61
C18 6V7 XC . -21.01 22.75 -0.41
N20 6V7 XC . -21.51 22.87 -1.62
C21 6V7 XC . -22.88 23.28 -1.91
B26 6V7 XC . -23.81 22.09 -2.59
O28 6V7 XC . -24.08 20.85 -1.73
O27 6V7 XC . -23.04 21.58 -3.82
C22 6V7 XC . -22.64 24.32 -2.98
C10 6V7 XC . -19.60 22.28 -0.36
N9 6V7 XC . -19.01 22.75 0.84
C7 6V7 XC . -17.84 23.40 0.83
O8 6V7 XC . -17.17 23.49 -0.18
C2 6V7 XC . -17.27 23.86 2.11
N3 6V7 XC . -15.96 23.70 2.23
C4 6V7 XC . -15.41 24.05 3.43
C5 6V7 XC . -16.17 24.53 4.47
C6 6V7 XC . -17.49 24.78 4.28
C1 6V7 XC . -18.09 24.40 3.08
C8 6V7 XC . -22.35 25.78 -2.59
C9 6V7 XC . -19.44 20.75 -0.49
C11 6V7 XC . -18.06 20.17 -0.33
O12 6V7 XC . -20.02 20.24 0.59
C15 6V7 XC . -13.95 23.75 3.58
C16 6V7 XC . -13.42 23.37 4.82
C17 6V7 XC . -12.06 23.04 4.88
C19 6V7 XC . -11.26 23.01 3.79
C20 6V7 XC . -11.80 23.37 2.56
C24 6V7 XC . -13.16 23.72 2.44
C3 6V7 XC . -21.71 26.62 -3.65
C12 6V7 XC . -21.97 26.11 -1.18
K K YC . -11.53 23.79 27.76
CL CL ZC . 31.22 16.43 20.34
CL CL AD . 30.43 8.02 9.68
CL CL BD . 27.69 9.01 9.66
CL CL CD . 27.86 31.40 19.66
CL CL DD . 37.53 -7.35 2.89
K K ED . 34.45 -8.58 9.29
K K FD . 36.26 3.28 -2.83
O19 6V7 GD . 31.13 -1.06 0.66
C18 6V7 GD . 30.52 0.02 0.85
N20 6V7 GD . 30.94 1.01 1.61
C21 6V7 GD . 32.17 1.00 2.37
B26 6V7 GD . 31.88 0.95 3.98
O28 6V7 GD . 31.12 -0.28 4.44
O27 6V7 GD . 30.96 2.13 4.35
C22 6V7 GD . 32.93 2.35 2.10
C10 6V7 GD . 29.27 0.31 0.15
N9 6V7 GD . 29.21 -0.34 -1.15
C7 6V7 GD . 28.93 0.35 -2.25
O8 6V7 GD . 28.72 1.54 -2.21
C2 6V7 GD . 28.87 -0.28 -3.58
N3 6V7 GD . 27.65 -0.44 -4.12
C4 6V7 GD . 27.51 -1.01 -5.32
C5 6V7 GD . 28.61 -1.40 -6.06
C6 6V7 GD . 29.89 -1.23 -5.54
C1 6V7 GD . 30.04 -0.62 -4.29
C8 6V7 GD . 33.12 2.78 0.68
C9 6V7 GD . 27.97 0.07 0.96
C11 6V7 GD . 27.96 -0.35 2.42
O12 6V7 GD . 27.12 -0.77 0.23
C15 6V7 GD . 26.12 -1.17 -5.77
C16 6V7 GD . 25.75 -2.20 -6.60
C17 6V7 GD . 24.39 -2.33 -6.98
C19 6V7 GD . 23.44 -1.38 -6.58
C20 6V7 GD . 23.81 -0.32 -5.76
C24 6V7 GD . 25.17 -0.22 -5.37
C3 6V7 GD . 33.59 4.24 0.63
C12 6V7 GD . 34.09 1.98 -0.14
#